data_3AIB
#
_entry.id   3AIB
#
_cell.length_a   295.420
_cell.length_b   213.940
_cell.length_c   220.980
_cell.angle_alpha   90.00
_cell.angle_beta   90.00
_cell.angle_gamma   90.00
#
_symmetry.space_group_name_H-M   'P 21 21 2'
#
loop_
_entity.id
_entity.type
_entity.pdbx_description
1 polymer Glucosyltransferase-SI
2 branched alpha-D-glucopyranose-(1-4)-alpha-D-glucopyranose
3 non-polymer 'CALCIUM ION'
4 non-polymer '2-(N-MORPHOLINO)-ETHANESULFONIC ACID'
5 water water
#
_entity_poly.entity_id   1
_entity_poly.type   'polypeptide(L)'
_entity_poly.pdbx_seq_one_letter_code
;SFAQYNQVYSTDAANFEHVDHYLTAESWYRPKYILKDGKTWTQSTEKDFRPLLMTWWPDQETQRQYVNYMNAQLGIHQTY
NTATSPLQLNLAAQTIQTKIEEKITAEKNTNWLRQTISAFVKTQSAWNSDSEKPFDDHLQKGALLYSNNSKLTSQANSNY
RILNRTPTNQTGKKDPRYTADRTIGGYEFLLANDVDNSNPVVQAEQLNWLHFLMNFGNIYANDPDANFDSIRVDAVDNVD
ADLLQIAGDYLKAAKGIHKNDKAANDHLSILEAWSYNDTPYLHDDGDNMINMDNRLRLSLLYSLAKPLNQRSGMNPLITN
SLVNRTDDNAETAAVPSYSFIRAHDSEVQDLIRDIIKAEINPNVVGYSFTMEEIKKAFEIYNKDLLATEKKYTHYNTALS
YALLLTNKSSVPRVYYGDMFTDDGQYMAHKTINYEAIETLLKARIKYVSGGQAMRNQQVGNSEIITSVRYGKGALKATDT
GDRITRTSGVVVIEGNNPSLRLKASDRVVVNMGAAHKNQAYRPLLLTTDNGIKAYHSDQEAAGLVRYTNDRGELIFTAAD
IKGYANPQVSGYLGVWVPVGAAADQDVRVAASTAPSTDGKSVHQNAALDSRVMFEGFSNFQAFATKKEEYTNVVIAKNVD
KFAEWGVTDFEMAPQYVSSTDGSFLDSVIQNGYAFTDRYDLGISKPNKYGTADDLVKAIKALHSKGIKVMADWVPDQMYA
LPEKEVVTATRVDKYGTPVAGSQIKNTLYVVDGKSSGKDQQAKYGGAFLEELQAKYPELFARKQISTGVPMDPSVKIKQW
SAKYFNGTNILGRGAGYVLKDQATNTYFSLVSDNTFLPKSLVNP
;
_entity_poly.pdbx_strand_id   A,B,C,D,G,E,F,H
#
loop_
_chem_comp.id
_chem_comp.type
_chem_comp.name
_chem_comp.formula
CA non-polymer 'CALCIUM ION' 'Ca 2'
GLC D-saccharide, alpha linking alpha-D-glucopyranose 'C6 H12 O6'
MES non-polymer '2-(N-MORPHOLINO)-ETHANESULFONIC ACID' 'C6 H13 N O4 S'
#
# COMPACT_ATOMS: atom_id res chain seq x y z
N ALA A 3 -41.10 39.15 -92.89
CA ALA A 3 -41.19 37.71 -92.73
C ALA A 3 -39.86 37.13 -93.23
N GLN A 4 -39.56 37.43 -94.48
CA GLN A 4 -38.38 36.95 -95.23
C GLN A 4 -36.99 37.07 -94.59
N TYR A 5 -36.52 38.31 -94.40
CA TYR A 5 -35.19 38.54 -93.80
C TYR A 5 -35.04 37.78 -92.49
N ASN A 6 -36.08 37.87 -91.65
CA ASN A 6 -36.11 37.28 -90.31
C ASN A 6 -35.93 35.76 -90.26
N GLN A 7 -36.54 35.06 -91.21
CA GLN A 7 -36.35 33.63 -91.32
C GLN A 7 -34.87 33.30 -91.14
N VAL A 8 -34.65 32.05 -90.76
CA VAL A 8 -33.38 31.58 -90.36
C VAL A 8 -32.42 31.63 -91.55
N TYR A 9 -31.17 32.01 -91.27
CA TYR A 9 -30.09 32.08 -92.27
C TYR A 9 -29.90 30.79 -93.06
N SER A 10 -29.83 29.67 -92.31
CA SER A 10 -29.46 28.30 -92.73
C SER A 10 -29.95 27.38 -91.62
N THR A 11 -30.44 26.19 -91.96
CA THR A 11 -30.99 25.34 -90.89
C THR A 11 -29.94 24.58 -90.11
N ASP A 12 -28.66 24.95 -90.24
CA ASP A 12 -27.60 24.21 -89.53
C ASP A 12 -27.67 24.39 -88.01
N ALA A 13 -27.18 23.38 -87.28
CA ALA A 13 -27.05 23.48 -85.81
C ALA A 13 -26.28 24.77 -85.49
N ALA A 14 -25.29 25.02 -86.35
CA ALA A 14 -24.45 26.19 -86.25
C ALA A 14 -25.24 27.50 -86.02
N ASN A 15 -26.31 27.71 -86.80
CA ASN A 15 -27.07 28.97 -86.77
C ASN A 15 -27.92 29.24 -85.53
N PHE A 16 -27.98 28.31 -84.57
CA PHE A 16 -28.77 28.52 -83.33
C PHE A 16 -28.05 28.25 -82.03
N GLU A 17 -28.47 28.88 -80.95
CA GLU A 17 -27.95 28.47 -79.66
C GLU A 17 -28.93 27.44 -79.10
N HIS A 18 -28.47 26.20 -78.94
CA HIS A 18 -29.40 25.13 -78.72
C HIS A 18 -28.79 24.30 -77.64
N VAL A 19 -29.56 23.38 -77.08
CA VAL A 19 -29.10 22.45 -76.06
C VAL A 19 -29.39 21.05 -76.57
N ASP A 20 -28.38 20.23 -76.74
CA ASP A 20 -28.60 18.93 -77.35
C ASP A 20 -29.53 18.96 -78.59
N HIS A 21 -29.38 19.99 -79.42
CA HIS A 21 -30.17 20.24 -80.65
C HIS A 21 -31.65 20.54 -80.47
N TYR A 22 -32.01 21.04 -79.28
CA TYR A 22 -33.35 21.53 -79.00
C TYR A 22 -33.35 23.03 -78.74
N LEU A 23 -34.49 23.67 -78.98
CA LEU A 23 -34.56 25.10 -78.74
C LEU A 23 -35.25 25.49 -77.42
N THR A 24 -34.72 26.52 -76.74
CA THR A 24 -35.34 27.04 -75.53
C THR A 24 -35.90 28.45 -75.71
N ALA A 25 -36.68 28.89 -74.72
CA ALA A 25 -37.29 30.20 -74.77
C ALA A 25 -36.25 31.29 -74.87
N GLU A 26 -35.03 30.98 -74.45
CA GLU A 26 -33.96 32.00 -74.44
C GLU A 26 -32.95 31.89 -75.60
N SER A 27 -33.30 31.04 -76.56
CA SER A 27 -32.43 30.78 -77.64
C SER A 27 -32.28 32.02 -78.51
N TRP A 28 -31.02 32.25 -78.91
CA TRP A 28 -30.70 33.24 -79.96
C TRP A 28 -30.27 32.48 -81.23
N TYR A 29 -30.30 33.17 -82.38
CA TYR A 29 -29.98 32.54 -83.66
C TYR A 29 -29.48 33.55 -84.72
N ARG A 30 -29.15 33.05 -85.91
CA ARG A 30 -28.70 33.91 -86.99
C ARG A 30 -29.78 34.15 -88.06
N PRO A 31 -30.38 35.34 -88.04
CA PRO A 31 -31.30 35.71 -89.15
C PRO A 31 -30.55 35.97 -90.48
N LYS A 32 -31.24 36.10 -91.59
CA LYS A 32 -30.49 36.33 -92.81
C LYS A 32 -29.89 37.77 -92.88
N TYR A 33 -30.65 38.76 -92.44
CA TYR A 33 -30.14 40.12 -92.32
C TYR A 33 -30.47 40.72 -90.96
N ILE A 34 -29.75 41.77 -90.61
CA ILE A 34 -30.09 42.57 -89.45
C ILE A 34 -30.59 43.87 -90.00
N LEU A 35 -31.71 44.40 -89.51
CA LEU A 35 -32.10 45.80 -89.85
C LEU A 35 -31.18 46.69 -89.01
N LYS A 36 -30.21 47.30 -89.70
CA LYS A 36 -29.10 47.94 -89.01
C LYS A 36 -29.54 49.28 -88.49
N ASP A 37 -29.66 49.39 -87.16
CA ASP A 37 -30.15 50.63 -86.63
C ASP A 37 -31.60 50.80 -87.19
N GLY A 38 -32.34 49.70 -87.18
CA GLY A 38 -33.72 49.67 -87.67
C GLY A 38 -33.98 50.50 -88.90
N LYS A 39 -32.95 50.61 -89.77
CA LYS A 39 -33.01 51.43 -91.01
C LYS A 39 -32.67 50.71 -92.31
N THR A 40 -31.87 49.63 -92.21
CA THR A 40 -31.30 49.04 -93.43
C THR A 40 -30.91 47.59 -93.35
N TRP A 41 -31.46 46.81 -94.29
CA TRP A 41 -31.41 45.35 -94.29
C TRP A 41 -30.08 44.73 -94.71
N THR A 42 -29.13 44.67 -93.79
CA THR A 42 -27.77 44.18 -94.11
C THR A 42 -27.62 42.66 -93.84
N GLN A 43 -26.89 41.97 -94.72
CA GLN A 43 -26.46 40.55 -94.52
C GLN A 43 -25.98 40.29 -93.08
N SER A 44 -26.39 39.19 -92.47
CA SER A 44 -25.84 38.91 -91.17
C SER A 44 -24.39 38.49 -91.33
N THR A 45 -23.65 38.49 -90.22
CA THR A 45 -22.34 37.85 -90.10
C THR A 45 -22.53 36.89 -88.93
N GLU A 46 -21.54 36.03 -88.65
CA GLU A 46 -21.65 35.09 -87.54
C GLU A 46 -21.68 35.81 -86.21
N LYS A 47 -21.73 37.14 -86.31
CA LYS A 47 -21.72 38.05 -85.15
C LYS A 47 -23.17 38.47 -84.72
N ASP A 48 -24.03 38.72 -85.73
CA ASP A 48 -25.39 39.28 -85.63
C ASP A 48 -26.51 38.37 -85.09
N PHE A 49 -26.25 37.62 -83.98
CA PHE A 49 -27.27 36.75 -83.32
C PHE A 49 -28.48 37.50 -82.65
N ARG A 50 -29.72 37.13 -82.99
CA ARG A 50 -30.90 37.69 -82.31
C ARG A 50 -31.75 36.72 -81.52
N PRO A 51 -32.64 37.26 -80.65
CA PRO A 51 -33.45 36.31 -79.86
C PRO A 51 -34.69 35.82 -80.63
N LEU A 52 -34.90 34.49 -80.63
CA LEU A 52 -36.09 33.88 -81.24
C LEU A 52 -37.34 34.65 -80.94
N LEU A 53 -37.53 34.95 -79.68
CA LEU A 53 -38.72 35.62 -79.27
C LEU A 53 -38.89 36.98 -79.99
N MET A 54 -37.84 37.48 -80.63
CA MET A 54 -37.95 38.76 -81.32
C MET A 54 -38.83 38.69 -82.56
N THR A 55 -38.95 37.45 -83.08
CA THR A 55 -39.61 37.10 -84.39
C THR A 55 -40.62 35.94 -84.33
N TRP A 56 -40.51 35.09 -83.29
CA TRP A 56 -41.40 33.92 -83.15
C TRP A 56 -41.97 33.77 -81.73
N TRP A 57 -43.26 33.39 -81.65
CA TRP A 57 -43.90 33.08 -80.36
C TRP A 57 -44.67 31.76 -80.40
N PRO A 58 -44.62 31.00 -79.30
CA PRO A 58 -45.07 29.62 -79.15
C PRO A 58 -46.54 29.58 -79.38
N ASP A 59 -47.19 30.71 -79.16
CA ASP A 59 -48.60 30.88 -79.51
C ASP A 59 -48.88 32.36 -79.44
N GLN A 60 -50.08 32.75 -79.86
CA GLN A 60 -50.43 34.17 -79.91
C GLN A 60 -50.56 34.81 -78.51
N GLU A 61 -51.22 34.15 -77.55
CA GLU A 61 -51.27 34.68 -76.18
C GLU A 61 -49.90 35.12 -75.60
N THR A 62 -48.88 34.29 -75.73
CA THR A 62 -47.53 34.68 -75.35
C THR A 62 -46.93 35.82 -76.21
N GLN A 63 -46.99 35.70 -77.55
CA GLN A 63 -46.62 36.83 -78.37
C GLN A 63 -47.24 38.16 -77.84
N ARG A 64 -48.46 38.11 -77.28
CA ARG A 64 -49.13 39.32 -76.79
C ARG A 64 -48.38 39.97 -75.62
N GLN A 65 -48.26 39.18 -74.56
CA GLN A 65 -47.63 39.65 -73.37
C GLN A 65 -46.35 40.29 -73.75
N TYR A 66 -45.60 39.58 -74.61
CA TYR A 66 -44.29 40.04 -75.08
C TYR A 66 -44.35 41.48 -75.61
N VAL A 67 -45.34 41.78 -76.44
CA VAL A 67 -45.39 43.13 -76.89
C VAL A 67 -45.63 44.04 -75.70
N ASN A 68 -46.56 43.67 -74.83
CA ASN A 68 -46.91 44.59 -73.78
C ASN A 68 -45.74 44.87 -72.92
N TYR A 69 -45.19 43.77 -72.44
CA TYR A 69 -43.97 43.90 -71.74
C TYR A 69 -43.00 44.75 -72.60
N MET A 70 -42.58 44.27 -73.77
CA MET A 70 -41.57 45.02 -74.51
C MET A 70 -41.95 46.48 -74.76
N ASN A 71 -43.22 46.73 -75.02
CA ASN A 71 -43.62 48.09 -75.31
C ASN A 71 -43.30 48.99 -74.14
N ALA A 72 -43.49 48.43 -72.94
CA ALA A 72 -43.10 49.12 -71.72
C ALA A 72 -41.63 49.51 -71.82
N GLN A 73 -40.73 48.52 -71.80
CA GLN A 73 -39.28 48.80 -71.86
C GLN A 73 -38.91 49.88 -72.85
N LEU A 74 -39.38 49.79 -74.08
CA LEU A 74 -38.85 50.67 -75.11
C LEU A 74 -39.54 52.05 -75.08
N GLY A 75 -40.16 52.36 -73.94
CA GLY A 75 -40.97 53.55 -73.82
C GLY A 75 -41.85 53.73 -75.06
N ILE A 76 -42.44 52.64 -75.55
CA ILE A 76 -43.55 52.75 -76.51
C ILE A 76 -44.83 52.70 -75.65
N HIS A 77 -45.77 53.56 -76.01
CA HIS A 77 -46.88 53.89 -75.10
C HIS A 77 -48.19 53.36 -75.63
N GLN A 78 -48.27 52.03 -75.72
CA GLN A 78 -49.44 51.37 -76.30
C GLN A 78 -49.46 49.98 -75.73
N THR A 79 -50.58 49.56 -75.14
CA THR A 79 -50.73 48.12 -74.84
C THR A 79 -51.99 47.54 -75.46
N TYR A 80 -52.00 46.21 -75.54
CA TYR A 80 -53.04 45.42 -76.20
C TYR A 80 -53.67 44.39 -75.25
N ASN A 81 -55.00 44.36 -75.27
CA ASN A 81 -55.75 43.44 -74.41
C ASN A 81 -56.14 42.24 -75.28
N THR A 82 -56.66 41.22 -74.62
CA THR A 82 -56.89 39.93 -75.27
C THR A 82 -57.62 40.01 -76.61
N ALA A 83 -58.42 41.03 -76.82
CA ALA A 83 -59.20 41.05 -78.03
C ALA A 83 -58.37 41.18 -79.30
N THR A 84 -57.07 41.46 -79.19
CA THR A 84 -56.34 42.05 -80.35
C THR A 84 -56.20 41.18 -81.62
N SER A 85 -56.29 41.82 -82.79
CA SER A 85 -56.07 41.08 -84.02
C SER A 85 -54.67 40.50 -84.02
N PRO A 86 -54.38 39.63 -84.99
CA PRO A 86 -52.95 39.35 -84.95
C PRO A 86 -52.18 40.34 -85.88
N LEU A 87 -52.85 40.98 -86.82
CA LEU A 87 -52.13 41.92 -87.68
C LEU A 87 -51.45 43.01 -86.88
N GLN A 88 -51.98 43.30 -85.70
CA GLN A 88 -51.42 44.33 -84.84
C GLN A 88 -50.37 43.73 -83.93
N LEU A 89 -50.60 42.50 -83.50
CA LEU A 89 -49.61 41.84 -82.73
C LEU A 89 -48.34 41.75 -83.58
N ASN A 90 -48.55 41.71 -84.89
CA ASN A 90 -47.44 41.49 -85.83
C ASN A 90 -46.69 42.75 -86.23
N LEU A 91 -47.37 43.88 -86.28
CA LEU A 91 -46.67 45.13 -86.45
C LEU A 91 -46.04 45.56 -85.11
N ALA A 92 -46.66 45.19 -84.01
CA ALA A 92 -46.20 45.59 -82.68
C ALA A 92 -44.75 45.14 -82.52
N ALA A 93 -44.52 43.85 -82.79
CA ALA A 93 -43.17 43.25 -82.73
C ALA A 93 -42.18 43.71 -83.83
N GLN A 94 -42.66 43.99 -85.03
CA GLN A 94 -41.78 44.59 -86.01
C GLN A 94 -41.30 46.04 -85.60
N THR A 95 -42.17 46.84 -85.00
CA THR A 95 -41.80 48.18 -84.56
C THR A 95 -40.84 48.11 -83.39
N ILE A 96 -41.04 47.11 -82.55
CA ILE A 96 -40.13 46.90 -81.46
C ILE A 96 -38.77 46.53 -82.06
N GLN A 97 -38.78 45.90 -83.23
CA GLN A 97 -37.54 45.31 -83.76
C GLN A 97 -36.62 46.42 -84.23
N THR A 98 -37.19 47.42 -84.87
CA THR A 98 -36.44 48.61 -85.17
C THR A 98 -35.87 49.17 -83.87
N LYS A 99 -36.75 49.53 -82.92
CA LYS A 99 -36.33 50.08 -81.63
C LYS A 99 -35.18 49.28 -80.99
N ILE A 100 -35.15 47.99 -81.30
CA ILE A 100 -34.14 47.06 -80.81
C ILE A 100 -32.77 47.29 -81.44
N GLU A 101 -32.74 47.38 -82.76
CA GLU A 101 -31.51 47.72 -83.48
C GLU A 101 -31.06 49.15 -83.13
N GLU A 102 -31.89 50.16 -83.48
CA GLU A 102 -31.61 51.53 -83.04
C GLU A 102 -30.92 51.66 -81.72
N LYS A 103 -31.32 50.84 -80.74
CA LYS A 103 -30.77 50.96 -79.38
C LYS A 103 -29.45 50.18 -79.18
N ILE A 104 -29.33 49.03 -79.88
CA ILE A 104 -28.07 48.21 -80.03
C ILE A 104 -26.95 49.03 -80.69
N THR A 105 -27.22 49.58 -81.87
CA THR A 105 -26.36 50.59 -82.42
C THR A 105 -25.94 51.56 -81.32
N ALA A 106 -26.93 52.10 -80.60
CA ALA A 106 -26.70 53.13 -79.58
C ALA A 106 -25.82 52.69 -78.39
N GLU A 107 -26.16 51.59 -77.68
CA GLU A 107 -25.23 51.11 -76.64
C GLU A 107 -24.10 50.24 -77.20
N LYS A 108 -23.85 50.29 -78.52
CA LYS A 108 -22.99 49.27 -79.19
C LYS A 108 -23.02 47.93 -78.44
N ASN A 109 -24.19 47.28 -78.38
CA ASN A 109 -24.23 45.95 -77.78
C ASN A 109 -25.64 45.39 -77.85
N THR A 110 -25.78 44.18 -77.29
CA THR A 110 -27.00 43.43 -77.31
C THR A 110 -27.13 42.77 -75.94
N ASN A 111 -26.17 43.05 -75.04
CA ASN A 111 -26.22 42.44 -73.73
C ASN A 111 -27.46 42.87 -72.97
N TRP A 112 -27.91 44.08 -73.30
CA TRP A 112 -29.06 44.64 -72.63
C TRP A 112 -30.32 43.93 -73.08
N LEU A 113 -30.46 43.73 -74.38
CA LEU A 113 -31.46 42.77 -74.85
C LEU A 113 -31.41 41.36 -74.18
N ARG A 114 -30.25 40.72 -74.13
CA ARG A 114 -30.14 39.37 -73.55
C ARG A 114 -30.99 39.34 -72.30
N GLN A 115 -31.19 40.53 -71.75
CA GLN A 115 -31.61 40.60 -70.36
C GLN A 115 -33.03 41.09 -70.25
N THR A 116 -33.47 41.92 -71.17
CA THR A 116 -34.90 42.21 -71.23
C THR A 116 -35.61 40.95 -71.68
N ILE A 117 -34.90 40.14 -72.46
CA ILE A 117 -35.46 38.90 -72.94
C ILE A 117 -35.59 38.00 -71.73
N SER A 118 -34.47 37.74 -71.07
CA SER A 118 -34.45 36.82 -69.95
C SER A 118 -35.47 37.15 -68.88
N ALA A 119 -35.71 38.44 -68.71
CA ALA A 119 -36.65 38.92 -67.74
C ALA A 119 -38.02 38.50 -68.18
N PHE A 120 -38.37 38.90 -69.39
CA PHE A 120 -39.68 38.56 -69.84
C PHE A 120 -39.97 37.06 -69.72
N VAL A 121 -39.06 36.23 -70.23
CA VAL A 121 -39.27 34.78 -70.20
C VAL A 121 -39.81 34.34 -68.82
N LYS A 122 -39.26 34.95 -67.78
CA LYS A 122 -39.56 34.63 -66.38
C LYS A 122 -40.96 35.09 -65.95
N THR A 123 -41.58 36.01 -66.69
CA THR A 123 -42.95 36.41 -66.35
C THR A 123 -44.00 35.37 -66.79
N GLN A 124 -43.64 34.45 -67.67
CA GLN A 124 -44.57 33.46 -68.16
C GLN A 124 -44.57 32.15 -67.39
N SER A 125 -45.77 31.65 -67.15
CA SER A 125 -45.97 30.39 -66.46
C SER A 125 -45.25 29.18 -67.00
N ALA A 126 -45.39 28.94 -68.29
CA ALA A 126 -44.76 27.80 -68.91
C ALA A 126 -43.26 27.89 -68.69
N TRP A 127 -42.78 29.08 -68.34
CA TRP A 127 -41.34 29.33 -68.25
C TRP A 127 -40.73 29.68 -66.87
N ASN A 128 -41.53 29.55 -65.80
CA ASN A 128 -41.06 29.76 -64.45
C ASN A 128 -41.60 28.63 -63.62
N SER A 129 -41.61 28.82 -62.30
CA SER A 129 -41.76 27.70 -61.42
C SER A 129 -43.21 27.43 -61.15
N ASP A 130 -44.06 28.29 -61.68
CA ASP A 130 -45.48 28.03 -61.65
C ASP A 130 -45.88 26.65 -62.21
N SER A 131 -45.35 26.27 -63.37
CA SER A 131 -45.76 25.02 -63.99
C SER A 131 -45.07 23.86 -63.32
N GLU A 132 -44.34 24.13 -62.24
CA GLU A 132 -43.56 23.06 -61.64
C GLU A 132 -44.26 22.61 -60.39
N LYS A 133 -45.35 23.30 -60.02
CA LYS A 133 -46.19 22.83 -58.94
C LYS A 133 -47.06 21.66 -59.32
N PRO A 134 -47.69 21.01 -58.35
CA PRO A 134 -47.52 21.30 -56.90
C PRO A 134 -46.16 20.88 -56.34
N PHE A 135 -45.70 21.68 -55.37
CA PHE A 135 -44.46 21.35 -54.68
C PHE A 135 -44.67 20.16 -53.71
N ASP A 136 -43.56 19.56 -53.28
CA ASP A 136 -43.61 18.49 -52.36
C ASP A 136 -42.55 18.75 -51.30
N ASP A 137 -42.33 17.78 -50.43
CA ASP A 137 -41.52 18.09 -49.27
C ASP A 137 -40.01 17.79 -49.42
N HIS A 138 -39.53 17.61 -50.63
CA HIS A 138 -38.11 17.67 -50.90
C HIS A 138 -37.55 18.98 -50.27
N LEU A 139 -36.33 18.99 -49.80
CA LEU A 139 -35.86 20.18 -49.16
C LEU A 139 -35.77 21.37 -50.09
N GLN A 140 -35.63 21.15 -51.38
CA GLN A 140 -35.63 22.27 -52.30
C GLN A 140 -36.91 22.29 -53.11
N LYS A 141 -37.96 21.75 -52.48
CA LYS A 141 -39.33 21.83 -53.00
C LYS A 141 -39.79 20.83 -54.04
N GLY A 142 -38.86 20.11 -54.70
CA GLY A 142 -39.21 19.08 -55.66
C GLY A 142 -38.05 18.55 -56.47
N ALA A 143 -38.32 17.45 -57.15
CA ALA A 143 -37.32 16.76 -57.87
C ALA A 143 -37.88 16.39 -59.21
N LEU A 144 -36.96 16.13 -60.13
CA LEU A 144 -37.27 15.62 -61.45
C LEU A 144 -36.52 14.33 -61.67
N LEU A 145 -37.25 13.30 -62.11
CA LEU A 145 -36.70 11.99 -62.40
C LEU A 145 -36.51 11.93 -63.89
N TYR A 146 -35.32 11.54 -64.29
CA TYR A 146 -34.97 11.41 -65.68
C TYR A 146 -35.40 10.06 -66.26
N SER A 147 -36.04 10.03 -67.41
CA SER A 147 -36.44 8.77 -68.03
C SER A 147 -35.35 7.85 -68.49
N ASN A 148 -35.53 6.55 -68.27
CA ASN A 148 -34.53 5.56 -68.71
C ASN A 148 -34.54 5.30 -70.23
N ASN A 149 -35.68 5.54 -70.87
CA ASN A 149 -35.85 5.18 -72.25
C ASN A 149 -36.55 6.27 -73.03
N SER A 150 -35.84 7.31 -73.43
CA SER A 150 -36.47 8.30 -74.24
C SER A 150 -35.84 8.45 -75.60
N LYS A 151 -36.68 8.42 -76.65
CA LYS A 151 -36.16 8.58 -78.02
C LYS A 151 -35.66 10.01 -78.21
N LEU A 152 -36.27 10.94 -77.47
CA LEU A 152 -35.97 12.36 -77.65
C LEU A 152 -34.67 12.71 -76.99
N THR A 153 -34.25 11.94 -75.99
CA THR A 153 -33.04 12.27 -75.25
C THR A 153 -32.19 11.06 -74.97
N SER A 154 -31.95 10.29 -76.03
CA SER A 154 -31.28 9.03 -75.92
C SER A 154 -29.94 9.11 -75.16
N GLN A 155 -29.18 10.19 -75.26
CA GLN A 155 -27.92 10.24 -74.52
C GLN A 155 -28.08 10.34 -73.00
N ALA A 156 -29.31 10.54 -72.53
CA ALA A 156 -29.61 10.49 -71.12
C ALA A 156 -30.18 9.13 -70.71
N ASN A 157 -30.25 8.16 -71.60
CA ASN A 157 -30.88 6.91 -71.21
C ASN A 157 -30.10 6.13 -70.17
N SER A 158 -30.78 5.32 -69.37
CA SER A 158 -30.05 4.54 -68.39
C SER A 158 -30.72 3.22 -68.23
N ASN A 159 -29.98 2.19 -67.86
CA ASN A 159 -30.58 0.89 -67.57
C ASN A 159 -30.73 0.75 -66.11
N TYR A 160 -30.42 1.82 -65.40
CA TYR A 160 -30.48 1.73 -63.99
C TYR A 160 -31.40 2.76 -63.36
N ARG A 161 -30.82 3.62 -62.55
CA ARG A 161 -31.67 4.52 -61.86
C ARG A 161 -32.60 3.74 -60.98
N ILE A 162 -32.06 2.80 -60.22
CA ILE A 162 -32.88 2.02 -59.28
C ILE A 162 -32.99 2.83 -58.01
N LEU A 163 -34.20 3.29 -57.67
CA LEU A 163 -34.33 4.23 -56.57
C LEU A 163 -34.42 3.59 -55.19
N ASN A 164 -34.06 4.33 -54.15
CA ASN A 164 -34.37 3.96 -52.76
C ASN A 164 -33.78 2.67 -52.22
N ARG A 165 -32.69 2.18 -52.79
CA ARG A 165 -32.12 0.96 -52.27
C ARG A 165 -31.24 1.25 -51.05
N THR A 166 -31.89 1.72 -50.02
CA THR A 166 -31.23 1.99 -48.77
C THR A 166 -30.78 0.68 -48.13
N PRO A 167 -30.08 0.72 -47.00
CA PRO A 167 -29.78 -0.56 -46.39
C PRO A 167 -31.00 -1.41 -46.17
N THR A 168 -32.04 -0.85 -45.61
CA THR A 168 -33.28 -1.54 -45.27
C THR A 168 -33.90 -2.09 -46.51
N ASN A 169 -33.73 -1.42 -47.65
CA ASN A 169 -34.53 -1.70 -48.85
C ASN A 169 -33.62 -2.01 -50.02
N GLN A 170 -32.41 -2.45 -49.73
CA GLN A 170 -31.42 -2.67 -50.79
C GLN A 170 -31.87 -3.59 -51.93
N THR A 171 -32.63 -4.61 -51.62
CA THR A 171 -33.04 -5.53 -52.64
C THR A 171 -34.30 -5.11 -53.34
N GLY A 172 -34.91 -3.99 -52.96
CA GLY A 172 -36.18 -3.55 -53.61
C GLY A 172 -37.39 -4.06 -52.86
N LYS A 173 -37.13 -4.77 -51.74
CA LYS A 173 -38.13 -5.20 -50.77
C LYS A 173 -37.56 -4.86 -49.39
N LYS A 174 -38.39 -4.47 -48.42
CA LYS A 174 -37.90 -4.18 -47.10
C LYS A 174 -37.36 -5.46 -46.44
N ASP A 175 -36.19 -5.33 -45.87
CA ASP A 175 -35.56 -6.49 -45.25
C ASP A 175 -36.36 -6.98 -44.06
N PRO A 176 -36.66 -8.29 -44.04
CA PRO A 176 -37.40 -8.92 -42.95
C PRO A 176 -36.59 -8.99 -41.69
N ARG A 177 -35.32 -8.66 -41.76
CA ARG A 177 -34.47 -8.92 -40.63
C ARG A 177 -34.45 -7.87 -39.62
N TYR A 178 -34.83 -6.66 -40.01
CA TYR A 178 -34.63 -5.49 -39.17
C TYR A 178 -35.93 -4.84 -39.06
N THR A 179 -36.48 -4.73 -37.86
CA THR A 179 -37.79 -4.21 -37.76
C THR A 179 -37.90 -3.03 -36.81
N ALA A 180 -36.82 -2.43 -36.32
CA ALA A 180 -36.99 -1.27 -35.48
C ALA A 180 -37.51 -0.07 -36.27
N ASP A 181 -37.10 0.03 -37.52
CA ASP A 181 -37.59 1.07 -38.32
C ASP A 181 -38.60 0.40 -39.19
N ARG A 182 -39.87 0.72 -39.06
CA ARG A 182 -40.89 0.12 -39.90
C ARG A 182 -41.04 0.72 -41.32
N THR A 183 -40.37 1.81 -41.62
CA THR A 183 -40.31 2.38 -42.98
C THR A 183 -39.27 1.70 -43.90
N ILE A 184 -39.11 2.20 -45.12
CA ILE A 184 -38.11 1.57 -45.99
C ILE A 184 -36.70 2.11 -45.72
N GLY A 185 -36.53 2.88 -44.66
CA GLY A 185 -35.24 3.32 -44.20
C GLY A 185 -34.51 4.37 -44.95
N GLY A 186 -35.18 5.30 -45.64
CA GLY A 186 -34.53 6.41 -46.37
C GLY A 186 -35.34 6.73 -47.62
N TYR A 187 -34.78 7.54 -48.52
CA TYR A 187 -35.43 7.95 -49.76
C TYR A 187 -34.33 8.50 -50.66
N GLU A 188 -34.56 8.47 -51.98
CA GLU A 188 -33.50 8.69 -52.94
C GLU A 188 -33.01 10.10 -53.07
N PHE A 189 -33.98 11.01 -53.09
CA PHE A 189 -33.74 12.41 -53.49
C PHE A 189 -33.65 13.28 -52.28
N LEU A 190 -32.45 13.83 -52.02
CA LEU A 190 -32.14 14.68 -50.87
C LEU A 190 -31.87 16.13 -51.27
N LEU A 191 -30.81 16.38 -52.05
CA LEU A 191 -30.54 17.72 -52.57
C LEU A 191 -29.90 17.66 -53.95
N ALA A 192 -30.11 18.72 -54.72
CA ALA A 192 -29.32 19.00 -55.91
C ALA A 192 -29.36 17.91 -56.97
N ASN A 193 -28.24 17.63 -57.61
CA ASN A 193 -28.23 16.58 -58.63
C ASN A 193 -27.90 15.28 -57.98
N ASP A 194 -28.84 14.35 -58.09
CA ASP A 194 -28.75 13.09 -57.39
C ASP A 194 -27.98 12.08 -58.23
N VAL A 195 -26.79 11.74 -57.81
CA VAL A 195 -26.01 10.75 -58.53
C VAL A 195 -26.67 9.37 -58.48
N ASP A 196 -26.78 8.69 -59.61
CA ASP A 196 -27.35 7.37 -59.63
C ASP A 196 -26.34 6.34 -59.18
N ASN A 197 -26.25 6.08 -57.88
CA ASN A 197 -25.32 5.09 -57.37
C ASN A 197 -25.72 3.64 -57.59
N SER A 198 -26.73 3.37 -58.42
CA SER A 198 -27.06 2.01 -58.77
C SER A 198 -26.48 1.67 -60.14
N ASN A 199 -25.84 2.68 -60.73
CA ASN A 199 -25.20 2.54 -62.02
C ASN A 199 -23.82 1.99 -61.85
N PRO A 200 -23.56 0.79 -62.40
CA PRO A 200 -22.32 0.13 -62.17
C PRO A 200 -21.12 0.98 -62.57
N VAL A 201 -21.28 1.93 -63.46
CA VAL A 201 -20.09 2.67 -63.89
C VAL A 201 -19.81 3.70 -62.83
N VAL A 202 -20.91 4.19 -62.25
CA VAL A 202 -20.82 5.22 -61.26
C VAL A 202 -20.27 4.56 -60.01
N GLN A 203 -20.72 3.35 -59.72
CA GLN A 203 -20.23 2.63 -58.56
C GLN A 203 -18.72 2.53 -58.64
N ALA A 204 -18.21 2.05 -59.77
CA ALA A 204 -16.78 2.03 -59.99
C ALA A 204 -16.15 3.40 -59.76
N GLU A 205 -16.80 4.47 -60.22
CA GLU A 205 -16.23 5.77 -60.02
C GLU A 205 -16.21 6.24 -58.55
N GLN A 206 -17.22 5.83 -57.78
CA GLN A 206 -17.21 6.14 -56.35
C GLN A 206 -15.97 5.51 -55.75
N LEU A 207 -15.60 4.34 -56.28
CA LEU A 207 -14.51 3.56 -55.73
C LEU A 207 -13.20 4.21 -56.08
N ASN A 208 -13.14 4.75 -57.28
CA ASN A 208 -11.99 5.47 -57.72
C ASN A 208 -11.73 6.62 -56.75
N TRP A 209 -12.81 7.27 -56.38
CA TRP A 209 -12.71 8.48 -55.58
C TRP A 209 -12.34 8.07 -54.17
N LEU A 210 -12.92 6.98 -53.71
CA LEU A 210 -12.52 6.50 -52.40
C LEU A 210 -11.01 6.23 -52.37
N HIS A 211 -10.52 5.52 -53.36
CA HIS A 211 -9.12 5.18 -53.39
C HIS A 211 -8.28 6.43 -53.44
N PHE A 212 -8.79 7.42 -54.16
CA PHE A 212 -8.10 8.69 -54.31
C PHE A 212 -7.94 9.41 -52.98
N LEU A 213 -9.04 9.52 -52.26
CA LEU A 213 -9.05 10.25 -51.02
C LEU A 213 -8.10 9.58 -50.08
N MET A 214 -8.26 8.28 -49.97
CA MET A 214 -7.43 7.50 -49.14
C MET A 214 -5.96 7.46 -49.67
N ASN A 215 -5.68 8.05 -50.82
CA ASN A 215 -4.28 8.11 -51.22
C ASN A 215 -3.91 9.53 -51.58
N PHE A 216 -4.69 10.44 -51.03
CA PHE A 216 -4.58 11.80 -51.45
C PHE A 216 -3.10 12.29 -51.44
N GLY A 217 -2.37 11.99 -50.37
CA GLY A 217 -0.99 12.41 -50.23
C GLY A 217 -0.13 11.96 -51.40
N ASN A 218 -0.22 10.67 -51.69
CA ASN A 218 0.63 10.04 -52.69
C ASN A 218 0.29 10.64 -54.00
N ILE A 219 -1.00 10.65 -54.31
CA ILE A 219 -1.46 11.15 -55.59
C ILE A 219 -1.18 12.63 -55.77
N TYR A 220 -1.54 13.47 -54.78
CA TYR A 220 -1.44 14.90 -55.03
C TYR A 220 -0.10 15.50 -54.65
N ALA A 221 0.46 15.07 -53.55
CA ALA A 221 1.72 15.74 -53.12
C ALA A 221 2.90 14.81 -53.27
N ASN A 222 2.63 13.58 -53.65
CA ASN A 222 3.65 12.57 -53.55
C ASN A 222 4.18 12.36 -52.13
N ASP A 223 3.31 12.52 -51.15
CA ASP A 223 3.78 12.45 -49.81
C ASP A 223 2.92 11.42 -49.13
N PRO A 224 3.45 10.21 -49.00
CA PRO A 224 2.79 9.08 -48.35
C PRO A 224 2.31 9.43 -46.97
N ASP A 225 2.84 10.52 -46.43
CA ASP A 225 2.50 10.88 -45.09
C ASP A 225 1.23 11.78 -45.01
N ALA A 226 0.56 12.01 -46.14
CA ALA A 226 -0.51 12.99 -46.22
C ALA A 226 -1.79 12.39 -46.72
N ASN A 227 -1.94 11.09 -46.54
CA ASN A 227 -3.18 10.40 -46.94
C ASN A 227 -4.22 10.35 -45.89
N PHE A 228 -5.48 10.39 -46.29
CA PHE A 228 -6.58 10.31 -45.38
C PHE A 228 -6.55 8.88 -44.94
N ASP A 229 -6.85 8.63 -43.68
CA ASP A 229 -6.74 7.28 -43.16
C ASP A 229 -8.02 6.51 -43.22
N SER A 230 -9.14 7.21 -43.30
CA SER A 230 -10.42 6.60 -43.04
C SER A 230 -11.54 7.49 -43.64
N ILE A 231 -12.77 6.99 -43.66
CA ILE A 231 -13.84 7.77 -44.28
C ILE A 231 -15.09 7.85 -43.44
N ARG A 232 -15.89 8.86 -43.76
CA ARG A 232 -17.29 8.89 -43.34
C ARG A 232 -18.17 8.71 -44.60
N VAL A 233 -19.16 7.82 -44.57
CA VAL A 233 -20.14 7.76 -45.64
C VAL A 233 -21.31 8.69 -45.30
N ASP A 234 -21.41 9.76 -46.06
CA ASP A 234 -22.46 10.76 -45.88
C ASP A 234 -23.77 10.33 -46.51
N ALA A 235 -24.87 10.68 -45.87
CA ALA A 235 -26.17 10.46 -46.43
C ALA A 235 -26.36 9.02 -46.90
N VAL A 236 -26.10 8.08 -46.00
CA VAL A 236 -26.25 6.70 -46.32
C VAL A 236 -27.66 6.34 -46.72
N ASP A 237 -28.66 6.91 -46.04
CA ASP A 237 -30.05 6.49 -46.26
C ASP A 237 -30.62 7.13 -47.48
N ASN A 238 -29.79 7.84 -48.25
CA ASN A 238 -30.23 8.49 -49.51
C ASN A 238 -29.50 8.02 -50.77
N VAL A 239 -28.61 7.05 -50.61
CA VAL A 239 -27.93 6.43 -51.74
C VAL A 239 -28.16 4.92 -51.76
N ASP A 240 -27.76 4.29 -52.84
CA ASP A 240 -27.84 2.85 -53.01
C ASP A 240 -26.79 2.19 -52.12
N ALA A 241 -27.22 1.29 -51.25
CA ALA A 241 -26.38 0.68 -50.25
C ALA A 241 -25.28 -0.25 -50.79
N ASP A 242 -25.29 -0.59 -52.08
CA ASP A 242 -24.17 -1.30 -52.63
C ASP A 242 -22.83 -0.64 -52.23
N LEU A 243 -22.86 0.69 -52.10
CA LEU A 243 -21.70 1.48 -51.84
C LEU A 243 -21.11 1.04 -50.53
N LEU A 244 -21.94 0.55 -49.62
CA LEU A 244 -21.43 0.01 -48.35
C LEU A 244 -20.58 -1.27 -48.61
N GLN A 245 -21.04 -2.12 -49.49
CA GLN A 245 -20.23 -3.25 -49.79
C GLN A 245 -18.88 -2.87 -50.45
N ILE A 246 -18.98 -2.03 -51.46
CA ILE A 246 -17.85 -1.51 -52.15
C ILE A 246 -16.80 -0.89 -51.20
N ALA A 247 -17.19 0.12 -50.43
CA ALA A 247 -16.27 0.72 -49.49
C ALA A 247 -15.68 -0.28 -48.49
N GLY A 248 -16.51 -1.16 -47.94
CA GLY A 248 -15.97 -2.14 -47.02
C GLY A 248 -15.04 -3.12 -47.71
N ASP A 249 -15.45 -3.61 -48.87
CA ASP A 249 -14.59 -4.45 -49.69
C ASP A 249 -13.22 -3.83 -49.91
N TYR A 250 -13.24 -2.52 -50.06
CA TYR A 250 -12.04 -1.79 -50.31
C TYR A 250 -11.14 -1.76 -49.09
N LEU A 251 -11.74 -1.35 -47.99
CA LEU A 251 -11.04 -1.25 -46.73
C LEU A 251 -10.36 -2.56 -46.42
N LYS A 252 -11.05 -3.64 -46.79
CA LYS A 252 -10.56 -4.98 -46.57
C LYS A 252 -9.39 -5.30 -47.49
N ALA A 253 -9.61 -5.12 -48.76
CA ALA A 253 -8.59 -5.46 -49.71
C ALA A 253 -7.31 -4.59 -49.59
N ALA A 254 -7.50 -3.29 -49.38
CA ALA A 254 -6.42 -2.32 -49.50
C ALA A 254 -5.71 -2.19 -48.18
N LYS A 255 -6.48 -2.25 -47.10
CA LYS A 255 -5.93 -2.01 -45.77
C LYS A 255 -5.92 -3.18 -44.79
N GLY A 256 -6.68 -4.23 -45.05
CA GLY A 256 -6.59 -5.41 -44.21
C GLY A 256 -7.35 -5.33 -42.92
N ILE A 257 -8.33 -4.44 -42.87
CA ILE A 257 -9.07 -4.18 -41.61
C ILE A 257 -9.68 -5.43 -41.01
N HIS A 258 -10.03 -6.39 -41.85
CA HIS A 258 -10.56 -7.68 -41.40
C HIS A 258 -9.53 -8.60 -40.80
N LYS A 259 -8.24 -8.30 -40.97
CA LYS A 259 -7.24 -9.17 -40.35
C LYS A 259 -7.04 -9.06 -38.85
N ASN A 260 -6.97 -7.86 -38.34
CA ASN A 260 -6.79 -7.72 -36.92
C ASN A 260 -7.19 -6.36 -36.50
N ASP A 261 -7.30 -6.14 -35.19
CA ASP A 261 -7.83 -4.91 -34.67
C ASP A 261 -6.90 -3.76 -34.93
N LYS A 262 -5.59 -4.02 -34.95
CA LYS A 262 -4.72 -2.92 -35.13
C LYS A 262 -4.98 -2.37 -36.51
N ALA A 263 -5.14 -3.24 -37.51
CA ALA A 263 -5.39 -2.74 -38.85
C ALA A 263 -6.80 -2.04 -38.94
N ALA A 264 -7.83 -2.65 -38.38
CA ALA A 264 -9.12 -2.02 -38.38
C ALA A 264 -9.05 -0.69 -37.66
N ASN A 265 -8.33 -0.54 -36.56
CA ASN A 265 -8.40 0.75 -35.86
C ASN A 265 -7.53 1.85 -36.47
N ASP A 266 -6.61 1.48 -37.35
CA ASP A 266 -5.86 2.49 -38.06
C ASP A 266 -6.60 3.18 -39.20
N HIS A 267 -7.84 2.75 -39.47
CA HIS A 267 -8.60 3.18 -40.64
C HIS A 267 -10.02 3.14 -40.23
N LEU A 268 -10.30 3.51 -38.99
CA LEU A 268 -11.64 3.30 -38.47
C LEU A 268 -12.70 4.19 -39.14
N SER A 269 -13.63 3.58 -39.85
CA SER A 269 -14.59 4.36 -40.68
C SER A 269 -16.04 4.34 -40.24
N ILE A 270 -16.74 5.44 -40.52
CA ILE A 270 -18.10 5.61 -39.98
C ILE A 270 -19.15 5.84 -41.09
N LEU A 271 -20.39 5.52 -40.77
CA LEU A 271 -21.52 5.92 -41.57
C LEU A 271 -22.30 6.97 -40.87
N GLU A 272 -22.90 7.87 -41.64
CA GLU A 272 -24.03 8.71 -41.17
C GLU A 272 -25.31 8.06 -41.60
N ALA A 273 -25.84 7.14 -40.79
CA ALA A 273 -26.95 6.38 -41.25
C ALA A 273 -28.10 6.49 -40.23
N TRP A 274 -29.16 7.24 -40.54
CA TRP A 274 -30.13 7.54 -39.49
C TRP A 274 -31.11 6.44 -39.08
N SER A 275 -31.39 5.51 -39.96
CA SER A 275 -32.37 4.46 -39.64
C SER A 275 -31.97 3.46 -38.53
N TYR A 276 -32.87 3.12 -37.65
CA TYR A 276 -32.52 2.07 -36.66
C TYR A 276 -32.11 0.78 -37.27
N ASN A 277 -32.57 0.50 -38.48
CA ASN A 277 -32.18 -0.71 -39.15
C ASN A 277 -30.73 -0.76 -39.57
N ASP A 278 -30.14 0.41 -39.83
CA ASP A 278 -28.82 0.47 -40.38
C ASP A 278 -27.75 -0.18 -39.53
N THR A 279 -27.85 -0.11 -38.20
CA THR A 279 -26.80 -0.71 -37.34
C THR A 279 -26.73 -2.25 -37.42
N PRO A 280 -27.85 -2.91 -37.17
CA PRO A 280 -27.84 -4.34 -37.29
C PRO A 280 -27.48 -4.75 -38.70
N TYR A 281 -27.75 -3.87 -39.67
CA TYR A 281 -27.48 -4.18 -41.06
C TYR A 281 -25.96 -4.19 -41.29
N LEU A 282 -25.35 -3.09 -40.89
CA LEU A 282 -23.92 -2.96 -40.80
C LEU A 282 -23.27 -4.10 -40.01
N HIS A 283 -23.88 -4.52 -38.92
CA HIS A 283 -23.30 -5.56 -38.13
C HIS A 283 -23.35 -6.91 -38.90
N ASP A 284 -24.46 -7.26 -39.51
CA ASP A 284 -24.47 -8.46 -40.28
C ASP A 284 -23.50 -8.31 -41.42
N ASP A 285 -23.23 -7.10 -41.88
CA ASP A 285 -22.37 -6.94 -43.04
C ASP A 285 -20.90 -7.27 -42.69
N GLY A 286 -20.59 -7.37 -41.40
CA GLY A 286 -19.21 -7.68 -40.97
C GLY A 286 -18.54 -6.59 -40.12
N ASP A 287 -19.33 -5.59 -39.68
CA ASP A 287 -18.72 -4.48 -38.95
C ASP A 287 -17.48 -3.96 -39.68
N ASN A 288 -17.62 -3.65 -40.97
CA ASN A 288 -16.53 -2.99 -41.68
C ASN A 288 -16.52 -1.50 -41.52
N MET A 289 -17.59 -0.93 -40.97
CA MET A 289 -17.51 0.39 -40.38
C MET A 289 -18.51 0.54 -39.21
N ILE A 290 -18.53 1.65 -38.49
CA ILE A 290 -19.41 1.69 -37.34
C ILE A 290 -20.41 2.81 -37.54
N ASN A 291 -21.60 2.62 -37.01
CA ASN A 291 -22.66 3.58 -37.14
C ASN A 291 -22.90 4.34 -35.82
N MET A 292 -23.76 5.35 -35.82
CA MET A 292 -23.94 6.15 -34.64
C MET A 292 -24.91 5.41 -33.76
N ASP A 293 -24.92 5.70 -32.46
CA ASP A 293 -25.94 5.09 -31.63
C ASP A 293 -27.08 6.09 -31.56
N ASN A 294 -28.00 5.96 -32.48
CA ASN A 294 -28.97 7.02 -32.50
C ASN A 294 -29.92 7.04 -31.30
N ARG A 295 -30.24 5.88 -30.71
CA ARG A 295 -31.13 5.83 -29.56
C ARG A 295 -30.52 6.54 -28.36
N LEU A 296 -29.22 6.42 -28.17
CA LEU A 296 -28.60 7.05 -27.04
C LEU A 296 -28.59 8.54 -27.27
N ARG A 297 -28.38 8.94 -28.51
CA ARG A 297 -28.37 10.34 -28.80
C ARG A 297 -29.73 10.95 -28.39
N LEU A 298 -30.82 10.29 -28.76
CA LEU A 298 -32.15 10.75 -28.40
C LEU A 298 -32.39 10.75 -26.92
N SER A 299 -31.73 9.84 -26.23
CA SER A 299 -31.86 9.74 -24.82
C SER A 299 -31.21 10.91 -24.14
N LEU A 300 -29.99 11.23 -24.53
CA LEU A 300 -29.30 12.42 -24.02
C LEU A 300 -30.14 13.67 -24.27
N LEU A 301 -30.61 13.79 -25.52
CA LEU A 301 -31.29 14.97 -25.96
C LEU A 301 -32.54 15.18 -25.11
N TYR A 302 -33.33 14.13 -24.90
CA TYR A 302 -34.60 14.30 -24.16
C TYR A 302 -34.59 14.21 -22.64
N SER A 303 -33.59 13.58 -22.07
CA SER A 303 -33.53 13.46 -20.66
C SER A 303 -32.72 14.60 -20.11
N LEU A 304 -31.89 15.20 -20.95
CA LEU A 304 -30.88 16.16 -20.48
C LEU A 304 -30.93 17.53 -21.16
N ALA A 305 -30.99 17.55 -22.49
CA ALA A 305 -30.83 18.80 -23.26
C ALA A 305 -32.14 19.59 -23.50
N LYS A 306 -33.28 18.96 -23.41
CA LYS A 306 -34.51 19.73 -23.63
C LYS A 306 -34.95 20.64 -22.47
N PRO A 307 -35.81 21.61 -22.78
CA PRO A 307 -36.47 22.50 -21.82
C PRO A 307 -37.03 21.71 -20.67
N LEU A 308 -37.09 22.32 -19.48
CA LEU A 308 -37.38 21.60 -18.24
C LEU A 308 -38.74 20.91 -18.24
N ASN A 309 -39.67 21.58 -18.85
CA ASN A 309 -40.94 20.99 -19.06
C ASN A 309 -41.10 19.91 -20.11
N GLN A 310 -40.15 19.79 -21.01
CA GLN A 310 -40.27 18.77 -21.98
C GLN A 310 -39.33 17.59 -21.77
N ARG A 311 -38.61 17.59 -20.67
CA ARG A 311 -37.58 16.62 -20.40
C ARG A 311 -38.24 15.31 -19.96
N SER A 312 -37.70 14.18 -20.35
CA SER A 312 -38.23 12.94 -19.86
C SER A 312 -37.39 12.41 -18.73
N GLY A 313 -37.84 11.33 -18.12
CA GLY A 313 -37.14 10.71 -17.00
C GLY A 313 -35.77 10.20 -17.42
N MET A 314 -34.95 9.78 -16.47
CA MET A 314 -33.55 9.58 -16.81
C MET A 314 -33.18 8.19 -17.26
N ASN A 315 -34.08 7.24 -17.04
CA ASN A 315 -33.74 5.84 -17.21
C ASN A 315 -33.32 5.52 -18.63
N PRO A 316 -33.83 6.26 -19.60
CA PRO A 316 -33.41 5.96 -20.93
C PRO A 316 -31.91 6.19 -21.09
N LEU A 317 -31.30 7.01 -20.25
CA LEU A 317 -29.86 7.19 -20.31
C LEU A 317 -29.07 5.92 -20.09
N ILE A 318 -29.68 4.97 -19.38
CA ILE A 318 -29.13 3.64 -19.14
C ILE A 318 -29.58 2.62 -20.18
N THR A 319 -30.88 2.53 -20.45
CA THR A 319 -31.34 1.42 -21.30
C THR A 319 -31.70 1.77 -22.74
N ASN A 320 -32.00 3.03 -23.09
CA ASN A 320 -32.30 3.30 -24.52
C ASN A 320 -31.07 3.55 -25.34
N SER A 321 -30.41 2.47 -25.71
CA SER A 321 -29.15 2.59 -26.37
C SER A 321 -28.84 1.33 -27.13
N LEU A 322 -27.80 1.33 -27.96
CA LEU A 322 -27.29 0.05 -28.50
C LEU A 322 -26.86 -0.90 -27.41
N VAL A 323 -26.31 -0.34 -26.32
CA VAL A 323 -25.87 -1.12 -25.20
C VAL A 323 -26.69 -0.72 -24.00
N ASN A 324 -27.17 -1.73 -23.24
CA ASN A 324 -27.81 -1.52 -21.97
C ASN A 324 -26.70 -1.41 -20.94
N ARG A 325 -26.54 -0.25 -20.33
CA ARG A 325 -25.41 -0.03 -19.52
C ARG A 325 -25.70 -0.26 -18.04
N THR A 326 -26.76 -0.99 -17.71
CA THR A 326 -27.01 -1.32 -16.32
C THR A 326 -25.79 -2.00 -15.74
N ASP A 327 -25.37 -3.10 -16.37
CA ASP A 327 -24.09 -3.74 -16.01
C ASP A 327 -23.51 -4.16 -17.32
N ASP A 328 -22.45 -3.48 -17.75
CA ASP A 328 -21.80 -3.76 -19.00
C ASP A 328 -20.40 -4.29 -18.71
N ASN A 329 -20.28 -5.61 -18.78
CA ASN A 329 -19.08 -6.24 -18.31
C ASN A 329 -18.41 -7.03 -19.42
N ALA A 330 -18.78 -6.82 -20.66
CA ALA A 330 -18.25 -7.63 -21.73
C ALA A 330 -16.88 -7.13 -22.09
N GLU A 331 -15.96 -8.04 -22.41
CA GLU A 331 -14.68 -7.69 -22.92
C GLU A 331 -14.89 -7.07 -24.30
N THR A 332 -15.91 -7.51 -25.04
CA THR A 332 -16.19 -6.94 -26.36
C THR A 332 -17.69 -6.82 -26.53
N ALA A 333 -18.17 -5.63 -26.85
CA ALA A 333 -19.58 -5.36 -26.93
C ALA A 333 -20.15 -6.05 -28.10
N ALA A 334 -21.43 -6.30 -28.10
CA ALA A 334 -22.02 -6.93 -29.26
C ALA A 334 -21.84 -6.15 -30.53
N VAL A 335 -22.03 -4.81 -30.51
CA VAL A 335 -21.93 -4.04 -31.76
C VAL A 335 -21.19 -2.75 -31.56
N PRO A 336 -20.33 -2.39 -32.51
CA PRO A 336 -19.62 -1.15 -32.27
C PRO A 336 -20.45 0.08 -32.66
N SER A 337 -20.16 1.26 -32.10
CA SER A 337 -20.85 2.50 -32.52
C SER A 337 -20.06 3.68 -32.12
N TYR A 338 -20.47 4.84 -32.59
CA TYR A 338 -19.96 6.08 -32.03
C TYR A 338 -21.15 6.84 -31.51
N SER A 339 -20.94 7.66 -30.50
CA SER A 339 -21.99 8.40 -29.82
C SER A 339 -21.75 9.87 -29.82
N PHE A 340 -22.81 10.63 -30.02
CA PHE A 340 -22.63 12.07 -29.93
C PHE A 340 -23.90 12.71 -29.46
N ILE A 341 -23.84 13.97 -29.08
CA ILE A 341 -25.08 14.70 -28.74
C ILE A 341 -25.41 15.82 -29.75
N ARG A 342 -24.39 16.42 -30.37
CA ARG A 342 -24.59 17.36 -31.46
C ARG A 342 -23.59 17.10 -32.60
N ALA A 343 -23.96 17.50 -33.82
CA ALA A 343 -23.01 17.40 -34.95
C ALA A 343 -23.10 18.69 -35.70
N HIS A 344 -22.36 18.74 -36.82
CA HIS A 344 -22.33 19.97 -37.60
C HIS A 344 -23.74 20.30 -38.07
N ASP A 345 -24.51 19.29 -38.46
CA ASP A 345 -25.89 19.55 -38.77
C ASP A 345 -26.87 19.29 -37.62
N SER A 346 -26.77 18.12 -36.99
CA SER A 346 -27.77 17.70 -36.00
C SER A 346 -27.71 18.55 -34.70
N GLU A 347 -28.87 19.11 -34.37
CA GLU A 347 -29.05 19.94 -33.18
C GLU A 347 -28.18 21.25 -33.23
N VAL A 348 -27.86 21.69 -34.45
CA VAL A 348 -27.27 23.04 -34.60
C VAL A 348 -27.99 23.86 -35.65
N GLN A 349 -27.94 23.42 -36.90
CA GLN A 349 -28.68 24.11 -37.94
C GLN A 349 -30.20 24.05 -37.71
N ASP A 350 -30.73 22.99 -37.11
CA ASP A 350 -32.13 22.98 -36.57
C ASP A 350 -32.47 24.20 -35.70
N LEU A 351 -31.61 24.48 -34.73
CA LEU A 351 -31.90 25.43 -33.72
C LEU A 351 -31.89 26.77 -34.36
N ILE A 352 -31.02 26.96 -35.36
CA ILE A 352 -30.98 28.24 -36.10
C ILE A 352 -32.27 28.35 -36.90
N ARG A 353 -32.61 27.28 -37.65
CA ARG A 353 -33.91 27.26 -38.31
C ARG A 353 -35.01 27.65 -37.32
N ASP A 354 -35.06 27.04 -36.11
CA ASP A 354 -36.10 27.35 -35.10
C ASP A 354 -36.21 28.82 -34.79
N ILE A 355 -35.04 29.45 -34.75
CA ILE A 355 -34.96 30.86 -34.43
C ILE A 355 -35.36 31.72 -35.63
N ILE A 356 -34.95 31.34 -36.83
CA ILE A 356 -35.38 32.15 -37.95
C ILE A 356 -36.90 32.08 -38.04
N LYS A 357 -37.44 30.85 -38.06
CA LYS A 357 -38.89 30.60 -38.28
C LYS A 357 -39.73 31.29 -37.20
N ALA A 358 -39.18 31.37 -35.99
CA ALA A 358 -39.85 32.03 -34.85
C ALA A 358 -39.70 33.54 -34.88
N GLU A 359 -38.51 34.05 -35.20
CA GLU A 359 -38.27 35.46 -34.93
C GLU A 359 -37.77 36.31 -36.10
N ILE A 360 -37.83 35.75 -37.30
CA ILE A 360 -37.29 36.49 -38.43
C ILE A 360 -38.05 36.32 -39.75
N ASN A 361 -37.98 35.16 -40.36
CA ASN A 361 -38.87 34.93 -41.48
C ASN A 361 -39.66 33.68 -41.17
N PRO A 362 -40.92 33.92 -40.82
CA PRO A 362 -41.87 32.81 -40.59
C PRO A 362 -42.04 31.69 -41.69
N ASN A 363 -42.02 32.05 -42.99
CA ASN A 363 -42.16 31.05 -44.16
C ASN A 363 -40.84 30.52 -44.69
N VAL A 364 -39.84 30.46 -43.81
CA VAL A 364 -38.57 30.05 -44.32
C VAL A 364 -38.74 28.58 -44.82
N VAL A 365 -38.20 28.26 -46.00
CA VAL A 365 -38.27 26.84 -46.45
C VAL A 365 -37.04 26.00 -46.00
N GLY A 366 -37.31 24.71 -45.65
CA GLY A 366 -36.26 23.68 -45.35
C GLY A 366 -35.14 24.37 -44.57
N TYR A 367 -33.89 24.24 -45.02
CA TYR A 367 -32.83 25.08 -44.44
C TYR A 367 -32.31 26.12 -45.43
N SER A 368 -33.16 26.41 -46.39
CA SER A 368 -32.73 27.40 -47.38
C SER A 368 -32.62 28.83 -46.80
N PHE A 369 -31.57 29.06 -46.00
CA PHE A 369 -31.48 30.39 -45.29
C PHE A 369 -30.64 31.28 -46.14
N THR A 370 -30.59 32.55 -45.75
CA THR A 370 -29.67 33.54 -46.31
C THR A 370 -28.62 33.89 -45.27
N MET A 371 -27.61 34.64 -45.71
CA MET A 371 -26.48 35.01 -44.87
C MET A 371 -27.02 35.87 -43.83
N GLU A 372 -27.98 36.68 -44.26
CA GLU A 372 -28.51 37.74 -43.45
C GLU A 372 -29.22 37.22 -42.27
N GLU A 373 -30.29 36.49 -42.59
CA GLU A 373 -31.08 35.80 -41.62
C GLU A 373 -30.11 35.13 -40.58
N ILE A 374 -29.18 34.29 -41.06
CA ILE A 374 -28.21 33.60 -40.17
C ILE A 374 -27.48 34.50 -39.15
N LYS A 375 -26.85 35.52 -39.64
CA LYS A 375 -26.09 36.39 -38.74
C LYS A 375 -26.99 37.03 -37.67
N LYS A 376 -28.22 37.29 -38.09
CA LYS A 376 -29.30 37.80 -37.26
C LYS A 376 -29.68 36.70 -36.23
N ALA A 377 -29.88 35.49 -36.74
CA ALA A 377 -30.15 34.32 -35.93
C ALA A 377 -29.09 34.19 -34.88
N PHE A 378 -27.82 34.25 -35.28
CA PHE A 378 -26.74 34.07 -34.30
C PHE A 378 -26.75 35.04 -33.14
N GLU A 379 -27.32 36.23 -33.30
CA GLU A 379 -27.26 37.15 -32.15
C GLU A 379 -28.12 36.61 -31.03
N ILE A 380 -29.37 36.26 -31.37
CA ILE A 380 -30.29 35.61 -30.44
C ILE A 380 -29.64 34.35 -29.79
N TYR A 381 -29.08 33.48 -30.65
CA TYR A 381 -28.61 32.14 -30.25
C TYR A 381 -27.48 32.23 -29.26
N ASN A 382 -26.55 33.11 -29.55
CA ASN A 382 -25.40 33.24 -28.69
C ASN A 382 -25.78 33.76 -27.35
N LYS A 383 -26.85 34.53 -27.30
CA LYS A 383 -27.22 35.08 -26.03
C LYS A 383 -27.92 33.99 -25.22
N ASP A 384 -28.74 33.18 -25.91
CA ASP A 384 -29.43 32.05 -25.33
C ASP A 384 -28.41 31.05 -24.77
N LEU A 385 -27.26 30.95 -25.41
CA LEU A 385 -26.25 30.07 -24.88
C LEU A 385 -25.85 30.44 -23.45
N LEU A 386 -25.86 31.73 -23.14
CA LEU A 386 -25.37 32.17 -21.85
C LEU A 386 -26.44 32.26 -20.81
N ALA A 387 -27.70 32.13 -21.22
CA ALA A 387 -28.82 32.24 -20.29
C ALA A 387 -28.97 31.03 -19.36
N THR A 388 -29.63 31.21 -18.22
CA THR A 388 -30.04 30.09 -17.37
C THR A 388 -31.29 29.45 -17.94
N GLU A 389 -32.29 30.27 -18.23
CA GLU A 389 -33.46 29.80 -18.98
C GLU A 389 -33.19 29.82 -20.46
N LYS A 390 -33.05 28.67 -21.09
CA LYS A 390 -32.83 28.74 -22.48
C LYS A 390 -34.11 28.50 -23.24
N LYS A 391 -34.25 29.29 -24.27
CA LYS A 391 -35.39 29.17 -25.07
C LYS A 391 -35.11 28.38 -26.34
N TYR A 392 -33.86 28.30 -26.79
CA TYR A 392 -33.56 27.71 -28.10
C TYR A 392 -32.46 26.67 -28.04
N THR A 393 -31.56 26.75 -27.06
CA THR A 393 -30.33 25.98 -27.16
C THR A 393 -30.29 24.89 -26.09
N HIS A 394 -29.30 23.99 -26.14
CA HIS A 394 -29.28 22.85 -25.20
C HIS A 394 -29.00 23.19 -23.76
N TYR A 395 -29.75 22.53 -22.87
CA TYR A 395 -29.39 22.44 -21.48
C TYR A 395 -28.42 21.31 -21.20
N ASN A 396 -27.63 21.43 -20.15
CA ASN A 396 -26.88 20.31 -19.58
C ASN A 396 -25.81 19.73 -20.48
N THR A 397 -25.24 20.56 -21.36
CA THR A 397 -24.22 20.05 -22.26
C THR A 397 -23.14 19.19 -21.53
N ALA A 398 -22.67 19.71 -20.41
CA ALA A 398 -21.64 19.04 -19.62
C ALA A 398 -22.18 17.72 -19.08
N LEU A 399 -23.45 17.64 -18.79
CA LEU A 399 -23.95 16.36 -18.27
C LEU A 399 -23.87 15.31 -19.39
N SER A 400 -24.17 15.75 -20.59
CA SER A 400 -24.22 14.88 -21.74
C SER A 400 -22.81 14.41 -22.01
N TYR A 401 -21.87 15.34 -22.04
CA TYR A 401 -20.49 14.94 -22.25
C TYR A 401 -19.96 14.03 -21.13
N ALA A 402 -20.38 14.27 -19.91
CA ALA A 402 -19.91 13.41 -18.84
C ALA A 402 -20.26 11.95 -19.14
N LEU A 403 -21.48 11.71 -19.54
CA LEU A 403 -21.91 10.37 -19.94
C LEU A 403 -21.17 9.92 -21.21
N LEU A 404 -21.11 10.75 -22.26
CA LEU A 404 -20.51 10.30 -23.45
C LEU A 404 -19.08 9.99 -23.19
N LEU A 405 -18.40 10.76 -22.37
CA LEU A 405 -16.97 10.53 -22.26
C LEU A 405 -16.60 9.56 -21.15
N THR A 406 -17.60 9.00 -20.48
CA THR A 406 -17.27 7.98 -19.46
C THR A 406 -17.91 6.63 -19.73
N ASN A 407 -18.87 6.62 -20.66
CA ASN A 407 -19.58 5.41 -21.09
C ASN A 407 -18.67 4.37 -21.61
N LYS A 408 -19.05 3.13 -21.40
CA LYS A 408 -18.24 2.04 -21.95
C LYS A 408 -18.87 1.57 -23.27
N SER A 409 -18.09 0.96 -24.18
CA SER A 409 -18.69 0.30 -25.39
C SER A 409 -19.21 1.19 -26.51
N SER A 410 -18.62 2.36 -26.72
CA SER A 410 -18.94 3.21 -27.85
C SER A 410 -17.77 4.18 -27.98
N VAL A 411 -17.41 4.61 -29.18
CA VAL A 411 -16.41 5.63 -29.35
C VAL A 411 -17.17 6.94 -29.29
N PRO A 412 -16.81 7.83 -28.36
CA PRO A 412 -17.46 9.15 -28.33
C PRO A 412 -17.02 10.13 -29.44
N ARG A 413 -17.96 10.85 -30.01
CA ARG A 413 -17.52 11.85 -30.93
C ARG A 413 -17.79 13.16 -30.31
N VAL A 414 -16.78 14.00 -30.08
CA VAL A 414 -16.98 15.34 -29.56
C VAL A 414 -17.19 16.30 -30.71
N TYR A 415 -18.20 17.13 -30.61
CA TYR A 415 -18.42 18.14 -31.62
C TYR A 415 -17.67 19.43 -31.33
N TYR A 416 -17.04 19.98 -32.38
CA TYR A 416 -16.24 21.21 -32.34
C TYR A 416 -17.00 22.34 -31.71
N GLY A 417 -18.26 22.45 -32.07
CA GLY A 417 -19.04 23.56 -31.65
C GLY A 417 -19.54 23.41 -30.23
N ASP A 418 -19.08 22.43 -29.45
CA ASP A 418 -19.54 22.37 -28.07
C ASP A 418 -18.42 22.86 -27.22
N MET A 419 -17.26 23.00 -27.88
CA MET A 419 -16.05 23.49 -27.20
C MET A 419 -15.71 24.92 -27.66
N PHE A 420 -15.98 25.18 -28.94
CA PHE A 420 -15.78 26.49 -29.55
C PHE A 420 -17.11 27.00 -30.10
N THR A 421 -17.16 28.28 -30.36
CA THR A 421 -18.40 28.91 -30.78
C THR A 421 -18.77 28.48 -32.19
N ASP A 422 -20.02 28.08 -32.37
CA ASP A 422 -20.44 27.58 -33.67
C ASP A 422 -20.18 28.56 -34.76
N ASP A 423 -20.31 29.86 -34.49
CA ASP A 423 -19.91 30.87 -35.48
C ASP A 423 -18.53 31.42 -35.09
N GLY A 424 -17.93 32.33 -35.79
CA GLY A 424 -16.63 32.65 -35.26
C GLY A 424 -15.50 31.95 -36.00
N GLN A 425 -14.33 32.63 -36.06
CA GLN A 425 -13.11 32.12 -36.68
C GLN A 425 -12.71 30.83 -35.99
N TYR A 426 -11.96 30.01 -36.68
CA TYR A 426 -11.67 28.70 -36.13
C TYR A 426 -10.97 28.74 -34.79
N MET A 427 -11.55 28.11 -33.78
CA MET A 427 -10.86 28.02 -32.51
C MET A 427 -10.58 29.33 -31.79
N ALA A 428 -11.14 30.43 -32.29
CA ALA A 428 -10.95 31.72 -31.59
C ALA A 428 -11.67 31.82 -30.23
N HIS A 429 -12.88 31.30 -30.06
CA HIS A 429 -13.57 31.57 -28.80
C HIS A 429 -14.00 30.27 -28.15
N LYS A 430 -13.80 30.12 -26.86
CA LYS A 430 -14.28 28.93 -26.12
C LYS A 430 -15.73 29.04 -25.65
N THR A 431 -16.47 27.94 -25.55
CA THR A 431 -17.87 28.01 -25.14
C THR A 431 -17.74 27.99 -23.65
N ILE A 432 -18.81 28.20 -22.87
CA ILE A 432 -18.60 28.18 -21.42
C ILE A 432 -18.34 26.76 -20.99
N ASN A 433 -18.55 25.79 -21.84
CA ASN A 433 -18.32 24.42 -21.40
C ASN A 433 -16.96 23.87 -21.73
N TYR A 434 -16.17 24.65 -22.46
CA TYR A 434 -14.89 24.18 -22.92
C TYR A 434 -14.11 23.59 -21.76
N GLU A 435 -14.07 24.31 -20.64
CA GLU A 435 -13.29 23.82 -19.52
C GLU A 435 -13.76 22.43 -19.01
N ALA A 436 -15.05 22.25 -18.79
CA ALA A 436 -15.51 20.98 -18.28
C ALA A 436 -15.27 19.85 -19.31
N ILE A 437 -15.59 20.09 -20.58
CA ILE A 437 -15.32 19.08 -21.57
C ILE A 437 -13.82 18.72 -21.60
N GLU A 438 -12.93 19.72 -21.57
CA GLU A 438 -11.50 19.42 -21.68
C GLU A 438 -11.00 18.61 -20.51
N THR A 439 -11.53 18.97 -19.35
CA THR A 439 -11.27 18.23 -18.11
C THR A 439 -11.68 16.76 -18.17
N LEU A 440 -12.88 16.50 -18.70
CA LEU A 440 -13.41 15.20 -18.88
C LEU A 440 -12.56 14.49 -19.86
N LEU A 441 -12.13 15.19 -20.91
CA LEU A 441 -11.35 14.55 -21.95
C LEU A 441 -10.03 14.07 -21.39
N LYS A 442 -9.38 14.95 -20.64
CA LYS A 442 -8.13 14.59 -20.02
C LYS A 442 -8.28 13.46 -18.99
N ALA A 443 -9.34 13.53 -18.20
CA ALA A 443 -9.63 12.47 -17.20
C ALA A 443 -9.83 11.11 -17.83
N ARG A 444 -10.49 11.09 -18.99
CA ARG A 444 -10.80 9.89 -19.71
C ARG A 444 -9.54 9.14 -20.04
N ILE A 445 -8.49 9.82 -20.50
CA ILE A 445 -7.26 9.16 -20.83
C ILE A 445 -6.80 8.48 -19.55
N LYS A 446 -6.83 9.22 -18.44
CA LYS A 446 -6.17 8.75 -17.22
C LYS A 446 -7.02 7.77 -16.36
N TYR A 447 -8.33 7.96 -16.30
CA TYR A 447 -9.13 7.18 -15.36
C TYR A 447 -10.12 6.18 -15.97
N VAL A 448 -10.54 6.40 -17.21
CA VAL A 448 -11.72 5.73 -17.71
C VAL A 448 -11.43 4.41 -18.38
N SER A 449 -11.65 3.35 -17.63
CA SER A 449 -11.36 2.02 -18.11
C SER A 449 -12.11 1.07 -17.24
N GLY A 450 -12.36 -0.15 -17.74
CA GLY A 450 -13.06 -1.18 -16.92
C GLY A 450 -14.53 -1.44 -17.20
N GLY A 451 -15.17 -2.28 -16.37
CA GLY A 451 -16.60 -2.51 -16.53
C GLY A 451 -17.41 -1.26 -16.20
N GLN A 452 -18.70 -1.27 -16.51
CA GLN A 452 -19.55 -0.14 -16.19
C GLN A 452 -20.79 -0.58 -15.42
N ALA A 453 -21.23 0.27 -14.49
CA ALA A 453 -22.53 0.06 -13.84
C ALA A 453 -23.34 1.37 -13.87
N MET A 454 -24.61 1.30 -14.24
CA MET A 454 -25.45 2.48 -14.16
C MET A 454 -26.65 2.22 -13.31
N ARG A 455 -27.00 3.20 -12.51
CA ARG A 455 -28.08 3.02 -11.56
C ARG A 455 -28.94 4.24 -11.58
N ASN A 456 -30.23 4.01 -11.53
CA ASN A 456 -31.20 5.07 -11.45
C ASN A 456 -31.89 4.99 -10.07
N GLN A 457 -31.86 6.02 -9.28
CA GLN A 457 -32.38 5.88 -7.94
C GLN A 457 -33.35 7.04 -7.66
N GLN A 458 -34.54 6.71 -7.15
CA GLN A 458 -35.52 7.74 -6.76
C GLN A 458 -35.20 8.27 -5.36
N VAL A 459 -34.74 9.50 -5.28
CA VAL A 459 -34.44 10.13 -4.01
C VAL A 459 -35.12 11.45 -3.84
N GLY A 460 -35.47 11.73 -2.59
CA GLY A 460 -36.07 12.99 -2.25
C GLY A 460 -37.28 13.12 -3.14
N ASN A 461 -37.30 14.17 -3.93
CA ASN A 461 -38.50 14.48 -4.70
C ASN A 461 -38.24 14.22 -6.17
N SER A 462 -37.17 13.52 -6.52
CA SER A 462 -36.81 13.38 -7.94
C SER A 462 -35.96 12.12 -8.14
N GLU A 463 -34.95 12.17 -8.98
CA GLU A 463 -34.18 10.97 -9.19
C GLU A 463 -32.78 11.32 -9.64
N ILE A 464 -31.84 10.41 -9.43
CA ILE A 464 -30.52 10.64 -9.96
C ILE A 464 -30.10 9.40 -10.68
N ILE A 465 -29.12 9.51 -11.55
CA ILE A 465 -28.51 8.29 -12.07
C ILE A 465 -27.05 8.29 -11.66
N THR A 466 -26.45 7.11 -11.51
CA THR A 466 -25.05 7.05 -11.13
C THR A 466 -24.37 6.24 -12.23
N SER A 467 -23.20 6.64 -12.70
CA SER A 467 -22.52 5.83 -13.70
C SER A 467 -21.08 5.57 -13.22
N VAL A 468 -20.61 4.33 -13.30
CA VAL A 468 -19.37 3.97 -12.63
C VAL A 468 -18.54 3.14 -13.57
N ARG A 469 -17.25 3.46 -13.70
CA ARG A 469 -16.32 2.56 -14.39
C ARG A 469 -15.39 2.01 -13.34
N TYR A 470 -15.21 0.70 -13.31
CA TYR A 470 -14.48 0.05 -12.23
C TYR A 470 -12.95 0.26 -12.14
N GLY A 471 -12.30 0.72 -13.20
CA GLY A 471 -10.83 0.85 -13.24
C GLY A 471 -10.20 -0.12 -14.23
N LYS A 472 -9.02 0.20 -14.78
CA LYS A 472 -8.39 -0.67 -15.80
C LYS A 472 -8.21 -2.04 -15.29
N GLY A 473 -8.74 -3.03 -15.98
CA GLY A 473 -8.49 -4.37 -15.46
C GLY A 473 -9.55 -4.97 -14.55
N ALA A 474 -10.70 -4.32 -14.41
CA ALA A 474 -11.84 -4.89 -13.71
C ALA A 474 -13.09 -4.76 -14.57
N LEU A 475 -13.52 -5.85 -15.19
CA LEU A 475 -14.73 -5.83 -15.96
C LEU A 475 -15.94 -5.95 -15.07
N LYS A 476 -15.75 -6.52 -13.87
CA LYS A 476 -16.85 -6.74 -12.93
C LYS A 476 -16.65 -6.11 -11.56
N ALA A 477 -17.76 -6.00 -10.83
CA ALA A 477 -17.72 -5.31 -9.54
C ALA A 477 -16.84 -6.08 -8.56
N THR A 478 -16.82 -7.38 -8.72
CA THR A 478 -16.04 -8.21 -7.83
C THR A 478 -14.55 -8.35 -8.21
N ASP A 479 -14.10 -7.86 -9.36
CA ASP A 479 -12.69 -7.97 -9.74
C ASP A 479 -11.85 -7.05 -8.88
N THR A 480 -10.77 -7.52 -8.27
CA THR A 480 -9.97 -6.62 -7.44
C THR A 480 -8.87 -5.97 -8.23
N GLY A 481 -8.49 -6.51 -9.40
CA GLY A 481 -7.46 -5.93 -10.26
C GLY A 481 -6.08 -5.76 -9.63
N ASP A 482 -5.43 -4.62 -9.87
CA ASP A 482 -4.03 -4.45 -9.42
C ASP A 482 -3.79 -2.96 -9.17
N ARG A 483 -2.53 -2.55 -8.94
CA ARG A 483 -2.26 -1.15 -8.55
C ARG A 483 -3.04 -0.18 -9.46
N ILE A 484 -3.05 -0.38 -10.78
CA ILE A 484 -3.56 0.66 -11.66
C ILE A 484 -5.07 0.63 -11.62
N THR A 485 -5.68 -0.52 -11.38
CA THR A 485 -7.13 -0.57 -11.20
C THR A 485 -7.46 0.34 -10.06
N ARG A 486 -6.72 0.24 -9.00
CA ARG A 486 -7.01 1.01 -7.83
C ARG A 486 -7.00 2.49 -8.11
N THR A 487 -6.09 2.96 -8.94
CA THR A 487 -6.04 4.42 -9.18
C THR A 487 -6.70 4.82 -10.48
N SER A 488 -7.68 4.05 -10.89
CA SER A 488 -8.42 4.40 -12.08
C SER A 488 -9.90 4.11 -11.82
N GLY A 489 -10.77 4.37 -12.79
CA GLY A 489 -12.19 4.31 -12.53
C GLY A 489 -12.75 5.71 -12.38
N VAL A 490 -14.08 5.82 -12.38
CA VAL A 490 -14.68 7.13 -12.18
C VAL A 490 -16.10 6.91 -11.73
N VAL A 491 -16.67 7.91 -11.08
CA VAL A 491 -18.10 7.94 -10.85
C VAL A 491 -18.69 9.26 -11.30
N VAL A 492 -19.81 9.18 -12.02
CA VAL A 492 -20.60 10.33 -12.46
C VAL A 492 -21.99 10.28 -11.81
N ILE A 493 -22.42 11.39 -11.25
CA ILE A 493 -23.77 11.45 -10.69
C ILE A 493 -24.44 12.56 -11.39
N GLU A 494 -25.66 12.30 -11.84
CA GLU A 494 -26.39 13.30 -12.55
C GLU A 494 -27.83 13.40 -12.15
N GLY A 495 -28.39 14.60 -12.25
CA GLY A 495 -29.80 14.73 -12.05
C GLY A 495 -30.28 15.70 -13.07
N ASN A 496 -31.54 15.58 -13.49
CA ASN A 496 -32.08 16.42 -14.54
C ASN A 496 -33.19 17.36 -14.13
N ASN A 497 -33.29 17.63 -12.82
CA ASN A 497 -34.34 18.49 -12.32
C ASN A 497 -33.84 19.50 -11.27
N PRO A 498 -33.92 20.79 -11.59
CA PRO A 498 -33.40 21.79 -10.69
C PRO A 498 -34.01 21.73 -9.29
N SER A 499 -35.18 21.11 -9.15
CA SER A 499 -35.89 21.08 -7.90
C SER A 499 -35.52 19.96 -7.02
N LEU A 500 -34.61 19.13 -7.49
CA LEU A 500 -34.13 18.02 -6.70
C LEU A 500 -33.75 18.48 -5.28
N ARG A 501 -34.40 17.96 -4.23
CA ARG A 501 -33.95 18.02 -2.79
C ARG A 501 -33.91 16.62 -2.15
N LEU A 502 -32.82 16.32 -1.44
CA LEU A 502 -32.75 15.07 -0.72
C LEU A 502 -33.25 15.39 0.61
N LYS A 503 -33.83 14.41 1.29
CA LYS A 503 -34.17 14.57 2.69
C LYS A 503 -32.96 14.33 3.54
N ALA A 504 -33.01 14.80 4.76
CA ALA A 504 -31.89 14.54 5.64
C ALA A 504 -31.47 13.06 5.64
N SER A 505 -32.41 12.16 5.53
CA SER A 505 -32.06 10.79 5.79
C SER A 505 -31.60 10.09 4.49
N ASP A 506 -31.53 10.81 3.37
CA ASP A 506 -31.33 10.11 2.08
C ASP A 506 -29.88 9.80 1.93
N ARG A 507 -29.54 8.69 1.29
CA ARG A 507 -28.18 8.46 0.93
C ARG A 507 -28.25 7.93 -0.45
N VAL A 508 -27.29 8.32 -1.27
CA VAL A 508 -27.06 7.68 -2.54
C VAL A 508 -25.81 6.84 -2.32
N VAL A 509 -25.96 5.51 -2.28
CA VAL A 509 -24.80 4.62 -2.05
C VAL A 509 -24.23 4.04 -3.35
N VAL A 510 -23.04 4.43 -3.81
CA VAL A 510 -22.51 3.96 -5.10
C VAL A 510 -21.41 2.90 -4.96
N ASN A 511 -21.59 1.71 -5.51
CA ASN A 511 -20.56 0.72 -5.39
C ASN A 511 -19.44 0.99 -6.40
N MET A 512 -18.21 1.25 -5.96
CA MET A 512 -17.18 1.64 -6.90
C MET A 512 -16.42 0.49 -7.55
N GLY A 513 -16.67 -0.74 -7.12
CA GLY A 513 -15.77 -1.83 -7.48
C GLY A 513 -14.81 -2.27 -6.38
N ALA A 514 -14.44 -3.55 -6.43
CA ALA A 514 -13.69 -4.23 -5.38
C ALA A 514 -12.23 -3.79 -5.21
N ALA A 515 -11.70 -3.00 -6.14
CA ALA A 515 -10.36 -2.49 -6.06
C ALA A 515 -10.35 -1.17 -5.28
N HIS A 516 -11.49 -0.85 -4.68
CA HIS A 516 -11.65 0.50 -4.19
C HIS A 516 -12.19 0.58 -2.77
N LYS A 517 -11.76 -0.35 -1.94
CA LYS A 517 -12.16 -0.27 -0.58
C LYS A 517 -11.24 0.62 0.21
N ASN A 518 -11.88 1.37 1.12
CA ASN A 518 -11.21 2.31 1.98
C ASN A 518 -10.28 3.14 1.21
N GLN A 519 -10.80 3.89 0.24
CA GLN A 519 -9.96 4.71 -0.62
C GLN A 519 -10.31 6.20 -0.68
N ALA A 520 -9.30 7.07 -0.81
CA ALA A 520 -9.64 8.45 -0.99
C ALA A 520 -10.12 8.71 -2.43
N TYR A 521 -11.21 9.49 -2.59
CA TYR A 521 -11.66 10.05 -3.86
C TYR A 521 -11.66 11.56 -3.85
N ARG A 522 -11.39 12.22 -4.95
CA ARG A 522 -11.51 13.69 -4.98
C ARG A 522 -12.37 14.16 -6.14
N PRO A 523 -12.92 15.37 -6.07
CA PRO A 523 -13.75 15.79 -7.20
C PRO A 523 -13.03 16.02 -8.54
N LEU A 524 -13.75 15.76 -9.62
CA LEU A 524 -13.24 16.15 -10.91
C LEU A 524 -14.02 17.35 -11.42
N LEU A 525 -15.35 17.21 -11.43
CA LEU A 525 -16.29 18.30 -11.73
C LEU A 525 -17.42 18.43 -10.68
N LEU A 526 -17.66 19.64 -10.20
CA LEU A 526 -18.75 19.88 -9.25
C LEU A 526 -19.58 21.05 -9.72
N THR A 527 -20.89 20.97 -9.54
CA THR A 527 -21.79 22.04 -9.96
C THR A 527 -21.79 23.05 -8.87
N THR A 528 -21.98 24.30 -9.22
CA THR A 528 -21.96 25.32 -8.20
C THR A 528 -23.06 26.24 -8.59
N ASP A 529 -23.27 27.27 -7.78
CA ASP A 529 -24.41 28.12 -8.06
C ASP A 529 -24.38 28.71 -9.44
N ASN A 530 -23.19 29.04 -9.94
CA ASN A 530 -23.08 29.70 -11.23
C ASN A 530 -22.69 28.82 -12.39
N GLY A 531 -22.07 27.69 -12.11
CA GLY A 531 -21.74 26.80 -13.19
C GLY A 531 -21.15 25.53 -12.64
N ILE A 532 -19.99 25.19 -13.17
CA ILE A 532 -19.44 23.96 -12.81
C ILE A 532 -18.04 24.30 -12.50
N LYS A 533 -17.51 23.76 -11.41
CA LYS A 533 -16.14 23.95 -11.02
C LYS A 533 -15.27 22.73 -11.37
N ALA A 534 -14.13 22.92 -12.04
CA ALA A 534 -13.32 21.83 -12.52
C ALA A 534 -12.10 21.69 -11.64
N TYR A 535 -11.69 20.47 -11.29
CA TYR A 535 -10.44 20.33 -10.56
C TYR A 535 -9.34 19.71 -11.39
N HIS A 536 -8.26 20.45 -11.63
CA HIS A 536 -7.28 19.95 -12.59
C HIS A 536 -6.23 19.01 -12.01
N SER A 537 -6.27 18.77 -10.70
CA SER A 537 -5.27 17.89 -10.02
C SER A 537 -5.81 17.41 -8.68
N ASP A 538 -5.23 16.36 -8.12
CA ASP A 538 -5.53 16.04 -6.72
C ASP A 538 -5.33 17.27 -5.84
N GLN A 539 -4.17 17.90 -6.01
CA GLN A 539 -3.71 18.95 -5.10
C GLN A 539 -4.80 20.01 -5.06
N GLU A 540 -5.29 20.36 -6.25
CA GLU A 540 -6.29 21.42 -6.47
C GLU A 540 -7.55 21.12 -5.65
N ALA A 541 -7.81 19.84 -5.44
CA ALA A 541 -9.06 19.41 -4.82
C ALA A 541 -8.69 18.80 -3.51
N ALA A 542 -7.49 19.16 -3.03
CA ALA A 542 -7.03 18.67 -1.72
C ALA A 542 -8.14 18.86 -0.64
N GLY A 543 -8.86 20.00 -0.68
CA GLY A 543 -9.84 20.31 0.35
C GLY A 543 -11.07 19.39 0.45
N LEU A 544 -11.39 18.65 -0.60
CA LEU A 544 -12.73 18.13 -0.70
C LEU A 544 -12.73 16.63 -0.79
N VAL A 545 -11.71 16.03 -0.27
CA VAL A 545 -11.62 14.58 -0.34
C VAL A 545 -12.80 13.86 0.39
N ARG A 546 -13.20 12.72 -0.13
CA ARG A 546 -14.08 11.81 0.59
C ARG A 546 -13.58 10.37 0.44
N TYR A 547 -14.19 9.44 1.19
CA TYR A 547 -13.67 8.06 1.24
C TYR A 547 -14.78 7.02 0.96
N THR A 548 -14.40 5.88 0.42
CA THR A 548 -15.30 4.79 0.33
C THR A 548 -15.14 4.06 1.62
N ASN A 549 -16.11 3.20 1.91
CA ASN A 549 -16.05 2.36 3.11
C ASN A 549 -15.46 0.94 2.88
N ASP A 550 -15.81 0.02 3.78
CA ASP A 550 -15.28 -1.34 3.77
C ASP A 550 -15.69 -2.10 2.54
N ARG A 551 -16.75 -1.63 1.91
CA ARG A 551 -17.29 -2.38 0.87
C ARG A 551 -16.97 -1.76 -0.44
N GLY A 552 -16.17 -0.68 -0.44
CA GLY A 552 -15.85 0.02 -1.68
C GLY A 552 -17.07 0.80 -2.17
N GLU A 553 -17.85 1.37 -1.24
CA GLU A 553 -18.95 2.29 -1.61
C GLU A 553 -18.68 3.73 -1.29
N LEU A 554 -18.96 4.60 -2.24
CA LEU A 554 -18.93 6.02 -1.98
C LEU A 554 -20.30 6.34 -1.47
N ILE A 555 -20.45 7.30 -0.57
CA ILE A 555 -21.80 7.62 -0.11
C ILE A 555 -22.05 9.12 -0.11
N PHE A 556 -23.20 9.52 -0.63
CA PHE A 556 -23.51 10.90 -0.93
C PHE A 556 -24.83 11.26 -0.27
N THR A 557 -24.94 12.53 0.03
CA THR A 557 -25.93 13.00 0.94
C THR A 557 -26.43 14.31 0.47
N ALA A 558 -27.55 14.76 1.04
CA ALA A 558 -28.04 16.12 0.75
C ALA A 558 -26.93 17.20 0.66
N ALA A 559 -25.94 17.09 1.52
CA ALA A 559 -24.83 18.02 1.50
C ALA A 559 -24.13 18.01 0.15
N ASP A 560 -24.13 16.89 -0.56
CA ASP A 560 -23.48 16.80 -1.86
C ASP A 560 -24.39 17.07 -3.02
N ILE A 561 -25.61 16.56 -2.95
CA ILE A 561 -26.49 16.52 -4.12
C ILE A 561 -27.77 17.35 -3.98
N LYS A 562 -27.92 18.34 -4.84
CA LYS A 562 -29.14 19.08 -4.91
C LYS A 562 -29.30 19.63 -6.29
N GLY A 563 -30.49 20.12 -6.61
CA GLY A 563 -30.73 20.64 -7.95
C GLY A 563 -30.22 22.03 -8.10
N TYR A 564 -29.70 22.36 -9.29
CA TYR A 564 -29.28 23.74 -9.60
C TYR A 564 -29.96 24.20 -10.89
N ALA A 565 -30.02 25.52 -11.06
CA ALA A 565 -30.23 26.09 -12.38
C ALA A 565 -29.23 27.18 -12.70
N ASN A 566 -28.29 26.95 -13.59
CA ASN A 566 -27.44 28.01 -14.01
C ASN A 566 -27.19 27.82 -15.51
N PRO A 567 -26.40 28.70 -16.11
CA PRO A 567 -26.25 28.60 -17.55
C PRO A 567 -25.67 27.26 -18.04
N GLN A 568 -25.12 26.45 -17.13
CA GLN A 568 -24.52 25.20 -17.56
C GLN A 568 -25.24 23.99 -17.09
N VAL A 569 -25.97 24.12 -16.00
CA VAL A 569 -26.59 22.94 -15.38
C VAL A 569 -28.04 23.16 -14.96
N SER A 570 -28.91 22.20 -15.28
CA SER A 570 -30.31 22.27 -14.99
C SER A 570 -30.63 20.91 -14.37
N GLY A 571 -30.38 20.76 -13.06
CA GLY A 571 -30.23 19.43 -12.45
C GLY A 571 -28.95 19.38 -11.62
N TYR A 572 -28.19 18.29 -11.70
CA TYR A 572 -26.97 18.20 -10.90
C TYR A 572 -25.93 17.44 -11.68
N LEU A 573 -24.66 17.84 -11.58
CA LEU A 573 -23.58 17.01 -12.09
C LEU A 573 -22.47 16.86 -11.06
N GLY A 574 -22.00 15.64 -10.76
CA GLY A 574 -20.87 15.54 -9.89
C GLY A 574 -20.04 14.47 -10.48
N VAL A 575 -18.72 14.60 -10.48
CA VAL A 575 -17.86 13.49 -10.95
C VAL A 575 -16.70 13.29 -10.00
N TRP A 576 -16.37 12.06 -9.64
CA TRP A 576 -15.29 11.83 -8.67
C TRP A 576 -14.31 10.85 -9.20
N VAL A 577 -13.04 11.02 -8.84
CA VAL A 577 -12.00 10.12 -9.33
C VAL A 577 -11.11 9.78 -8.16
N PRO A 578 -10.43 8.67 -8.23
CA PRO A 578 -9.64 8.26 -7.11
C PRO A 578 -8.38 9.11 -7.01
N VAL A 579 -7.90 9.24 -5.78
CA VAL A 579 -6.70 10.03 -5.50
C VAL A 579 -5.46 9.19 -5.81
N GLY A 580 -4.47 9.79 -6.46
CA GLY A 580 -3.16 9.16 -6.53
C GLY A 580 -2.75 8.63 -7.88
N ALA A 581 -3.31 9.16 -8.95
CA ALA A 581 -2.94 8.74 -10.27
C ALA A 581 -1.70 9.46 -10.69
N ALA A 582 -0.68 8.73 -11.17
CA ALA A 582 0.58 9.32 -11.57
C ALA A 582 0.28 10.37 -12.61
N ALA A 583 1.12 11.41 -12.69
CA ALA A 583 0.79 12.57 -13.48
C ALA A 583 0.52 12.05 -14.84
N ASP A 584 1.22 11.01 -15.18
CA ASP A 584 1.21 10.54 -16.55
C ASP A 584 0.46 9.20 -16.76
N GLN A 585 -0.36 8.82 -15.78
CA GLN A 585 -1.13 7.63 -15.89
C GLN A 585 -1.95 7.68 -17.20
N ASP A 586 -2.05 6.54 -17.87
CA ASP A 586 -2.83 6.46 -19.11
C ASP A 586 -3.44 5.07 -19.16
N VAL A 587 -4.74 4.92 -19.03
CA VAL A 587 -5.32 3.58 -19.03
C VAL A 587 -5.91 3.12 -20.38
N ARG A 588 -5.61 3.87 -21.42
CA ARG A 588 -5.94 3.42 -22.75
C ARG A 588 -5.10 2.22 -23.13
N VAL A 589 -5.52 1.59 -24.20
CA VAL A 589 -4.97 0.27 -24.50
C VAL A 589 -4.88 0.17 -26.00
N ALA A 590 -3.74 -0.35 -26.45
CA ALA A 590 -3.43 -0.42 -27.88
C ALA A 590 -4.07 -1.63 -28.48
N ALA A 591 -4.59 -1.49 -29.69
CA ALA A 591 -5.11 -2.58 -30.49
C ALA A 591 -4.09 -3.73 -30.82
N SER A 592 -4.56 -4.96 -30.63
CA SER A 592 -3.81 -6.21 -30.85
C SER A 592 -3.52 -6.50 -32.32
N THR A 593 -2.36 -7.04 -32.62
CA THR A 593 -2.18 -7.63 -33.95
C THR A 593 -2.69 -9.09 -34.05
N ALA A 594 -3.23 -9.65 -32.98
CA ALA A 594 -3.69 -11.02 -33.03
C ALA A 594 -4.78 -11.14 -34.09
N PRO A 595 -4.73 -12.17 -34.93
CA PRO A 595 -5.71 -12.31 -36.00
C PRO A 595 -7.13 -12.28 -35.52
N SER A 596 -8.03 -11.64 -36.25
CA SER A 596 -9.43 -11.61 -35.86
C SER A 596 -10.03 -12.90 -36.31
N THR A 597 -11.00 -13.43 -35.57
CA THR A 597 -11.56 -14.72 -35.93
C THR A 597 -13.07 -14.80 -35.93
N ASP A 598 -13.77 -13.76 -35.50
CA ASP A 598 -15.22 -13.86 -35.44
C ASP A 598 -15.83 -13.44 -36.80
N GLY A 599 -15.01 -13.23 -37.83
CA GLY A 599 -15.61 -12.72 -39.06
C GLY A 599 -16.05 -11.25 -39.07
N LYS A 600 -15.74 -10.47 -38.03
CA LYS A 600 -16.01 -9.03 -38.05
C LYS A 600 -14.72 -8.25 -38.08
N SER A 601 -14.77 -7.02 -38.62
CA SER A 601 -13.58 -6.20 -38.71
C SER A 601 -13.34 -5.38 -37.49
N VAL A 602 -14.34 -4.63 -37.10
CA VAL A 602 -14.23 -3.74 -35.96
C VAL A 602 -14.76 -4.43 -34.70
N HIS A 603 -13.99 -4.44 -33.62
CA HIS A 603 -14.51 -4.95 -32.35
C HIS A 603 -14.60 -3.92 -31.26
N GLN A 604 -15.78 -3.76 -30.69
CA GLN A 604 -15.88 -2.77 -29.62
C GLN A 604 -15.23 -3.27 -28.34
N ASN A 605 -13.91 -3.28 -28.24
CA ASN A 605 -13.26 -3.79 -27.03
C ASN A 605 -12.60 -2.66 -26.28
N ALA A 606 -11.70 -2.95 -25.33
CA ALA A 606 -11.05 -1.85 -24.68
C ALA A 606 -10.20 -1.03 -25.65
N ALA A 607 -9.61 -1.61 -26.69
CA ALA A 607 -8.81 -0.74 -27.51
C ALA A 607 -9.68 0.20 -28.30
N LEU A 608 -10.85 -0.26 -28.72
CA LEU A 608 -11.69 0.63 -29.45
C LEU A 608 -12.25 1.70 -28.53
N ASP A 609 -12.62 1.31 -27.32
CA ASP A 609 -13.08 2.28 -26.35
C ASP A 609 -11.99 3.32 -26.07
N SER A 610 -10.74 2.98 -26.27
CA SER A 610 -9.68 3.93 -26.02
C SER A 610 -9.62 5.07 -27.00
N ARG A 611 -10.41 5.02 -28.07
CA ARG A 611 -10.37 6.05 -29.10
C ARG A 611 -11.34 7.17 -28.81
N VAL A 612 -11.09 8.32 -29.39
CA VAL A 612 -12.03 9.41 -29.23
C VAL A 612 -12.08 10.09 -30.56
N MET A 613 -13.28 10.45 -30.99
CA MET A 613 -13.40 11.01 -32.29
C MET A 613 -13.62 12.48 -32.13
N PHE A 614 -13.14 13.32 -33.03
CA PHE A 614 -13.41 14.78 -32.98
C PHE A 614 -14.01 15.23 -34.28
N GLU A 615 -15.25 15.72 -34.25
CA GLU A 615 -15.78 16.29 -35.47
C GLU A 615 -15.25 17.70 -35.53
N GLY A 616 -14.36 18.01 -36.47
CA GLY A 616 -13.58 19.25 -36.35
C GLY A 616 -14.02 20.44 -37.18
N PHE A 617 -15.30 20.64 -37.32
CA PHE A 617 -15.70 21.90 -37.90
C PHE A 617 -17.11 22.27 -37.42
N SER A 618 -17.55 23.46 -37.85
CA SER A 618 -18.91 23.90 -37.68
C SER A 618 -19.41 24.52 -38.97
N ASN A 619 -20.71 24.38 -39.27
CA ASN A 619 -21.24 24.82 -40.56
C ASN A 619 -21.09 26.30 -40.57
N PHE A 620 -21.14 26.86 -39.38
CA PHE A 620 -21.44 28.25 -39.26
C PHE A 620 -20.21 29.01 -38.87
N GLN A 621 -19.05 28.39 -39.04
CA GLN A 621 -17.79 29.13 -38.82
C GLN A 621 -17.73 30.34 -39.73
N ALA A 622 -17.17 31.44 -39.22
CA ALA A 622 -16.90 32.63 -40.02
C ALA A 622 -15.94 32.29 -41.17
N PHE A 623 -15.95 33.05 -42.27
CA PHE A 623 -14.95 32.88 -43.32
C PHE A 623 -13.62 33.49 -42.87
N ALA A 624 -12.51 32.87 -43.23
CA ALA A 624 -11.20 33.41 -42.80
C ALA A 624 -10.88 34.78 -43.42
N THR A 625 -10.33 35.68 -42.63
CA THR A 625 -10.01 37.04 -43.05
C THR A 625 -8.64 37.07 -43.60
N LYS A 626 -7.86 36.08 -43.25
CA LYS A 626 -6.47 36.07 -43.59
C LYS A 626 -5.90 34.64 -43.39
N LYS A 627 -4.79 34.37 -44.07
CA LYS A 627 -4.15 33.07 -44.09
C LYS A 627 -4.22 32.47 -42.71
N GLU A 628 -3.81 33.26 -41.71
CA GLU A 628 -3.62 32.75 -40.31
C GLU A 628 -4.86 32.11 -39.73
N GLU A 629 -6.02 32.47 -40.28
CA GLU A 629 -7.29 32.08 -39.72
C GLU A 629 -7.87 30.88 -40.43
N TYR A 630 -7.23 30.42 -41.49
CA TYR A 630 -7.74 29.26 -42.21
C TYR A 630 -7.77 28.07 -41.27
N THR A 631 -8.86 27.27 -41.31
CA THR A 631 -9.02 26.15 -40.36
C THR A 631 -7.81 25.23 -40.42
N ASN A 632 -7.46 24.79 -41.63
CA ASN A 632 -6.47 23.73 -41.76
C ASN A 632 -5.11 24.26 -41.27
N VAL A 633 -4.86 25.54 -41.49
CA VAL A 633 -3.67 26.16 -40.95
C VAL A 633 -3.75 26.13 -39.44
N VAL A 634 -4.91 26.50 -38.91
CA VAL A 634 -5.01 26.55 -37.47
C VAL A 634 -4.90 25.14 -36.92
N ILE A 635 -5.46 24.14 -37.62
CA ILE A 635 -5.38 22.75 -37.15
C ILE A 635 -3.92 22.30 -36.98
N ALA A 636 -3.11 22.44 -38.03
CA ALA A 636 -1.74 22.01 -37.92
C ALA A 636 -1.08 22.63 -36.71
N LYS A 637 -1.48 23.84 -36.35
CA LYS A 637 -0.78 24.69 -35.39
C LYS A 637 -1.19 24.32 -33.98
N ASN A 638 -2.35 23.68 -33.79
CA ASN A 638 -2.74 23.20 -32.43
C ASN A 638 -2.82 21.68 -32.31
N VAL A 639 -2.13 21.02 -33.19
CA VAL A 639 -2.17 19.58 -33.19
C VAL A 639 -1.93 19.04 -31.75
N ASP A 640 -1.31 19.82 -30.87
CA ASP A 640 -0.95 19.29 -29.53
C ASP A 640 -2.15 19.20 -28.64
N LYS A 641 -3.06 20.15 -28.78
CA LYS A 641 -4.26 20.11 -27.99
C LYS A 641 -4.98 18.82 -28.30
N PHE A 642 -5.04 18.45 -29.58
CA PHE A 642 -5.88 17.35 -29.92
C PHE A 642 -5.23 16.14 -29.25
N ALA A 643 -3.91 16.13 -29.21
CA ALA A 643 -3.25 14.99 -28.61
C ALA A 643 -3.57 14.91 -27.12
N GLU A 644 -3.50 16.06 -26.48
CA GLU A 644 -3.82 16.18 -25.11
C GLU A 644 -5.26 15.75 -24.77
N TRP A 645 -6.21 15.98 -25.68
CA TRP A 645 -7.59 15.57 -25.40
C TRP A 645 -7.80 14.07 -25.62
N GLY A 646 -6.78 13.41 -26.14
CA GLY A 646 -6.94 12.02 -26.50
C GLY A 646 -7.73 11.85 -27.79
N VAL A 647 -7.76 12.85 -28.68
CA VAL A 647 -8.40 12.68 -29.97
C VAL A 647 -7.56 11.72 -30.74
N THR A 648 -8.17 10.61 -31.17
CA THR A 648 -7.46 9.63 -31.99
C THR A 648 -7.94 9.59 -33.44
N ASP A 649 -9.11 10.12 -33.71
CA ASP A 649 -9.61 10.18 -35.05
C ASP A 649 -10.17 11.54 -35.30
N PHE A 650 -9.58 12.29 -36.20
CA PHE A 650 -10.02 13.65 -36.49
C PHE A 650 -10.88 13.66 -37.75
N GLU A 651 -12.16 13.95 -37.61
CA GLU A 651 -13.06 13.94 -38.73
C GLU A 651 -13.03 15.33 -39.34
N MET A 652 -12.30 15.48 -40.45
CA MET A 652 -12.22 16.77 -41.11
C MET A 652 -13.52 16.97 -41.85
N ALA A 653 -13.88 18.25 -42.05
CA ALA A 653 -15.00 18.59 -42.89
C ALA A 653 -14.78 18.07 -44.31
N PRO A 654 -15.86 17.96 -45.11
CA PRO A 654 -15.58 17.70 -46.50
C PRO A 654 -14.61 18.76 -47.07
N GLN A 655 -13.62 18.37 -47.85
CA GLN A 655 -12.64 19.33 -48.37
C GLN A 655 -12.84 19.75 -49.81
N TYR A 656 -13.94 19.38 -50.43
CA TYR A 656 -14.22 19.78 -51.81
C TYR A 656 -14.52 21.26 -51.82
N VAL A 657 -14.02 21.99 -52.82
CA VAL A 657 -14.29 23.42 -53.01
C VAL A 657 -15.80 23.61 -53.12
N SER A 658 -16.34 24.55 -52.38
CA SER A 658 -17.81 24.62 -52.32
C SER A 658 -18.42 25.32 -53.52
N SER A 659 -19.59 24.90 -53.98
CA SER A 659 -20.20 25.72 -55.01
C SER A 659 -20.77 26.93 -54.32
N THR A 660 -21.28 27.87 -55.10
CA THR A 660 -21.66 29.08 -54.42
C THR A 660 -23.04 29.52 -54.83
N ASP A 661 -23.80 28.61 -55.46
CA ASP A 661 -25.20 28.86 -55.88
C ASP A 661 -26.15 29.29 -54.73
N GLY A 662 -25.90 28.95 -53.48
CA GLY A 662 -26.82 29.43 -52.44
C GLY A 662 -28.15 28.70 -52.42
N SER A 663 -28.27 27.62 -53.18
CA SER A 663 -29.52 26.92 -53.34
C SER A 663 -29.86 26.08 -52.10
N PHE A 664 -28.91 26.02 -51.18
CA PHE A 664 -29.15 25.34 -49.92
C PHE A 664 -28.10 25.87 -48.95
N LEU A 665 -28.38 25.73 -47.67
CA LEU A 665 -27.46 26.10 -46.62
C LEU A 665 -25.99 25.77 -46.94
N ASP A 666 -25.75 24.55 -47.42
CA ASP A 666 -24.41 24.06 -47.53
C ASP A 666 -23.63 24.90 -48.50
N SER A 667 -24.33 25.55 -49.41
CA SER A 667 -23.61 26.31 -50.39
C SER A 667 -23.79 27.74 -50.09
N VAL A 668 -24.38 28.07 -48.97
CA VAL A 668 -24.36 29.42 -48.46
C VAL A 668 -23.17 29.59 -47.53
N ILE A 669 -23.02 28.75 -46.51
CA ILE A 669 -21.86 28.84 -45.58
C ILE A 669 -20.71 28.02 -46.07
N GLN A 670 -20.88 27.38 -47.22
CA GLN A 670 -19.78 26.70 -47.95
C GLN A 670 -18.98 25.67 -47.18
N ASN A 671 -19.69 24.72 -46.58
CA ASN A 671 -19.04 23.77 -45.69
C ASN A 671 -18.31 22.67 -46.42
N GLY A 672 -18.63 22.45 -47.68
CA GLY A 672 -17.93 21.42 -48.40
C GLY A 672 -18.79 20.24 -48.80
N TYR A 673 -20.07 20.21 -48.42
CA TYR A 673 -20.99 19.17 -48.92
C TYR A 673 -21.61 19.55 -50.26
N ALA A 674 -21.56 20.83 -50.61
CA ALA A 674 -22.09 21.25 -51.89
C ALA A 674 -20.90 21.54 -52.83
N PHE A 675 -20.67 20.71 -53.86
CA PHE A 675 -19.50 20.86 -54.69
C PHE A 675 -19.77 20.43 -56.12
N THR A 676 -18.92 20.91 -57.03
CA THR A 676 -19.07 20.60 -58.44
C THR A 676 -17.97 19.67 -58.88
N ASP A 677 -16.87 19.70 -58.13
CA ASP A 677 -15.74 18.87 -58.47
C ASP A 677 -15.33 17.99 -57.31
N ARG A 678 -15.58 16.68 -57.43
CA ARG A 678 -15.26 15.72 -56.37
C ARG A 678 -13.79 15.63 -56.03
N TYR A 679 -12.91 15.89 -56.98
CA TYR A 679 -11.49 15.78 -56.73
C TYR A 679 -10.85 17.11 -56.43
N ASP A 680 -11.64 18.16 -56.31
CA ASP A 680 -11.04 19.50 -56.16
C ASP A 680 -10.91 19.84 -54.71
N LEU A 681 -9.97 19.20 -54.05
CA LEU A 681 -9.74 19.50 -52.65
C LEU A 681 -8.87 20.73 -52.43
N GLY A 682 -9.42 21.91 -52.70
CA GLY A 682 -8.74 23.16 -52.48
C GLY A 682 -7.64 23.25 -53.49
N ILE A 683 -7.87 22.71 -54.68
CA ILE A 683 -6.83 22.70 -55.65
C ILE A 683 -6.91 23.90 -56.59
N SER A 684 -8.07 24.13 -57.20
CA SER A 684 -8.22 25.21 -58.18
C SER A 684 -8.26 26.56 -57.47
N LYS A 685 -8.75 26.57 -56.24
CA LYS A 685 -8.66 27.73 -55.37
C LYS A 685 -8.86 27.19 -54.00
N PRO A 686 -8.67 28.03 -53.00
CA PRO A 686 -8.79 27.53 -51.65
C PRO A 686 -10.20 27.08 -51.38
N ASN A 687 -10.37 26.11 -50.51
CA ASN A 687 -11.68 25.82 -49.95
C ASN A 687 -11.92 26.56 -48.63
N LYS A 688 -13.07 26.43 -48.00
CA LYS A 688 -13.25 27.26 -46.82
C LYS A 688 -12.08 27.14 -45.82
N TYR A 689 -11.34 26.03 -45.93
CA TYR A 689 -10.44 25.61 -44.87
C TYR A 689 -8.97 25.85 -45.16
N GLY A 690 -8.72 26.43 -46.34
CA GLY A 690 -7.38 26.73 -46.83
C GLY A 690 -7.13 26.14 -48.21
N THR A 691 -5.88 26.22 -48.65
CA THR A 691 -5.48 25.62 -49.92
C THR A 691 -5.15 24.11 -49.82
N ALA A 692 -5.01 23.45 -50.96
CA ALA A 692 -4.66 22.06 -50.95
C ALA A 692 -3.42 21.90 -50.06
N ASP A 693 -2.46 22.82 -50.18
CA ASP A 693 -1.25 22.73 -49.34
C ASP A 693 -1.51 22.87 -47.83
N ASP A 694 -2.50 23.68 -47.46
CA ASP A 694 -2.81 23.80 -46.05
C ASP A 694 -3.38 22.48 -45.55
N LEU A 695 -4.12 21.82 -46.45
CA LEU A 695 -4.74 20.55 -46.16
C LEU A 695 -3.66 19.56 -45.95
N VAL A 696 -2.75 19.49 -46.92
CA VAL A 696 -1.68 18.52 -46.81
C VAL A 696 -0.92 18.74 -45.51
N LYS A 697 -0.59 19.98 -45.22
CA LYS A 697 0.06 20.25 -43.96
C LYS A 697 -0.75 19.88 -42.71
N ALA A 698 -2.06 20.03 -42.74
CA ALA A 698 -2.80 19.63 -41.56
C ALA A 698 -2.91 18.10 -41.44
N ILE A 699 -3.07 17.38 -42.53
CA ILE A 699 -3.00 15.93 -42.44
C ILE A 699 -1.61 15.49 -41.86
N LYS A 700 -0.52 16.04 -42.39
CA LYS A 700 0.79 15.73 -41.84
C LYS A 700 0.94 16.03 -40.37
N ALA A 701 0.44 17.18 -39.95
CA ALA A 701 0.53 17.60 -38.57
C ALA A 701 -0.16 16.58 -37.68
N LEU A 702 -1.36 16.18 -38.07
CA LEU A 702 -2.11 15.27 -37.23
C LEU A 702 -1.44 13.92 -37.17
N HIS A 703 -0.94 13.43 -38.30
CA HIS A 703 -0.18 12.20 -38.31
C HIS A 703 1.02 12.23 -37.38
N SER A 704 1.70 13.38 -37.30
CA SER A 704 2.90 13.49 -36.49
C SER A 704 2.56 13.20 -35.03
N LYS A 705 1.32 13.44 -34.67
CA LYS A 705 0.86 13.10 -33.34
C LYS A 705 0.28 11.74 -33.31
N GLY A 706 0.26 11.04 -34.41
CA GLY A 706 -0.29 9.72 -34.41
C GLY A 706 -1.78 9.68 -34.58
N ILE A 707 -2.41 10.84 -34.79
CA ILE A 707 -3.87 10.89 -34.92
C ILE A 707 -4.30 10.57 -36.33
N LYS A 708 -5.45 9.92 -36.48
CA LYS A 708 -5.94 9.54 -37.81
C LYS A 708 -6.90 10.59 -38.38
N VAL A 709 -7.00 10.63 -39.70
CA VAL A 709 -7.75 11.69 -40.30
C VAL A 709 -8.78 11.10 -41.23
N MET A 710 -10.01 11.54 -41.09
CA MET A 710 -11.12 10.96 -41.81
C MET A 710 -11.58 11.85 -42.99
N ALA A 711 -11.79 11.23 -44.16
CA ALA A 711 -12.27 11.96 -45.36
C ALA A 711 -13.79 11.79 -45.41
N ASP A 712 -14.53 12.88 -45.53
CA ASP A 712 -15.96 12.78 -45.71
C ASP A 712 -16.30 12.34 -47.12
N TRP A 713 -16.76 11.12 -47.31
CA TRP A 713 -17.08 10.64 -48.65
C TRP A 713 -18.56 10.90 -49.00
N VAL A 714 -18.81 11.64 -50.08
CA VAL A 714 -20.15 12.25 -50.26
C VAL A 714 -20.68 11.87 -51.67
N PRO A 715 -21.13 10.65 -51.79
CA PRO A 715 -21.53 10.20 -53.12
C PRO A 715 -22.97 10.57 -53.51
N ASP A 716 -23.77 11.15 -52.59
CA ASP A 716 -25.17 11.33 -52.92
C ASP A 716 -25.50 12.31 -54.05
N GLN A 717 -24.79 13.43 -54.13
CA GLN A 717 -25.16 14.50 -55.06
C GLN A 717 -24.02 15.42 -55.39
N MET A 718 -24.24 16.22 -56.44
CA MET A 718 -23.38 17.32 -56.83
C MET A 718 -24.18 18.57 -57.15
N TYR A 719 -23.55 19.72 -56.97
CA TYR A 719 -24.18 21.02 -57.18
C TYR A 719 -23.66 21.77 -58.39
N ALA A 720 -24.58 22.55 -58.97
CA ALA A 720 -24.20 23.57 -59.92
C ALA A 720 -23.33 23.05 -61.01
N LEU A 721 -23.74 22.02 -61.72
CA LEU A 721 -22.94 21.69 -62.89
C LEU A 721 -22.93 22.81 -63.98
N PRO A 722 -21.77 23.08 -64.58
CA PRO A 722 -21.66 24.17 -65.57
C PRO A 722 -22.43 24.03 -66.90
N GLU A 723 -22.61 22.86 -67.46
CA GLU A 723 -23.26 22.82 -68.76
C GLU A 723 -24.68 22.31 -68.73
N LYS A 724 -25.44 22.75 -69.71
CA LYS A 724 -26.81 22.37 -69.83
C LYS A 724 -27.00 21.11 -70.61
N GLU A 725 -28.10 20.41 -70.37
CA GLU A 725 -28.42 19.20 -71.08
C GLU A 725 -29.93 19.11 -71.14
N VAL A 726 -30.47 18.42 -72.14
CA VAL A 726 -31.92 18.22 -72.12
C VAL A 726 -32.19 16.79 -71.68
N VAL A 727 -33.15 16.61 -70.78
CA VAL A 727 -33.49 15.30 -70.31
C VAL A 727 -34.98 15.13 -70.44
N THR A 728 -35.45 13.90 -70.49
CA THR A 728 -36.89 13.68 -70.40
C THR A 728 -37.10 13.54 -68.93
N ALA A 729 -37.93 14.40 -68.35
CA ALA A 729 -38.05 14.44 -66.91
C ALA A 729 -39.49 14.24 -66.43
N THR A 730 -39.66 13.82 -65.18
CA THR A 730 -40.97 13.80 -64.57
C THR A 730 -40.95 14.40 -63.16
N ARG A 731 -42.01 15.11 -62.78
CA ARG A 731 -42.04 15.66 -61.40
C ARG A 731 -42.22 14.55 -60.39
N VAL A 732 -41.32 14.41 -59.43
CA VAL A 732 -41.44 13.34 -58.44
C VAL A 732 -41.22 13.78 -56.97
N ASP A 733 -41.76 13.01 -56.04
CA ASP A 733 -41.52 13.29 -54.66
C ASP A 733 -40.19 12.63 -54.30
N LYS A 734 -39.80 12.68 -53.05
CA LYS A 734 -38.45 12.31 -52.74
C LYS A 734 -38.23 10.82 -52.85
N TYR A 735 -39.29 10.04 -52.94
CA TYR A 735 -39.09 8.65 -53.28
C TYR A 735 -39.06 8.38 -54.76
N GLY A 736 -39.19 9.41 -55.59
CA GLY A 736 -39.20 9.17 -57.00
C GLY A 736 -40.58 8.87 -57.48
N THR A 737 -41.60 9.01 -56.62
CA THR A 737 -42.94 8.74 -57.14
C THR A 737 -43.45 9.98 -57.89
N PRO A 738 -44.11 9.80 -59.04
CA PRO A 738 -44.67 10.94 -59.74
C PRO A 738 -45.52 11.79 -58.85
N VAL A 739 -45.43 13.11 -58.96
CA VAL A 739 -46.29 14.02 -58.21
C VAL A 739 -47.69 14.15 -58.79
N ALA A 740 -48.68 14.19 -57.91
CA ALA A 740 -50.07 14.22 -58.35
C ALA A 740 -50.39 15.60 -58.91
N GLY A 741 -51.01 15.66 -60.08
CA GLY A 741 -51.44 16.95 -60.59
C GLY A 741 -50.36 17.78 -61.27
N SER A 742 -49.12 17.28 -61.30
CA SER A 742 -48.07 18.02 -62.01
C SER A 742 -48.23 17.97 -63.52
N GLN A 743 -47.55 18.90 -64.20
CA GLN A 743 -47.61 18.99 -65.65
C GLN A 743 -46.39 18.38 -66.30
N ILE A 744 -45.42 18.00 -65.50
CA ILE A 744 -44.18 17.56 -66.08
C ILE A 744 -44.12 16.07 -65.94
N LYS A 745 -44.41 15.43 -67.05
CA LYS A 745 -44.53 14.01 -67.06
C LYS A 745 -43.96 13.51 -68.41
N ASN A 746 -42.78 12.91 -68.32
CA ASN A 746 -41.98 12.56 -69.51
C ASN A 746 -41.97 13.71 -70.44
N THR A 747 -41.54 14.86 -69.96
CA THR A 747 -41.55 16.05 -70.78
C THR A 747 -40.11 16.64 -70.85
N LEU A 748 -39.75 17.31 -71.94
CA LEU A 748 -38.36 17.66 -72.06
C LEU A 748 -38.05 18.74 -71.07
N TYR A 749 -36.89 18.67 -70.44
CA TYR A 749 -36.44 19.71 -69.54
C TYR A 749 -34.94 20.02 -69.73
N VAL A 750 -34.54 21.23 -69.37
CA VAL A 750 -33.15 21.68 -69.49
C VAL A 750 -32.51 21.73 -68.10
N VAL A 751 -31.59 20.83 -67.84
CA VAL A 751 -30.97 20.84 -66.53
C VAL A 751 -29.54 21.39 -66.62
N ASP A 752 -28.94 21.71 -65.49
CA ASP A 752 -27.51 21.91 -65.46
C ASP A 752 -26.87 20.60 -65.03
N GLY A 753 -26.58 19.74 -66.01
CA GLY A 753 -26.23 18.40 -65.68
C GLY A 753 -24.90 17.94 -66.22
N LYS A 754 -24.12 18.83 -66.87
CA LYS A 754 -22.75 18.46 -67.34
C LYS A 754 -21.59 19.19 -66.67
N SER A 755 -20.62 18.42 -66.15
CA SER A 755 -19.34 19.01 -65.70
C SER A 755 -18.47 19.49 -66.88
N SER A 756 -17.40 20.23 -66.58
CA SER A 756 -16.76 21.00 -67.65
C SER A 756 -15.87 20.15 -68.53
N GLY A 757 -15.55 18.96 -68.08
CA GLY A 757 -14.66 18.08 -68.80
C GLY A 757 -13.22 18.59 -68.74
N LYS A 758 -13.00 19.64 -67.96
CA LYS A 758 -11.69 20.25 -67.90
C LYS A 758 -11.23 20.41 -66.46
N ASP A 759 -12.00 19.92 -65.49
CA ASP A 759 -11.70 20.08 -64.09
C ASP A 759 -10.85 18.90 -63.57
N GLN A 760 -10.68 18.82 -62.26
CA GLN A 760 -9.95 17.72 -61.65
C GLN A 760 -10.62 16.42 -61.95
N GLN A 761 -11.94 16.45 -62.13
CA GLN A 761 -12.66 15.21 -62.35
C GLN A 761 -12.18 14.63 -63.65
N ALA A 762 -11.88 15.53 -64.60
CA ALA A 762 -11.41 15.17 -65.93
C ALA A 762 -10.03 14.59 -65.81
N LYS A 763 -9.27 15.13 -64.90
CA LYS A 763 -7.96 14.58 -64.67
C LYS A 763 -7.87 13.22 -63.93
N TYR A 764 -8.67 12.99 -62.87
CA TYR A 764 -8.56 11.78 -62.04
C TYR A 764 -9.66 10.74 -62.22
N GLY A 765 -10.73 11.11 -62.91
CA GLY A 765 -11.85 10.21 -63.05
C GLY A 765 -11.39 8.87 -63.63
N GLY A 766 -11.75 7.77 -62.94
CA GLY A 766 -11.38 6.44 -63.41
C GLY A 766 -9.89 6.19 -63.56
N ALA A 767 -9.06 7.12 -63.10
CA ALA A 767 -7.65 6.98 -63.33
C ALA A 767 -6.99 5.83 -62.58
N PHE A 768 -7.64 5.24 -61.59
CA PHE A 768 -6.95 4.22 -60.84
C PHE A 768 -7.60 2.87 -60.99
N LEU A 769 -8.70 2.84 -61.74
CA LEU A 769 -9.47 1.62 -61.91
C LEU A 769 -8.55 0.50 -62.35
N GLU A 770 -7.65 0.81 -63.28
CA GLU A 770 -6.85 -0.24 -63.86
C GLU A 770 -5.95 -0.88 -62.79
N GLU A 771 -5.25 -0.03 -62.05
CA GLU A 771 -4.43 -0.53 -60.96
C GLU A 771 -5.27 -1.25 -59.89
N LEU A 772 -6.49 -0.76 -59.58
CA LEU A 772 -7.38 -1.45 -58.63
C LEU A 772 -7.76 -2.87 -59.04
N GLN A 773 -7.99 -3.08 -60.34
CA GLN A 773 -8.38 -4.40 -60.81
C GLN A 773 -7.23 -5.35 -60.77
N ALA A 774 -6.01 -4.84 -61.00
CA ALA A 774 -4.77 -5.65 -60.88
C ALA A 774 -4.51 -6.04 -59.40
N LYS A 775 -4.69 -5.09 -58.48
CA LYS A 775 -4.29 -5.30 -57.12
C LYS A 775 -5.33 -5.96 -56.29
N TYR A 776 -6.59 -5.76 -56.66
CA TYR A 776 -7.73 -6.25 -55.87
C TYR A 776 -8.81 -6.73 -56.78
N PRO A 777 -8.54 -7.82 -57.52
CA PRO A 777 -9.56 -8.29 -58.47
C PRO A 777 -10.87 -8.64 -57.73
N GLU A 778 -10.78 -9.04 -56.47
CA GLU A 778 -11.92 -9.51 -55.74
C GLU A 778 -13.01 -8.40 -55.73
N LEU A 779 -12.61 -7.12 -55.60
CA LEU A 779 -13.59 -6.04 -55.59
C LEU A 779 -14.50 -6.12 -56.80
N PHE A 780 -13.95 -6.52 -57.91
CA PHE A 780 -14.73 -6.38 -59.12
C PHE A 780 -15.49 -7.64 -59.44
N ALA A 781 -15.29 -8.63 -58.58
CA ALA A 781 -15.91 -9.90 -58.80
C ALA A 781 -17.28 -9.92 -58.12
N ARG A 782 -17.42 -9.14 -57.05
CA ARG A 782 -18.67 -9.06 -56.30
C ARG A 782 -19.82 -8.64 -57.21
N LYS A 783 -20.93 -9.39 -57.12
CA LYS A 783 -22.17 -8.94 -57.75
C LYS A 783 -22.95 -8.09 -56.81
N GLN A 784 -23.08 -6.80 -57.10
CA GLN A 784 -23.64 -5.93 -56.09
C GLN A 784 -25.10 -6.27 -55.79
N ILE A 785 -25.55 -6.03 -54.57
CA ILE A 785 -26.89 -6.51 -54.18
C ILE A 785 -28.05 -5.92 -55.00
N SER A 786 -28.07 -4.60 -55.12
CA SER A 786 -29.22 -3.95 -55.73
C SER A 786 -29.26 -4.27 -57.20
N THR A 787 -28.10 -4.36 -57.84
CA THR A 787 -28.08 -4.57 -59.28
C THR A 787 -27.97 -6.00 -59.66
N GLY A 788 -27.34 -6.83 -58.85
CA GLY A 788 -27.14 -8.23 -59.25
C GLY A 788 -25.91 -8.46 -60.12
N VAL A 789 -25.25 -7.38 -60.53
CA VAL A 789 -24.05 -7.42 -61.41
C VAL A 789 -22.85 -6.72 -60.78
N PRO A 790 -21.67 -6.92 -61.33
CA PRO A 790 -20.47 -6.34 -60.71
C PRO A 790 -20.34 -4.89 -61.09
N MET A 791 -19.47 -4.14 -60.40
CA MET A 791 -19.18 -2.77 -60.82
C MET A 791 -18.69 -2.83 -62.26
N ASP A 792 -18.73 -1.71 -62.98
CA ASP A 792 -18.25 -1.67 -64.37
C ASP A 792 -17.14 -0.64 -64.59
N PRO A 793 -15.86 -1.06 -64.46
CA PRO A 793 -14.73 -0.14 -64.60
C PRO A 793 -14.32 0.02 -66.06
N SER A 794 -15.09 -0.53 -66.97
CA SER A 794 -14.64 -0.51 -68.32
C SER A 794 -14.84 0.87 -68.92
N VAL A 795 -15.66 1.74 -68.31
CA VAL A 795 -15.70 3.09 -68.82
C VAL A 795 -15.35 4.01 -67.70
N LYS A 796 -14.54 5.04 -68.00
CA LYS A 796 -14.18 6.08 -67.07
C LYS A 796 -15.10 7.29 -67.05
N ILE A 797 -15.37 7.88 -65.88
CA ILE A 797 -16.10 9.12 -65.87
C ILE A 797 -15.22 10.35 -65.78
N LYS A 798 -14.98 10.94 -66.97
CA LYS A 798 -14.20 12.17 -67.17
C LYS A 798 -15.17 13.33 -67.12
N GLN A 799 -16.42 13.09 -67.48
CA GLN A 799 -17.34 14.18 -67.42
C GLN A 799 -18.71 13.69 -67.03
N TRP A 800 -19.27 14.28 -66.00
CA TRP A 800 -20.60 13.94 -65.53
C TRP A 800 -21.62 14.44 -66.54
N SER A 801 -22.60 13.61 -66.88
CA SER A 801 -23.75 14.08 -67.66
C SER A 801 -25.00 13.39 -67.11
N ALA A 802 -26.17 13.70 -67.66
CA ALA A 802 -27.39 13.30 -66.96
C ALA A 802 -27.55 11.79 -66.87
N LYS A 803 -26.89 11.05 -67.74
CA LYS A 803 -27.04 9.63 -67.73
C LYS A 803 -26.42 9.03 -66.51
N TYR A 804 -25.72 9.83 -65.72
CA TYR A 804 -25.13 9.30 -64.47
C TYR A 804 -25.87 9.74 -63.24
N PHE A 805 -27.02 10.37 -63.48
CA PHE A 805 -27.84 10.92 -62.43
C PHE A 805 -29.25 10.40 -62.42
N ASN A 806 -29.86 10.43 -61.26
CA ASN A 806 -31.27 10.06 -61.12
C ASN A 806 -32.17 11.20 -61.53
N GLY A 807 -31.70 12.41 -61.33
CA GLY A 807 -32.59 13.51 -61.46
C GLY A 807 -31.98 14.67 -60.72
N THR A 808 -32.78 15.67 -60.47
CA THR A 808 -32.27 16.92 -59.92
C THR A 808 -33.39 17.59 -59.14
N ASN A 809 -33.06 18.56 -58.32
CA ASN A 809 -34.07 19.36 -57.70
C ASN A 809 -34.62 20.28 -58.78
N ILE A 810 -35.86 20.77 -58.61
CA ILE A 810 -36.54 21.58 -59.64
C ILE A 810 -35.80 22.90 -59.89
N LEU A 811 -35.76 23.39 -61.13
CA LEU A 811 -34.91 24.54 -61.37
C LEU A 811 -35.67 25.80 -61.68
N GLY A 812 -36.98 25.77 -61.82
CA GLY A 812 -37.73 27.00 -62.06
C GLY A 812 -37.70 27.45 -63.50
N ARG A 813 -37.37 26.51 -64.38
CA ARG A 813 -37.34 26.79 -65.80
C ARG A 813 -38.69 26.58 -66.48
N GLY A 814 -39.53 25.75 -65.90
CA GLY A 814 -40.87 25.59 -66.39
C GLY A 814 -41.11 24.39 -67.27
N ALA A 815 -42.37 24.01 -67.31
CA ALA A 815 -42.80 22.88 -68.10
C ALA A 815 -42.61 23.10 -69.59
N GLY A 816 -42.71 24.33 -70.06
CA GLY A 816 -42.68 24.60 -71.48
C GLY A 816 -41.40 25.23 -71.97
N TYR A 817 -40.33 25.13 -71.21
CA TYR A 817 -39.11 25.84 -71.57
C TYR A 817 -38.54 25.38 -72.90
N VAL A 818 -38.73 24.11 -73.20
CA VAL A 818 -38.21 23.59 -74.42
C VAL A 818 -39.26 23.67 -75.52
N LEU A 819 -38.89 24.23 -76.64
CA LEU A 819 -39.92 24.68 -77.56
C LEU A 819 -40.50 23.62 -78.52
N LYS A 820 -41.82 23.75 -78.67
CA LYS A 820 -42.72 22.74 -79.16
C LYS A 820 -43.56 23.50 -80.14
N ASP A 821 -44.01 22.87 -81.23
CA ASP A 821 -44.99 23.46 -82.15
C ASP A 821 -46.30 23.03 -81.56
N GLN A 822 -47.08 23.96 -81.04
CA GLN A 822 -48.35 23.62 -80.36
C GLN A 822 -49.36 23.00 -81.33
N ALA A 823 -49.34 23.41 -82.61
CA ALA A 823 -50.11 22.74 -83.69
C ALA A 823 -49.93 21.21 -83.62
N THR A 824 -48.74 20.71 -83.96
CA THR A 824 -48.44 19.26 -83.96
C THR A 824 -48.06 18.74 -82.56
N ASN A 825 -47.91 19.66 -81.62
CA ASN A 825 -47.48 19.25 -80.31
C ASN A 825 -46.16 18.52 -80.35
N THR A 826 -45.19 19.03 -81.09
CA THR A 826 -43.93 18.31 -81.30
C THR A 826 -42.72 19.18 -81.01
N TYR A 827 -41.73 18.66 -80.31
CA TYR A 827 -40.60 19.51 -80.05
C TYR A 827 -39.88 19.91 -81.32
N PHE A 828 -39.41 21.14 -81.37
CA PHE A 828 -38.55 21.52 -82.46
C PHE A 828 -37.18 20.88 -82.29
N SER A 829 -36.57 20.54 -83.42
CA SER A 829 -35.31 19.89 -83.38
C SER A 829 -34.33 20.32 -84.45
N LEU A 830 -33.05 20.37 -84.10
CA LEU A 830 -32.01 20.72 -85.07
C LEU A 830 -31.03 19.59 -85.41
N VAL A 831 -31.37 18.33 -85.09
CA VAL A 831 -30.53 17.16 -85.52
C VAL A 831 -30.73 17.07 -87.04
N SER A 832 -29.69 16.71 -87.79
CA SER A 832 -29.58 17.09 -89.27
C SER A 832 -30.50 16.35 -90.27
N ASP A 833 -30.67 15.04 -90.05
CA ASP A 833 -31.53 14.22 -90.92
C ASP A 833 -33.02 14.44 -90.55
N ASN A 834 -33.26 15.05 -89.38
CA ASN A 834 -34.62 15.22 -88.88
C ASN A 834 -34.97 16.62 -88.42
N THR A 835 -34.68 17.63 -89.23
CA THR A 835 -34.74 18.95 -88.64
C THR A 835 -36.16 19.43 -88.67
N PHE A 836 -36.59 20.03 -87.58
CA PHE A 836 -37.92 20.58 -87.54
C PHE A 836 -37.85 21.94 -86.88
N LEU A 837 -38.25 22.98 -87.62
CA LEU A 837 -38.24 24.37 -87.11
C LEU A 837 -39.64 24.97 -87.27
N PRO A 838 -39.92 26.12 -86.62
CA PRO A 838 -41.24 26.78 -86.65
C PRO A 838 -41.51 27.36 -88.00
N LYS A 839 -42.70 27.09 -88.50
CA LYS A 839 -42.98 27.21 -89.90
C LYS A 839 -42.53 28.58 -90.46
N SER A 840 -42.65 29.59 -89.59
CA SER A 840 -42.42 30.97 -90.02
C SER A 840 -40.93 31.23 -90.29
N LEU A 841 -40.06 30.60 -89.51
CA LEU A 841 -38.61 30.89 -89.61
C LEU A 841 -37.86 30.22 -90.75
N VAL A 842 -38.51 29.24 -91.37
CA VAL A 842 -37.85 28.50 -92.44
C VAL A 842 -38.61 28.69 -93.71
N ASN A 843 -39.93 28.50 -93.61
CA ASN A 843 -40.75 28.68 -94.80
C ASN A 843 -41.82 29.82 -94.76
N PRO A 844 -41.39 31.13 -94.80
CA PRO A 844 -42.34 32.29 -94.66
C PRO A 844 -43.01 32.87 -95.95
N ALA B 3 -55.26 22.86 58.90
CA ALA B 3 -55.13 21.63 58.12
C ALA B 3 -56.27 21.48 57.13
N GLN B 4 -56.99 20.36 57.22
CA GLN B 4 -58.11 20.09 56.33
C GLN B 4 -57.90 20.74 54.97
N TYR B 5 -58.60 21.84 54.74
CA TYR B 5 -58.48 22.57 53.47
C TYR B 5 -57.03 22.76 53.08
N ASN B 6 -56.15 22.81 54.07
CA ASN B 6 -54.73 23.00 53.82
C ASN B 6 -54.10 21.81 53.09
N GLN B 7 -54.93 21.10 52.33
CA GLN B 7 -54.47 19.94 51.58
C GLN B 7 -54.36 20.25 50.09
N VAL B 8 -53.90 19.28 49.31
CA VAL B 8 -53.75 19.44 47.88
C VAL B 8 -55.04 19.23 47.09
N TYR B 9 -55.26 20.05 46.06
CA TYR B 9 -56.50 19.99 45.28
C TYR B 9 -56.58 18.72 44.45
N SER B 10 -55.44 18.03 44.31
CA SER B 10 -55.36 16.79 43.50
C SER B 10 -53.96 16.14 43.59
N THR B 11 -53.95 14.82 43.74
CA THR B 11 -52.68 14.08 43.80
C THR B 11 -51.92 14.16 42.45
N ASP B 12 -52.52 14.90 41.53
CA ASP B 12 -52.02 15.01 40.17
C ASP B 12 -50.67 15.67 40.11
N ALA B 13 -49.80 15.19 39.23
CA ALA B 13 -48.54 15.91 38.93
C ALA B 13 -48.83 17.38 38.56
N ALA B 14 -49.99 17.57 37.90
CA ALA B 14 -50.53 18.86 37.47
C ALA B 14 -50.48 19.93 38.59
N ASN B 15 -50.56 19.47 39.82
CA ASN B 15 -50.89 20.35 40.92
C ASN B 15 -49.72 20.98 41.66
N PHE B 16 -48.50 20.67 41.27
CA PHE B 16 -47.36 21.26 41.94
C PHE B 16 -46.38 21.87 40.99
N GLU B 17 -45.45 22.60 41.55
CA GLU B 17 -44.27 22.98 40.82
C GLU B 17 -43.24 21.95 41.22
N HIS B 18 -42.86 21.07 40.29
CA HIS B 18 -41.99 20.00 40.68
C HIS B 18 -40.84 19.99 39.75
N VAL B 19 -39.89 19.11 40.04
CA VAL B 19 -38.76 18.93 39.18
C VAL B 19 -38.53 17.46 38.99
N ASP B 20 -38.76 16.98 37.77
CA ASP B 20 -38.60 15.57 37.47
C ASP B 20 -39.33 14.83 38.53
N HIS B 21 -40.46 15.44 38.91
CA HIS B 21 -41.45 14.82 39.75
C HIS B 21 -41.14 14.80 41.26
N TYR B 22 -40.12 15.59 41.61
CA TYR B 22 -39.68 15.74 42.99
C TYR B 22 -40.14 17.12 43.50
N LEU B 23 -40.22 17.30 44.81
CA LEU B 23 -40.55 18.63 45.34
C LEU B 23 -39.36 19.27 46.01
N THR B 24 -39.19 20.58 45.78
CA THR B 24 -38.09 21.36 46.37
C THR B 24 -38.65 22.37 47.35
N ALA B 25 -37.81 22.82 48.26
CA ALA B 25 -38.25 23.72 49.32
C ALA B 25 -38.85 25.00 48.80
N GLU B 26 -38.62 25.35 47.55
CA GLU B 26 -39.27 26.56 47.04
C GLU B 26 -40.58 26.22 46.29
N SER B 27 -40.96 24.95 46.33
CA SER B 27 -42.18 24.51 45.66
C SER B 27 -43.48 25.20 46.15
N TRP B 28 -44.36 25.52 45.21
CA TRP B 28 -45.69 26.09 45.48
C TRP B 28 -46.68 25.11 44.92
N TYR B 29 -47.93 25.18 45.35
CA TYR B 29 -48.88 24.17 44.93
C TYR B 29 -50.35 24.66 45.04
N ARG B 30 -51.25 23.90 44.42
CA ARG B 30 -52.70 24.21 44.43
C ARG B 30 -53.52 23.42 45.49
N PRO B 31 -53.91 24.10 46.57
CA PRO B 31 -54.87 23.53 47.54
C PRO B 31 -56.34 23.71 47.12
N SER B 125 -30.01 26.32 56.72
CA SER B 125 -28.69 25.78 56.45
C SER B 125 -28.62 24.51 55.57
N ALA B 126 -29.69 23.74 55.44
CA ALA B 126 -29.70 22.63 54.47
C ALA B 126 -30.17 23.14 53.10
N TRP B 127 -30.62 24.40 53.08
CA TRP B 127 -31.02 25.08 51.84
C TRP B 127 -29.97 26.11 51.45
N ASN B 128 -28.75 25.74 51.77
CA ASN B 128 -27.75 26.73 52.02
C ASN B 128 -26.39 26.20 51.71
N SER B 129 -25.43 27.10 51.58
CA SER B 129 -24.07 26.63 51.24
C SER B 129 -23.36 25.91 52.39
N ASP B 130 -23.75 26.19 53.63
CA ASP B 130 -23.28 25.37 54.75
C ASP B 130 -23.28 23.89 54.36
N SER B 131 -24.38 23.41 53.82
CA SER B 131 -24.48 21.98 53.53
C SER B 131 -23.48 21.50 52.46
N GLU B 132 -22.88 22.44 51.75
CA GLU B 132 -22.06 22.07 50.61
C GLU B 132 -20.59 21.96 50.99
N LYS B 133 -20.29 22.39 52.21
CA LYS B 133 -18.92 22.38 52.78
C LYS B 133 -18.53 21.01 53.31
N PRO B 134 -17.23 20.75 53.51
CA PRO B 134 -16.08 21.62 53.29
C PRO B 134 -15.82 21.90 51.83
N PHE B 135 -15.45 23.15 51.53
CA PHE B 135 -15.06 23.52 50.14
C PHE B 135 -13.70 22.95 49.75
N ASP B 136 -13.37 23.08 48.48
CA ASP B 136 -12.09 22.58 48.02
C ASP B 136 -11.49 23.49 46.95
N ASP B 137 -10.28 23.21 46.51
CA ASP B 137 -9.62 24.16 45.60
C ASP B 137 -10.13 24.10 44.13
N HIS B 138 -11.26 23.45 43.86
CA HIS B 138 -11.99 23.72 42.63
C HIS B 138 -12.11 25.24 42.44
N LEU B 139 -12.10 25.70 41.21
CA LEU B 139 -12.11 27.13 40.98
C LEU B 139 -13.31 27.87 41.54
N GLN B 140 -14.43 27.17 41.69
CA GLN B 140 -15.67 27.74 42.23
C GLN B 140 -16.10 27.05 43.52
N LYS B 141 -15.11 26.49 44.19
CA LYS B 141 -15.24 26.12 45.59
C LYS B 141 -15.54 24.68 45.75
N GLY B 142 -16.15 24.10 44.72
CA GLY B 142 -16.41 22.68 44.71
C GLY B 142 -17.22 22.19 43.53
N ALA B 143 -17.26 20.88 43.39
CA ALA B 143 -18.09 20.28 42.37
C ALA B 143 -19.02 19.13 42.89
N LEU B 144 -20.03 18.78 42.08
CA LEU B 144 -20.86 17.66 42.34
C LEU B 144 -20.69 16.63 41.24
N LEU B 145 -20.55 15.37 41.56
CA LEU B 145 -20.53 14.34 40.55
C LEU B 145 -21.84 13.55 40.51
N TYR B 146 -22.34 13.40 39.28
CA TYR B 146 -23.59 12.66 38.99
C TYR B 146 -23.41 11.16 38.96
N SER B 147 -24.31 10.49 39.66
CA SER B 147 -24.25 9.06 39.87
C SER B 147 -24.72 8.29 38.65
N ASN B 148 -23.87 7.35 38.22
CA ASN B 148 -24.17 6.61 37.02
C ASN B 148 -25.43 5.75 37.11
N ASN B 149 -25.84 5.39 38.35
CA ASN B 149 -26.95 4.43 38.56
C ASN B 149 -27.77 4.68 39.78
N SER B 150 -28.74 5.58 39.63
CA SER B 150 -29.74 5.79 40.66
C SER B 150 -31.15 5.53 40.14
N LYS B 151 -31.89 4.61 40.78
CA LYS B 151 -33.34 4.42 40.52
C LYS B 151 -34.07 5.77 40.71
N LEU B 152 -33.58 6.65 41.58
CA LEU B 152 -34.29 7.91 41.82
C LEU B 152 -34.25 8.86 40.63
N THR B 153 -33.12 8.86 39.96
CA THR B 153 -32.93 9.69 38.78
C THR B 153 -32.33 8.83 37.66
N SER B 154 -33.14 7.92 37.12
CA SER B 154 -32.62 6.98 36.13
C SER B 154 -32.37 7.67 34.75
N GLN B 155 -33.18 8.68 34.45
CA GLN B 155 -33.00 9.54 33.26
C GLN B 155 -31.66 10.27 33.25
N ALA B 156 -30.95 10.30 34.38
CA ALA B 156 -29.60 10.87 34.42
C ALA B 156 -28.51 9.82 34.59
N ASN B 157 -28.85 8.55 34.43
CA ASN B 157 -27.89 7.49 34.52
C ASN B 157 -26.92 7.56 33.32
N SER B 158 -25.77 6.89 33.41
CA SER B 158 -24.79 6.87 32.32
C SER B 158 -23.87 5.67 32.49
N ASN B 159 -23.32 5.21 31.37
CA ASN B 159 -22.35 4.12 31.40
C ASN B 159 -20.96 4.61 31.32
N TYR B 160 -20.88 5.95 31.31
CA TYR B 160 -19.67 6.62 31.04
C TYR B 160 -19.26 7.46 32.20
N ARG B 161 -19.05 8.75 31.99
CA ARG B 161 -18.53 9.58 33.07
C ARG B 161 -17.19 9.07 33.53
N ILE B 162 -16.30 8.77 32.60
CA ILE B 162 -14.92 8.38 32.88
C ILE B 162 -14.13 9.64 33.18
N LEU B 163 -13.66 9.79 34.41
CA LEU B 163 -13.00 11.05 34.70
C LEU B 163 -11.49 11.02 34.45
N ASN B 164 -10.90 12.21 34.27
CA ASN B 164 -9.46 12.46 34.32
C ASN B 164 -8.65 11.75 33.28
N ARG B 165 -9.27 11.46 32.15
CA ARG B 165 -8.58 10.79 31.07
C ARG B 165 -7.83 11.82 30.22
N THR B 166 -6.86 12.47 30.83
CA THR B 166 -6.03 13.46 30.19
C THR B 166 -5.13 12.71 29.24
N PRO B 167 -4.37 13.42 28.41
CA PRO B 167 -3.42 12.69 27.59
C PRO B 167 -2.55 11.82 28.45
N THR B 168 -2.07 12.28 29.60
CA THR B 168 -1.20 11.44 30.43
C THR B 168 -1.93 10.21 30.93
N ASN B 169 -3.20 10.38 31.22
CA ASN B 169 -3.90 9.37 31.97
C ASN B 169 -4.99 8.83 31.16
N GLN B 170 -4.86 8.85 29.84
CA GLN B 170 -6.00 8.56 28.96
C GLN B 170 -6.52 7.14 29.11
N THR B 171 -5.70 6.19 29.53
CA THR B 171 -6.23 4.85 29.64
C THR B 171 -6.58 4.58 31.09
N GLY B 172 -6.46 5.57 31.95
CA GLY B 172 -6.67 5.37 33.38
C GLY B 172 -5.47 4.86 34.14
N LYS B 173 -4.34 4.76 33.45
CA LYS B 173 -3.05 4.40 34.05
C LYS B 173 -2.11 5.50 33.55
N LYS B 174 -1.32 6.14 34.40
CA LYS B 174 -0.34 7.09 33.90
C LYS B 174 0.52 6.49 32.73
N ASP B 175 0.71 7.21 31.66
CA ASP B 175 1.47 6.66 30.58
C ASP B 175 2.95 6.52 30.86
N PRO B 176 3.49 5.29 30.73
CA PRO B 176 4.94 5.06 30.98
C PRO B 176 5.79 5.90 30.06
N ARG B 177 5.22 6.35 28.97
CA ARG B 177 6.04 6.98 27.95
C ARG B 177 6.55 8.37 28.31
N TYR B 178 5.80 9.08 29.12
CA TYR B 178 6.02 10.51 29.37
C TYR B 178 6.29 10.73 30.82
N THR B 179 7.38 11.43 31.08
CA THR B 179 8.10 11.34 32.33
C THR B 179 8.22 12.75 32.85
N ALA B 180 8.33 13.71 31.95
CA ALA B 180 8.64 15.05 32.40
C ALA B 180 7.60 15.56 33.42
N ASP B 181 6.36 15.13 33.38
CA ASP B 181 5.42 15.53 34.42
C ASP B 181 5.06 14.27 35.23
N ARG B 182 5.21 14.26 36.53
CA ARG B 182 4.94 12.99 37.22
C ARG B 182 3.50 12.81 37.80
N THR B 183 2.73 13.90 37.84
CA THR B 183 1.29 13.86 38.14
C THR B 183 0.51 13.15 37.04
N ILE B 184 -0.81 13.16 37.11
CA ILE B 184 -1.53 12.38 36.13
C ILE B 184 -1.97 13.33 35.07
N GLY B 185 -1.41 14.51 35.08
CA GLY B 185 -1.55 15.28 33.87
C GLY B 185 -2.72 16.22 33.66
N GLY B 186 -3.55 16.39 34.67
CA GLY B 186 -4.66 17.30 34.58
C GLY B 186 -5.72 16.85 35.54
N TYR B 187 -6.91 17.40 35.40
CA TYR B 187 -8.02 16.92 36.20
C TYR B 187 -9.37 17.26 35.57
N GLU B 188 -10.39 16.49 35.94
CA GLU B 188 -11.69 16.55 35.27
C GLU B 188 -12.50 17.83 35.43
N PHE B 189 -12.76 18.24 36.66
CA PHE B 189 -13.63 19.40 36.90
C PHE B 189 -12.88 20.74 36.99
N LEU B 190 -13.24 21.63 36.08
CA LEU B 190 -12.59 22.89 35.95
C LEU B 190 -13.51 24.02 36.26
N LEU B 191 -14.45 24.21 35.33
CA LEU B 191 -15.51 25.22 35.48
C LEU B 191 -16.90 24.69 35.33
N ALA B 192 -17.87 25.42 35.84
CA ALA B 192 -19.29 25.27 35.50
C ALA B 192 -19.78 23.83 35.32
N ASN B 193 -20.50 23.56 34.22
CA ASN B 193 -21.12 22.26 34.00
C ASN B 193 -20.19 21.38 33.21
N ASP B 194 -19.77 20.27 33.77
CA ASP B 194 -18.68 19.56 33.16
C ASP B 194 -19.24 18.50 32.26
N VAL B 195 -19.09 18.73 30.95
CA VAL B 195 -19.50 17.82 29.86
C VAL B 195 -18.77 16.48 29.90
N ASP B 196 -19.50 15.36 29.76
CA ASP B 196 -18.88 14.04 29.86
C ASP B 196 -18.33 13.64 28.50
N ASN B 197 -17.13 14.07 28.19
CA ASN B 197 -16.56 13.79 26.91
C ASN B 197 -16.00 12.40 26.79
N SER B 198 -16.26 11.55 27.75
CA SER B 198 -15.94 10.17 27.59
C SER B 198 -17.21 9.45 27.07
N ASN B 199 -18.26 10.21 26.84
CA ASN B 199 -19.47 9.63 26.33
C ASN B 199 -19.52 9.53 24.83
N PRO B 200 -19.75 8.31 24.29
CA PRO B 200 -19.70 8.13 22.82
C PRO B 200 -20.65 9.05 22.04
N VAL B 201 -21.79 9.36 22.62
CA VAL B 201 -22.73 10.23 21.97
C VAL B 201 -22.32 11.67 22.14
N VAL B 202 -21.67 12.00 23.24
CA VAL B 202 -21.15 13.33 23.39
C VAL B 202 -19.93 13.51 22.45
N GLN B 203 -19.04 12.53 22.42
CA GLN B 203 -17.90 12.60 21.50
C GLN B 203 -18.43 12.89 20.11
N ALA B 204 -19.40 12.12 19.64
CA ALA B 204 -19.96 12.37 18.31
C ALA B 204 -20.44 13.82 18.13
N GLU B 205 -21.11 14.30 19.15
CA GLU B 205 -21.57 15.65 19.11
C GLU B 205 -20.43 16.65 19.05
N GLN B 206 -19.30 16.38 19.73
CA GLN B 206 -18.24 17.40 19.70
C GLN B 206 -17.69 17.41 18.30
N LEU B 207 -17.53 16.24 17.72
CA LEU B 207 -17.09 16.17 16.30
C LEU B 207 -18.05 16.91 15.33
N ASN B 208 -19.33 16.67 15.48
CA ASN B 208 -20.33 17.44 14.76
C ASN B 208 -20.10 18.91 14.92
N TRP B 209 -19.92 19.37 16.16
CA TRP B 209 -19.68 20.77 16.43
C TRP B 209 -18.43 21.26 15.73
N LEU B 210 -17.41 20.40 15.66
CA LEU B 210 -16.12 20.77 15.09
C LEU B 210 -16.29 20.99 13.59
N HIS B 211 -16.90 20.00 12.95
CA HIS B 211 -17.29 20.14 11.59
C HIS B 211 -18.10 21.42 11.30
N PHE B 212 -19.12 21.71 12.10
CA PHE B 212 -19.88 22.94 11.90
C PHE B 212 -18.98 24.16 11.91
N LEU B 213 -18.07 24.23 12.87
CA LEU B 213 -17.26 25.42 13.06
C LEU B 213 -16.40 25.59 11.84
N MET B 214 -15.72 24.50 11.52
CA MET B 214 -14.88 24.42 10.34
C MET B 214 -15.68 24.66 9.04
N ASN B 215 -16.99 24.53 9.09
CA ASN B 215 -17.74 24.85 7.89
C ASN B 215 -18.66 26.06 8.05
N PHE B 216 -18.41 26.81 9.11
CA PHE B 216 -19.37 27.79 9.55
C PHE B 216 -19.95 28.60 8.41
N GLY B 217 -19.09 29.02 7.50
CA GLY B 217 -19.48 29.90 6.42
C GLY B 217 -20.56 29.33 5.50
N ASN B 218 -20.39 28.11 4.98
CA ASN B 218 -21.46 27.52 4.13
C ASN B 218 -22.67 27.31 4.94
N ILE B 219 -22.52 26.79 6.16
CA ILE B 219 -23.67 26.35 6.90
C ILE B 219 -24.51 27.55 7.32
N TYR B 220 -23.87 28.65 7.71
CA TYR B 220 -24.67 29.75 8.26
C TYR B 220 -25.04 30.77 7.23
N ALA B 221 -24.05 31.20 6.48
CA ALA B 221 -24.22 32.34 5.58
C ALA B 221 -24.24 31.88 4.13
N ASN B 222 -24.15 30.56 3.92
CA ASN B 222 -23.99 30.00 2.60
C ASN B 222 -22.88 30.54 1.79
N ASP B 223 -21.79 30.82 2.46
CA ASP B 223 -20.67 31.45 1.85
C ASP B 223 -19.51 30.64 2.38
N PRO B 224 -18.82 29.97 1.47
CA PRO B 224 -17.73 29.04 1.77
C PRO B 224 -16.47 29.84 2.01
N ASP B 225 -16.55 31.13 1.75
CA ASP B 225 -15.39 31.96 1.86
C ASP B 225 -15.29 32.39 3.34
N ALA B 226 -16.20 31.88 4.14
CA ALA B 226 -16.31 32.35 5.50
C ALA B 226 -16.19 31.20 6.46
N ASN B 227 -15.33 30.23 6.14
CA ASN B 227 -15.16 29.06 6.99
C ASN B 227 -14.00 29.27 7.93
N PHE B 228 -13.99 28.62 9.11
CA PHE B 228 -12.82 28.68 9.96
C PHE B 228 -11.89 27.66 9.41
N ASP B 229 -10.63 28.03 9.35
CA ASP B 229 -9.63 27.20 8.78
C ASP B 229 -9.08 26.17 9.74
N SER B 230 -9.09 26.49 11.03
CA SER B 230 -8.37 25.72 12.04
C SER B 230 -9.06 25.89 13.39
N ILE B 231 -8.54 25.20 14.39
CA ILE B 231 -9.12 25.22 15.69
C ILE B 231 -8.00 25.28 16.73
N ARG B 232 -8.38 25.76 17.93
CA ARG B 232 -7.58 25.75 19.13
C ARG B 232 -8.36 24.78 20.02
N VAL B 233 -7.71 23.75 20.58
CA VAL B 233 -8.38 22.94 21.58
C VAL B 233 -8.14 23.56 22.97
N ASP B 234 -9.22 24.01 23.57
CA ASP B 234 -9.17 24.67 24.88
C ASP B 234 -9.20 23.68 26.07
N ALA B 235 -8.50 23.97 27.15
CA ALA B 235 -8.62 23.06 28.31
C ALA B 235 -8.33 21.54 28.09
N VAL B 236 -7.31 21.24 27.30
CA VAL B 236 -6.97 19.85 27.03
C VAL B 236 -6.86 19.01 28.32
N ASP B 237 -6.20 19.55 29.33
CA ASP B 237 -5.96 18.77 30.52
C ASP B 237 -7.19 18.58 31.42
N ASN B 238 -8.33 19.08 31.00
CA ASN B 238 -9.53 18.89 31.78
C ASN B 238 -10.61 18.11 31.02
N VAL B 239 -10.28 17.52 29.89
CA VAL B 239 -11.28 16.79 29.19
C VAL B 239 -10.75 15.45 28.79
N ASP B 240 -11.63 14.56 28.37
CA ASP B 240 -11.19 13.28 27.87
C ASP B 240 -10.36 13.42 26.56
N ALA B 241 -9.10 13.02 26.62
CA ALA B 241 -8.16 13.00 25.47
C ALA B 241 -8.59 12.19 24.20
N ASP B 242 -9.63 11.38 24.28
CA ASP B 242 -10.16 10.76 23.10
C ASP B 242 -10.45 11.84 22.09
N LEU B 243 -10.73 13.03 22.60
CA LEU B 243 -11.16 14.12 21.76
C LEU B 243 -10.04 14.55 20.84
N LEU B 244 -8.82 14.21 21.19
CA LEU B 244 -7.69 14.60 20.35
C LEU B 244 -7.59 13.68 19.17
N GLN B 245 -7.87 12.39 19.35
CA GLN B 245 -7.85 11.46 18.24
C GLN B 245 -9.01 11.92 17.37
N ILE B 246 -10.13 12.24 18.01
CA ILE B 246 -11.28 12.60 17.18
C ILE B 246 -11.09 13.84 16.30
N ALA B 247 -10.57 14.90 16.88
CA ALA B 247 -10.22 16.12 16.17
C ALA B 247 -9.16 15.91 15.10
N GLY B 248 -8.06 15.23 15.43
CA GLY B 248 -7.03 14.93 14.47
C GLY B 248 -7.47 14.02 13.31
N ASP B 249 -8.30 12.99 13.59
CA ASP B 249 -8.86 12.14 12.57
C ASP B 249 -9.65 12.97 11.61
N TYR B 250 -10.38 13.92 12.17
CA TYR B 250 -11.19 14.82 11.35
C TYR B 250 -10.34 15.66 10.42
N LEU B 251 -9.31 16.32 10.96
CA LEU B 251 -8.45 17.18 10.16
C LEU B 251 -7.78 16.44 9.01
N LYS B 252 -7.36 15.20 9.29
CA LYS B 252 -6.71 14.37 8.29
C LYS B 252 -7.75 13.90 7.31
N ALA B 253 -8.86 13.40 7.83
CA ALA B 253 -9.89 12.84 6.96
C ALA B 253 -10.40 13.95 6.08
N ALA B 254 -10.65 15.07 6.70
CA ALA B 254 -11.45 16.12 6.05
C ALA B 254 -10.60 16.92 5.13
N LYS B 255 -9.43 17.29 5.63
CA LYS B 255 -8.61 18.25 4.91
C LYS B 255 -7.26 17.73 4.45
N GLY B 256 -7.00 16.42 4.57
CA GLY B 256 -5.68 15.83 4.24
C GLY B 256 -4.44 16.54 4.82
N ILE B 257 -4.46 16.87 6.11
CA ILE B 257 -3.33 17.62 6.68
C ILE B 257 -2.09 16.74 6.68
N HIS B 258 -2.34 15.44 6.80
CA HIS B 258 -1.25 14.51 6.82
C HIS B 258 -0.62 14.23 5.47
N LYS B 259 -1.17 14.68 4.35
CA LYS B 259 -0.46 14.40 3.08
C LYS B 259 0.76 15.32 2.79
N ASN B 260 0.67 16.60 3.17
CA ASN B 260 1.74 17.56 2.92
C ASN B 260 1.51 18.86 3.61
N ASP B 261 2.60 19.53 3.93
CA ASP B 261 2.62 20.77 4.67
C ASP B 261 1.67 21.81 4.06
N LYS B 262 1.45 21.71 2.75
CA LYS B 262 0.57 22.64 2.06
C LYS B 262 -0.82 22.54 2.75
N ALA B 263 -1.32 21.30 2.83
CA ALA B 263 -2.53 20.92 3.55
C ALA B 263 -2.43 21.33 5.03
N ALA B 264 -1.44 20.77 5.71
CA ALA B 264 -1.27 20.90 7.16
C ALA B 264 -1.24 22.34 7.57
N ASN B 265 -0.44 23.09 6.83
CA ASN B 265 -0.17 24.47 7.17
C ASN B 265 -1.33 25.37 6.85
N ASP B 266 -2.32 24.84 6.15
CA ASP B 266 -3.50 25.64 5.87
C ASP B 266 -4.60 25.48 6.89
N HIS B 267 -4.39 24.55 7.80
CA HIS B 267 -5.37 24.28 8.79
C HIS B 267 -4.59 24.09 10.09
N LEU B 268 -3.61 24.95 10.32
CA LEU B 268 -2.71 24.73 11.45
C LEU B 268 -3.45 24.84 12.77
N SER B 269 -3.40 23.77 13.58
CA SER B 269 -4.25 23.70 14.76
C SER B 269 -3.49 23.52 16.06
N ILE B 270 -3.93 24.20 17.14
CA ILE B 270 -3.18 24.20 18.41
C ILE B 270 -3.92 23.61 19.59
N LEU B 271 -3.14 23.22 20.57
CA LEU B 271 -3.73 22.71 21.78
C LEU B 271 -3.35 23.74 22.81
N GLU B 272 -4.30 24.06 23.67
CA GLU B 272 -3.93 24.56 25.00
C GLU B 272 -3.69 23.38 26.06
N ALA B 273 -2.53 22.70 25.97
CA ALA B 273 -2.19 21.63 26.87
C ALA B 273 -1.02 22.00 27.77
N TRP B 274 -1.29 22.22 29.05
CA TRP B 274 -0.22 22.63 30.02
C TRP B 274 0.83 21.57 30.43
N SER B 275 0.44 20.32 30.60
CA SER B 275 1.39 19.33 30.99
C SER B 275 2.56 19.22 30.05
N TYR B 276 3.73 19.14 30.65
CA TYR B 276 4.90 18.82 29.91
C TYR B 276 4.77 17.55 29.14
N ASN B 277 3.96 16.59 29.61
CA ASN B 277 3.65 15.33 28.88
C ASN B 277 2.92 15.52 27.56
N ASP B 278 2.24 16.65 27.39
CA ASP B 278 1.34 16.78 26.26
C ASP B 278 2.08 16.91 24.96
N THR B 279 3.11 17.75 24.90
CA THR B 279 3.86 17.87 23.64
C THR B 279 4.36 16.52 23.06
N PRO B 280 5.01 15.69 23.89
CA PRO B 280 5.47 14.39 23.47
C PRO B 280 4.29 13.52 23.10
N TYR B 281 3.29 13.47 23.96
CA TYR B 281 2.07 12.78 23.62
C TYR B 281 1.56 13.10 22.20
N LEU B 282 1.44 14.39 21.96
CA LEU B 282 0.94 14.91 20.74
C LEU B 282 1.83 14.52 19.60
N HIS B 283 3.15 14.52 19.83
CA HIS B 283 4.10 14.12 18.83
C HIS B 283 4.02 12.63 18.44
N ASP B 284 3.96 11.75 19.44
CA ASP B 284 3.73 10.33 19.17
C ASP B 284 2.44 10.14 18.47
N ASP B 285 1.52 11.06 18.67
CA ASP B 285 0.21 10.94 18.07
C ASP B 285 0.19 11.44 16.60
N GLY B 286 1.25 12.11 16.16
CA GLY B 286 1.36 12.45 14.77
C GLY B 286 1.40 13.93 14.41
N ASP B 287 1.61 14.78 15.41
CA ASP B 287 1.69 16.18 15.13
C ASP B 287 0.52 16.57 14.24
N ASN B 288 -0.67 16.11 14.61
CA ASN B 288 -1.87 16.60 13.96
C ASN B 288 -2.32 17.97 14.51
N MET B 289 -1.86 18.29 15.70
CA MET B 289 -1.90 19.68 16.05
C MET B 289 -0.66 19.95 16.82
N ILE B 290 -0.35 21.23 17.04
CA ILE B 290 0.86 21.63 17.76
C ILE B 290 0.52 22.25 19.11
N ASN B 291 1.23 21.85 20.14
CA ASN B 291 1.16 22.47 21.48
C ASN B 291 2.11 23.68 21.76
N MET B 292 1.96 24.29 22.91
CA MET B 292 2.81 25.41 23.27
C MET B 292 4.17 24.92 23.76
N ASP B 293 5.21 25.73 23.65
CA ASP B 293 6.45 25.42 24.36
C ASP B 293 6.40 26.02 25.75
N ASN B 294 6.07 25.17 26.69
CA ASN B 294 5.85 25.69 27.99
C ASN B 294 7.13 26.06 28.70
N ARG B 295 8.16 25.26 28.55
CA ARG B 295 9.37 25.56 29.25
C ARG B 295 9.89 26.89 28.82
N LEU B 296 9.80 27.15 27.52
CA LEU B 296 10.36 28.37 26.99
C LEU B 296 9.59 29.50 27.57
N ARG B 297 8.28 29.29 27.66
CA ARG B 297 7.39 30.32 28.14
C ARG B 297 7.83 30.76 29.56
N LEU B 298 8.00 29.79 30.43
CA LEU B 298 8.58 30.02 31.73
C LEU B 298 9.98 30.62 31.71
N SER B 299 10.81 30.21 30.75
CA SER B 299 12.15 30.73 30.62
C SER B 299 12.04 32.22 30.40
N LEU B 300 11.21 32.63 29.45
CA LEU B 300 11.02 34.06 29.11
C LEU B 300 10.55 34.89 30.32
N LEU B 301 9.49 34.35 30.95
CA LEU B 301 8.86 34.94 32.11
C LEU B 301 9.83 35.09 33.31
N TYR B 302 10.66 34.10 33.58
CA TYR B 302 11.56 34.26 34.70
C TYR B 302 12.89 34.95 34.41
N SER B 303 13.39 34.82 33.19
CA SER B 303 14.64 35.48 32.83
C SER B 303 14.46 36.98 32.54
N LEU B 304 13.25 37.35 32.11
CA LEU B 304 13.01 38.68 31.58
C LEU B 304 11.88 39.43 32.28
N ALA B 305 10.78 38.75 32.58
CA ALA B 305 9.57 39.47 32.93
C ALA B 305 9.43 39.73 34.40
N LYS B 306 10.01 38.89 35.21
CA LYS B 306 9.83 39.06 36.63
C LYS B 306 10.59 40.25 37.15
N PRO B 307 10.25 40.64 38.37
CA PRO B 307 10.90 41.66 39.18
C PRO B 307 12.37 41.36 39.43
N LEU B 308 13.16 42.41 39.46
CA LEU B 308 14.57 42.27 39.35
C LEU B 308 15.11 41.28 40.39
N ASN B 309 14.45 41.26 41.55
CA ASN B 309 14.90 40.41 42.62
C ASN B 309 14.54 38.95 42.46
N GLN B 310 13.63 38.67 41.55
CA GLN B 310 13.29 37.29 41.30
C GLN B 310 13.66 36.72 39.95
N ARG B 311 14.31 37.50 39.11
CA ARG B 311 14.74 37.03 37.80
C ARG B 311 15.81 35.95 37.90
N SER B 312 15.85 35.08 36.93
CA SER B 312 16.86 34.03 36.93
C SER B 312 17.93 34.30 35.88
N GLY B 313 19.04 33.56 35.93
CA GLY B 313 20.11 33.70 34.94
C GLY B 313 19.47 33.66 33.58
N MET B 314 20.21 33.99 32.53
CA MET B 314 19.61 34.02 31.20
C MET B 314 19.68 32.69 30.44
N ASN B 315 20.60 31.82 30.85
CA ASN B 315 20.87 30.59 30.11
C ASN B 315 19.63 29.85 29.59
N PRO B 316 18.63 29.69 30.46
CA PRO B 316 17.40 29.02 30.17
C PRO B 316 16.69 29.55 28.92
N LEU B 317 16.93 30.80 28.54
CA LEU B 317 16.44 31.32 27.27
C LEU B 317 16.97 30.50 26.07
N ILE B 318 18.19 29.97 26.18
CA ILE B 318 18.76 29.13 25.15
C ILE B 318 18.37 27.68 25.37
N THR B 319 18.49 27.19 26.60
CA THR B 319 18.36 25.75 26.78
C THR B 319 17.09 25.15 27.37
N ASN B 320 16.28 25.90 28.14
CA ASN B 320 15.04 25.30 28.66
C ASN B 320 13.97 25.62 27.74
N SER B 321 13.76 24.69 26.81
CA SER B 321 12.81 24.86 25.72
C SER B 321 12.51 23.50 25.12
N LEU B 322 11.52 23.37 24.26
CA LEU B 322 11.50 22.14 23.50
C LEU B 322 12.76 21.98 22.63
N VAL B 323 13.32 23.11 22.21
CA VAL B 323 14.38 23.12 21.24
C VAL B 323 15.56 23.81 21.88
N ASN B 324 16.72 23.19 21.91
CA ASN B 324 17.88 23.91 22.44
C ASN B 324 18.46 24.86 21.39
N ARG B 325 18.50 26.15 21.64
CA ARG B 325 18.88 27.07 20.57
C ARG B 325 20.29 27.54 20.65
N THR B 326 21.20 26.65 21.00
CA THR B 326 22.59 27.07 21.03
C THR B 326 23.00 27.10 19.61
N ASP B 327 22.82 25.95 18.96
CA ASP B 327 22.97 25.88 17.53
C ASP B 327 21.84 25.06 16.98
N ASP B 328 20.97 25.73 16.24
CA ASP B 328 19.85 25.07 15.61
C ASP B 328 20.06 25.16 14.10
N ASN B 329 20.41 24.02 13.51
CA ASN B 329 20.67 23.98 12.09
C ASN B 329 19.81 22.92 11.40
N ALA B 330 18.78 22.47 12.10
CA ALA B 330 17.82 21.54 11.54
C ALA B 330 17.04 22.09 10.30
N GLU B 331 16.84 21.21 9.31
CA GLU B 331 16.03 21.49 8.16
C GLU B 331 14.66 21.42 8.72
N THR B 332 14.47 20.44 9.60
CA THR B 332 13.23 20.28 10.36
C THR B 332 13.41 19.98 11.87
N ALA B 333 12.89 20.83 12.76
CA ALA B 333 13.09 20.52 14.18
C ALA B 333 12.35 19.26 14.58
N ALA B 334 12.77 18.67 15.70
CA ALA B 334 12.19 17.38 16.16
C ALA B 334 10.71 17.49 16.57
N VAL B 335 10.27 18.67 17.02
CA VAL B 335 8.87 18.81 17.35
C VAL B 335 8.37 20.22 17.12
N PRO B 336 7.11 20.36 16.67
CA PRO B 336 6.57 21.69 16.36
C PRO B 336 5.96 22.33 17.61
N SER B 337 5.78 23.64 17.61
CA SER B 337 5.32 24.27 18.83
C SER B 337 4.97 25.68 18.52
N TYR B 338 4.16 26.26 19.40
CA TYR B 338 4.08 27.68 19.39
C TYR B 338 4.64 28.18 20.72
N SER B 339 5.17 29.40 20.70
CA SER B 339 5.79 30.01 21.82
C SER B 339 5.11 31.32 22.04
N PHE B 340 4.95 31.74 23.28
CA PHE B 340 4.39 33.04 23.53
C PHE B 340 4.83 33.45 24.90
N ILE B 341 4.59 34.71 25.29
CA ILE B 341 4.90 35.13 26.67
C ILE B 341 3.60 35.42 27.44
N ARG B 342 2.62 35.99 26.75
CA ARG B 342 1.34 36.30 27.38
C ARG B 342 0.23 35.75 26.50
N ALA B 343 -0.92 35.52 27.13
CA ALA B 343 -2.16 34.98 26.51
C ALA B 343 -3.35 35.68 27.17
N HIS B 344 -4.54 35.43 26.66
CA HIS B 344 -5.67 36.19 27.18
C HIS B 344 -5.82 35.99 28.70
N ASP B 345 -5.48 34.78 29.17
CA ASP B 345 -5.50 34.42 30.60
C ASP B 345 -4.07 34.48 31.17
N SER B 346 -3.17 33.71 30.53
CA SER B 346 -1.85 33.53 31.05
C SER B 346 -1.10 34.87 31.17
N GLU B 347 -0.76 35.22 32.41
CA GLU B 347 -0.04 36.44 32.68
C GLU B 347 -0.85 37.70 32.36
N VAL B 348 -2.18 37.57 32.39
CA VAL B 348 -3.00 38.77 32.43
C VAL B 348 -3.94 38.72 33.64
N GLN B 349 -4.96 37.87 33.58
CA GLN B 349 -5.83 37.79 34.74
C GLN B 349 -5.05 37.34 36.01
N ASP B 350 -3.89 36.70 35.83
CA ASP B 350 -3.04 36.37 36.97
C ASP B 350 -2.60 37.68 37.67
N LEU B 351 -2.32 38.71 36.86
CA LEU B 351 -1.76 39.95 37.39
C LEU B 351 -2.83 40.76 38.06
N ILE B 352 -4.05 40.63 37.53
CA ILE B 352 -5.20 41.29 38.08
C ILE B 352 -5.61 40.61 39.35
N ARG B 353 -5.61 39.30 39.35
CA ARG B 353 -5.85 38.65 40.63
C ARG B 353 -4.82 39.13 41.70
N ASP B 354 -3.56 39.30 41.30
CA ASP B 354 -2.51 39.66 42.25
C ASP B 354 -2.90 41.00 42.88
N ILE B 355 -3.49 41.87 42.06
CA ILE B 355 -3.78 43.26 42.43
C ILE B 355 -4.96 43.39 43.36
N ILE B 356 -6.04 42.77 42.99
CA ILE B 356 -7.11 42.61 43.92
C ILE B 356 -6.72 41.97 45.27
N LYS B 357 -6.20 40.73 45.28
CA LYS B 357 -5.85 40.05 46.53
C LYS B 357 -4.98 40.97 47.38
N ALA B 358 -4.17 41.80 46.71
CA ALA B 358 -3.26 42.69 47.41
C ALA B 358 -4.01 43.87 47.98
N GLU B 359 -4.58 44.66 47.07
CA GLU B 359 -5.01 46.03 47.39
C GLU B 359 -6.52 46.32 47.39
N ILE B 360 -7.35 45.29 47.26
CA ILE B 360 -8.78 45.49 47.03
C ILE B 360 -9.64 44.44 47.73
N ASN B 361 -9.56 43.16 47.40
CA ASN B 361 -10.23 42.25 48.32
C ASN B 361 -9.42 41.04 48.67
N PRO B 362 -8.88 41.04 49.88
CA PRO B 362 -8.10 39.95 50.41
C PRO B 362 -8.63 38.51 50.23
N ASN B 363 -9.95 38.28 50.33
CA ASN B 363 -10.51 36.90 50.36
C ASN B 363 -11.04 36.49 49.03
N VAL B 364 -10.75 37.29 48.01
CA VAL B 364 -11.21 36.98 46.67
C VAL B 364 -11.06 35.47 46.32
N VAL B 365 -12.12 34.88 45.78
CA VAL B 365 -12.04 33.48 45.40
C VAL B 365 -11.64 33.32 43.93
N GLY B 366 -10.75 32.36 43.65
CA GLY B 366 -10.30 32.06 42.25
C GLY B 366 -10.10 33.31 41.41
N TYR B 367 -10.57 33.22 40.17
CA TYR B 367 -10.64 34.45 39.34
C TYR B 367 -12.10 34.97 39.28
N SER B 368 -12.93 34.43 40.17
CA SER B 368 -14.29 34.93 40.28
C SER B 368 -14.36 36.38 40.67
N PHE B 369 -13.73 37.29 39.90
CA PHE B 369 -13.84 38.73 40.30
C PHE B 369 -15.20 39.32 39.97
N THR B 370 -15.48 40.51 40.46
CA THR B 370 -16.63 41.27 39.98
C THR B 370 -16.13 42.42 39.10
N MET B 371 -17.04 42.98 38.32
CA MET B 371 -16.66 43.96 37.35
C MET B 371 -16.13 45.14 38.03
N GLU B 372 -16.50 45.27 39.29
CA GLU B 372 -16.13 46.49 39.99
C GLU B 372 -14.72 46.39 40.56
N GLU B 373 -14.46 45.21 41.09
CA GLU B 373 -13.17 44.88 41.45
C GLU B 373 -12.31 45.18 40.18
N ILE B 374 -12.69 44.65 39.02
CA ILE B 374 -11.80 44.74 37.86
C ILE B 374 -11.35 46.16 37.45
N LYS B 375 -12.13 47.17 37.78
CA LYS B 375 -11.98 48.47 37.13
C LYS B 375 -11.08 49.29 37.98
N LYS B 376 -11.28 49.00 39.25
CA LYS B 376 -10.46 49.48 40.34
C LYS B 376 -9.05 48.87 40.13
N ALA B 377 -8.96 47.53 39.96
CA ALA B 377 -7.68 46.86 39.57
C ALA B 377 -6.97 47.55 38.38
N PHE B 378 -7.73 47.81 37.31
CA PHE B 378 -7.11 48.34 36.13
C PHE B 378 -6.48 49.69 36.31
N GLU B 379 -6.95 50.43 37.31
CA GLU B 379 -6.34 51.73 37.62
C GLU B 379 -4.91 51.48 38.07
N ILE B 380 -4.77 50.54 39.02
CA ILE B 380 -3.47 50.24 39.60
C ILE B 380 -2.61 49.73 38.45
N TYR B 381 -3.17 48.77 37.70
CA TYR B 381 -2.49 48.10 36.60
C TYR B 381 -1.92 49.07 35.53
N ASN B 382 -2.77 49.93 35.00
CA ASN B 382 -2.34 50.81 33.90
C ASN B 382 -1.29 51.79 34.29
N LYS B 383 -1.32 52.19 35.58
CA LYS B 383 -0.23 53.00 36.14
C LYS B 383 1.03 52.13 36.13
N ASP B 384 0.97 50.94 36.75
CA ASP B 384 2.13 50.05 36.89
C ASP B 384 2.84 49.84 35.53
N LEU B 385 2.03 49.86 34.48
CA LEU B 385 2.47 49.56 33.14
C LEU B 385 3.50 50.51 32.64
N LEU B 386 3.43 51.76 33.14
CA LEU B 386 4.26 52.88 32.66
C LEU B 386 5.36 53.27 33.59
N ALA B 387 5.42 52.60 34.72
CA ALA B 387 6.45 52.82 35.70
C ALA B 387 7.75 52.12 35.27
N THR B 388 8.87 52.72 35.62
CA THR B 388 10.12 52.02 35.42
C THR B 388 10.25 50.86 36.39
N GLU B 389 9.83 51.10 37.65
CA GLU B 389 9.76 50.07 38.72
C GLU B 389 8.37 49.51 38.77
N LYS B 390 8.16 48.31 38.23
CA LYS B 390 6.81 47.73 38.22
C LYS B 390 6.57 46.85 39.39
N LYS B 391 5.40 47.00 39.99
CA LYS B 391 5.06 46.16 41.10
C LYS B 391 4.25 44.94 40.68
N TYR B 392 3.53 45.01 39.55
CA TYR B 392 2.60 43.94 39.16
C TYR B 392 2.75 43.43 37.75
N THR B 393 3.38 44.20 36.88
CA THR B 393 3.35 43.86 35.49
C THR B 393 4.69 43.44 34.96
N HIS B 394 4.69 42.96 33.73
CA HIS B 394 5.86 42.41 33.15
C HIS B 394 6.87 43.45 32.83
N TYR B 395 8.13 43.12 33.04
CA TYR B 395 9.21 43.89 32.51
C TYR B 395 9.66 43.31 31.19
N ASN B 396 10.51 44.03 30.49
CA ASN B 396 11.17 43.53 29.30
C ASN B 396 10.34 42.92 28.22
N THR B 397 9.10 43.39 28.09
CA THR B 397 8.26 42.88 27.04
C THR B 397 8.99 42.94 25.73
N ALA B 398 9.44 44.14 25.35
CA ALA B 398 10.16 44.29 24.10
C ALA B 398 11.22 43.16 23.91
N LEU B 399 11.94 42.84 24.99
CA LEU B 399 12.97 41.81 24.97
C LEU B 399 12.46 40.43 24.67
N SER B 400 11.31 40.12 25.24
CA SER B 400 10.70 38.80 25.06
C SER B 400 10.33 38.53 23.60
N TYR B 401 9.69 39.53 23.03
CA TYR B 401 9.27 39.51 21.66
C TYR B 401 10.44 39.46 20.69
N ALA B 402 11.55 40.11 21.07
CA ALA B 402 12.79 40.05 20.31
C ALA B 402 13.27 38.60 20.23
N LEU B 403 13.08 37.83 21.27
CA LEU B 403 13.39 36.43 21.11
C LEU B 403 12.24 35.68 20.39
N LEU B 404 11.00 35.86 20.86
CA LEU B 404 9.92 35.10 20.27
C LEU B 404 9.96 35.27 18.80
N LEU B 405 10.12 36.52 18.34
CA LEU B 405 9.98 36.80 16.93
C LEU B 405 11.24 36.57 16.08
N THR B 406 12.38 36.20 16.69
CA THR B 406 13.64 35.90 15.94
C THR B 406 14.02 34.42 16.05
N ASN B 407 13.35 33.74 16.98
CA ASN B 407 13.72 32.37 17.30
C ASN B 407 13.41 31.46 16.17
N LYS B 408 14.30 30.52 15.92
CA LYS B 408 14.06 29.49 14.91
C LYS B 408 13.29 28.33 15.50
N SER B 409 12.49 27.60 14.71
CA SER B 409 11.87 26.36 15.23
C SER B 409 10.62 26.45 16.09
N SER B 410 9.87 27.53 16.04
CA SER B 410 8.62 27.59 16.77
C SER B 410 7.71 28.62 16.13
N VAL B 411 6.41 28.46 16.24
CA VAL B 411 5.60 29.50 15.66
C VAL B 411 5.31 30.48 16.76
N PRO B 412 5.68 31.73 16.57
CA PRO B 412 5.48 32.74 17.60
C PRO B 412 4.03 33.20 17.62
N ARG B 413 3.49 33.36 18.82
CA ARG B 413 2.14 33.88 18.91
C ARG B 413 2.14 35.19 19.62
N VAL B 414 1.80 36.26 18.91
CA VAL B 414 1.76 37.58 19.51
C VAL B 414 0.48 37.80 20.26
N TYR B 415 0.53 38.51 21.36
CA TYR B 415 -0.71 38.67 22.07
C TYR B 415 -1.23 40.10 21.86
N TYR B 416 -2.44 40.21 21.34
CA TYR B 416 -3.09 41.50 21.16
C TYR B 416 -2.79 42.54 22.26
N GLY B 417 -2.80 42.12 23.51
CA GLY B 417 -2.63 43.04 24.64
C GLY B 417 -1.21 43.45 24.96
N ASP B 418 -0.24 43.01 24.18
CA ASP B 418 1.08 43.44 24.45
C ASP B 418 1.23 44.60 23.52
N MET B 419 0.41 44.61 22.48
CA MET B 419 0.45 45.63 21.46
C MET B 419 -0.62 46.68 21.62
N PHE B 420 -1.75 46.30 22.21
CA PHE B 420 -2.78 47.26 22.53
C PHE B 420 -3.22 47.12 23.98
N THR B 421 -3.73 48.21 24.55
CA THR B 421 -4.16 48.19 25.94
C THR B 421 -5.16 47.07 26.26
N ASP B 422 -4.78 46.19 27.16
CA ASP B 422 -5.65 45.08 27.53
C ASP B 422 -7.09 45.50 27.83
N ASP B 423 -7.30 46.78 28.16
CA ASP B 423 -8.62 47.16 28.68
C ASP B 423 -9.40 48.13 27.85
N GLY B 424 -8.82 48.62 26.77
CA GLY B 424 -9.56 49.63 26.02
C GLY B 424 -10.69 49.08 25.18
N GLN B 425 -11.26 49.94 24.31
CA GLN B 425 -12.05 49.48 23.14
C GLN B 425 -11.05 48.86 22.16
N TYR B 426 -11.54 48.13 21.16
CA TYR B 426 -10.63 47.29 20.35
C TYR B 426 -9.71 48.10 19.50
N MET B 427 -8.44 47.81 19.66
CA MET B 427 -7.40 48.59 18.99
C MET B 427 -7.42 50.11 19.13
N ALA B 428 -8.23 50.66 20.03
CA ALA B 428 -8.24 52.13 20.24
C ALA B 428 -6.90 52.72 20.75
N HIS B 429 -6.18 52.01 21.62
CA HIS B 429 -4.97 52.55 22.24
C HIS B 429 -3.80 51.55 22.16
N LYS B 430 -2.70 52.00 21.57
CA LYS B 430 -1.44 51.23 21.54
C LYS B 430 -0.71 51.17 22.89
N THR B 431 0.05 50.08 23.14
CA THR B 431 0.96 50.05 24.30
C THR B 431 2.29 50.76 23.99
N ILE B 432 3.01 51.19 25.02
CA ILE B 432 4.31 51.82 24.78
C ILE B 432 5.24 50.84 24.04
N ASN B 433 4.83 49.58 23.88
CA ASN B 433 5.74 48.61 23.24
C ASN B 433 5.28 48.33 21.83
N TYR B 434 4.20 49.00 21.46
CA TYR B 434 3.59 48.84 20.14
C TYR B 434 4.58 49.10 19.04
N GLU B 435 5.16 50.29 19.04
CA GLU B 435 6.16 50.54 18.04
C GLU B 435 7.24 49.42 17.96
N ALA B 436 7.98 49.22 19.06
CA ALA B 436 9.01 48.17 19.13
C ALA B 436 8.57 46.84 18.51
N ILE B 437 7.42 46.30 18.91
CA ILE B 437 7.01 45.00 18.36
C ILE B 437 6.65 45.08 16.84
N GLU B 438 6.07 46.18 16.42
CA GLU B 438 5.63 46.32 15.04
C GLU B 438 6.88 46.21 14.19
N THR B 439 7.97 46.80 14.69
CA THR B 439 9.20 46.83 13.93
C THR B 439 9.76 45.44 13.87
N LEU B 440 9.71 44.78 15.02
CA LEU B 440 10.16 43.41 15.07
C LEU B 440 9.35 42.57 14.09
N LEU B 441 8.02 42.72 14.09
CA LEU B 441 7.23 41.97 13.10
C LEU B 441 7.57 42.33 11.63
N LYS B 442 7.58 43.61 11.27
CA LYS B 442 7.88 43.97 9.87
C LYS B 442 9.27 43.47 9.49
N ALA B 443 10.19 43.61 10.44
CA ALA B 443 11.54 43.14 10.30
C ALA B 443 11.59 41.62 10.13
N ARG B 444 10.67 40.93 10.79
CA ARG B 444 10.75 39.49 10.82
C ARG B 444 10.56 38.88 9.43
N ILE B 445 9.48 39.30 8.78
CA ILE B 445 9.20 38.95 7.39
C ILE B 445 10.43 39.21 6.52
N LYS B 446 11.00 40.40 6.65
CA LYS B 446 12.08 40.86 5.82
C LYS B 446 13.37 40.07 6.04
N TYR B 447 13.73 39.84 7.29
CA TYR B 447 15.11 39.47 7.59
C TYR B 447 15.29 38.12 8.18
N VAL B 448 14.22 37.58 8.73
CA VAL B 448 14.42 36.51 9.69
C VAL B 448 14.38 35.10 9.11
N SER B 449 15.53 34.45 8.96
CA SER B 449 15.55 33.12 8.31
C SER B 449 16.93 32.46 8.41
N GLY B 450 17.01 31.18 8.09
CA GLY B 450 18.29 30.51 8.12
C GLY B 450 18.50 29.94 9.49
N GLY B 451 19.66 29.34 9.73
CA GLY B 451 19.96 28.73 11.03
C GLY B 451 20.09 29.72 12.20
N GLN B 452 19.98 29.20 13.44
CA GLN B 452 20.14 30.01 14.64
C GLN B 452 21.36 29.64 15.47
N ALA B 453 22.07 30.66 15.97
CA ALA B 453 23.08 30.49 17.04
C ALA B 453 22.71 31.35 18.25
N MET B 454 22.78 30.75 19.44
CA MET B 454 22.58 31.48 20.69
C MET B 454 23.75 31.31 21.66
N ARG B 455 24.24 32.42 22.18
CA ARG B 455 25.39 32.37 23.06
C ARG B 455 25.10 33.09 24.38
N ASN B 456 25.80 32.65 25.42
CA ASN B 456 25.63 33.26 26.72
C ASN B 456 26.96 33.82 27.24
N GLN B 457 27.16 35.13 27.23
CA GLN B 457 28.45 35.63 27.67
C GLN B 457 28.36 36.28 29.04
N GLN B 458 29.25 35.87 29.94
CA GLN B 458 29.48 36.59 31.17
C GLN B 458 30.34 37.76 30.83
N VAL B 459 29.84 38.98 31.03
CA VAL B 459 30.66 40.19 30.89
C VAL B 459 30.57 41.13 32.08
N GLY B 460 31.61 41.93 32.32
CA GLY B 460 31.63 42.79 33.48
C GLY B 460 31.00 42.08 34.68
N ASN B 461 30.13 42.75 35.40
CA ASN B 461 29.53 42.15 36.57
C ASN B 461 28.27 41.33 36.26
N SER B 462 28.02 40.94 35.01
CA SER B 462 26.79 40.23 34.67
C SER B 462 26.93 39.25 33.51
N GLU B 463 25.90 39.17 32.67
CA GLU B 463 25.89 38.28 31.53
C GLU B 463 25.02 38.94 30.52
N ILE B 464 25.11 38.45 29.28
CA ILE B 464 24.19 38.86 28.20
C ILE B 464 23.97 37.63 27.37
N ILE B 465 23.03 37.72 26.44
CA ILE B 465 22.91 36.67 25.45
C ILE B 465 22.85 37.27 24.07
N THR B 466 23.33 36.50 23.08
CA THR B 466 23.24 36.89 21.67
C THR B 466 22.42 35.89 20.90
N SER B 467 21.62 36.40 19.98
CA SER B 467 20.81 35.54 19.15
C SER B 467 20.96 35.90 17.69
N VAL B 468 21.40 34.91 16.91
CA VAL B 468 21.78 35.21 15.58
C VAL B 468 21.06 34.30 14.58
N ARG B 469 20.55 34.90 13.52
CA ARG B 469 19.93 34.15 12.48
C ARG B 469 20.76 34.49 11.30
N TYR B 470 21.37 33.48 10.71
CA TYR B 470 22.22 33.69 9.56
C TYR B 470 21.49 34.38 8.42
N GLY B 471 21.10 33.65 7.39
CA GLY B 471 20.37 34.27 6.32
C GLY B 471 19.62 33.28 5.47
N LYS B 472 18.73 33.79 4.63
CA LYS B 472 17.90 32.91 3.85
C LYS B 472 18.72 31.84 3.24
N GLY B 473 18.46 30.61 3.60
CA GLY B 473 19.17 29.49 2.95
C GLY B 473 20.61 29.25 3.43
N ALA B 474 21.01 29.94 4.49
CA ALA B 474 22.27 29.64 5.17
C ALA B 474 21.98 28.97 6.52
N LEU B 475 21.93 27.62 6.58
CA LEU B 475 21.59 26.85 7.79
C LEU B 475 22.72 26.70 8.83
N LYS B 476 23.99 26.82 8.42
CA LYS B 476 25.16 26.75 9.37
C LYS B 476 26.08 27.97 9.37
N ALA B 477 26.81 28.18 10.45
CA ALA B 477 27.54 29.42 10.46
C ALA B 477 28.52 29.46 9.31
N THR B 478 28.88 28.27 8.83
CA THR B 478 29.88 28.15 7.78
C THR B 478 29.35 28.67 6.40
N ASP B 479 28.08 28.40 6.06
CA ASP B 479 27.41 28.69 4.74
C ASP B 479 27.51 30.11 4.08
N THR B 480 27.69 30.19 2.75
CA THR B 480 27.54 31.51 2.11
C THR B 480 26.28 31.58 1.29
N GLY B 481 25.95 32.79 0.85
CA GLY B 481 24.60 32.96 0.39
C GLY B 481 24.43 33.22 -1.09
N ASP B 482 23.58 34.18 -1.34
CA ASP B 482 23.42 34.78 -2.62
C ASP B 482 23.26 36.23 -2.19
N ARG B 483 23.07 37.14 -3.16
CA ARG B 483 22.66 38.51 -2.84
C ARG B 483 21.71 38.48 -1.61
N ILE B 484 20.55 37.83 -1.75
CA ILE B 484 19.58 37.73 -0.64
C ILE B 484 20.10 37.22 0.73
N THR B 485 20.80 36.09 0.78
CA THR B 485 21.38 35.61 2.06
C THR B 485 22.12 36.72 2.78
N ARG B 486 22.96 37.44 2.05
CA ARG B 486 23.74 38.49 2.65
C ARG B 486 22.90 39.63 3.25
N THR B 487 21.80 39.99 2.57
CA THR B 487 20.94 41.09 3.06
C THR B 487 19.85 40.61 4.01
N SER B 488 19.98 39.38 4.50
CA SER B 488 19.05 38.88 5.51
C SER B 488 19.75 38.66 6.84
N GLY B 489 19.17 37.80 7.67
CA GLY B 489 19.73 37.46 8.98
C GLY B 489 19.81 38.63 9.96
N VAL B 490 19.91 38.29 11.24
CA VAL B 490 19.75 39.27 12.30
C VAL B 490 20.55 38.93 13.55
N VAL B 491 20.81 39.93 14.37
CA VAL B 491 21.46 39.67 15.62
C VAL B 491 20.79 40.45 16.77
N VAL B 492 20.50 39.72 17.84
CA VAL B 492 19.83 40.25 19.02
C VAL B 492 20.77 40.18 20.24
N ILE B 493 21.00 41.30 20.91
CA ILE B 493 21.76 41.21 22.13
C ILE B 493 20.95 41.74 23.26
N GLU B 494 20.85 40.93 24.30
CA GLU B 494 20.02 41.24 25.45
C GLU B 494 20.75 41.00 26.77
N GLY B 495 20.50 41.90 27.71
CA GLY B 495 20.86 41.64 29.08
C GLY B 495 19.65 41.81 29.97
N ASN B 496 19.62 41.07 31.07
CA ASN B 496 18.47 41.14 31.96
C ASN B 496 18.72 41.72 33.33
N ASN B 497 19.72 42.60 33.41
CA ASN B 497 20.03 43.27 34.64
C ASN B 497 20.35 44.67 34.27
N PRO B 498 19.70 45.63 34.93
CA PRO B 498 19.84 47.07 34.82
C PRO B 498 21.15 47.65 35.35
N SER B 499 21.89 46.90 36.14
CA SER B 499 23.17 47.40 36.61
C SER B 499 24.27 46.69 35.80
N LEU B 500 23.90 46.11 34.66
CA LEU B 500 24.90 45.53 33.76
C LEU B 500 25.98 46.61 33.46
N ARG B 501 27.25 46.23 33.56
CA ARG B 501 28.32 47.16 33.18
C ARG B 501 29.53 46.44 32.58
N LEU B 502 29.82 46.64 31.30
CA LEU B 502 30.97 45.97 30.71
C LEU B 502 32.27 46.60 31.20
N LYS B 503 33.26 45.76 31.46
CA LYS B 503 34.60 46.25 31.75
C LYS B 503 35.12 47.07 30.54
N ALA B 504 35.92 48.13 30.80
CA ALA B 504 36.67 48.86 29.76
C ALA B 504 37.25 47.90 28.70
N SER B 505 37.95 46.86 29.15
CA SER B 505 38.51 45.83 28.27
C SER B 505 37.56 44.69 27.82
N ASP B 506 36.26 44.85 28.00
CA ASP B 506 35.25 43.84 27.60
C ASP B 506 34.82 44.00 26.12
N ARG B 507 34.95 42.93 25.34
CA ARG B 507 34.40 42.95 23.99
C ARG B 507 33.41 41.80 23.81
N VAL B 508 32.18 42.08 23.33
CA VAL B 508 31.28 41.00 22.87
C VAL B 508 31.50 40.72 21.36
N VAL B 509 31.97 39.51 21.06
CA VAL B 509 32.32 39.20 19.69
C VAL B 509 31.42 38.18 18.98
N VAL B 510 30.40 38.68 18.27
CA VAL B 510 29.32 37.87 17.73
C VAL B 510 29.48 37.41 16.30
N ASN B 511 29.32 36.11 16.13
CA ASN B 511 29.45 35.51 14.83
C ASN B 511 28.17 35.66 13.96
N MET B 512 28.27 36.37 12.84
CA MET B 512 27.10 36.62 12.00
C MET B 512 26.79 35.56 10.93
N GLY B 513 27.81 34.77 10.55
CA GLY B 513 27.69 33.77 9.46
C GLY B 513 28.52 34.13 8.23
N ALA B 514 28.82 33.13 7.40
CA ALA B 514 29.72 33.33 6.26
C ALA B 514 29.21 34.33 5.20
N ALA B 515 27.90 34.47 5.08
CA ALA B 515 27.34 35.44 4.15
C ALA B 515 27.75 36.85 4.52
N HIS B 516 28.13 37.06 5.77
CA HIS B 516 28.28 38.44 6.26
C HIS B 516 29.71 38.92 6.60
N LYS B 517 30.71 38.64 5.76
CA LYS B 517 32.03 39.27 6.03
C LYS B 517 32.07 40.74 5.58
N ASN B 518 33.04 41.49 6.08
CA ASN B 518 33.16 42.90 5.73
C ASN B 518 31.86 43.61 5.38
N GLN B 519 30.77 43.15 5.97
CA GLN B 519 29.49 43.80 5.74
C GLN B 519 29.27 45.05 6.59
N ALA B 520 28.32 45.86 6.15
CA ALA B 520 27.84 46.92 6.99
C ALA B 520 26.47 46.53 7.64
N TYR B 521 26.31 46.81 8.94
CA TYR B 521 25.04 46.60 9.68
C TYR B 521 24.41 47.86 10.28
N ARG B 522 23.14 47.76 10.65
CA ARG B 522 22.49 48.91 11.27
C ARG B 522 21.45 48.52 12.32
N PRO B 523 21.18 49.42 13.29
CA PRO B 523 20.20 49.25 14.36
C PRO B 523 18.76 49.16 13.88
N LEU B 524 18.08 48.09 14.30
CA LEU B 524 16.64 47.95 14.13
C LEU B 524 16.04 48.63 15.35
N LEU B 525 16.50 48.18 16.52
CA LEU B 525 16.15 48.80 17.79
C LEU B 525 17.40 49.01 18.62
N LEU B 526 17.46 50.17 19.27
CA LEU B 526 18.44 50.37 20.30
C LEU B 526 17.78 50.76 21.62
N THR B 527 18.50 50.58 22.71
CA THR B 527 17.92 51.02 23.95
C THR B 527 18.41 52.42 24.20
N THR B 528 17.54 53.26 24.75
CA THR B 528 17.83 54.62 25.16
C THR B 528 17.42 54.88 26.62
N ASP B 529 17.79 56.05 27.11
CA ASP B 529 17.52 56.38 28.50
C ASP B 529 16.07 56.10 28.83
N ASN B 530 15.15 56.55 27.98
CA ASN B 530 13.74 56.51 28.36
C ASN B 530 12.94 55.44 27.74
N GLY B 531 13.48 54.71 26.80
CA GLY B 531 12.69 53.66 26.18
C GLY B 531 13.50 52.87 25.18
N ILE B 532 12.86 52.54 24.06
CA ILE B 532 13.56 51.89 22.95
C ILE B 532 13.24 52.67 21.70
N LYS B 533 14.27 53.06 20.98
CA LYS B 533 14.13 53.87 19.79
C LYS B 533 14.13 52.91 18.61
N ALA B 534 13.28 53.19 17.62
CA ALA B 534 13.09 52.25 16.52
C ALA B 534 13.65 52.82 15.21
N TYR B 535 14.20 51.95 14.36
CA TYR B 535 14.71 52.41 13.08
C TYR B 535 14.02 51.72 11.92
N HIS B 536 13.24 52.51 11.19
CA HIS B 536 12.31 51.96 10.22
C HIS B 536 12.96 51.74 8.86
N SER B 537 14.16 52.30 8.67
CA SER B 537 14.90 52.25 7.39
C SER B 537 16.41 52.42 7.60
N ASP B 538 17.23 51.86 6.70
CA ASP B 538 18.71 52.07 6.71
C ASP B 538 19.03 53.56 6.77
N GLN B 539 18.39 54.27 5.85
CA GLN B 539 18.44 55.72 5.78
C GLN B 539 18.24 56.36 7.16
N GLU B 540 17.17 55.94 7.83
CA GLU B 540 16.78 56.47 9.12
C GLU B 540 17.83 56.15 10.18
N ALA B 541 18.69 55.19 9.87
CA ALA B 541 19.74 54.76 10.80
C ALA B 541 21.15 55.18 10.32
N ALA B 542 21.21 56.38 9.72
CA ALA B 542 22.37 56.83 8.96
C ALA B 542 23.73 56.82 9.72
N GLY B 543 23.77 57.56 10.83
CA GLY B 543 25.05 57.83 11.52
C GLY B 543 25.47 56.75 12.49
N LEU B 544 24.68 55.69 12.59
CA LEU B 544 24.92 54.59 13.52
C LEU B 544 25.40 53.32 12.80
N VAL B 545 26.12 53.49 11.69
CA VAL B 545 26.40 52.33 10.85
C VAL B 545 27.66 51.64 11.30
N ARG B 546 27.60 50.34 11.61
CA ARG B 546 28.82 49.63 12.00
C ARG B 546 29.13 48.47 11.07
N TYR B 547 30.28 47.84 11.27
CA TYR B 547 30.82 46.92 10.28
C TYR B 547 31.28 45.62 10.89
N THR B 548 31.14 44.52 10.14
CA THR B 548 31.71 43.25 10.54
C THR B 548 33.17 43.27 10.08
N ASN B 549 33.96 42.33 10.56
CA ASN B 549 35.35 42.14 10.12
C ASN B 549 35.34 41.02 9.09
N ASP B 550 36.52 40.60 8.64
CA ASP B 550 36.60 39.67 7.52
C ASP B 550 36.32 38.21 7.87
N ARG B 551 35.98 37.96 9.13
CA ARG B 551 35.52 36.63 9.50
C ARG B 551 34.04 36.65 9.85
N GLY B 552 33.37 37.77 9.56
CA GLY B 552 31.91 37.90 9.67
C GLY B 552 31.39 38.26 11.05
N GLU B 553 32.26 38.85 11.86
CA GLU B 553 31.89 39.12 13.25
C GLU B 553 31.55 40.54 13.51
N LEU B 554 30.42 40.70 14.19
CA LEU B 554 30.05 41.96 14.76
C LEU B 554 30.66 42.04 16.13
N ILE B 555 31.49 43.04 16.39
CA ILE B 555 32.12 43.22 17.70
C ILE B 555 31.47 44.34 18.52
N PHE B 556 31.14 44.04 19.78
CA PHE B 556 30.39 44.97 20.64
C PHE B 556 31.08 45.33 21.96
N THR B 557 30.90 46.58 22.38
CA THR B 557 31.70 47.20 23.45
C THR B 557 30.90 47.77 24.58
N ALA B 558 31.58 48.21 25.64
CA ALA B 558 30.95 49.03 26.66
C ALA B 558 30.31 50.29 26.05
N ALA B 559 30.77 50.71 24.86
CA ALA B 559 30.19 51.88 24.17
C ALA B 559 28.84 51.52 23.58
N ASP B 560 28.58 50.22 23.37
CA ASP B 560 27.32 49.74 22.77
C ASP B 560 26.35 49.17 23.82
N ILE B 561 26.91 48.35 24.71
CA ILE B 561 26.13 47.61 25.72
C ILE B 561 26.30 48.13 27.15
N LYS B 562 25.18 48.47 27.77
CA LYS B 562 25.12 48.64 29.21
C LYS B 562 23.66 48.44 29.61
N GLY B 563 23.45 48.13 30.88
CA GLY B 563 22.09 48.05 31.43
C GLY B 563 21.35 49.37 31.52
N TYR B 564 20.04 49.31 31.31
CA TYR B 564 19.22 50.50 31.51
C TYR B 564 18.06 50.16 32.42
N ALA B 565 17.35 51.17 32.87
CA ALA B 565 16.09 50.92 33.58
C ALA B 565 15.01 51.98 33.26
N ASN B 566 14.05 51.62 32.44
CA ASN B 566 12.94 52.52 32.11
C ASN B 566 11.63 51.70 31.99
N PRO B 567 10.51 52.36 31.68
CA PRO B 567 9.26 51.59 31.60
C PRO B 567 9.33 50.36 30.66
N GLN B 568 10.33 50.32 29.78
CA GLN B 568 10.36 49.28 28.75
C GLN B 568 11.48 48.32 28.98
N VAL B 569 12.62 48.82 29.41
CA VAL B 569 13.76 47.95 29.53
C VAL B 569 14.32 47.91 30.92
N SER B 570 14.77 46.73 31.34
CA SER B 570 15.38 46.45 32.64
C SER B 570 16.52 45.51 32.33
N GLY B 571 17.60 46.08 31.83
CA GLY B 571 18.67 45.34 31.26
C GLY B 571 19.02 46.06 29.99
N TYR B 572 19.13 45.30 28.89
CA TYR B 572 19.58 45.87 27.66
C TYR B 572 19.02 45.13 26.52
N LEU B 573 18.55 45.89 25.54
CA LEU B 573 18.23 45.36 24.20
C LEU B 573 18.84 46.14 23.01
N GLY B 574 19.31 45.37 22.04
CA GLY B 574 19.82 45.92 20.80
C GLY B 574 19.62 44.95 19.65
N VAL B 575 19.12 45.46 18.54
CA VAL B 575 18.95 44.60 17.39
C VAL B 575 19.52 45.22 16.17
N TRP B 576 20.33 44.44 15.45
CA TRP B 576 20.99 44.87 14.24
C TRP B 576 20.69 44.01 13.06
N VAL B 577 20.46 44.66 11.92
CA VAL B 577 20.31 43.96 10.66
C VAL B 577 21.29 44.52 9.63
N PRO B 578 21.55 43.73 8.59
CA PRO B 578 22.42 44.10 7.44
C PRO B 578 21.85 45.23 6.52
N VAL B 579 22.69 46.21 6.18
CA VAL B 579 22.25 47.32 5.31
C VAL B 579 21.98 46.89 3.87
N GLY B 580 20.96 47.51 3.26
CA GLY B 580 20.73 47.32 1.85
C GLY B 580 19.70 46.26 1.50
N ALA B 581 18.90 45.83 2.48
CA ALA B 581 17.78 44.95 2.15
C ALA B 581 16.80 45.65 1.19
N ALA B 582 16.28 44.95 0.18
CA ALA B 582 15.30 45.56 -0.71
C ALA B 582 14.06 46.06 0.08
N ALA B 583 13.47 47.20 -0.33
CA ALA B 583 12.24 47.71 0.31
C ALA B 583 11.21 46.60 0.42
N ASP B 584 10.99 45.91 -0.70
CA ASP B 584 10.05 44.78 -0.79
C ASP B 584 10.65 43.38 -0.52
N GLN B 585 11.82 43.30 0.11
CA GLN B 585 12.43 41.99 0.43
C GLN B 585 11.67 41.08 1.42
N ASP B 586 11.53 39.82 1.06
CA ASP B 586 10.72 38.90 1.87
C ASP B 586 11.26 37.46 1.93
N VAL B 587 11.87 37.15 3.05
CA VAL B 587 12.61 35.91 3.18
C VAL B 587 11.76 34.74 3.66
N ARG B 588 10.45 34.99 3.77
CA ARG B 588 9.52 33.90 4.09
C ARG B 588 9.45 32.86 2.96
N VAL B 589 8.99 31.67 3.32
CA VAL B 589 8.95 30.54 2.39
C VAL B 589 7.62 29.76 2.45
N ALA B 590 7.10 29.39 1.29
CA ALA B 590 5.79 28.70 1.26
C ALA B 590 5.92 27.19 1.58
N ALA B 591 4.89 26.59 2.18
CA ALA B 591 4.89 25.14 2.38
C ALA B 591 4.88 24.51 1.01
N SER B 592 5.49 23.35 0.84
CA SER B 592 5.42 22.76 -0.50
C SER B 592 4.45 21.60 -0.54
N THR B 593 4.11 21.19 -1.76
CA THR B 593 3.11 20.16 -1.99
C THR B 593 3.71 18.75 -1.96
N ALA B 594 5.01 18.66 -1.68
CA ALA B 594 5.71 17.37 -1.58
C ALA B 594 5.04 16.46 -0.57
N PRO B 595 4.96 15.15 -0.86
CA PRO B 595 4.28 14.22 0.06
C PRO B 595 4.97 14.16 1.47
N SER B 596 4.26 13.74 2.51
CA SER B 596 4.84 13.68 3.84
C SER B 596 5.12 12.25 4.18
N THR B 597 6.35 11.90 4.53
CA THR B 597 6.63 10.47 4.76
C THR B 597 6.97 10.03 6.17
N ASP B 598 7.27 10.96 7.07
CA ASP B 598 7.60 10.62 8.47
C ASP B 598 6.40 10.23 9.34
N GLY B 599 5.21 10.11 8.75
CA GLY B 599 3.99 9.89 9.56
C GLY B 599 3.47 11.05 10.44
N LYS B 600 3.98 12.27 10.30
CA LYS B 600 3.49 13.40 11.07
C LYS B 600 2.88 14.40 10.08
N SER B 601 1.87 15.18 10.51
CA SER B 601 1.25 16.12 9.57
C SER B 601 1.99 17.47 9.55
N VAL B 602 2.28 17.95 10.75
CA VAL B 602 2.86 19.26 10.91
C VAL B 602 4.36 19.11 11.10
N HIS B 603 5.15 19.92 10.42
CA HIS B 603 6.62 19.84 10.55
C HIS B 603 7.26 21.18 10.81
N GLN B 604 8.10 21.27 11.81
CA GLN B 604 8.68 22.56 12.07
C GLN B 604 9.83 22.84 11.14
N ASN B 605 9.59 23.58 10.05
CA ASN B 605 10.61 23.84 9.00
C ASN B 605 10.53 25.29 8.47
N ALA B 606 11.37 25.68 7.52
CA ALA B 606 11.37 27.08 7.13
C ALA B 606 9.93 27.54 6.82
N ALA B 607 9.15 26.64 6.24
CA ALA B 607 7.73 26.88 6.00
C ALA B 607 6.94 27.29 7.26
N LEU B 608 6.78 26.36 8.23
CA LEU B 608 6.08 26.62 9.50
C LEU B 608 6.59 27.84 10.24
N ASP B 609 7.92 27.98 10.31
CA ASP B 609 8.59 29.14 10.93
C ASP B 609 8.23 30.47 10.29
N SER B 610 7.76 30.41 9.04
CA SER B 610 7.38 31.60 8.28
C SER B 610 6.11 32.23 8.78
N ARG B 611 5.43 31.52 9.66
CA ARG B 611 4.10 31.92 10.05
C ARG B 611 4.11 32.71 11.33
N VAL B 612 3.01 33.37 11.62
CA VAL B 612 2.91 34.16 12.84
C VAL B 612 1.48 34.15 13.33
N MET B 613 1.30 33.78 14.57
CA MET B 613 -0.01 33.56 15.04
C MET B 613 -0.34 34.79 15.87
N PHE B 614 -1.58 35.24 15.84
CA PHE B 614 -1.95 36.46 16.56
C PHE B 614 -3.17 36.26 17.49
N GLU B 615 -2.98 36.20 18.81
CA GLU B 615 -4.13 36.08 19.70
C GLU B 615 -4.92 37.41 19.68
N GLY B 616 -5.94 37.48 18.84
CA GLY B 616 -6.57 38.76 18.53
C GLY B 616 -7.64 39.24 19.50
N PHE B 617 -7.41 39.10 20.80
CA PHE B 617 -8.41 39.61 21.74
C PHE B 617 -7.83 39.72 23.15
N SER B 618 -8.55 40.39 24.04
CA SER B 618 -8.22 40.43 25.46
C SER B 618 -9.43 40.08 26.31
N ASN B 619 -9.25 39.37 27.40
CA ASN B 619 -10.38 39.15 28.26
C ASN B 619 -11.01 40.51 28.65
N PHE B 620 -10.20 41.56 28.67
CA PHE B 620 -10.48 42.75 29.49
C PHE B 620 -10.87 44.00 28.70
N GLN B 621 -11.12 43.82 27.41
CA GLN B 621 -11.50 44.93 26.52
C GLN B 621 -12.86 45.41 26.90
N ALA B 622 -13.08 46.71 26.71
CA ALA B 622 -14.34 47.41 27.06
C ALA B 622 -15.47 46.96 26.13
N PHE B 623 -16.68 46.82 26.66
CA PHE B 623 -17.84 46.50 25.81
C PHE B 623 -17.97 47.63 24.80
N ALA B 624 -18.33 47.30 23.57
CA ALA B 624 -18.49 48.30 22.51
C ALA B 624 -19.67 49.17 22.87
N THR B 625 -19.62 50.44 22.53
CA THR B 625 -20.69 51.40 22.92
C THR B 625 -21.48 51.79 21.70
N LYS B 626 -21.01 51.33 20.55
CA LYS B 626 -21.71 51.50 19.28
C LYS B 626 -21.15 50.52 18.27
N LYS B 627 -21.99 50.07 17.33
CA LYS B 627 -21.52 49.31 16.17
C LYS B 627 -20.03 49.44 15.74
N GLU B 628 -19.61 50.65 15.41
CA GLU B 628 -18.29 50.91 14.87
C GLU B 628 -17.14 50.31 15.69
N GLU B 629 -17.37 50.15 17.00
CA GLU B 629 -16.33 49.65 17.90
C GLU B 629 -16.29 48.11 18.00
N TYR B 630 -17.28 47.42 17.45
CA TYR B 630 -17.30 45.94 17.46
C TYR B 630 -15.98 45.36 17.02
N THR B 631 -15.40 44.56 17.90
CA THR B 631 -14.17 43.91 17.56
C THR B 631 -14.18 43.36 16.13
N ASN B 632 -15.14 42.49 15.82
CA ASN B 632 -15.11 41.85 14.50
C ASN B 632 -15.30 42.89 13.40
N VAL B 633 -15.86 44.03 13.75
CA VAL B 633 -16.10 45.05 12.74
C VAL B 633 -14.82 45.76 12.48
N VAL B 634 -14.05 45.98 13.54
CA VAL B 634 -12.80 46.73 13.43
C VAL B 634 -11.78 45.82 12.78
N ILE B 635 -11.91 44.52 13.03
CA ILE B 635 -10.91 43.60 12.51
C ILE B 635 -10.89 43.69 11.00
N ALA B 636 -12.07 43.63 10.37
CA ALA B 636 -12.19 43.81 8.92
C ALA B 636 -11.68 45.16 8.44
N LYS B 637 -11.88 46.19 9.22
CA LYS B 637 -11.41 47.48 8.74
C LYS B 637 -9.88 47.55 8.70
N ASN B 638 -9.19 46.79 9.53
CA ASN B 638 -7.74 46.98 9.64
C ASN B 638 -6.98 45.78 9.15
N VAL B 639 -7.64 45.00 8.31
CA VAL B 639 -7.06 43.73 7.87
C VAL B 639 -5.65 43.93 7.23
N ASP B 640 -5.41 45.09 6.66
CA ASP B 640 -4.10 45.33 6.07
C ASP B 640 -2.95 45.35 7.09
N LYS B 641 -3.24 45.83 8.31
CA LYS B 641 -2.21 45.93 9.39
C LYS B 641 -1.72 44.50 9.70
N PHE B 642 -2.65 43.55 9.74
CA PHE B 642 -2.28 42.18 10.05
C PHE B 642 -1.35 41.66 9.00
N ALA B 643 -1.76 41.78 7.74
CA ALA B 643 -0.92 41.32 6.63
C ALA B 643 0.45 41.98 6.74
N GLU B 644 0.45 43.27 7.01
CA GLU B 644 1.69 43.96 7.09
C GLU B 644 2.61 43.30 8.14
N TRP B 645 2.04 42.93 9.28
CA TRP B 645 2.85 42.33 10.33
C TRP B 645 3.23 40.86 10.03
N GLY B 646 2.63 40.29 8.98
CA GLY B 646 2.90 38.93 8.58
C GLY B 646 2.08 37.92 9.34
N VAL B 647 1.00 38.34 9.99
CA VAL B 647 0.18 37.40 10.73
C VAL B 647 -0.29 36.45 9.69
N THR B 648 -0.16 35.16 9.93
CA THR B 648 -0.66 34.19 8.93
C THR B 648 -1.79 33.34 9.52
N ASP B 649 -1.95 33.41 10.84
CA ASP B 649 -3.03 32.72 11.52
C ASP B 649 -3.56 33.66 12.55
N PHE B 650 -4.80 34.08 12.36
CA PHE B 650 -5.43 34.91 13.33
C PHE B 650 -6.22 34.02 14.30
N GLU B 651 -5.83 33.95 15.56
CA GLU B 651 -6.60 33.17 16.52
C GLU B 651 -7.70 34.07 17.05
N MET B 652 -8.96 33.73 16.87
CA MET B 652 -10.02 34.60 17.33
C MET B 652 -10.54 34.21 18.70
N ALA B 653 -11.34 35.10 19.26
CA ALA B 653 -12.01 34.83 20.50
C ALA B 653 -13.05 33.70 20.32
N PRO B 654 -13.32 32.89 21.36
CA PRO B 654 -14.50 32.07 21.15
C PRO B 654 -15.61 33.01 20.74
N GLN B 655 -16.42 32.63 19.78
CA GLN B 655 -17.47 33.56 19.42
C GLN B 655 -18.80 33.16 19.96
N TYR B 656 -18.89 32.14 20.80
CA TYR B 656 -20.20 31.80 21.36
C TYR B 656 -20.80 32.97 22.19
N VAL B 657 -22.09 33.21 22.12
CA VAL B 657 -22.66 34.29 22.90
C VAL B 657 -22.47 33.98 24.39
N SER B 658 -22.19 35.02 25.18
CA SER B 658 -21.73 34.77 26.54
C SER B 658 -22.85 34.65 27.56
N SER B 659 -22.73 33.80 28.57
CA SER B 659 -23.77 33.86 29.63
C SER B 659 -23.44 35.05 30.45
N THR B 660 -24.34 35.37 31.37
CA THR B 660 -24.11 36.58 32.18
C THR B 660 -24.24 36.29 33.67
N ASP B 661 -24.46 35.04 34.05
CA ASP B 661 -24.42 34.64 35.47
C ASP B 661 -23.31 35.33 36.33
N GLY B 662 -22.18 35.74 35.74
CA GLY B 662 -21.14 36.43 36.49
C GLY B 662 -20.48 35.47 37.46
N SER B 663 -20.65 34.16 37.26
CA SER B 663 -20.16 33.16 38.20
C SER B 663 -18.66 32.83 38.08
N PHE B 664 -18.09 33.12 36.91
CA PHE B 664 -16.66 33.07 36.71
C PHE B 664 -16.30 34.27 35.92
N LEU B 665 -15.01 34.55 35.85
CA LEU B 665 -14.48 35.74 35.20
C LEU B 665 -14.99 35.87 33.77
N ASP B 666 -14.84 34.79 33.00
CA ASP B 666 -15.36 34.68 31.64
C ASP B 666 -16.77 35.23 31.51
N SER B 667 -17.64 34.93 32.49
CA SER B 667 -19.09 35.28 32.36
C SER B 667 -19.32 36.66 32.79
N VAL B 668 -18.30 37.31 33.35
CA VAL B 668 -18.42 38.71 33.82
C VAL B 668 -17.94 39.56 32.68
N ILE B 669 -16.84 39.11 32.11
CA ILE B 669 -16.19 39.82 31.07
C ILE B 669 -16.73 39.43 29.69
N GLN B 670 -17.48 38.31 29.64
CA GLN B 670 -18.02 37.82 28.38
C GLN B 670 -16.94 37.67 27.32
N ASN B 671 -15.91 36.89 27.57
CA ASN B 671 -15.00 36.66 26.50
C ASN B 671 -15.57 35.67 25.46
N GLY B 672 -16.45 34.76 25.88
CA GLY B 672 -16.92 33.73 24.97
C GLY B 672 -16.57 32.31 25.44
N TYR B 673 -15.83 32.18 26.54
CA TYR B 673 -15.57 30.85 27.05
C TYR B 673 -16.69 30.34 27.90
N ALA B 674 -17.55 31.28 28.32
CA ALA B 674 -18.72 31.00 29.18
C ALA B 674 -20.01 31.07 28.39
N PHE B 675 -20.56 29.93 27.93
CA PHE B 675 -21.75 29.99 27.06
C PHE B 675 -22.82 28.97 27.36
N THR B 676 -24.01 29.33 26.95
CA THR B 676 -25.14 28.45 27.04
C THR B 676 -25.35 27.70 25.71
N ASP B 677 -25.06 28.39 24.61
CA ASP B 677 -25.28 27.80 23.30
C ASP B 677 -24.06 27.52 22.37
N ARG B 678 -23.62 26.27 22.23
CA ARG B 678 -22.42 26.02 21.44
C ARG B 678 -22.51 26.56 20.03
N TYR B 679 -23.70 26.59 19.45
CA TYR B 679 -23.80 26.89 18.01
C TYR B 679 -24.25 28.30 17.86
N ASP B 680 -24.43 29.00 18.97
CA ASP B 680 -25.06 30.29 18.85
C ASP B 680 -23.97 31.28 18.61
N LEU B 681 -23.41 31.30 17.41
CA LEU B 681 -22.27 32.18 17.14
C LEU B 681 -22.61 33.60 16.82
N GLY B 682 -23.27 34.30 17.73
CA GLY B 682 -23.60 35.71 17.51
C GLY B 682 -24.91 35.80 16.78
N ILE B 683 -25.69 34.73 16.85
CA ILE B 683 -26.86 34.69 16.02
C ILE B 683 -28.08 35.22 16.76
N SER B 684 -28.41 34.64 17.93
CA SER B 684 -29.61 35.08 18.65
C SER B 684 -29.51 36.56 19.02
N LYS B 685 -28.30 36.99 19.43
CA LYS B 685 -27.99 38.36 19.77
C LYS B 685 -26.52 38.52 19.47
N PRO B 686 -26.04 39.76 19.41
CA PRO B 686 -24.59 39.99 19.21
C PRO B 686 -23.72 39.36 20.30
N ASN B 687 -22.48 39.04 19.98
CA ASN B 687 -21.53 38.65 21.02
C ASN B 687 -20.58 39.81 21.37
N LYS B 688 -19.74 39.65 22.39
CA LYS B 688 -18.94 40.81 22.76
C LYS B 688 -18.36 41.46 21.50
N TYR B 689 -18.14 40.62 20.48
CA TYR B 689 -17.25 40.99 19.37
C TYR B 689 -17.99 41.35 18.11
N GLY B 690 -19.29 41.08 18.08
CA GLY B 690 -20.13 41.55 16.98
C GLY B 690 -21.37 40.71 16.80
N THR B 691 -22.09 40.99 15.73
CA THR B 691 -23.25 40.17 15.34
C THR B 691 -22.66 39.10 14.46
N ALA B 692 -23.39 37.98 14.31
CA ALA B 692 -22.91 36.83 13.49
C ALA B 692 -22.51 37.32 12.09
N ASP B 693 -23.30 38.18 11.47
CA ASP B 693 -22.87 38.75 10.19
C ASP B 693 -21.60 39.53 10.25
N ASP B 694 -21.42 40.31 11.32
CA ASP B 694 -20.15 41.01 11.51
C ASP B 694 -19.03 39.96 11.51
N LEU B 695 -19.25 38.81 12.16
CA LEU B 695 -18.21 37.79 12.25
C LEU B 695 -17.89 37.27 10.85
N VAL B 696 -18.94 36.89 10.12
CA VAL B 696 -18.78 36.44 8.76
C VAL B 696 -17.91 37.43 7.98
N LYS B 697 -18.20 38.73 8.04
CA LYS B 697 -17.42 39.68 7.24
C LYS B 697 -15.97 39.75 7.64
N ALA B 698 -15.65 39.64 8.93
CA ALA B 698 -14.22 39.58 9.34
C ALA B 698 -13.53 38.32 8.80
N ILE B 699 -14.11 37.15 9.03
CA ILE B 699 -13.54 35.91 8.51
C ILE B 699 -13.20 36.06 7.05
N LYS B 700 -14.08 36.72 6.30
CA LYS B 700 -13.87 37.01 4.90
C LYS B 700 -12.82 38.08 4.67
N ALA B 701 -12.82 39.14 5.46
CA ALA B 701 -11.75 40.12 5.28
C ALA B 701 -10.38 39.49 5.46
N LEU B 702 -10.22 38.67 6.50
CA LEU B 702 -8.92 38.07 6.77
C LEU B 702 -8.55 37.16 5.62
N HIS B 703 -9.50 36.28 5.23
CA HIS B 703 -9.33 35.36 4.09
C HIS B 703 -8.98 36.15 2.85
N SER B 704 -9.40 37.40 2.84
CA SER B 704 -9.20 38.25 1.67
C SER B 704 -7.73 38.54 1.56
N LYS B 705 -6.97 38.19 2.57
CA LYS B 705 -5.54 38.48 2.55
C LYS B 705 -4.71 37.20 2.74
N GLY B 706 -5.33 36.03 2.77
CA GLY B 706 -4.58 34.81 2.82
C GLY B 706 -4.28 34.37 4.24
N ILE B 707 -4.85 35.09 5.20
CA ILE B 707 -4.69 34.77 6.61
C ILE B 707 -5.70 33.71 6.98
N LYS B 708 -5.25 32.68 7.71
CA LYS B 708 -6.13 31.59 8.23
C LYS B 708 -6.80 32.03 9.51
N VAL B 709 -8.00 31.51 9.75
CA VAL B 709 -8.76 31.98 10.86
C VAL B 709 -9.07 30.82 11.79
N MET B 710 -8.86 30.99 13.08
CA MET B 710 -8.90 29.86 13.99
C MET B 710 -10.11 29.90 14.96
N ALA B 711 -10.76 28.78 15.12
CA ALA B 711 -11.96 28.74 15.90
C ALA B 711 -11.63 28.11 17.27
N ASP B 712 -12.04 28.75 18.37
CA ASP B 712 -11.80 28.18 19.68
C ASP B 712 -12.77 27.02 19.98
N TRP B 713 -12.29 25.79 20.12
CA TRP B 713 -13.17 24.63 20.30
C TRP B 713 -13.16 24.29 21.76
N VAL B 714 -14.32 24.42 22.39
CA VAL B 714 -14.47 24.49 23.81
C VAL B 714 -15.34 23.34 24.31
N PRO B 715 -14.80 22.15 24.31
CA PRO B 715 -15.61 21.03 24.76
C PRO B 715 -15.74 20.88 26.29
N ASP B 716 -15.01 21.64 27.13
CA ASP B 716 -14.94 21.18 28.51
C ASP B 716 -16.20 21.38 29.36
N GLN B 717 -16.92 22.46 29.07
CA GLN B 717 -18.03 22.86 29.93
C GLN B 717 -19.03 23.82 29.30
N MET B 718 -20.15 24.02 30.00
CA MET B 718 -21.19 24.98 29.62
C MET B 718 -21.77 25.70 30.83
N TYR B 719 -22.33 26.86 30.56
CA TYR B 719 -22.77 27.76 31.60
C TYR B 719 -24.26 28.03 31.57
N ALA B 720 -24.86 28.13 32.74
CA ALA B 720 -26.17 28.71 32.84
C ALA B 720 -27.16 27.99 31.98
N LEU B 721 -27.36 26.69 32.18
CA LEU B 721 -28.44 26.10 31.40
C LEU B 721 -29.75 26.59 32.03
N PRO B 722 -30.78 26.91 31.20
CA PRO B 722 -32.05 27.43 31.67
C PRO B 722 -32.98 26.44 32.37
N GLU B 723 -32.84 25.14 32.23
CA GLU B 723 -33.82 24.29 32.89
C GLU B 723 -33.30 23.39 34.00
N LYS B 724 -34.07 23.27 35.09
CA LYS B 724 -33.63 22.48 36.23
C LYS B 724 -33.79 21.02 35.98
N GLU B 725 -33.05 20.21 36.70
CA GLU B 725 -33.16 18.78 36.60
C GLU B 725 -32.79 18.18 37.94
N VAL B 726 -33.29 16.99 38.24
CA VAL B 726 -32.86 16.44 39.49
C VAL B 726 -31.85 15.38 39.18
N VAL B 727 -30.70 15.41 39.86
CA VAL B 727 -29.74 14.33 39.70
C VAL B 727 -29.41 13.71 41.06
N THR B 728 -28.86 12.51 41.06
CA THR B 728 -28.15 12.01 42.22
C THR B 728 -26.73 12.58 42.16
N ALA B 729 -26.31 13.28 43.21
CA ALA B 729 -25.02 13.95 43.20
C ALA B 729 -24.17 13.56 44.41
N THR B 730 -22.87 13.61 44.19
CA THR B 730 -21.94 13.53 45.29
C THR B 730 -20.99 14.71 45.27
N ARG B 731 -20.67 15.21 46.45
CA ARG B 731 -19.69 16.25 46.61
C ARG B 731 -18.24 15.77 46.27
N VAL B 732 -17.53 16.47 45.40
CA VAL B 732 -16.22 15.96 45.01
C VAL B 732 -15.17 17.05 44.81
N ASP B 733 -13.91 16.65 44.69
CA ASP B 733 -12.85 17.61 44.42
C ASP B 733 -12.60 17.68 42.90
N LYS B 734 -11.68 18.56 42.49
CA LYS B 734 -11.21 18.65 41.11
C LYS B 734 -11.30 17.33 40.40
N TYR B 735 -10.87 16.23 41.08
CA TYR B 735 -10.60 14.94 40.40
C TYR B 735 -11.82 14.04 40.44
N GLY B 736 -12.88 14.55 41.07
CA GLY B 736 -14.05 13.74 41.25
C GLY B 736 -13.95 12.77 42.43
N THR B 737 -12.97 12.94 43.30
CA THR B 737 -12.96 12.14 44.50
C THR B 737 -13.95 12.70 45.48
N PRO B 738 -14.81 11.83 46.01
CA PRO B 738 -15.74 12.30 47.01
C PRO B 738 -15.04 12.89 48.23
N VAL B 739 -15.30 14.19 48.44
CA VAL B 739 -14.87 14.96 49.62
C VAL B 739 -15.21 14.30 50.95
N ALA B 740 -14.19 14.11 51.78
CA ALA B 740 -14.37 13.52 53.10
C ALA B 740 -15.16 14.49 53.96
N GLY B 741 -16.17 13.97 54.66
CA GLY B 741 -16.86 14.80 55.64
C GLY B 741 -17.94 15.71 55.08
N SER B 742 -18.26 15.61 53.78
CA SER B 742 -19.43 16.35 53.31
C SER B 742 -20.66 15.44 53.44
N GLN B 743 -21.84 16.04 53.46
CA GLN B 743 -23.11 15.31 53.63
C GLN B 743 -23.83 15.03 52.31
N ILE B 744 -23.42 15.72 51.24
CA ILE B 744 -24.01 15.46 49.95
C ILE B 744 -23.32 14.28 49.29
N LYS B 745 -23.83 13.10 49.61
CA LYS B 745 -23.24 11.90 49.06
C LYS B 745 -24.36 11.05 48.48
N ASN B 746 -24.37 10.86 47.15
CA ASN B 746 -25.47 10.15 46.48
C ASN B 746 -26.84 10.73 46.74
N THR B 747 -26.96 12.04 46.81
CA THR B 747 -28.20 12.59 47.32
C THR B 747 -28.80 13.45 46.25
N LEU B 748 -30.13 13.48 46.21
CA LEU B 748 -30.86 14.28 45.22
C LEU B 748 -30.50 15.76 45.30
N TYR B 749 -30.33 16.37 44.15
CA TYR B 749 -29.87 17.73 44.11
C TYR B 749 -30.35 18.34 42.76
N VAL B 750 -30.76 19.60 42.81
CA VAL B 750 -31.39 20.25 41.68
C VAL B 750 -30.42 21.19 41.00
N VAL B 751 -29.96 20.74 39.85
CA VAL B 751 -28.99 21.47 39.08
C VAL B 751 -29.71 22.23 37.99
N ASP B 752 -29.02 23.18 37.39
CA ASP B 752 -29.53 23.89 36.23
C ASP B 752 -28.86 23.20 35.10
N GLY B 753 -29.50 22.17 34.58
CA GLY B 753 -28.76 21.28 33.74
C GLY B 753 -29.28 20.93 32.39
N LYS B 754 -30.35 21.61 31.98
CA LYS B 754 -31.02 21.37 30.69
C LYS B 754 -31.06 22.62 29.79
N SER B 755 -30.66 22.43 28.53
CA SER B 755 -30.65 23.51 27.54
C SER B 755 -32.08 23.72 27.17
N SER B 756 -32.32 24.76 26.39
CA SER B 756 -33.71 25.14 26.19
C SER B 756 -34.40 24.17 25.30
N GLY B 757 -33.68 23.45 24.49
CA GLY B 757 -34.31 22.56 23.54
C GLY B 757 -35.00 23.35 22.44
N LYS B 758 -34.89 24.67 22.42
CA LYS B 758 -35.30 25.39 21.23
C LYS B 758 -34.27 26.50 20.82
N ASP B 759 -33.00 26.27 21.16
CA ASP B 759 -31.87 27.14 20.82
C ASP B 759 -31.22 26.75 19.49
N GLN B 760 -30.03 27.27 19.25
CA GLN B 760 -29.17 26.76 18.17
C GLN B 760 -28.82 25.29 18.35
N GLN B 761 -28.37 24.91 19.53
CA GLN B 761 -28.03 23.53 19.71
C GLN B 761 -29.22 22.70 19.19
N ALA B 762 -30.44 23.23 19.33
CA ALA B 762 -31.58 22.38 18.99
C ALA B 762 -31.67 22.27 17.50
N LYS B 763 -31.26 23.32 16.82
CA LYS B 763 -31.21 23.32 15.38
C LYS B 763 -30.07 22.49 14.73
N TYR B 764 -28.81 22.64 15.15
CA TYR B 764 -27.71 21.85 14.57
C TYR B 764 -27.22 20.61 15.24
N GLY B 765 -27.57 20.40 16.49
CA GLY B 765 -26.98 19.30 17.24
C GLY B 765 -27.15 18.03 16.42
N GLY B 766 -26.06 17.27 16.32
CA GLY B 766 -26.11 16.05 15.56
C GLY B 766 -26.51 16.18 14.09
N ALA B 767 -26.58 17.38 13.54
CA ALA B 767 -27.19 17.60 12.22
C ALA B 767 -26.32 17.16 11.12
N PHE B 768 -25.02 17.24 11.28
CA PHE B 768 -24.14 16.76 10.18
C PHE B 768 -23.57 15.37 10.38
N LEU B 769 -24.03 14.63 11.37
CA LEU B 769 -23.52 13.31 11.60
C LEU B 769 -23.72 12.40 10.37
N GLU B 770 -24.79 12.62 9.62
CA GLU B 770 -25.04 11.74 8.48
C GLU B 770 -24.10 12.02 7.35
N GLU B 771 -23.76 13.28 7.14
CA GLU B 771 -22.76 13.66 6.19
C GLU B 771 -21.39 13.22 6.65
N LEU B 772 -21.13 13.31 7.92
CA LEU B 772 -19.82 12.96 8.38
C LEU B 772 -19.63 11.49 8.23
N GLN B 773 -20.68 10.76 8.54
CA GLN B 773 -20.63 9.31 8.58
C GLN B 773 -20.49 8.79 7.16
N ALA B 774 -21.05 9.55 6.23
CA ALA B 774 -21.06 9.22 4.81
C ALA B 774 -19.75 9.44 4.13
N LYS B 775 -19.13 10.61 4.30
CA LYS B 775 -17.81 10.86 3.73
C LYS B 775 -16.59 10.34 4.48
N TYR B 776 -16.64 10.21 5.79
CA TYR B 776 -15.44 9.77 6.51
C TYR B 776 -15.77 8.61 7.40
N PRO B 777 -16.20 7.51 6.81
CA PRO B 777 -16.60 6.42 7.70
C PRO B 777 -15.48 5.97 8.70
N GLU B 778 -14.20 6.14 8.32
CA GLU B 778 -13.15 5.72 9.19
C GLU B 778 -13.30 6.31 10.59
N LEU B 779 -13.52 7.62 10.69
CA LEU B 779 -13.82 8.28 11.96
C LEU B 779 -14.72 7.49 12.90
N PHE B 780 -15.75 6.81 12.37
CA PHE B 780 -16.65 6.03 13.20
C PHE B 780 -16.23 4.58 13.45
N ALA B 781 -15.03 4.24 12.95
CA ALA B 781 -14.44 2.89 13.03
C ALA B 781 -13.44 2.84 14.19
N ARG B 782 -12.92 3.99 14.56
CA ARG B 782 -11.93 3.99 15.58
C ARG B 782 -12.56 3.68 16.93
N LYS B 783 -11.97 2.74 17.65
CA LYS B 783 -12.32 2.51 19.06
C LYS B 783 -11.49 3.46 19.92
N GLN B 784 -12.14 4.47 20.49
CA GLN B 784 -11.48 5.51 21.26
C GLN B 784 -10.73 4.93 22.42
N ILE B 785 -9.62 5.55 22.77
CA ILE B 785 -8.79 4.91 23.76
C ILE B 785 -9.48 4.73 25.09
N SER B 786 -10.17 5.73 25.60
CA SER B 786 -10.59 5.67 26.96
C SER B 786 -11.84 4.83 27.09
N THR B 787 -12.62 4.77 26.04
CA THR B 787 -13.83 3.96 26.12
C THR B 787 -13.63 2.57 25.59
N GLY B 788 -12.70 2.43 24.65
CA GLY B 788 -12.48 1.16 23.98
C GLY B 788 -13.54 0.93 22.90
N VAL B 789 -14.45 1.88 22.75
CA VAL B 789 -15.53 1.81 21.77
C VAL B 789 -15.57 3.03 20.83
N PRO B 790 -16.32 2.94 19.70
CA PRO B 790 -16.31 4.03 18.74
C PRO B 790 -17.27 5.04 19.14
N MET B 791 -17.19 6.20 18.52
CA MET B 791 -18.17 7.23 18.76
C MET B 791 -19.53 6.72 18.34
N ASP B 792 -20.57 7.36 18.85
CA ASP B 792 -21.91 6.87 18.61
C ASP B 792 -22.76 8.00 18.13
N PRO B 793 -22.98 8.07 16.82
CA PRO B 793 -23.86 9.05 16.23
C PRO B 793 -25.28 8.52 16.09
N SER B 794 -25.60 7.37 16.69
CA SER B 794 -26.97 6.84 16.54
C SER B 794 -28.00 7.84 17.13
N VAL B 795 -27.64 8.53 18.20
CA VAL B 795 -28.55 9.49 18.80
C VAL B 795 -27.95 10.89 18.67
N LYS B 796 -28.76 11.90 18.44
CA LYS B 796 -28.16 13.22 18.40
C LYS B 796 -28.59 14.23 19.47
N ILE B 797 -27.65 15.06 19.93
CA ILE B 797 -27.92 15.89 21.10
C ILE B 797 -28.62 17.19 20.70
N LYS B 798 -29.96 17.15 20.71
CA LYS B 798 -30.84 18.32 20.44
C LYS B 798 -31.05 19.21 21.64
N GLN B 799 -31.07 18.62 22.83
CA GLN B 799 -31.02 19.40 24.07
C GLN B 799 -30.14 18.73 25.13
N TRP B 800 -29.32 19.54 25.79
CA TRP B 800 -28.41 19.07 26.81
C TRP B 800 -29.15 18.70 28.11
N SER B 801 -28.63 17.69 28.80
CA SER B 801 -29.30 17.16 29.96
C SER B 801 -28.27 16.44 30.85
N ALA B 802 -28.56 16.31 32.12
CA ALA B 802 -27.66 15.69 33.04
C ALA B 802 -26.93 14.36 32.61
N LYS B 803 -27.48 13.64 31.65
CA LYS B 803 -26.83 12.40 31.25
C LYS B 803 -25.54 12.62 30.44
N TYR B 804 -25.43 13.83 29.90
CA TYR B 804 -24.32 14.23 29.08
C TYR B 804 -23.30 14.97 29.95
N PHE B 805 -23.52 15.01 31.27
CA PHE B 805 -22.53 15.65 32.12
C PHE B 805 -21.89 14.82 33.22
N ASN B 806 -20.69 15.23 33.57
CA ASN B 806 -19.96 14.63 34.64
C ASN B 806 -20.52 15.19 35.93
N GLY B 807 -20.99 16.41 35.85
CA GLY B 807 -21.44 17.09 37.02
C GLY B 807 -21.25 18.59 36.91
N THR B 808 -21.31 19.25 38.04
CA THR B 808 -21.38 20.71 38.09
C THR B 808 -20.63 21.26 39.30
N ASN B 809 -20.28 22.52 39.21
CA ASN B 809 -19.88 23.27 40.40
C ASN B 809 -21.08 23.42 41.39
N ILE B 810 -20.78 23.55 42.69
CA ILE B 810 -21.84 23.60 43.70
C ILE B 810 -22.65 24.86 43.42
N LEU B 811 -23.97 24.87 43.69
CA LEU B 811 -24.81 26.01 43.30
C LEU B 811 -25.44 26.71 44.46
N GLY B 812 -25.18 26.18 45.65
CA GLY B 812 -25.61 26.82 46.87
C GLY B 812 -27.10 26.70 47.07
N ARG B 813 -27.64 25.50 46.83
CA ARG B 813 -29.06 25.29 47.01
C ARG B 813 -29.33 24.41 48.20
N GLY B 814 -28.38 23.53 48.51
CA GLY B 814 -28.40 22.79 49.78
C GLY B 814 -28.26 21.30 49.58
N ALA B 815 -28.18 20.52 50.66
CA ALA B 815 -28.21 19.05 50.51
C ALA B 815 -29.61 18.50 50.77
N GLY B 816 -30.45 19.33 51.42
CA GLY B 816 -31.85 18.99 51.64
C GLY B 816 -32.81 19.87 50.84
N TYR B 817 -32.35 20.48 49.75
CA TYR B 817 -33.25 21.26 48.87
C TYR B 817 -34.41 20.43 48.38
N VAL B 818 -34.12 19.17 48.04
CA VAL B 818 -35.14 18.27 47.56
C VAL B 818 -35.79 17.56 48.74
N LEU B 819 -37.09 17.78 48.95
CA LEU B 819 -37.82 17.37 50.14
C LEU B 819 -38.02 15.87 50.45
N LYS B 820 -37.63 15.51 51.68
CA LYS B 820 -37.66 14.16 52.25
C LYS B 820 -38.71 14.13 53.32
N ASP B 821 -39.09 12.91 53.73
CA ASP B 821 -39.89 12.71 54.95
C ASP B 821 -38.99 12.17 56.03
N GLN B 822 -38.86 12.97 57.08
CA GLN B 822 -37.83 12.72 58.08
C GLN B 822 -38.03 11.42 58.83
N ALA B 823 -39.27 11.11 59.16
CA ALA B 823 -39.55 9.80 59.74
C ALA B 823 -38.94 8.76 58.78
N THR B 824 -39.62 8.54 57.67
CA THR B 824 -39.30 7.41 56.81
C THR B 824 -37.96 7.52 56.09
N ASN B 825 -37.38 8.73 56.03
CA ASN B 825 -36.19 9.06 55.17
C ASN B 825 -36.30 8.70 53.70
N THR B 826 -37.33 9.22 53.05
CA THR B 826 -37.67 8.86 51.69
C THR B 826 -38.02 10.14 50.96
N TYR B 827 -37.44 10.37 49.80
CA TYR B 827 -37.83 11.55 49.06
C TYR B 827 -39.31 11.51 48.75
N PHE B 828 -40.01 12.63 48.88
CA PHE B 828 -41.36 12.74 48.36
C PHE B 828 -41.22 12.76 46.85
N SER B 829 -42.25 12.23 46.16
CA SER B 829 -42.26 12.00 44.69
C SER B 829 -43.66 12.03 44.09
N LEU B 830 -43.78 12.56 42.87
CA LEU B 830 -45.08 12.62 42.18
C LEU B 830 -45.26 11.70 40.97
N VAL B 831 -44.59 10.54 40.97
CA VAL B 831 -44.75 9.60 39.87
C VAL B 831 -46.13 8.96 40.16
N SER B 832 -46.90 8.57 39.12
CA SER B 832 -48.35 8.27 39.30
C SER B 832 -48.74 6.90 39.87
N ASP B 833 -47.80 5.94 39.86
CA ASP B 833 -48.05 4.61 40.45
C ASP B 833 -47.26 4.61 41.74
N ASN B 834 -46.28 5.48 41.78
CA ASN B 834 -45.46 5.61 42.95
C ASN B 834 -45.71 6.89 43.83
N THR B 835 -46.79 7.62 43.59
CA THR B 835 -46.98 8.93 44.25
C THR B 835 -46.64 8.87 45.75
N PHE B 836 -45.91 9.87 46.26
CA PHE B 836 -45.57 9.90 47.68
C PHE B 836 -45.55 11.32 48.18
N LEU B 837 -46.24 11.61 49.29
CA LEU B 837 -46.37 12.99 49.80
C LEU B 837 -46.52 13.11 51.33
N PRO B 838 -46.15 14.28 51.89
CA PRO B 838 -46.22 14.54 53.30
C PRO B 838 -47.61 14.24 53.81
N LYS B 839 -47.67 13.48 54.89
CA LYS B 839 -48.93 13.09 55.48
C LYS B 839 -49.89 14.27 55.50
N SER B 840 -49.42 15.40 56.04
CA SER B 840 -50.28 16.55 56.25
C SER B 840 -51.10 16.93 54.99
N LEU B 841 -50.39 17.21 53.89
CA LEU B 841 -51.00 17.70 52.63
C LEU B 841 -51.92 16.75 51.84
N VAL B 842 -51.91 15.46 52.22
CA VAL B 842 -52.82 14.46 51.63
C VAL B 842 -53.92 13.89 52.57
N ASN B 843 -53.56 13.41 53.76
CA ASN B 843 -54.60 12.82 54.58
C ASN B 843 -54.85 13.44 55.99
N PRO B 844 -55.55 14.59 56.00
CA PRO B 844 -56.26 15.23 57.12
C PRO B 844 -57.80 15.20 56.91
N SER C 1 100.09 15.84 -56.69
CA SER C 1 99.19 16.74 -55.85
C SER C 1 97.99 17.24 -56.70
N PHE C 2 96.88 16.62 -56.36
CA PHE C 2 95.60 16.97 -56.85
C PHE C 2 95.29 18.29 -56.15
N ALA C 3 96.17 18.72 -55.26
CA ALA C 3 95.69 19.74 -54.34
C ALA C 3 95.31 20.96 -55.16
N GLN C 4 96.09 21.26 -56.18
CA GLN C 4 95.74 22.38 -57.00
C GLN C 4 94.31 22.32 -57.55
N TYR C 5 93.85 21.12 -57.90
CA TYR C 5 92.66 20.95 -58.72
C TYR C 5 91.48 20.77 -57.83
N ASN C 6 91.74 20.09 -56.73
CA ASN C 6 90.74 19.83 -55.76
C ASN C 6 90.46 21.05 -54.96
N GLN C 7 91.04 22.18 -55.30
CA GLN C 7 90.84 23.31 -54.45
C GLN C 7 89.45 23.88 -54.77
N VAL C 8 88.96 24.73 -53.89
CA VAL C 8 87.59 25.15 -53.97
C VAL C 8 87.47 26.03 -55.21
N TYR C 9 86.27 26.04 -55.77
CA TYR C 9 86.07 26.75 -57.04
C TYR C 9 86.09 28.27 -56.86
N SER C 10 85.42 28.76 -55.82
CA SER C 10 85.53 30.14 -55.37
C SER C 10 85.03 30.04 -53.96
N THR C 11 85.20 31.09 -53.19
CA THR C 11 84.82 30.98 -51.80
C THR C 11 83.39 31.47 -51.55
N ASP C 12 82.57 31.55 -52.59
CA ASP C 12 81.12 31.88 -52.36
C ASP C 12 80.45 30.81 -51.58
N ALA C 13 79.52 31.20 -50.71
CA ALA C 13 78.73 30.19 -50.00
C ALA C 13 78.03 29.28 -51.02
N ALA C 14 77.67 29.84 -52.16
CA ALA C 14 77.03 29.06 -53.23
C ALA C 14 77.87 27.85 -53.61
N ASN C 15 79.15 27.89 -53.26
CA ASN C 15 80.04 26.79 -53.58
C ASN C 15 80.09 25.56 -52.63
N PHE C 16 79.35 25.58 -51.52
CA PHE C 16 79.42 24.52 -50.52
C PHE C 16 78.05 24.25 -50.00
N GLU C 17 77.82 23.03 -49.56
CA GLU C 17 76.60 22.77 -48.85
C GLU C 17 76.80 23.11 -47.39
N HIS C 18 76.25 24.23 -46.95
CA HIS C 18 76.50 24.72 -45.63
C HIS C 18 75.18 24.82 -44.92
N VAL C 19 75.21 25.04 -43.61
CA VAL C 19 74.00 25.21 -42.83
C VAL C 19 74.29 26.47 -42.02
N ASP C 20 73.54 27.53 -42.29
CA ASP C 20 73.85 28.85 -41.70
C ASP C 20 75.35 29.25 -41.89
N HIS C 21 75.85 29.12 -43.10
CA HIS C 21 77.27 29.35 -43.43
C HIS C 21 78.33 28.56 -42.64
N TYR C 22 77.92 27.44 -42.03
CA TYR C 22 78.91 26.54 -41.44
C TYR C 22 79.10 25.31 -42.29
N LEU C 23 80.26 24.67 -42.13
CA LEU C 23 80.47 23.41 -42.79
C LEU C 23 80.24 22.22 -41.85
N THR C 24 79.76 21.11 -42.41
CA THR C 24 79.58 19.87 -41.64
C THR C 24 80.33 18.68 -42.27
N ALA C 25 80.51 17.62 -41.47
CA ALA C 25 81.24 16.43 -41.89
C ALA C 25 80.62 15.93 -43.18
N GLU C 26 79.36 16.23 -43.37
CA GLU C 26 78.65 15.73 -44.51
C GLU C 26 78.58 16.69 -45.68
N SER C 27 79.19 17.86 -45.54
CA SER C 27 79.13 18.84 -46.60
C SER C 27 79.81 18.37 -47.85
N TRP C 28 79.24 18.69 -48.99
CA TRP C 28 79.89 18.52 -50.29
C TRP C 28 80.16 19.90 -50.84
N TYR C 29 81.05 20.00 -51.83
CA TYR C 29 81.49 21.30 -52.36
C TYR C 29 81.94 21.23 -53.81
N ARG C 30 82.23 22.39 -54.36
CA ARG C 30 82.61 22.49 -55.77
C ARG C 30 84.09 22.78 -56.02
N PRO C 31 84.82 21.79 -56.55
CA PRO C 31 86.26 21.93 -56.85
C PRO C 31 86.52 22.65 -58.14
N LYS C 32 87.69 23.21 -58.31
CA LYS C 32 87.99 23.83 -59.58
C LYS C 32 87.83 22.82 -60.69
N TYR C 33 88.43 21.63 -60.51
CA TYR C 33 88.32 20.52 -61.48
C TYR C 33 87.84 19.16 -60.96
N ILE C 34 87.54 18.27 -61.89
CA ILE C 34 87.08 16.94 -61.56
C ILE C 34 87.95 16.06 -62.37
N LEU C 35 88.36 14.95 -61.78
CA LEU C 35 89.11 13.96 -62.54
C LEU C 35 88.06 13.05 -63.21
N LYS C 36 87.69 13.43 -64.42
CA LYS C 36 86.57 12.79 -65.08
C LYS C 36 86.87 11.36 -65.44
N ASP C 37 85.98 10.52 -64.92
CA ASP C 37 86.09 9.10 -65.12
C ASP C 37 87.50 8.69 -64.67
N GLY C 38 87.95 9.27 -63.56
CA GLY C 38 89.34 9.11 -63.18
C GLY C 38 90.44 9.20 -64.23
N LYS C 39 90.21 9.86 -65.37
CA LYS C 39 91.32 10.04 -66.34
C LYS C 39 91.71 11.47 -66.61
N THR C 40 90.72 12.35 -66.70
CA THR C 40 90.98 13.72 -67.17
C THR C 40 90.42 14.86 -66.37
N TRP C 41 91.32 15.76 -65.99
CA TRP C 41 90.98 16.93 -65.20
C TRP C 41 90.20 17.88 -66.07
N THR C 42 89.03 18.24 -65.60
CA THR C 42 88.13 19.09 -66.35
C THR C 42 87.47 20.06 -65.38
N GLN C 43 87.24 21.30 -65.83
CA GLN C 43 86.63 22.32 -64.94
C GLN C 43 85.28 21.84 -64.51
N SER C 44 84.95 22.09 -63.27
CA SER C 44 83.70 21.57 -62.78
C SER C 44 82.60 22.33 -63.48
N THR C 45 81.42 21.76 -63.50
CA THR C 45 80.26 22.59 -63.72
C THR C 45 79.58 22.71 -62.34
N GLU C 46 78.53 23.52 -62.29
CA GLU C 46 77.77 23.80 -61.10
C GLU C 46 77.30 22.47 -60.60
N LYS C 47 77.25 21.53 -61.55
CA LYS C 47 76.70 20.20 -61.32
C LYS C 47 77.60 19.28 -60.48
N ASP C 48 78.92 19.48 -60.58
CA ASP C 48 79.93 18.60 -59.99
C ASP C 48 80.36 18.81 -58.52
N PHE C 49 79.45 18.73 -57.54
CA PHE C 49 79.82 18.77 -56.13
C PHE C 49 80.46 17.43 -55.71
N ARG C 50 81.50 17.44 -54.87
CA ARG C 50 82.11 16.22 -54.34
C ARG C 50 82.12 16.42 -52.88
N PRO C 51 82.36 15.37 -52.14
CA PRO C 51 82.38 15.54 -50.67
C PRO C 51 83.63 16.28 -50.17
N LEU C 52 83.53 17.09 -49.13
CA LEU C 52 84.76 17.61 -48.52
C LEU C 52 85.67 16.50 -48.14
N LEU C 53 85.14 15.45 -47.51
CA LEU C 53 85.95 14.36 -47.01
C LEU C 53 86.70 13.61 -48.11
N MET C 54 86.45 13.93 -49.34
CA MET C 54 87.14 13.23 -50.37
C MET C 54 88.53 13.77 -50.46
N THR C 55 88.73 15.00 -49.97
CA THR C 55 89.97 15.74 -50.19
C THR C 55 90.48 16.52 -49.00
N TRP C 56 89.75 16.53 -47.90
CA TRP C 56 90.22 17.19 -46.68
C TRP C 56 89.84 16.30 -45.47
N TRP C 57 90.66 16.30 -44.41
CA TRP C 57 90.28 15.60 -43.15
C TRP C 57 90.64 16.47 -41.95
N PRO C 58 89.88 16.35 -40.88
CA PRO C 58 90.09 17.16 -39.68
C PRO C 58 91.40 16.81 -39.03
N ASP C 59 91.88 15.58 -39.14
CA ASP C 59 93.25 15.27 -38.77
C ASP C 59 93.77 14.01 -39.45
N GLN C 60 95.04 13.74 -39.24
CA GLN C 60 95.65 12.63 -39.92
C GLN C 60 94.91 11.36 -39.57
N GLU C 61 94.40 11.25 -38.35
CA GLU C 61 93.83 10.00 -37.89
C GLU C 61 92.48 9.75 -38.54
N THR C 62 91.78 10.80 -38.94
CA THR C 62 90.51 10.63 -39.58
C THR C 62 90.80 10.37 -41.03
N GLN C 63 91.82 11.00 -41.57
CA GLN C 63 92.22 10.65 -42.91
C GLN C 63 92.52 9.16 -42.98
N ARG C 64 93.23 8.63 -42.00
CA ARG C 64 93.59 7.24 -42.03
C ARG C 64 92.39 6.35 -41.98
N GLN C 65 91.38 6.71 -41.22
CA GLN C 65 90.19 5.89 -41.12
C GLN C 65 89.40 5.91 -42.39
N TYR C 66 89.35 7.07 -43.03
CA TYR C 66 88.59 7.30 -44.25
C TYR C 66 89.21 6.40 -45.30
N VAL C 67 90.52 6.46 -45.45
CA VAL C 67 91.20 5.64 -46.44
C VAL C 67 90.89 4.15 -46.24
N ASN C 68 90.97 3.71 -45.00
CA ASN C 68 90.73 2.31 -44.72
C ASN C 68 89.31 1.94 -45.04
N TYR C 69 88.37 2.78 -44.64
CA TYR C 69 86.95 2.52 -44.85
C TYR C 69 86.53 2.50 -46.29
N MET C 70 87.10 3.41 -47.08
CA MET C 70 86.82 3.46 -48.49
C MET C 70 87.60 2.42 -49.22
N ASN C 71 88.80 2.05 -48.78
CA ASN C 71 89.43 1.00 -49.55
C ASN C 71 88.50 -0.21 -49.46
N ALA C 72 87.83 -0.35 -48.32
CA ALA C 72 86.86 -1.43 -48.10
C ALA C 72 85.77 -1.41 -49.16
N GLN C 73 84.79 -0.51 -49.00
CA GLN C 73 83.83 -0.20 -50.07
C GLN C 73 84.29 -0.29 -51.52
N LEU C 74 85.48 0.13 -51.89
CA LEU C 74 85.73 0.12 -53.30
C LEU C 74 86.51 -1.13 -53.61
N GLY C 75 86.53 -2.06 -52.64
CA GLY C 75 87.43 -3.22 -52.75
C GLY C 75 88.90 -2.99 -53.10
N ILE C 76 89.49 -1.87 -52.74
CA ILE C 76 90.90 -1.83 -52.87
C ILE C 76 91.23 -2.55 -51.62
N HIS C 77 92.35 -3.22 -51.55
CA HIS C 77 92.64 -3.82 -50.29
C HIS C 77 94.07 -3.78 -49.89
N GLN C 78 94.48 -2.66 -49.33
CA GLN C 78 95.58 -2.63 -48.43
C GLN C 78 94.94 -2.03 -47.23
N THR C 79 95.67 -1.97 -46.14
CA THR C 79 95.20 -1.31 -44.93
C THR C 79 96.40 -0.59 -44.30
N TYR C 80 96.08 0.53 -43.66
CA TYR C 80 97.08 1.40 -43.15
C TYR C 80 96.90 1.47 -41.69
N ASN C 81 97.94 1.14 -40.95
CA ASN C 81 97.83 1.23 -39.52
C ASN C 81 98.51 2.50 -39.09
N THR C 82 98.42 2.78 -37.79
CA THR C 82 98.75 4.07 -37.25
C THR C 82 100.16 4.55 -37.55
N ALA C 83 101.07 3.64 -37.90
CA ALA C 83 102.43 4.05 -38.17
C ALA C 83 102.66 4.63 -39.58
N THR C 84 101.59 4.69 -40.35
CA THR C 84 101.68 5.02 -41.73
C THR C 84 102.12 6.45 -41.89
N SER C 85 102.94 6.76 -42.90
CA SER C 85 103.34 8.14 -43.11
C SER C 85 102.18 8.98 -43.64
N PRO C 86 102.28 10.30 -43.53
CA PRO C 86 101.32 11.16 -44.21
C PRO C 86 101.36 10.96 -45.73
N LEU C 87 102.54 10.75 -46.30
CA LEU C 87 102.65 10.58 -47.73
C LEU C 87 101.74 9.47 -48.19
N GLN C 88 101.93 8.32 -47.62
CA GLN C 88 101.15 7.17 -48.00
C GLN C 88 99.67 7.40 -47.90
N LEU C 89 99.20 8.08 -46.87
CA LEU C 89 97.76 8.27 -46.69
C LEU C 89 97.26 9.23 -47.72
N ASN C 90 98.07 10.19 -48.10
CA ASN C 90 97.69 11.11 -49.16
C ASN C 90 97.63 10.48 -50.52
N LEU C 91 98.57 9.60 -50.85
CA LEU C 91 98.46 8.88 -52.07
C LEU C 91 97.26 7.96 -51.97
N ALA C 92 97.07 7.28 -50.87
CA ALA C 92 95.97 6.35 -50.83
C ALA C 92 94.64 7.05 -51.06
N ALA C 93 94.55 8.32 -50.68
CA ALA C 93 93.36 9.11 -50.84
C ALA C 93 93.17 9.52 -52.28
N GLN C 94 94.28 9.72 -52.97
CA GLN C 94 94.20 10.08 -54.34
C GLN C 94 93.80 8.87 -55.16
N THR C 95 94.44 7.75 -54.94
CA THR C 95 93.94 6.53 -55.54
C THR C 95 92.42 6.31 -55.35
N ILE C 96 91.89 6.56 -54.17
CA ILE C 96 90.46 6.45 -53.91
C ILE C 96 89.67 7.46 -54.73
N GLN C 97 90.17 8.67 -54.82
CA GLN C 97 89.41 9.65 -55.53
C GLN C 97 89.32 9.13 -56.95
N THR C 98 90.41 8.66 -57.49
CA THR C 98 90.40 8.16 -58.85
C THR C 98 89.30 7.14 -59.04
N LYS C 99 89.17 6.24 -58.08
CA LYS C 99 88.30 5.09 -58.17
C LYS C 99 86.89 5.58 -57.97
N ILE C 100 86.75 6.64 -57.18
CA ILE C 100 85.46 7.26 -56.95
C ILE C 100 84.95 7.89 -58.23
N GLU C 101 85.81 8.63 -58.93
CA GLU C 101 85.47 9.24 -60.23
C GLU C 101 85.05 8.22 -61.28
N GLU C 102 85.81 7.14 -61.44
CA GLU C 102 85.43 6.03 -62.33
C GLU C 102 84.07 5.46 -61.97
N LYS C 103 83.84 5.14 -60.71
CA LYS C 103 82.55 4.61 -60.36
C LYS C 103 81.46 5.66 -60.68
N ILE C 104 81.76 6.97 -60.64
CA ILE C 104 80.68 7.98 -60.82
C ILE C 104 80.32 7.93 -62.30
N THR C 105 81.34 8.05 -63.13
CA THR C 105 81.16 7.85 -64.55
C THR C 105 80.30 6.62 -64.81
N ALA C 106 80.68 5.48 -64.24
CA ALA C 106 80.08 4.19 -64.59
C ALA C 106 78.65 4.03 -64.07
N GLU C 107 78.29 4.68 -62.99
CA GLU C 107 76.92 4.56 -62.54
C GLU C 107 76.11 5.78 -62.79
N LYS C 108 76.66 6.68 -63.59
CA LYS C 108 75.92 7.85 -64.03
C LYS C 108 75.21 8.59 -62.89
N ASN C 109 75.56 8.26 -61.65
CA ASN C 109 75.11 9.09 -60.53
C ASN C 109 76.24 9.20 -59.47
N THR C 110 75.88 9.78 -58.32
CA THR C 110 76.82 10.13 -57.29
C THR C 110 76.11 9.86 -55.94
N ASN C 111 74.94 9.21 -56.02
CA ASN C 111 74.12 8.89 -54.86
C ASN C 111 74.70 7.84 -53.98
N TRP C 112 75.37 6.91 -54.61
CA TRP C 112 76.00 5.88 -53.85
C TRP C 112 77.07 6.50 -52.92
N LEU C 113 77.75 7.51 -53.47
CA LEU C 113 78.78 8.24 -52.77
C LEU C 113 78.20 8.96 -51.58
N ARG C 114 77.05 9.57 -51.78
CA ARG C 114 76.30 10.18 -50.68
C ARG C 114 76.09 9.22 -49.55
N GLN C 115 75.60 8.03 -49.87
CA GLN C 115 75.37 7.07 -48.77
C GLN C 115 76.71 6.52 -48.11
N THR C 116 77.66 6.10 -48.95
CA THR C 116 78.91 5.58 -48.43
C THR C 116 79.70 6.61 -47.57
N ILE C 117 79.78 7.86 -48.01
CA ILE C 117 80.40 8.91 -47.19
C ILE C 117 79.65 9.03 -45.88
N SER C 118 78.32 8.98 -45.96
CA SER C 118 77.50 9.29 -44.80
C SER C 118 77.60 8.17 -43.86
N ALA C 119 77.83 6.99 -44.41
CA ALA C 119 78.00 5.87 -43.57
C ALA C 119 79.30 6.11 -42.81
N PHE C 120 80.37 6.44 -43.56
CA PHE C 120 81.69 6.58 -42.99
C PHE C 120 81.69 7.54 -41.83
N VAL C 121 81.12 8.70 -42.07
CA VAL C 121 80.99 9.69 -41.01
C VAL C 121 80.56 9.15 -39.65
N LYS C 122 79.53 8.31 -39.66
CA LYS C 122 78.97 7.76 -38.45
C LYS C 122 79.86 6.69 -37.75
N THR C 123 80.92 6.28 -38.41
CA THR C 123 81.86 5.41 -37.73
C THR C 123 82.81 6.18 -36.79
N GLN C 124 82.79 7.50 -36.82
CA GLN C 124 83.79 8.25 -36.05
C GLN C 124 83.13 8.81 -34.83
N SER C 125 83.83 8.86 -33.73
CA SER C 125 83.21 9.32 -32.49
C SER C 125 82.70 10.73 -32.50
N ALA C 126 83.46 11.65 -33.09
CA ALA C 126 83.09 13.05 -32.95
C ALA C 126 81.90 13.31 -33.86
N TRP C 127 81.56 12.32 -34.70
CA TRP C 127 80.32 12.38 -35.49
C TRP C 127 79.25 11.29 -35.10
N ASN C 128 79.28 10.90 -33.82
CA ASN C 128 78.51 9.81 -33.25
C ASN C 128 77.81 10.27 -32.08
N SER C 129 77.01 9.36 -31.54
CA SER C 129 76.43 9.56 -30.22
C SER C 129 77.53 9.25 -29.20
N ASP C 130 78.64 8.74 -29.71
CA ASP C 130 79.71 8.48 -28.77
C ASP C 130 80.06 9.74 -27.99
N SER C 131 80.06 10.87 -28.70
CA SER C 131 80.42 12.14 -28.08
C SER C 131 79.21 12.80 -27.47
N GLU C 132 78.05 12.14 -27.53
CA GLU C 132 76.87 12.69 -26.90
C GLU C 132 76.68 12.08 -25.51
N LYS C 133 77.39 11.02 -25.19
CA LYS C 133 77.39 10.51 -23.80
C LYS C 133 78.05 11.42 -22.81
N PRO C 134 77.76 11.24 -21.53
CA PRO C 134 76.78 10.30 -20.91
C PRO C 134 75.34 10.58 -21.30
N PHE C 135 74.63 9.53 -21.69
CA PHE C 135 73.18 9.62 -21.83
C PHE C 135 72.52 9.86 -20.44
N ASP C 136 71.24 10.20 -20.46
CA ASP C 136 70.52 10.47 -19.24
C ASP C 136 69.11 9.95 -19.43
N ASP C 137 68.31 10.07 -18.38
CA ASP C 137 67.02 9.36 -18.39
C ASP C 137 65.82 10.00 -19.25
N HIS C 138 66.16 10.95 -20.11
CA HIS C 138 65.21 11.44 -21.11
C HIS C 138 64.71 10.28 -21.95
N LEU C 139 63.49 10.32 -22.43
CA LEU C 139 62.92 9.19 -23.15
C LEU C 139 63.72 8.76 -24.38
N GLN C 140 64.38 9.73 -24.99
CA GLN C 140 65.20 9.50 -26.14
C GLN C 140 66.70 9.61 -25.82
N LYS C 141 67.03 9.44 -24.56
CA LYS C 141 68.41 9.29 -24.13
C LYS C 141 69.16 10.55 -23.79
N GLY C 142 68.68 11.68 -24.28
CA GLY C 142 69.20 12.95 -23.83
C GLY C 142 68.59 14.10 -24.59
N ALA C 143 68.73 15.28 -24.00
CA ALA C 143 68.32 16.49 -24.67
C ALA C 143 69.48 17.52 -24.86
N LEU C 144 69.23 18.50 -25.74
CA LEU C 144 70.20 19.55 -25.98
C LEU C 144 69.52 20.84 -25.67
N LEU C 145 70.18 21.70 -24.89
CA LEU C 145 69.67 23.03 -24.66
C LEU C 145 70.37 24.08 -25.50
N TYR C 146 69.54 24.80 -26.28
CA TYR C 146 69.94 25.94 -27.09
C TYR C 146 70.25 27.14 -26.20
N SER C 147 71.45 27.70 -26.43
CA SER C 147 71.99 28.87 -25.74
C SER C 147 71.31 30.17 -26.14
N ASN C 148 71.00 31.02 -25.16
CA ASN C 148 70.16 32.22 -25.38
C ASN C 148 70.90 33.37 -26.01
N ASN C 149 72.23 33.43 -25.79
CA ASN C 149 73.14 34.44 -26.40
C ASN C 149 74.45 33.85 -26.95
N SER C 150 74.55 33.76 -28.25
CA SER C 150 75.76 33.31 -28.83
C SER C 150 76.02 34.12 -30.09
N LYS C 151 77.16 34.78 -30.16
CA LYS C 151 77.48 35.42 -31.43
C LYS C 151 77.55 34.44 -32.61
N LEU C 152 77.84 33.16 -32.38
CA LEU C 152 78.08 32.24 -33.51
C LEU C 152 76.78 31.80 -34.20
N THR C 153 75.67 31.75 -33.44
CA THR C 153 74.37 31.34 -33.95
C THR C 153 73.32 32.33 -33.47
N SER C 154 73.57 33.60 -33.77
CA SER C 154 72.72 34.65 -33.21
C SER C 154 71.24 34.56 -33.60
N GLN C 155 70.95 34.10 -34.82
CA GLN C 155 69.58 33.82 -35.25
C GLN C 155 68.82 32.81 -34.35
N ALA C 156 69.51 32.10 -33.46
CA ALA C 156 68.83 31.17 -32.58
C ALA C 156 68.77 31.75 -31.19
N ASN C 157 69.16 33.00 -31.04
CA ASN C 157 69.11 33.60 -29.72
C ASN C 157 67.70 33.75 -29.16
N SER C 158 67.54 33.74 -27.84
CA SER C 158 66.18 33.94 -27.27
C SER C 158 66.35 34.73 -26.02
N ASN C 159 65.32 35.47 -25.67
CA ASN C 159 65.30 36.06 -24.36
C ASN C 159 64.49 35.24 -23.39
N TYR C 160 64.04 34.06 -23.79
CA TYR C 160 63.12 33.34 -22.99
C TYR C 160 63.64 31.99 -22.57
N ARG C 161 63.09 30.89 -23.10
CA ARG C 161 63.65 29.57 -22.77
C ARG C 161 63.67 29.39 -21.27
N ILE C 162 62.64 29.87 -20.61
CA ILE C 162 62.41 29.64 -19.18
C ILE C 162 61.87 28.24 -18.98
N LEU C 163 62.63 27.41 -18.28
CA LEU C 163 62.33 26.02 -18.26
C LEU C 163 61.53 25.61 -17.03
N ASN C 164 60.81 24.49 -17.14
CA ASN C 164 60.21 23.84 -15.96
C ASN C 164 59.17 24.66 -15.18
N ARG C 165 58.50 25.57 -15.87
CA ARG C 165 57.45 26.35 -15.27
C ARG C 165 56.14 25.60 -15.31
N THR C 166 56.14 24.44 -14.67
CA THR C 166 54.97 23.60 -14.53
C THR C 166 53.97 24.32 -13.64
N PRO C 167 52.76 23.79 -13.50
CA PRO C 167 51.86 24.47 -12.56
C PRO C 167 52.44 24.61 -11.14
N THR C 168 53.11 23.60 -10.63
CA THR C 168 53.66 23.66 -9.32
C THR C 168 54.71 24.76 -9.31
N ASN C 169 55.38 24.93 -10.45
CA ASN C 169 56.66 25.65 -10.50
C ASN C 169 56.58 26.89 -11.39
N GLN C 170 55.36 27.42 -11.56
CA GLN C 170 55.12 28.37 -12.62
C GLN C 170 55.89 29.67 -12.45
N THR C 171 56.16 30.03 -11.21
CA THR C 171 56.96 31.22 -10.99
C THR C 171 58.44 30.95 -10.83
N GLY C 172 58.88 29.71 -10.89
CA GLY C 172 60.30 29.45 -10.71
C GLY C 172 60.64 29.20 -9.28
N LYS C 173 59.60 29.21 -8.46
CA LYS C 173 59.63 28.73 -7.08
C LYS C 173 58.52 27.69 -6.88
N LYS C 174 58.76 26.61 -6.16
CA LYS C 174 57.67 25.69 -5.90
C LYS C 174 56.58 26.42 -5.11
N ASP C 175 55.38 26.37 -5.63
CA ASP C 175 54.23 26.99 -4.99
C ASP C 175 53.95 26.42 -3.61
N PRO C 176 53.88 27.27 -2.62
CA PRO C 176 53.63 26.89 -1.24
C PRO C 176 52.27 26.30 -1.00
N ARG C 177 51.35 26.51 -1.92
CA ARG C 177 49.98 26.13 -1.64
C ARG C 177 49.67 24.66 -1.88
N TYR C 178 50.50 23.96 -2.65
CA TYR C 178 50.22 22.61 -3.05
C TYR C 178 51.31 21.78 -2.55
N THR C 179 50.91 20.77 -1.81
CA THR C 179 51.76 20.07 -0.94
C THR C 179 51.78 18.56 -1.22
N ALA C 180 50.79 18.08 -2.00
CA ALA C 180 50.63 16.64 -2.15
C ALA C 180 51.79 16.06 -2.94
N ASP C 181 52.27 16.77 -3.95
CA ASP C 181 53.40 16.34 -4.71
C ASP C 181 54.61 17.16 -4.22
N ARG C 182 55.58 16.54 -3.58
CA ARG C 182 56.69 17.32 -3.02
C ARG C 182 57.77 17.68 -4.09
N THR C 183 57.59 17.30 -5.36
CA THR C 183 58.57 17.69 -6.40
C THR C 183 58.24 19.03 -7.07
N ILE C 184 58.97 19.40 -8.13
CA ILE C 184 58.54 20.64 -8.81
C ILE C 184 57.41 20.38 -9.80
N GLY C 185 56.80 19.21 -9.68
CA GLY C 185 55.66 18.83 -10.51
C GLY C 185 55.80 18.76 -12.02
N GLY C 186 56.96 18.35 -12.54
CA GLY C 186 57.13 18.08 -13.96
C GLY C 186 58.55 18.37 -14.38
N TYR C 187 58.76 18.46 -15.69
CA TYR C 187 60.05 18.76 -16.27
C TYR C 187 59.82 19.14 -17.74
N GLU C 188 60.78 19.90 -18.27
CA GLU C 188 60.58 20.56 -19.51
C GLU C 188 60.79 19.71 -20.73
N PHE C 189 61.82 18.87 -20.74
CA PHE C 189 62.13 18.07 -21.91
C PHE C 189 61.48 16.69 -21.85
N LEU C 190 60.61 16.40 -22.80
CA LEU C 190 59.90 15.15 -22.87
C LEU C 190 60.24 14.36 -24.14
N LEU C 191 59.89 14.88 -25.31
CA LEU C 191 60.30 14.26 -26.55
C LEU C 191 60.64 15.29 -27.63
N ALA C 192 61.49 14.90 -28.57
CA ALA C 192 61.62 15.57 -29.86
C ALA C 192 62.02 17.03 -29.72
N ASN C 193 61.50 17.88 -30.60
CA ASN C 193 61.86 19.28 -30.57
C ASN C 193 61.00 19.98 -29.57
N ASP C 194 61.58 20.55 -28.52
CA ASP C 194 60.77 21.08 -27.42
C ASP C 194 60.42 22.55 -27.61
N VAL C 195 59.15 22.78 -27.89
CA VAL C 195 58.66 24.14 -28.16
C VAL C 195 58.75 25.07 -26.93
N ASP C 196 59.26 26.30 -27.13
CA ASP C 196 59.51 27.22 -26.01
C ASP C 196 58.26 27.96 -25.70
N ASN C 197 57.42 27.33 -24.91
CA ASN C 197 56.16 27.95 -24.55
C ASN C 197 56.27 29.13 -23.55
N SER C 198 57.49 29.61 -23.29
CA SER C 198 57.69 30.69 -22.37
C SER C 198 57.97 31.91 -23.22
N ASN C 199 58.06 31.67 -24.51
CA ASN C 199 58.19 32.75 -25.49
C ASN C 199 56.85 33.40 -25.84
N PRO C 200 56.71 34.70 -25.63
CA PRO C 200 55.44 35.36 -25.83
C PRO C 200 54.92 35.28 -27.24
N VAL C 201 55.82 35.21 -28.20
CA VAL C 201 55.43 35.08 -29.57
C VAL C 201 54.90 33.67 -29.82
N VAL C 202 55.53 32.66 -29.21
CA VAL C 202 55.05 31.28 -29.22
C VAL C 202 53.75 31.14 -28.47
N GLN C 203 53.61 31.78 -27.31
CA GLN C 203 52.35 31.77 -26.59
C GLN C 203 51.19 32.25 -27.45
N ALA C 204 51.31 33.43 -28.06
CA ALA C 204 50.32 33.89 -29.04
C ALA C 204 50.04 32.93 -30.22
N GLU C 205 51.07 32.20 -30.72
CA GLU C 205 50.88 31.24 -31.78
C GLU C 205 50.11 30.03 -31.31
N GLN C 206 50.30 29.63 -30.04
CA GLN C 206 49.55 28.50 -29.42
C GLN C 206 48.07 28.86 -29.33
N LEU C 207 47.79 30.13 -29.06
CA LEU C 207 46.45 30.63 -29.01
C LEU C 207 45.82 30.62 -30.38
N ASN C 208 46.55 31.11 -31.36
CA ASN C 208 46.14 31.03 -32.75
C ASN C 208 45.75 29.62 -33.19
N TRP C 209 46.57 28.66 -32.83
CA TRP C 209 46.23 27.28 -33.05
C TRP C 209 44.93 26.81 -32.36
N LEU C 210 44.78 27.19 -31.10
CA LEU C 210 43.64 26.77 -30.28
C LEU C 210 42.38 27.34 -30.86
N HIS C 211 42.46 28.57 -31.32
CA HIS C 211 41.36 29.14 -32.05
C HIS C 211 41.05 28.39 -33.34
N PHE C 212 42.07 28.01 -34.09
CA PHE C 212 41.83 27.33 -35.35
C PHE C 212 41.10 26.00 -35.13
N LEU C 213 41.60 25.21 -34.19
CA LEU C 213 41.02 23.95 -33.83
C LEU C 213 39.58 24.11 -33.45
N MET C 214 39.33 25.02 -32.54
CA MET C 214 38.00 25.36 -32.12
C MET C 214 37.12 25.95 -33.28
N ASN C 215 37.70 26.22 -34.43
CA ASN C 215 36.87 26.76 -35.51
C ASN C 215 37.20 26.04 -36.76
N PHE C 216 37.66 24.81 -36.56
CA PHE C 216 38.18 24.09 -37.67
C PHE C 216 37.14 23.96 -38.80
N GLY C 217 35.91 23.68 -38.41
CA GLY C 217 34.85 23.58 -39.38
C GLY C 217 34.74 24.83 -40.22
N ASN C 218 34.71 25.99 -39.56
CA ASN C 218 34.55 27.27 -40.30
C ASN C 218 35.70 27.58 -41.16
N ILE C 219 36.90 27.38 -40.62
CA ILE C 219 38.08 27.80 -41.32
C ILE C 219 38.29 26.89 -42.50
N TYR C 220 38.30 25.57 -42.27
CA TYR C 220 38.71 24.63 -43.32
C TYR C 220 37.59 24.29 -44.30
N ALA C 221 36.41 23.96 -43.79
CA ALA C 221 35.37 23.52 -44.70
C ALA C 221 34.30 24.57 -44.87
N ASN C 222 34.42 25.69 -44.20
CA ASN C 222 33.30 26.60 -44.14
C ASN C 222 32.04 26.05 -43.59
N ASP C 223 32.14 25.18 -42.58
CA ASP C 223 30.98 24.54 -42.06
C ASP C 223 31.00 24.75 -40.54
N PRO C 224 30.08 25.58 -40.05
CA PRO C 224 29.97 25.85 -38.59
C PRO C 224 29.69 24.56 -37.85
N ASP C 225 29.27 23.58 -38.60
CA ASP C 225 28.83 22.40 -37.94
C ASP C 225 29.95 21.38 -37.66
N ALA C 226 31.17 21.69 -38.11
CA ALA C 226 32.32 20.82 -38.03
C ALA C 226 33.42 21.45 -37.18
N ASN C 227 33.03 22.24 -36.17
CA ASN C 227 34.05 22.69 -35.21
C ASN C 227 34.23 21.79 -34.00
N PHE C 228 35.48 21.60 -33.61
CA PHE C 228 35.82 21.01 -32.35
C PHE C 228 35.22 21.84 -31.23
N ASP C 229 34.64 21.18 -30.25
CA ASP C 229 33.98 21.92 -29.19
C ASP C 229 34.87 22.18 -27.99
N SER C 230 35.96 21.46 -27.84
CA SER C 230 36.65 21.54 -26.61
C SER C 230 38.01 20.97 -26.82
N ILE C 231 38.86 21.08 -25.83
CA ILE C 231 40.21 20.65 -26.08
C ILE C 231 40.72 19.78 -24.97
N ARG C 232 41.81 19.06 -25.25
CA ARG C 232 42.60 18.41 -24.22
C ARG C 232 43.98 19.07 -24.19
N VAL C 233 44.45 19.53 -23.05
CA VAL C 233 45.84 19.97 -22.98
C VAL C 233 46.76 18.81 -22.71
N ASP C 234 47.56 18.44 -23.71
CA ASP C 234 48.48 17.31 -23.62
C ASP C 234 49.70 17.70 -22.83
N ALA C 235 50.24 16.78 -22.05
CA ALA C 235 51.56 16.96 -21.42
C ALA C 235 51.72 18.27 -20.67
N VAL C 236 50.72 18.63 -19.87
CA VAL C 236 50.77 19.81 -19.06
C VAL C 236 52.04 19.95 -18.22
N ASP C 237 52.56 18.88 -17.65
CA ASP C 237 53.65 19.02 -16.68
C ASP C 237 54.97 19.25 -17.37
N ASN C 238 54.95 19.36 -18.69
CA ASN C 238 56.21 19.45 -19.47
C ASN C 238 56.32 20.73 -20.29
N VAL C 239 55.36 21.62 -20.11
CA VAL C 239 55.28 22.88 -20.80
C VAL C 239 55.08 24.02 -19.82
N ASP C 240 55.26 25.24 -20.27
CA ASP C 240 54.97 26.43 -19.43
C ASP C 240 53.50 26.68 -19.08
N ALA C 241 53.19 26.75 -17.78
CA ALA C 241 51.82 26.68 -17.28
C ALA C 241 51.03 27.94 -17.70
N ASP C 242 51.72 28.94 -18.20
CA ASP C 242 50.99 30.04 -18.80
C ASP C 242 49.91 29.61 -19.78
N LEU C 243 50.22 28.65 -20.62
CA LEU C 243 49.24 28.15 -21.56
C LEU C 243 47.94 27.83 -20.89
N LEU C 244 47.95 27.52 -19.60
CA LEU C 244 46.68 27.23 -18.91
C LEU C 244 45.84 28.46 -18.72
N GLN C 245 46.46 29.60 -18.45
CA GLN C 245 45.68 30.83 -18.35
C GLN C 245 45.24 31.24 -19.74
N ILE C 246 46.08 31.03 -20.71
CA ILE C 246 45.72 31.38 -22.06
C ILE C 246 44.51 30.56 -22.54
N ALA C 247 44.55 29.25 -22.37
CA ALA C 247 43.49 28.42 -22.87
C ALA C 247 42.23 28.81 -22.17
N GLY C 248 42.30 28.96 -20.84
CA GLY C 248 41.13 29.24 -19.99
C GLY C 248 40.53 30.60 -20.29
N ASP C 249 41.36 31.59 -20.46
CA ASP C 249 40.98 32.90 -20.96
C ASP C 249 40.21 32.85 -22.27
N TYR C 250 40.74 32.07 -23.20
CA TYR C 250 40.09 31.96 -24.46
C TYR C 250 38.71 31.33 -24.33
N LEU C 251 38.59 30.26 -23.57
CA LEU C 251 37.28 29.59 -23.41
C LEU C 251 36.23 30.49 -22.77
N LYS C 252 36.64 31.21 -21.74
CA LYS C 252 35.85 32.23 -21.15
C LYS C 252 35.50 33.35 -22.11
N ALA C 253 36.50 33.97 -22.74
CA ALA C 253 36.25 35.08 -23.64
C ALA C 253 35.49 34.70 -24.91
N ALA C 254 35.78 33.55 -25.50
CA ALA C 254 35.18 33.21 -26.79
C ALA C 254 33.95 32.35 -26.67
N LYS C 255 33.83 31.60 -25.57
CA LYS C 255 32.72 30.69 -25.41
C LYS C 255 31.88 30.99 -24.17
N GLY C 256 32.28 31.98 -23.39
CA GLY C 256 31.60 32.34 -22.17
C GLY C 256 31.35 31.25 -21.15
N ILE C 257 32.30 30.37 -20.89
CA ILE C 257 32.06 29.23 -20.02
C ILE C 257 31.90 29.64 -18.57
N HIS C 258 32.26 30.86 -18.25
CA HIS C 258 32.27 31.19 -16.87
C HIS C 258 30.91 31.70 -16.55
N LYS C 259 30.10 31.89 -17.57
CA LYS C 259 28.81 32.49 -17.36
C LYS C 259 27.73 31.58 -16.79
N ASN C 260 27.59 30.37 -17.31
CA ASN C 260 26.61 29.44 -16.75
C ASN C 260 27.04 28.05 -17.11
N ASP C 261 26.50 27.06 -16.44
CA ASP C 261 26.90 25.69 -16.69
C ASP C 261 26.57 25.17 -18.06
N LYS C 262 25.51 25.73 -18.68
CA LYS C 262 25.17 25.28 -19.99
C LYS C 262 26.28 25.63 -21.00
N ALA C 263 26.86 26.83 -20.87
CA ALA C 263 27.96 27.26 -21.72
C ALA C 263 29.17 26.44 -21.40
N ALA C 264 29.50 26.31 -20.12
CA ALA C 264 30.62 25.50 -19.67
C ALA C 264 30.56 24.08 -20.12
N ASN C 265 29.41 23.44 -20.01
CA ASN C 265 29.31 22.05 -20.37
C ASN C 265 29.31 21.80 -21.87
N ASP C 266 28.94 22.79 -22.68
CA ASP C 266 29.10 22.64 -24.12
C ASP C 266 30.51 22.67 -24.65
N HIS C 267 31.50 22.90 -23.80
CA HIS C 267 32.87 23.07 -24.25
C HIS C 267 33.81 22.52 -23.21
N LEU C 268 33.49 21.34 -22.71
CA LEU C 268 34.14 20.85 -21.52
C LEU C 268 35.55 20.40 -21.84
N SER C 269 36.55 21.02 -21.23
CA SER C 269 37.95 20.73 -21.60
C SER C 269 38.80 20.09 -20.54
N ILE C 270 39.78 19.29 -20.93
CA ILE C 270 40.50 18.58 -19.94
C ILE C 270 41.99 18.79 -20.03
N LEU C 271 42.65 18.51 -18.90
CA LEU C 271 44.10 18.49 -18.81
C LEU C 271 44.58 17.06 -18.64
N GLU C 272 45.68 16.73 -19.31
CA GLU C 272 46.52 15.63 -18.91
C GLU C 272 47.60 16.08 -17.94
N ALA C 273 47.25 16.22 -16.67
CA ALA C 273 48.17 16.75 -15.70
C ALA C 273 48.41 15.73 -14.58
N TRP C 274 49.56 15.06 -14.62
CA TRP C 274 49.88 13.99 -13.65
C TRP C 274 50.23 14.37 -12.18
N SER C 275 50.82 15.53 -11.91
CA SER C 275 51.12 15.93 -10.55
C SER C 275 49.91 16.03 -9.68
N TYR C 276 49.99 15.53 -8.46
CA TYR C 276 48.89 15.80 -7.50
C TYR C 276 48.58 17.29 -7.32
N ASN C 277 49.55 18.16 -7.52
CA ASN C 277 49.36 19.58 -7.30
C ASN C 277 48.55 20.21 -8.40
N ASP C 278 48.48 19.57 -9.54
CA ASP C 278 47.72 20.16 -10.64
C ASP C 278 46.23 20.37 -10.37
N THR C 279 45.55 19.46 -9.72
CA THR C 279 44.13 19.69 -9.49
C THR C 279 43.76 20.88 -8.59
N PRO C 280 44.32 20.96 -7.37
CA PRO C 280 44.18 22.17 -6.59
C PRO C 280 44.60 23.41 -7.36
N TYR C 281 45.69 23.31 -8.11
CA TYR C 281 46.10 24.44 -8.86
C TYR C 281 45.00 24.91 -9.79
N LEU C 282 44.44 23.96 -10.50
CA LEU C 282 43.49 24.26 -11.53
C LEU C 282 42.15 24.75 -10.95
N HIS C 283 41.81 24.26 -9.76
CA HIS C 283 40.64 24.68 -9.10
C HIS C 283 40.84 26.11 -8.56
N ASP C 284 42.00 26.44 -8.02
CA ASP C 284 42.26 27.83 -7.66
C ASP C 284 42.30 28.74 -8.88
N ASP C 285 42.66 28.18 -10.03
CA ASP C 285 42.70 28.93 -11.28
C ASP C 285 41.32 29.32 -11.80
N GLY C 286 40.25 28.75 -11.21
CA GLY C 286 38.88 29.02 -11.62
C GLY C 286 38.12 27.83 -12.20
N ASP C 287 38.69 26.62 -12.16
CA ASP C 287 37.99 25.48 -12.77
C ASP C 287 37.59 25.69 -14.24
N ASN C 288 38.55 26.11 -15.05
CA ASN C 288 38.24 26.37 -16.44
C ASN C 288 38.46 25.20 -17.33
N MET C 289 39.03 24.14 -16.79
CA MET C 289 38.98 22.84 -17.41
C MET C 289 39.17 21.85 -16.29
N ILE C 290 39.05 20.58 -16.56
CA ILE C 290 39.03 19.64 -15.45
C ILE C 290 40.16 18.64 -15.57
N ASN C 291 40.76 18.30 -14.44
CA ASN C 291 41.82 17.30 -14.44
C ASN C 291 41.39 15.90 -14.04
N MET C 292 42.30 14.96 -14.17
CA MET C 292 41.99 13.59 -13.90
C MET C 292 42.04 13.42 -12.40
N ASP C 293 41.30 12.42 -11.90
CA ASP C 293 41.53 12.00 -10.55
C ASP C 293 42.62 10.93 -10.45
N ASN C 294 43.87 11.33 -10.30
CA ASN C 294 44.89 10.35 -10.35
C ASN C 294 44.82 9.41 -9.13
N ARG C 295 44.39 9.87 -7.97
CA ARG C 295 44.42 8.96 -6.85
C ARG C 295 43.41 7.83 -6.98
N LEU C 296 42.22 8.13 -7.48
CA LEU C 296 41.26 7.11 -7.76
C LEU C 296 41.81 6.15 -8.80
N ARG C 297 42.44 6.70 -9.81
CA ARG C 297 43.07 5.87 -10.79
C ARG C 297 43.97 4.84 -10.18
N LEU C 298 44.83 5.26 -9.26
CA LEU C 298 45.78 4.36 -8.66
C LEU C 298 45.08 3.38 -7.77
N SER C 299 43.95 3.78 -7.22
CA SER C 299 43.18 2.98 -6.30
C SER C 299 42.62 1.78 -7.00
N LEU C 300 41.97 2.06 -8.13
CA LEU C 300 41.48 1.06 -9.05
C LEU C 300 42.62 0.11 -9.44
N LEU C 301 43.75 0.68 -9.85
CA LEU C 301 44.84 -0.08 -10.35
C LEU C 301 45.37 -1.06 -9.34
N TYR C 302 45.54 -0.62 -8.11
CA TYR C 302 46.12 -1.45 -7.12
C TYR C 302 45.15 -2.28 -6.32
N SER C 303 43.90 -1.91 -6.27
CA SER C 303 42.99 -2.68 -5.46
C SER C 303 42.29 -3.72 -6.31
N LEU C 304 42.33 -3.49 -7.61
CA LEU C 304 41.55 -4.30 -8.49
C LEU C 304 42.39 -4.93 -9.63
N ALA C 305 43.21 -4.17 -10.30
CA ALA C 305 43.78 -4.62 -11.57
C ALA C 305 45.11 -5.31 -11.44
N LYS C 306 45.86 -5.00 -10.42
CA LYS C 306 47.10 -5.69 -10.21
C LYS C 306 46.93 -7.17 -9.90
N PRO C 307 48.03 -7.94 -10.06
CA PRO C 307 48.08 -9.34 -9.78
C PRO C 307 47.70 -9.63 -8.33
N LEU C 308 47.21 -10.84 -8.11
CA LEU C 308 46.61 -11.19 -6.86
C LEU C 308 47.54 -10.99 -5.64
N ASN C 309 48.80 -11.35 -5.76
CA ASN C 309 49.64 -11.11 -4.65
C ASN C 309 50.18 -9.72 -4.52
N GLN C 310 49.97 -8.85 -5.50
CA GLN C 310 50.41 -7.49 -5.32
C GLN C 310 49.29 -6.49 -5.08
N ARG C 311 48.06 -7.02 -4.93
CA ARG C 311 46.85 -6.23 -4.76
C ARG C 311 46.71 -5.68 -3.32
N SER C 312 46.13 -4.52 -3.20
CA SER C 312 45.97 -3.95 -1.86
C SER C 312 44.55 -4.09 -1.33
N GLY C 313 44.33 -3.72 -0.09
CA GLY C 313 42.97 -3.73 0.41
C GLY C 313 42.06 -2.77 -0.36
N MET C 314 40.76 -2.87 -0.11
CA MET C 314 39.77 -2.19 -0.96
C MET C 314 39.42 -0.77 -0.54
N ASN C 315 39.69 -0.42 0.72
CA ASN C 315 39.22 0.83 1.26
C ASN C 315 39.68 2.05 0.42
N PRO C 316 40.86 1.96 -0.18
CA PRO C 316 41.28 3.06 -1.00
C PRO C 316 40.27 3.38 -2.10
N LEU C 317 39.37 2.48 -2.41
CA LEU C 317 38.42 2.73 -3.45
C LEU C 317 37.35 3.72 -3.01
N ILE C 318 37.20 3.85 -1.69
CA ILE C 318 36.30 4.77 -1.07
C ILE C 318 36.97 6.10 -0.77
N THR C 319 38.13 6.06 -0.14
CA THR C 319 38.76 7.28 0.35
C THR C 319 39.98 7.81 -0.39
N ASN C 320 40.70 7.02 -1.18
CA ASN C 320 41.87 7.54 -1.94
C ASN C 320 41.46 8.11 -3.29
N SER C 321 40.89 9.31 -3.23
CA SER C 321 40.23 9.91 -4.38
C SER C 321 40.11 11.40 -4.16
N LEU C 322 39.84 12.20 -5.20
CA LEU C 322 39.54 13.59 -4.94
C LEU C 322 38.29 13.74 -4.04
N VAL C 323 37.42 12.73 -4.06
CA VAL C 323 36.19 12.78 -3.34
C VAL C 323 36.18 11.58 -2.45
N ASN C 324 35.89 11.78 -1.16
CA ASN C 324 35.73 10.66 -0.26
C ASN C 324 34.31 10.20 -0.40
N ARG C 325 34.10 8.99 -0.90
CA ARG C 325 32.78 8.53 -1.26
C ARG C 325 32.04 7.73 -0.18
N THR C 326 32.56 7.71 1.04
CA THR C 326 31.80 7.16 2.15
C THR C 326 30.41 7.68 2.11
N ASP C 327 30.24 9.00 2.16
CA ASP C 327 28.89 9.58 2.02
C ASP C 327 28.93 10.81 1.16
N ASP C 328 28.66 10.71 -0.13
CA ASP C 328 28.73 11.84 -1.00
C ASP C 328 27.37 12.39 -1.26
N ASN C 329 27.04 13.48 -0.59
CA ASN C 329 25.71 13.95 -0.61
C ASN C 329 25.62 15.33 -1.20
N ALA C 330 26.72 15.84 -1.74
CA ALA C 330 26.77 17.24 -2.08
C ALA C 330 25.99 17.46 -3.33
N GLU C 331 25.27 18.55 -3.42
CA GLU C 331 24.66 18.81 -4.69
C GLU C 331 25.70 19.30 -5.71
N THR C 332 26.80 19.87 -5.25
CA THR C 332 27.94 20.11 -6.14
C THR C 332 29.21 19.68 -5.43
N ALA C 333 30.04 18.90 -6.11
CA ALA C 333 31.25 18.47 -5.50
C ALA C 333 32.29 19.60 -5.33
N ALA C 334 33.13 19.51 -4.32
CA ALA C 334 34.21 20.46 -4.14
C ALA C 334 35.08 20.72 -5.39
N VAL C 335 35.43 19.71 -6.20
CA VAL C 335 36.30 19.97 -7.31
C VAL C 335 35.87 19.05 -8.40
N PRO C 336 35.93 19.49 -9.66
CA PRO C 336 35.49 18.62 -10.75
C PRO C 336 36.63 17.73 -11.27
N SER C 337 36.32 16.56 -11.81
CA SER C 337 37.39 15.72 -12.36
C SER C 337 36.86 14.73 -13.36
N TYR C 338 37.75 14.15 -14.18
CA TYR C 338 37.40 12.94 -14.93
C TYR C 338 38.15 11.75 -14.29
N SER C 339 37.61 10.54 -14.46
CA SER C 339 38.20 9.32 -13.91
C SER C 339 38.34 8.27 -14.99
N PHE C 340 39.42 7.52 -14.96
CA PHE C 340 39.59 6.46 -15.93
C PHE C 340 40.46 5.40 -15.29
N ILE C 341 40.48 4.20 -15.87
CA ILE C 341 41.44 3.16 -15.45
C ILE C 341 42.57 2.99 -16.45
N ARG C 342 42.32 3.21 -17.74
CA ARG C 342 43.35 3.07 -18.77
C ARG C 342 43.16 4.15 -19.78
N ALA C 343 44.22 4.54 -20.45
CA ALA C 343 44.12 5.54 -21.51
C ALA C 343 44.99 5.03 -22.61
N HIS C 344 44.97 5.73 -23.72
CA HIS C 344 45.70 5.23 -24.87
C HIS C 344 47.14 4.95 -24.59
N ASP C 345 47.73 5.66 -23.66
CA ASP C 345 49.10 5.40 -23.25
C ASP C 345 49.21 4.75 -21.88
N SER C 346 48.54 5.32 -20.87
CA SER C 346 48.58 4.78 -19.53
C SER C 346 47.97 3.35 -19.33
N GLU C 347 48.83 2.44 -18.87
CA GLU C 347 48.44 1.10 -18.64
C GLU C 347 48.07 0.39 -19.96
N VAL C 348 48.65 0.87 -21.05
CA VAL C 348 48.56 0.13 -22.30
C VAL C 348 49.96 -0.08 -22.86
N GLN C 349 50.61 1.01 -23.27
CA GLN C 349 51.95 0.88 -23.80
C GLN C 349 52.96 0.49 -22.73
N ASP C 350 52.69 0.79 -21.45
CA ASP C 350 53.52 0.26 -20.33
C ASP C 350 53.53 -1.27 -20.34
N LEU C 351 52.36 -1.83 -20.59
CA LEU C 351 52.17 -3.25 -20.48
C LEU C 351 52.95 -3.84 -21.62
N ILE C 352 52.86 -3.20 -22.78
CA ILE C 352 53.58 -3.68 -23.95
C ILE C 352 55.11 -3.61 -23.75
N ARG C 353 55.60 -2.50 -23.22
CA ARG C 353 56.97 -2.42 -22.80
C ARG C 353 57.26 -3.52 -21.76
N ASP C 354 56.38 -3.77 -20.78
CA ASP C 354 56.62 -4.90 -19.86
C ASP C 354 57.00 -6.15 -20.59
N ILE C 355 56.18 -6.49 -21.59
CA ILE C 355 56.29 -7.74 -22.34
C ILE C 355 57.54 -7.77 -23.20
N ILE C 356 57.81 -6.68 -23.88
CA ILE C 356 59.03 -6.59 -24.65
C ILE C 356 60.26 -6.81 -23.76
N LYS C 357 60.53 -5.96 -22.79
CA LYS C 357 61.63 -6.22 -21.84
C LYS C 357 61.69 -7.66 -21.30
N ALA C 358 60.54 -8.21 -20.90
CA ALA C 358 60.51 -9.56 -20.33
C ALA C 358 60.83 -10.66 -21.36
N GLU C 359 60.29 -10.58 -22.57
CA GLU C 359 60.22 -11.78 -23.42
C GLU C 359 60.80 -11.57 -24.81
N ILE C 360 61.13 -10.32 -25.10
CA ILE C 360 61.46 -9.95 -26.49
C ILE C 360 62.81 -9.24 -26.66
N ASN C 361 62.97 -8.05 -26.11
CA ASN C 361 64.32 -7.52 -26.12
C ASN C 361 64.65 -6.79 -24.83
N PRO C 362 65.52 -7.42 -24.04
CA PRO C 362 65.75 -7.08 -22.63
C PRO C 362 66.19 -5.66 -22.39
N ASN C 363 66.92 -5.14 -23.39
CA ASN C 363 67.51 -3.78 -23.33
C ASN C 363 66.61 -2.68 -23.91
N VAL C 364 65.43 -3.03 -24.42
CA VAL C 364 64.59 -2.01 -25.08
C VAL C 364 64.59 -0.65 -24.31
N VAL C 365 64.62 0.43 -25.09
CA VAL C 365 64.74 1.73 -24.41
C VAL C 365 63.46 2.52 -24.37
N GLY C 366 63.19 3.12 -23.19
CA GLY C 366 61.99 3.97 -23.01
C GLY C 366 60.79 3.34 -23.69
N TYR C 367 60.17 4.03 -24.64
CA TYR C 367 59.06 3.40 -25.42
C TYR C 367 59.44 3.37 -26.88
N SER C 368 60.72 3.33 -27.16
CA SER C 368 61.14 3.23 -28.56
C SER C 368 61.18 1.80 -29.04
N PHE C 369 59.97 1.28 -29.37
CA PHE C 369 59.84 -0.09 -29.90
C PHE C 369 59.83 -0.08 -31.43
N THR C 370 60.26 -1.15 -32.05
CA THR C 370 60.01 -1.27 -33.49
C THR C 370 58.65 -1.88 -33.70
N MET C 371 58.15 -1.75 -34.92
CA MET C 371 56.96 -2.48 -35.34
C MET C 371 57.03 -3.99 -35.01
N GLU C 372 58.19 -4.56 -35.23
CA GLU C 372 58.33 -5.99 -35.12
C GLU C 372 58.09 -6.52 -33.69
N GLU C 373 58.82 -5.87 -32.79
CA GLU C 373 58.68 -6.04 -31.38
C GLU C 373 57.17 -5.85 -30.97
N ILE C 374 56.54 -4.78 -31.47
CA ILE C 374 55.15 -4.60 -31.17
C ILE C 374 54.26 -5.77 -31.54
N LYS C 375 54.38 -6.30 -32.73
CA LYS C 375 53.49 -7.39 -33.13
C LYS C 375 53.78 -8.63 -32.36
N LYS C 376 55.05 -8.73 -31.96
CA LYS C 376 55.49 -9.92 -31.30
C LYS C 376 54.93 -9.85 -29.87
N ALA C 377 54.93 -8.65 -29.30
CA ALA C 377 54.37 -8.43 -27.98
C ALA C 377 52.88 -8.71 -27.94
N PHE C 378 52.19 -8.42 -29.02
CA PHE C 378 50.76 -8.47 -29.02
C PHE C 378 50.21 -9.85 -29.08
N GLU C 379 51.06 -10.76 -29.50
CA GLU C 379 50.64 -12.13 -29.50
C GLU C 379 50.54 -12.54 -28.06
N ILE C 380 51.63 -12.27 -27.34
CA ILE C 380 51.70 -12.52 -25.93
C ILE C 380 50.52 -11.89 -25.15
N TYR C 381 50.30 -10.60 -25.40
CA TYR C 381 49.25 -9.80 -24.77
C TYR C 381 47.84 -10.30 -25.05
N ASN C 382 47.55 -10.60 -26.30
CA ASN C 382 46.16 -10.98 -26.58
C ASN C 382 45.76 -12.27 -25.95
N LYS C 383 46.81 -13.09 -25.70
CA LYS C 383 46.67 -14.39 -25.05
C LYS C 383 46.37 -14.17 -23.56
N ASP C 384 47.14 -13.23 -22.99
CA ASP C 384 47.11 -12.90 -21.58
C ASP C 384 45.74 -12.35 -21.27
N LEU C 385 45.18 -11.59 -22.22
CA LEU C 385 43.83 -11.05 -22.04
C LEU C 385 42.79 -12.11 -21.71
N LEU C 386 42.94 -13.30 -22.28
CA LEU C 386 41.94 -14.34 -22.10
C LEU C 386 42.26 -15.29 -20.98
N ALA C 387 43.44 -15.19 -20.39
CA ALA C 387 43.78 -16.08 -19.30
C ALA C 387 43.07 -15.71 -17.96
N THR C 388 42.86 -16.72 -17.13
CA THR C 388 42.39 -16.49 -15.82
C THR C 388 43.51 -15.95 -14.99
N GLU C 389 44.68 -16.57 -15.14
CA GLU C 389 45.92 -16.09 -14.50
C GLU C 389 46.60 -15.14 -15.46
N LYS C 390 46.59 -13.85 -15.16
CA LYS C 390 47.24 -12.93 -16.07
C LYS C 390 48.63 -12.58 -15.60
N LYS C 391 49.56 -12.60 -16.54
CA LYS C 391 50.91 -12.29 -16.25
C LYS C 391 51.22 -10.85 -16.58
N TYR C 392 50.53 -10.25 -17.55
CA TYR C 392 50.85 -8.86 -17.99
C TYR C 392 49.73 -7.86 -17.96
N THR C 393 48.51 -8.31 -18.21
CA THR C 393 47.40 -7.40 -18.42
C THR C 393 46.53 -7.26 -17.20
N HIS C 394 45.60 -6.31 -17.22
CA HIS C 394 44.74 -6.02 -16.05
C HIS C 394 43.71 -7.07 -15.63
N TYR C 395 43.63 -7.34 -14.35
CA TYR C 395 42.49 -8.06 -13.84
C TYR C 395 41.33 -7.12 -13.55
N ASN C 396 40.11 -7.66 -13.56
CA ASN C 396 38.96 -7.00 -12.97
C ASN C 396 38.49 -5.74 -13.67
N THR C 397 38.79 -5.66 -14.94
CA THR C 397 38.31 -4.52 -15.70
C THR C 397 36.86 -4.16 -15.44
N ALA C 398 35.97 -5.15 -15.38
CA ALA C 398 34.54 -4.87 -15.22
C ALA C 398 34.28 -4.37 -13.85
N LEU C 399 35.03 -4.79 -12.88
CA LEU C 399 34.86 -4.26 -11.57
C LEU C 399 35.21 -2.79 -11.54
N SER C 400 36.26 -2.44 -12.26
CA SER C 400 36.72 -1.06 -12.39
C SER C 400 35.68 -0.21 -13.07
N TYR C 401 35.19 -0.67 -14.20
CA TYR C 401 34.14 0.03 -14.88
C TYR C 401 32.87 0.19 -14.06
N ALA C 402 32.52 -0.83 -13.28
CA ALA C 402 31.35 -0.77 -12.43
C ALA C 402 31.44 0.45 -11.47
N LEU C 403 32.64 0.72 -10.99
CA LEU C 403 32.80 1.77 -10.02
C LEU C 403 32.89 3.05 -10.78
N LEU C 404 33.68 3.10 -11.84
CA LEU C 404 33.82 4.32 -12.58
C LEU C 404 32.49 4.72 -13.09
N LEU C 405 31.65 3.79 -13.51
CA LEU C 405 30.41 4.22 -14.10
C LEU C 405 29.22 4.30 -13.15
N THR C 406 29.40 4.04 -11.86
CA THR C 406 28.37 4.43 -10.90
C THR C 406 28.76 5.52 -9.91
N ASN C 407 30.02 5.94 -9.92
CA ASN C 407 30.52 6.84 -8.92
C ASN C 407 29.88 8.16 -9.14
N LYS C 408 29.52 8.85 -8.07
CA LYS C 408 29.10 10.25 -8.15
C LYS C 408 30.33 11.18 -8.23
N SER C 409 30.13 12.42 -8.72
CA SER C 409 31.14 13.50 -8.58
C SER C 409 32.37 13.38 -9.41
N SER C 410 32.31 12.71 -10.54
CA SER C 410 33.43 12.63 -11.50
C SER C 410 32.88 12.25 -12.87
N VAL C 411 33.35 12.86 -13.95
CA VAL C 411 32.94 12.43 -15.27
C VAL C 411 33.77 11.21 -15.65
N PRO C 412 33.14 10.06 -15.90
CA PRO C 412 33.94 8.88 -16.20
C PRO C 412 34.51 8.92 -17.62
N ARG C 413 35.73 8.51 -17.84
CA ARG C 413 36.15 8.39 -19.23
C ARG C 413 36.39 6.96 -19.64
N VAL C 414 35.67 6.49 -20.64
CA VAL C 414 35.76 5.10 -21.05
C VAL C 414 36.85 4.96 -22.09
N TYR C 415 37.78 4.05 -21.90
CA TYR C 415 38.87 3.92 -22.87
C TYR C 415 38.46 2.94 -23.95
N TYR C 416 38.78 3.31 -25.19
CA TYR C 416 38.32 2.58 -26.37
C TYR C 416 38.80 1.14 -26.31
N GLY C 417 40.03 0.97 -25.89
CA GLY C 417 40.66 -0.32 -25.83
C GLY C 417 40.21 -1.21 -24.68
N ASP C 418 39.17 -0.82 -23.96
CA ASP C 418 38.63 -1.69 -22.95
C ASP C 418 37.39 -2.29 -23.48
N MET C 419 36.89 -1.70 -24.55
CA MET C 419 35.71 -2.20 -25.23
C MET C 419 36.02 -2.93 -26.55
N PHE C 420 37.04 -2.47 -27.26
CA PHE C 420 37.57 -3.12 -28.49
C PHE C 420 39.04 -3.44 -28.34
N THR C 421 39.54 -4.35 -29.17
CA THR C 421 40.90 -4.81 -29.07
C THR C 421 41.86 -3.67 -29.35
N ASP C 422 42.91 -3.56 -28.55
CA ASP C 422 43.85 -2.46 -28.70
C ASP C 422 44.50 -2.46 -30.05
N ASP C 423 44.63 -3.64 -30.65
CA ASP C 423 45.26 -3.77 -31.96
C ASP C 423 44.16 -4.16 -32.92
N GLY C 424 44.43 -4.15 -34.20
CA GLY C 424 43.26 -4.47 -35.00
C GLY C 424 42.54 -3.23 -35.41
N GLN C 425 41.68 -3.37 -36.42
CA GLN C 425 40.99 -2.26 -37.09
C GLN C 425 39.92 -1.65 -36.19
N TYR C 426 39.66 -0.39 -36.43
CA TYR C 426 38.75 0.35 -35.55
C TYR C 426 37.40 -0.34 -35.35
N MET C 427 37.08 -0.71 -34.12
CA MET C 427 35.78 -1.29 -33.81
C MET C 427 35.52 -2.65 -34.44
N ALA C 428 36.53 -3.21 -35.06
CA ALA C 428 36.34 -4.53 -35.60
C ALA C 428 36.05 -5.60 -34.51
N HIS C 429 36.72 -5.57 -33.35
CA HIS C 429 36.67 -6.77 -32.49
C HIS C 429 36.39 -6.40 -31.08
N LYS C 430 35.32 -6.89 -30.47
CA LYS C 430 35.03 -6.51 -29.08
C LYS C 430 35.91 -7.24 -28.09
N THR C 431 36.20 -6.66 -26.92
CA THR C 431 36.95 -7.40 -25.92
C THR C 431 35.94 -8.27 -25.15
N ILE C 432 36.41 -9.20 -24.32
CA ILE C 432 35.44 -10.02 -23.54
C ILE C 432 34.66 -9.20 -22.53
N ASN C 433 35.08 -7.97 -22.28
CA ASN C 433 34.36 -7.08 -21.34
C ASN C 433 33.39 -6.11 -22.02
N TYR C 434 33.37 -6.11 -23.35
CA TYR C 434 32.48 -5.26 -24.10
C TYR C 434 31.05 -5.37 -23.63
N GLU C 435 30.50 -6.55 -23.50
CA GLU C 435 29.13 -6.65 -23.00
C GLU C 435 28.89 -6.04 -21.61
N ALA C 436 29.76 -6.34 -20.67
CA ALA C 436 29.56 -5.85 -19.36
C ALA C 436 29.63 -4.34 -19.40
N ILE C 437 30.65 -3.81 -20.03
CA ILE C 437 30.78 -2.35 -20.07
C ILE C 437 29.57 -1.66 -20.76
N GLU C 438 29.11 -2.21 -21.87
CA GLU C 438 27.98 -1.65 -22.57
C GLU C 438 26.75 -1.68 -21.71
N THR C 439 26.55 -2.75 -20.96
CA THR C 439 25.40 -2.92 -20.10
C THR C 439 25.41 -1.87 -19.03
N LEU C 440 26.60 -1.59 -18.50
CA LEU C 440 26.81 -0.56 -17.49
C LEU C 440 26.53 0.81 -18.06
N LEU C 441 26.97 1.04 -19.30
CA LEU C 441 26.82 2.35 -19.88
C LEU C 441 25.36 2.69 -20.00
N LYS C 442 24.58 1.70 -20.39
CA LYS C 442 23.17 1.85 -20.69
C LYS C 442 22.38 2.06 -19.40
N ALA C 443 22.79 1.33 -18.36
CA ALA C 443 22.23 1.37 -17.03
C ALA C 443 22.47 2.71 -16.42
N ARG C 444 23.66 3.25 -16.62
CA ARG C 444 23.99 4.54 -16.07
C ARG C 444 22.96 5.56 -16.55
N ILE C 445 22.61 5.56 -17.83
CA ILE C 445 21.70 6.55 -18.31
C ILE C 445 20.41 6.40 -17.57
N LYS C 446 20.03 5.16 -17.33
CA LYS C 446 18.73 4.85 -16.80
C LYS C 446 18.62 4.89 -15.26
N TYR C 447 19.61 4.42 -14.53
CA TYR C 447 19.47 4.29 -13.08
C TYR C 447 20.32 5.19 -12.18
N VAL C 448 21.41 5.75 -12.71
CA VAL C 448 22.50 6.23 -11.88
C VAL C 448 22.28 7.70 -11.52
N SER C 449 21.85 8.00 -10.31
CA SER C 449 21.59 9.37 -9.97
C SER C 449 21.39 9.41 -8.52
N GLY C 450 21.53 10.56 -7.94
CA GLY C 450 21.37 10.65 -6.50
C GLY C 450 22.68 10.60 -5.75
N GLY C 451 22.58 10.77 -4.44
CA GLY C 451 23.73 10.67 -3.57
C GLY C 451 24.38 9.30 -3.57
N GLN C 452 25.60 9.24 -3.03
CA GLN C 452 26.32 7.97 -3.02
C GLN C 452 26.75 7.57 -1.61
N ALA C 453 26.68 6.28 -1.31
CA ALA C 453 27.30 5.75 -0.09
C ALA C 453 28.17 4.58 -0.45
N MET C 454 29.33 4.51 0.19
CA MET C 454 30.28 3.41 0.04
C MET C 454 30.66 2.81 1.40
N ARG C 455 30.64 1.49 1.42
CA ARG C 455 30.92 0.80 2.64
C ARG C 455 31.92 -0.27 2.37
N ASN C 456 32.79 -0.47 3.34
CA ASN C 456 33.77 -1.50 3.24
C ASN C 456 33.58 -2.51 4.38
N GLN C 457 33.19 -3.74 4.09
CA GLN C 457 32.83 -4.65 5.17
C GLN C 457 33.76 -5.84 5.22
N GLN C 458 34.28 -6.21 6.39
CA GLN C 458 35.10 -7.41 6.48
C GLN C 458 34.21 -8.61 6.79
N VAL C 459 34.17 -9.57 5.88
CA VAL C 459 33.37 -10.76 6.03
C VAL C 459 34.18 -12.00 5.77
N GLY C 460 33.75 -13.11 6.38
CA GLY C 460 34.34 -14.39 6.10
C GLY C 460 35.81 -14.18 6.26
N ASN C 461 36.57 -14.55 5.25
CA ASN C 461 38.01 -14.50 5.33
C ASN C 461 38.59 -13.34 4.53
N SER C 462 37.77 -12.39 4.14
CA SER C 462 38.27 -11.32 3.33
C SER C 462 37.39 -10.11 3.53
N GLU C 463 37.16 -9.32 2.49
CA GLU C 463 36.36 -8.11 2.62
C GLU C 463 35.54 -7.82 1.33
N ILE C 464 34.55 -6.95 1.39
CA ILE C 464 33.87 -6.50 0.19
C ILE C 464 33.67 -5.01 0.33
N ILE C 465 33.32 -4.35 -0.77
CA ILE C 465 32.84 -2.99 -0.59
C ILE C 465 31.48 -2.93 -1.25
N THR C 466 30.62 -2.02 -0.80
CA THR C 466 29.38 -1.80 -1.48
C THR C 466 29.34 -0.36 -1.95
N SER C 467 28.76 -0.11 -3.10
CA SER C 467 28.58 1.26 -3.56
C SER C 467 27.12 1.49 -3.98
N VAL C 468 26.45 2.50 -3.42
CA VAL C 468 25.05 2.66 -3.72
C VAL C 468 24.76 4.07 -4.23
N ARG C 469 23.90 4.21 -5.24
CA ARG C 469 23.37 5.50 -5.60
C ARG C 469 21.88 5.51 -5.22
N TYR C 470 21.43 6.52 -4.51
CA TYR C 470 20.07 6.50 -3.96
C TYR C 470 18.92 6.61 -4.96
N GLY C 471 19.13 7.18 -6.15
CA GLY C 471 18.07 7.38 -7.12
C GLY C 471 17.91 8.84 -7.40
N LYS C 472 17.48 9.18 -8.60
CA LYS C 472 17.30 10.57 -8.95
C LYS C 472 16.48 11.29 -7.89
N GLY C 473 16.99 12.35 -7.29
CA GLY C 473 16.09 13.14 -6.44
C GLY C 473 16.30 12.81 -4.98
N ALA C 474 17.32 12.00 -4.70
CA ALA C 474 17.66 11.68 -3.32
C ALA C 474 19.17 11.90 -3.08
N LEU C 475 19.59 13.02 -2.49
CA LEU C 475 20.98 13.21 -2.25
C LEU C 475 21.35 12.44 -0.99
N LYS C 476 20.37 12.33 -0.12
CA LYS C 476 20.62 11.77 1.18
C LYS C 476 19.94 10.43 1.37
N ALA C 477 20.48 9.62 2.25
CA ALA C 477 19.84 8.35 2.49
C ALA C 477 18.45 8.48 3.07
N THR C 478 18.12 9.58 3.71
CA THR C 478 16.78 9.72 4.26
C THR C 478 15.79 10.37 3.28
N ASP C 479 16.25 10.84 2.11
CA ASP C 479 15.35 11.50 1.16
C ASP C 479 14.42 10.47 0.55
N THR C 480 13.12 10.72 0.51
CA THR C 480 12.28 9.68 -0.13
C THR C 480 12.05 9.95 -1.64
N GLY C 481 12.31 11.18 -2.12
CA GLY C 481 12.10 11.47 -3.55
C GLY C 481 10.71 11.17 -4.09
N ASP C 482 10.61 10.72 -5.34
CA ASP C 482 9.29 10.62 -6.01
C ASP C 482 9.32 9.33 -6.82
N ARG C 483 8.36 9.16 -7.73
CA ARG C 483 8.30 7.86 -8.43
C ARG C 483 9.59 7.46 -9.14
N ILE C 484 10.20 8.40 -9.86
CA ILE C 484 11.44 8.17 -10.54
C ILE C 484 12.48 7.77 -9.52
N THR C 485 12.54 8.44 -8.37
CA THR C 485 13.56 8.03 -7.40
C THR C 485 13.39 6.54 -7.12
N ARG C 486 12.14 6.10 -7.03
CA ARG C 486 11.87 4.74 -6.62
C ARG C 486 12.42 3.76 -7.67
N THR C 487 12.30 4.08 -8.94
CA THR C 487 12.76 3.16 -9.94
C THR C 487 14.16 3.48 -10.50
N SER C 488 15.00 4.17 -9.72
CA SER C 488 16.37 4.45 -10.14
C SER C 488 17.26 4.16 -8.98
N GLY C 489 18.53 4.46 -9.08
CA GLY C 489 19.46 4.00 -8.03
C GLY C 489 20.07 2.67 -8.44
N VAL C 490 21.17 2.32 -7.83
CA VAL C 490 21.80 1.06 -8.17
C VAL C 490 22.66 0.61 -6.99
N VAL C 491 22.99 -0.66 -6.90
CA VAL C 491 23.99 -1.09 -5.93
C VAL C 491 25.06 -1.94 -6.57
N VAL C 492 26.33 -1.74 -6.20
CA VAL C 492 27.46 -2.49 -6.74
C VAL C 492 28.16 -3.15 -5.58
N ILE C 493 28.43 -4.42 -5.69
CA ILE C 493 29.15 -5.12 -4.66
C ILE C 493 30.35 -5.77 -5.27
N GLU C 494 31.50 -5.59 -4.65
CA GLU C 494 32.70 -6.11 -5.22
C GLU C 494 33.61 -6.62 -4.16
N GLY C 495 34.39 -7.59 -4.54
CA GLY C 495 35.39 -8.14 -3.67
C GLY C 495 36.58 -8.40 -4.56
N ASN C 496 37.78 -8.35 -4.00
CA ASN C 496 39.03 -8.40 -4.80
C ASN C 496 39.89 -9.57 -4.57
N ASN C 497 39.34 -10.63 -3.98
CA ASN C 497 40.09 -11.81 -3.61
C ASN C 497 39.29 -13.04 -3.94
N PRO C 498 39.83 -13.87 -4.85
CA PRO C 498 39.12 -14.96 -5.44
C PRO C 498 38.85 -16.01 -4.44
N SER C 499 39.56 -15.99 -3.34
CA SER C 499 39.32 -17.01 -2.36
C SER C 499 38.32 -16.56 -1.25
N LEU C 500 37.60 -15.44 -1.48
CA LEU C 500 36.56 -14.97 -0.59
C LEU C 500 35.50 -16.02 -0.20
N ARG C 501 35.27 -16.31 1.09
CA ARG C 501 34.13 -17.15 1.47
C ARG C 501 33.38 -16.56 2.62
N LEU C 502 32.06 -16.40 2.49
CA LEU C 502 31.30 -15.96 3.65
C LEU C 502 31.02 -17.11 4.65
N LYS C 503 30.95 -16.81 5.93
CA LYS C 503 30.50 -17.81 6.86
C LYS C 503 29.00 -17.97 6.69
N ALA C 504 28.49 -19.10 7.14
CA ALA C 504 27.07 -19.33 7.01
C ALA C 504 26.25 -18.20 7.64
N SER C 505 26.79 -17.53 8.61
CA SER C 505 25.96 -16.56 9.23
C SER C 505 26.25 -15.13 8.80
N ASP C 506 27.17 -14.90 7.85
CA ASP C 506 27.48 -13.55 7.49
C ASP C 506 26.34 -12.93 6.72
N ARG C 507 26.15 -11.63 6.84
CA ARG C 507 25.17 -10.94 6.05
C ARG C 507 25.82 -9.67 5.54
N VAL C 508 25.65 -9.32 4.27
CA VAL C 508 25.97 -7.96 3.90
C VAL C 508 24.69 -7.14 3.81
N VAL C 509 24.48 -6.23 4.75
CA VAL C 509 23.24 -5.45 4.76
C VAL C 509 23.48 -4.10 4.05
N VAL C 510 22.93 -3.87 2.85
CA VAL C 510 23.16 -2.60 2.16
C VAL C 510 22.01 -1.62 2.29
N ASN C 511 22.23 -0.41 2.79
CA ASN C 511 21.13 0.55 2.77
C ASN C 511 20.83 1.07 1.33
N MET C 512 19.64 0.96 0.79
CA MET C 512 19.48 1.45 -0.55
C MET C 512 18.93 2.85 -0.60
N GLY C 513 18.40 3.30 0.53
CA GLY C 513 17.70 4.59 0.58
C GLY C 513 16.22 4.50 0.89
N ALA C 514 15.68 5.60 1.41
CA ALA C 514 14.30 5.67 1.83
C ALA C 514 13.32 5.51 0.66
N ALA C 515 13.73 5.74 -0.60
CA ALA C 515 12.82 5.62 -1.71
C ALA C 515 12.54 4.15 -2.01
N HIS C 516 13.21 3.29 -1.29
CA HIS C 516 13.27 1.89 -1.69
C HIS C 516 12.91 0.97 -0.52
N LYS C 517 11.93 1.35 0.29
CA LYS C 517 11.41 0.31 1.18
C LYS C 517 10.51 -0.72 0.48
N ASN C 518 10.63 -1.99 0.92
CA ASN C 518 9.95 -3.18 0.39
C ASN C 518 9.92 -3.16 -1.10
N GLN C 519 11.01 -3.49 -1.78
CA GLN C 519 11.05 -3.28 -3.23
C GLN C 519 11.71 -4.44 -3.93
N ALA C 520 11.21 -4.74 -5.11
CA ALA C 520 11.84 -5.73 -5.89
C ALA C 520 13.05 -5.13 -6.60
N TYR C 521 14.15 -5.86 -6.46
CA TYR C 521 15.36 -5.65 -7.20
C TYR C 521 15.72 -6.83 -8.08
N ARG C 522 16.50 -6.57 -9.13
CA ARG C 522 16.93 -7.60 -10.04
C ARG C 522 18.37 -7.33 -10.53
N PRO C 523 19.09 -8.39 -10.90
CA PRO C 523 20.46 -8.29 -11.33
C PRO C 523 20.73 -7.59 -12.67
N LEU C 524 21.76 -6.78 -12.66
CA LEU C 524 22.24 -6.19 -13.88
C LEU C 524 23.43 -7.02 -14.36
N LEU C 525 24.40 -7.24 -13.48
CA LEU C 525 25.56 -8.10 -13.79
C LEU C 525 25.82 -9.08 -12.63
N LEU C 526 26.02 -10.36 -12.95
CA LEU C 526 26.39 -11.34 -11.94
C LEU C 526 27.66 -12.06 -12.31
N THR C 527 28.55 -12.30 -11.36
CA THR C 527 29.73 -13.08 -11.70
C THR C 527 29.36 -14.54 -11.79
N THR C 528 29.94 -15.21 -12.76
CA THR C 528 29.68 -16.65 -12.99
C THR C 528 31.00 -17.40 -13.01
N ASP C 529 30.94 -18.72 -13.01
CA ASP C 529 32.18 -19.45 -13.03
C ASP C 529 33.13 -18.98 -14.12
N ASN C 530 32.55 -18.71 -15.29
CA ASN C 530 33.35 -18.37 -16.48
C ASN C 530 33.36 -16.94 -16.88
N GLY C 531 32.56 -16.09 -16.27
CA GLY C 531 32.63 -14.70 -16.65
C GLY C 531 31.63 -13.88 -15.91
N ILE C 532 30.95 -13.02 -16.63
CA ILE C 532 30.00 -12.13 -16.03
C ILE C 532 28.79 -12.26 -16.87
N LYS C 533 27.66 -12.57 -16.28
CA LYS C 533 26.42 -12.64 -17.04
C LYS C 533 25.72 -11.24 -17.00
N ALA C 534 25.33 -10.70 -18.17
CA ALA C 534 24.64 -9.42 -18.16
C ALA C 534 23.14 -9.62 -18.35
N TYR C 535 22.35 -8.84 -17.64
CA TYR C 535 20.91 -8.86 -17.81
C TYR C 535 20.36 -7.60 -18.43
N HIS C 536 19.73 -7.77 -19.58
CA HIS C 536 19.34 -6.66 -20.37
C HIS C 536 17.96 -6.13 -20.17
N SER C 537 17.15 -6.76 -19.32
CA SER C 537 15.81 -6.25 -18.96
C SER C 537 15.38 -6.90 -17.68
N ASP C 538 14.33 -6.37 -17.04
CA ASP C 538 13.78 -7.03 -15.84
C ASP C 538 13.38 -8.46 -16.20
N GLN C 539 12.84 -8.62 -17.41
CA GLN C 539 12.28 -9.89 -17.84
C GLN C 539 13.36 -10.94 -18.05
N GLU C 540 14.51 -10.54 -18.59
CA GLU C 540 15.65 -11.41 -18.64
C GLU C 540 16.10 -11.98 -17.26
N ALA C 541 15.89 -11.24 -16.16
CA ALA C 541 16.30 -11.60 -14.81
C ALA C 541 15.12 -12.05 -13.99
N ALA C 542 14.16 -12.63 -14.67
CA ALA C 542 12.87 -12.97 -14.05
C ALA C 542 12.97 -13.90 -12.86
N GLY C 543 13.81 -14.94 -12.97
CA GLY C 543 13.90 -15.90 -11.86
C GLY C 543 14.78 -15.47 -10.70
N LEU C 544 15.26 -14.23 -10.71
CA LEU C 544 16.33 -13.88 -9.80
C LEU C 544 16.01 -12.68 -8.97
N VAL C 545 14.75 -12.38 -8.79
CA VAL C 545 14.41 -11.17 -8.08
C VAL C 545 14.75 -11.29 -6.60
N ARG C 546 15.07 -10.20 -5.93
CA ARG C 546 15.20 -10.22 -4.47
C ARG C 546 14.57 -8.95 -3.96
N TYR C 547 14.38 -8.80 -2.66
CA TYR C 547 13.62 -7.63 -2.14
C TYR C 547 14.38 -6.84 -1.08
N THR C 548 14.16 -5.54 -0.99
CA THR C 548 14.61 -4.82 0.19
C THR C 548 13.60 -5.10 1.29
N ASN C 549 14.01 -4.88 2.51
CA ASN C 549 13.10 -5.03 3.58
C ASN C 549 12.44 -3.72 3.85
N ASP C 550 11.78 -3.71 5.01
CA ASP C 550 11.29 -2.56 5.74
C ASP C 550 12.09 -1.29 5.76
N ARG C 551 13.38 -1.47 5.89
CA ARG C 551 14.24 -0.40 6.17
C ARG C 551 14.86 -0.02 4.90
N GLY C 552 14.46 -0.67 3.83
CA GLY C 552 15.04 -0.35 2.51
C GLY C 552 16.46 -0.89 2.39
N GLU C 553 16.73 -1.97 3.14
CA GLU C 553 17.98 -2.74 3.01
C GLU C 553 17.87 -3.94 2.08
N LEU C 554 18.86 -4.07 1.18
CA LEU C 554 19.05 -5.29 0.45
C LEU C 554 19.96 -6.08 1.31
N ILE C 555 19.79 -7.38 1.38
CA ILE C 555 20.70 -8.11 2.24
C ILE C 555 21.21 -9.30 1.50
N PHE C 556 22.51 -9.55 1.63
CA PHE C 556 23.18 -10.54 0.79
C PHE C 556 23.90 -11.56 1.63
N THR C 557 24.01 -12.73 1.06
CA THR C 557 24.38 -13.91 1.77
C THR C 557 25.43 -14.76 1.05
N ALA C 558 26.00 -15.76 1.74
CA ALA C 558 27.07 -16.54 1.08
C ALA C 558 26.54 -17.05 -0.25
N ALA C 559 25.26 -17.43 -0.29
CA ALA C 559 24.62 -17.90 -1.52
C ALA C 559 24.69 -16.83 -2.63
N ASP C 560 24.86 -15.55 -2.29
CA ASP C 560 25.00 -14.46 -3.29
C ASP C 560 26.46 -14.13 -3.57
N ILE C 561 27.26 -13.98 -2.51
CA ILE C 561 28.66 -13.50 -2.61
C ILE C 561 29.71 -14.58 -2.32
N LYS C 562 30.58 -14.81 -3.28
CA LYS C 562 31.80 -15.61 -3.07
C LYS C 562 32.89 -15.26 -4.06
N GLY C 563 34.09 -15.72 -3.81
CA GLY C 563 35.18 -15.43 -4.72
C GLY C 563 35.11 -16.27 -5.96
N TYR C 564 35.49 -15.68 -7.09
CA TYR C 564 35.60 -16.37 -8.37
C TYR C 564 36.94 -16.03 -8.97
N ALA C 565 37.45 -16.88 -9.86
CA ALA C 565 38.65 -16.57 -10.67
C ALA C 565 38.43 -17.11 -12.06
N ASN C 566 38.08 -16.21 -12.96
CA ASN C 566 37.89 -16.51 -14.35
C ASN C 566 38.56 -15.36 -15.09
N PRO C 567 38.50 -15.37 -16.42
CA PRO C 567 39.30 -14.37 -17.10
C PRO C 567 38.71 -12.96 -16.97
N GLN C 568 37.52 -12.81 -16.38
CA GLN C 568 37.01 -11.45 -16.17
C GLN C 568 37.04 -10.97 -14.76
N VAL C 569 36.92 -11.89 -13.83
CA VAL C 569 36.80 -11.54 -12.42
C VAL C 569 37.84 -12.30 -11.59
N SER C 570 38.48 -11.61 -10.66
CA SER C 570 39.39 -12.20 -9.69
C SER C 570 38.90 -11.63 -8.38
N GLY C 571 37.88 -12.24 -7.79
CA GLY C 571 37.17 -11.66 -6.64
C GLY C 571 35.71 -11.76 -6.92
N TYR C 572 34.97 -10.67 -6.88
CA TYR C 572 33.54 -10.79 -7.06
C TYR C 572 32.93 -9.51 -7.55
N LEU C 573 31.91 -9.60 -8.39
CA LEU C 573 31.13 -8.45 -8.83
C LEU C 573 29.65 -8.77 -8.86
N GLY C 574 28.83 -7.87 -8.32
CA GLY C 574 27.38 -7.99 -8.50
C GLY C 574 26.79 -6.61 -8.64
N VAL C 575 25.80 -6.42 -9.52
CA VAL C 575 25.11 -5.15 -9.63
C VAL C 575 23.60 -5.38 -9.75
N TRP C 576 22.81 -4.63 -8.99
CA TRP C 576 21.39 -4.86 -8.90
C TRP C 576 20.65 -3.58 -9.09
N VAL C 577 19.52 -3.63 -9.74
CA VAL C 577 18.78 -2.41 -10.00
C VAL C 577 17.33 -2.56 -9.65
N PRO C 578 16.68 -1.48 -9.33
CA PRO C 578 15.29 -1.62 -9.02
C PRO C 578 14.51 -2.16 -10.20
N VAL C 579 13.51 -2.98 -9.94
CA VAL C 579 12.67 -3.47 -11.03
C VAL C 579 11.67 -2.40 -11.45
N GLY C 580 11.38 -2.27 -12.73
CA GLY C 580 10.24 -1.48 -13.06
C GLY C 580 10.47 -0.21 -13.82
N ALA C 581 11.70 0.05 -14.24
CA ALA C 581 12.06 1.31 -14.85
C ALA C 581 11.48 1.23 -16.23
N ALA C 582 10.83 2.27 -16.76
CA ALA C 582 10.28 2.20 -18.13
C ALA C 582 11.42 2.09 -19.12
N ALA C 583 11.15 1.55 -20.30
CA ALA C 583 12.17 1.32 -21.30
C ALA C 583 12.96 2.54 -21.56
N ASP C 584 12.30 3.66 -21.52
CA ASP C 584 12.98 4.88 -21.95
C ASP C 584 13.25 5.86 -20.75
N GLN C 585 13.24 5.36 -19.53
CA GLN C 585 13.59 6.21 -18.41
C GLN C 585 15.02 6.69 -18.53
N ASP C 586 15.25 7.96 -18.25
CA ASP C 586 16.57 8.61 -18.39
C ASP C 586 16.63 9.56 -17.21
N VAL C 587 17.61 9.36 -16.32
CA VAL C 587 17.68 10.16 -15.14
C VAL C 587 18.79 11.16 -15.23
N ARG C 588 19.34 11.28 -16.42
CA ARG C 588 20.30 12.31 -16.64
C ARG C 588 19.62 13.66 -16.63
N VAL C 589 20.41 14.70 -16.51
CA VAL C 589 19.87 16.00 -16.23
C VAL C 589 20.66 17.08 -17.04
N ALA C 590 20.00 18.14 -17.50
CA ALA C 590 20.67 19.13 -18.38
C ALA C 590 21.21 20.26 -17.56
N ALA C 591 22.30 20.91 -18.02
CA ALA C 591 22.92 21.99 -17.26
C ALA C 591 22.00 23.16 -17.37
N SER C 592 21.87 23.95 -16.30
CA SER C 592 20.98 25.11 -16.39
C SER C 592 21.71 26.37 -16.89
N THR C 593 20.92 27.36 -17.35
CA THR C 593 21.51 28.61 -17.82
C THR C 593 21.58 29.65 -16.68
N ALA C 594 21.15 29.29 -15.48
CA ALA C 594 21.36 30.20 -14.34
C ALA C 594 22.80 30.65 -14.27
N PRO C 595 23.00 31.92 -13.95
CA PRO C 595 24.34 32.52 -13.83
C PRO C 595 25.22 31.82 -12.83
N SER C 596 26.48 31.63 -13.16
CA SER C 596 27.36 30.99 -12.21
C SER C 596 27.81 32.08 -11.29
N THR C 597 28.04 31.77 -10.03
CA THR C 597 28.27 32.87 -9.08
C THR C 597 29.49 32.66 -8.21
N ASP C 598 30.11 31.49 -8.24
CA ASP C 598 31.15 31.19 -7.27
C ASP C 598 32.53 31.36 -7.90
N GLY C 599 32.61 32.05 -9.04
CA GLY C 599 33.91 32.25 -9.65
C GLY C 599 34.52 31.05 -10.35
N LYS C 600 33.85 29.89 -10.39
CA LYS C 600 34.39 28.76 -11.11
C LYS C 600 33.56 28.54 -12.35
N SER C 601 34.14 27.98 -13.40
CA SER C 601 33.38 27.76 -14.60
C SER C 601 32.75 26.41 -14.63
N VAL C 602 33.45 25.38 -14.23
CA VAL C 602 32.87 24.03 -14.29
C VAL C 602 32.43 23.64 -12.89
N HIS C 603 31.22 23.05 -12.76
CA HIS C 603 30.71 22.61 -11.44
C HIS C 603 30.36 21.17 -11.47
N GLN C 604 30.90 20.39 -10.57
CA GLN C 604 30.60 18.96 -10.60
C GLN C 604 29.26 18.69 -9.93
N ASN C 605 28.18 18.98 -10.62
CA ASN C 605 26.85 18.79 -10.06
C ASN C 605 26.18 17.67 -10.82
N ALA C 606 24.89 17.49 -10.65
CA ALA C 606 24.22 16.43 -11.34
C ALA C 606 24.35 16.52 -12.85
N ALA C 607 24.38 17.73 -13.42
CA ALA C 607 24.46 17.84 -14.87
C ALA C 607 25.81 17.38 -15.35
N LEU C 608 26.84 17.67 -14.58
CA LEU C 608 28.14 17.29 -15.05
C LEU C 608 28.25 15.75 -14.86
N ASP C 609 27.76 15.27 -13.73
CA ASP C 609 27.76 13.85 -13.48
C ASP C 609 27.04 13.14 -14.62
N SER C 610 26.19 13.83 -15.36
CA SER C 610 25.43 13.17 -16.38
C SER C 610 26.23 12.89 -17.61
N ARG C 611 27.42 13.45 -17.73
CA ARG C 611 28.23 13.23 -18.90
C ARG C 611 29.08 11.99 -18.85
N VAL C 612 29.44 11.54 -20.04
CA VAL C 612 30.36 10.42 -20.24
C VAL C 612 31.32 10.71 -21.39
N MET C 613 32.59 10.53 -21.11
CA MET C 613 33.59 10.91 -22.06
C MET C 613 34.22 9.66 -22.66
N PHE C 614 34.35 9.59 -23.95
CA PHE C 614 34.89 8.38 -24.53
C PHE C 614 36.24 8.68 -25.18
N GLU C 615 37.30 8.03 -24.75
CA GLU C 615 38.55 8.19 -25.43
C GLU C 615 38.55 7.30 -26.65
N GLY C 616 38.32 7.86 -27.84
CA GLY C 616 38.02 7.02 -28.99
C GLY C 616 39.14 6.57 -29.94
N PHE C 617 40.31 6.19 -29.40
CA PHE C 617 41.35 5.62 -30.23
C PHE C 617 42.32 4.82 -29.39
N SER C 618 43.15 4.02 -30.05
CA SER C 618 44.12 3.21 -29.42
C SER C 618 45.42 3.52 -30.08
N ASN C 619 46.51 3.62 -29.35
CA ASN C 619 47.80 3.72 -30.03
C ASN C 619 48.05 2.61 -31.02
N PHE C 620 47.55 1.46 -30.73
CA PHE C 620 48.08 0.33 -31.35
C PHE C 620 47.13 -0.19 -32.35
N GLN C 621 46.19 0.68 -32.74
CA GLN C 621 45.27 0.40 -33.82
C GLN C 621 45.99 0.03 -35.07
N ALA C 622 45.44 -0.89 -35.84
CA ALA C 622 46.05 -1.30 -37.12
C ALA C 622 45.95 -0.11 -38.06
N PHE C 623 46.82 -0.01 -39.07
CA PHE C 623 46.58 0.88 -40.23
C PHE C 623 45.45 0.38 -41.15
N ALA C 624 44.62 1.32 -41.63
CA ALA C 624 43.44 0.96 -42.44
C ALA C 624 43.89 0.39 -43.80
N THR C 625 43.24 -0.70 -44.24
CA THR C 625 43.66 -1.30 -45.50
C THR C 625 42.79 -0.78 -46.61
N LYS C 626 41.81 0.01 -46.26
CA LYS C 626 40.97 0.49 -47.31
C LYS C 626 40.14 1.55 -46.64
N LYS C 627 39.57 2.41 -47.46
CA LYS C 627 38.82 3.56 -47.02
C LYS C 627 37.79 3.23 -45.92
N GLU C 628 36.98 2.18 -46.12
CA GLU C 628 35.89 1.81 -45.18
C GLU C 628 36.43 1.56 -43.76
N GLU C 629 37.72 1.27 -43.66
CA GLU C 629 38.31 0.96 -42.37
C GLU C 629 38.89 2.19 -41.61
N TYR C 630 38.96 3.35 -42.26
CA TYR C 630 39.42 4.56 -41.59
C TYR C 630 38.61 4.88 -40.35
N THR C 631 39.33 5.22 -39.25
CA THR C 631 38.69 5.47 -37.94
C THR C 631 37.54 6.42 -38.16
N ASN C 632 37.84 7.54 -38.83
CA ASN C 632 36.87 8.63 -38.91
C ASN C 632 35.67 8.31 -39.81
N VAL C 633 35.92 7.47 -40.80
CA VAL C 633 34.80 6.93 -41.54
C VAL C 633 33.89 6.07 -40.67
N VAL C 634 34.51 5.24 -39.83
CA VAL C 634 33.80 4.30 -39.00
C VAL C 634 33.07 5.03 -37.93
N ILE C 635 33.69 6.05 -37.38
CA ILE C 635 33.04 6.79 -36.31
C ILE C 635 31.69 7.35 -36.81
N ALA C 636 31.68 7.94 -37.99
CA ALA C 636 30.45 8.53 -38.45
C ALA C 636 29.39 7.46 -38.64
N LYS C 637 29.77 6.32 -39.18
CA LYS C 637 28.83 5.21 -39.41
C LYS C 637 28.31 4.61 -38.11
N ASN C 638 29.01 4.82 -36.98
CA ASN C 638 28.57 4.23 -35.72
C ASN C 638 28.07 5.21 -34.67
N VAL C 639 27.87 6.42 -35.15
CA VAL C 639 27.52 7.50 -34.27
C VAL C 639 26.36 7.12 -33.31
N ASP C 640 25.46 6.23 -33.74
CA ASP C 640 24.30 5.85 -32.93
C ASP C 640 24.69 5.10 -31.67
N LYS C 641 25.72 4.27 -31.78
CA LYS C 641 26.20 3.51 -30.63
C LYS C 641 26.55 4.45 -29.49
N PHE C 642 27.25 5.54 -29.82
CA PHE C 642 27.84 6.32 -28.77
C PHE C 642 26.67 6.96 -28.06
N ALA C 643 25.67 7.40 -28.83
CA ALA C 643 24.46 7.98 -28.22
C ALA C 643 23.80 6.97 -27.29
N GLU C 644 23.70 5.73 -27.75
CA GLU C 644 23.22 4.68 -26.95
C GLU C 644 24.03 4.47 -25.67
N TRP C 645 25.31 4.83 -25.66
CA TRP C 645 26.10 4.55 -24.48
C TRP C 645 26.15 5.73 -23.56
N GLY C 646 25.60 6.83 -24.03
CA GLY C 646 25.56 8.05 -23.24
C GLY C 646 26.80 8.90 -23.38
N VAL C 647 27.54 8.67 -24.44
CA VAL C 647 28.72 9.48 -24.70
C VAL C 647 28.27 10.86 -24.97
N THR C 648 28.76 11.79 -24.17
CA THR C 648 28.42 13.17 -24.36
C THR C 648 29.65 13.90 -24.89
N ASP C 649 30.84 13.38 -24.59
CA ASP C 649 32.04 14.05 -25.08
C ASP C 649 33.00 13.04 -25.67
N PHE C 650 33.23 13.17 -26.96
CA PHE C 650 34.04 12.23 -27.66
C PHE C 650 35.47 12.76 -27.84
N GLU C 651 36.42 12.15 -27.15
CA GLU C 651 37.77 12.63 -27.22
C GLU C 651 38.40 11.97 -28.40
N MET C 652 38.61 12.74 -29.45
CA MET C 652 39.27 12.20 -30.60
C MET C 652 40.78 12.11 -30.40
N ALA C 653 41.43 11.28 -31.23
CA ALA C 653 42.88 11.23 -31.31
C ALA C 653 43.39 12.56 -31.84
N PRO C 654 44.64 12.91 -31.54
CA PRO C 654 45.24 14.07 -32.24
C PRO C 654 45.13 13.85 -33.73
N GLN C 655 44.70 14.87 -34.48
CA GLN C 655 44.46 14.67 -35.93
C GLN C 655 45.54 15.19 -36.86
N TYR C 656 46.64 15.65 -36.29
CA TYR C 656 47.76 16.08 -37.09
C TYR C 656 48.38 14.88 -37.79
N VAL C 657 48.86 15.12 -39.01
CA VAL C 657 49.56 14.13 -39.81
C VAL C 657 50.87 13.68 -39.12
N SER C 658 51.00 12.37 -38.92
CA SER C 658 52.11 11.86 -38.15
C SER C 658 53.45 11.97 -38.82
N SER C 659 54.52 12.20 -38.08
CA SER C 659 55.80 12.06 -38.77
C SER C 659 56.10 10.60 -38.79
N THR C 660 57.10 10.23 -39.54
CA THR C 660 57.38 8.80 -39.74
C THR C 660 58.82 8.46 -39.44
N ASP C 661 59.56 9.32 -38.75
CA ASP C 661 60.91 9.00 -38.33
C ASP C 661 61.03 7.82 -37.35
N GLY C 662 59.93 7.33 -36.75
CA GLY C 662 60.07 6.19 -35.82
C GLY C 662 61.03 6.46 -34.65
N SER C 663 61.28 7.73 -34.33
CA SER C 663 62.15 8.01 -33.23
C SER C 663 61.47 7.82 -31.90
N PHE C 664 60.18 7.57 -31.90
CA PHE C 664 59.46 7.30 -30.66
C PHE C 664 58.21 6.54 -31.09
N LEU C 665 57.65 5.77 -30.16
CA LEU C 665 56.48 4.95 -30.41
C LEU C 665 55.43 5.74 -31.17
N ASP C 666 55.25 7.02 -30.80
CA ASP C 666 54.18 7.85 -31.40
C ASP C 666 54.28 7.97 -32.91
N SER C 667 55.51 7.99 -33.43
CA SER C 667 55.71 8.01 -34.89
C SER C 667 56.04 6.64 -35.40
N VAL C 668 55.96 5.61 -34.59
CA VAL C 668 56.01 4.31 -35.18
C VAL C 668 54.59 3.96 -35.49
N ILE C 669 53.71 4.02 -34.50
CA ILE C 669 52.31 3.64 -34.74
C ILE C 669 51.46 4.80 -35.22
N GLN C 670 52.07 5.99 -35.31
CA GLN C 670 51.44 7.13 -36.02
C GLN C 670 50.12 7.56 -35.47
N ASN C 671 50.08 7.74 -34.14
CA ASN C 671 48.82 8.05 -33.49
C ASN C 671 48.35 9.50 -33.62
N GLY C 672 49.28 10.44 -33.90
CA GLY C 672 48.93 11.84 -34.09
C GLY C 672 49.62 12.78 -33.13
N TYR C 673 50.35 12.26 -32.14
CA TYR C 673 51.11 13.14 -31.26
C TYR C 673 52.49 13.44 -31.73
N ALA C 674 53.02 12.74 -32.73
CA ALA C 674 54.30 13.18 -33.28
C ALA C 674 54.03 13.74 -34.68
N PHE C 675 54.17 15.05 -34.85
CA PHE C 675 53.87 15.70 -36.11
C PHE C 675 54.80 16.83 -36.50
N THR C 676 54.83 17.08 -37.80
CA THR C 676 55.64 18.17 -38.33
C THR C 676 54.85 19.48 -38.54
N ASP C 677 53.56 19.38 -38.75
CA ASP C 677 52.86 20.55 -39.12
C ASP C 677 51.62 20.61 -38.26
N ARG C 678 51.47 21.65 -37.43
CA ARG C 678 50.35 21.73 -36.45
C ARG C 678 48.96 21.87 -37.02
N TYR C 679 48.90 22.42 -38.22
CA TYR C 679 47.63 22.67 -38.88
C TYR C 679 47.26 21.63 -39.92
N ASP C 680 48.08 20.57 -40.08
CA ASP C 680 47.86 19.58 -41.15
C ASP C 680 46.98 18.45 -40.66
N LEU C 681 45.70 18.76 -40.52
CA LEU C 681 44.71 17.84 -40.06
C LEU C 681 44.22 16.94 -41.15
N GLY C 682 45.15 16.29 -41.82
CA GLY C 682 44.83 15.31 -42.83
C GLY C 682 44.65 15.98 -44.16
N ILE C 683 45.19 17.17 -44.26
CA ILE C 683 45.02 17.98 -45.42
C ILE C 683 46.04 17.67 -46.51
N SER C 684 47.35 17.65 -46.25
CA SER C 684 48.24 17.31 -47.36
C SER C 684 48.12 15.84 -47.79
N LYS C 685 47.83 14.96 -46.84
CA LYS C 685 47.61 13.54 -47.09
C LYS C 685 46.74 13.08 -45.94
N PRO C 686 46.17 11.88 -46.04
CA PRO C 686 45.36 11.42 -44.90
C PRO C 686 46.19 11.24 -43.58
N ASN C 687 45.52 11.31 -42.43
CA ASN C 687 46.16 10.86 -41.20
C ASN C 687 45.80 9.39 -40.96
N LYS C 688 46.28 8.78 -39.87
CA LYS C 688 45.88 7.40 -39.57
C LYS C 688 44.35 7.23 -39.67
N TYR C 689 43.59 8.30 -39.42
CA TYR C 689 42.18 8.17 -39.18
C TYR C 689 41.37 8.59 -40.40
N GLY C 690 42.07 8.97 -41.46
CA GLY C 690 41.37 9.36 -42.66
C GLY C 690 41.83 10.70 -43.14
N THR C 691 41.20 11.16 -44.23
CA THR C 691 41.42 12.49 -44.77
C THR C 691 40.75 13.58 -43.94
N ALA C 692 41.12 14.83 -44.22
CA ALA C 692 40.42 15.99 -43.61
C ALA C 692 38.90 15.94 -43.80
N ASP C 693 38.43 15.54 -44.98
CA ASP C 693 36.98 15.43 -45.15
C ASP C 693 36.35 14.34 -44.27
N ASP C 694 37.10 13.28 -44.04
CA ASP C 694 36.60 12.20 -43.25
C ASP C 694 36.38 12.73 -41.85
N LEU C 695 37.33 13.57 -41.46
CA LEU C 695 37.31 14.20 -40.16
C LEU C 695 36.07 15.08 -40.04
N VAL C 696 35.99 16.03 -40.95
CA VAL C 696 34.86 16.91 -40.98
C VAL C 696 33.57 16.09 -40.82
N LYS C 697 33.46 14.97 -41.52
CA LYS C 697 32.20 14.21 -41.44
C LYS C 697 32.04 13.49 -40.10
N ALA C 698 33.15 13.03 -39.51
CA ALA C 698 33.07 12.42 -38.18
C ALA C 698 32.54 13.47 -37.23
N ILE C 699 33.06 14.69 -37.34
CA ILE C 699 32.64 15.76 -36.43
C ILE C 699 31.18 16.09 -36.63
N LYS C 700 30.74 16.15 -37.88
CA LYS C 700 29.35 16.48 -38.16
C LYS C 700 28.39 15.40 -37.78
N ALA C 701 28.84 14.16 -37.89
CA ALA C 701 28.06 13.06 -37.42
C ALA C 701 27.89 13.14 -35.89
N LEU C 702 28.97 13.37 -35.15
CA LEU C 702 28.91 13.36 -33.72
C LEU C 702 27.97 14.45 -33.22
N HIS C 703 28.05 15.60 -33.86
CA HIS C 703 27.16 16.73 -33.61
C HIS C 703 25.73 16.41 -33.92
N SER C 704 25.48 15.61 -34.94
CA SER C 704 24.09 15.30 -35.23
C SER C 704 23.44 14.53 -34.07
N LYS C 705 24.23 13.96 -33.17
CA LYS C 705 23.69 13.24 -32.10
C LYS C 705 23.73 14.05 -30.86
N GLY C 706 24.15 15.29 -30.96
CA GLY C 706 24.30 16.10 -29.78
C GLY C 706 25.60 15.91 -29.02
N ILE C 707 26.54 15.10 -29.55
CA ILE C 707 27.78 14.78 -28.86
C ILE C 707 28.82 15.89 -29.08
N LYS C 708 29.55 16.27 -28.03
CA LYS C 708 30.67 17.18 -28.20
C LYS C 708 31.92 16.45 -28.68
N VAL C 709 32.82 17.18 -29.37
CA VAL C 709 34.02 16.56 -29.92
C VAL C 709 35.20 17.34 -29.48
N MET C 710 36.16 16.64 -28.92
CA MET C 710 37.30 17.30 -28.31
C MET C 710 38.57 17.24 -29.20
N ALA C 711 39.31 18.36 -29.28
CA ALA C 711 40.59 18.42 -30.05
C ALA C 711 41.75 18.26 -29.12
N ASP C 712 42.72 17.43 -29.49
CA ASP C 712 43.86 17.26 -28.63
C ASP C 712 44.86 18.37 -28.89
N TRP C 713 45.01 19.28 -27.94
CA TRP C 713 45.96 20.38 -28.11
C TRP C 713 47.33 19.97 -27.63
N VAL C 714 48.34 19.96 -28.53
CA VAL C 714 49.63 19.37 -28.24
C VAL C 714 50.77 20.37 -28.35
N PRO C 715 50.89 21.27 -27.39
CA PRO C 715 51.90 22.30 -27.53
C PRO C 715 53.34 21.90 -27.15
N ASP C 716 53.55 20.74 -26.54
CA ASP C 716 54.85 20.49 -25.99
C ASP C 716 55.97 20.47 -26.99
N GLN C 717 55.75 19.84 -28.16
CA GLN C 717 56.85 19.51 -29.07
C GLN C 717 56.46 19.27 -30.52
N MET C 718 57.44 19.35 -31.42
CA MET C 718 57.26 18.88 -32.82
C MET C 718 58.38 17.95 -33.32
N TYR C 719 58.02 17.16 -34.32
CA TYR C 719 58.87 16.09 -34.78
C TYR C 719 59.30 16.37 -36.21
N ALA C 720 60.52 15.96 -36.52
CA ALA C 720 60.86 15.76 -37.90
C ALA C 720 60.82 17.05 -38.71
N LEU C 721 61.28 18.17 -38.15
CA LEU C 721 61.35 19.38 -38.98
C LEU C 721 62.33 19.22 -40.16
N PRO C 722 61.90 19.65 -41.35
CA PRO C 722 62.57 19.35 -42.63
C PRO C 722 63.89 20.04 -42.87
N GLU C 723 64.14 21.21 -42.33
CA GLU C 723 65.36 21.95 -42.66
C GLU C 723 66.38 22.04 -41.54
N LYS C 724 67.66 21.92 -41.88
CA LYS C 724 68.66 21.98 -40.84
C LYS C 724 68.96 23.38 -40.34
N GLU C 725 69.52 23.49 -39.14
CA GLU C 725 69.87 24.79 -38.59
C GLU C 725 70.97 24.60 -37.55
N VAL C 726 71.85 25.58 -37.40
CA VAL C 726 73.00 25.42 -36.50
C VAL C 726 72.68 26.13 -35.22
N VAL C 727 72.93 25.49 -34.08
CA VAL C 727 72.64 26.13 -32.79
C VAL C 727 73.84 26.01 -31.87
N THR C 728 73.85 26.78 -30.80
CA THR C 728 74.89 26.66 -29.84
C THR C 728 74.20 25.88 -28.77
N ALA C 729 74.67 24.66 -28.50
CA ALA C 729 73.90 23.70 -27.70
C ALA C 729 74.71 23.15 -26.54
N THR C 730 74.03 22.56 -25.58
CA THR C 730 74.70 22.03 -24.39
C THR C 730 73.99 20.74 -23.98
N ARG C 731 74.72 19.68 -23.58
CA ARG C 731 74.01 18.47 -23.15
C ARG C 731 73.28 18.68 -21.82
N VAL C 732 71.98 18.37 -21.80
CA VAL C 732 71.21 18.54 -20.56
C VAL C 732 70.29 17.39 -20.26
N ASP C 733 70.06 17.19 -18.97
CA ASP C 733 69.06 16.24 -18.55
C ASP C 733 67.66 16.84 -18.82
N LYS C 734 66.60 16.13 -18.42
CA LYS C 734 65.28 16.52 -18.84
C LYS C 734 64.81 17.76 -18.13
N TYR C 735 65.48 18.14 -17.04
CA TYR C 735 65.21 19.47 -16.47
C TYR C 735 66.05 20.60 -17.09
N GLY C 736 66.98 20.30 -18.01
CA GLY C 736 67.87 21.31 -18.56
C GLY C 736 69.15 21.62 -17.77
N THR C 737 69.44 20.84 -16.72
CA THR C 737 70.73 20.93 -16.07
C THR C 737 71.74 20.18 -16.92
N PRO C 738 72.93 20.78 -17.08
CA PRO C 738 73.96 20.23 -18.00
C PRO C 738 74.44 18.90 -17.51
N VAL C 739 74.51 17.92 -18.39
CA VAL C 739 75.02 16.62 -17.98
C VAL C 739 76.50 16.67 -17.55
N ALA C 740 76.78 16.17 -16.37
CA ALA C 740 78.17 16.09 -15.91
C ALA C 740 78.97 15.17 -16.83
N GLY C 741 80.18 15.60 -17.18
CA GLY C 741 81.08 14.79 -17.98
C GLY C 741 80.80 14.82 -19.48
N SER C 742 79.86 15.64 -19.96
CA SER C 742 79.60 15.59 -21.40
C SER C 742 80.61 16.40 -22.20
N GLN C 743 80.66 16.17 -23.52
CA GLN C 743 81.54 17.00 -24.33
C GLN C 743 80.74 18.18 -24.91
N ILE C 744 79.44 18.24 -24.71
CA ILE C 744 78.72 19.16 -25.54
C ILE C 744 78.26 20.30 -24.71
N LYS C 745 79.09 21.33 -24.69
CA LYS C 745 78.86 22.45 -23.79
C LYS C 745 79.06 23.83 -24.49
N ASN C 746 77.93 24.47 -24.87
CA ASN C 746 77.97 25.68 -25.70
C ASN C 746 78.74 25.44 -26.97
N THR C 747 78.40 24.41 -27.72
CA THR C 747 79.20 24.11 -28.89
C THR C 747 78.22 23.98 -30.08
N LEU C 748 78.69 24.17 -31.32
CA LEU C 748 77.75 24.14 -32.44
C LEU C 748 77.20 22.77 -32.73
N TYR C 749 75.92 22.70 -33.03
CA TYR C 749 75.29 21.45 -33.35
C TYR C 749 74.31 21.66 -34.46
N VAL C 750 74.18 20.71 -35.35
CA VAL C 750 73.23 20.85 -36.45
C VAL C 750 71.94 20.09 -36.10
N VAL C 751 70.84 20.82 -35.95
CA VAL C 751 69.59 20.21 -35.54
C VAL C 751 68.71 20.22 -36.77
N ASP C 752 67.68 19.36 -36.78
CA ASP C 752 66.57 19.51 -37.75
C ASP C 752 65.53 20.47 -37.12
N GLY C 753 65.68 21.78 -37.39
CA GLY C 753 65.04 22.73 -36.55
C GLY C 753 64.19 23.76 -37.22
N LYS C 754 63.91 23.59 -38.51
CA LYS C 754 63.05 24.53 -39.25
C LYS C 754 61.95 23.89 -40.09
N SER C 755 60.75 24.48 -40.04
CA SER C 755 59.70 24.05 -40.98
C SER C 755 59.93 24.58 -42.39
N SER C 756 59.29 23.96 -43.38
CA SER C 756 59.48 24.34 -44.79
C SER C 756 58.55 25.49 -44.93
N GLY C 757 59.02 26.67 -45.29
CA GLY C 757 58.09 27.80 -45.22
C GLY C 757 56.82 27.65 -46.06
N LYS C 758 56.43 26.43 -46.38
CA LYS C 758 55.34 26.21 -47.30
C LYS C 758 54.35 25.16 -46.84
N ASP C 759 54.11 25.09 -45.54
CA ASP C 759 53.17 24.12 -45.05
C ASP C 759 51.89 24.80 -44.63
N GLN C 760 50.97 24.07 -44.03
CA GLN C 760 49.79 24.68 -43.48
C GLN C 760 50.18 25.69 -42.45
N GLN C 761 51.26 25.39 -41.76
CA GLN C 761 51.71 26.33 -40.79
C GLN C 761 51.91 27.67 -41.42
N ALA C 762 52.51 27.68 -42.61
CA ALA C 762 52.77 28.96 -43.34
C ALA C 762 51.44 29.61 -43.68
N LYS C 763 50.50 28.80 -44.11
CA LYS C 763 49.22 29.34 -44.45
C LYS C 763 48.45 29.93 -43.22
N TYR C 764 48.25 29.16 -42.16
CA TYR C 764 47.44 29.60 -41.02
C TYR C 764 48.17 30.24 -39.85
N GLY C 765 49.48 30.06 -39.77
CA GLY C 765 50.22 30.48 -38.58
C GLY C 765 50.00 31.94 -38.35
N GLY C 766 49.62 32.32 -37.13
CA GLY C 766 49.38 33.73 -36.77
C GLY C 766 48.24 34.43 -37.53
N ALA C 767 47.50 33.70 -38.36
CA ALA C 767 46.49 34.31 -39.23
C ALA C 767 45.24 34.82 -38.48
N PHE C 768 44.99 34.42 -37.24
CA PHE C 768 43.75 34.84 -36.56
C PHE C 768 44.05 35.81 -35.48
N LEU C 769 45.31 36.19 -35.38
CA LEU C 769 45.72 36.96 -34.24
C LEU C 769 45.07 38.30 -34.33
N GLU C 770 44.97 38.85 -35.53
CA GLU C 770 44.37 40.19 -35.65
C GLU C 770 42.91 40.19 -35.26
N GLU C 771 42.20 39.18 -35.69
CA GLU C 771 40.83 39.10 -35.33
C GLU C 771 40.71 38.81 -33.83
N LEU C 772 41.62 38.01 -33.26
CA LEU C 772 41.50 37.70 -31.80
C LEU C 772 41.68 38.97 -30.96
N GLN C 773 42.69 39.79 -31.31
CA GLN C 773 42.88 41.03 -30.57
C GLN C 773 41.70 41.98 -30.72
N ALA C 774 41.07 42.02 -31.88
CA ALA C 774 39.93 42.90 -32.08
C ALA C 774 38.82 42.43 -31.18
N LYS C 775 38.42 41.17 -31.29
CA LYS C 775 37.33 40.65 -30.48
C LYS C 775 37.63 40.45 -29.01
N TYR C 776 38.86 40.07 -28.61
CA TYR C 776 39.11 39.72 -27.20
C TYR C 776 40.36 40.36 -26.68
N PRO C 777 40.36 41.69 -26.62
CA PRO C 777 41.50 42.40 -26.06
C PRO C 777 41.94 41.85 -24.70
N GLU C 778 41.01 41.41 -23.88
CA GLU C 778 41.41 40.98 -22.59
C GLU C 778 42.45 39.82 -22.65
N LEU C 779 42.42 38.92 -23.64
CA LEU C 779 43.48 37.88 -23.70
C LEU C 779 44.83 38.52 -23.75
N PHE C 780 44.92 39.61 -24.47
CA PHE C 780 46.20 40.21 -24.76
C PHE C 780 46.65 41.19 -23.68
N ALA C 781 45.76 41.46 -22.72
CA ALA C 781 46.12 42.33 -21.64
C ALA C 781 46.81 41.58 -20.50
N ARG C 782 46.49 40.32 -20.37
CA ARG C 782 47.02 39.54 -19.29
C ARG C 782 48.50 39.46 -19.39
N LYS C 783 49.15 39.72 -18.29
CA LYS C 783 50.57 39.58 -18.15
C LYS C 783 50.82 38.25 -17.57
N GLN C 784 51.37 37.35 -18.35
CA GLN C 784 51.42 35.97 -17.97
C GLN C 784 52.27 35.76 -16.73
N ILE C 785 52.00 34.73 -15.95
CA ILE C 785 52.71 34.52 -14.72
C ILE C 785 54.21 34.20 -14.90
N SER C 786 54.53 33.19 -15.71
CA SER C 786 55.91 32.80 -15.78
C SER C 786 56.74 33.93 -16.31
N THR C 787 56.19 34.74 -17.23
CA THR C 787 57.02 35.75 -17.96
C THR C 787 56.80 37.13 -17.45
N GLY C 788 55.60 37.39 -16.98
CA GLY C 788 55.32 38.68 -16.34
C GLY C 788 54.95 39.70 -17.39
N VAL C 789 54.97 39.26 -18.62
CA VAL C 789 54.52 40.13 -19.67
C VAL C 789 53.37 39.45 -20.44
N PRO C 790 52.75 40.20 -21.37
CA PRO C 790 51.69 39.73 -22.22
C PRO C 790 52.19 38.93 -23.38
N MET C 791 51.33 38.09 -23.94
CA MET C 791 51.58 37.44 -25.19
C MET C 791 51.98 38.52 -26.19
N ASP C 792 52.66 38.11 -27.26
CA ASP C 792 53.16 39.07 -28.19
C ASP C 792 52.75 38.67 -29.63
N PRO C 793 51.59 39.18 -30.07
CA PRO C 793 51.01 38.81 -31.34
C PRO C 793 51.62 39.61 -32.45
N SER C 794 52.50 40.53 -32.15
CA SER C 794 53.03 41.41 -33.19
C SER C 794 53.83 40.69 -34.29
N VAL C 795 54.38 39.51 -34.02
CA VAL C 795 54.98 38.73 -35.11
C VAL C 795 54.22 37.42 -35.30
N LYS C 796 54.28 36.83 -36.48
CA LYS C 796 53.52 35.65 -36.77
C LYS C 796 54.47 34.50 -36.99
N ILE C 797 54.15 33.30 -36.51
CA ILE C 797 55.01 32.19 -36.81
C ILE C 797 54.57 31.48 -38.10
N LYS C 798 55.28 31.84 -39.17
CA LYS C 798 55.06 31.26 -40.48
C LYS C 798 56.09 30.17 -40.67
N GLN C 799 57.20 30.30 -40.00
CA GLN C 799 58.17 29.27 -40.08
C GLN C 799 58.80 28.99 -38.74
N TRP C 800 58.66 27.77 -38.23
CA TRP C 800 59.37 27.40 -37.00
C TRP C 800 60.87 27.42 -37.24
N SER C 801 61.61 27.79 -36.21
CA SER C 801 63.06 27.74 -36.27
C SER C 801 63.57 27.75 -34.84
N ALA C 802 64.84 27.41 -34.68
CA ALA C 802 65.37 27.09 -33.37
C ALA C 802 65.06 28.10 -32.28
N LYS C 803 64.85 29.35 -32.63
CA LYS C 803 64.62 30.39 -31.60
C LYS C 803 63.30 30.24 -30.88
N TYR C 804 62.41 29.47 -31.48
CA TYR C 804 61.12 29.19 -30.83
C TYR C 804 61.12 27.90 -30.00
N PHE C 805 62.29 27.28 -29.88
CA PHE C 805 62.42 26.02 -29.19
C PHE C 805 63.33 26.06 -28.00
N ASN C 806 63.15 25.16 -27.06
CA ASN C 806 64.14 25.16 -25.98
C ASN C 806 65.33 24.29 -26.36
N GLY C 807 65.09 23.35 -27.26
CA GLY C 807 66.10 22.40 -27.64
C GLY C 807 65.49 21.19 -28.29
N THR C 808 66.25 20.11 -28.34
CA THR C 808 65.81 18.95 -29.05
C THR C 808 66.41 17.79 -28.29
N ASN C 809 65.90 16.59 -28.58
CA ASN C 809 66.53 15.38 -28.14
C ASN C 809 67.84 15.23 -28.95
N ILE C 810 68.87 14.61 -28.38
CA ILE C 810 70.10 14.37 -29.10
C ILE C 810 69.92 13.65 -30.45
N LEU C 811 70.71 13.99 -31.48
CA LEU C 811 70.48 13.41 -32.80
C LEU C 811 71.53 12.37 -33.24
N GLY C 812 72.61 12.21 -32.49
CA GLY C 812 73.64 11.25 -32.84
C GLY C 812 74.47 11.78 -34.01
N ARG C 813 74.61 13.10 -34.06
CA ARG C 813 75.47 13.74 -35.05
C ARG C 813 76.84 14.00 -34.47
N GLY C 814 76.90 14.02 -33.14
CA GLY C 814 78.18 14.08 -32.45
C GLY C 814 78.59 15.50 -32.12
N ALA C 815 79.55 15.66 -31.21
CA ALA C 815 79.97 17.00 -30.85
C ALA C 815 80.97 17.60 -31.85
N GLY C 816 81.39 16.87 -32.88
CA GLY C 816 82.31 17.48 -33.84
C GLY C 816 81.76 17.75 -35.21
N TYR C 817 80.46 17.63 -35.40
CA TYR C 817 79.87 17.58 -36.73
C TYR C 817 80.01 18.89 -37.51
N VAL C 818 80.18 19.97 -36.80
CA VAL C 818 80.36 21.30 -37.43
C VAL C 818 81.85 21.57 -37.49
N LEU C 819 82.36 21.66 -38.70
CA LEU C 819 83.79 21.50 -38.87
C LEU C 819 84.54 22.66 -38.26
N LYS C 820 85.66 22.33 -37.62
CA LYS C 820 86.50 23.28 -36.93
C LYS C 820 87.93 23.15 -37.49
N ASP C 821 88.75 24.18 -37.42
CA ASP C 821 90.12 23.95 -37.85
C ASP C 821 90.80 23.62 -36.52
N GLN C 822 91.48 22.47 -36.41
CA GLN C 822 91.85 21.96 -35.03
C GLN C 822 93.01 22.79 -34.47
N ALA C 823 93.96 23.13 -35.39
CA ALA C 823 95.05 24.09 -35.07
C ALA C 823 94.55 25.30 -34.23
N THR C 824 93.73 26.15 -34.86
CA THR C 824 93.39 27.41 -34.26
C THR C 824 92.13 27.22 -33.43
N ASN C 825 91.65 25.98 -33.39
CA ASN C 825 90.34 25.74 -32.77
C ASN C 825 89.24 26.80 -33.18
N THR C 826 88.94 26.95 -34.47
CA THR C 826 87.92 27.93 -34.89
C THR C 826 87.01 27.33 -35.96
N TYR C 827 85.70 27.46 -35.81
CA TYR C 827 84.80 26.92 -36.82
C TYR C 827 85.06 27.54 -38.17
N PHE C 828 84.93 26.78 -39.24
CA PHE C 828 85.05 27.34 -40.57
C PHE C 828 83.74 28.02 -40.78
N SER C 829 83.78 29.09 -41.57
CA SER C 829 82.66 29.93 -41.82
C SER C 829 82.63 30.49 -43.25
N LEU C 830 81.45 30.60 -43.84
CA LEU C 830 81.35 31.17 -45.17
C LEU C 830 80.70 32.50 -45.14
N VAL C 831 80.48 33.10 -43.99
CA VAL C 831 79.87 34.44 -44.04
C VAL C 831 80.86 35.45 -44.70
N SER C 832 80.34 36.31 -45.59
CA SER C 832 81.13 37.21 -46.55
C SER C 832 82.37 37.98 -46.06
N ASP C 833 82.11 38.86 -45.09
CA ASP C 833 83.16 39.69 -44.49
C ASP C 833 84.23 38.77 -43.83
N ASN C 834 83.80 37.60 -43.34
CA ASN C 834 84.62 36.79 -42.41
C ASN C 834 84.87 35.37 -42.82
N THR C 835 85.08 35.12 -44.11
CA THR C 835 85.19 33.76 -44.61
C THR C 835 86.42 33.08 -44.06
N PHE C 836 86.28 31.83 -43.64
CA PHE C 836 87.41 31.04 -43.11
C PHE C 836 87.32 29.61 -43.64
N LEU C 837 88.27 29.21 -44.46
CA LEU C 837 88.21 27.89 -45.06
C LEU C 837 89.47 27.02 -44.80
N PRO C 838 89.33 25.69 -44.88
CA PRO C 838 90.54 24.88 -44.71
C PRO C 838 91.66 25.29 -45.66
N LYS C 839 92.80 25.62 -45.09
CA LYS C 839 93.90 26.19 -45.82
C LYS C 839 94.20 25.47 -47.13
N SER C 840 94.02 24.14 -47.10
CA SER C 840 94.45 23.31 -48.21
C SER C 840 93.52 23.41 -49.40
N LEU C 841 92.26 23.80 -49.17
CA LEU C 841 91.25 23.88 -50.22
C LEU C 841 91.12 25.25 -50.83
N VAL C 842 91.68 26.26 -50.18
CA VAL C 842 91.65 27.61 -50.77
C VAL C 842 93.00 28.07 -51.23
N ASN C 843 94.04 27.80 -50.43
CA ASN C 843 95.35 28.15 -50.94
C ASN C 843 96.41 27.00 -50.85
N PRO C 844 96.35 26.11 -51.86
CA PRO C 844 97.30 24.94 -51.91
C PRO C 844 98.64 25.38 -52.61
N SER D 1 19.48 -65.69 49.16
CA SER D 1 18.84 -64.57 48.46
C SER D 1 19.85 -63.71 47.65
N PHE D 2 19.63 -63.63 46.33
CA PHE D 2 20.44 -62.79 45.46
C PHE D 2 20.04 -61.34 45.72
N ALA D 3 19.05 -61.10 46.60
CA ALA D 3 18.57 -59.73 46.75
C ALA D 3 19.83 -58.85 46.69
N GLN D 4 20.89 -59.35 47.37
CA GLN D 4 22.24 -58.71 47.55
C GLN D 4 23.20 -58.59 46.32
N TYR D 5 23.31 -59.63 45.49
CA TYR D 5 24.13 -59.54 44.28
C TYR D 5 23.34 -58.94 43.13
N ASN D 6 22.01 -58.96 43.21
CA ASN D 6 21.12 -58.37 42.17
C ASN D 6 20.92 -56.84 42.13
N GLN D 7 21.04 -56.18 43.28
CA GLN D 7 20.78 -54.76 43.32
C GLN D 7 21.68 -54.03 42.33
N VAL D 8 21.42 -52.74 42.23
CA VAL D 8 22.02 -51.88 41.28
C VAL D 8 23.50 -51.61 41.51
N TYR D 9 24.31 -51.84 40.48
CA TYR D 9 25.72 -51.47 40.57
C TYR D 9 25.92 -50.12 41.18
N SER D 10 25.32 -49.09 40.59
CA SER D 10 25.23 -47.76 41.20
C SER D 10 24.04 -47.07 40.58
N THR D 11 23.53 -46.03 41.23
CA THR D 11 22.32 -45.38 40.75
C THR D 11 22.49 -44.35 39.63
N ASP D 12 23.56 -44.44 38.84
CA ASP D 12 23.75 -43.50 37.74
C ASP D 12 22.98 -43.90 36.50
N ALA D 13 22.55 -42.91 35.74
CA ALA D 13 21.84 -43.17 34.51
C ALA D 13 22.64 -44.15 33.67
N ALA D 14 23.94 -44.17 33.90
CA ALA D 14 24.82 -44.97 33.06
C ALA D 14 24.59 -46.44 33.39
N ASN D 15 23.94 -46.68 34.51
CA ASN D 15 23.72 -48.02 34.92
C ASN D 15 22.47 -48.67 34.32
N PHE D 16 21.63 -47.86 33.65
CA PHE D 16 20.32 -48.35 33.20
C PHE D 16 20.07 -47.99 31.79
N GLU D 17 19.31 -48.83 31.09
CA GLU D 17 18.75 -48.43 29.77
C GLU D 17 17.54 -47.57 30.00
N HIS D 18 17.70 -46.26 29.95
CA HIS D 18 16.60 -45.43 30.33
C HIS D 18 16.17 -44.67 29.10
N VAL D 19 14.96 -44.13 29.14
CA VAL D 19 14.59 -43.21 28.08
C VAL D 19 14.24 -41.89 28.71
N ASP D 20 14.99 -40.84 28.34
CA ASP D 20 14.84 -39.54 28.98
C ASP D 20 14.74 -39.66 30.50
N HIS D 21 15.56 -40.55 31.05
CA HIS D 21 15.71 -40.78 32.49
C HIS D 21 14.53 -41.46 33.13
N TYR D 22 13.81 -42.26 32.35
CA TYR D 22 12.71 -43.05 32.85
C TYR D 22 12.97 -44.45 32.47
N LEU D 23 12.26 -45.34 33.16
CA LEU D 23 12.48 -46.75 33.01
C LEU D 23 11.30 -47.38 32.30
N THR D 24 11.57 -48.39 31.49
CA THR D 24 10.53 -49.03 30.71
C THR D 24 10.59 -50.53 30.96
N ALA D 25 9.48 -51.21 30.71
CA ALA D 25 9.40 -52.61 31.04
C ALA D 25 10.44 -53.36 30.26
N GLU D 26 10.99 -52.72 29.23
CA GLU D 26 11.97 -53.42 28.42
C GLU D 26 13.40 -53.07 28.76
N SER D 27 13.58 -52.33 29.87
CA SER D 27 14.91 -51.92 30.40
C SER D 27 15.79 -52.99 31.02
N TRP D 28 17.03 -53.03 30.59
CA TRP D 28 18.04 -53.80 31.31
C TRP D 28 18.91 -52.82 32.07
N TYR D 29 19.65 -53.34 33.04
CA TYR D 29 20.48 -52.49 33.85
C TYR D 29 21.67 -53.34 34.24
N ARG D 30 22.63 -52.73 34.96
CA ARG D 30 23.85 -53.40 35.50
C ARG D 30 23.77 -53.76 36.98
N PRO D 31 23.61 -55.05 37.27
CA PRO D 31 23.56 -55.56 38.65
C PRO D 31 24.94 -55.59 39.33
N LYS D 32 25.01 -55.76 40.65
CA LYS D 32 26.34 -55.73 41.29
C LYS D 32 27.26 -56.89 40.87
N TYR D 33 26.71 -58.11 40.87
CA TYR D 33 27.45 -59.28 40.40
C TYR D 33 26.74 -59.92 39.21
N ILE D 34 27.31 -61.00 38.72
CA ILE D 34 26.66 -61.80 37.70
C ILE D 34 26.77 -63.22 38.16
N LEU D 35 25.66 -63.95 38.19
CA LEU D 35 25.72 -65.38 38.57
C LEU D 35 26.28 -66.14 37.39
N LYS D 36 27.62 -66.24 37.32
CA LYS D 36 28.29 -66.64 36.07
C LYS D 36 28.15 -68.14 35.84
N ASP D 37 27.46 -68.46 34.74
CA ASP D 37 27.02 -69.83 34.45
C ASP D 37 26.18 -70.39 35.63
N GLY D 38 25.26 -69.56 36.15
CA GLY D 38 24.52 -69.89 37.37
C GLY D 38 25.41 -70.73 38.27
N LYS D 39 26.72 -70.53 38.11
CA LYS D 39 27.73 -71.23 38.94
C LYS D 39 28.39 -70.33 40.00
N THR D 40 28.92 -69.17 39.58
CA THR D 40 29.60 -68.31 40.55
C THR D 40 29.29 -66.82 40.48
N TRP D 41 29.06 -66.22 41.65
CA TRP D 41 28.81 -64.78 41.77
C TRP D 41 30.04 -64.01 41.32
N THR D 42 29.86 -62.95 40.59
CA THR D 42 31.01 -62.31 39.97
C THR D 42 30.76 -60.80 39.73
N GLN D 43 31.75 -59.97 40.06
CA GLN D 43 31.71 -58.53 39.81
C GLN D 43 31.22 -58.25 38.36
N SER D 44 30.02 -57.70 38.18
CA SER D 44 29.55 -57.51 36.84
C SER D 44 30.66 -56.73 36.18
N THR D 45 30.77 -56.80 34.87
CA THR D 45 31.66 -55.89 34.19
C THR D 45 30.70 -54.93 33.48
N GLU D 46 31.28 -53.93 32.83
CA GLU D 46 30.52 -52.94 32.07
C GLU D 46 29.61 -53.60 31.04
N LYS D 47 29.94 -54.85 30.73
CA LYS D 47 29.26 -55.56 29.64
C LYS D 47 27.99 -56.20 30.17
N ASP D 48 27.95 -56.40 31.49
CA ASP D 48 27.08 -57.38 32.13
C ASP D 48 25.67 -56.92 32.44
N PHE D 49 25.11 -56.16 31.51
CA PHE D 49 23.68 -55.81 31.51
C PHE D 49 22.71 -57.01 31.50
N ARG D 50 21.76 -57.00 32.45
CA ARG D 50 20.65 -57.97 32.52
C ARG D 50 19.28 -57.27 32.62
N PRO D 51 18.22 -57.91 32.10
CA PRO D 51 16.92 -57.24 32.08
C PRO D 51 16.42 -56.98 33.48
N LEU D 52 15.65 -55.92 33.68
CA LEU D 52 15.09 -55.68 35.00
C LEU D 52 14.20 -56.76 35.44
N LEU D 53 13.35 -57.24 34.56
CA LEU D 53 12.30 -58.15 34.96
C LEU D 53 12.88 -59.50 35.37
N MET D 54 14.17 -59.68 35.14
CA MET D 54 14.87 -60.86 35.61
C MET D 54 14.82 -60.91 37.12
N THR D 55 14.58 -59.75 37.75
CA THR D 55 14.73 -59.56 39.22
C THR D 55 13.80 -58.59 39.96
N TRP D 56 13.06 -57.78 39.24
CA TRP D 56 12.12 -56.89 39.88
C TRP D 56 10.87 -57.03 39.03
N TRP D 57 9.69 -56.89 39.64
CA TRP D 57 8.44 -56.99 38.90
C TRP D 57 7.53 -55.86 39.39
N PRO D 58 6.56 -55.42 38.57
CA PRO D 58 5.78 -54.32 39.14
C PRO D 58 4.98 -54.80 40.33
N ASP D 59 4.51 -56.04 40.31
CA ASP D 59 3.67 -56.54 41.41
C ASP D 59 3.83 -58.02 41.41
N GLN D 60 3.53 -58.65 42.55
CA GLN D 60 3.59 -60.10 42.60
C GLN D 60 2.85 -60.82 41.44
N GLU D 61 1.76 -60.22 40.89
CA GLU D 61 0.96 -60.79 39.77
C GLU D 61 1.88 -61.14 38.58
N THR D 62 2.26 -60.05 37.89
CA THR D 62 3.19 -60.05 36.76
C THR D 62 4.39 -61.02 36.94
N GLN D 63 5.20 -60.78 37.98
CA GLN D 63 6.23 -61.76 38.29
C GLN D 63 5.72 -63.23 38.17
N ARG D 64 4.48 -63.50 38.57
CA ARG D 64 3.94 -64.84 38.49
C ARG D 64 3.88 -65.30 37.07
N GLN D 65 3.34 -64.38 36.28
CA GLN D 65 3.22 -64.51 34.87
C GLN D 65 4.56 -64.76 34.31
N TYR D 66 5.49 -63.88 34.68
CA TYR D 66 6.87 -63.94 34.21
C TYR D 66 7.51 -65.33 34.38
N VAL D 67 7.47 -65.86 35.59
CA VAL D 67 8.04 -67.18 35.85
C VAL D 67 7.37 -68.25 34.99
N ASN D 68 6.03 -68.29 34.98
CA ASN D 68 5.31 -69.31 34.19
C ASN D 68 5.88 -69.32 32.82
N TYR D 69 5.94 -68.10 32.29
CA TYR D 69 6.32 -67.82 30.93
C TYR D 69 7.77 -68.19 30.62
N MET D 70 8.68 -67.94 31.56
CA MET D 70 10.10 -68.36 31.40
C MET D 70 10.38 -69.85 31.66
N ASN D 71 9.61 -70.51 32.52
CA ASN D 71 9.74 -71.98 32.70
C ASN D 71 9.30 -72.64 31.42
N ALA D 72 8.32 -72.00 30.76
CA ALA D 72 7.93 -72.32 29.41
C ALA D 72 9.11 -72.16 28.46
N GLN D 73 9.63 -70.95 28.30
CA GLN D 73 10.79 -70.80 27.41
C GLN D 73 12.05 -71.56 27.87
N LEU D 74 12.20 -71.89 29.13
CA LEU D 74 13.46 -72.58 29.51
C LEU D 74 13.19 -74.03 29.85
N GLY D 75 12.13 -74.61 29.25
CA GLY D 75 11.68 -76.01 29.49
C GLY D 75 11.62 -76.44 30.94
N ILE D 76 11.34 -75.53 31.86
CA ILE D 76 11.21 -75.94 33.26
C ILE D 76 9.81 -76.46 33.64
N HIS D 77 9.81 -77.48 34.47
CA HIS D 77 8.73 -78.41 34.65
C HIS D 77 7.41 -77.99 35.30
N GLN D 78 7.42 -76.99 36.16
CA GLN D 78 6.25 -76.71 36.97
C GLN D 78 5.45 -75.53 36.45
N THR D 79 4.30 -75.28 37.06
CA THR D 79 3.49 -74.09 36.74
C THR D 79 2.81 -73.60 38.02
N TYR D 80 2.54 -72.28 38.08
CA TYR D 80 1.98 -71.65 39.29
C TYR D 80 0.76 -70.75 39.03
N ASN D 81 -0.30 -70.96 39.81
CA ASN D 81 -1.52 -70.17 39.68
C ASN D 81 -1.55 -69.05 40.71
N THR D 82 -2.68 -68.34 40.78
CA THR D 82 -2.85 -67.25 41.77
C THR D 82 -2.69 -67.65 43.25
N ALA D 83 -2.69 -68.95 43.57
CA ALA D 83 -2.65 -69.37 44.98
C ALA D 83 -1.23 -69.54 45.55
N THR D 84 -0.21 -69.30 44.73
CA THR D 84 1.15 -69.60 45.16
C THR D 84 1.69 -68.42 46.04
N SER D 85 2.55 -68.77 46.99
CA SER D 85 3.08 -67.80 47.92
C SER D 85 4.23 -67.12 47.25
N PRO D 86 4.53 -65.92 47.72
CA PRO D 86 5.65 -65.21 47.18
C PRO D 86 6.97 -65.98 47.29
N LEU D 87 7.22 -66.59 48.45
CA LEU D 87 8.43 -67.41 48.63
C LEU D 87 8.78 -68.33 47.44
N GLN D 88 7.78 -69.02 46.89
CA GLN D 88 7.98 -69.92 45.72
C GLN D 88 8.31 -69.18 44.43
N LEU D 89 7.64 -68.07 44.18
CA LEU D 89 7.88 -67.31 42.95
C LEU D 89 9.31 -66.88 42.92
N ASN D 90 9.78 -66.48 44.10
CA ASN D 90 11.13 -65.94 44.26
C ASN D 90 12.25 -66.95 44.03
N LEU D 91 12.14 -68.18 44.57
CA LEU D 91 13.00 -69.28 44.09
C LEU D 91 12.82 -69.53 42.57
N ALA D 92 11.59 -69.78 42.14
CA ALA D 92 11.30 -70.02 40.74
C ALA D 92 12.20 -69.11 39.95
N ALA D 93 12.13 -67.82 40.25
CA ALA D 93 12.73 -66.77 39.41
C ALA D 93 14.24 -66.79 39.44
N GLN D 94 14.80 -67.40 40.48
CA GLN D 94 16.26 -67.48 40.63
C GLN D 94 16.77 -68.76 39.99
N THR D 95 15.94 -69.80 39.99
CA THR D 95 16.32 -70.98 39.26
C THR D 95 16.29 -70.58 37.78
N ILE D 96 15.29 -69.78 37.40
CA ILE D 96 15.20 -69.23 36.04
C ILE D 96 16.39 -68.41 35.59
N GLN D 97 17.01 -67.67 36.53
CA GLN D 97 18.07 -66.73 36.14
C GLN D 97 19.39 -67.50 35.93
N THR D 98 19.67 -68.49 36.79
CA THR D 98 20.79 -69.44 36.59
C THR D 98 20.68 -70.08 35.19
N LYS D 99 19.50 -70.64 34.87
CA LYS D 99 19.31 -71.17 33.52
C LYS D 99 19.64 -70.07 32.58
N ILE D 100 19.29 -68.84 32.95
CA ILE D 100 19.47 -67.72 32.02
C ILE D 100 20.95 -67.44 31.83
N GLU D 101 21.70 -67.56 32.92
CA GLU D 101 23.15 -67.40 32.79
C GLU D 101 23.67 -68.64 32.02
N GLU D 102 23.58 -69.84 32.66
CA GLU D 102 24.00 -71.07 31.99
C GLU D 102 23.84 -70.86 30.50
N LYS D 103 22.72 -70.29 30.13
CA LYS D 103 22.31 -70.27 28.76
C LYS D 103 22.82 -69.05 27.97
N ILE D 104 23.55 -68.13 28.67
CA ILE D 104 24.21 -67.00 27.98
C ILE D 104 25.68 -67.37 27.77
N THR D 105 26.35 -67.81 28.84
CA THR D 105 27.62 -68.52 28.68
C THR D 105 27.40 -69.49 27.52
N ALA D 106 26.38 -70.35 27.66
CA ALA D 106 26.06 -71.39 26.66
C ALA D 106 26.06 -70.84 25.23
N GLU D 107 25.02 -70.09 24.83
CA GLU D 107 24.97 -69.47 23.47
C GLU D 107 25.97 -68.33 23.26
N LYS D 108 26.98 -68.23 24.14
CA LYS D 108 27.94 -67.09 24.21
C LYS D 108 27.37 -65.68 23.88
N ASN D 109 26.03 -65.55 23.85
CA ASN D 109 25.34 -64.24 23.73
C ASN D 109 24.06 -64.12 24.63
N THR D 110 23.41 -62.96 24.51
CA THR D 110 22.21 -62.64 25.28
C THR D 110 21.14 -62.12 24.31
N ASN D 111 21.32 -62.32 23.01
CA ASN D 111 20.36 -61.77 22.02
C ASN D 111 19.09 -62.56 21.89
N TRP D 112 19.16 -63.77 22.44
CA TRP D 112 17.97 -64.56 22.68
C TRP D 112 17.16 -63.89 23.80
N LEU D 113 17.78 -63.79 24.98
CA LEU D 113 17.15 -63.24 26.19
C LEU D 113 16.45 -61.93 25.88
N ARG D 114 17.09 -61.08 25.10
CA ARG D 114 16.44 -59.89 24.58
C ARG D 114 15.06 -60.16 23.93
N GLN D 115 15.01 -61.15 23.02
CA GLN D 115 13.80 -61.44 22.27
C GLN D 115 12.80 -62.13 23.19
N THR D 116 13.25 -63.18 23.87
CA THR D 116 12.43 -63.85 24.89
C THR D 116 11.78 -62.85 25.88
N ILE D 117 12.60 -61.98 26.49
CA ILE D 117 12.10 -60.96 27.42
C ILE D 117 11.07 -60.02 26.76
N SER D 118 11.49 -59.39 25.67
CA SER D 118 10.62 -58.50 24.90
C SER D 118 9.31 -59.17 24.51
N ALA D 119 9.41 -60.46 24.22
CA ALA D 119 8.24 -61.23 23.85
C ALA D 119 7.27 -61.17 25.02
N PHE D 120 7.79 -61.48 26.21
CA PHE D 120 6.98 -61.57 27.41
C PHE D 120 6.25 -60.27 27.69
N VAL D 121 7.01 -59.19 27.75
CA VAL D 121 6.42 -57.90 28.00
C VAL D 121 5.14 -57.70 27.25
N LYS D 122 5.10 -58.17 26.02
CA LYS D 122 3.93 -57.96 25.16
C LYS D 122 2.69 -58.80 25.60
N THR D 123 2.88 -59.86 26.37
CA THR D 123 1.72 -60.62 26.82
C THR D 123 0.89 -59.86 27.87
N GLN D 124 1.50 -58.92 28.58
CA GLN D 124 0.81 -58.13 29.62
C GLN D 124 0.07 -56.87 29.11
N SER D 125 -1.08 -56.61 29.74
CA SER D 125 -2.00 -55.58 29.28
C SER D 125 -1.47 -54.21 29.26
N ALA D 126 -0.92 -53.80 30.39
CA ALA D 126 -0.36 -52.47 30.54
C ALA D 126 0.76 -52.27 29.56
N TRP D 127 1.24 -53.34 28.94
CA TRP D 127 2.29 -53.26 27.95
C TRP D 127 1.78 -53.71 26.58
N ASN D 128 0.53 -53.34 26.28
CA ASN D 128 -0.25 -54.00 25.23
C ASN D 128 -1.11 -53.07 24.53
N SER D 129 -1.46 -53.43 23.29
CA SER D 129 -2.54 -52.76 22.53
C SER D 129 -3.76 -52.65 23.42
N ASP D 130 -3.92 -53.66 24.29
CA ASP D 130 -5.08 -53.80 25.15
C ASP D 130 -5.40 -52.53 25.91
N SER D 131 -4.39 -51.97 26.61
CA SER D 131 -4.55 -50.71 27.37
C SER D 131 -4.72 -49.45 26.52
N GLU D 132 -4.51 -49.56 25.23
CA GLU D 132 -4.63 -48.40 24.37
C GLU D 132 -6.02 -48.36 23.78
N LYS D 133 -6.84 -49.35 24.10
CA LYS D 133 -8.21 -49.40 23.55
C LYS D 133 -9.05 -48.39 24.30
N PRO D 134 -10.28 -48.07 23.81
CA PRO D 134 -10.93 -48.49 22.56
C PRO D 134 -10.26 -47.90 21.36
N PHE D 135 -10.23 -48.64 20.25
CA PHE D 135 -9.62 -48.09 19.05
C PHE D 135 -10.56 -47.07 18.47
N ASP D 136 -10.14 -46.36 17.45
CA ASP D 136 -10.99 -45.41 16.76
C ASP D 136 -10.57 -45.40 15.27
N ASP D 137 -11.21 -44.56 14.44
CA ASP D 137 -11.13 -44.79 13.02
C ASP D 137 -9.96 -44.05 12.27
N HIS D 138 -8.97 -43.60 13.04
CA HIS D 138 -7.72 -43.21 12.47
C HIS D 138 -7.21 -44.44 11.68
N LEU D 139 -6.48 -44.22 10.62
CA LEU D 139 -6.16 -45.29 9.70
C LEU D 139 -5.36 -46.41 10.29
N GLN D 140 -4.64 -46.11 11.36
CA GLN D 140 -3.82 -47.08 12.07
C GLN D 140 -4.38 -47.28 13.47
N LYS D 141 -5.65 -46.97 13.65
CA LYS D 141 -6.45 -47.42 14.79
C LYS D 141 -6.49 -46.42 15.96
N GLY D 142 -5.61 -45.42 15.95
CA GLY D 142 -5.70 -44.38 16.97
C GLY D 142 -4.47 -43.50 17.08
N ALA D 143 -4.65 -42.36 17.72
CA ALA D 143 -3.54 -41.47 17.92
C ALA D 143 -3.33 -41.05 19.40
N LEU D 144 -2.13 -40.56 19.69
CA LEU D 144 -1.84 -40.03 20.98
C LEU D 144 -1.49 -38.59 20.69
N LEU D 145 -2.09 -37.71 21.45
CA LEU D 145 -1.77 -36.31 21.45
C LEU D 145 -0.80 -35.91 22.61
N TYR D 146 0.30 -35.23 22.24
CA TYR D 146 1.35 -34.83 23.15
C TYR D 146 0.96 -33.59 23.95
N SER D 147 1.21 -33.60 25.27
CA SER D 147 0.78 -32.50 26.13
C SER D 147 1.63 -31.36 25.91
N ASN D 148 1.04 -30.19 25.79
CA ASN D 148 1.80 -28.89 25.64
C ASN D 148 2.61 -28.39 26.87
N ASN D 149 2.16 -28.81 28.07
CA ASN D 149 2.79 -28.52 29.38
C ASN D 149 2.88 -29.68 30.31
N SER D 150 4.10 -30.21 30.52
CA SER D 150 4.31 -31.25 31.52
C SER D 150 5.61 -31.11 32.28
N LYS D 151 5.48 -30.93 33.58
CA LYS D 151 6.63 -31.03 34.41
C LYS D 151 7.43 -32.32 34.18
N LEU D 152 6.77 -33.41 33.75
CA LEU D 152 7.44 -34.70 33.70
C LEU D 152 8.23 -34.88 32.43
N THR D 153 7.83 -34.19 31.39
CA THR D 153 8.50 -34.31 30.12
C THR D 153 8.51 -32.91 29.52
N SER D 154 9.29 -32.02 30.11
CA SER D 154 9.25 -30.65 29.62
C SER D 154 9.95 -30.46 28.27
N GLN D 155 10.86 -31.35 27.89
CA GLN D 155 11.60 -31.17 26.65
C GLN D 155 10.61 -31.43 25.51
N ALA D 156 9.45 -31.98 25.88
CA ALA D 156 8.38 -32.18 24.90
C ALA D 156 7.31 -31.05 24.83
N ASN D 157 7.41 -30.06 25.72
CA ASN D 157 6.39 -29.00 25.75
C ASN D 157 6.37 -28.24 24.45
N SER D 158 5.28 -27.53 24.19
CA SER D 158 5.18 -26.72 22.95
C SER D 158 4.18 -25.63 23.25
N ASN D 159 4.27 -24.50 22.55
CA ASN D 159 3.19 -23.55 22.69
C ASN D 159 2.26 -23.59 21.54
N TYR D 160 2.24 -24.71 20.80
CA TYR D 160 1.47 -24.77 19.57
C TYR D 160 0.62 -26.03 19.49
N ARG D 161 0.88 -26.92 18.54
CA ARG D 161 0.03 -28.07 18.47
C ARG D 161 -1.38 -27.56 18.34
N ILE D 162 -1.57 -26.52 17.53
CA ILE D 162 -2.92 -26.09 17.11
C ILE D 162 -3.48 -27.03 16.06
N LEU D 163 -4.54 -27.78 16.41
CA LEU D 163 -5.00 -28.88 15.60
C LEU D 163 -6.07 -28.49 14.57
N ASN D 164 -6.14 -29.23 13.47
CA ASN D 164 -7.27 -29.10 12.55
C ASN D 164 -7.47 -27.76 11.83
N ARG D 165 -6.43 -26.95 11.69
CA ARG D 165 -6.53 -25.70 10.95
C ARG D 165 -6.45 -25.89 9.44
N THR D 166 -7.36 -26.67 8.91
CA THR D 166 -7.42 -26.94 7.48
C THR D 166 -7.79 -25.64 6.79
N PRO D 167 -7.77 -25.61 5.45
CA PRO D 167 -8.17 -24.34 4.90
C PRO D 167 -9.55 -23.91 5.40
N THR D 168 -10.52 -24.80 5.54
CA THR D 168 -11.87 -24.39 5.89
C THR D 168 -11.84 -23.86 7.28
N ASN D 169 -10.93 -24.39 8.08
CA ASN D 169 -10.98 -24.14 9.52
C ASN D 169 -9.73 -23.39 10.03
N GLN D 170 -9.13 -22.64 9.12
CA GLN D 170 -7.76 -22.20 9.34
C GLN D 170 -7.68 -21.19 10.45
N THR D 171 -8.77 -20.54 10.80
CA THR D 171 -8.74 -19.69 11.97
C THR D 171 -9.25 -20.40 13.22
N GLY D 172 -9.49 -21.70 13.13
CA GLY D 172 -10.10 -22.35 14.27
C GLY D 172 -11.59 -22.08 14.45
N LYS D 173 -12.18 -21.28 13.58
CA LYS D 173 -13.61 -21.37 13.36
C LYS D 173 -13.91 -21.64 11.87
N LYS D 174 -15.02 -22.28 11.55
CA LYS D 174 -15.27 -22.65 10.14
C LYS D 174 -15.51 -21.37 9.36
N ASP D 175 -14.83 -21.27 8.25
CA ASP D 175 -14.85 -20.07 7.44
C ASP D 175 -16.18 -19.85 6.80
N PRO D 176 -16.75 -18.67 7.00
CA PRO D 176 -18.13 -18.46 6.57
C PRO D 176 -18.20 -18.25 5.12
N ARG D 177 -17.07 -18.09 4.46
CA ARG D 177 -17.13 -17.86 2.99
C ARG D 177 -17.43 -19.14 2.17
N TYR D 178 -16.92 -20.28 2.60
CA TYR D 178 -17.06 -21.49 1.83
C TYR D 178 -18.13 -22.41 2.41
N THR D 179 -18.98 -22.88 1.53
CA THR D 179 -20.20 -23.44 1.94
C THR D 179 -20.43 -24.86 1.45
N ALA D 180 -19.79 -25.29 0.37
CA ALA D 180 -20.15 -26.55 -0.24
C ALA D 180 -19.83 -27.75 0.64
N ASP D 181 -18.82 -27.64 1.48
CA ASP D 181 -18.49 -28.72 2.39
C ASP D 181 -18.91 -28.19 3.75
N ARG D 182 -19.91 -28.77 4.42
CA ARG D 182 -20.36 -28.17 5.70
C ARG D 182 -19.55 -28.65 6.95
N THR D 183 -18.58 -29.55 6.75
CA THR D 183 -17.72 -30.00 7.84
C THR D 183 -16.61 -28.97 8.16
N ILE D 184 -15.67 -29.29 9.04
CA ILE D 184 -14.52 -28.38 9.15
C ILE D 184 -13.45 -28.65 8.09
N GLY D 185 -13.75 -29.48 7.11
CA GLY D 185 -12.86 -29.68 5.98
C GLY D 185 -11.58 -30.47 6.14
N GLY D 186 -11.49 -31.36 7.13
CA GLY D 186 -10.33 -32.21 7.30
C GLY D 186 -10.16 -32.58 8.75
N TYR D 187 -8.99 -33.14 9.10
CA TYR D 187 -8.65 -33.50 10.47
C TYR D 187 -7.15 -33.57 10.57
N GLU D 188 -6.65 -33.39 11.79
CA GLU D 188 -5.20 -33.29 11.99
C GLU D 188 -4.47 -34.57 11.84
N PHE D 189 -5.02 -35.69 12.33
CA PHE D 189 -4.28 -36.95 12.42
C PHE D 189 -4.52 -37.94 11.30
N LEU D 190 -3.51 -38.24 10.51
CA LEU D 190 -3.67 -39.11 9.32
C LEU D 190 -2.88 -40.40 9.47
N LEU D 191 -1.57 -40.31 9.48
CA LEU D 191 -0.76 -41.47 9.72
C LEU D 191 0.47 -41.08 10.54
N ALA D 192 1.08 -42.07 11.17
CA ALA D 192 2.46 -41.95 11.62
C ALA D 192 2.60 -40.77 12.51
N ASN D 193 3.79 -40.21 12.56
CA ASN D 193 4.09 -39.16 13.49
C ASN D 193 3.59 -37.91 12.89
N ASP D 194 2.67 -37.26 13.57
CA ASP D 194 2.09 -36.08 13.00
C ASP D 194 2.91 -34.83 13.27
N VAL D 195 3.53 -34.28 12.21
CA VAL D 195 4.39 -33.09 12.29
C VAL D 195 3.49 -31.91 12.70
N ASP D 196 3.90 -31.08 13.65
CA ASP D 196 3.10 -29.90 14.03
C ASP D 196 3.32 -28.64 13.17
N ASN D 197 2.60 -28.56 12.05
CA ASN D 197 2.80 -27.43 11.13
C ASN D 197 2.23 -26.12 11.63
N SER D 198 1.87 -26.04 12.89
CA SER D 198 1.42 -24.78 13.42
C SER D 198 2.57 -24.19 14.22
N ASN D 199 3.63 -24.98 14.47
CA ASN D 199 4.80 -24.42 15.15
C ASN D 199 5.60 -23.60 14.16
N PRO D 200 5.86 -22.33 14.49
CA PRO D 200 6.57 -21.37 13.64
C PRO D 200 7.97 -21.80 13.23
N VAL D 201 8.68 -22.49 14.09
CA VAL D 201 9.96 -23.04 13.72
C VAL D 201 9.71 -24.18 12.70
N VAL D 202 8.61 -24.91 12.83
CA VAL D 202 8.41 -26.02 11.95
C VAL D 202 8.10 -25.45 10.58
N GLN D 203 7.31 -24.40 10.54
CA GLN D 203 6.91 -23.84 9.27
C GLN D 203 8.14 -23.32 8.53
N ALA D 204 9.02 -22.63 9.25
CA ALA D 204 10.27 -22.25 8.64
C ALA D 204 11.00 -23.45 8.07
N GLU D 205 10.97 -24.59 8.76
CA GLU D 205 11.66 -25.77 8.25
C GLU D 205 10.95 -26.34 7.03
N GLN D 206 9.63 -26.19 6.92
CA GLN D 206 8.97 -26.67 5.70
C GLN D 206 9.39 -25.84 4.48
N LEU D 207 9.59 -24.54 4.70
CA LEU D 207 10.09 -23.65 3.66
C LEU D 207 11.46 -24.01 3.23
N ASN D 208 12.35 -24.19 4.18
CA ASN D 208 13.70 -24.66 3.92
C ASN D 208 13.63 -25.90 3.07
N TRP D 209 12.72 -26.80 3.41
CA TRP D 209 12.56 -28.03 2.66
C TRP D 209 12.10 -27.73 1.23
N LEU D 210 11.10 -26.85 1.12
CA LEU D 210 10.49 -26.58 -0.15
C LEU D 210 11.54 -26.01 -1.08
N HIS D 211 12.34 -25.09 -0.55
CA HIS D 211 13.48 -24.46 -1.24
C HIS D 211 14.50 -25.47 -1.71
N PHE D 212 14.79 -26.43 -0.86
CA PHE D 212 15.79 -27.42 -1.15
C PHE D 212 15.33 -28.17 -2.38
N LEU D 213 14.04 -28.50 -2.41
CA LEU D 213 13.50 -29.36 -3.43
C LEU D 213 13.57 -28.64 -4.71
N MET D 214 13.21 -27.39 -4.61
CA MET D 214 13.08 -26.52 -5.73
C MET D 214 14.45 -26.09 -6.23
N ASN D 215 15.48 -26.47 -5.50
CA ASN D 215 16.83 -26.17 -5.89
C ASN D 215 17.74 -27.41 -5.87
N PHE D 216 17.09 -28.57 -5.93
CA PHE D 216 17.76 -29.80 -5.65
C PHE D 216 19.02 -29.92 -6.44
N GLY D 217 18.96 -29.66 -7.75
CA GLY D 217 20.11 -29.77 -8.66
C GLY D 217 21.30 -28.90 -8.29
N ASN D 218 21.07 -27.60 -8.10
CA ASN D 218 22.15 -26.76 -7.60
C ASN D 218 22.77 -27.31 -6.33
N ILE D 219 21.93 -27.67 -5.36
CA ILE D 219 22.39 -28.00 -4.00
C ILE D 219 23.08 -29.37 -3.91
N TYR D 220 22.45 -30.39 -4.46
CA TYR D 220 23.03 -31.70 -4.43
C TYR D 220 24.06 -31.90 -5.55
N ALA D 221 23.76 -31.58 -6.78
CA ALA D 221 24.70 -31.98 -7.84
C ALA D 221 25.44 -30.82 -8.48
N ASN D 222 25.18 -29.63 -7.98
CA ASN D 222 25.73 -28.46 -8.60
C ASN D 222 25.32 -28.21 -10.02
N ASP D 223 24.10 -28.62 -10.34
CA ASP D 223 23.66 -28.62 -11.70
C ASP D 223 22.35 -27.89 -11.67
N PRO D 224 22.34 -26.68 -12.22
CA PRO D 224 21.07 -25.92 -12.20
C PRO D 224 20.04 -26.69 -13.03
N ASP D 225 20.51 -27.50 -13.99
CA ASP D 225 19.62 -28.17 -14.90
C ASP D 225 18.80 -29.31 -14.26
N ALA D 226 19.11 -29.58 -12.99
CA ALA D 226 18.54 -30.73 -12.32
C ALA D 226 17.66 -30.31 -11.15
N ASN D 227 17.02 -29.13 -11.25
CA ASN D 227 16.04 -28.69 -10.22
C ASN D 227 14.58 -29.09 -10.45
N PHE D 228 13.84 -29.26 -9.37
CA PHE D 228 12.42 -29.46 -9.49
C PHE D 228 11.81 -28.10 -9.77
N ASP D 229 10.86 -28.07 -10.71
CA ASP D 229 10.24 -26.86 -11.17
C ASP D 229 9.05 -26.47 -10.34
N SER D 230 8.40 -27.48 -9.78
CA SER D 230 7.12 -27.26 -9.10
C SER D 230 6.89 -28.30 -8.03
N ILE D 231 5.84 -28.06 -7.24
CA ILE D 231 5.54 -28.97 -6.15
C ILE D 231 4.09 -29.40 -6.16
N ARG D 232 3.80 -30.52 -5.50
CA ARG D 232 2.44 -30.91 -5.24
C ARG D 232 2.43 -30.88 -3.73
N VAL D 233 1.35 -30.36 -3.13
CA VAL D 233 1.22 -30.29 -1.70
C VAL D 233 0.36 -31.41 -1.31
N ASP D 234 0.95 -32.33 -0.57
CA ASP D 234 0.27 -33.57 -0.24
C ASP D 234 -0.56 -33.46 1.00
N ALA D 235 -1.73 -34.07 0.97
CA ALA D 235 -2.58 -34.19 2.16
C ALA D 235 -2.87 -32.82 2.79
N VAL D 236 -3.37 -31.94 1.97
CA VAL D 236 -3.59 -30.61 2.43
C VAL D 236 -4.55 -30.58 3.62
N ASP D 237 -5.56 -31.43 3.64
CA ASP D 237 -6.60 -31.24 4.66
C ASP D 237 -6.20 -31.81 5.99
N ASN D 238 -4.95 -32.12 6.15
CA ASN D 238 -4.53 -32.79 7.35
C ASN D 238 -3.45 -31.99 7.99
N VAL D 239 -3.19 -30.85 7.41
CA VAL D 239 -2.12 -30.05 7.92
C VAL D 239 -2.54 -28.63 8.10
N ASP D 240 -1.87 -27.89 8.93
CA ASP D 240 -2.13 -26.47 9.06
C ASP D 240 -1.99 -25.70 7.74
N ALA D 241 -3.06 -25.02 7.31
CA ALA D 241 -3.07 -24.35 6.00
C ALA D 241 -2.25 -23.04 5.89
N ASP D 242 -1.60 -22.62 6.97
CA ASP D 242 -0.58 -21.56 6.85
C ASP D 242 0.44 -21.99 5.82
N LEU D 243 0.67 -23.32 5.73
CA LEU D 243 1.65 -23.85 4.78
C LEU D 243 1.33 -23.35 3.37
N LEU D 244 0.07 -22.99 3.15
CA LEU D 244 -0.34 -22.63 1.80
C LEU D 244 0.04 -21.20 1.45
N GLN D 245 -0.09 -20.32 2.40
CA GLN D 245 0.45 -19.01 2.14
C GLN D 245 1.98 -19.10 2.03
N ILE D 246 2.60 -19.93 2.86
CA ILE D 246 4.07 -19.92 2.88
C ILE D 246 4.56 -20.37 1.50
N ALA D 247 3.98 -21.43 0.95
CA ALA D 247 4.43 -21.95 -0.31
C ALA D 247 4.04 -21.00 -1.44
N GLY D 248 2.84 -20.47 -1.43
CA GLY D 248 2.47 -19.50 -2.42
C GLY D 248 3.33 -18.24 -2.38
N ASP D 249 3.70 -17.76 -1.19
CA ASP D 249 4.63 -16.62 -1.10
C ASP D 249 5.97 -16.96 -1.75
N TYR D 250 6.41 -18.17 -1.51
CA TYR D 250 7.69 -18.56 -1.97
C TYR D 250 7.64 -18.61 -3.49
N LEU D 251 6.66 -19.26 -4.06
CA LEU D 251 6.58 -19.29 -5.50
C LEU D 251 6.51 -17.89 -6.08
N LYS D 252 5.76 -17.01 -5.46
CA LYS D 252 5.76 -15.63 -5.93
C LYS D 252 7.10 -14.94 -5.78
N ALA D 253 7.62 -14.95 -4.58
CA ALA D 253 8.87 -14.29 -4.28
C ALA D 253 10.05 -14.83 -5.08
N ALA D 254 10.22 -16.15 -5.07
CA ALA D 254 11.38 -16.79 -5.67
C ALA D 254 11.26 -16.92 -7.19
N LYS D 255 10.08 -17.29 -7.71
CA LYS D 255 9.93 -17.62 -9.13
C LYS D 255 9.10 -16.62 -9.86
N GLY D 256 8.53 -15.63 -9.18
CA GLY D 256 7.80 -14.58 -9.89
C GLY D 256 6.53 -15.00 -10.62
N ILE D 257 5.89 -16.08 -10.16
CA ILE D 257 4.69 -16.60 -10.85
C ILE D 257 3.57 -15.56 -10.98
N HIS D 258 3.53 -14.57 -10.10
CA HIS D 258 2.46 -13.59 -10.12
C HIS D 258 2.66 -12.57 -11.24
N LYS D 259 3.83 -12.53 -11.88
CA LYS D 259 4.11 -11.44 -12.82
C LYS D 259 3.42 -11.65 -14.13
N ASN D 260 3.49 -12.87 -14.65
CA ASN D 260 2.89 -13.20 -15.91
C ASN D 260 2.79 -14.69 -16.06
N ASP D 261 2.04 -15.14 -17.07
CA ASP D 261 1.66 -16.58 -17.19
C ASP D 261 2.86 -17.44 -17.50
N LYS D 262 3.81 -16.85 -18.19
CA LYS D 262 4.97 -17.57 -18.61
C LYS D 262 5.66 -18.11 -17.38
N ALA D 263 5.85 -17.24 -16.38
CA ALA D 263 6.46 -17.65 -15.13
C ALA D 263 5.57 -18.68 -14.41
N ALA D 264 4.28 -18.41 -14.31
CA ALA D 264 3.37 -19.27 -13.54
C ALA D 264 3.41 -20.68 -14.11
N ASN D 265 3.44 -20.76 -15.43
CA ASN D 265 3.30 -22.02 -16.11
C ASN D 265 4.63 -22.73 -16.11
N ASP D 266 5.72 -22.03 -15.87
CA ASP D 266 6.95 -22.76 -15.69
C ASP D 266 7.07 -23.39 -14.31
N HIS D 267 6.15 -23.12 -13.40
CA HIS D 267 6.26 -23.66 -12.07
C HIS D 267 4.89 -24.04 -11.59
N LEU D 268 4.15 -24.68 -12.46
CA LEU D 268 2.77 -24.94 -12.12
C LEU D 268 2.65 -26.00 -11.01
N SER D 269 2.06 -25.61 -9.90
CA SER D 269 1.97 -26.43 -8.69
C SER D 269 0.51 -26.78 -8.26
N ILE D 270 0.34 -27.94 -7.63
CA ILE D 270 -1.00 -28.41 -7.37
C ILE D 270 -1.17 -28.70 -5.87
N LEU D 271 -2.41 -28.87 -5.46
CA LEU D 271 -2.73 -29.31 -4.15
C LEU D 271 -3.37 -30.64 -4.31
N GLU D 272 -3.17 -31.50 -3.33
CA GLU D 272 -4.12 -32.59 -3.11
C GLU D 272 -5.06 -32.18 -1.97
N ALA D 273 -6.07 -31.40 -2.33
CA ALA D 273 -7.02 -30.86 -1.37
C ALA D 273 -8.42 -31.38 -1.64
N TRP D 274 -8.89 -32.31 -0.80
CA TRP D 274 -10.19 -32.99 -1.04
C TRP D 274 -11.46 -32.21 -0.78
N SER D 275 -11.47 -31.34 0.22
CA SER D 275 -12.67 -30.63 0.54
C SER D 275 -13.16 -29.74 -0.57
N TYR D 276 -14.48 -29.69 -0.74
CA TYR D 276 -15.04 -28.82 -1.79
C TYR D 276 -14.72 -27.39 -1.47
N ASN D 277 -14.61 -27.05 -0.20
CA ASN D 277 -14.17 -25.68 0.13
C ASN D 277 -12.77 -25.31 -0.35
N ASP D 278 -11.91 -26.28 -0.65
CA ASP D 278 -10.48 -25.92 -0.89
C ASP D 278 -10.29 -25.10 -2.16
N THR D 279 -10.98 -25.47 -3.24
CA THR D 279 -10.85 -24.69 -4.47
C THR D 279 -11.24 -23.18 -4.37
N PRO D 280 -12.43 -22.86 -3.82
CA PRO D 280 -12.78 -21.50 -3.56
C PRO D 280 -11.77 -20.80 -2.63
N TYR D 281 -11.22 -21.51 -1.68
CA TYR D 281 -10.29 -20.94 -0.78
C TYR D 281 -9.02 -20.58 -1.52
N LEU D 282 -8.63 -21.52 -2.37
CA LEU D 282 -7.40 -21.42 -3.10
C LEU D 282 -7.52 -20.24 -4.02
N HIS D 283 -8.72 -20.01 -4.58
CA HIS D 283 -8.91 -19.01 -5.63
C HIS D 283 -8.92 -17.65 -5.03
N ASP D 284 -9.65 -17.48 -3.95
CA ASP D 284 -9.59 -16.25 -3.18
C ASP D 284 -8.18 -15.99 -2.74
N ASP D 285 -7.42 -17.03 -2.40
CA ASP D 285 -6.06 -16.83 -1.95
C ASP D 285 -5.17 -16.32 -3.07
N GLY D 286 -5.66 -16.24 -4.29
CA GLY D 286 -4.87 -15.76 -5.40
C GLY D 286 -4.38 -16.74 -6.47
N ASP D 287 -4.99 -17.92 -6.59
CA ASP D 287 -4.59 -18.86 -7.63
C ASP D 287 -3.08 -19.04 -7.78
N ASN D 288 -2.40 -19.21 -6.65
CA ASN D 288 -0.99 -19.54 -6.67
C ASN D 288 -0.72 -21.00 -6.92
N MET D 289 -1.69 -21.83 -6.62
CA MET D 289 -1.57 -23.19 -7.08
C MET D 289 -2.96 -23.63 -7.48
N ILE D 290 -3.06 -24.83 -8.11
CA ILE D 290 -4.34 -25.28 -8.58
C ILE D 290 -4.73 -26.56 -7.91
N ASN D 291 -6.01 -26.67 -7.57
CA ASN D 291 -6.52 -27.90 -7.02
C ASN D 291 -7.19 -28.80 -8.02
N MET D 292 -7.56 -30.01 -7.60
CA MET D 292 -8.29 -30.94 -8.46
C MET D 292 -9.69 -30.42 -8.70
N ASP D 293 -10.34 -30.85 -9.77
CA ASP D 293 -11.81 -30.69 -9.89
C ASP D 293 -12.51 -31.93 -9.33
N ASN D 294 -12.87 -31.90 -8.06
CA ASN D 294 -13.27 -33.12 -7.44
C ASN D 294 -14.64 -33.56 -7.90
N ARG D 295 -15.51 -32.59 -8.18
CA ARG D 295 -16.83 -32.86 -8.68
C ARG D 295 -16.80 -33.50 -10.03
N LEU D 296 -15.96 -33.03 -10.96
CA LEU D 296 -15.90 -33.71 -12.25
C LEU D 296 -15.37 -35.13 -12.08
N ARG D 297 -14.39 -35.30 -11.21
CA ARG D 297 -13.85 -36.62 -10.94
C ARG D 297 -14.91 -37.61 -10.52
N LEU D 298 -15.83 -37.15 -9.66
CA LEU D 298 -16.94 -37.97 -9.21
C LEU D 298 -17.91 -38.21 -10.34
N SER D 299 -18.05 -37.28 -11.26
CA SER D 299 -18.95 -37.48 -12.36
C SER D 299 -18.44 -38.56 -13.25
N LEU D 300 -17.14 -38.49 -13.58
CA LEU D 300 -16.59 -39.48 -14.43
C LEU D 300 -16.80 -40.83 -13.71
N LEU D 301 -16.56 -40.83 -12.40
CA LEU D 301 -16.61 -42.06 -11.65
C LEU D 301 -17.99 -42.70 -11.68
N TYR D 302 -19.02 -41.91 -11.53
CA TYR D 302 -20.34 -42.51 -11.40
C TYR D 302 -21.12 -42.62 -12.68
N SER D 303 -20.76 -41.82 -13.66
CA SER D 303 -21.42 -41.91 -14.94
C SER D 303 -20.76 -42.92 -15.80
N LEU D 304 -19.46 -43.11 -15.61
CA LEU D 304 -18.77 -43.96 -16.56
C LEU D 304 -18.16 -45.23 -15.96
N ALA D 305 -17.51 -45.09 -14.80
CA ALA D 305 -16.64 -46.18 -14.26
C ALA D 305 -17.35 -47.22 -13.37
N LYS D 306 -18.39 -46.84 -12.66
CA LYS D 306 -19.02 -47.78 -11.83
C LYS D 306 -19.73 -48.89 -12.59
N PRO D 307 -20.08 -49.96 -11.85
CA PRO D 307 -20.85 -51.07 -12.30
C PRO D 307 -22.15 -50.58 -12.88
N LEU D 308 -22.53 -51.20 -13.98
CA LEU D 308 -23.65 -50.75 -14.74
C LEU D 308 -24.86 -50.41 -13.82
N ASN D 309 -25.03 -51.16 -12.77
CA ASN D 309 -26.22 -50.92 -12.00
C ASN D 309 -26.14 -49.79 -11.03
N GLN D 310 -24.95 -49.25 -10.84
CA GLN D 310 -24.79 -48.17 -9.90
C GLN D 310 -24.45 -46.90 -10.62
N ARG D 311 -24.45 -46.97 -11.93
CA ARG D 311 -24.07 -45.87 -12.78
C ARG D 311 -25.13 -44.81 -12.76
N SER D 312 -24.73 -43.57 -12.78
CA SER D 312 -25.70 -42.53 -12.86
C SER D 312 -25.92 -42.09 -14.31
N GLY D 313 -26.81 -41.12 -14.53
CA GLY D 313 -27.03 -40.59 -15.85
C GLY D 313 -25.82 -39.80 -16.28
N MET D 314 -25.82 -39.33 -17.51
CA MET D 314 -24.64 -38.65 -18.02
C MET D 314 -24.57 -37.13 -17.82
N ASN D 315 -25.71 -36.48 -17.54
CA ASN D 315 -25.70 -35.03 -17.42
C ASN D 315 -24.53 -34.44 -16.59
N PRO D 316 -24.13 -35.12 -15.48
CA PRO D 316 -23.12 -34.59 -14.60
C PRO D 316 -21.78 -34.42 -15.28
N LEU D 317 -21.50 -35.20 -16.33
CA LEU D 317 -20.31 -34.99 -17.12
C LEU D 317 -20.33 -33.61 -17.74
N ILE D 318 -21.50 -33.02 -17.97
CA ILE D 318 -21.58 -31.62 -18.39
C ILE D 318 -21.54 -30.60 -17.25
N THR D 319 -22.30 -30.82 -16.20
CA THR D 319 -22.51 -29.74 -15.26
C THR D 319 -21.93 -29.97 -13.87
N ASN D 320 -21.74 -31.18 -13.40
CA ASN D 320 -21.23 -31.30 -12.03
C ASN D 320 -19.78 -31.21 -12.13
N SER D 321 -19.29 -29.98 -12.11
CA SER D 321 -17.86 -29.73 -12.33
C SER D 321 -17.51 -28.31 -11.95
N LEU D 322 -16.23 -27.96 -11.87
CA LEU D 322 -15.94 -26.54 -11.66
C LEU D 322 -16.42 -25.68 -12.81
N VAL D 323 -16.41 -26.22 -14.00
CA VAL D 323 -16.84 -25.52 -15.20
C VAL D 323 -18.07 -26.21 -15.79
N ASN D 324 -19.11 -25.48 -16.11
CA ASN D 324 -20.23 -26.04 -16.78
C ASN D 324 -19.91 -26.05 -18.24
N ARG D 325 -19.84 -27.20 -18.86
CA ARG D 325 -19.25 -27.28 -20.17
C ARG D 325 -20.29 -27.37 -21.26
N THR D 326 -21.47 -26.87 -20.98
CA THR D 326 -22.54 -26.87 -21.94
C THR D 326 -22.13 -25.99 -23.08
N ASP D 327 -21.81 -24.76 -22.75
CA ASP D 327 -21.19 -23.87 -23.69
C ASP D 327 -20.11 -23.14 -22.98
N ASP D 328 -18.88 -23.68 -23.07
CA ASP D 328 -17.70 -23.01 -22.56
C ASP D 328 -16.94 -22.21 -23.63
N ASN D 329 -17.10 -20.87 -23.66
CA ASN D 329 -16.40 -20.06 -24.68
C ASN D 329 -15.53 -19.00 -24.08
N ALA D 330 -15.20 -19.17 -22.80
CA ALA D 330 -14.37 -18.22 -22.09
C ALA D 330 -12.91 -18.30 -22.56
N GLU D 331 -12.29 -17.15 -22.79
CA GLU D 331 -10.88 -17.15 -23.14
C GLU D 331 -10.02 -17.47 -21.92
N THR D 332 -10.50 -17.10 -20.73
CA THR D 332 -9.97 -17.62 -19.46
C THR D 332 -11.11 -18.18 -18.65
N ALA D 333 -10.96 -19.38 -18.14
CA ALA D 333 -11.96 -19.94 -17.27
C ALA D 333 -11.89 -19.27 -15.88
N ALA D 334 -13.01 -19.24 -15.16
CA ALA D 334 -13.09 -18.54 -13.89
C ALA D 334 -12.13 -19.12 -12.83
N VAL D 335 -11.93 -20.44 -12.79
CA VAL D 335 -10.99 -21.03 -11.86
C VAL D 335 -10.19 -22.09 -12.56
N PRO D 336 -8.91 -22.19 -12.23
CA PRO D 336 -8.07 -23.25 -12.80
C PRO D 336 -8.08 -24.51 -11.91
N SER D 337 -7.76 -25.65 -12.50
CA SER D 337 -7.88 -26.96 -11.83
C SER D 337 -7.19 -28.00 -12.64
N TYR D 338 -6.89 -29.15 -12.07
CA TYR D 338 -6.53 -30.28 -12.92
C TYR D 338 -7.62 -31.32 -12.78
N SER D 339 -7.70 -32.25 -13.72
CA SER D 339 -8.75 -33.26 -13.70
C SER D 339 -8.19 -34.68 -13.79
N PHE D 340 -8.79 -35.62 -13.09
CA PHE D 340 -8.34 -36.98 -13.28
C PHE D 340 -9.39 -37.99 -12.97
N ILE D 341 -9.20 -39.22 -13.45
CA ILE D 341 -10.11 -40.29 -13.06
C ILE D 341 -9.49 -41.26 -12.03
N ARG D 342 -8.21 -41.52 -12.13
CA ARG D 342 -7.51 -42.35 -11.16
C ARG D 342 -6.22 -41.68 -10.77
N ALA D 343 -5.71 -42.03 -9.60
CA ALA D 343 -4.42 -41.49 -9.07
C ALA D 343 -3.69 -42.61 -8.35
N HIS D 344 -2.48 -42.34 -7.90
CA HIS D 344 -1.68 -43.45 -7.42
C HIS D 344 -2.41 -44.15 -6.28
N ASP D 345 -3.13 -43.36 -5.48
CA ASP D 345 -3.96 -43.87 -4.39
C ASP D 345 -5.45 -43.92 -4.77
N SER D 346 -6.01 -42.80 -5.24
CA SER D 346 -7.43 -42.75 -5.42
C SER D 346 -7.83 -43.67 -6.55
N GLU D 347 -8.73 -44.60 -6.22
CA GLU D 347 -9.30 -45.61 -7.15
C GLU D 347 -8.30 -46.66 -7.63
N VAL D 348 -7.28 -46.86 -6.82
CA VAL D 348 -6.34 -47.94 -7.02
C VAL D 348 -6.26 -48.75 -5.72
N GLN D 349 -5.72 -48.14 -4.70
CA GLN D 349 -5.59 -48.86 -3.44
C GLN D 349 -6.93 -49.15 -2.80
N ASP D 350 -7.91 -48.28 -2.98
CA ASP D 350 -9.29 -48.64 -2.68
C ASP D 350 -9.71 -49.97 -3.35
N LEU D 351 -9.48 -50.10 -4.66
CA LEU D 351 -9.96 -51.25 -5.36
C LEU D 351 -9.26 -52.44 -4.74
N ILE D 352 -7.99 -52.27 -4.40
CA ILE D 352 -7.23 -53.37 -3.84
C ILE D 352 -7.76 -53.72 -2.47
N ARG D 353 -8.17 -52.71 -1.72
CA ARG D 353 -8.73 -52.99 -0.42
C ARG D 353 -10.04 -53.72 -0.55
N ASP D 354 -10.83 -53.38 -1.55
CA ASP D 354 -12.11 -54.06 -1.81
C ASP D 354 -11.87 -55.53 -2.02
N ILE D 355 -10.96 -55.85 -2.93
CA ILE D 355 -10.64 -57.22 -3.23
C ILE D 355 -10.23 -58.00 -1.98
N ILE D 356 -9.34 -57.40 -1.21
CA ILE D 356 -8.89 -58.05 0.02
C ILE D 356 -10.03 -58.29 1.00
N LYS D 357 -10.69 -57.25 1.52
CA LYS D 357 -11.86 -57.44 2.36
C LYS D 357 -12.83 -58.52 1.90
N ALA D 358 -13.03 -58.60 0.60
CA ALA D 358 -14.07 -59.43 0.04
C ALA D 358 -13.56 -60.82 0.03
N GLU D 359 -12.33 -61.00 -0.46
CA GLU D 359 -11.92 -62.35 -0.90
C GLU D 359 -10.69 -62.92 -0.22
N ILE D 360 -10.11 -62.18 0.70
CA ILE D 360 -8.80 -62.55 1.15
C ILE D 360 -8.72 -62.38 2.66
N ASN D 361 -8.89 -61.19 3.17
CA ASN D 361 -8.95 -61.07 4.62
C ASN D 361 -10.05 -60.09 5.04
N PRO D 362 -11.17 -60.63 5.55
CA PRO D 362 -12.34 -59.88 5.96
C PRO D 362 -12.11 -58.75 6.95
N ASN D 363 -11.13 -58.89 7.83
CA ASN D 363 -10.90 -57.87 8.86
C ASN D 363 -9.81 -56.87 8.57
N VAL D 364 -9.36 -56.81 7.31
CA VAL D 364 -8.18 -56.00 7.02
C VAL D 364 -8.47 -54.61 7.56
N VAL D 365 -7.47 -53.97 8.13
CA VAL D 365 -7.61 -52.62 8.67
C VAL D 365 -7.13 -51.52 7.68
N GLY D 366 -7.97 -50.51 7.41
CA GLY D 366 -7.53 -49.36 6.59
C GLY D 366 -6.81 -49.77 5.33
N TYR D 367 -5.59 -49.28 5.13
CA TYR D 367 -4.78 -49.79 4.03
C TYR D 367 -3.51 -50.45 4.52
N SER D 368 -3.57 -51.00 5.72
CA SER D 368 -2.46 -51.79 6.25
C SER D 368 -2.29 -53.16 5.64
N PHE D 369 -2.05 -53.28 4.35
CA PHE D 369 -1.98 -54.61 3.79
C PHE D 369 -0.60 -55.18 4.06
N THR D 370 -0.45 -56.50 4.11
CA THR D 370 0.86 -57.09 3.95
C THR D 370 1.14 -57.27 2.45
N MET D 371 2.43 -57.42 2.14
CA MET D 371 2.85 -57.72 0.78
C MET D 371 2.13 -58.93 0.21
N GLU D 372 1.83 -59.89 1.10
CA GLU D 372 1.27 -61.19 0.68
C GLU D 372 -0.14 -61.03 0.24
N GLU D 373 -0.84 -60.18 0.99
CA GLU D 373 -2.19 -59.86 0.61
C GLU D 373 -2.20 -59.15 -0.75
N ILE D 374 -1.25 -58.24 -0.93
CA ILE D 374 -1.22 -57.48 -2.14
C ILE D 374 -1.04 -58.36 -3.37
N LYS D 375 -0.23 -59.40 -3.25
CA LYS D 375 0.08 -60.17 -4.44
C LYS D 375 -1.08 -60.94 -4.91
N LYS D 376 -1.77 -61.41 -3.88
CA LYS D 376 -2.87 -62.32 -4.01
C LYS D 376 -4.00 -61.49 -4.53
N ALA D 377 -4.07 -60.22 -4.08
CA ALA D 377 -5.09 -59.28 -4.53
C ALA D 377 -4.92 -59.02 -6.03
N PHE D 378 -3.66 -58.93 -6.44
CA PHE D 378 -3.36 -58.60 -7.80
C PHE D 378 -3.69 -59.65 -8.82
N GLU D 379 -3.84 -60.91 -8.40
CA GLU D 379 -4.22 -61.92 -9.37
C GLU D 379 -5.67 -61.79 -9.67
N ILE D 380 -6.43 -61.34 -8.66
CA ILE D 380 -7.86 -61.09 -8.83
C ILE D 380 -8.08 -59.82 -9.65
N TYR D 381 -7.34 -58.80 -9.29
CA TYR D 381 -7.45 -57.52 -9.94
C TYR D 381 -7.09 -57.58 -11.44
N ASN D 382 -6.00 -58.29 -11.76
CA ASN D 382 -5.52 -58.38 -13.16
C ASN D 382 -6.41 -59.20 -14.06
N LYS D 383 -7.03 -60.20 -13.47
CA LYS D 383 -8.07 -60.90 -14.13
C LYS D 383 -9.29 -60.01 -14.40
N ASP D 384 -9.69 -59.23 -13.39
CA ASP D 384 -10.89 -58.45 -13.48
C ASP D 384 -10.69 -57.42 -14.57
N LEU D 385 -9.45 -56.94 -14.72
CA LEU D 385 -9.13 -55.95 -15.73
C LEU D 385 -9.51 -56.35 -17.16
N LEU D 386 -9.31 -57.61 -17.50
CA LEU D 386 -9.51 -58.09 -18.86
C LEU D 386 -10.91 -58.50 -19.13
N ALA D 387 -11.70 -58.60 -18.07
CA ALA D 387 -13.13 -58.98 -18.09
C ALA D 387 -14.15 -57.98 -18.68
N THR D 388 -15.04 -58.49 -19.51
CA THR D 388 -16.13 -57.65 -19.95
C THR D 388 -16.91 -57.24 -18.73
N GLU D 389 -17.33 -58.24 -17.96
CA GLU D 389 -18.11 -58.03 -16.75
C GLU D 389 -17.16 -57.87 -15.57
N LYS D 390 -17.00 -56.65 -15.09
CA LYS D 390 -15.98 -56.38 -14.10
C LYS D 390 -16.58 -56.23 -12.74
N LYS D 391 -15.96 -56.85 -11.77
CA LYS D 391 -16.46 -56.83 -10.44
C LYS D 391 -15.73 -55.94 -9.50
N TYR D 392 -14.56 -55.41 -9.84
CA TYR D 392 -13.87 -54.49 -8.90
C TYR D 392 -13.28 -53.31 -9.58
N THR D 393 -13.04 -53.35 -10.88
CA THR D 393 -12.14 -52.38 -11.50
C THR D 393 -12.98 -51.48 -12.42
N HIS D 394 -12.41 -50.38 -12.89
CA HIS D 394 -13.19 -49.41 -13.60
C HIS D 394 -13.66 -49.89 -14.92
N TYR D 395 -14.84 -49.47 -15.30
CA TYR D 395 -15.29 -49.60 -16.69
C TYR D 395 -15.01 -48.30 -17.42
N ASN D 396 -15.15 -48.35 -18.73
CA ASN D 396 -15.03 -47.16 -19.58
C ASN D 396 -13.81 -46.24 -19.40
N THR D 397 -12.66 -46.81 -19.15
CA THR D 397 -11.51 -45.98 -18.99
C THR D 397 -11.28 -45.10 -20.18
N ALA D 398 -11.35 -45.64 -21.39
CA ALA D 398 -11.16 -44.82 -22.58
C ALA D 398 -12.21 -43.66 -22.68
N LEU D 399 -13.45 -43.95 -22.33
CA LEU D 399 -14.48 -42.95 -22.30
C LEU D 399 -14.09 -41.78 -21.41
N SER D 400 -13.54 -42.15 -20.26
CA SER D 400 -13.16 -41.19 -19.25
C SER D 400 -12.03 -40.28 -19.80
N TYR D 401 -11.06 -40.91 -20.45
CA TYR D 401 -9.98 -40.18 -20.99
C TYR D 401 -10.33 -39.40 -22.24
N ALA D 402 -11.21 -39.90 -23.11
CA ALA D 402 -11.72 -39.02 -24.20
C ALA D 402 -12.23 -37.68 -23.61
N LEU D 403 -13.01 -37.73 -22.53
CA LEU D 403 -13.46 -36.48 -21.96
C LEU D 403 -12.31 -35.69 -21.34
N LEU D 404 -11.47 -36.31 -20.53
CA LEU D 404 -10.48 -35.53 -19.84
C LEU D 404 -9.57 -34.90 -20.85
N LEU D 405 -9.25 -35.60 -21.93
CA LEU D 405 -8.23 -35.07 -22.83
C LEU D 405 -8.88 -34.27 -23.97
N THR D 406 -10.21 -34.02 -23.93
CA THR D 406 -10.79 -33.05 -24.85
C THR D 406 -11.47 -31.85 -24.12
N ASN D 407 -11.63 -31.97 -22.81
CA ASN D 407 -12.34 -30.93 -22.10
C ASN D 407 -11.57 -29.64 -22.18
N LYS D 408 -12.25 -28.51 -22.25
CA LYS D 408 -11.59 -27.24 -22.14
C LYS D 408 -11.52 -26.86 -20.65
N SER D 409 -10.66 -25.91 -20.28
CA SER D 409 -10.73 -25.27 -18.93
C SER D 409 -10.29 -26.10 -17.78
N SER D 410 -9.44 -27.08 -18.01
CA SER D 410 -8.81 -27.81 -16.92
C SER D 410 -7.53 -28.51 -17.45
N VAL D 411 -6.53 -28.73 -16.59
CA VAL D 411 -5.36 -29.43 -17.03
C VAL D 411 -5.59 -30.90 -16.76
N PRO D 412 -5.50 -31.73 -17.80
CA PRO D 412 -5.78 -33.17 -17.57
C PRO D 412 -4.59 -33.84 -16.95
N ARG D 413 -4.81 -34.71 -15.97
CA ARG D 413 -3.69 -35.45 -15.38
C ARG D 413 -3.87 -36.89 -15.67
N VAL D 414 -2.99 -37.46 -16.48
CA VAL D 414 -3.08 -38.86 -16.91
C VAL D 414 -2.34 -39.74 -15.92
N TYR D 415 -2.99 -40.82 -15.47
CA TYR D 415 -2.44 -41.68 -14.41
C TYR D 415 -1.67 -42.84 -15.01
N TYR D 416 -0.41 -43.01 -14.59
CA TYR D 416 0.53 -43.99 -15.14
C TYR D 416 -0.09 -45.36 -15.25
N GLY D 417 -0.82 -45.73 -14.22
CA GLY D 417 -1.41 -47.03 -14.11
C GLY D 417 -2.61 -47.21 -15.02
N ASP D 418 -2.97 -46.20 -15.81
CA ASP D 418 -4.03 -46.37 -16.76
C ASP D 418 -3.43 -46.72 -18.11
N MET D 419 -2.15 -46.40 -18.30
CA MET D 419 -1.48 -46.67 -19.53
C MET D 419 -0.58 -47.87 -19.41
N PHE D 420 -0.08 -48.06 -18.20
CA PHE D 420 0.81 -49.19 -17.86
C PHE D 420 0.24 -49.90 -16.69
N THR D 421 0.58 -51.17 -16.54
CA THR D 421 0.01 -51.99 -15.47
C THR D 421 0.43 -51.50 -14.11
N ASP D 422 -0.49 -51.58 -13.16
CA ASP D 422 -0.30 -51.04 -11.83
C ASP D 422 0.81 -51.78 -11.04
N ASP D 423 0.91 -53.07 -11.23
CA ASP D 423 1.97 -53.82 -10.60
C ASP D 423 3.00 -54.09 -11.71
N GLY D 424 4.09 -54.75 -11.39
CA GLY D 424 5.04 -54.99 -12.45
C GLY D 424 6.02 -53.86 -12.67
N GLN D 425 7.09 -54.13 -13.40
CA GLN D 425 8.16 -53.16 -13.54
C GLN D 425 7.72 -51.91 -14.28
N TYR D 426 8.47 -50.86 -14.15
CA TYR D 426 8.10 -49.55 -14.68
C TYR D 426 8.05 -49.54 -16.21
N MET D 427 6.88 -49.33 -16.78
CA MET D 427 6.75 -49.27 -18.22
C MET D 427 6.94 -50.63 -18.90
N ALA D 428 7.00 -51.70 -18.13
CA ALA D 428 7.15 -52.99 -18.76
C ALA D 428 5.94 -53.46 -19.55
N HIS D 429 4.71 -53.18 -19.07
CA HIS D 429 3.50 -53.76 -19.68
C HIS D 429 2.43 -52.72 -19.91
N LYS D 430 1.91 -52.70 -21.14
CA LYS D 430 0.82 -51.79 -21.49
C LYS D 430 -0.54 -52.32 -21.04
N THR D 431 -1.40 -51.47 -20.55
CA THR D 431 -2.80 -51.84 -20.35
C THR D 431 -3.54 -51.94 -21.69
N ILE D 432 -4.68 -52.63 -21.72
CA ILE D 432 -5.41 -52.71 -22.97
C ILE D 432 -5.85 -51.33 -23.46
N ASN D 433 -5.71 -50.31 -22.65
CA ASN D 433 -6.13 -49.00 -23.07
C ASN D 433 -4.98 -48.12 -23.52
N TYR D 434 -3.78 -48.67 -23.44
CA TYR D 434 -2.65 -47.90 -23.85
C TYR D 434 -2.79 -47.30 -25.26
N GLU D 435 -3.32 -48.03 -26.21
CA GLU D 435 -3.39 -47.43 -27.53
C GLU D 435 -4.47 -46.31 -27.65
N ALA D 436 -5.62 -46.51 -26.99
CA ALA D 436 -6.69 -45.52 -26.95
C ALA D 436 -6.20 -44.19 -26.37
N ILE D 437 -5.54 -44.30 -25.22
CA ILE D 437 -5.12 -43.12 -24.52
C ILE D 437 -3.97 -42.45 -25.31
N GLU D 438 -3.05 -43.26 -25.87
CA GLU D 438 -1.99 -42.63 -26.62
C GLU D 438 -2.55 -41.92 -27.85
N THR D 439 -3.51 -42.60 -28.51
CA THR D 439 -4.18 -41.99 -29.63
C THR D 439 -4.73 -40.67 -29.24
N LEU D 440 -5.28 -40.55 -28.06
CA LEU D 440 -5.92 -39.30 -27.68
C LEU D 440 -4.87 -38.31 -27.32
N LEU D 441 -3.83 -38.75 -26.68
CA LEU D 441 -2.86 -37.78 -26.27
C LEU D 441 -2.21 -37.02 -27.49
N LYS D 442 -1.88 -37.80 -28.51
CA LYS D 442 -1.40 -37.31 -29.75
C LYS D 442 -2.39 -36.39 -30.45
N ALA D 443 -3.66 -36.78 -30.48
CA ALA D 443 -4.65 -36.04 -31.22
C ALA D 443 -4.90 -34.74 -30.47
N ARG D 444 -4.67 -34.78 -29.17
CA ARG D 444 -4.93 -33.61 -28.34
C ARG D 444 -4.01 -32.52 -28.77
N ILE D 445 -2.74 -32.84 -28.98
CA ILE D 445 -1.78 -31.89 -29.50
C ILE D 445 -2.20 -31.33 -30.84
N LYS D 446 -2.72 -32.19 -31.69
CA LYS D 446 -3.01 -31.81 -33.06
C LYS D 446 -4.35 -31.07 -33.32
N TYR D 447 -5.39 -31.48 -32.62
CA TYR D 447 -6.71 -31.03 -32.92
C TYR D 447 -7.41 -30.26 -31.79
N VAL D 448 -6.88 -30.24 -30.57
CA VAL D 448 -7.76 -29.83 -29.49
C VAL D 448 -7.55 -28.39 -29.13
N SER D 449 -8.49 -27.53 -29.52
CA SER D 449 -8.37 -26.08 -29.25
C SER D 449 -9.68 -25.43 -29.47
N GLY D 450 -9.93 -24.27 -28.86
CA GLY D 450 -11.16 -23.52 -29.19
C GLY D 450 -12.23 -23.78 -28.20
N GLY D 451 -13.42 -23.27 -28.40
CA GLY D 451 -14.41 -23.34 -27.36
C GLY D 451 -15.02 -24.71 -27.33
N GLN D 452 -15.92 -24.98 -26.39
CA GLN D 452 -16.45 -26.33 -26.22
C GLN D 452 -17.95 -26.32 -26.04
N ALA D 453 -18.63 -27.32 -26.59
CA ALA D 453 -20.04 -27.49 -26.33
C ALA D 453 -20.33 -28.94 -26.05
N MET D 454 -21.12 -29.17 -25.00
CA MET D 454 -21.55 -30.49 -24.63
C MET D 454 -23.06 -30.57 -24.69
N ARG D 455 -23.53 -31.64 -25.30
CA ARG D 455 -24.97 -31.74 -25.42
C ARG D 455 -25.33 -33.11 -24.90
N ASN D 456 -26.54 -33.23 -24.37
CA ASN D 456 -26.95 -34.48 -23.84
C ASN D 456 -28.31 -34.88 -24.45
N GLN D 457 -28.31 -35.84 -25.36
CA GLN D 457 -29.49 -36.21 -26.12
C GLN D 457 -30.02 -37.53 -25.63
N GLN D 458 -31.31 -37.56 -25.32
CA GLN D 458 -32.04 -38.82 -25.11
C GLN D 458 -32.32 -39.49 -26.44
N VAL D 459 -31.82 -40.67 -26.66
CA VAL D 459 -32.14 -41.29 -27.90
C VAL D 459 -32.41 -42.71 -27.65
N GLY D 460 -33.27 -43.29 -28.47
CA GLY D 460 -33.64 -44.70 -28.35
C GLY D 460 -34.10 -44.91 -26.95
N ASN D 461 -33.54 -45.91 -26.29
CA ASN D 461 -33.90 -46.25 -24.92
C ASN D 461 -32.88 -45.74 -23.88
N SER D 462 -31.97 -44.83 -24.25
CA SER D 462 -30.94 -44.36 -23.35
C SER D 462 -30.58 -42.92 -23.69
N GLU D 463 -29.32 -42.59 -23.70
CA GLU D 463 -28.97 -41.21 -23.84
C GLU D 463 -27.57 -41.20 -24.38
N ILE D 464 -27.09 -40.11 -24.93
CA ILE D 464 -25.68 -40.06 -25.30
C ILE D 464 -25.22 -38.65 -24.97
N ILE D 465 -23.92 -38.44 -24.88
CA ILE D 465 -23.48 -37.08 -24.85
C ILE D 465 -22.53 -36.79 -25.98
N THR D 466 -22.50 -35.53 -26.41
CA THR D 466 -21.63 -35.12 -27.47
C THR D 466 -20.80 -34.01 -26.88
N SER D 467 -19.51 -34.06 -27.18
CA SER D 467 -18.54 -33.04 -26.75
C SER D 467 -17.77 -32.51 -27.99
N VAL D 468 -17.82 -31.21 -28.25
CA VAL D 468 -17.20 -30.72 -29.48
C VAL D 468 -16.20 -29.66 -29.13
N ARG D 469 -15.04 -29.71 -29.75
CA ARG D 469 -14.18 -28.52 -29.73
C ARG D 469 -14.10 -27.88 -31.11
N TYR D 470 -14.38 -26.59 -31.20
CA TYR D 470 -14.61 -25.93 -32.46
C TYR D 470 -13.36 -25.76 -33.28
N GLY D 471 -12.18 -25.82 -32.69
CA GLY D 471 -10.96 -25.60 -33.46
C GLY D 471 -10.19 -24.38 -32.99
N LYS D 472 -8.88 -24.34 -33.32
CA LYS D 472 -8.02 -23.31 -32.79
C LYS D 472 -8.49 -21.99 -33.33
N GLY D 473 -8.64 -21.02 -32.41
CA GLY D 473 -9.16 -19.70 -32.78
C GLY D 473 -10.68 -19.57 -32.83
N ALA D 474 -11.42 -20.64 -32.63
CA ALA D 474 -12.86 -20.48 -32.54
C ALA D 474 -13.40 -20.66 -31.10
N LEU D 475 -13.69 -19.56 -30.40
CA LEU D 475 -14.18 -19.66 -29.07
C LEU D 475 -15.66 -19.93 -29.08
N LYS D 476 -16.38 -19.36 -30.03
CA LYS D 476 -17.83 -19.59 -30.15
C LYS D 476 -18.21 -20.43 -31.38
N ALA D 477 -19.47 -20.87 -31.42
CA ALA D 477 -19.85 -21.74 -32.51
C ALA D 477 -19.91 -21.03 -33.80
N THR D 478 -20.03 -19.70 -33.74
CA THR D 478 -20.17 -18.88 -34.96
C THR D 478 -18.84 -18.33 -35.49
N ASP D 479 -17.79 -18.31 -34.68
CA ASP D 479 -16.44 -17.93 -35.12
C ASP D 479 -15.97 -18.78 -36.30
N THR D 480 -15.40 -18.17 -37.31
CA THR D 480 -14.89 -18.91 -38.47
C THR D 480 -13.39 -19.09 -38.46
N GLY D 481 -12.66 -18.25 -37.74
CA GLY D 481 -11.21 -18.42 -37.69
C GLY D 481 -10.56 -18.52 -39.06
N ASP D 482 -9.57 -19.39 -39.16
CA ASP D 482 -8.74 -19.54 -40.38
C ASP D 482 -8.58 -20.95 -40.88
N ARG D 483 -7.54 -21.16 -41.69
CA ARG D 483 -7.20 -22.49 -42.27
C ARG D 483 -6.96 -23.51 -41.15
N ILE D 484 -6.27 -23.15 -40.06
CA ILE D 484 -6.00 -24.10 -38.96
C ILE D 484 -7.23 -24.42 -38.14
N THR D 485 -8.04 -23.41 -37.89
CA THR D 485 -9.38 -23.66 -37.34
C THR D 485 -10.08 -24.80 -38.12
N ARG D 486 -9.99 -24.78 -39.42
CA ARG D 486 -10.71 -25.75 -40.21
C ARG D 486 -10.27 -27.21 -40.05
N THR D 487 -8.98 -27.42 -39.94
CA THR D 487 -8.47 -28.76 -39.70
C THR D 487 -8.17 -29.07 -38.22
N SER D 488 -8.86 -28.40 -37.31
CA SER D 488 -8.76 -28.78 -35.90
C SER D 488 -10.14 -28.82 -35.31
N GLY D 489 -10.21 -29.05 -34.01
CA GLY D 489 -11.47 -29.32 -33.39
C GLY D 489 -11.63 -30.82 -33.35
N VAL D 490 -12.68 -31.27 -32.71
CA VAL D 490 -12.86 -32.70 -32.57
C VAL D 490 -14.25 -32.88 -32.01
N VAL D 491 -14.86 -34.02 -32.32
CA VAL D 491 -16.09 -34.37 -31.60
C VAL D 491 -15.95 -35.71 -30.88
N VAL D 492 -16.40 -35.76 -29.63
CA VAL D 492 -16.49 -37.04 -28.89
C VAL D 492 -17.96 -37.44 -28.68
N ILE D 493 -18.26 -38.72 -28.85
CA ILE D 493 -19.61 -39.17 -28.58
C ILE D 493 -19.54 -40.33 -27.64
N GLU D 494 -20.37 -40.31 -26.63
CA GLU D 494 -20.38 -41.35 -25.64
C GLU D 494 -21.78 -41.72 -25.17
N GLY D 495 -21.91 -42.99 -24.82
CA GLY D 495 -23.08 -43.45 -24.11
C GLY D 495 -22.51 -44.37 -23.04
N ASN D 496 -23.17 -44.41 -21.89
CA ASN D 496 -22.79 -45.25 -20.76
C ASN D 496 -23.70 -46.43 -20.48
N ASN D 497 -24.49 -46.89 -21.45
CA ASN D 497 -25.33 -48.03 -21.23
C ASN D 497 -25.24 -49.00 -22.38
N PRO D 498 -24.75 -50.21 -22.10
CA PRO D 498 -24.46 -51.20 -23.10
C PRO D 498 -25.66 -51.57 -23.92
N SER D 499 -26.84 -51.30 -23.44
CA SER D 499 -27.99 -51.69 -24.24
C SER D 499 -28.66 -50.51 -25.03
N LEU D 500 -27.95 -49.38 -25.15
CA LEU D 500 -28.36 -48.28 -26.01
C LEU D 500 -28.73 -48.85 -27.35
N ARG D 501 -29.84 -48.37 -27.91
CA ARG D 501 -30.21 -48.85 -29.23
C ARG D 501 -31.08 -47.75 -29.88
N LEU D 502 -30.59 -47.16 -30.98
CA LEU D 502 -31.30 -46.03 -31.63
C LEU D 502 -32.43 -46.57 -32.50
N LYS D 503 -33.60 -45.91 -32.48
CA LYS D 503 -34.63 -46.26 -33.42
C LYS D 503 -34.06 -45.88 -34.80
N ALA D 504 -34.66 -46.41 -35.87
CA ALA D 504 -34.20 -46.15 -37.25
C ALA D 504 -34.50 -44.69 -37.66
N SER D 505 -35.42 -44.05 -36.97
CA SER D 505 -35.71 -42.69 -37.31
C SER D 505 -34.79 -41.74 -36.55
N ASP D 506 -34.12 -42.23 -35.51
CA ASP D 506 -33.28 -41.38 -34.62
C ASP D 506 -32.10 -40.69 -35.28
N ARG D 507 -31.85 -39.40 -35.00
CA ARG D 507 -30.64 -38.77 -35.55
C ARG D 507 -29.80 -38.11 -34.48
N VAL D 508 -28.50 -38.10 -34.67
CA VAL D 508 -27.70 -37.27 -33.77
C VAL D 508 -27.02 -36.23 -34.59
N VAL D 509 -27.50 -35.00 -34.47
CA VAL D 509 -26.98 -33.96 -35.30
C VAL D 509 -26.01 -33.11 -34.49
N VAL D 510 -24.74 -33.11 -34.88
CA VAL D 510 -23.77 -32.40 -34.09
C VAL D 510 -23.16 -31.13 -34.72
N ASN D 511 -23.36 -29.99 -34.10
CA ASN D 511 -22.81 -28.77 -34.62
C ASN D 511 -21.32 -28.75 -34.36
N MET D 512 -20.52 -28.69 -35.41
CA MET D 512 -19.10 -28.62 -35.23
C MET D 512 -18.49 -27.22 -35.20
N GLY D 513 -19.23 -26.19 -35.57
CA GLY D 513 -18.63 -24.85 -35.64
C GLY D 513 -18.73 -24.26 -37.04
N ALA D 514 -18.78 -22.94 -37.13
CA ALA D 514 -18.84 -22.26 -38.41
C ALA D 514 -17.64 -22.53 -39.34
N ALA D 515 -16.55 -23.10 -38.83
CA ALA D 515 -15.32 -23.28 -39.60
C ALA D 515 -15.40 -24.56 -40.35
N HIS D 516 -16.47 -25.30 -40.09
CA HIS D 516 -16.60 -26.63 -40.64
C HIS D 516 -17.79 -26.91 -41.58
N LYS D 517 -18.20 -25.92 -42.34
CA LYS D 517 -19.24 -26.23 -43.26
C LYS D 517 -18.70 -27.17 -44.34
N ASN D 518 -19.52 -28.15 -44.74
CA ASN D 518 -19.22 -29.00 -45.88
C ASN D 518 -17.86 -29.65 -45.86
N GLN D 519 -17.52 -30.36 -44.80
CA GLN D 519 -16.14 -30.75 -44.60
C GLN D 519 -16.02 -32.23 -44.40
N ALA D 520 -14.87 -32.79 -44.76
CA ALA D 520 -14.71 -34.21 -44.60
C ALA D 520 -14.14 -34.52 -43.21
N TYR D 521 -14.72 -35.51 -42.52
CA TYR D 521 -14.27 -35.92 -41.17
C TYR D 521 -13.92 -37.37 -41.21
N ARG D 522 -13.07 -37.78 -40.29
CA ARG D 522 -12.69 -39.19 -40.18
C ARG D 522 -12.51 -39.62 -38.74
N PRO D 523 -12.72 -40.90 -38.49
CA PRO D 523 -12.68 -41.41 -37.16
C PRO D 523 -11.30 -41.36 -36.51
N LEU D 524 -11.29 -41.12 -35.19
CA LEU D 524 -10.08 -41.23 -34.44
C LEU D 524 -10.11 -42.56 -33.65
N LEU D 525 -11.21 -42.81 -32.98
CA LEU D 525 -11.41 -44.02 -32.20
C LEU D 525 -12.86 -44.48 -32.37
N LEU D 526 -13.06 -45.75 -32.63
CA LEU D 526 -14.41 -46.25 -32.83
C LEU D 526 -14.50 -47.49 -31.98
N THR D 527 -15.62 -47.63 -31.29
CA THR D 527 -15.81 -48.82 -30.49
C THR D 527 -16.18 -50.02 -31.37
N THR D 528 -15.66 -51.18 -31.06
CA THR D 528 -15.93 -52.32 -31.90
C THR D 528 -16.39 -53.42 -30.98
N ASP D 529 -16.76 -54.55 -31.57
CA ASP D 529 -17.29 -55.70 -30.80
C ASP D 529 -16.35 -56.08 -29.74
N ASN D 530 -15.07 -56.16 -30.06
CA ASN D 530 -14.13 -56.55 -29.03
C ASN D 530 -13.38 -55.47 -28.26
N GLY D 531 -13.55 -54.19 -28.55
CA GLY D 531 -12.66 -53.22 -27.91
C GLY D 531 -12.78 -51.90 -28.59
N ILE D 532 -11.65 -51.25 -28.87
CA ILE D 532 -11.66 -49.93 -29.51
C ILE D 532 -10.64 -49.92 -30.64
N LYS D 533 -11.05 -49.52 -31.83
CA LYS D 533 -10.17 -49.41 -32.94
C LYS D 533 -9.64 -47.97 -33.01
N ALA D 534 -8.33 -47.83 -33.26
CA ALA D 534 -7.69 -46.53 -33.29
C ALA D 534 -7.31 -46.23 -34.71
N TYR D 535 -7.44 -44.97 -35.14
CA TYR D 535 -6.90 -44.56 -36.42
C TYR D 535 -5.75 -43.56 -36.31
N HIS D 536 -4.58 -43.99 -36.84
CA HIS D 536 -3.36 -43.17 -36.70
C HIS D 536 -3.11 -42.18 -37.77
N SER D 537 -3.90 -42.19 -38.84
CA SER D 537 -3.77 -41.23 -39.92
C SER D 537 -5.07 -41.10 -40.71
N ASP D 538 -5.22 -39.99 -41.45
CA ASP D 538 -6.36 -39.85 -42.34
C ASP D 538 -6.34 -41.07 -43.22
N GLN D 539 -5.15 -41.40 -43.71
CA GLN D 539 -5.05 -42.43 -44.73
C GLN D 539 -5.61 -43.80 -44.25
N GLU D 540 -5.38 -44.06 -42.97
CA GLU D 540 -5.77 -45.30 -42.37
C GLU D 540 -7.27 -45.38 -42.07
N ALA D 541 -7.99 -44.30 -42.22
CA ALA D 541 -9.45 -44.35 -41.98
C ALA D 541 -10.10 -43.97 -43.30
N ALA D 542 -9.32 -44.09 -44.38
CA ALA D 542 -9.79 -43.62 -45.69
C ALA D 542 -11.19 -44.19 -46.05
N GLY D 543 -11.40 -45.48 -45.70
CA GLY D 543 -12.66 -46.19 -45.88
C GLY D 543 -13.88 -45.51 -45.25
N LEU D 544 -13.70 -44.66 -44.23
CA LEU D 544 -14.80 -44.17 -43.38
C LEU D 544 -15.04 -42.66 -43.35
N VAL D 545 -14.64 -41.93 -44.38
CA VAL D 545 -14.86 -40.48 -44.36
C VAL D 545 -16.35 -40.16 -44.19
N ARG D 546 -16.71 -39.06 -43.55
CA ARG D 546 -18.08 -38.63 -43.57
C ARG D 546 -18.06 -37.11 -43.68
N TYR D 547 -19.22 -36.48 -43.86
CA TYR D 547 -19.23 -35.06 -44.15
C TYR D 547 -20.10 -34.23 -43.22
N THR D 548 -19.77 -32.96 -43.04
CA THR D 548 -20.71 -32.03 -42.42
C THR D 548 -21.62 -31.48 -43.53
N ASN D 549 -22.80 -30.95 -43.20
CA ASN D 549 -23.61 -30.30 -44.20
C ASN D 549 -23.28 -28.81 -44.28
N ASP D 550 -24.10 -28.01 -44.97
CA ASP D 550 -23.71 -26.60 -45.09
C ASP D 550 -23.97 -25.87 -43.85
N ARG D 551 -24.60 -26.55 -42.89
CA ARG D 551 -24.77 -25.96 -41.57
C ARG D 551 -23.60 -26.30 -40.68
N GLY D 552 -22.69 -27.13 -41.11
CA GLY D 552 -21.61 -27.44 -40.21
C GLY D 552 -21.99 -28.57 -39.25
N GLU D 553 -22.96 -29.38 -39.61
CA GLU D 553 -23.37 -30.44 -38.72
C GLU D 553 -22.95 -31.83 -39.19
N LEU D 554 -22.36 -32.60 -38.28
CA LEU D 554 -22.21 -34.03 -38.48
C LEU D 554 -23.46 -34.65 -38.03
N ILE D 555 -23.88 -35.66 -38.75
CA ILE D 555 -25.13 -36.34 -38.47
C ILE D 555 -24.92 -37.84 -38.31
N PHE D 556 -25.29 -38.34 -37.13
CA PHE D 556 -25.08 -39.73 -36.76
C PHE D 556 -26.36 -40.45 -36.53
N THR D 557 -26.23 -41.74 -36.65
CA THR D 557 -27.31 -42.64 -36.92
C THR D 557 -27.09 -43.97 -36.24
N ALA D 558 -28.12 -44.78 -36.22
CA ALA D 558 -28.07 -46.12 -35.66
C ALA D 558 -26.96 -46.92 -36.29
N ALA D 559 -26.71 -46.71 -37.57
CA ALA D 559 -25.66 -47.46 -38.22
C ALA D 559 -24.33 -46.98 -37.64
N ASP D 560 -24.27 -45.81 -36.96
CA ASP D 560 -23.01 -45.37 -36.30
C ASP D 560 -22.94 -45.67 -34.78
N ILE D 561 -24.06 -45.54 -34.09
CA ILE D 561 -24.05 -45.52 -32.64
C ILE D 561 -24.91 -46.65 -32.10
N LYS D 562 -24.37 -47.38 -31.16
CA LYS D 562 -25.15 -48.33 -30.41
C LYS D 562 -24.28 -48.86 -29.29
N GLY D 563 -24.98 -49.45 -28.31
CA GLY D 563 -24.35 -49.98 -27.09
C GLY D 563 -23.48 -51.20 -27.26
N TYR D 564 -22.34 -51.22 -26.58
CA TYR D 564 -21.41 -52.31 -26.67
C TYR D 564 -21.09 -52.70 -25.28
N ALA D 565 -20.56 -53.91 -25.13
CA ALA D 565 -20.01 -54.36 -23.85
C ALA D 565 -18.82 -55.29 -24.09
N ASN D 566 -17.63 -54.79 -23.87
CA ASN D 566 -16.45 -55.58 -24.02
C ASN D 566 -15.55 -55.13 -22.85
N PRO D 567 -14.30 -55.59 -22.78
CA PRO D 567 -13.42 -55.21 -21.65
C PRO D 567 -13.00 -53.76 -21.67
N GLN D 568 -13.29 -53.00 -22.72
CA GLN D 568 -12.90 -51.58 -22.66
C GLN D 568 -14.07 -50.68 -22.60
N VAL D 569 -15.20 -51.06 -23.20
CA VAL D 569 -16.31 -50.18 -23.27
C VAL D 569 -17.57 -50.81 -22.77
N SER D 570 -18.38 -50.01 -22.09
CA SER D 570 -19.66 -50.39 -21.57
C SER D 570 -20.68 -49.30 -21.93
N GLY D 571 -21.19 -49.31 -23.16
CA GLY D 571 -21.83 -48.13 -23.72
C GLY D 571 -21.14 -47.85 -25.04
N TYR D 572 -20.73 -46.62 -25.33
CA TYR D 572 -20.27 -46.38 -26.67
C TYR D 572 -19.25 -45.30 -26.64
N LEU D 573 -18.22 -45.41 -27.47
CA LEU D 573 -17.30 -44.29 -27.71
C LEU D 573 -17.01 -44.10 -29.22
N GLY D 574 -17.13 -42.86 -29.67
CA GLY D 574 -16.73 -42.51 -31.03
C GLY D 574 -16.03 -41.15 -31.01
N VAL D 575 -14.92 -41.02 -31.73
CA VAL D 575 -14.28 -39.73 -31.80
C VAL D 575 -13.94 -39.48 -33.21
N TRP D 576 -14.37 -38.32 -33.70
CA TRP D 576 -14.02 -37.91 -35.06
C TRP D 576 -13.19 -36.63 -35.07
N VAL D 577 -12.40 -36.47 -36.14
CA VAL D 577 -11.55 -35.33 -36.31
C VAL D 577 -11.67 -34.90 -37.73
N PRO D 578 -11.29 -33.65 -38.02
CA PRO D 578 -11.35 -33.20 -39.39
C PRO D 578 -10.25 -33.88 -40.23
N VAL D 579 -10.57 -34.17 -41.47
CA VAL D 579 -9.55 -34.68 -42.36
C VAL D 579 -8.62 -33.57 -42.82
N GLY D 580 -7.32 -33.90 -42.96
CA GLY D 580 -6.40 -33.06 -43.68
C GLY D 580 -5.49 -32.17 -42.87
N ALA D 581 -5.26 -32.49 -41.59
CA ALA D 581 -4.33 -31.70 -40.77
C ALA D 581 -2.90 -32.05 -41.21
N ALA D 582 -1.97 -31.09 -41.26
CA ALA D 582 -0.57 -31.42 -41.55
C ALA D 582 -0.04 -32.44 -40.55
N ALA D 583 0.97 -33.21 -40.94
CA ALA D 583 1.47 -34.24 -40.01
C ALA D 583 1.99 -33.61 -38.73
N ASP D 584 2.43 -32.37 -38.80
CA ASP D 584 3.05 -31.82 -37.65
C ASP D 584 2.20 -30.62 -37.16
N GLN D 585 0.93 -30.58 -37.54
CA GLN D 585 0.06 -29.55 -37.03
C GLN D 585 -0.02 -29.63 -35.53
N ASP D 586 0.09 -28.49 -34.88
CA ASP D 586 0.14 -28.41 -33.43
C ASP D 586 -0.67 -27.20 -33.00
N VAL D 587 -1.85 -27.39 -32.45
CA VAL D 587 -2.64 -26.26 -32.08
C VAL D 587 -2.40 -25.73 -30.69
N ARG D 588 -1.32 -26.15 -30.04
CA ARG D 588 -1.04 -25.69 -28.68
C ARG D 588 -0.51 -24.29 -28.70
N VAL D 589 -0.36 -23.73 -27.52
CA VAL D 589 -0.11 -22.31 -27.46
C VAL D 589 0.65 -21.98 -26.19
N ALA D 590 1.66 -21.14 -26.26
CA ALA D 590 2.54 -20.84 -25.11
C ALA D 590 2.08 -19.65 -24.30
N ALA D 591 2.36 -19.62 -23.01
CA ALA D 591 2.02 -18.47 -22.17
C ALA D 591 2.85 -17.25 -22.61
N SER D 592 2.23 -16.08 -22.80
CA SER D 592 3.04 -14.88 -23.08
C SER D 592 3.59 -14.25 -21.79
N THR D 593 4.38 -13.21 -21.99
CA THR D 593 4.95 -12.48 -20.87
C THR D 593 4.20 -11.21 -20.54
N ALA D 594 2.99 -11.09 -21.07
CA ALA D 594 2.09 -9.97 -20.77
C ALA D 594 1.80 -9.85 -19.28
N PRO D 595 1.91 -8.66 -18.72
CA PRO D 595 1.75 -8.68 -17.28
C PRO D 595 0.37 -9.10 -16.85
N SER D 596 0.29 -9.87 -15.77
CA SER D 596 -0.97 -10.27 -15.17
C SER D 596 -1.58 -9.08 -14.48
N THR D 597 -2.89 -8.93 -14.54
CA THR D 597 -3.42 -7.75 -13.92
C THR D 597 -4.60 -7.98 -13.04
N ASP D 598 -4.91 -9.23 -12.75
CA ASP D 598 -6.10 -9.49 -11.95
C ASP D 598 -5.82 -10.07 -10.57
N GLY D 599 -4.61 -9.96 -10.06
CA GLY D 599 -4.38 -10.51 -8.73
C GLY D 599 -4.21 -12.01 -8.67
N LYS D 600 -4.36 -12.72 -9.76
CA LYS D 600 -4.23 -14.14 -9.68
C LYS D 600 -3.00 -14.54 -10.47
N SER D 601 -2.40 -15.67 -10.13
CA SER D 601 -1.14 -16.05 -10.68
C SER D 601 -1.37 -17.04 -11.80
N VAL D 602 -1.97 -18.19 -11.50
CA VAL D 602 -2.29 -19.12 -12.57
C VAL D 602 -3.59 -18.74 -13.31
N HIS D 603 -3.60 -18.83 -14.64
CA HIS D 603 -4.81 -18.44 -15.39
C HIS D 603 -5.31 -19.55 -16.30
N GLN D 604 -6.59 -19.93 -16.23
CA GLN D 604 -7.03 -21.07 -17.07
C GLN D 604 -7.40 -20.62 -18.48
N ASN D 605 -6.39 -20.26 -19.25
CA ASN D 605 -6.57 -19.84 -20.63
C ASN D 605 -6.09 -20.95 -21.54
N ALA D 606 -5.95 -20.64 -22.85
CA ALA D 606 -5.55 -21.61 -23.84
C ALA D 606 -4.14 -22.08 -23.62
N ALA D 607 -3.28 -21.26 -23.04
CA ALA D 607 -1.94 -21.74 -22.75
C ALA D 607 -1.97 -22.79 -21.65
N LEU D 608 -2.74 -22.56 -20.57
CA LEU D 608 -2.80 -23.59 -19.51
C LEU D 608 -3.55 -24.83 -20.00
N ASP D 609 -4.61 -24.63 -20.79
CA ASP D 609 -5.30 -25.73 -21.43
C ASP D 609 -4.35 -26.55 -22.28
N SER D 610 -3.27 -25.94 -22.73
CA SER D 610 -2.27 -26.62 -23.58
C SER D 610 -1.36 -27.60 -22.83
N ARG D 611 -1.45 -27.60 -21.51
CA ARG D 611 -0.60 -28.50 -20.77
C ARG D 611 -1.28 -29.82 -20.50
N VAL D 612 -0.43 -30.79 -20.19
CA VAL D 612 -0.84 -32.15 -19.79
C VAL D 612 0.06 -32.60 -18.62
N MET D 613 -0.58 -33.11 -17.59
CA MET D 613 0.16 -33.53 -16.46
C MET D 613 0.17 -35.05 -16.36
N PHE D 614 1.31 -35.61 -15.98
CA PHE D 614 1.45 -37.07 -16.01
C PHE D 614 1.85 -37.59 -14.66
N GLU D 615 0.96 -38.27 -13.97
CA GLU D 615 1.34 -38.82 -12.70
C GLU D 615 2.17 -40.10 -12.90
N GLY D 616 3.44 -40.00 -12.59
CA GLY D 616 4.37 -40.92 -13.17
C GLY D 616 4.80 -42.10 -12.33
N PHE D 617 3.88 -42.66 -11.57
CA PHE D 617 4.22 -43.87 -10.86
C PHE D 617 2.99 -44.56 -10.35
N SER D 618 3.17 -45.76 -9.84
CA SER D 618 2.05 -46.48 -9.26
C SER D 618 2.56 -46.98 -7.94
N ASN D 619 1.72 -46.96 -6.91
CA ASN D 619 2.14 -47.48 -5.60
C ASN D 619 2.63 -48.91 -5.72
N PHE D 620 2.06 -49.64 -6.66
CA PHE D 620 2.21 -51.06 -6.64
C PHE D 620 3.19 -51.52 -7.68
N GLN D 621 4.07 -50.65 -8.16
CA GLN D 621 5.18 -51.07 -9.01
C GLN D 621 5.99 -52.16 -8.36
N ALA D 622 6.46 -53.11 -9.15
CA ALA D 622 7.48 -54.06 -8.68
C ALA D 622 8.68 -53.31 -8.12
N PHE D 623 9.49 -53.98 -7.32
CA PHE D 623 10.80 -53.43 -6.96
C PHE D 623 11.78 -53.73 -8.08
N ALA D 624 12.74 -52.84 -8.30
CA ALA D 624 13.66 -53.10 -9.40
C ALA D 624 14.61 -54.27 -9.07
N THR D 625 14.82 -55.19 -10.01
CA THR D 625 15.70 -56.35 -9.76
C THR D 625 17.06 -56.12 -10.33
N LYS D 626 17.21 -55.10 -11.13
CA LYS D 626 18.52 -54.77 -11.64
C LYS D 626 18.42 -53.31 -12.02
N LYS D 627 19.57 -52.66 -12.08
CA LYS D 627 19.71 -51.24 -12.45
C LYS D 627 18.80 -50.80 -13.62
N GLU D 628 18.91 -51.49 -14.76
CA GLU D 628 18.09 -51.22 -15.95
C GLU D 628 16.64 -50.98 -15.63
N GLU D 629 16.17 -51.57 -14.55
CA GLU D 629 14.73 -51.50 -14.25
C GLU D 629 14.32 -50.32 -13.40
N TYR D 630 15.27 -49.58 -12.86
CA TYR D 630 14.88 -48.47 -12.04
C TYR D 630 13.95 -47.47 -12.70
N THR D 631 12.89 -47.08 -12.02
CA THR D 631 12.10 -46.04 -12.59
C THR D 631 12.93 -44.91 -13.19
N ASN D 632 13.72 -44.27 -12.36
CA ASN D 632 14.30 -43.04 -12.81
C ASN D 632 15.27 -43.33 -13.93
N VAL D 633 15.85 -44.52 -13.96
CA VAL D 633 16.62 -44.88 -15.13
C VAL D 633 15.75 -45.02 -16.41
N VAL D 634 14.60 -45.71 -16.29
CA VAL D 634 13.71 -45.86 -17.41
C VAL D 634 13.14 -44.50 -17.88
N ILE D 635 12.82 -43.61 -16.93
CA ILE D 635 12.28 -42.31 -17.31
C ILE D 635 13.26 -41.60 -18.26
N ALA D 636 14.52 -41.58 -17.90
CA ALA D 636 15.48 -40.89 -18.72
C ALA D 636 15.45 -41.46 -20.14
N LYS D 637 15.37 -42.77 -20.24
CA LYS D 637 15.44 -43.44 -21.54
C LYS D 637 14.18 -43.18 -22.37
N ASN D 638 13.06 -42.84 -21.76
CA ASN D 638 11.86 -42.79 -22.57
C ASN D 638 11.36 -41.41 -22.77
N VAL D 639 12.27 -40.47 -22.64
CA VAL D 639 11.83 -39.13 -22.44
C VAL D 639 11.08 -38.66 -23.70
N ASP D 640 11.46 -39.21 -24.84
CA ASP D 640 10.80 -38.87 -26.09
C ASP D 640 9.37 -39.29 -26.12
N LYS D 641 9.01 -40.32 -25.37
CA LYS D 641 7.61 -40.73 -25.31
C LYS D 641 6.76 -39.67 -24.66
N PHE D 642 7.23 -39.10 -23.57
CA PHE D 642 6.41 -38.12 -22.91
C PHE D 642 6.25 -36.84 -23.76
N ALA D 643 7.28 -36.48 -24.51
CA ALA D 643 7.19 -35.33 -25.39
C ALA D 643 6.14 -35.58 -26.45
N GLU D 644 6.23 -36.78 -27.04
CA GLU D 644 5.29 -37.23 -28.05
C GLU D 644 3.80 -37.17 -27.57
N TRP D 645 3.58 -37.41 -26.27
CA TRP D 645 2.24 -37.40 -25.66
C TRP D 645 1.81 -36.01 -25.20
N GLY D 646 2.73 -35.06 -25.23
CA GLY D 646 2.37 -33.72 -24.86
C GLY D 646 2.47 -33.51 -23.36
N VAL D 647 3.14 -34.42 -22.65
CA VAL D 647 3.42 -34.21 -21.22
C VAL D 647 4.22 -32.94 -20.99
N THR D 648 3.65 -32.03 -20.23
CA THR D 648 4.30 -30.78 -20.04
C THR D 648 4.67 -30.69 -18.59
N ASP D 649 3.98 -31.45 -17.75
CA ASP D 649 4.33 -31.46 -16.37
C ASP D 649 4.40 -32.86 -15.88
N PHE D 650 5.55 -33.27 -15.36
CA PHE D 650 5.72 -34.66 -15.01
C PHE D 650 5.78 -34.74 -13.54
N GLU D 651 4.76 -35.34 -12.95
CA GLU D 651 4.67 -35.47 -11.50
C GLU D 651 5.42 -36.73 -11.11
N MET D 652 6.57 -36.56 -10.49
CA MET D 652 7.34 -37.68 -10.01
C MET D 652 6.78 -38.16 -8.70
N ALA D 653 7.04 -39.42 -8.39
CA ALA D 653 6.69 -39.92 -7.11
C ALA D 653 7.58 -39.20 -6.10
N PRO D 654 7.13 -39.08 -4.82
CA PRO D 654 8.06 -38.57 -3.80
C PRO D 654 9.34 -39.37 -3.82
N GLN D 655 10.48 -38.67 -3.76
CA GLN D 655 11.76 -39.35 -3.87
C GLN D 655 12.47 -39.64 -2.58
N TYR D 656 11.84 -39.40 -1.44
CA TYR D 656 12.47 -39.67 -0.15
C TYR D 656 12.60 -41.17 0.13
N VAL D 657 13.64 -41.54 0.88
CA VAL D 657 13.96 -42.93 1.10
C VAL D 657 12.94 -43.56 2.03
N SER D 658 12.23 -44.54 1.51
CA SER D 658 11.15 -45.11 2.26
C SER D 658 11.57 -45.80 3.55
N SER D 659 10.78 -45.65 4.59
CA SER D 659 10.95 -46.50 5.74
C SER D 659 10.41 -47.89 5.46
N THR D 660 10.67 -48.82 6.36
CA THR D 660 10.25 -50.18 6.02
C THR D 660 9.48 -50.90 7.14
N ASP D 661 8.95 -50.14 8.11
CA ASP D 661 8.25 -50.69 9.27
C ASP D 661 7.04 -51.47 8.77
N GLY D 662 6.50 -51.07 7.59
CA GLY D 662 5.24 -51.66 7.06
C GLY D 662 4.00 -51.45 7.93
N SER D 663 4.02 -50.40 8.74
CA SER D 663 2.86 -50.07 9.52
C SER D 663 1.76 -49.48 8.64
N PHE D 664 2.08 -49.19 7.38
CA PHE D 664 1.07 -48.73 6.44
C PHE D 664 1.43 -49.13 5.00
N LEU D 665 0.44 -49.14 4.09
CA LEU D 665 0.66 -49.47 2.71
C LEU D 665 1.96 -48.80 2.21
N ASP D 666 2.11 -47.56 2.59
CA ASP D 666 3.18 -46.76 2.06
C ASP D 666 4.56 -47.26 2.37
N SER D 667 4.76 -47.86 3.53
CA SER D 667 6.07 -48.43 3.82
C SER D 667 6.07 -49.93 3.55
N VAL D 668 5.04 -50.45 2.88
CA VAL D 668 5.12 -51.85 2.51
C VAL D 668 5.54 -51.83 1.07
N ILE D 669 4.92 -50.98 0.25
CA ILE D 669 5.31 -50.91 -1.15
C ILE D 669 6.33 -49.77 -1.42
N GLN D 670 6.66 -49.03 -0.36
CA GLN D 670 7.76 -48.04 -0.36
C GLN D 670 7.69 -46.99 -1.43
N ASN D 671 6.54 -46.32 -1.51
CA ASN D 671 6.34 -45.41 -2.60
C ASN D 671 7.09 -44.11 -2.45
N GLY D 672 7.51 -43.84 -1.23
CA GLY D 672 8.13 -42.59 -0.97
C GLY D 672 7.31 -41.72 -0.04
N TYR D 673 6.04 -42.04 0.20
CA TYR D 673 5.36 -41.21 1.17
C TYR D 673 5.73 -41.46 2.61
N ALA D 674 6.34 -42.61 2.91
CA ALA D 674 6.64 -42.97 4.32
C ALA D 674 8.12 -42.97 4.53
N PHE D 675 8.64 -41.92 5.17
CA PHE D 675 10.08 -41.64 5.25
C PHE D 675 10.56 -41.09 6.60
N THR D 676 11.81 -41.42 6.90
CA THR D 676 12.40 -40.96 8.11
C THR D 676 13.23 -39.70 7.90
N ASP D 677 13.62 -39.44 6.66
CA ASP D 677 14.56 -38.37 6.46
C ASP D 677 14.16 -37.52 5.24
N ARG D 678 13.88 -36.25 5.44
CA ARG D 678 13.18 -35.53 4.40
C ARG D 678 14.08 -35.20 3.27
N TYR D 679 15.37 -35.25 3.51
CA TYR D 679 16.30 -34.75 2.51
C TYR D 679 16.99 -35.89 1.85
N ASP D 680 16.62 -37.12 2.22
CA ASP D 680 17.37 -38.23 1.73
C ASP D 680 16.78 -38.72 0.42
N LEU D 681 16.98 -37.95 -0.65
CA LEU D 681 16.48 -38.37 -1.97
C LEU D 681 17.41 -39.41 -2.65
N GLY D 682 17.40 -40.63 -2.13
CA GLY D 682 18.21 -41.69 -2.66
C GLY D 682 19.65 -41.42 -2.35
N ILE D 683 19.90 -40.70 -1.26
CA ILE D 683 21.28 -40.31 -1.00
C ILE D 683 22.02 -41.30 -0.15
N SER D 684 21.41 -41.69 0.95
CA SER D 684 22.02 -42.73 1.77
C SER D 684 21.97 -44.14 1.12
N LYS D 685 20.90 -44.43 0.38
CA LYS D 685 20.78 -45.62 -0.42
C LYS D 685 19.71 -45.33 -1.40
N PRO D 686 19.59 -46.19 -2.41
CA PRO D 686 18.59 -45.88 -3.43
C PRO D 686 17.17 -45.75 -2.83
N ASN D 687 16.30 -45.03 -3.51
CA ASN D 687 14.89 -45.09 -3.23
C ASN D 687 14.23 -46.10 -4.17
N LYS D 688 12.93 -46.31 -4.07
CA LYS D 688 12.35 -47.29 -4.94
C LYS D 688 12.82 -47.08 -6.40
N TYR D 689 13.17 -45.83 -6.75
CA TYR D 689 13.23 -45.37 -8.16
C TYR D 689 14.64 -45.24 -8.73
N GLY D 690 15.61 -45.45 -7.89
CA GLY D 690 16.98 -45.37 -8.33
C GLY D 690 17.72 -44.53 -7.32
N THR D 691 19.03 -44.38 -7.50
CA THR D 691 19.90 -43.56 -6.63
C THR D 691 19.67 -42.07 -6.84
N ALA D 692 20.37 -41.23 -6.06
CA ALA D 692 20.30 -39.78 -6.26
C ALA D 692 20.79 -39.36 -7.64
N ASP D 693 21.84 -39.97 -8.14
CA ASP D 693 22.25 -39.66 -9.51
C ASP D 693 21.20 -40.03 -10.56
N ASP D 694 20.52 -41.14 -10.35
CA ASP D 694 19.48 -41.57 -11.29
C ASP D 694 18.40 -40.53 -11.39
N LEU D 695 18.01 -40.03 -10.21
CA LEU D 695 17.03 -38.96 -10.12
C LEU D 695 17.51 -37.74 -10.87
N VAL D 696 18.75 -37.31 -10.62
CA VAL D 696 19.31 -36.14 -11.26
C VAL D 696 19.33 -36.34 -12.77
N LYS D 697 19.71 -37.51 -13.23
CA LYS D 697 19.65 -37.74 -14.66
C LYS D 697 18.25 -37.73 -15.23
N ALA D 698 17.25 -38.14 -14.46
CA ALA D 698 15.86 -38.16 -14.92
C ALA D 698 15.31 -36.75 -15.08
N ILE D 699 15.64 -35.89 -14.12
CA ILE D 699 15.21 -34.51 -14.13
C ILE D 699 15.88 -33.80 -15.28
N LYS D 700 17.16 -34.08 -15.53
CA LYS D 700 17.81 -33.47 -16.68
C LYS D 700 17.23 -33.98 -17.99
N ALA D 701 16.88 -35.25 -18.06
CA ALA D 701 16.37 -35.81 -19.29
C ALA D 701 15.05 -35.11 -19.62
N LEU D 702 14.18 -35.02 -18.63
CA LEU D 702 12.90 -34.44 -18.81
C LEU D 702 13.07 -33.01 -19.25
N HIS D 703 14.03 -32.29 -18.65
CA HIS D 703 14.25 -30.88 -18.94
C HIS D 703 14.73 -30.67 -20.31
N SER D 704 15.43 -31.67 -20.84
CA SER D 704 16.02 -31.57 -22.19
C SER D 704 14.92 -31.68 -23.25
N LYS D 705 13.73 -32.07 -22.83
CA LYS D 705 12.58 -32.06 -23.67
C LYS D 705 11.66 -30.89 -23.30
N GLY D 706 12.13 -29.99 -22.44
CA GLY D 706 11.35 -28.85 -22.00
C GLY D 706 10.21 -29.16 -21.03
N ILE D 707 10.25 -30.34 -20.43
CA ILE D 707 9.15 -30.79 -19.57
C ILE D 707 9.48 -30.44 -18.13
N LYS D 708 8.51 -29.90 -17.39
CA LYS D 708 8.77 -29.52 -16.02
C LYS D 708 8.62 -30.73 -15.14
N VAL D 709 9.31 -30.71 -14.01
CA VAL D 709 9.29 -31.83 -13.06
C VAL D 709 8.82 -31.34 -11.69
N MET D 710 7.79 -31.98 -11.13
CA MET D 710 7.12 -31.56 -9.92
C MET D 710 7.65 -32.41 -8.77
N ALA D 711 7.93 -31.81 -7.63
CA ALA D 711 8.44 -32.57 -6.49
C ALA D 711 7.29 -32.67 -5.50
N ASP D 712 7.07 -33.85 -4.93
CA ASP D 712 5.96 -34.04 -3.97
C ASP D 712 6.23 -33.57 -2.55
N TRP D 713 5.72 -32.44 -2.18
CA TRP D 713 6.03 -31.90 -0.86
C TRP D 713 5.14 -32.51 0.18
N VAL D 714 5.73 -33.15 1.16
CA VAL D 714 4.94 -34.01 2.05
C VAL D 714 5.10 -33.63 3.50
N PRO D 715 4.47 -32.53 3.93
CA PRO D 715 4.75 -32.08 5.29
C PRO D 715 3.88 -32.69 6.35
N ASP D 716 2.89 -33.51 6.04
CA ASP D 716 2.11 -34.02 7.14
C ASP D 716 2.72 -34.93 8.27
N GLN D 717 3.70 -35.80 7.96
CA GLN D 717 4.12 -36.87 8.89
C GLN D 717 5.47 -37.51 8.55
N MET D 718 6.05 -38.14 9.55
CA MET D 718 7.23 -38.89 9.29
C MET D 718 7.08 -40.22 9.97
N TYR D 719 7.82 -41.18 9.44
CA TYR D 719 7.73 -42.52 9.92
C TYR D 719 8.99 -42.97 10.64
N ALA D 720 8.82 -43.91 11.57
CA ALA D 720 9.94 -44.75 12.00
C ALA D 720 11.18 -43.99 12.44
N LEU D 721 10.99 -42.99 13.30
CA LEU D 721 12.13 -42.24 13.81
C LEU D 721 12.95 -43.16 14.71
N PRO D 722 14.29 -43.06 14.62
CA PRO D 722 15.17 -44.02 15.22
C PRO D 722 15.29 -43.93 16.70
N GLU D 723 15.05 -42.77 17.28
CA GLU D 723 15.30 -42.65 18.73
C GLU D 723 14.09 -42.48 19.65
N LYS D 724 14.11 -43.18 20.78
CA LYS D 724 12.97 -43.16 21.65
C LYS D 724 12.93 -41.90 22.44
N GLU D 725 11.76 -41.52 22.89
CA GLU D 725 11.61 -40.36 23.74
C GLU D 725 10.35 -40.59 24.57
N VAL D 726 10.30 -39.99 25.75
CA VAL D 726 9.12 -40.06 26.63
C VAL D 726 8.28 -38.78 26.50
N VAL D 727 6.98 -38.93 26.33
CA VAL D 727 6.12 -37.76 26.25
C VAL D 727 4.95 -37.99 27.17
N THR D 728 4.13 -36.97 27.29
CA THR D 728 2.95 -37.05 28.10
C THR D 728 1.90 -37.03 27.05
N ALA D 729 1.02 -38.03 27.04
CA ALA D 729 0.18 -38.26 25.89
C ALA D 729 -1.24 -38.48 26.31
N THR D 730 -2.15 -38.28 25.37
CA THR D 730 -3.56 -38.62 25.58
C THR D 730 -4.22 -39.39 24.40
N ARG D 731 -5.00 -40.44 24.66
CA ARG D 731 -5.57 -41.15 23.54
C ARG D 731 -6.58 -40.25 22.90
N VAL D 732 -6.40 -39.95 21.62
CA VAL D 732 -7.34 -39.09 20.90
C VAL D 732 -7.78 -39.69 19.56
N ASP D 733 -8.84 -39.12 19.01
CA ASP D 733 -9.25 -39.45 17.64
C ASP D 733 -8.60 -38.59 16.52
N LYS D 734 -8.98 -38.84 15.26
CA LYS D 734 -8.50 -38.12 14.07
C LYS D 734 -8.27 -36.68 14.42
N TYR D 735 -9.19 -36.12 15.20
CA TYR D 735 -9.28 -34.65 15.38
C TYR D 735 -8.58 -34.21 16.64
N GLY D 736 -8.01 -35.17 17.39
CA GLY D 736 -7.30 -34.77 18.59
C GLY D 736 -8.22 -34.67 19.81
N THR D 737 -9.50 -35.02 19.68
CA THR D 737 -10.36 -35.16 20.86
C THR D 737 -10.09 -36.44 21.65
N PRO D 738 -10.03 -36.33 22.97
CA PRO D 738 -9.71 -37.45 23.85
C PRO D 738 -10.75 -38.59 23.82
N VAL D 739 -10.33 -39.78 23.41
CA VAL D 739 -11.22 -40.93 23.33
C VAL D 739 -11.89 -41.17 24.67
N ALA D 740 -13.20 -41.39 24.69
CA ALA D 740 -13.80 -41.64 26.00
C ALA D 740 -13.56 -43.07 26.50
N GLY D 741 -13.23 -43.17 27.79
CA GLY D 741 -12.99 -44.47 28.38
C GLY D 741 -11.59 -45.05 28.15
N SER D 742 -10.64 -44.19 27.76
CA SER D 742 -9.28 -44.69 27.68
C SER D 742 -8.58 -44.35 29.00
N GLN D 743 -7.64 -45.22 29.38
CA GLN D 743 -6.82 -44.98 30.58
C GLN D 743 -5.62 -44.06 30.25
N ILE D 744 -5.38 -43.77 28.96
CA ILE D 744 -4.21 -43.03 28.55
C ILE D 744 -4.51 -41.56 28.38
N LYS D 745 -4.60 -40.85 29.47
CA LYS D 745 -4.84 -39.45 29.35
C LYS D 745 -3.82 -38.71 30.22
N ASN D 746 -2.93 -37.95 29.57
CA ASN D 746 -1.78 -37.36 30.26
C ASN D 746 -0.90 -38.35 30.97
N THR D 747 -0.49 -39.43 30.32
CA THR D 747 0.31 -40.39 31.02
C THR D 747 1.59 -40.52 30.23
N LEU D 748 2.69 -40.89 30.88
CA LEU D 748 3.96 -40.99 30.17
C LEU D 748 3.91 -42.10 29.11
N TYR D 749 4.47 -41.91 27.94
CA TYR D 749 4.42 -42.97 26.99
C TYR D 749 5.70 -42.86 26.20
N VAL D 750 6.31 -43.98 25.85
CA VAL D 750 7.56 -43.95 25.10
C VAL D 750 7.32 -44.08 23.61
N VAL D 751 7.61 -43.01 22.85
CA VAL D 751 7.32 -43.02 21.43
C VAL D 751 8.62 -43.12 20.71
N ASP D 752 8.56 -43.39 19.41
CA ASP D 752 9.75 -43.34 18.58
C ASP D 752 9.72 -41.99 17.91
N GLY D 753 10.26 -40.99 18.60
CA GLY D 753 10.16 -39.60 18.19
C GLY D 753 11.37 -38.69 17.89
N LYS D 754 12.57 -39.20 17.77
CA LYS D 754 13.66 -38.36 17.36
C LYS D 754 14.42 -38.94 16.21
N SER D 755 14.90 -38.06 15.31
CA SER D 755 15.83 -38.51 14.26
C SER D 755 17.24 -38.76 14.83
N SER D 756 18.11 -39.37 14.06
CA SER D 756 19.50 -39.49 14.53
C SER D 756 20.10 -38.21 14.12
N GLY D 757 20.60 -37.40 15.03
CA GLY D 757 21.15 -36.13 14.54
C GLY D 757 22.26 -36.29 13.51
N LYS D 758 22.16 -37.23 12.60
CA LYS D 758 23.29 -37.64 11.81
C LYS D 758 22.96 -37.81 10.36
N ASP D 759 21.71 -37.53 9.99
CA ASP D 759 21.26 -37.80 8.65
C ASP D 759 21.28 -36.55 7.78
N GLN D 760 20.65 -36.66 6.61
CA GLN D 760 20.53 -35.56 5.70
C GLN D 760 19.77 -34.45 6.36
N GLN D 761 18.82 -34.79 7.21
CA GLN D 761 18.15 -33.73 7.93
C GLN D 761 19.16 -32.89 8.76
N ALA D 762 20.20 -33.54 9.27
CA ALA D 762 21.07 -32.87 10.20
C ALA D 762 21.97 -31.98 9.36
N LYS D 763 22.12 -32.33 8.09
CA LYS D 763 22.99 -31.58 7.21
C LYS D 763 22.26 -30.39 6.62
N TYR D 764 21.05 -30.57 6.09
CA TYR D 764 20.39 -29.48 5.38
C TYR D 764 19.36 -28.73 6.19
N GLY D 765 19.02 -29.26 7.34
CA GLY D 765 17.90 -28.68 8.05
C GLY D 765 18.21 -27.26 8.41
N GLY D 766 17.32 -26.34 8.08
CA GLY D 766 17.52 -24.94 8.40
C GLY D 766 18.73 -24.33 7.70
N ALA D 767 19.34 -25.08 6.78
CA ALA D 767 20.53 -24.60 6.08
C ALA D 767 20.26 -23.42 5.17
N PHE D 768 19.04 -23.23 4.69
CA PHE D 768 18.83 -22.17 3.73
C PHE D 768 18.02 -21.03 4.27
N LEU D 769 17.80 -21.01 5.58
CA LEU D 769 16.97 -19.96 6.18
C LEU D 769 17.58 -18.56 6.09
N GLU D 770 18.89 -18.49 6.12
CA GLU D 770 19.56 -17.22 6.11
C GLU D 770 19.45 -16.60 4.75
N GLU D 771 19.83 -17.35 3.75
CA GLU D 771 19.51 -17.04 2.37
C GLU D 771 18.05 -16.61 2.16
N LEU D 772 17.12 -17.41 2.66
CA LEU D 772 15.72 -17.06 2.51
C LEU D 772 15.34 -15.70 3.08
N GLN D 773 15.69 -15.36 4.31
CA GLN D 773 15.26 -14.05 4.78
C GLN D 773 16.01 -12.99 4.09
N ALA D 774 17.27 -13.25 3.71
CA ALA D 774 18.11 -12.22 3.11
C ALA D 774 17.38 -11.88 1.85
N LYS D 775 17.18 -12.85 0.96
CA LYS D 775 16.46 -12.57 -0.29
C LYS D 775 14.98 -12.20 -0.21
N TYR D 776 14.19 -12.83 0.64
CA TYR D 776 12.74 -12.63 0.59
C TYR D 776 12.20 -12.27 1.93
N PRO D 777 12.46 -11.07 2.39
CA PRO D 777 12.08 -10.79 3.75
C PRO D 777 10.57 -10.84 4.04
N GLU D 778 9.72 -10.38 3.12
CA GLU D 778 8.27 -10.39 3.37
C GLU D 778 7.78 -11.79 3.86
N LEU D 779 8.29 -12.89 3.29
CA LEU D 779 7.90 -14.20 3.74
C LEU D 779 7.95 -14.25 5.23
N PHE D 780 9.00 -13.67 5.82
CA PHE D 780 9.20 -13.83 7.25
C PHE D 780 8.53 -12.72 8.00
N ALA D 781 7.99 -11.77 7.26
CA ALA D 781 7.25 -10.67 7.87
C ALA D 781 5.82 -11.07 8.23
N ARG D 782 5.22 -11.93 7.43
CA ARG D 782 3.81 -12.09 7.45
C ARG D 782 3.44 -12.86 8.65
N LYS D 783 2.28 -12.50 9.18
CA LYS D 783 1.73 -13.21 10.29
C LYS D 783 0.89 -14.34 9.78
N GLN D 784 1.34 -15.56 9.94
CA GLN D 784 0.56 -16.68 9.47
C GLN D 784 -0.84 -16.60 10.08
N ILE D 785 -1.85 -17.01 9.33
CA ILE D 785 -3.21 -16.92 9.84
C ILE D 785 -3.50 -17.75 11.08
N SER D 786 -3.07 -19.02 11.16
CA SER D 786 -3.50 -19.89 12.27
C SER D 786 -2.81 -19.51 13.55
N THR D 787 -1.56 -19.10 13.47
CA THR D 787 -0.82 -18.67 14.65
C THR D 787 -0.98 -17.22 15.00
N GLY D 788 -1.04 -16.37 14.00
CA GLY D 788 -1.13 -14.94 14.22
C GLY D 788 0.22 -14.30 14.25
N VAL D 789 1.27 -15.09 14.03
CA VAL D 789 2.68 -14.63 14.13
C VAL D 789 3.55 -15.15 12.97
N PRO D 790 4.74 -14.62 12.84
CA PRO D 790 5.54 -15.00 11.71
C PRO D 790 6.21 -16.31 11.91
N MET D 791 6.72 -16.85 10.82
CA MET D 791 7.55 -18.04 10.89
C MET D 791 8.76 -17.74 11.77
N ASP D 792 9.31 -18.73 12.44
CA ASP D 792 10.45 -18.46 13.30
C ASP D 792 11.70 -19.17 12.76
N PRO D 793 12.52 -18.45 11.97
CA PRO D 793 13.76 -18.97 11.37
C PRO D 793 14.92 -18.98 12.35
N SER D 794 14.70 -18.48 13.55
CA SER D 794 15.77 -18.36 14.52
C SER D 794 16.30 -19.69 15.11
N VAL D 795 15.60 -20.81 14.95
CA VAL D 795 16.19 -22.09 15.36
C VAL D 795 16.11 -23.07 14.20
N LYS D 796 17.12 -23.89 14.03
CA LYS D 796 17.09 -24.88 12.99
C LYS D 796 16.66 -26.22 13.49
N ILE D 797 15.95 -26.96 12.65
CA ILE D 797 15.68 -28.34 13.00
C ILE D 797 16.79 -29.22 12.45
N LYS D 798 17.71 -29.61 13.32
CA LYS D 798 18.75 -30.48 12.89
C LYS D 798 18.38 -31.87 13.31
N GLN D 799 17.59 -31.95 14.38
CA GLN D 799 17.13 -33.21 14.88
C GLN D 799 15.66 -33.14 15.25
N TRP D 800 14.80 -33.85 14.53
CA TRP D 800 13.37 -33.90 14.85
C TRP D 800 13.19 -34.46 16.24
N SER D 801 12.32 -33.85 17.01
CA SER D 801 11.95 -34.45 18.27
C SER D 801 10.51 -34.09 18.68
N ALA D 802 10.03 -34.76 19.71
CA ALA D 802 8.61 -34.76 20.01
C ALA D 802 8.04 -33.33 20.09
N LYS D 803 8.86 -32.35 20.47
CA LYS D 803 8.30 -31.02 20.60
C LYS D 803 7.89 -30.46 19.24
N TYR D 804 8.27 -31.12 18.15
CA TYR D 804 7.90 -30.60 16.84
C TYR D 804 6.72 -31.32 16.26
N PHE D 805 6.14 -32.24 17.04
CA PHE D 805 5.01 -33.02 16.57
C PHE D 805 3.74 -32.84 17.39
N ASN D 806 2.62 -33.07 16.76
CA ASN D 806 1.38 -33.16 17.46
C ASN D 806 1.22 -34.48 18.19
N GLY D 807 1.72 -35.56 17.60
CA GLY D 807 1.50 -36.87 18.22
C GLY D 807 1.72 -37.96 17.19
N THR D 808 1.28 -39.18 17.50
CA THR D 808 1.68 -40.33 16.69
C THR D 808 0.50 -41.25 16.66
N ASN D 809 0.51 -42.19 15.72
CA ASN D 809 -0.37 -43.31 15.83
C ASN D 809 0.06 -44.17 17.05
N ILE D 810 -0.93 -44.77 17.74
CA ILE D 810 -0.72 -45.66 18.89
C ILE D 810 0.25 -46.79 18.57
N LEU D 811 1.12 -47.18 19.52
CA LEU D 811 2.23 -48.01 19.15
C LEU D 811 2.20 -49.35 19.79
N GLY D 812 1.20 -49.61 20.62
CA GLY D 812 1.05 -50.94 21.24
C GLY D 812 2.07 -51.16 22.31
N ARG D 813 2.55 -50.08 22.89
CA ARG D 813 3.42 -50.18 24.02
C ARG D 813 2.63 -50.23 25.32
N GLY D 814 1.44 -49.64 25.32
CA GLY D 814 0.53 -49.71 26.46
C GLY D 814 0.61 -48.58 27.45
N ALA D 815 -0.40 -48.43 28.30
CA ALA D 815 -0.46 -47.31 29.28
C ALA D 815 0.49 -47.35 30.49
N GLY D 816 1.11 -48.49 30.80
CA GLY D 816 2.04 -48.58 31.90
C GLY D 816 3.41 -49.09 31.50
N TYR D 817 3.89 -48.72 30.33
CA TYR D 817 5.18 -49.17 29.82
C TYR D 817 6.28 -48.50 30.63
N VAL D 818 5.96 -47.26 30.99
CA VAL D 818 6.86 -46.41 31.77
C VAL D 818 6.69 -46.81 33.25
N LEU D 819 7.71 -47.47 33.79
CA LEU D 819 7.56 -48.01 35.12
C LEU D 819 7.24 -47.00 36.24
N LYS D 820 6.25 -47.34 37.03
CA LYS D 820 5.76 -46.50 38.09
C LYS D 820 5.76 -47.29 39.37
N ASP D 821 5.94 -46.64 40.52
CA ASP D 821 5.75 -47.34 41.79
C ASP D 821 4.24 -47.36 42.10
N GLN D 822 3.67 -48.56 42.12
CA GLN D 822 2.23 -48.71 42.22
C GLN D 822 1.84 -48.30 43.66
N ALA D 823 2.58 -48.77 44.67
CA ALA D 823 2.42 -48.22 46.03
C ALA D 823 2.20 -46.67 45.98
N THR D 824 3.25 -45.88 45.72
CA THR D 824 3.12 -44.42 45.81
C THR D 824 2.56 -43.83 44.53
N ASN D 825 2.32 -44.69 43.55
CA ASN D 825 1.92 -44.14 42.27
C ASN D 825 2.89 -43.02 41.80
N THR D 826 4.17 -43.36 41.67
CA THR D 826 5.17 -42.38 41.30
C THR D 826 6.20 -42.97 40.33
N TYR D 827 6.27 -42.40 39.14
CA TYR D 827 7.21 -42.88 38.14
C TYR D 827 8.60 -42.97 38.70
N PHE D 828 9.32 -44.03 38.37
CA PHE D 828 10.71 -44.11 38.78
C PHE D 828 11.49 -43.05 37.95
N SER D 829 12.60 -42.56 38.50
CA SER D 829 13.36 -41.49 37.84
C SER D 829 14.85 -41.63 38.06
N LEU D 830 15.63 -41.29 37.05
CA LEU D 830 17.07 -41.37 37.17
C LEU D 830 17.77 -39.98 37.22
N VAL D 831 17.03 -38.86 37.08
CA VAL D 831 17.66 -37.49 37.11
C VAL D 831 18.48 -37.35 38.40
N SER D 832 19.69 -36.79 38.31
CA SER D 832 20.69 -37.05 39.39
C SER D 832 20.29 -36.58 40.81
N ASP D 833 19.88 -35.32 40.90
CA ASP D 833 19.38 -34.72 42.14
C ASP D 833 18.16 -35.53 42.63
N ASN D 834 17.35 -35.99 41.67
CA ASN D 834 16.04 -36.58 42.00
C ASN D 834 15.76 -38.08 41.78
N THR D 835 16.68 -38.91 42.24
CA THR D 835 16.68 -40.32 41.89
C THR D 835 15.62 -41.07 42.67
N PHE D 836 14.77 -41.81 41.96
CA PHE D 836 13.77 -42.65 42.60
C PHE D 836 13.68 -44.04 41.91
N LEU D 837 14.10 -45.10 42.60
CA LEU D 837 14.13 -46.42 42.00
C LEU D 837 13.33 -47.42 42.83
N PRO D 838 13.09 -48.63 42.28
CA PRO D 838 12.46 -49.73 43.02
C PRO D 838 13.17 -50.08 44.31
N LYS D 839 12.45 -49.81 45.40
CA LYS D 839 12.92 -50.06 46.74
C LYS D 839 13.86 -51.27 46.74
N SER D 840 13.42 -52.31 46.01
CA SER D 840 14.12 -53.59 45.97
C SER D 840 15.51 -53.58 45.28
N LEU D 841 15.75 -52.64 44.37
CA LEU D 841 17.01 -52.64 43.58
C LEU D 841 18.11 -51.74 44.15
N VAL D 842 17.69 -50.84 45.04
CA VAL D 842 18.62 -49.96 45.76
C VAL D 842 18.87 -50.43 47.18
N ASN D 843 17.81 -50.73 47.94
CA ASN D 843 17.98 -51.22 49.32
C ASN D 843 17.39 -52.61 49.62
N PRO D 844 18.22 -53.70 49.51
CA PRO D 844 17.80 -55.11 49.81
C PRO D 844 18.56 -55.80 50.97
N SER E 1 -25.86 -98.61 27.31
CA SER E 1 -26.19 -99.27 28.61
C SER E 1 -27.60 -98.77 29.09
N PHE E 2 -27.65 -97.47 29.45
CA PHE E 2 -28.88 -96.72 29.67
C PHE E 2 -29.30 -96.65 28.23
N ALA E 3 -28.37 -97.02 27.35
CA ALA E 3 -28.54 -96.84 25.91
C ALA E 3 -29.98 -97.08 25.54
N GLN E 4 -30.51 -98.21 25.97
CA GLN E 4 -31.85 -98.62 25.59
C GLN E 4 -33.01 -97.77 26.14
N TYR E 5 -33.07 -97.58 27.46
CA TYR E 5 -34.16 -96.80 28.06
C TYR E 5 -34.30 -95.42 27.47
N ASN E 6 -33.17 -94.73 27.28
CA ASN E 6 -33.12 -93.39 26.70
C ASN E 6 -33.53 -93.21 25.23
N GLN E 7 -33.47 -94.27 24.43
CA GLN E 7 -33.74 -94.13 23.02
C GLN E 7 -35.15 -93.62 22.91
N VAL E 8 -35.45 -93.04 21.77
CA VAL E 8 -36.60 -92.23 21.66
C VAL E 8 -37.79 -93.13 21.85
N TYR E 9 -38.92 -92.60 22.33
CA TYR E 9 -40.12 -93.45 22.60
C TYR E 9 -40.70 -93.94 21.28
N SER E 10 -40.83 -93.01 20.34
CA SER E 10 -41.30 -93.30 19.02
C SER E 10 -40.74 -92.23 18.10
N THR E 11 -40.54 -92.58 16.83
CA THR E 11 -40.04 -91.59 15.87
C THR E 11 -41.17 -90.67 15.37
N ASP E 12 -42.27 -90.59 16.11
CA ASP E 12 -43.35 -89.67 15.74
C ASP E 12 -42.93 -88.27 16.00
N ALA E 13 -43.51 -87.34 15.25
CA ALA E 13 -43.16 -85.95 15.45
C ALA E 13 -43.64 -85.56 16.86
N ALA E 14 -44.78 -86.09 17.26
CA ALA E 14 -45.41 -85.68 18.54
C ALA E 14 -44.47 -85.92 19.72
N ASN E 15 -43.39 -86.63 19.45
CA ASN E 15 -42.56 -87.14 20.51
C ASN E 15 -41.37 -86.23 20.82
N PHE E 16 -41.15 -85.22 19.98
CA PHE E 16 -40.07 -84.29 20.18
C PHE E 16 -40.63 -82.88 20.14
N GLU E 17 -39.85 -81.93 20.61
CA GLU E 17 -40.19 -80.52 20.40
C GLU E 17 -39.36 -80.06 19.24
N HIS E 18 -39.97 -79.95 18.07
CA HIS E 18 -39.20 -79.67 16.89
C HIS E 18 -39.68 -78.33 16.42
N VAL E 19 -39.01 -77.72 15.45
CA VAL E 19 -39.56 -76.52 14.83
C VAL E 19 -39.55 -76.88 13.38
N ASP E 20 -40.72 -76.77 12.75
CA ASP E 20 -40.87 -77.23 11.38
C ASP E 20 -40.18 -78.60 11.16
N HIS E 21 -40.34 -79.52 12.10
CA HIS E 21 -39.71 -80.85 12.07
C HIS E 21 -38.20 -80.93 12.17
N TYR E 22 -37.57 -79.85 12.55
CA TYR E 22 -36.13 -79.90 12.77
C TYR E 22 -35.82 -79.96 14.28
N LEU E 23 -34.66 -80.49 14.67
CA LEU E 23 -34.35 -80.51 16.09
C LEU E 23 -33.36 -79.39 16.46
N THR E 24 -33.43 -78.85 17.69
CA THR E 24 -32.52 -77.73 18.09
C THR E 24 -31.79 -78.06 19.36
N ALA E 25 -30.71 -77.33 19.60
CA ALA E 25 -29.88 -77.66 20.74
C ALA E 25 -30.77 -77.64 21.97
N GLU E 26 -31.93 -77.03 21.88
CA GLU E 26 -32.72 -76.93 23.08
C GLU E 26 -33.87 -77.89 23.16
N SER E 27 -34.07 -78.70 22.12
CA SER E 27 -35.24 -79.62 22.10
C SER E 27 -35.21 -80.68 23.24
N TRP E 28 -36.40 -80.92 23.80
CA TRP E 28 -36.60 -82.00 24.74
C TRP E 28 -37.40 -83.06 24.01
N TYR E 29 -37.34 -84.29 24.46
CA TYR E 29 -38.07 -85.37 23.80
C TYR E 29 -38.60 -86.38 24.80
N ARG E 30 -39.34 -87.36 24.32
CA ARG E 30 -39.85 -88.40 25.22
C ARG E 30 -39.11 -89.76 25.10
N PRO E 31 -38.20 -90.04 26.03
CA PRO E 31 -37.54 -91.32 25.96
C PRO E 31 -38.50 -92.40 26.45
N LYS E 32 -38.16 -93.65 26.13
CA LYS E 32 -38.98 -94.81 26.45
C LYS E 32 -39.24 -94.99 27.94
N TYR E 33 -38.22 -94.71 28.75
CA TYR E 33 -38.32 -94.85 30.22
C TYR E 33 -37.74 -93.64 30.90
N ILE E 34 -38.16 -93.40 32.12
CA ILE E 34 -37.51 -92.40 32.94
C ILE E 34 -36.83 -93.19 34.03
N LEU E 35 -35.64 -92.76 34.46
CA LEU E 35 -35.05 -93.36 35.66
C LEU E 35 -35.68 -92.63 36.86
N LYS E 36 -36.71 -93.23 37.45
CA LYS E 36 -37.60 -92.51 38.38
C LYS E 36 -36.97 -92.32 39.77
N ASP E 37 -36.92 -91.05 40.18
CA ASP E 37 -36.09 -90.62 41.30
C ASP E 37 -34.65 -91.17 41.09
N GLY E 38 -34.10 -90.93 39.89
CA GLY E 38 -32.91 -91.66 39.49
C GLY E 38 -32.79 -93.05 40.09
N LYS E 39 -33.90 -93.66 40.51
CA LYS E 39 -33.86 -95.01 41.15
C LYS E 39 -34.35 -96.16 40.27
N THR E 40 -35.38 -95.89 39.44
CA THR E 40 -36.02 -96.99 38.70
C THR E 40 -36.54 -96.59 37.35
N TRP E 41 -36.23 -97.47 36.39
CA TRP E 41 -36.62 -97.25 35.03
C TRP E 41 -38.09 -97.50 35.09
N THR E 42 -38.83 -96.56 34.55
CA THR E 42 -40.28 -96.69 34.49
C THR E 42 -40.60 -96.18 33.10
N GLN E 43 -41.67 -96.68 32.48
CA GLN E 43 -42.05 -96.18 31.15
C GLN E 43 -42.35 -94.69 31.22
N SER E 44 -41.94 -93.90 30.22
CA SER E 44 -42.34 -92.51 30.19
C SER E 44 -43.86 -92.41 29.97
N THR E 45 -44.47 -91.33 30.45
CA THR E 45 -45.83 -90.94 30.04
C THR E 45 -45.63 -89.76 29.07
N GLU E 46 -46.73 -89.33 28.46
CA GLU E 46 -46.73 -88.12 27.65
C GLU E 46 -46.08 -86.93 28.37
N LYS E 47 -46.09 -86.97 29.70
CA LYS E 47 -45.58 -85.83 30.49
C LYS E 47 -44.05 -85.78 30.64
N ASP E 48 -43.43 -86.96 30.76
CA ASP E 48 -41.99 -87.14 30.91
C ASP E 48 -40.93 -86.66 29.88
N PHE E 49 -41.05 -85.49 29.26
CA PHE E 49 -40.02 -85.13 28.30
C PHE E 49 -38.69 -84.85 29.00
N ARG E 50 -37.57 -85.17 28.36
CA ARG E 50 -36.24 -84.82 28.86
C ARG E 50 -35.42 -84.10 27.77
N PRO E 51 -34.37 -83.32 28.16
CA PRO E 51 -33.67 -82.56 27.12
C PRO E 51 -32.83 -83.51 26.25
N LEU E 52 -32.82 -83.34 24.93
CA LEU E 52 -31.88 -84.14 24.12
C LEU E 52 -30.50 -84.19 24.66
N LEU E 53 -29.98 -83.05 25.10
CA LEU E 53 -28.59 -83.01 25.50
C LEU E 53 -28.34 -83.90 26.72
N MET E 54 -29.41 -84.26 27.41
CA MET E 54 -29.23 -85.17 28.53
C MET E 54 -28.61 -86.52 28.13
N THR E 55 -28.84 -86.93 26.87
CA THR E 55 -28.49 -88.27 26.32
C THR E 55 -27.87 -88.29 24.93
N TRP E 56 -27.84 -87.14 24.27
CA TRP E 56 -27.20 -87.10 22.97
C TRP E 56 -26.38 -85.84 22.85
N TRP E 57 -25.22 -85.95 22.19
CA TRP E 57 -24.32 -84.79 21.96
C TRP E 57 -23.89 -84.76 20.49
N PRO E 58 -23.71 -83.54 19.91
CA PRO E 58 -23.34 -83.39 18.50
C PRO E 58 -21.93 -83.85 18.24
N ASP E 59 -21.14 -84.05 19.29
CA ASP E 59 -19.78 -84.48 19.07
C ASP E 59 -19.13 -84.51 20.41
N GLN E 60 -17.99 -85.18 20.49
CA GLN E 60 -17.45 -85.54 21.78
C GLN E 60 -16.98 -84.29 22.51
N GLU E 61 -16.71 -83.26 21.73
CA GLU E 61 -16.21 -82.05 22.34
C GLU E 61 -17.33 -81.44 23.24
N THR E 62 -18.47 -81.15 22.65
CA THR E 62 -19.65 -80.70 23.38
C THR E 62 -20.10 -81.63 24.55
N GLN E 63 -20.19 -82.94 24.31
CA GLN E 63 -20.50 -83.84 25.40
C GLN E 63 -19.56 -83.50 26.57
N ARG E 64 -18.30 -83.21 26.25
CA ARG E 64 -17.25 -83.02 27.26
C ARG E 64 -17.52 -81.82 28.11
N GLN E 65 -17.81 -80.73 27.40
CA GLN E 65 -18.19 -79.52 28.00
C GLN E 65 -19.41 -79.75 28.80
N TYR E 66 -20.42 -80.37 28.18
CA TYR E 66 -21.69 -80.61 28.87
C TYR E 66 -21.44 -81.27 30.21
N VAL E 67 -20.67 -82.35 30.22
CA VAL E 67 -20.40 -83.00 31.48
C VAL E 67 -19.81 -81.97 32.43
N ASN E 68 -18.82 -81.19 31.99
CA ASN E 68 -18.13 -80.32 32.95
C ASN E 68 -19.11 -79.37 33.56
N TYR E 69 -19.64 -78.50 32.73
CA TYR E 69 -20.68 -77.62 33.18
C TYR E 69 -21.67 -78.27 34.18
N MET E 70 -22.44 -79.25 33.73
CA MET E 70 -23.35 -79.97 34.61
C MET E 70 -22.70 -80.50 35.92
N ASN E 71 -21.46 -80.96 35.90
CA ASN E 71 -20.92 -81.48 37.14
C ASN E 71 -20.81 -80.38 38.18
N ALA E 72 -20.35 -79.22 37.74
CA ALA E 72 -20.34 -78.03 38.54
C ALA E 72 -21.74 -77.91 39.13
N GLN E 73 -22.75 -77.61 38.26
CA GLN E 73 -24.18 -77.46 38.71
C GLN E 73 -24.67 -78.45 39.78
N LEU E 74 -24.34 -79.74 39.69
CA LEU E 74 -24.99 -80.74 40.55
C LEU E 74 -24.09 -81.19 41.70
N GLY E 75 -23.11 -80.35 42.02
CA GLY E 75 -22.13 -80.66 43.05
C GLY E 75 -21.44 -81.98 42.79
N ILE E 76 -21.36 -82.40 41.52
CA ILE E 76 -20.44 -83.52 41.25
C ILE E 76 -19.06 -82.94 41.05
N HIS E 77 -18.08 -83.69 41.56
CA HIS E 77 -16.80 -83.08 41.90
C HIS E 77 -15.61 -83.38 40.97
N GLN E 78 -15.90 -84.02 39.81
CA GLN E 78 -14.83 -84.18 38.84
C GLN E 78 -14.93 -83.16 37.74
N THR E 79 -13.80 -82.95 37.08
CA THR E 79 -13.67 -82.20 35.81
C THR E 79 -12.90 -83.04 34.79
N TYR E 80 -13.31 -82.95 33.52
CA TYR E 80 -12.66 -83.75 32.48
C TYR E 80 -11.96 -82.86 31.46
N ASN E 81 -10.68 -83.13 31.24
CA ASN E 81 -9.89 -82.38 30.26
C ASN E 81 -10.03 -83.11 28.95
N THR E 82 -9.38 -82.59 27.91
CA THR E 82 -9.57 -83.12 26.58
C THR E 82 -9.03 -84.56 26.32
N ALA E 83 -8.07 -85.06 27.09
CA ALA E 83 -7.63 -86.42 26.81
C ALA E 83 -8.64 -87.49 27.26
N THR E 84 -9.73 -87.09 27.90
CA THR E 84 -10.63 -88.08 28.54
C THR E 84 -11.23 -89.10 27.55
N SER E 85 -11.20 -90.40 27.90
CA SER E 85 -11.76 -91.41 27.02
C SER E 85 -13.24 -91.12 26.88
N PRO E 86 -13.85 -91.59 25.79
CA PRO E 86 -15.29 -91.58 25.60
C PRO E 86 -16.05 -92.36 26.71
N LEU E 87 -15.50 -93.50 27.14
CA LEU E 87 -16.10 -94.27 28.22
C LEU E 87 -16.43 -93.42 29.44
N GLN E 88 -15.55 -92.50 29.80
CA GLN E 88 -15.72 -91.75 31.04
C GLN E 88 -16.71 -90.64 30.90
N LEU E 89 -16.70 -90.06 29.71
CA LEU E 89 -17.64 -89.03 29.36
C LEU E 89 -19.04 -89.58 29.42
N ASN E 90 -19.17 -90.84 29.03
CA ASN E 90 -20.45 -91.51 29.07
C ASN E 90 -20.95 -91.85 30.46
N LEU E 91 -20.08 -92.38 31.33
CA LEU E 91 -20.45 -92.54 32.71
C LEU E 91 -20.69 -91.17 33.37
N ALA E 92 -19.91 -90.18 32.99
CA ALA E 92 -20.08 -88.89 33.58
C ALA E 92 -21.49 -88.37 33.30
N ALA E 93 -21.98 -88.68 32.09
CA ALA E 93 -23.25 -88.16 31.62
C ALA E 93 -24.38 -88.90 32.30
N GLN E 94 -24.21 -90.19 32.48
CA GLN E 94 -25.22 -90.99 33.19
C GLN E 94 -25.33 -90.62 34.68
N THR E 95 -24.20 -90.57 35.37
CA THR E 95 -24.17 -89.99 36.70
C THR E 95 -24.84 -88.60 36.73
N ILE E 96 -24.81 -87.88 35.63
CA ILE E 96 -25.50 -86.60 35.59
C ILE E 96 -27.03 -86.80 35.53
N GLN E 97 -27.45 -87.77 34.72
CA GLN E 97 -28.84 -88.15 34.61
C GLN E 97 -29.44 -88.61 35.95
N THR E 98 -28.75 -89.50 36.64
CA THR E 98 -29.18 -89.84 37.98
C THR E 98 -29.38 -88.59 38.90
N LYS E 99 -28.36 -87.81 39.20
CA LYS E 99 -28.61 -86.53 39.88
C LYS E 99 -29.82 -85.76 39.28
N ILE E 100 -29.89 -85.65 37.96
CA ILE E 100 -31.02 -84.93 37.39
C ILE E 100 -32.36 -85.55 37.83
N GLU E 101 -32.52 -86.83 37.59
CA GLU E 101 -33.76 -87.50 38.01
C GLU E 101 -34.07 -87.34 39.51
N GLU E 102 -33.07 -87.34 40.39
CA GLU E 102 -33.31 -87.28 41.85
C GLU E 102 -33.77 -85.94 42.34
N LYS E 103 -33.33 -84.92 41.63
CA LYS E 103 -33.63 -83.56 41.97
C LYS E 103 -35.02 -83.23 41.38
N ILE E 104 -35.32 -83.73 40.17
CA ILE E 104 -36.67 -83.53 39.58
C ILE E 104 -37.72 -84.01 40.61
N THR E 105 -37.56 -85.25 41.08
CA THR E 105 -38.36 -85.66 42.22
C THR E 105 -38.36 -84.58 43.30
N ALA E 106 -37.22 -84.39 43.98
CA ALA E 106 -37.16 -83.50 45.15
C ALA E 106 -37.53 -82.02 44.85
N GLU E 107 -37.59 -81.59 43.59
CA GLU E 107 -38.18 -80.27 43.28
C GLU E 107 -39.50 -80.36 42.55
N LYS E 108 -40.13 -81.55 42.61
CA LYS E 108 -41.30 -81.87 41.75
C LYS E 108 -41.52 -81.01 40.50
N ASN E 109 -40.48 -80.64 39.75
CA ASN E 109 -40.67 -79.90 38.47
C ASN E 109 -39.40 -79.96 37.65
N THR E 110 -39.50 -79.50 36.41
CA THR E 110 -38.43 -79.66 35.51
C THR E 110 -38.15 -78.26 34.97
N ASN E 111 -38.67 -77.24 35.65
CA ASN E 111 -38.35 -75.87 35.16
C ASN E 111 -36.90 -75.58 35.41
N TRP E 112 -36.42 -76.15 36.49
CA TRP E 112 -35.06 -75.93 36.85
C TRP E 112 -34.10 -76.39 35.76
N LEU E 113 -34.10 -77.70 35.50
CA LEU E 113 -33.54 -78.25 34.25
C LEU E 113 -33.75 -77.43 32.92
N ARG E 114 -34.97 -77.05 32.57
CA ARG E 114 -35.13 -76.21 31.41
C ARG E 114 -34.08 -75.09 31.36
N GLN E 115 -33.67 -74.66 32.56
CA GLN E 115 -32.97 -73.38 32.63
C GLN E 115 -31.48 -73.66 32.70
N THR E 116 -31.15 -74.74 33.41
CA THR E 116 -29.78 -75.13 33.40
C THR E 116 -29.37 -75.53 31.98
N ILE E 117 -30.27 -76.17 31.23
CA ILE E 117 -29.95 -76.51 29.85
C ILE E 117 -29.77 -75.26 28.97
N SER E 118 -30.67 -74.32 29.09
CA SER E 118 -30.54 -73.14 28.26
C SER E 118 -29.25 -72.41 28.55
N ALA E 119 -28.89 -72.43 29.83
CA ALA E 119 -27.63 -71.84 30.28
C ALA E 119 -26.46 -72.53 29.59
N PHE E 120 -26.34 -73.86 29.73
CA PHE E 120 -25.27 -74.51 28.98
C PHE E 120 -25.30 -74.14 27.46
N VAL E 121 -26.44 -74.25 26.84
CA VAL E 121 -26.43 -74.09 25.41
C VAL E 121 -25.70 -72.81 25.05
N LYS E 122 -25.90 -71.77 25.86
CA LYS E 122 -25.38 -70.42 25.52
C LYS E 122 -23.86 -70.38 25.66
N THR E 123 -23.31 -71.34 26.38
CA THR E 123 -21.88 -71.35 26.51
C THR E 123 -21.20 -71.74 25.19
N GLN E 124 -21.90 -72.41 24.27
CA GLN E 124 -21.21 -73.00 23.09
C GLN E 124 -21.22 -72.09 21.88
N SER E 125 -20.07 -72.05 21.23
CA SER E 125 -19.82 -71.25 20.02
C SER E 125 -20.81 -71.38 18.88
N ALA E 126 -21.04 -72.60 18.43
CA ALA E 126 -21.99 -72.83 17.36
C ALA E 126 -23.37 -72.50 17.85
N TRP E 127 -23.56 -72.27 19.14
CA TRP E 127 -24.90 -71.91 19.63
C TRP E 127 -24.89 -70.51 20.22
N ASN E 128 -23.96 -69.69 19.70
CA ASN E 128 -23.65 -68.32 20.18
C ASN E 128 -23.70 -67.28 19.14
N SER E 129 -23.47 -66.06 19.60
CA SER E 129 -23.08 -64.95 18.75
C SER E 129 -21.78 -65.20 18.06
N ASP E 130 -20.93 -65.97 18.74
CA ASP E 130 -19.63 -66.24 18.20
C ASP E 130 -19.75 -66.66 16.75
N SER E 131 -20.67 -67.54 16.42
CA SER E 131 -20.70 -68.03 15.07
C SER E 131 -21.46 -67.12 14.09
N GLU E 132 -21.87 -65.96 14.59
CA GLU E 132 -22.57 -65.04 13.72
C GLU E 132 -21.65 -63.96 13.20
N LYS E 133 -20.47 -63.84 13.77
CA LYS E 133 -19.45 -62.88 13.26
C LYS E 133 -18.87 -63.31 11.94
N PRO E 134 -18.21 -62.40 11.20
CA PRO E 134 -18.03 -61.00 11.54
C PRO E 134 -19.37 -60.30 11.68
N PHE E 135 -19.46 -59.33 12.56
CA PHE E 135 -20.59 -58.39 12.55
C PHE E 135 -20.40 -57.34 11.48
N ASP E 136 -21.43 -56.50 11.30
CA ASP E 136 -21.47 -55.50 10.22
C ASP E 136 -22.30 -54.28 10.65
N ASP E 137 -22.28 -53.22 9.87
CA ASP E 137 -22.81 -51.98 10.41
C ASP E 137 -24.36 -51.83 10.44
N HIS E 138 -25.09 -52.90 10.17
CA HIS E 138 -26.53 -52.89 10.40
C HIS E 138 -26.71 -52.39 11.84
N LEU E 139 -27.86 -51.79 12.16
CA LEU E 139 -28.02 -51.19 13.50
C LEU E 139 -27.96 -52.23 14.61
N GLN E 140 -28.30 -53.48 14.32
CA GLN E 140 -28.31 -54.46 15.36
C GLN E 140 -27.24 -55.52 15.06
N LYS E 141 -26.26 -55.09 14.28
CA LYS E 141 -25.06 -55.85 14.12
C LYS E 141 -25.04 -56.85 12.99
N GLY E 142 -26.22 -57.25 12.52
CA GLY E 142 -26.29 -58.00 11.29
C GLY E 142 -27.66 -58.48 10.95
N ALA E 143 -27.82 -58.84 9.69
CA ALA E 143 -29.04 -59.45 9.24
C ALA E 143 -28.82 -60.84 8.64
N LEU E 144 -29.91 -61.57 8.54
CA LEU E 144 -29.93 -62.84 7.93
C LEU E 144 -30.88 -62.74 6.74
N LEU E 145 -30.44 -63.18 5.55
CA LEU E 145 -31.30 -63.13 4.40
C LEU E 145 -31.83 -64.52 4.11
N TYR E 146 -33.17 -64.64 4.00
CA TYR E 146 -33.86 -65.93 3.74
C TYR E 146 -33.71 -66.40 2.31
N SER E 147 -33.35 -67.67 2.14
CA SER E 147 -33.13 -68.22 0.82
C SER E 147 -34.39 -68.42 0.05
N ASN E 148 -34.46 -67.95 -1.20
CA ASN E 148 -35.75 -68.10 -1.96
C ASN E 148 -36.15 -69.53 -2.27
N ASN E 149 -35.16 -70.43 -2.19
CA ASN E 149 -35.31 -71.75 -2.76
C ASN E 149 -34.54 -72.76 -2.01
N SER E 150 -35.12 -73.19 -0.90
CA SER E 150 -34.52 -74.32 -0.20
C SER E 150 -35.38 -75.55 -0.07
N LYS E 151 -34.82 -76.70 -0.46
CA LYS E 151 -35.50 -78.01 -0.24
C LYS E 151 -35.72 -78.24 1.24
N LEU E 152 -34.84 -77.69 2.07
CA LEU E 152 -34.92 -77.86 3.55
C LEU E 152 -36.07 -77.06 4.20
N THR E 153 -36.48 -75.98 3.56
CA THR E 153 -37.47 -75.09 4.17
C THR E 153 -38.35 -74.48 3.10
N SER E 154 -39.00 -75.31 2.30
CA SER E 154 -39.70 -74.75 1.14
C SER E 154 -40.94 -73.96 1.58
N GLN E 155 -41.41 -74.15 2.81
CA GLN E 155 -42.52 -73.30 3.28
C GLN E 155 -42.08 -71.84 3.41
N ALA E 156 -40.77 -71.61 3.34
CA ALA E 156 -40.23 -70.27 3.47
C ALA E 156 -39.74 -69.77 2.12
N ASN E 157 -39.91 -70.56 1.05
CA ASN E 157 -39.48 -70.12 -0.27
C ASN E 157 -40.19 -68.86 -0.76
N SER E 158 -39.67 -68.18 -1.76
CA SER E 158 -40.40 -67.01 -2.27
C SER E 158 -39.96 -66.76 -3.69
N ASN E 159 -40.78 -66.12 -4.52
CA ASN E 159 -40.26 -65.67 -5.83
C ASN E 159 -39.88 -64.23 -5.83
N TYR E 160 -39.85 -63.61 -4.67
CA TYR E 160 -39.57 -62.20 -4.60
C TYR E 160 -38.29 -61.86 -3.83
N ARG E 161 -38.47 -61.18 -2.71
CA ARG E 161 -37.37 -60.73 -1.92
C ARG E 161 -36.42 -59.97 -2.80
N ILE E 162 -36.97 -59.09 -3.68
CA ILE E 162 -36.16 -58.21 -4.49
C ILE E 162 -35.71 -57.14 -3.52
N LEU E 163 -34.40 -56.95 -3.32
CA LEU E 163 -33.91 -56.05 -2.26
C LEU E 163 -33.50 -54.65 -2.76
N ASN E 164 -33.58 -53.63 -1.92
CA ASN E 164 -33.03 -52.30 -2.24
C ASN E 164 -33.69 -51.55 -3.37
N ARG E 165 -34.92 -51.94 -3.73
CA ARG E 165 -35.66 -51.13 -4.71
C ARG E 165 -36.20 -49.83 -4.13
N THR E 166 -35.29 -48.98 -3.67
CA THR E 166 -35.58 -47.59 -3.26
C THR E 166 -36.12 -46.75 -4.43
N PRO E 167 -36.69 -45.57 -4.17
CA PRO E 167 -37.06 -44.77 -5.36
C PRO E 167 -35.88 -44.59 -6.33
N THR E 168 -34.70 -44.25 -5.87
CA THR E 168 -33.54 -44.16 -6.76
C THR E 168 -33.34 -45.48 -7.50
N ASN E 169 -33.58 -46.61 -6.83
CA ASN E 169 -33.11 -47.85 -7.36
C ASN E 169 -34.21 -48.82 -7.72
N GLN E 170 -35.42 -48.27 -7.85
CA GLN E 170 -36.66 -49.07 -7.97
C GLN E 170 -36.66 -50.12 -9.05
N THR E 171 -35.95 -49.93 -10.13
CA THR E 171 -36.02 -50.92 -11.19
C THR E 171 -34.83 -51.80 -11.05
N GLY E 172 -34.11 -51.74 -9.92
CA GLY E 172 -32.84 -52.49 -9.80
C GLY E 172 -31.65 -51.92 -10.63
N LYS E 173 -31.86 -50.76 -11.22
CA LYS E 173 -30.80 -49.99 -11.79
C LYS E 173 -30.95 -48.58 -11.22
N LYS E 174 -29.85 -47.85 -11.02
CA LYS E 174 -29.93 -46.50 -10.52
C LYS E 174 -30.51 -45.65 -11.65
N ASP E 175 -31.53 -44.90 -11.32
CA ASP E 175 -32.30 -44.12 -12.26
C ASP E 175 -31.47 -42.97 -12.77
N PRO E 176 -31.36 -42.83 -14.09
CA PRO E 176 -30.60 -41.78 -14.74
C PRO E 176 -31.16 -40.39 -14.52
N ARG E 177 -32.41 -40.27 -14.18
CA ARG E 177 -33.01 -38.96 -14.04
C ARG E 177 -32.60 -38.16 -12.81
N TYR E 178 -32.09 -38.83 -11.76
CA TYR E 178 -31.84 -38.20 -10.46
C TYR E 178 -30.40 -38.33 -10.10
N THR E 179 -29.76 -37.20 -9.87
CA THR E 179 -28.36 -37.09 -9.91
C THR E 179 -27.77 -36.57 -8.62
N ALA E 180 -28.58 -35.96 -7.76
CA ALA E 180 -28.02 -35.30 -6.57
C ALA E 180 -27.47 -36.28 -5.60
N ASP E 181 -28.11 -37.44 -5.49
CA ASP E 181 -27.56 -38.46 -4.66
C ASP E 181 -26.97 -39.47 -5.61
N ARG E 182 -25.66 -39.70 -5.55
CA ARG E 182 -25.06 -40.55 -6.52
C ARG E 182 -25.02 -41.98 -6.05
N THR E 183 -25.58 -42.29 -4.87
CA THR E 183 -25.66 -43.69 -4.35
C THR E 183 -26.91 -44.34 -4.85
N ILE E 184 -27.20 -45.56 -4.40
CA ILE E 184 -28.48 -46.16 -4.87
C ILE E 184 -29.65 -45.75 -3.98
N GLY E 185 -29.39 -44.85 -3.05
CA GLY E 185 -30.49 -44.16 -2.40
C GLY E 185 -31.15 -44.84 -1.25
N GLY E 186 -30.45 -45.70 -0.52
CA GLY E 186 -31.09 -46.40 0.62
C GLY E 186 -30.52 -47.80 0.74
N TYR E 187 -31.15 -48.61 1.57
CA TYR E 187 -30.75 -50.02 1.74
C TYR E 187 -31.85 -50.79 2.43
N GLU E 188 -31.90 -52.07 2.12
CA GLU E 188 -33.04 -52.93 2.50
C GLU E 188 -33.17 -53.22 3.97
N PHE E 189 -32.08 -53.57 4.67
CA PHE E 189 -32.18 -54.07 6.03
C PHE E 189 -31.96 -53.02 7.08
N LEU E 190 -33.01 -52.60 7.75
CA LEU E 190 -32.91 -51.51 8.72
C LEU E 190 -32.95 -51.95 10.19
N LEU E 191 -34.13 -52.36 10.63
CA LEU E 191 -34.28 -53.02 11.93
C LEU E 191 -35.11 -54.30 11.82
N ALA E 192 -34.95 -55.16 12.83
CA ALA E 192 -35.86 -56.27 13.12
C ALA E 192 -36.17 -57.18 11.95
N ASN E 193 -37.42 -57.62 11.84
CA ASN E 193 -37.76 -58.57 10.76
C ASN E 193 -38.19 -57.74 9.56
N ASP E 194 -37.37 -57.74 8.52
CA ASP E 194 -37.58 -56.82 7.42
C ASP E 194 -38.72 -57.43 6.54
N VAL E 195 -39.81 -56.70 6.37
CA VAL E 195 -40.93 -57.20 5.63
C VAL E 195 -40.63 -57.19 4.13
N ASP E 196 -41.08 -58.18 3.35
CA ASP E 196 -40.76 -58.23 1.94
C ASP E 196 -41.77 -57.51 1.12
N ASN E 197 -41.56 -56.19 1.05
CA ASN E 197 -42.45 -55.35 0.29
C ASN E 197 -42.35 -55.46 -1.21
N SER E 198 -41.52 -56.42 -1.73
CA SER E 198 -41.53 -56.72 -3.16
C SER E 198 -42.48 -57.84 -3.46
N ASN E 199 -42.92 -58.52 -2.42
CA ASN E 199 -43.91 -59.56 -2.59
C ASN E 199 -45.33 -59.03 -2.90
N PRO E 200 -45.95 -59.48 -4.00
CA PRO E 200 -47.25 -58.94 -4.35
C PRO E 200 -48.33 -59.20 -3.36
N VAL E 201 -48.26 -60.31 -2.61
CA VAL E 201 -49.27 -60.58 -1.56
C VAL E 201 -49.11 -59.56 -0.42
N VAL E 202 -47.86 -59.23 -0.12
CA VAL E 202 -47.58 -58.36 0.95
C VAL E 202 -48.01 -57.01 0.52
N GLN E 203 -47.84 -56.69 -0.76
CA GLN E 203 -48.10 -55.34 -1.23
C GLN E 203 -49.57 -55.05 -0.99
N ALA E 204 -50.43 -56.00 -1.40
CA ALA E 204 -51.88 -55.98 -1.10
C ALA E 204 -52.17 -55.75 0.38
N GLU E 205 -51.46 -56.47 1.22
CA GLU E 205 -51.67 -56.37 2.64
C GLU E 205 -51.29 -54.97 3.18
N GLN E 206 -50.18 -54.40 2.68
CA GLN E 206 -49.86 -53.02 3.02
C GLN E 206 -51.01 -52.13 2.60
N LEU E 207 -51.67 -52.40 1.46
CA LEU E 207 -52.75 -51.52 1.04
C LEU E 207 -53.95 -51.78 1.96
N ASN E 208 -54.20 -53.06 2.28
CA ASN E 208 -55.27 -53.36 3.23
C ASN E 208 -55.07 -52.62 4.55
N TRP E 209 -53.84 -52.65 5.08
CA TRP E 209 -53.51 -51.90 6.26
C TRP E 209 -53.80 -50.40 6.09
N LEU E 210 -53.35 -49.81 4.99
CA LEU E 210 -53.48 -48.36 4.78
C LEU E 210 -54.94 -47.97 4.81
N HIS E 211 -55.75 -48.80 4.17
CA HIS E 211 -57.13 -48.48 4.08
C HIS E 211 -57.73 -48.52 5.45
N PHE E 212 -57.32 -49.53 6.20
CA PHE E 212 -57.81 -49.66 7.57
C PHE E 212 -57.56 -48.35 8.37
N LEU E 213 -56.33 -47.83 8.27
CA LEU E 213 -55.88 -46.68 9.07
C LEU E 213 -56.69 -45.47 8.75
N MET E 214 -56.94 -45.34 7.46
CA MET E 214 -57.60 -44.22 6.88
C MET E 214 -59.12 -44.41 7.09
N ASN E 215 -59.56 -45.58 7.56
CA ASN E 215 -60.95 -45.75 8.00
C ASN E 215 -61.03 -46.28 9.43
N PHE E 216 -60.04 -45.99 10.24
CA PHE E 216 -60.00 -46.58 11.52
C PHE E 216 -61.30 -46.39 12.28
N GLY E 217 -61.86 -45.19 12.27
CA GLY E 217 -63.05 -44.94 13.08
C GLY E 217 -64.31 -45.66 12.60
N ASN E 218 -64.47 -45.78 11.27
CA ASN E 218 -65.55 -46.53 10.74
C ASN E 218 -65.33 -47.95 11.08
N ILE E 219 -64.14 -48.47 10.92
CA ILE E 219 -63.96 -49.87 11.18
C ILE E 219 -63.97 -50.23 12.65
N TYR E 220 -63.25 -49.51 13.49
CA TYR E 220 -63.07 -50.02 14.82
C TYR E 220 -64.17 -49.53 15.72
N ALA E 221 -64.57 -48.27 15.51
CA ALA E 221 -65.43 -47.60 16.48
C ALA E 221 -66.81 -47.41 15.91
N ASN E 222 -66.88 -47.59 14.62
CA ASN E 222 -68.08 -47.30 13.94
C ASN E 222 -68.43 -45.84 13.87
N ASP E 223 -67.43 -44.99 13.78
CA ASP E 223 -67.70 -43.59 13.95
C ASP E 223 -66.89 -42.97 12.86
N PRO E 224 -67.60 -42.50 11.85
CA PRO E 224 -66.97 -41.96 10.62
C PRO E 224 -66.17 -40.72 10.99
N ASP E 225 -66.29 -40.30 12.25
CA ASP E 225 -65.67 -39.09 12.62
C ASP E 225 -64.29 -39.26 13.31
N ALA E 226 -63.88 -40.52 13.35
CA ALA E 226 -62.68 -40.94 14.05
C ALA E 226 -61.70 -41.59 13.07
N ASN E 227 -61.74 -41.22 11.82
CA ASN E 227 -60.75 -41.77 10.93
C ASN E 227 -59.48 -40.93 10.88
N PHE E 228 -58.37 -41.57 10.53
CA PHE E 228 -57.18 -40.79 10.19
C PHE E 228 -57.44 -40.14 8.86
N ASP E 229 -56.89 -38.94 8.69
CA ASP E 229 -57.04 -38.23 7.43
C ASP E 229 -55.93 -38.41 6.46
N SER E 230 -54.76 -38.82 6.91
CA SER E 230 -53.68 -38.84 5.99
C SER E 230 -52.64 -39.75 6.60
N ILE E 231 -51.50 -39.83 5.92
CA ILE E 231 -50.46 -40.77 6.32
C ILE E 231 -49.05 -40.21 6.20
N ARG E 232 -48.15 -40.82 6.98
CA ARG E 232 -46.72 -40.63 6.87
C ARG E 232 -46.16 -41.95 6.37
N VAL E 233 -45.36 -41.94 5.30
CA VAL E 233 -44.66 -43.13 4.90
C VAL E 233 -43.31 -43.22 5.58
N ASP E 234 -43.21 -44.13 6.55
CA ASP E 234 -42.00 -44.29 7.38
C ASP E 234 -40.89 -45.00 6.67
N ALA E 235 -39.62 -44.68 6.94
CA ALA E 235 -38.49 -45.35 6.30
C ALA E 235 -38.60 -45.68 4.81
N VAL E 236 -38.87 -44.67 3.97
CA VAL E 236 -38.99 -44.89 2.52
C VAL E 236 -37.72 -45.50 1.92
N ASP E 237 -36.56 -45.08 2.37
CA ASP E 237 -35.40 -45.51 1.68
C ASP E 237 -34.99 -46.91 2.10
N ASN E 238 -35.86 -47.58 2.85
CA ASN E 238 -35.57 -48.98 3.28
C ASN E 238 -36.54 -50.09 2.82
N VAL E 239 -37.45 -49.75 1.92
CA VAL E 239 -38.58 -50.61 1.51
C VAL E 239 -38.77 -50.46 0.02
N ASP E 240 -39.48 -51.39 -0.57
CA ASP E 240 -39.65 -51.36 -2.00
C ASP E 240 -40.58 -50.21 -2.42
N ALA E 241 -40.10 -49.33 -3.34
CA ALA E 241 -40.77 -48.05 -3.69
C ALA E 241 -42.11 -48.29 -4.39
N ASP E 242 -42.46 -49.54 -4.67
CA ASP E 242 -43.78 -49.81 -5.24
C ASP E 242 -44.84 -49.29 -4.30
N LEU E 243 -44.52 -49.31 -3.00
CA LEU E 243 -45.45 -48.87 -2.01
C LEU E 243 -45.77 -47.46 -2.23
N LEU E 244 -44.87 -46.70 -2.83
CA LEU E 244 -45.24 -45.29 -3.11
C LEU E 244 -46.35 -45.12 -4.19
N GLN E 245 -46.29 -45.93 -5.26
CA GLN E 245 -47.38 -45.95 -6.22
C GLN E 245 -48.62 -46.50 -5.55
N ILE E 246 -48.43 -47.46 -4.66
CA ILE E 246 -49.63 -48.06 -4.08
C ILE E 246 -50.39 -47.01 -3.27
N ALA E 247 -49.72 -46.40 -2.32
CA ALA E 247 -50.37 -45.44 -1.47
C ALA E 247 -50.83 -44.23 -2.29
N GLY E 248 -50.03 -43.81 -3.25
CA GLY E 248 -50.42 -42.67 -4.06
C GLY E 248 -51.65 -42.97 -4.86
N ASP E 249 -51.75 -44.19 -5.36
CA ASP E 249 -52.92 -44.61 -6.13
C ASP E 249 -54.18 -44.64 -5.28
N TYR E 250 -54.00 -45.09 -4.02
CA TYR E 250 -55.08 -45.18 -3.11
C TYR E 250 -55.57 -43.78 -2.83
N LEU E 251 -54.63 -42.92 -2.43
CA LEU E 251 -55.03 -41.57 -2.10
C LEU E 251 -55.77 -40.92 -3.27
N LYS E 252 -55.34 -41.21 -4.49
CA LYS E 252 -56.10 -40.66 -5.58
C LYS E 252 -57.44 -41.34 -5.75
N ALA E 253 -57.52 -42.66 -5.67
CA ALA E 253 -58.77 -43.36 -5.97
C ALA E 253 -59.82 -43.15 -4.92
N ALA E 254 -59.43 -43.42 -3.68
CA ALA E 254 -60.37 -43.31 -2.58
C ALA E 254 -60.63 -41.87 -2.08
N LYS E 255 -59.68 -40.95 -2.17
CA LYS E 255 -59.94 -39.61 -1.63
C LYS E 255 -59.97 -38.52 -2.69
N GLY E 256 -59.64 -38.88 -3.91
CA GLY E 256 -59.76 -37.95 -5.00
C GLY E 256 -58.81 -36.81 -4.86
N ILE E 257 -57.57 -37.09 -4.45
CA ILE E 257 -56.66 -35.96 -4.15
C ILE E 257 -56.23 -35.27 -5.43
N HIS E 258 -56.36 -35.97 -6.56
CA HIS E 258 -55.87 -35.36 -7.79
C HIS E 258 -56.90 -34.44 -8.36
N LYS E 259 -58.08 -34.41 -7.79
CA LYS E 259 -59.10 -33.62 -8.45
C LYS E 259 -58.98 -32.14 -8.22
N ASN E 260 -58.73 -31.70 -6.99
CA ASN E 260 -58.52 -30.29 -6.69
C ASN E 260 -57.79 -30.19 -5.38
N ASP E 261 -57.37 -28.97 -5.05
CA ASP E 261 -56.63 -28.76 -3.84
C ASP E 261 -57.43 -28.96 -2.56
N LYS E 262 -58.75 -28.81 -2.64
CA LYS E 262 -59.48 -29.07 -1.46
C LYS E 262 -59.30 -30.55 -1.05
N ALA E 263 -59.38 -31.46 -2.01
CA ALA E 263 -59.31 -32.85 -1.66
C ALA E 263 -57.91 -33.17 -1.19
N ALA E 264 -56.92 -32.61 -1.89
CA ALA E 264 -55.54 -32.92 -1.62
C ALA E 264 -55.22 -32.45 -0.22
N ASN E 265 -55.57 -31.21 0.10
CA ASN E 265 -55.20 -30.64 1.40
C ASN E 265 -55.95 -31.23 2.54
N ASP E 266 -57.11 -31.81 2.26
CA ASP E 266 -57.76 -32.66 3.27
C ASP E 266 -57.14 -34.01 3.58
N HIS E 267 -56.14 -34.43 2.81
CA HIS E 267 -55.51 -35.72 3.03
C HIS E 267 -54.02 -35.63 2.79
N LEU E 268 -53.45 -34.51 3.17
CA LEU E 268 -52.04 -34.21 2.94
C LEU E 268 -51.07 -35.18 3.65
N SER E 269 -50.24 -35.88 2.87
CA SER E 269 -49.50 -37.01 3.34
C SER E 269 -48.04 -36.88 3.10
N ILE E 270 -47.22 -37.45 3.96
CA ILE E 270 -45.85 -37.12 3.84
C ILE E 270 -44.97 -38.32 3.68
N LEU E 271 -43.76 -38.10 3.18
CA LEU E 271 -42.75 -39.15 3.13
C LEU E 271 -41.68 -38.79 4.14
N GLU E 272 -41.09 -39.82 4.77
CA GLU E 272 -39.76 -39.70 5.35
C GLU E 272 -38.72 -40.35 4.45
N ALA E 273 -38.37 -39.61 3.43
CA ALA E 273 -37.43 -40.06 2.47
C ALA E 273 -36.16 -39.11 2.45
N TRP E 274 -35.06 -39.65 2.94
CA TRP E 274 -33.86 -38.90 3.09
C TRP E 274 -32.99 -38.69 1.84
N SER E 275 -33.11 -39.49 0.79
CA SER E 275 -32.27 -39.23 -0.36
C SER E 275 -32.65 -37.97 -1.09
N TYR E 276 -31.66 -37.18 -1.52
CA TYR E 276 -31.97 -36.03 -2.36
C TYR E 276 -32.68 -36.47 -3.67
N ASN E 277 -32.52 -37.70 -4.13
CA ASN E 277 -33.30 -38.13 -5.30
C ASN E 277 -34.78 -38.30 -5.02
N ASP E 278 -35.14 -38.45 -3.75
CA ASP E 278 -36.52 -38.80 -3.49
C ASP E 278 -37.49 -37.69 -3.83
N THR E 279 -37.14 -36.43 -3.61
CA THR E 279 -38.09 -35.33 -3.89
C THR E 279 -38.44 -35.21 -5.39
N PRO E 280 -37.38 -35.19 -6.27
CA PRO E 280 -37.58 -35.09 -7.68
C PRO E 280 -38.41 -36.28 -8.12
N TYR E 281 -38.16 -37.43 -7.51
CA TYR E 281 -38.82 -38.63 -7.88
C TYR E 281 -40.28 -38.49 -7.66
N LEU E 282 -40.60 -38.06 -6.46
CA LEU E 282 -41.95 -37.91 -5.99
C LEU E 282 -42.68 -36.91 -6.86
N HIS E 283 -41.93 -35.89 -7.28
CA HIS E 283 -42.53 -34.80 -8.01
C HIS E 283 -42.93 -35.35 -9.36
N ASP E 284 -42.01 -36.06 -10.04
CA ASP E 284 -42.33 -36.73 -11.31
C ASP E 284 -43.48 -37.72 -11.17
N ASP E 285 -43.52 -38.43 -10.07
CA ASP E 285 -44.57 -39.38 -9.82
C ASP E 285 -45.94 -38.66 -9.65
N GLY E 286 -45.95 -37.32 -9.56
CA GLY E 286 -47.22 -36.55 -9.62
C GLY E 286 -47.62 -35.85 -8.33
N ASP E 287 -46.67 -35.66 -7.41
CA ASP E 287 -46.95 -34.96 -6.13
C ASP E 287 -48.15 -35.48 -5.38
N ASN E 288 -48.22 -36.78 -5.25
CA ASN E 288 -49.30 -37.35 -4.44
C ASN E 288 -49.01 -37.36 -2.99
N MET E 289 -47.73 -37.25 -2.65
CA MET E 289 -47.41 -36.85 -1.29
C MET E 289 -46.25 -35.88 -1.27
N ILE E 290 -45.93 -35.33 -0.09
CA ILE E 290 -44.82 -34.39 0.00
C ILE E 290 -43.67 -34.88 0.87
N ASN E 291 -42.46 -34.52 0.48
CA ASN E 291 -41.26 -34.91 1.19
C ASN E 291 -40.64 -33.77 2.02
N MET E 292 -39.74 -34.14 2.88
CA MET E 292 -39.00 -33.16 3.59
C MET E 292 -38.13 -32.35 2.61
N ASP E 293 -37.75 -31.11 3.00
CA ASP E 293 -36.72 -30.35 2.33
C ASP E 293 -35.46 -30.56 3.10
N ASN E 294 -34.77 -31.62 2.74
CA ASN E 294 -33.54 -31.97 3.43
C ASN E 294 -32.42 -30.92 3.40
N ARG E 295 -32.15 -30.32 2.23
CA ARG E 295 -31.15 -29.25 2.15
C ARG E 295 -31.44 -28.11 3.04
N LEU E 296 -32.67 -27.65 3.12
CA LEU E 296 -32.95 -26.52 4.01
C LEU E 296 -32.75 -26.89 5.47
N ARG E 297 -33.22 -28.08 5.83
CA ARG E 297 -32.98 -28.63 7.17
C ARG E 297 -31.49 -28.67 7.51
N LEU E 298 -30.64 -29.15 6.59
CA LEU E 298 -29.21 -29.04 6.80
C LEU E 298 -28.70 -27.60 6.90
N SER E 299 -29.36 -26.69 6.20
CA SER E 299 -28.96 -25.34 6.23
C SER E 299 -29.20 -24.71 7.59
N LEU E 300 -30.38 -24.98 8.13
CA LEU E 300 -30.67 -24.43 9.44
C LEU E 300 -29.72 -25.06 10.46
N LEU E 301 -29.50 -26.37 10.35
CA LEU E 301 -28.71 -27.05 11.29
C LEU E 301 -27.27 -26.55 11.31
N TYR E 302 -26.69 -26.28 10.14
CA TYR E 302 -25.31 -25.80 10.07
C TYR E 302 -25.16 -24.32 10.20
N SER E 303 -26.15 -23.54 9.87
CA SER E 303 -25.98 -22.11 9.96
C SER E 303 -26.40 -21.53 11.26
N LEU E 304 -27.24 -22.24 12.02
CA LEU E 304 -27.87 -21.68 13.19
C LEU E 304 -27.62 -22.54 14.41
N ALA E 305 -27.80 -23.85 14.27
CA ALA E 305 -27.85 -24.78 15.42
C ALA E 305 -26.54 -25.31 15.94
N LYS E 306 -25.56 -25.52 15.10
CA LYS E 306 -24.30 -26.09 15.56
C LYS E 306 -23.47 -25.19 16.44
N PRO E 307 -22.49 -25.81 17.08
CA PRO E 307 -21.53 -25.09 17.89
C PRO E 307 -20.85 -23.99 17.08
N LEU E 308 -20.58 -22.88 17.74
CA LEU E 308 -20.18 -21.66 17.04
C LEU E 308 -19.01 -21.88 16.12
N ASN E 309 -18.03 -22.63 16.56
CA ASN E 309 -16.95 -22.95 15.66
C ASN E 309 -17.24 -23.90 14.51
N GLN E 310 -18.36 -24.60 14.50
CA GLN E 310 -18.65 -25.49 13.40
C GLN E 310 -19.68 -24.92 12.47
N ARG E 311 -20.04 -23.67 12.74
CA ARG E 311 -21.20 -23.09 12.17
C ARG E 311 -20.75 -22.54 10.86
N SER E 312 -21.58 -22.70 9.84
CA SER E 312 -21.27 -22.21 8.51
C SER E 312 -21.85 -20.79 8.31
N GLY E 313 -21.59 -20.17 7.15
CA GLY E 313 -22.10 -18.84 6.85
C GLY E 313 -23.59 -18.90 6.60
N MET E 314 -24.26 -17.76 6.45
CA MET E 314 -25.70 -17.76 6.43
C MET E 314 -26.35 -17.93 5.05
N ASN E 315 -25.61 -17.71 3.96
CA ASN E 315 -26.27 -17.74 2.69
C ASN E 315 -27.12 -18.97 2.39
N PRO E 316 -26.67 -20.14 2.85
CA PRO E 316 -27.36 -21.37 2.64
C PRO E 316 -28.79 -21.31 3.11
N LEU E 317 -29.10 -20.48 4.10
CA LEU E 317 -30.51 -20.36 4.52
C LEU E 317 -31.32 -19.82 3.38
N ILE E 318 -30.69 -19.10 2.48
CA ILE E 318 -31.40 -18.55 1.36
C ILE E 318 -31.40 -19.47 0.15
N THR E 319 -30.26 -20.03 -0.18
CA THR E 319 -30.16 -20.71 -1.47
C THR E 319 -30.08 -22.24 -1.44
N ASN E 320 -29.71 -22.85 -0.31
CA ASN E 320 -29.62 -24.32 -0.25
C ASN E 320 -30.92 -24.84 0.27
N SER E 321 -31.87 -24.96 -0.65
CA SER E 321 -33.18 -25.42 -0.30
C SER E 321 -33.83 -25.87 -1.55
N LEU E 322 -35.00 -26.49 -1.48
CA LEU E 322 -35.76 -26.78 -2.70
C LEU E 322 -36.18 -25.50 -3.42
N VAL E 323 -36.38 -24.44 -2.68
CA VAL E 323 -36.84 -23.19 -3.23
C VAL E 323 -35.80 -22.17 -2.92
N ASN E 324 -35.26 -21.47 -3.92
CA ASN E 324 -34.30 -20.40 -3.65
C ASN E 324 -35.12 -19.24 -3.24
N ARG E 325 -34.96 -18.81 -2.01
CA ARG E 325 -35.81 -17.79 -1.47
C ARG E 325 -35.32 -16.34 -1.60
N THR E 326 -34.44 -16.11 -2.56
CA THR E 326 -33.94 -14.77 -2.78
C THR E 326 -35.07 -13.87 -3.15
N ASP E 327 -35.83 -14.25 -4.18
CA ASP E 327 -37.07 -13.58 -4.48
C ASP E 327 -38.07 -14.64 -4.90
N ASP E 328 -38.90 -15.08 -3.98
CA ASP E 328 -39.84 -16.11 -4.31
C ASP E 328 -41.19 -15.41 -4.49
N ASN E 329 -41.69 -15.45 -5.71
CA ASN E 329 -42.82 -14.60 -6.07
C ASN E 329 -43.82 -15.40 -6.81
N ALA E 330 -43.64 -16.71 -6.74
CA ALA E 330 -44.45 -17.60 -7.50
C ALA E 330 -45.76 -17.79 -6.80
N GLU E 331 -46.82 -17.79 -7.58
CA GLU E 331 -48.13 -18.10 -7.03
C GLU E 331 -48.11 -19.58 -6.57
N THR E 332 -47.47 -20.44 -7.31
CA THR E 332 -47.24 -21.84 -6.91
C THR E 332 -45.75 -22.21 -7.07
N ALA E 333 -45.17 -22.70 -5.97
CA ALA E 333 -43.81 -23.16 -6.02
C ALA E 333 -43.64 -24.34 -6.99
N ALA E 334 -42.42 -24.56 -7.48
CA ALA E 334 -42.19 -25.67 -8.39
C ALA E 334 -42.43 -27.01 -7.72
N VAL E 335 -42.11 -27.16 -6.42
CA VAL E 335 -42.25 -28.44 -5.77
C VAL E 335 -42.68 -28.22 -4.34
N PRO E 336 -43.65 -29.00 -3.87
CA PRO E 336 -44.13 -28.88 -2.51
C PRO E 336 -43.24 -29.63 -1.51
N SER E 337 -43.29 -29.28 -0.24
CA SER E 337 -42.41 -29.89 0.78
C SER E 337 -42.81 -29.47 2.16
N TYR E 338 -42.25 -30.17 3.13
CA TYR E 338 -42.37 -29.77 4.51
C TYR E 338 -40.99 -29.58 5.06
N SER E 339 -40.88 -28.70 6.05
CA SER E 339 -39.61 -28.23 6.60
C SER E 339 -39.56 -28.39 8.07
N PHE E 340 -38.38 -28.70 8.61
CA PHE E 340 -38.25 -28.87 10.03
C PHE E 340 -36.84 -28.77 10.52
N ILE E 341 -36.67 -28.53 11.81
CA ILE E 341 -35.29 -28.53 12.33
C ILE E 341 -35.01 -29.80 13.17
N ARG E 342 -36.05 -30.35 13.77
CA ARG E 342 -35.92 -31.54 14.60
C ARG E 342 -37.13 -32.35 14.45
N ALA E 343 -36.96 -33.62 14.77
CA ALA E 343 -38.07 -34.58 14.71
C ALA E 343 -37.90 -35.56 15.85
N HIS E 344 -38.84 -36.44 16.02
CA HIS E 344 -38.75 -37.37 17.15
C HIS E 344 -37.33 -38.07 17.16
N ASP E 345 -36.71 -38.34 15.99
CA ASP E 345 -35.41 -39.03 16.01
C ASP E 345 -34.32 -38.05 15.61
N SER E 346 -34.54 -37.38 14.47
CA SER E 346 -33.53 -36.55 13.90
C SER E 346 -33.22 -35.39 14.83
N GLU E 347 -31.98 -35.35 15.31
CA GLU E 347 -31.48 -34.28 16.23
C GLU E 347 -32.13 -34.37 17.61
N VAL E 348 -32.58 -35.58 17.93
CA VAL E 348 -32.86 -35.90 19.33
C VAL E 348 -32.14 -37.18 19.86
N GLN E 349 -32.50 -38.36 19.34
CA GLN E 349 -31.81 -39.54 19.81
C GLN E 349 -30.32 -39.44 19.48
N ASP E 350 -29.98 -38.80 18.34
CA ASP E 350 -28.59 -38.50 18.00
C ASP E 350 -27.84 -37.89 19.19
N LEU E 351 -28.44 -36.87 19.80
CA LEU E 351 -27.81 -36.07 20.86
C LEU E 351 -27.68 -36.91 22.14
N ILE E 352 -28.70 -37.70 22.41
CA ILE E 352 -28.64 -38.58 23.54
C ILE E 352 -27.51 -39.60 23.32
N ARG E 353 -27.46 -40.19 22.11
CA ARG E 353 -26.35 -41.09 21.77
C ARG E 353 -25.02 -40.39 21.98
N ASP E 354 -24.83 -39.22 21.33
CA ASP E 354 -23.60 -38.41 21.53
C ASP E 354 -23.18 -38.40 23.02
N ILE E 355 -24.14 -38.09 23.92
CA ILE E 355 -23.92 -37.92 25.36
C ILE E 355 -23.57 -39.23 26.04
N ILE E 356 -24.21 -40.28 25.59
CA ILE E 356 -23.84 -41.53 26.14
C ILE E 356 -22.40 -41.88 25.70
N LYS E 357 -22.14 -42.10 24.38
CA LYS E 357 -20.80 -42.45 23.94
C LYS E 357 -19.77 -41.64 24.72
N ALA E 358 -20.06 -40.37 24.91
CA ALA E 358 -19.06 -39.45 25.46
C ALA E 358 -18.97 -39.48 26.98
N GLU E 359 -20.11 -39.46 27.65
CA GLU E 359 -20.10 -39.33 29.12
C GLU E 359 -20.60 -40.53 29.92
N ILE E 360 -21.14 -41.55 29.26
CA ILE E 360 -21.57 -42.72 30.03
C ILE E 360 -21.08 -44.09 29.59
N ASN E 361 -21.45 -44.60 28.44
CA ASN E 361 -20.75 -45.80 28.02
C ASN E 361 -20.15 -45.71 26.61
N PRO E 362 -18.81 -45.64 26.54
CA PRO E 362 -17.92 -45.63 25.37
C PRO E 362 -18.21 -46.64 24.26
N ASN E 363 -18.69 -47.83 24.62
CA ASN E 363 -19.01 -48.86 23.59
C ASN E 363 -20.49 -48.95 23.23
N VAL E 364 -21.28 -47.93 23.54
CA VAL E 364 -22.69 -48.06 23.23
C VAL E 364 -22.90 -48.34 21.67
N VAL E 365 -23.76 -49.28 21.30
CA VAL E 365 -23.84 -49.61 19.85
C VAL E 365 -25.14 -49.04 19.18
N GLY E 366 -24.97 -48.54 17.94
CA GLY E 366 -26.09 -47.85 17.24
C GLY E 366 -26.88 -47.06 18.30
N TYR E 367 -28.20 -47.30 18.39
CA TYR E 367 -28.97 -46.58 19.40
C TYR E 367 -29.55 -47.53 20.39
N SER E 368 -28.90 -48.67 20.57
CA SER E 368 -29.51 -49.67 21.49
C SER E 368 -29.15 -49.29 22.90
N PHE E 369 -29.80 -48.22 23.36
CA PHE E 369 -29.57 -47.80 24.77
C PHE E 369 -30.33 -48.64 25.78
N THR E 370 -29.82 -48.70 26.98
CA THR E 370 -30.67 -49.17 28.06
C THR E 370 -31.46 -47.98 28.55
N MET E 371 -32.55 -48.26 29.24
CA MET E 371 -33.30 -47.20 29.90
C MET E 371 -32.50 -46.42 30.89
N GLU E 372 -31.52 -47.08 31.50
CA GLU E 372 -30.76 -46.45 32.63
C GLU E 372 -29.88 -45.37 32.07
N GLU E 373 -29.25 -45.78 30.96
CA GLU E 373 -28.38 -44.91 30.23
C GLU E 373 -29.16 -43.62 29.87
N ILE E 374 -30.40 -43.81 29.38
CA ILE E 374 -31.23 -42.70 28.95
C ILE E 374 -31.43 -41.63 30.08
N LYS E 375 -31.76 -42.08 31.28
CA LYS E 375 -32.13 -41.12 32.36
C LYS E 375 -30.93 -40.35 32.80
N LYS E 376 -29.81 -41.07 32.74
CA LYS E 376 -28.53 -40.51 33.08
C LYS E 376 -28.22 -39.48 31.98
N ALA E 377 -28.46 -39.84 30.73
CA ALA E 377 -28.18 -38.96 29.62
C ALA E 377 -28.99 -37.68 29.69
N PHE E 378 -30.25 -37.81 30.12
CA PHE E 378 -31.10 -36.61 30.19
C PHE E 378 -30.72 -35.61 31.23
N GLU E 379 -30.03 -36.03 32.30
CA GLU E 379 -29.54 -35.10 33.30
C GLU E 379 -28.61 -34.08 32.61
N ILE E 380 -27.57 -34.60 31.94
CA ILE E 380 -26.61 -33.76 31.28
C ILE E 380 -27.29 -32.86 30.27
N TYR E 381 -28.19 -33.49 29.51
CA TYR E 381 -28.86 -32.89 28.36
C TYR E 381 -29.69 -31.70 28.76
N ASN E 382 -30.56 -31.90 29.73
CA ASN E 382 -31.41 -30.83 30.24
C ASN E 382 -30.64 -29.70 30.86
N LYS E 383 -29.48 -30.00 31.47
CA LYS E 383 -28.65 -28.91 31.96
C LYS E 383 -28.26 -28.12 30.72
N ASP E 384 -27.76 -28.87 29.71
CA ASP E 384 -27.20 -28.31 28.49
C ASP E 384 -28.20 -27.40 27.84
N LEU E 385 -29.46 -27.82 27.81
CA LEU E 385 -30.46 -26.99 27.22
C LEU E 385 -30.46 -25.58 27.75
N LEU E 386 -30.14 -25.39 29.02
CA LEU E 386 -30.29 -24.07 29.65
C LEU E 386 -29.04 -23.27 29.60
N ALA E 387 -27.95 -23.91 29.21
CA ALA E 387 -26.65 -23.27 29.12
C ALA E 387 -26.61 -22.19 28.02
N THR E 388 -25.89 -21.10 28.23
CA THR E 388 -25.46 -20.27 27.13
C THR E 388 -24.51 -21.03 26.24
N GLU E 389 -23.42 -21.51 26.80
CA GLU E 389 -22.55 -22.40 26.06
C GLU E 389 -23.11 -23.83 26.07
N LYS E 390 -23.48 -24.36 24.91
CA LYS E 390 -24.00 -25.71 24.84
C LYS E 390 -23.02 -26.67 24.26
N LYS E 391 -22.84 -27.78 24.96
CA LYS E 391 -21.97 -28.78 24.46
C LYS E 391 -22.59 -29.85 23.57
N TYR E 392 -23.90 -30.07 23.68
CA TYR E 392 -24.57 -31.23 23.07
C TYR E 392 -25.80 -30.84 22.30
N THR E 393 -26.46 -29.78 22.73
CA THR E 393 -27.81 -29.42 22.25
C THR E 393 -27.87 -28.22 21.30
N HIS E 394 -28.99 -27.98 20.66
CA HIS E 394 -29.01 -26.99 19.61
C HIS E 394 -28.95 -25.56 20.04
N TYR E 395 -28.17 -24.76 19.35
CA TYR E 395 -28.27 -23.33 19.46
C TYR E 395 -29.40 -22.76 18.61
N ASN E 396 -29.79 -21.55 18.96
CA ASN E 396 -30.59 -20.72 18.12
C ASN E 396 -31.91 -21.26 17.69
N THR E 397 -32.59 -22.00 18.54
CA THR E 397 -33.83 -22.63 18.09
C THR E 397 -34.86 -21.64 17.64
N ALA E 398 -34.99 -20.56 18.38
CA ALA E 398 -35.94 -19.58 17.98
C ALA E 398 -35.57 -19.02 16.57
N LEU E 399 -34.29 -18.96 16.24
CA LEU E 399 -33.89 -18.37 14.97
C LEU E 399 -34.41 -19.28 13.87
N SER E 400 -34.27 -20.57 14.05
CA SER E 400 -34.69 -21.51 13.05
C SER E 400 -36.20 -21.51 12.87
N TYR E 401 -36.94 -21.50 13.96
CA TYR E 401 -38.37 -21.40 13.85
C TYR E 401 -38.82 -20.08 13.22
N ALA E 402 -38.10 -19.01 13.53
CA ALA E 402 -38.45 -17.75 12.91
C ALA E 402 -38.47 -17.90 11.41
N LEU E 403 -37.46 -18.56 10.82
CA LEU E 403 -37.40 -18.84 9.39
C LEU E 403 -38.42 -19.91 8.96
N LEU E 404 -38.51 -21.05 9.65
CA LEU E 404 -39.52 -22.03 9.24
C LEU E 404 -40.92 -21.43 9.21
N LEU E 405 -41.23 -20.64 10.22
CA LEU E 405 -42.58 -20.16 10.29
C LEU E 405 -42.81 -18.86 9.56
N THR E 406 -41.81 -18.30 8.88
CA THR E 406 -42.10 -17.15 8.03
C THR E 406 -41.79 -17.44 6.59
N ASN E 407 -41.03 -18.49 6.39
CA ASN E 407 -40.71 -18.95 5.04
C ASN E 407 -41.94 -19.21 4.19
N LYS E 408 -41.86 -18.81 2.92
CA LYS E 408 -42.83 -19.08 1.88
C LYS E 408 -42.48 -20.38 1.24
N SER E 409 -43.50 -21.06 0.66
CA SER E 409 -43.28 -22.24 -0.23
C SER E 409 -42.88 -23.56 0.43
N SER E 410 -43.18 -23.74 1.72
CA SER E 410 -43.00 -25.03 2.42
C SER E 410 -43.97 -25.15 3.60
N VAL E 411 -44.40 -26.37 3.90
CA VAL E 411 -45.22 -26.52 5.04
C VAL E 411 -44.24 -26.73 6.16
N PRO E 412 -44.31 -25.86 7.19
CA PRO E 412 -43.44 -25.97 8.34
C PRO E 412 -43.90 -27.06 9.23
N ARG E 413 -43.01 -27.90 9.76
CA ARG E 413 -43.47 -28.86 10.78
C ARG E 413 -42.82 -28.60 12.11
N VAL E 414 -43.62 -28.31 13.12
CA VAL E 414 -43.11 -27.96 14.44
C VAL E 414 -42.93 -29.19 15.27
N TYR E 415 -41.81 -29.32 15.95
CA TYR E 415 -41.59 -30.50 16.75
C TYR E 415 -42.08 -30.30 18.18
N TYR E 416 -42.89 -31.24 18.68
CA TYR E 416 -43.34 -31.21 20.07
C TYR E 416 -42.17 -30.89 21.04
N GLY E 417 -41.02 -31.49 20.82
CA GLY E 417 -39.92 -31.33 21.73
C GLY E 417 -39.18 -30.02 21.70
N ASP E 418 -39.53 -29.14 20.79
CA ASP E 418 -38.94 -27.81 20.83
C ASP E 418 -39.79 -26.85 21.62
N MET E 419 -41.04 -27.25 21.85
CA MET E 419 -41.99 -26.53 22.66
C MET E 419 -42.14 -27.08 24.07
N PHE E 420 -41.98 -28.39 24.23
CA PHE E 420 -42.19 -29.05 25.52
C PHE E 420 -40.99 -29.91 25.82
N THR E 421 -40.72 -30.26 27.06
CA THR E 421 -39.51 -31.03 27.31
C THR E 421 -39.46 -32.42 26.61
N ASP E 422 -38.30 -32.84 26.14
CA ASP E 422 -38.26 -34.09 25.36
C ASP E 422 -38.62 -35.27 26.25
N ASP E 423 -38.28 -35.15 27.52
CA ASP E 423 -38.60 -36.20 28.50
C ASP E 423 -39.80 -35.69 29.29
N GLY E 424 -40.31 -36.44 30.23
CA GLY E 424 -41.40 -35.83 31.00
C GLY E 424 -42.79 -36.15 30.46
N GLN E 425 -43.80 -35.94 31.28
CA GLN E 425 -45.18 -36.25 30.91
C GLN E 425 -45.63 -35.30 29.81
N TYR E 426 -46.59 -35.76 29.02
CA TYR E 426 -47.01 -35.07 27.83
C TYR E 426 -47.44 -33.65 28.12
N MET E 427 -46.76 -32.68 27.56
CA MET E 427 -47.18 -31.29 27.75
C MET E 427 -46.98 -30.80 29.15
N ALA E 428 -46.25 -31.54 29.94
CA ALA E 428 -46.11 -31.12 31.32
C ALA E 428 -45.22 -29.89 31.46
N HIS E 429 -44.17 -29.74 30.66
CA HIS E 429 -43.26 -28.63 30.92
C HIS E 429 -42.85 -27.91 29.63
N LYS E 430 -42.93 -26.58 29.63
CA LYS E 430 -42.51 -25.87 28.44
C LYS E 430 -41.03 -25.65 28.38
N THR E 431 -40.47 -25.66 27.18
CA THR E 431 -39.07 -25.25 27.02
C THR E 431 -38.96 -23.73 27.10
N ILE E 432 -37.76 -23.24 27.41
CA ILE E 432 -37.51 -21.79 27.37
C ILE E 432 -37.93 -21.17 26.05
N ASN E 433 -38.07 -21.97 24.99
CA ASN E 433 -38.42 -21.43 23.67
C ASN E 433 -39.91 -21.52 23.41
N TYR E 434 -40.65 -22.09 24.34
CA TYR E 434 -42.07 -22.10 24.14
C TYR E 434 -42.63 -20.76 23.76
N GLU E 435 -42.41 -19.76 24.58
CA GLU E 435 -43.11 -18.52 24.31
C GLU E 435 -42.81 -17.89 22.96
N ALA E 436 -41.53 -17.84 22.59
CA ALA E 436 -41.18 -17.35 21.24
C ALA E 436 -41.83 -18.15 20.11
N ILE E 437 -41.75 -19.49 20.16
CA ILE E 437 -42.35 -20.30 19.12
C ILE E 437 -43.89 -20.11 19.10
N GLU E 438 -44.50 -20.04 20.29
CA GLU E 438 -45.94 -19.78 20.32
C GLU E 438 -46.31 -18.39 19.75
N THR E 439 -45.48 -17.42 20.07
CA THR E 439 -45.68 -16.10 19.52
C THR E 439 -45.59 -16.14 18.03
N LEU E 440 -44.61 -16.86 17.46
CA LEU E 440 -44.41 -16.91 16.01
C LEU E 440 -45.59 -17.63 15.34
N LEU E 441 -46.04 -18.70 15.97
CA LEU E 441 -47.17 -19.43 15.44
C LEU E 441 -48.40 -18.53 15.35
N LYS E 442 -48.62 -17.68 16.34
CA LYS E 442 -49.83 -16.92 16.32
C LYS E 442 -49.67 -15.85 15.27
N ALA E 443 -48.45 -15.35 15.19
CA ALA E 443 -48.16 -14.26 14.31
C ALA E 443 -48.29 -14.71 12.89
N ARG E 444 -48.03 -15.98 12.63
CA ARG E 444 -48.04 -16.48 11.27
C ARG E 444 -49.43 -16.47 10.73
N ILE E 445 -50.40 -16.85 11.55
CA ILE E 445 -51.80 -16.76 11.16
C ILE E 445 -52.16 -15.32 10.81
N LYS E 446 -51.68 -14.38 11.60
CA LYS E 446 -52.16 -13.06 11.46
C LYS E 446 -51.45 -12.34 10.36
N TYR E 447 -50.15 -12.56 10.17
CA TYR E 447 -49.35 -11.70 9.29
C TYR E 447 -48.59 -12.31 8.07
N VAL E 448 -48.43 -13.62 7.99
CA VAL E 448 -47.45 -14.12 7.08
C VAL E 448 -48.14 -14.49 5.79
N SER E 449 -47.89 -13.76 4.73
CA SER E 449 -48.51 -14.10 3.49
C SER E 449 -47.84 -13.24 2.46
N GLY E 450 -48.06 -13.55 1.19
CA GLY E 450 -47.46 -12.78 0.10
C GLY E 450 -46.11 -13.29 -0.29
N GLY E 451 -45.44 -12.59 -1.18
CA GLY E 451 -44.13 -13.03 -1.65
C GLY E 451 -43.04 -12.93 -0.60
N GLN E 452 -41.87 -13.42 -0.96
CA GLN E 452 -40.82 -13.41 -0.02
C GLN E 452 -39.58 -12.81 -0.62
N ALA E 453 -38.82 -12.06 0.18
CA ALA E 453 -37.49 -11.69 -0.22
C ALA E 453 -36.55 -11.96 0.91
N MET E 454 -35.38 -12.51 0.59
CA MET E 454 -34.32 -12.75 1.56
C MET E 454 -33.03 -12.15 1.03
N ARG E 455 -32.33 -11.43 1.90
CA ARG E 455 -31.11 -10.71 1.57
C ARG E 455 -30.04 -11.04 2.58
N ASN E 456 -28.77 -10.93 2.15
CA ASN E 456 -27.63 -11.35 2.95
C ASN E 456 -26.61 -10.26 2.89
N GLN E 457 -26.41 -9.53 3.96
CA GLN E 457 -25.64 -8.31 3.89
C GLN E 457 -24.50 -8.48 4.84
N GLN E 458 -23.33 -8.02 4.41
CA GLN E 458 -22.12 -8.14 5.21
C GLN E 458 -22.13 -6.85 5.96
N VAL E 459 -21.91 -6.86 7.26
CA VAL E 459 -21.83 -5.61 7.94
C VAL E 459 -20.83 -5.83 8.99
N GLY E 460 -20.27 -4.74 9.52
CA GLY E 460 -19.40 -4.79 10.67
C GLY E 460 -18.40 -5.87 10.38
N ASN E 461 -18.31 -6.80 11.30
CA ASN E 461 -17.37 -7.90 11.28
C ASN E 461 -18.08 -9.22 10.96
N SER E 462 -19.33 -9.16 10.55
CA SER E 462 -20.04 -10.42 10.24
C SER E 462 -21.09 -10.25 9.12
N GLU E 463 -22.26 -10.82 9.31
CA GLU E 463 -23.24 -10.65 8.27
C GLU E 463 -24.53 -10.85 8.97
N ILE E 464 -25.63 -10.49 8.31
CA ILE E 464 -26.96 -10.78 8.80
C ILE E 464 -27.79 -11.24 7.61
N ILE E 465 -28.95 -11.86 7.88
CA ILE E 465 -29.89 -12.04 6.79
C ILE E 465 -31.18 -11.33 7.11
N THR E 466 -31.93 -11.01 6.06
CA THR E 466 -33.27 -10.42 6.23
C THR E 466 -34.27 -11.20 5.42
N SER E 467 -35.43 -11.45 6.03
CA SER E 467 -36.49 -12.17 5.36
C SER E 467 -37.77 -11.36 5.54
N VAL E 468 -38.35 -11.01 4.40
CA VAL E 468 -39.55 -10.22 4.40
C VAL E 468 -40.73 -10.93 3.72
N ARG E 469 -41.91 -10.86 4.29
CA ARG E 469 -43.09 -11.28 3.50
C ARG E 469 -43.92 -10.04 3.18
N TYR E 470 -44.26 -9.82 1.91
CA TYR E 470 -44.86 -8.58 1.52
C TYR E 470 -46.25 -8.28 2.07
N GLY E 471 -47.01 -9.30 2.44
CA GLY E 471 -48.35 -9.11 2.97
C GLY E 471 -49.34 -9.83 2.07
N LYS E 472 -50.55 -10.10 2.58
CA LYS E 472 -51.50 -10.88 1.80
C LYS E 472 -51.84 -10.22 0.45
N GLY E 473 -51.68 -10.98 -0.64
CA GLY E 473 -52.04 -10.49 -1.98
C GLY E 473 -51.01 -9.52 -2.55
N ALA E 474 -49.75 -9.72 -2.14
CA ALA E 474 -48.62 -9.05 -2.78
C ALA E 474 -47.52 -10.07 -3.07
N LEU E 475 -47.47 -10.56 -4.31
CA LEU E 475 -46.47 -11.54 -4.69
C LEU E 475 -45.14 -10.86 -4.91
N LYS E 476 -45.21 -9.61 -5.35
CA LYS E 476 -44.02 -8.87 -5.73
C LYS E 476 -43.83 -7.65 -4.91
N ALA E 477 -42.62 -7.14 -4.98
CA ALA E 477 -42.29 -6.02 -4.14
C ALA E 477 -43.03 -4.73 -4.54
N THR E 478 -43.41 -4.70 -5.81
CA THR E 478 -44.04 -3.59 -6.43
C THR E 478 -45.56 -3.68 -6.35
N ASP E 479 -46.13 -4.80 -5.96
CA ASP E 479 -47.55 -4.90 -5.75
C ASP E 479 -48.04 -4.04 -4.58
N THR E 480 -49.12 -3.28 -4.72
CA THR E 480 -49.57 -2.55 -3.53
C THR E 480 -50.76 -3.16 -2.80
N GLY E 481 -51.56 -4.01 -3.46
CA GLY E 481 -52.65 -4.73 -2.79
C GLY E 481 -53.63 -3.81 -2.11
N ASP E 482 -54.12 -4.16 -0.93
CA ASP E 482 -55.13 -3.31 -0.30
C ASP E 482 -54.95 -3.16 1.21
N ARG E 483 -56.07 -3.01 1.91
CA ARG E 483 -55.99 -2.67 3.34
C ARG E 483 -55.25 -3.76 4.08
N ILE E 484 -55.66 -4.99 3.81
CA ILE E 484 -55.07 -6.14 4.47
C ILE E 484 -53.63 -6.38 4.09
N THR E 485 -53.24 -6.04 2.86
CA THR E 485 -51.82 -6.16 2.57
C THR E 485 -51.10 -5.26 3.55
N ARG E 486 -51.68 -4.11 3.83
CA ARG E 486 -50.91 -3.15 4.61
C ARG E 486 -50.66 -3.58 6.03
N THR E 487 -51.61 -4.28 6.60
CA THR E 487 -51.48 -4.65 7.99
C THR E 487 -50.98 -6.07 8.11
N SER E 488 -50.29 -6.54 7.07
CA SER E 488 -49.80 -7.91 7.08
C SER E 488 -48.43 -7.90 6.47
N GLY E 489 -47.74 -9.04 6.46
CA GLY E 489 -46.32 -9.06 6.22
C GLY E 489 -45.48 -9.15 7.48
N VAL E 490 -44.23 -9.46 7.31
CA VAL E 490 -43.35 -9.46 8.46
C VAL E 490 -41.94 -9.29 8.00
N VAL E 491 -41.09 -8.87 8.92
CA VAL E 491 -39.66 -8.98 8.68
C VAL E 491 -38.86 -9.63 9.81
N VAL E 492 -37.98 -10.55 9.41
CA VAL E 492 -37.10 -11.29 10.31
C VAL E 492 -35.66 -10.94 10.03
N ILE E 493 -34.92 -10.50 11.03
CA ILE E 493 -33.49 -10.26 10.86
C ILE E 493 -32.68 -11.18 11.76
N GLU E 494 -31.68 -11.81 11.18
CA GLU E 494 -30.92 -12.77 11.90
C GLU E 494 -29.43 -12.62 11.72
N GLY E 495 -28.68 -12.92 12.77
CA GLY E 495 -27.27 -13.11 12.62
C GLY E 495 -26.94 -14.37 13.39
N ASN E 496 -25.92 -15.08 12.94
CA ASN E 496 -25.49 -16.34 13.55
C ASN E 496 -24.14 -16.29 14.18
N ASN E 497 -23.62 -15.08 14.47
CA ASN E 497 -22.36 -14.94 15.22
C ASN E 497 -22.53 -14.04 16.43
N PRO E 498 -22.33 -14.58 17.61
CA PRO E 498 -22.57 -13.84 18.84
C PRO E 498 -21.71 -12.60 18.93
N SER E 499 -20.62 -12.56 18.20
CA SER E 499 -19.74 -11.45 18.38
C SER E 499 -19.96 -10.36 17.30
N LEU E 500 -21.02 -10.45 16.50
CA LEU E 500 -21.43 -9.34 15.61
C LEU E 500 -21.50 -7.90 16.22
N ARG E 501 -20.74 -6.96 15.67
CA ARG E 501 -20.95 -5.53 15.94
C ARG E 501 -21.13 -4.88 14.56
N LEU E 502 -22.21 -4.14 14.38
CA LEU E 502 -22.24 -3.35 13.17
C LEU E 502 -21.27 -2.20 13.30
N LYS E 503 -20.83 -1.67 12.17
CA LYS E 503 -20.12 -0.38 12.20
C LYS E 503 -21.11 0.75 12.49
N ALA E 504 -20.69 1.75 13.27
CA ALA E 504 -21.52 2.92 13.50
C ALA E 504 -22.18 3.44 12.19
N SER E 505 -21.46 3.41 11.05
CA SER E 505 -21.99 3.96 9.81
C SER E 505 -22.75 2.95 8.94
N ASP E 506 -22.82 1.69 9.38
CA ASP E 506 -23.60 0.66 8.67
C ASP E 506 -25.07 0.88 8.83
N ARG E 507 -25.77 0.73 7.73
CA ARG E 507 -27.22 0.78 7.77
C ARG E 507 -27.87 -0.43 7.07
N VAL E 508 -28.70 -1.15 7.77
CA VAL E 508 -29.44 -2.29 7.19
C VAL E 508 -30.80 -1.78 6.75
N VAL E 509 -30.99 -1.76 5.43
CA VAL E 509 -32.11 -1.10 4.83
C VAL E 509 -32.98 -2.18 4.21
N VAL E 510 -34.17 -2.43 4.76
CA VAL E 510 -34.94 -3.55 4.31
C VAL E 510 -36.18 -3.05 3.63
N ASN E 511 -36.39 -3.50 2.41
CA ASN E 511 -37.60 -3.20 1.67
C ASN E 511 -38.83 -4.04 2.13
N MET E 512 -39.87 -3.40 2.62
CA MET E 512 -41.05 -4.15 3.09
C MET E 512 -42.11 -4.43 1.99
N GLY E 513 -41.95 -3.75 0.85
CA GLY E 513 -42.88 -3.90 -0.24
C GLY E 513 -43.69 -2.64 -0.44
N ALA E 514 -44.33 -2.51 -1.60
CA ALA E 514 -45.04 -1.29 -1.91
C ALA E 514 -46.26 -1.02 -1.08
N ALA E 515 -46.74 -1.97 -0.31
CA ALA E 515 -47.93 -1.71 0.47
C ALA E 515 -47.60 -0.96 1.75
N HIS E 516 -46.32 -0.79 2.03
CA HIS E 516 -45.89 -0.37 3.36
C HIS E 516 -45.14 0.96 3.40
N LYS E 517 -45.50 1.92 2.55
CA LYS E 517 -44.80 3.19 2.65
C LYS E 517 -45.23 4.01 3.83
N ASN E 518 -44.29 4.64 4.52
CA ASN E 518 -44.62 5.50 5.67
C ASN E 518 -45.57 4.77 6.61
N GLN E 519 -45.14 3.65 7.17
CA GLN E 519 -46.00 2.92 8.07
C GLN E 519 -45.29 2.70 9.41
N ALA E 520 -46.08 2.61 10.47
CA ALA E 520 -45.54 2.16 11.75
C ALA E 520 -45.35 0.61 11.89
N TYR E 521 -44.16 0.18 12.30
CA TYR E 521 -43.98 -1.24 12.66
C TYR E 521 -43.64 -1.37 14.13
N ARG E 522 -43.93 -2.52 14.73
CA ARG E 522 -43.56 -2.69 16.13
C ARG E 522 -42.88 -4.02 16.23
N PRO E 523 -42.11 -4.22 17.28
CA PRO E 523 -41.44 -5.51 17.45
C PRO E 523 -42.41 -6.65 17.70
N LEU E 524 -42.07 -7.85 17.18
CA LEU E 524 -42.72 -9.10 17.58
C LEU E 524 -41.87 -9.84 18.62
N LEU E 525 -40.57 -9.96 18.35
CA LEU E 525 -39.59 -10.61 19.24
C LEU E 525 -38.31 -9.77 19.17
N LEU E 526 -37.69 -9.45 20.30
CA LEU E 526 -36.33 -8.90 20.27
C LEU E 526 -35.38 -9.70 21.13
N THR E 527 -34.13 -9.77 20.74
CA THR E 527 -33.18 -10.47 21.55
C THR E 527 -32.76 -9.53 22.65
N THR E 528 -32.72 -10.04 23.88
CA THR E 528 -32.33 -9.22 25.03
C THR E 528 -31.12 -9.92 25.59
N ASP E 529 -30.47 -9.29 26.56
CA ASP E 529 -29.31 -9.86 27.19
C ASP E 529 -29.50 -11.26 27.71
N ASN E 530 -30.64 -11.60 28.30
CA ASN E 530 -30.81 -12.94 28.83
C ASN E 530 -31.63 -13.86 28.01
N GLY E 531 -32.28 -13.35 26.98
CA GLY E 531 -32.97 -14.27 26.11
C GLY E 531 -33.66 -13.55 24.99
N ILE E 532 -34.97 -13.80 24.89
CA ILE E 532 -35.81 -13.17 23.88
C ILE E 532 -37.09 -12.59 24.48
N LYS E 533 -37.41 -11.34 24.20
CA LYS E 533 -38.64 -10.72 24.68
C LYS E 533 -39.73 -10.89 23.60
N ALA E 534 -40.90 -11.42 23.93
CA ALA E 534 -42.02 -11.54 23.00
C ALA E 534 -42.97 -10.38 23.22
N TYR E 535 -43.53 -9.78 22.17
CA TYR E 535 -44.59 -8.76 22.36
C TYR E 535 -45.92 -9.29 21.87
N HIS E 536 -46.87 -9.39 22.79
CA HIS E 536 -48.10 -10.09 22.44
C HIS E 536 -49.18 -9.22 21.79
N SER E 537 -48.98 -7.91 21.77
CA SER E 537 -49.91 -7.04 21.06
C SER E 537 -49.27 -5.70 20.69
N ASP E 538 -49.86 -4.94 19.76
CA ASP E 538 -49.30 -3.62 19.41
C ASP E 538 -49.12 -2.73 20.62
N GLN E 539 -50.12 -2.75 21.50
CA GLN E 539 -50.13 -1.95 22.74
C GLN E 539 -48.91 -2.28 23.61
N GLU E 540 -48.57 -3.56 23.69
CA GLU E 540 -47.53 -4.02 24.59
C GLU E 540 -46.23 -3.51 24.05
N ALA E 541 -46.20 -3.18 22.78
CA ALA E 541 -44.96 -2.83 22.07
C ALA E 541 -44.93 -1.30 21.81
N ALA E 542 -45.87 -0.62 22.43
CA ALA E 542 -46.12 0.80 22.18
C ALA E 542 -44.89 1.71 22.21
N GLY E 543 -44.05 1.59 23.24
CA GLY E 543 -42.86 2.43 23.34
C GLY E 543 -41.86 2.21 22.18
N LEU E 544 -42.01 1.16 21.35
CA LEU E 544 -40.92 0.79 20.43
C LEU E 544 -41.27 0.90 18.95
N VAL E 545 -42.24 1.73 18.62
CA VAL E 545 -42.71 1.83 17.24
C VAL E 545 -41.67 2.49 16.32
N ARG E 546 -41.43 1.97 15.12
CA ARG E 546 -40.56 2.64 14.15
C ARG E 546 -41.25 2.69 12.80
N TYR E 547 -40.78 3.55 11.91
CA TYR E 547 -41.53 3.85 10.66
C TYR E 547 -40.81 3.50 9.38
N THR E 548 -41.55 3.17 8.34
CA THR E 548 -40.86 2.99 7.09
C THR E 548 -40.82 4.36 6.50
N ASN E 549 -39.98 4.54 5.51
CA ASN E 549 -39.97 5.77 4.78
C ASN E 549 -40.87 5.75 3.51
N ASP E 550 -40.67 6.77 2.68
CA ASP E 550 -41.35 6.94 1.39
C ASP E 550 -41.30 5.72 0.59
N ARG E 551 -40.20 5.00 0.66
CA ARG E 551 -40.03 3.97 -0.30
C ARG E 551 -40.42 2.60 0.24
N GLY E 552 -41.08 2.55 1.39
CA GLY E 552 -41.39 1.28 2.00
C GLY E 552 -40.20 0.59 2.64
N GLU E 553 -39.13 1.34 2.94
CA GLU E 553 -37.96 0.78 3.66
C GLU E 553 -37.94 0.97 5.18
N LEU E 554 -37.59 -0.09 5.92
CA LEU E 554 -37.27 0.00 7.36
C LEU E 554 -35.76 0.06 7.48
N ILE E 555 -35.25 0.86 8.40
CA ILE E 555 -33.79 1.07 8.47
C ILE E 555 -33.32 0.69 9.86
N PHE E 556 -32.33 -0.20 9.91
CA PHE E 556 -31.82 -0.65 11.20
C PHE E 556 -30.38 -0.27 11.37
N THR E 557 -29.94 -0.27 12.60
CA THR E 557 -28.71 0.33 12.93
C THR E 557 -28.01 -0.53 13.92
N ALA E 558 -26.76 -0.18 14.21
CA ALA E 558 -26.09 -0.76 15.38
C ALA E 558 -26.90 -0.53 16.65
N ALA E 559 -27.76 0.47 16.63
CA ALA E 559 -28.69 0.64 17.71
C ALA E 559 -29.64 -0.53 17.89
N ASP E 560 -30.01 -1.21 16.79
CA ASP E 560 -31.00 -2.30 16.83
C ASP E 560 -30.39 -3.70 16.73
N ILE E 561 -29.28 -3.82 15.99
CA ILE E 561 -28.66 -5.14 15.73
C ILE E 561 -27.23 -5.30 16.31
N LYS E 562 -27.07 -6.33 17.14
CA LYS E 562 -25.75 -6.72 17.63
C LYS E 562 -25.83 -8.16 18.12
N GLY E 563 -24.68 -8.83 18.20
CA GLY E 563 -24.65 -10.24 18.51
C GLY E 563 -24.82 -10.41 20.00
N TYR E 564 -25.42 -11.53 20.39
CA TYR E 564 -25.70 -11.83 21.77
C TYR E 564 -25.27 -13.24 22.01
N ALA E 565 -25.00 -13.60 23.26
CA ALA E 565 -24.82 -15.00 23.64
C ALA E 565 -25.60 -15.33 24.91
N ASN E 566 -26.73 -16.00 24.75
CA ASN E 566 -27.54 -16.38 25.86
C ASN E 566 -28.13 -17.74 25.54
N PRO E 567 -28.86 -18.32 26.50
CA PRO E 567 -29.27 -19.68 26.29
C PRO E 567 -30.24 -19.83 25.11
N GLN E 568 -30.80 -18.72 24.62
CA GLN E 568 -31.68 -18.78 23.43
C GLN E 568 -31.07 -18.29 22.13
N VAL E 569 -30.21 -17.29 22.20
CA VAL E 569 -29.75 -16.68 20.99
C VAL E 569 -28.21 -16.71 20.99
N SER E 570 -27.60 -17.17 19.89
CA SER E 570 -26.16 -17.07 19.66
C SER E 570 -25.98 -16.35 18.30
N GLY E 571 -25.89 -15.03 18.31
CA GLY E 571 -26.17 -14.24 17.13
C GLY E 571 -27.28 -13.27 17.46
N TYR E 572 -28.23 -13.06 16.55
CA TYR E 572 -29.20 -12.01 16.76
C TYR E 572 -30.53 -12.48 16.20
N LEU E 573 -31.63 -12.19 16.87
CA LEU E 573 -32.93 -12.34 16.25
C LEU E 573 -33.73 -11.09 16.51
N GLY E 574 -34.35 -10.54 15.46
CA GLY E 574 -35.34 -9.44 15.62
C GLY E 574 -36.50 -9.64 14.68
N VAL E 575 -37.76 -9.53 15.15
CA VAL E 575 -38.88 -9.70 14.24
C VAL E 575 -39.88 -8.58 14.35
N TRP E 576 -40.19 -7.91 13.25
CA TRP E 576 -41.20 -6.86 13.29
C TRP E 576 -42.43 -7.15 12.41
N VAL E 577 -43.59 -6.60 12.79
CA VAL E 577 -44.83 -6.77 12.04
C VAL E 577 -45.47 -5.40 12.03
N PRO E 578 -46.34 -5.11 11.06
CA PRO E 578 -46.94 -3.80 10.93
C PRO E 578 -47.97 -3.50 12.00
N VAL E 579 -47.96 -2.27 12.47
CA VAL E 579 -48.95 -1.90 13.47
C VAL E 579 -50.35 -1.87 12.89
N GLY E 580 -51.32 -2.32 13.71
CA GLY E 580 -52.75 -2.14 13.43
C GLY E 580 -53.59 -3.31 12.86
N ALA E 581 -53.09 -4.54 12.93
CA ALA E 581 -53.90 -5.65 12.49
C ALA E 581 -55.03 -5.76 13.47
N ALA E 582 -56.27 -5.98 13.01
CA ALA E 582 -57.36 -6.28 13.98
C ALA E 582 -56.97 -7.46 14.87
N ALA E 583 -57.69 -7.67 15.97
CA ALA E 583 -57.33 -8.76 16.90
C ALA E 583 -57.53 -10.07 16.19
N ASP E 584 -58.59 -10.15 15.42
CA ASP E 584 -58.90 -11.41 14.75
C ASP E 584 -58.46 -11.43 13.29
N GLN E 585 -57.52 -10.59 12.88
CA GLN E 585 -57.04 -10.68 11.47
C GLN E 585 -56.37 -12.04 11.19
N ASP E 586 -56.74 -12.62 10.04
CA ASP E 586 -56.24 -13.93 9.61
C ASP E 586 -55.94 -13.94 8.12
N VAL E 587 -54.68 -13.96 7.75
CA VAL E 587 -54.42 -13.98 6.32
C VAL E 587 -54.25 -15.33 5.65
N ARG E 588 -54.57 -16.43 6.33
CA ARG E 588 -54.61 -17.75 5.69
C ARG E 588 -55.71 -17.90 4.63
N VAL E 589 -55.61 -18.93 3.83
CA VAL E 589 -56.40 -18.99 2.64
C VAL E 589 -56.82 -20.44 2.53
N ALA E 590 -58.08 -20.68 2.15
CA ALA E 590 -58.61 -22.03 1.98
C ALA E 590 -58.42 -22.60 0.57
N ALA E 591 -58.08 -23.88 0.53
CA ALA E 591 -57.91 -24.56 -0.71
C ALA E 591 -59.19 -24.38 -1.55
N SER E 592 -59.03 -24.22 -2.86
CA SER E 592 -60.24 -24.15 -3.70
C SER E 592 -60.57 -25.45 -4.40
N THR E 593 -61.82 -25.54 -4.84
CA THR E 593 -62.31 -26.73 -5.53
C THR E 593 -62.21 -26.54 -7.00
N ALA E 594 -61.50 -25.52 -7.43
CA ALA E 594 -61.15 -25.39 -8.82
C ALA E 594 -60.39 -26.65 -9.25
N PRO E 595 -60.71 -27.21 -10.41
CA PRO E 595 -60.07 -28.46 -10.83
C PRO E 595 -58.58 -28.27 -11.13
N SER E 596 -57.78 -29.19 -10.63
CA SER E 596 -56.36 -29.23 -10.92
C SER E 596 -56.06 -29.47 -12.40
N THR E 597 -55.10 -28.79 -12.97
CA THR E 597 -54.95 -29.04 -14.38
C THR E 597 -53.55 -29.36 -14.81
N ASP E 598 -52.59 -29.45 -13.87
CA ASP E 598 -51.22 -29.67 -14.27
C ASP E 598 -50.74 -31.08 -14.05
N GLY E 599 -51.66 -32.00 -13.77
CA GLY E 599 -51.27 -33.35 -13.48
C GLY E 599 -50.66 -33.65 -12.13
N LYS E 600 -50.56 -32.68 -11.23
CA LYS E 600 -50.05 -32.96 -9.87
C LYS E 600 -51.13 -32.85 -8.83
N SER E 601 -50.99 -33.53 -7.71
CA SER E 601 -52.04 -33.52 -6.76
C SER E 601 -51.88 -32.36 -5.89
N VAL E 602 -50.75 -32.30 -5.18
CA VAL E 602 -50.53 -31.34 -4.13
C VAL E 602 -49.83 -30.16 -4.75
N HIS E 603 -50.21 -28.95 -4.35
CA HIS E 603 -49.66 -27.73 -4.93
C HIS E 603 -49.15 -26.73 -3.92
N GLN E 604 -47.90 -26.28 -4.05
CA GLN E 604 -47.34 -25.32 -3.07
C GLN E 604 -47.82 -23.89 -3.32
N ASN E 605 -49.11 -23.67 -3.18
CA ASN E 605 -49.68 -22.36 -3.34
C ASN E 605 -50.00 -21.69 -1.98
N ALA E 606 -50.67 -20.56 -2.01
CA ALA E 606 -51.02 -19.85 -0.78
C ALA E 606 -51.83 -20.72 0.14
N ALA E 607 -52.70 -21.61 -0.38
CA ALA E 607 -53.47 -22.46 0.56
C ALA E 607 -52.57 -23.51 1.30
N LEU E 608 -51.64 -24.13 0.59
CA LEU E 608 -50.76 -25.09 1.20
C LEU E 608 -49.83 -24.39 2.18
N ASP E 609 -49.49 -23.14 1.87
CA ASP E 609 -48.61 -22.37 2.67
C ASP E 609 -49.35 -22.01 3.99
N SER E 610 -50.67 -22.09 3.99
CA SER E 610 -51.40 -21.76 5.20
C SER E 610 -51.43 -22.93 6.14
N ARG E 611 -50.80 -24.06 5.83
CA ARG E 611 -50.95 -25.16 6.75
C ARG E 611 -49.76 -25.20 7.67
N VAL E 612 -49.95 -25.66 8.90
CA VAL E 612 -48.88 -25.96 9.81
C VAL E 612 -49.04 -27.36 10.33
N MET E 613 -47.93 -28.02 10.52
CA MET E 613 -47.92 -29.41 10.77
C MET E 613 -47.21 -29.56 12.09
N PHE E 614 -47.74 -30.41 12.95
CA PHE E 614 -47.22 -30.51 14.29
C PHE E 614 -46.87 -31.94 14.53
N GLU E 615 -45.61 -32.22 14.83
CA GLU E 615 -45.26 -33.56 15.21
C GLU E 615 -45.56 -33.73 16.70
N GLY E 616 -46.63 -34.39 17.06
CA GLY E 616 -47.04 -34.26 18.42
C GLY E 616 -46.59 -35.34 19.40
N PHE E 617 -45.32 -35.74 19.34
CA PHE E 617 -44.82 -36.68 20.32
C PHE E 617 -43.34 -36.61 20.35
N SER E 618 -42.74 -37.31 21.33
CA SER E 618 -41.32 -37.37 21.53
C SER E 618 -40.98 -38.80 21.86
N ASN E 619 -39.84 -39.30 21.39
CA ASN E 619 -39.46 -40.65 21.74
C ASN E 619 -39.30 -40.82 23.21
N PHE E 620 -38.89 -39.75 23.87
CA PHE E 620 -38.39 -39.83 25.24
C PHE E 620 -39.36 -39.38 26.28
N GLN E 621 -40.63 -39.25 25.91
CA GLN E 621 -41.71 -38.95 26.84
C GLN E 621 -41.71 -39.95 27.97
N ALA E 622 -42.14 -39.49 29.15
CA ALA E 622 -42.34 -40.38 30.31
C ALA E 622 -43.60 -41.22 30.17
N PHE E 623 -43.57 -42.45 30.67
CA PHE E 623 -44.79 -43.29 30.66
C PHE E 623 -45.85 -42.71 31.59
N ALA E 624 -47.10 -42.64 31.13
CA ALA E 624 -48.08 -42.00 31.98
C ALA E 624 -48.13 -42.80 33.27
N THR E 625 -48.40 -42.14 34.39
CA THR E 625 -48.50 -42.87 35.69
C THR E 625 -49.95 -42.98 36.11
N LYS E 626 -50.81 -42.30 35.38
CA LYS E 626 -52.24 -42.36 35.64
C LYS E 626 -52.97 -41.91 34.37
N LYS E 627 -54.26 -42.12 34.32
CA LYS E 627 -54.99 -42.01 33.07
C LYS E 627 -54.99 -40.60 32.52
N GLU E 628 -55.03 -39.63 33.42
CA GLU E 628 -55.05 -38.24 33.02
C GLU E 628 -53.77 -37.86 32.33
N GLU E 629 -52.78 -38.73 32.33
CA GLU E 629 -51.51 -38.35 31.82
C GLU E 629 -51.30 -38.96 30.47
N TYR E 630 -52.14 -39.91 30.10
CA TYR E 630 -52.07 -40.49 28.76
C TYR E 630 -51.98 -39.43 27.68
N THR E 631 -51.03 -39.56 26.73
CA THR E 631 -50.89 -38.52 25.70
C THR E 631 -52.24 -38.19 25.08
N ASN E 632 -52.95 -39.22 24.64
CA ASN E 632 -54.09 -39.01 23.78
C ASN E 632 -55.21 -38.34 24.55
N VAL E 633 -55.31 -38.64 25.85
CA VAL E 633 -56.22 -37.91 26.78
C VAL E 633 -55.87 -36.43 26.79
N VAL E 634 -54.61 -36.11 27.09
CA VAL E 634 -54.14 -34.75 27.14
C VAL E 634 -54.34 -34.04 25.80
N ILE E 635 -54.05 -34.69 24.67
CA ILE E 635 -54.34 -34.07 23.37
C ILE E 635 -55.81 -33.58 23.24
N ALA E 636 -56.76 -34.43 23.60
CA ALA E 636 -58.17 -34.13 23.43
C ALA E 636 -58.50 -32.95 24.28
N LYS E 637 -57.91 -32.93 25.45
CA LYS E 637 -58.20 -31.88 26.41
C LYS E 637 -57.54 -30.54 25.97
N ASN E 638 -56.54 -30.57 25.11
CA ASN E 638 -55.79 -29.34 24.74
C ASN E 638 -55.94 -28.91 23.32
N VAL E 639 -56.97 -29.44 22.69
CA VAL E 639 -57.17 -29.29 21.27
C VAL E 639 -57.31 -27.78 20.91
N ASP E 640 -57.85 -26.95 21.78
CA ASP E 640 -57.90 -25.49 21.50
C ASP E 640 -56.55 -24.77 21.35
N LYS E 641 -55.53 -25.27 22.03
CA LYS E 641 -54.17 -24.76 21.97
C LYS E 641 -53.72 -24.96 20.55
N PHE E 642 -53.96 -26.17 20.02
CA PHE E 642 -53.44 -26.52 18.71
C PHE E 642 -54.11 -25.63 17.71
N ALA E 643 -55.43 -25.47 17.84
CA ALA E 643 -56.12 -24.57 16.94
C ALA E 643 -55.56 -23.13 17.04
N GLU E 644 -55.32 -22.69 18.26
CA GLU E 644 -54.77 -21.36 18.42
C GLU E 644 -53.47 -21.19 17.67
N TRP E 645 -52.69 -22.27 17.54
CA TRP E 645 -51.33 -22.22 17.00
C TRP E 645 -51.37 -22.38 15.50
N GLY E 646 -52.56 -22.64 14.97
CA GLY E 646 -52.69 -22.73 13.53
C GLY E 646 -52.25 -24.07 13.02
N VAL E 647 -52.15 -25.06 13.92
CA VAL E 647 -51.94 -26.45 13.51
C VAL E 647 -53.11 -26.94 12.62
N THR E 648 -52.81 -27.29 11.37
CA THR E 648 -53.83 -27.83 10.47
C THR E 648 -53.64 -29.35 10.24
N ASP E 649 -52.46 -29.87 10.57
CA ASP E 649 -52.14 -31.30 10.42
C ASP E 649 -51.37 -31.84 11.61
N PHE E 650 -52.02 -32.71 12.37
CA PHE E 650 -51.42 -33.17 13.59
C PHE E 650 -50.82 -34.56 13.38
N GLU E 651 -49.51 -34.64 13.34
CA GLU E 651 -48.95 -35.92 13.07
C GLU E 651 -48.90 -36.62 14.41
N MET E 652 -49.70 -37.66 14.61
CA MET E 652 -49.61 -38.39 15.86
C MET E 652 -48.48 -39.40 15.76
N ALA E 653 -48.06 -39.93 16.89
CA ALA E 653 -47.11 -41.02 16.89
C ALA E 653 -47.72 -42.29 16.29
N PRO E 654 -46.86 -43.25 15.92
CA PRO E 654 -47.41 -44.53 15.53
C PRO E 654 -48.24 -45.04 16.71
N GLN E 655 -49.47 -45.48 16.45
CA GLN E 655 -50.34 -45.93 17.52
C GLN E 655 -50.34 -47.43 17.74
N TYR E 656 -49.44 -48.17 17.08
CA TYR E 656 -49.36 -49.66 17.29
C TYR E 656 -48.81 -49.94 18.69
N VAL E 657 -49.28 -51.00 19.34
CA VAL E 657 -48.87 -51.35 20.67
C VAL E 657 -47.47 -51.86 20.55
N SER E 658 -46.60 -51.36 21.43
CA SER E 658 -45.16 -51.57 21.32
C SER E 658 -44.67 -52.94 21.78
N SER E 659 -43.71 -53.55 21.12
CA SER E 659 -43.16 -54.76 21.75
C SER E 659 -42.30 -54.30 22.89
N THR E 660 -41.85 -55.22 23.69
CA THR E 660 -40.99 -54.74 24.73
C THR E 660 -39.66 -55.47 24.70
N ASP E 661 -39.27 -56.08 23.57
CA ASP E 661 -38.06 -56.92 23.56
C ASP E 661 -36.82 -56.11 23.93
N GLY E 662 -36.82 -54.78 23.72
CA GLY E 662 -35.68 -53.94 24.15
C GLY E 662 -34.47 -54.09 23.22
N SER E 663 -34.69 -54.77 22.08
CA SER E 663 -33.69 -54.98 21.06
C SER E 663 -33.26 -53.69 20.34
N PHE E 664 -34.04 -52.63 20.49
CA PHE E 664 -33.77 -51.34 19.87
C PHE E 664 -34.43 -50.27 20.68
N LEU E 665 -33.97 -49.04 20.48
CA LEU E 665 -34.45 -47.89 21.24
C LEU E 665 -35.95 -47.81 21.19
N ASP E 666 -36.54 -48.12 20.04
CA ASP E 666 -37.95 -47.94 19.86
C ASP E 666 -38.73 -48.83 20.79
N SER E 667 -38.21 -50.01 21.09
CA SER E 667 -38.93 -50.93 21.97
C SER E 667 -38.47 -50.81 23.42
N VAL E 668 -37.54 -49.89 23.68
CA VAL E 668 -37.19 -49.61 25.06
C VAL E 668 -38.13 -48.50 25.55
N ILE E 669 -38.29 -47.50 24.70
CA ILE E 669 -39.04 -46.26 24.92
C ILE E 669 -40.54 -46.39 24.47
N GLN E 670 -40.82 -47.44 23.72
CA GLN E 670 -42.19 -47.78 23.31
C GLN E 670 -42.90 -46.70 22.55
N ASN E 671 -42.23 -46.12 21.58
CA ASN E 671 -42.79 -45.04 20.79
C ASN E 671 -43.87 -45.50 19.83
N GLY E 672 -43.81 -46.76 19.38
CA GLY E 672 -44.87 -47.26 18.53
C GLY E 672 -44.42 -47.76 17.18
N TYR E 673 -43.14 -47.64 16.90
CA TYR E 673 -42.59 -48.17 15.64
C TYR E 673 -42.09 -49.61 15.76
N ALA E 674 -42.07 -50.15 16.98
CA ALA E 674 -41.64 -51.52 17.19
C ALA E 674 -42.85 -52.28 17.65
N PHE E 675 -43.40 -53.12 16.82
CA PHE E 675 -44.69 -53.67 17.13
C PHE E 675 -44.81 -54.99 16.51
N THR E 676 -45.63 -55.79 17.16
CA THR E 676 -45.87 -57.16 16.74
C THR E 676 -47.16 -57.33 15.95
N ASP E 677 -48.07 -56.38 16.09
CA ASP E 677 -49.38 -56.51 15.47
C ASP E 677 -49.76 -55.20 14.81
N ARG E 678 -49.86 -55.18 13.49
CA ARG E 678 -50.09 -53.93 12.75
C ARG E 678 -51.40 -53.25 13.06
N TYR E 679 -52.40 -54.03 13.42
CA TYR E 679 -53.73 -53.51 13.60
C TYR E 679 -54.04 -53.29 15.08
N ASP E 680 -53.10 -53.60 15.95
CA ASP E 680 -53.39 -53.43 17.38
C ASP E 680 -53.16 -51.99 17.83
N LEU E 681 -54.16 -51.13 17.63
CA LEU E 681 -53.94 -49.74 17.92
C LEU E 681 -54.46 -49.44 19.29
N GLY E 682 -53.84 -50.06 20.29
CA GLY E 682 -54.25 -49.79 21.65
C GLY E 682 -55.47 -50.61 21.93
N ILE E 683 -55.64 -51.71 21.22
CA ILE E 683 -56.81 -52.55 21.37
C ILE E 683 -56.60 -53.67 22.35
N SER E 684 -55.53 -54.45 22.23
CA SER E 684 -55.37 -55.53 23.21
C SER E 684 -55.00 -54.97 24.60
N LYS E 685 -54.24 -53.91 24.63
CA LYS E 685 -53.89 -53.24 25.85
C LYS E 685 -53.59 -51.83 25.41
N PRO E 686 -53.36 -50.94 26.36
CA PRO E 686 -53.07 -49.57 25.94
C PRO E 686 -51.74 -49.48 25.18
N ASN E 687 -51.62 -48.52 24.30
CA ASN E 687 -50.32 -48.20 23.79
C ASN E 687 -49.75 -47.09 24.68
N LYS E 688 -48.58 -46.55 24.37
CA LYS E 688 -47.98 -45.55 25.28
C LYS E 688 -48.89 -44.35 25.47
N TYR E 689 -49.77 -44.12 24.49
CA TYR E 689 -50.51 -42.86 24.43
C TYR E 689 -51.95 -42.94 24.91
N GLY E 690 -52.38 -44.14 25.28
CA GLY E 690 -53.69 -44.36 25.84
C GLY E 690 -54.26 -45.64 25.30
N THR E 691 -55.54 -45.87 25.60
CA THR E 691 -56.31 -46.99 25.03
C THR E 691 -56.83 -46.68 23.62
N ALA E 692 -57.34 -47.69 22.94
CA ALA E 692 -57.91 -47.43 21.64
C ALA E 692 -59.06 -46.44 21.74
N ASP E 693 -59.83 -46.46 22.83
CA ASP E 693 -60.86 -45.44 22.92
C ASP E 693 -60.28 -44.06 23.13
N ASP E 694 -59.14 -43.94 23.80
CA ASP E 694 -58.58 -42.64 24.03
C ASP E 694 -58.11 -42.10 22.68
N LEU E 695 -57.66 -43.01 21.79
CA LEU E 695 -57.17 -42.61 20.47
C LEU E 695 -58.32 -42.05 19.68
N VAL E 696 -59.41 -42.79 19.64
CA VAL E 696 -60.59 -42.36 18.94
C VAL E 696 -61.04 -40.98 19.43
N LYS E 697 -61.09 -40.79 20.74
CA LYS E 697 -61.56 -39.51 21.24
C LYS E 697 -60.63 -38.38 20.89
N ALA E 698 -59.33 -38.64 20.86
CA ALA E 698 -58.37 -37.63 20.47
C ALA E 698 -58.57 -37.31 19.00
N ILE E 699 -58.80 -38.33 18.19
CA ILE E 699 -59.03 -38.06 16.79
C ILE E 699 -60.28 -37.18 16.61
N LYS E 700 -61.35 -37.50 17.34
CA LYS E 700 -62.58 -36.74 17.31
C LYS E 700 -62.38 -35.32 17.80
N ALA E 701 -61.57 -35.14 18.84
CA ALA E 701 -61.32 -33.79 19.34
C ALA E 701 -60.60 -32.94 18.28
N LEU E 702 -59.49 -33.45 17.74
CA LEU E 702 -58.80 -32.74 16.66
C LEU E 702 -59.74 -32.34 15.54
N HIS E 703 -60.60 -33.25 15.11
CA HIS E 703 -61.54 -32.97 14.06
C HIS E 703 -62.48 -31.88 14.44
N SER E 704 -62.84 -31.82 15.71
CA SER E 704 -63.87 -30.90 16.11
C SER E 704 -63.35 -29.49 15.92
N LYS E 705 -62.02 -29.35 15.77
CA LYS E 705 -61.38 -28.09 15.50
C LYS E 705 -60.96 -28.01 14.06
N GLY E 706 -61.36 -28.99 13.25
CA GLY E 706 -61.05 -28.93 11.85
C GLY E 706 -59.61 -29.21 11.58
N ILE E 707 -58.94 -29.92 12.47
CA ILE E 707 -57.55 -30.25 12.23
C ILE E 707 -57.53 -31.68 11.66
N LYS E 708 -56.58 -32.00 10.78
CA LYS E 708 -56.53 -33.33 10.18
C LYS E 708 -55.55 -34.12 10.99
N VAL E 709 -55.71 -35.44 10.99
CA VAL E 709 -54.89 -36.29 11.82
C VAL E 709 -54.18 -37.36 10.98
N MET E 710 -52.86 -37.46 11.16
CA MET E 710 -52.02 -38.29 10.29
C MET E 710 -51.60 -39.66 10.91
N ALA E 711 -51.72 -40.72 10.10
CA ALA E 711 -51.37 -42.11 10.57
C ALA E 711 -49.97 -42.46 10.08
N ASP E 712 -49.12 -42.87 11.01
CA ASP E 712 -47.83 -43.25 10.63
C ASP E 712 -47.86 -44.64 10.06
N TRP E 713 -47.70 -44.76 8.74
CA TRP E 713 -47.69 -46.07 8.06
C TRP E 713 -46.27 -46.66 8.08
N VAL E 714 -46.09 -47.83 8.65
CA VAL E 714 -44.77 -48.33 8.91
C VAL E 714 -44.63 -49.68 8.28
N PRO E 715 -44.35 -49.71 6.98
CA PRO E 715 -44.29 -51.02 6.34
C PRO E 715 -42.95 -51.72 6.41
N ASP E 716 -41.93 -51.15 7.03
CA ASP E 716 -40.61 -51.70 6.81
C ASP E 716 -40.32 -52.99 7.56
N GLN E 717 -40.71 -53.03 8.83
CA GLN E 717 -40.35 -54.13 9.73
C GLN E 717 -41.40 -54.43 10.79
N MET E 718 -41.18 -55.57 11.45
CA MET E 718 -42.00 -56.03 12.60
C MET E 718 -41.07 -56.66 13.62
N TYR E 719 -41.47 -56.48 14.88
CA TYR E 719 -40.69 -56.92 16.01
C TYR E 719 -41.34 -58.05 16.78
N ALA E 720 -40.49 -58.89 17.37
CA ALA E 720 -40.93 -59.85 18.37
C ALA E 720 -42.10 -60.70 17.91
N LEU E 721 -41.96 -61.39 16.80
CA LEU E 721 -42.98 -62.34 16.44
C LEU E 721 -42.89 -63.55 17.38
N PRO E 722 -44.05 -64.01 17.87
CA PRO E 722 -44.18 -65.07 18.89
C PRO E 722 -43.76 -66.50 18.55
N GLU E 723 -44.01 -66.98 17.34
CA GLU E 723 -43.76 -68.36 16.95
C GLU E 723 -42.46 -68.59 16.21
N LYS E 724 -41.76 -69.67 16.54
CA LYS E 724 -40.52 -69.94 15.86
C LYS E 724 -40.68 -70.59 14.52
N GLU E 725 -39.73 -70.39 13.62
CA GLU E 725 -39.81 -71.02 12.32
C GLU E 725 -38.41 -71.29 11.84
N VAL E 726 -38.20 -72.30 11.03
CA VAL E 726 -36.84 -72.56 10.53
C VAL E 726 -36.74 -72.00 9.12
N VAL E 727 -35.66 -71.27 8.86
CA VAL E 727 -35.43 -70.75 7.56
C VAL E 727 -34.05 -71.18 7.10
N THR E 728 -33.79 -71.07 5.80
CA THR E 728 -32.42 -71.14 5.30
C THR E 728 -31.87 -69.74 5.28
N ALA E 729 -30.78 -69.54 6.00
CA ALA E 729 -30.30 -68.18 6.17
C ALA E 729 -28.86 -67.96 5.72
N THR E 730 -28.56 -66.71 5.33
CA THR E 730 -27.21 -66.29 5.00
C THR E 730 -26.93 -64.99 5.74
N ARG E 731 -25.68 -64.84 6.22
CA ARG E 731 -25.29 -63.60 6.91
C ARG E 731 -25.18 -62.53 5.83
N VAL E 732 -25.91 -61.44 5.97
CA VAL E 732 -25.75 -60.37 4.96
C VAL E 732 -25.58 -58.97 5.55
N ASP E 733 -25.00 -58.07 4.77
CA ASP E 733 -24.89 -56.70 5.21
C ASP E 733 -26.21 -55.98 4.97
N LYS E 734 -26.29 -54.70 5.27
CA LYS E 734 -27.51 -53.94 4.97
C LYS E 734 -28.18 -54.17 3.62
N TYR E 735 -27.38 -54.38 2.59
CA TYR E 735 -27.91 -54.40 1.28
C TYR E 735 -28.20 -55.81 0.96
N GLY E 736 -28.13 -56.73 1.92
CA GLY E 736 -28.33 -58.13 1.59
C GLY E 736 -27.15 -58.79 0.91
N THR E 737 -25.97 -58.18 0.81
CA THR E 737 -24.81 -58.94 0.31
C THR E 737 -24.20 -59.77 1.38
N PRO E 738 -23.99 -61.05 1.08
CA PRO E 738 -23.44 -62.02 2.03
C PRO E 738 -22.19 -61.51 2.68
N VAL E 739 -22.09 -61.50 4.01
CA VAL E 739 -20.89 -61.02 4.70
C VAL E 739 -19.59 -61.82 4.46
N ALA E 740 -18.47 -61.14 4.26
CA ALA E 740 -17.24 -61.89 4.01
C ALA E 740 -16.73 -62.68 5.21
N GLY E 741 -16.51 -63.97 4.96
CA GLY E 741 -15.97 -64.89 5.94
C GLY E 741 -16.90 -65.30 7.06
N SER E 742 -18.18 -65.00 6.92
CA SER E 742 -19.20 -65.44 7.88
C SER E 742 -19.40 -66.93 7.80
N GLN E 743 -19.97 -67.55 8.84
CA GLN E 743 -20.17 -69.03 8.86
C GLN E 743 -21.56 -69.50 8.46
N ILE E 744 -22.43 -68.54 8.17
CA ILE E 744 -23.84 -68.78 7.96
C ILE E 744 -24.17 -68.39 6.52
N LYS E 745 -24.20 -69.43 5.70
CA LYS E 745 -24.35 -69.31 4.26
C LYS E 745 -25.26 -70.43 3.84
N ASN E 746 -26.52 -70.10 3.52
CA ASN E 746 -27.59 -71.11 3.27
C ASN E 746 -27.66 -72.19 4.31
N THR E 747 -27.59 -71.80 5.57
CA THR E 747 -27.58 -72.79 6.61
C THR E 747 -28.88 -72.56 7.42
N LEU E 748 -29.45 -73.62 7.99
CA LEU E 748 -30.76 -73.46 8.60
C LEU E 748 -30.59 -72.66 9.84
N TYR E 749 -31.59 -71.87 10.14
CA TYR E 749 -31.55 -71.01 11.29
C TYR E 749 -32.98 -70.90 11.85
N VAL E 750 -33.10 -70.76 13.16
CA VAL E 750 -34.42 -70.69 13.82
C VAL E 750 -34.70 -69.25 14.12
N VAL E 751 -35.68 -68.69 13.45
CA VAL E 751 -35.98 -67.28 13.64
C VAL E 751 -37.28 -67.20 14.39
N ASP E 752 -37.58 -66.05 14.98
CA ASP E 752 -38.88 -65.81 15.58
C ASP E 752 -39.63 -65.13 14.48
N GLY E 753 -40.32 -65.95 13.68
CA GLY E 753 -40.83 -65.48 12.43
C GLY E 753 -42.30 -65.49 12.11
N LYS E 754 -43.13 -66.00 13.02
CA LYS E 754 -44.58 -66.09 12.85
C LYS E 754 -45.37 -65.34 13.91
N SER E 755 -46.44 -64.67 13.47
CA SER E 755 -47.39 -64.07 14.37
C SER E 755 -48.28 -65.20 14.90
N SER E 756 -49.14 -64.82 15.85
CA SER E 756 -49.99 -65.71 16.60
C SER E 756 -51.15 -66.29 15.84
N GLY E 757 -51.67 -65.64 14.84
CA GLY E 757 -52.77 -66.28 14.19
C GLY E 757 -54.03 -65.98 14.94
N LYS E 758 -53.94 -65.23 16.04
CA LYS E 758 -55.09 -64.93 16.85
C LYS E 758 -55.15 -63.46 17.20
N ASP E 759 -54.31 -62.65 16.59
CA ASP E 759 -54.22 -61.21 16.96
C ASP E 759 -55.23 -60.41 16.18
N GLN E 760 -55.04 -59.10 16.17
CA GLN E 760 -55.83 -58.26 15.27
C GLN E 760 -55.49 -58.49 13.79
N GLN E 761 -54.25 -58.90 13.52
CA GLN E 761 -53.86 -59.16 12.16
C GLN E 761 -54.76 -60.29 11.66
N ALA E 762 -55.06 -61.25 12.52
CA ALA E 762 -55.80 -62.43 12.04
C ALA E 762 -57.23 -61.99 11.80
N LYS E 763 -57.63 -60.94 12.46
CA LYS E 763 -58.94 -60.43 12.27
C LYS E 763 -59.11 -59.52 11.05
N TYR E 764 -58.17 -58.61 10.79
CA TYR E 764 -58.36 -57.66 9.73
C TYR E 764 -57.53 -57.95 8.57
N GLY E 765 -56.65 -58.92 8.64
CA GLY E 765 -55.73 -59.11 7.53
C GLY E 765 -56.45 -59.38 6.21
N GLY E 766 -56.28 -58.49 5.24
CA GLY E 766 -56.90 -58.69 3.91
C GLY E 766 -58.42 -58.64 3.96
N ALA E 767 -58.93 -58.22 5.10
CA ALA E 767 -60.37 -58.16 5.29
C ALA E 767 -61.05 -57.17 4.38
N PHE E 768 -60.32 -56.24 3.77
CA PHE E 768 -60.94 -55.21 2.91
C PHE E 768 -60.55 -55.30 1.48
N LEU E 769 -59.79 -56.33 1.13
CA LEU E 769 -59.39 -56.48 -0.27
C LEU E 769 -60.57 -56.61 -1.22
N GLU E 770 -61.66 -57.22 -0.81
CA GLU E 770 -62.61 -57.42 -1.89
C GLU E 770 -63.41 -56.17 -2.21
N GLU E 771 -63.57 -55.36 -1.18
CA GLU E 771 -64.16 -54.07 -1.38
C GLU E 771 -63.23 -53.15 -2.14
N LEU E 772 -61.93 -53.19 -1.84
CA LEU E 772 -60.96 -52.32 -2.53
C LEU E 772 -60.92 -52.68 -4.00
N GLN E 773 -60.88 -53.96 -4.30
CA GLN E 773 -60.80 -54.34 -5.68
C GLN E 773 -62.06 -53.97 -6.44
N ALA E 774 -63.20 -54.02 -5.75
CA ALA E 774 -64.49 -53.69 -6.34
C ALA E 774 -64.59 -52.22 -6.72
N LYS E 775 -64.29 -51.31 -5.81
CA LYS E 775 -64.34 -49.91 -6.10
C LYS E 775 -63.16 -49.36 -6.90
N TYR E 776 -61.95 -49.88 -6.70
CA TYR E 776 -60.76 -49.28 -7.30
C TYR E 776 -59.89 -50.30 -7.98
N PRO E 777 -60.44 -50.92 -9.04
CA PRO E 777 -59.76 -52.00 -9.74
C PRO E 777 -58.39 -51.60 -10.39
N GLU E 778 -58.21 -50.35 -10.81
CA GLU E 778 -56.98 -50.02 -11.45
C GLU E 778 -55.86 -50.30 -10.50
N LEU E 779 -56.02 -49.98 -9.21
CA LEU E 779 -54.93 -50.28 -8.27
C LEU E 779 -54.44 -51.72 -8.39
N PHE E 780 -55.32 -52.66 -8.63
CA PHE E 780 -54.84 -54.02 -8.72
C PHE E 780 -54.48 -54.44 -10.12
N ALA E 781 -54.62 -53.53 -11.09
CA ALA E 781 -54.20 -53.84 -12.49
C ALA E 781 -52.80 -53.28 -12.78
N ARG E 782 -52.41 -52.22 -12.06
CA ARG E 782 -51.10 -51.63 -12.19
C ARG E 782 -49.99 -52.66 -11.98
N LYS E 783 -49.04 -52.57 -12.90
CA LYS E 783 -47.90 -53.40 -12.87
C LYS E 783 -46.79 -52.72 -12.14
N GLN E 784 -46.46 -53.22 -10.95
CA GLN E 784 -45.60 -52.49 -10.05
C GLN E 784 -44.23 -52.46 -10.68
N ILE E 785 -43.50 -51.37 -10.52
CA ILE E 785 -42.30 -51.24 -11.28
C ILE E 785 -41.27 -52.32 -10.88
N SER E 786 -41.08 -52.54 -9.61
CA SER E 786 -40.00 -53.41 -9.16
C SER E 786 -40.21 -54.85 -9.55
N THR E 787 -41.44 -55.28 -9.55
CA THR E 787 -41.75 -56.67 -9.84
C THR E 787 -42.25 -56.88 -11.25
N GLY E 788 -42.74 -55.83 -11.88
CA GLY E 788 -43.37 -55.93 -13.16
C GLY E 788 -44.79 -56.52 -13.13
N VAL E 789 -45.37 -56.71 -11.97
CA VAL E 789 -46.62 -57.43 -11.94
C VAL E 789 -47.55 -56.76 -10.94
N PRO E 790 -48.82 -57.18 -10.94
CA PRO E 790 -49.82 -56.53 -10.14
C PRO E 790 -49.80 -57.05 -8.76
N MET E 791 -50.38 -56.34 -7.82
CA MET E 791 -50.48 -56.81 -6.46
C MET E 791 -51.30 -58.10 -6.46
N ASP E 792 -51.14 -58.97 -5.49
CA ASP E 792 -51.88 -60.20 -5.51
C ASP E 792 -52.78 -60.30 -4.28
N PRO E 793 -54.05 -59.89 -4.44
CA PRO E 793 -55.02 -59.95 -3.35
C PRO E 793 -55.65 -61.33 -3.21
N SER E 794 -55.13 -62.37 -3.86
CA SER E 794 -55.89 -63.60 -3.82
C SER E 794 -55.62 -64.34 -2.51
N VAL E 795 -54.65 -63.89 -1.74
CA VAL E 795 -54.44 -64.58 -0.50
C VAL E 795 -54.32 -63.54 0.54
N LYS E 796 -54.93 -63.78 1.68
CA LYS E 796 -54.88 -62.85 2.78
C LYS E 796 -53.82 -63.15 3.76
N ILE E 797 -53.16 -62.13 4.32
CA ILE E 797 -52.23 -62.42 5.40
C ILE E 797 -52.91 -62.44 6.79
N LYS E 798 -53.22 -63.64 7.29
CA LYS E 798 -53.80 -63.75 8.61
C LYS E 798 -52.67 -64.02 9.63
N GLN E 799 -51.61 -64.63 9.10
CA GLN E 799 -50.54 -64.96 9.95
C GLN E 799 -49.25 -64.74 9.21
N TRP E 800 -48.41 -63.89 9.80
CA TRP E 800 -47.12 -63.56 9.21
C TRP E 800 -46.23 -64.77 9.32
N SER E 801 -45.41 -65.03 8.31
CA SER E 801 -44.41 -66.04 8.48
C SER E 801 -43.27 -65.75 7.52
N ALA E 802 -42.15 -66.45 7.69
CA ALA E 802 -40.92 -66.17 6.97
C ALA E 802 -41.08 -65.90 5.47
N LYS E 803 -42.02 -66.56 4.82
CA LYS E 803 -42.15 -66.37 3.38
C LYS E 803 -42.53 -64.95 2.98
N TYR E 804 -43.07 -64.20 3.93
CA TYR E 804 -43.39 -62.77 3.70
C TYR E 804 -42.28 -61.81 4.04
N PHE E 805 -41.13 -62.31 4.48
CA PHE E 805 -40.06 -61.47 4.97
C PHE E 805 -38.79 -61.66 4.18
N ASN E 806 -37.99 -60.61 4.13
CA ASN E 806 -36.67 -60.68 3.57
C ASN E 806 -35.67 -61.36 4.44
N GLY E 807 -35.79 -61.17 5.75
CA GLY E 807 -34.87 -61.76 6.69
C GLY E 807 -35.07 -61.02 7.98
N THR E 808 -34.06 -61.08 8.84
CA THR E 808 -34.16 -60.66 10.26
C THR E 808 -32.80 -60.21 10.74
N ASN E 809 -32.75 -59.34 11.73
CA ASN E 809 -31.47 -59.07 12.37
C ASN E 809 -30.96 -60.34 13.16
N ILE E 810 -29.66 -60.57 13.21
CA ILE E 810 -29.15 -61.78 13.86
C ILE E 810 -29.67 -61.94 15.29
N LEU E 811 -29.96 -63.17 15.73
CA LEU E 811 -30.63 -63.38 17.00
C LEU E 811 -29.78 -64.03 18.03
N GLY E 812 -28.54 -64.37 17.68
CA GLY E 812 -27.59 -64.93 18.64
C GLY E 812 -27.92 -66.35 19.06
N ARG E 813 -28.40 -67.12 18.09
CA ARG E 813 -28.74 -68.50 18.31
C ARG E 813 -27.65 -69.42 17.78
N GLY E 814 -26.79 -68.89 16.92
CA GLY E 814 -25.65 -69.59 16.44
C GLY E 814 -25.85 -70.23 15.09
N ALA E 815 -24.75 -70.49 14.40
CA ALA E 815 -24.78 -71.17 13.11
C ALA E 815 -25.08 -72.67 13.18
N GLY E 816 -25.09 -73.27 14.38
CA GLY E 816 -25.30 -74.69 14.51
C GLY E 816 -26.46 -75.08 15.38
N TYR E 817 -27.37 -74.18 15.66
CA TYR E 817 -28.47 -74.45 16.59
C TYR E 817 -29.44 -75.54 16.08
N VAL E 818 -29.60 -75.62 14.75
CA VAL E 818 -30.43 -76.68 14.20
C VAL E 818 -29.57 -77.95 14.03
N LEU E 819 -29.97 -78.98 14.73
CA LEU E 819 -29.12 -80.13 14.90
C LEU E 819 -28.86 -80.99 13.66
N LYS E 820 -27.59 -81.33 13.49
CA LYS E 820 -27.02 -81.91 12.31
C LYS E 820 -26.29 -83.13 12.72
N ASP E 821 -26.23 -84.11 11.85
CA ASP E 821 -25.38 -85.25 12.12
C ASP E 821 -24.00 -84.91 11.55
N GLN E 822 -23.00 -84.81 12.41
CA GLN E 822 -21.66 -84.39 11.97
C GLN E 822 -21.10 -85.42 10.95
N ALA E 823 -21.13 -86.72 11.32
CA ALA E 823 -20.71 -87.82 10.40
C ALA E 823 -21.03 -87.54 8.89
N THR E 824 -22.32 -87.33 8.57
CA THR E 824 -22.83 -87.30 7.20
C THR E 824 -23.30 -85.92 6.89
N ASN E 825 -22.98 -84.97 7.77
CA ASN E 825 -23.37 -83.58 7.54
C ASN E 825 -24.81 -83.36 7.08
N THR E 826 -25.79 -83.92 7.77
CA THR E 826 -27.17 -83.85 7.28
C THR E 826 -28.06 -83.36 8.42
N TYR E 827 -28.99 -82.44 8.18
CA TYR E 827 -29.89 -82.13 9.27
C TYR E 827 -30.70 -83.37 9.68
N PHE E 828 -30.99 -83.47 10.97
CA PHE E 828 -31.93 -84.45 11.45
C PHE E 828 -33.29 -83.99 11.02
N SER E 829 -34.18 -84.89 10.67
CA SER E 829 -35.51 -84.49 10.22
C SER E 829 -36.59 -85.36 10.83
N LEU E 830 -37.77 -84.81 11.03
CA LEU E 830 -38.90 -85.61 11.50
C LEU E 830 -40.10 -85.71 10.56
N VAL E 831 -40.02 -85.26 9.30
CA VAL E 831 -41.20 -85.39 8.40
C VAL E 831 -41.38 -86.90 8.11
N SER E 832 -42.61 -87.36 7.85
CA SER E 832 -42.90 -88.84 8.02
C SER E 832 -42.21 -89.73 6.96
N ASP E 833 -42.31 -89.32 5.67
CA ASP E 833 -41.66 -90.08 4.58
C ASP E 833 -40.17 -90.13 4.91
N ASN E 834 -39.67 -88.94 5.26
CA ASN E 834 -38.26 -88.71 5.35
C ASN E 834 -37.62 -88.58 6.76
N THR E 835 -37.78 -89.59 7.62
CA THR E 835 -37.26 -89.42 8.99
C THR E 835 -35.82 -89.77 9.12
N PHE E 836 -35.03 -88.83 9.66
CA PHE E 836 -33.61 -89.06 9.99
C PHE E 836 -33.31 -88.56 11.44
N LEU E 837 -32.96 -89.45 12.36
CA LEU E 837 -32.64 -89.06 13.76
C LEU E 837 -31.27 -89.62 14.21
N PRO E 838 -30.75 -89.16 15.36
CA PRO E 838 -29.40 -89.61 15.76
C PRO E 838 -29.44 -91.08 16.15
N LYS E 839 -28.44 -91.79 15.66
CA LYS E 839 -28.49 -93.19 15.57
C LYS E 839 -28.65 -93.77 16.98
N SER E 840 -28.10 -93.07 17.96
CA SER E 840 -28.09 -93.59 19.31
C SER E 840 -29.50 -93.56 19.89
N LEU E 841 -30.27 -92.56 19.46
CA LEU E 841 -31.68 -92.38 19.92
C LEU E 841 -32.76 -93.32 19.32
N VAL E 842 -32.49 -93.83 18.11
CA VAL E 842 -33.39 -94.77 17.46
C VAL E 842 -32.86 -96.18 17.45
N ASN E 843 -31.58 -96.34 17.13
CA ASN E 843 -31.06 -97.71 17.04
C ASN E 843 -29.83 -98.01 17.92
N PRO E 844 -30.04 -97.91 19.24
CA PRO E 844 -29.00 -98.14 20.23
C PRO E 844 -28.57 -99.64 20.21
N SER F 1 -75.16 64.60 -48.05
CA SER F 1 -76.36 65.47 -48.44
C SER F 1 -77.56 64.48 -48.47
N PHE F 2 -77.24 63.25 -48.82
CA PHE F 2 -78.03 62.13 -48.38
C PHE F 2 -77.46 61.90 -46.98
N ALA F 3 -76.43 62.73 -46.64
CA ALA F 3 -75.62 62.45 -45.43
C ALA F 3 -76.63 62.44 -44.32
N GLN F 4 -77.35 63.57 -44.31
CA GLN F 4 -78.46 63.80 -43.40
C GLN F 4 -79.50 62.66 -43.39
N TYR F 5 -80.21 62.45 -44.52
CA TYR F 5 -81.20 61.37 -44.55
C TYR F 5 -80.67 60.02 -44.11
N ASN F 6 -79.33 59.90 -44.18
CA ASN F 6 -78.65 58.62 -44.04
C ASN F 6 -78.15 58.23 -42.63
N GLN F 7 -77.71 59.25 -41.91
CA GLN F 7 -77.25 59.09 -40.53
C GLN F 7 -78.17 58.15 -39.74
N VAL F 8 -77.64 57.61 -38.65
CA VAL F 8 -78.38 56.67 -37.83
C VAL F 8 -79.68 57.30 -37.21
N TYR F 9 -80.69 56.43 -37.09
CA TYR F 9 -81.96 56.77 -36.47
C TYR F 9 -81.79 57.19 -34.99
N SER F 10 -80.91 56.49 -34.27
CA SER F 10 -80.71 56.76 -32.85
C SER F 10 -79.58 55.87 -32.33
N THR F 11 -78.83 56.31 -31.33
CA THR F 11 -77.65 55.52 -31.02
C THR F 11 -77.87 54.29 -30.12
N ASP F 12 -79.12 53.83 -29.96
CA ASP F 12 -79.33 52.63 -29.13
C ASP F 12 -78.81 51.42 -29.83
N ALA F 13 -78.27 50.51 -29.03
CA ALA F 13 -77.73 49.31 -29.61
C ALA F 13 -78.89 48.68 -30.34
N ALA F 14 -80.08 49.00 -29.84
CA ALA F 14 -81.30 48.53 -30.45
C ALA F 14 -81.31 48.83 -31.97
N ASN F 15 -80.89 50.05 -32.34
CA ASN F 15 -80.85 50.45 -33.75
C ASN F 15 -79.93 49.70 -34.73
N PHE F 16 -79.12 48.74 -34.22
CA PHE F 16 -78.13 48.02 -35.06
C PHE F 16 -78.14 46.56 -34.80
N GLU F 17 -77.52 45.84 -35.72
CA GLU F 17 -77.09 44.46 -35.54
C GLU F 17 -75.65 44.55 -35.10
N HIS F 18 -75.40 44.20 -33.84
CA HIS F 18 -74.10 44.35 -33.23
C HIS F 18 -73.81 43.02 -32.56
N VAL F 19 -72.59 42.80 -32.14
CA VAL F 19 -72.30 41.56 -31.45
C VAL F 19 -71.62 41.94 -30.15
N ASP F 20 -72.25 41.61 -29.02
CA ASP F 20 -71.74 42.08 -27.74
C ASP F 20 -71.46 43.59 -27.74
N HIS F 21 -72.23 44.35 -28.51
CA HIS F 21 -72.07 45.81 -28.62
C HIS F 21 -70.91 46.29 -29.48
N TYR F 22 -70.42 45.41 -30.37
CA TYR F 22 -69.42 45.78 -31.38
C TYR F 22 -70.05 45.78 -32.76
N LEU F 23 -69.41 46.46 -33.71
CA LEU F 23 -69.94 46.41 -35.06
C LEU F 23 -69.08 45.52 -35.95
N THR F 24 -69.71 44.76 -36.83
CA THR F 24 -68.95 43.94 -37.79
C THR F 24 -69.17 44.40 -39.21
N ALA F 25 -68.23 44.08 -40.08
CA ALA F 25 -68.31 44.52 -41.46
C ALA F 25 -69.59 44.00 -42.12
N GLU F 26 -70.36 43.19 -41.42
CA GLU F 26 -71.62 42.75 -42.00
C GLU F 26 -72.81 43.29 -41.22
N SER F 27 -72.60 44.37 -40.47
CA SER F 27 -73.71 44.92 -39.70
C SER F 27 -74.64 45.77 -40.55
N TRP F 28 -75.95 45.56 -40.35
CA TRP F 28 -76.99 46.43 -40.89
C TRP F 28 -77.55 47.28 -39.76
N TYR F 29 -78.28 48.33 -40.12
CA TYR F 29 -78.84 49.23 -39.10
C TYR F 29 -80.06 49.95 -39.60
N ARG F 30 -80.63 50.80 -38.76
CA ARG F 30 -81.75 51.65 -39.17
C ARG F 30 -81.37 53.12 -39.21
N PRO F 31 -81.67 53.79 -40.33
CA PRO F 31 -81.39 55.21 -40.49
C PRO F 31 -82.67 56.07 -40.47
N LYS F 32 -82.54 57.36 -40.19
CA LYS F 32 -83.70 58.25 -40.07
C LYS F 32 -84.70 58.10 -41.22
N TYR F 33 -84.19 57.81 -42.41
CA TYR F 33 -85.06 57.52 -43.55
C TYR F 33 -84.65 56.27 -44.33
N ILE F 34 -85.43 55.99 -45.37
CA ILE F 34 -85.11 54.97 -46.36
C ILE F 34 -85.59 55.57 -47.66
N LEU F 35 -84.81 55.50 -48.73
CA LEU F 35 -85.34 56.06 -50.01
C LEU F 35 -86.25 54.98 -50.67
N LYS F 36 -87.55 55.31 -50.77
CA LYS F 36 -88.60 54.30 -51.09
C LYS F 36 -88.68 54.05 -52.59
N ASP F 37 -88.13 52.90 -53.01
CA ASP F 37 -88.15 52.57 -54.42
C ASP F 37 -87.43 53.76 -55.19
N GLY F 38 -86.10 53.91 -54.83
CA GLY F 38 -85.31 55.06 -55.35
C GLY F 38 -86.11 56.32 -55.63
N LYS F 39 -87.31 56.40 -55.04
CA LYS F 39 -88.22 57.51 -55.37
C LYS F 39 -88.42 58.53 -54.26
N THR F 40 -89.06 58.13 -53.16
CA THR F 40 -89.25 59.07 -52.05
C THR F 40 -88.54 58.71 -50.73
N TRP F 41 -88.06 59.76 -50.09
CA TRP F 41 -87.59 59.75 -48.72
C TRP F 41 -88.78 59.55 -47.78
N THR F 42 -88.74 58.48 -46.99
CA THR F 42 -89.73 58.28 -45.93
C THR F 42 -89.05 57.76 -44.65
N GLN F 43 -89.71 57.96 -43.51
CA GLN F 43 -89.16 57.58 -42.18
C GLN F 43 -89.09 56.03 -42.01
N SER F 44 -87.92 55.49 -41.70
CA SER F 44 -87.80 54.06 -41.53
C SER F 44 -88.76 53.49 -40.47
N THR F 45 -88.93 52.17 -40.47
CA THR F 45 -89.45 51.44 -39.30
C THR F 45 -88.47 50.33 -38.90
N GLU F 46 -88.77 49.68 -37.79
CA GLU F 46 -87.90 48.66 -37.21
C GLU F 46 -87.62 47.58 -38.25
N LYS F 47 -88.44 47.59 -39.32
CA LYS F 47 -88.25 46.64 -40.43
C LYS F 47 -87.28 47.21 -41.48
N ASP F 48 -87.31 48.54 -41.69
CA ASP F 48 -86.43 49.26 -42.64
C ASP F 48 -84.89 49.24 -42.37
N PHE F 49 -84.36 48.09 -41.95
CA PHE F 49 -82.90 47.85 -41.69
C PHE F 49 -82.06 47.88 -43.00
N ARG F 50 -80.86 48.48 -42.95
CA ARG F 50 -80.00 48.58 -44.15
C ARG F 50 -78.52 48.33 -43.84
N PRO F 51 -77.82 47.57 -44.72
CA PRO F 51 -76.39 47.31 -44.49
C PRO F 51 -75.52 48.58 -44.40
N LEU F 52 -74.64 48.60 -43.41
CA LEU F 52 -73.75 49.74 -43.13
C LEU F 52 -72.99 50.17 -44.33
N LEU F 53 -72.51 49.18 -45.07
CA LEU F 53 -71.54 49.44 -46.10
C LEU F 53 -72.17 50.18 -47.25
N MET F 54 -73.50 50.22 -47.24
CA MET F 54 -74.24 50.97 -48.25
C MET F 54 -73.93 52.45 -48.14
N THR F 55 -73.53 52.88 -46.93
CA THR F 55 -73.33 54.34 -46.62
C THR F 55 -72.11 54.68 -45.72
N TRP F 56 -71.31 53.68 -45.35
CA TRP F 56 -70.08 53.97 -44.61
C TRP F 56 -69.04 52.90 -44.95
N TRP F 57 -67.79 53.36 -45.07
CA TRP F 57 -66.67 52.49 -45.37
C TRP F 57 -65.56 52.86 -44.42
N PRO F 58 -64.70 51.89 -44.04
CA PRO F 58 -63.60 52.16 -43.10
C PRO F 58 -62.43 52.88 -43.78
N ASP F 59 -62.62 53.18 -45.05
CA ASP F 59 -61.68 53.97 -45.84
C ASP F 59 -62.13 53.84 -47.30
N GLN F 60 -61.83 54.88 -48.11
CA GLN F 60 -62.12 54.88 -49.55
C GLN F 60 -61.61 53.62 -50.33
N GLU F 61 -60.45 53.06 -49.96
CA GLU F 61 -60.00 51.88 -50.69
C GLU F 61 -61.18 50.96 -50.71
N THR F 62 -61.48 50.45 -49.52
CA THR F 62 -62.65 49.65 -49.30
C THR F 62 -63.94 50.22 -49.96
N GLN F 63 -64.19 51.52 -49.90
CA GLN F 63 -65.39 52.01 -50.60
C GLN F 63 -65.34 51.69 -52.11
N ARG F 64 -64.21 52.03 -52.73
CA ARG F 64 -64.11 52.01 -54.19
C ARG F 64 -64.42 50.64 -54.71
N GLN F 65 -63.82 49.68 -54.02
CA GLN F 65 -63.98 48.29 -54.37
C GLN F 65 -65.43 47.98 -54.16
N TYR F 66 -66.02 48.58 -53.14
CA TYR F 66 -67.41 48.32 -52.87
C TYR F 66 -68.23 48.75 -54.11
N VAL F 67 -68.11 50.03 -54.44
CA VAL F 67 -68.81 50.63 -55.55
C VAL F 67 -68.56 49.90 -56.86
N ASN F 68 -67.37 49.30 -56.96
CA ASN F 68 -66.97 48.56 -58.14
C ASN F 68 -67.75 47.29 -58.19
N TYR F 69 -67.41 46.45 -57.24
CA TYR F 69 -68.09 45.21 -57.07
C TYR F 69 -69.60 45.35 -57.27
N MET F 70 -70.15 46.50 -56.89
CA MET F 70 -71.61 46.68 -56.86
C MET F 70 -72.28 47.24 -58.16
N ASN F 71 -71.50 47.90 -59.00
CA ASN F 71 -71.91 48.17 -60.37
C ASN F 71 -72.00 46.85 -61.13
N ALA F 72 -71.02 45.98 -60.84
CA ALA F 72 -71.03 44.61 -61.33
C ALA F 72 -72.33 43.91 -60.93
N GLN F 73 -72.66 43.92 -59.66
CA GLN F 73 -73.95 43.32 -59.25
C GLN F 73 -75.20 43.89 -59.95
N LEU F 74 -75.29 45.21 -60.11
CA LEU F 74 -76.54 45.80 -60.59
C LEU F 74 -76.34 46.27 -62.01
N GLY F 75 -75.54 45.49 -62.73
CA GLY F 75 -75.22 45.78 -64.11
C GLY F 75 -75.06 47.26 -64.38
N ILE F 76 -74.55 48.02 -63.39
CA ILE F 76 -74.19 49.42 -63.69
C ILE F 76 -72.77 49.26 -64.18
N HIS F 77 -72.56 49.75 -65.41
CA HIS F 77 -71.24 49.52 -66.01
C HIS F 77 -69.93 50.31 -65.70
N GLN F 78 -69.94 51.68 -65.91
CA GLN F 78 -68.79 52.49 -65.41
C GLN F 78 -68.02 51.66 -64.29
N THR F 79 -66.72 51.98 -64.18
CA THR F 79 -65.73 51.43 -63.18
C THR F 79 -64.72 52.52 -62.74
N TYR F 80 -64.04 52.30 -61.60
CA TYR F 80 -63.15 53.32 -61.00
C TYR F 80 -61.82 52.75 -60.48
N ASN F 81 -60.72 53.36 -60.93
CA ASN F 81 -59.36 53.01 -60.49
C ASN F 81 -58.92 53.74 -59.20
N THR F 82 -57.60 54.04 -59.08
CA THR F 82 -57.07 54.82 -57.91
C THR F 82 -57.21 56.36 -58.21
N ALA F 83 -57.16 56.77 -59.47
CA ALA F 83 -57.21 58.20 -59.71
C ALA F 83 -58.57 58.83 -59.29
N THR F 84 -59.42 58.01 -58.63
CA THR F 84 -60.86 58.37 -58.46
C THR F 84 -61.15 59.41 -57.36
N SER F 85 -61.57 60.60 -57.78
CA SER F 85 -61.91 61.63 -56.81
C SER F 85 -62.94 61.03 -55.86
N PRO F 86 -63.02 61.58 -54.63
CA PRO F 86 -63.94 60.83 -53.76
C PRO F 86 -65.45 61.24 -53.92
N LEU F 87 -65.73 62.46 -54.43
CA LEU F 87 -67.13 62.91 -54.72
C LEU F 87 -67.90 61.99 -55.66
N GLN F 88 -67.22 61.51 -56.71
CA GLN F 88 -67.85 60.58 -57.66
C GLN F 88 -68.15 59.30 -56.95
N LEU F 89 -67.23 58.88 -56.11
CA LEU F 89 -67.42 57.65 -55.37
C LEU F 89 -68.75 57.71 -54.66
N ASN F 90 -69.09 58.93 -54.24
CA ASN F 90 -70.16 59.12 -53.30
C ASN F 90 -71.55 59.33 -53.95
N LEU F 91 -71.57 59.79 -55.20
CA LEU F 91 -72.76 59.67 -56.07
C LEU F 91 -72.95 58.21 -56.55
N ALA F 92 -71.84 57.51 -56.73
CA ALA F 92 -71.86 56.12 -57.12
C ALA F 92 -72.57 55.29 -56.04
N ALA F 93 -72.28 55.56 -54.77
CA ALA F 93 -72.91 54.85 -53.64
C ALA F 93 -74.40 55.19 -53.54
N GLN F 94 -74.69 56.44 -53.86
CA GLN F 94 -76.08 56.90 -53.98
C GLN F 94 -76.84 56.05 -55.04
N THR F 95 -76.53 56.30 -56.33
CA THR F 95 -77.21 55.57 -57.36
C THR F 95 -77.39 54.08 -57.00
N ILE F 96 -76.29 53.40 -56.71
CA ILE F 96 -76.33 52.05 -56.17
C ILE F 96 -77.51 51.90 -55.20
N GLN F 97 -77.67 52.92 -54.36
CA GLN F 97 -78.74 53.00 -53.35
C GLN F 97 -80.13 53.02 -53.95
N THR F 98 -80.37 53.93 -54.89
CA THR F 98 -81.65 53.89 -55.58
C THR F 98 -82.00 52.48 -56.13
N LYS F 99 -81.17 51.95 -57.02
CA LYS F 99 -81.44 50.64 -57.62
C LYS F 99 -81.62 49.62 -56.53
N ILE F 100 -80.79 49.69 -55.49
CA ILE F 100 -80.97 48.75 -54.41
C ILE F 100 -82.42 48.77 -53.95
N GLU F 101 -82.97 49.98 -53.80
CA GLU F 101 -84.38 50.15 -53.41
C GLU F 101 -85.58 49.82 -54.32
N GLU F 102 -85.60 50.45 -55.52
CA GLU F 102 -86.28 49.95 -56.71
C GLU F 102 -86.36 48.43 -56.76
N LYS F 103 -85.28 47.75 -56.35
CA LYS F 103 -85.12 46.30 -56.51
C LYS F 103 -85.77 45.44 -55.41
N ILE F 104 -85.70 45.91 -54.15
CA ILE F 104 -86.41 45.32 -52.98
C ILE F 104 -87.91 45.51 -53.19
N THR F 105 -88.30 46.73 -53.55
CA THR F 105 -89.68 47.02 -53.97
C THR F 105 -90.12 46.05 -55.05
N ALA F 106 -89.23 45.79 -56.02
CA ALA F 106 -89.47 44.80 -57.09
C ALA F 106 -89.47 43.38 -56.53
N GLU F 107 -88.49 43.11 -55.67
CA GLU F 107 -88.26 41.77 -55.13
C GLU F 107 -89.06 41.48 -53.85
N LYS F 108 -89.90 42.48 -53.46
CA LYS F 108 -90.64 42.49 -52.16
C LYS F 108 -89.78 42.10 -50.91
N ASN F 109 -88.51 41.74 -51.14
CA ASN F 109 -87.57 41.50 -50.03
C ASN F 109 -86.20 42.20 -50.23
N THR F 110 -85.27 41.93 -49.31
CA THR F 110 -83.89 42.36 -49.43
C THR F 110 -83.07 41.14 -49.14
N ASN F 111 -83.73 39.99 -49.01
CA ASN F 111 -82.96 38.77 -48.86
C ASN F 111 -81.80 38.67 -49.85
N TRP F 112 -81.99 39.26 -51.03
CA TRP F 112 -80.94 39.27 -52.06
C TRP F 112 -79.68 40.05 -51.66
N LEU F 113 -79.90 41.30 -51.23
CA LEU F 113 -78.84 42.22 -50.81
C LEU F 113 -77.94 41.68 -49.68
N ARG F 114 -78.52 41.06 -48.67
CA ARG F 114 -77.70 40.40 -47.66
C ARG F 114 -76.63 39.53 -48.33
N GLN F 115 -77.09 38.67 -49.23
CA GLN F 115 -76.21 37.82 -50.00
C GLN F 115 -75.14 38.70 -50.67
N THR F 116 -75.56 39.63 -51.53
CA THR F 116 -74.58 40.47 -52.21
C THR F 116 -73.48 41.07 -51.27
N ILE F 117 -73.91 41.76 -50.20
CA ILE F 117 -72.97 42.37 -49.25
C ILE F 117 -71.94 41.36 -48.75
N SER F 118 -72.44 40.31 -48.08
CA SER F 118 -71.59 39.27 -47.50
C SER F 118 -70.52 38.88 -48.51
N ALA F 119 -70.97 38.70 -49.75
CA ALA F 119 -70.07 38.26 -50.81
C ALA F 119 -69.03 39.34 -50.97
N PHE F 120 -69.43 40.60 -50.90
CA PHE F 120 -68.44 41.64 -50.99
C PHE F 120 -67.44 41.62 -49.82
N VAL F 121 -67.96 41.53 -48.61
CA VAL F 121 -67.10 41.56 -47.46
C VAL F 121 -65.95 40.59 -47.63
N LYS F 122 -66.27 39.40 -48.12
CA LYS F 122 -65.30 38.28 -48.16
C LYS F 122 -64.16 38.48 -49.21
N THR F 123 -64.37 39.39 -50.16
CA THR F 123 -63.34 39.70 -51.13
C THR F 123 -62.20 40.48 -50.51
N GLN F 124 -62.38 40.96 -49.26
CA GLN F 124 -61.43 41.90 -48.62
C GLN F 124 -60.51 41.34 -47.52
N SER F 125 -59.21 41.52 -47.78
CA SER F 125 -58.16 40.90 -46.99
C SER F 125 -58.33 41.01 -45.48
N ALA F 126 -58.64 42.17 -44.97
CA ALA F 126 -58.89 42.25 -43.55
C ALA F 126 -60.21 41.57 -43.23
N TRP F 127 -60.95 41.05 -44.22
CA TRP F 127 -62.12 40.25 -43.87
C TRP F 127 -62.10 38.84 -44.46
N ASN F 128 -60.90 38.29 -44.55
CA ASN F 128 -60.57 37.10 -45.34
C ASN F 128 -59.67 36.26 -44.56
N SER F 129 -59.29 35.11 -45.10
CA SER F 129 -58.27 34.29 -44.44
C SER F 129 -56.89 34.91 -44.66
N ASP F 130 -56.80 35.90 -45.51
CA ASP F 130 -55.52 36.47 -45.77
C ASP F 130 -54.91 37.02 -44.50
N SER F 131 -55.75 37.52 -43.61
CA SER F 131 -55.31 38.03 -42.33
C SER F 131 -55.15 36.91 -41.29
N GLU F 132 -55.53 35.71 -41.68
CA GLU F 132 -55.52 34.65 -40.71
C GLU F 132 -54.30 33.79 -41.00
N LYS F 133 -53.65 34.08 -42.12
CA LYS F 133 -52.43 33.38 -42.46
C LYS F 133 -51.34 33.87 -41.53
N PRO F 134 -50.15 33.18 -41.50
CA PRO F 134 -49.84 31.88 -42.15
C PRO F 134 -50.64 30.77 -41.53
N PHE F 135 -50.99 29.77 -42.31
CA PHE F 135 -51.76 28.65 -41.77
C PHE F 135 -50.82 27.71 -41.04
N ASP F 136 -51.36 26.77 -40.27
CA ASP F 136 -50.49 25.85 -39.57
C ASP F 136 -51.11 24.47 -39.62
N ASP F 137 -50.53 23.50 -38.93
CA ASP F 137 -50.88 22.16 -39.28
C ASP F 137 -52.09 21.64 -38.48
N HIS F 138 -52.83 22.54 -37.84
CA HIS F 138 -54.15 22.21 -37.27
C HIS F 138 -55.00 21.65 -38.40
N LEU F 139 -55.80 20.62 -38.12
CA LEU F 139 -56.63 19.99 -39.17
C LEU F 139 -57.46 20.93 -40.00
N GLN F 140 -57.87 22.03 -39.41
CA GLN F 140 -58.64 23.00 -40.15
C GLN F 140 -57.81 24.26 -40.36
N LYS F 141 -56.48 24.11 -40.33
CA LYS F 141 -55.59 25.18 -40.78
C LYS F 141 -55.12 26.27 -39.78
N GLY F 142 -55.92 26.54 -38.74
CA GLY F 142 -55.50 27.46 -37.73
C GLY F 142 -56.42 27.45 -36.55
N ALA F 143 -55.88 27.79 -35.40
CA ALA F 143 -56.72 28.04 -34.24
C ALA F 143 -56.61 29.47 -33.76
N LEU F 144 -57.55 29.81 -32.87
CA LEU F 144 -57.61 31.09 -32.17
C LEU F 144 -57.69 30.81 -30.68
N LEU F 145 -56.78 31.41 -29.93
CA LEU F 145 -56.76 31.27 -28.48
C LEU F 145 -57.45 32.46 -27.77
N TYR F 146 -58.42 32.16 -26.89
CA TYR F 146 -59.20 33.22 -26.22
C TYR F 146 -58.45 33.73 -24.99
N SER F 147 -58.24 35.05 -24.95
CA SER F 147 -57.49 35.70 -23.87
C SER F 147 -58.13 35.57 -22.53
N ASN F 148 -57.35 35.27 -21.50
CA ASN F 148 -57.93 35.10 -20.17
C ASN F 148 -58.40 36.38 -19.52
N ASN F 149 -57.80 37.48 -19.95
CA ASN F 149 -58.05 38.74 -19.31
C ASN F 149 -58.20 39.83 -20.33
N SER F 150 -59.43 40.22 -20.69
CA SER F 150 -59.58 41.36 -21.57
C SER F 150 -60.59 42.37 -21.05
N LYS F 151 -60.24 43.66 -21.07
CA LYS F 151 -61.18 44.74 -20.74
C LYS F 151 -62.32 44.85 -21.76
N LEU F 152 -62.01 44.54 -23.03
CA LEU F 152 -62.91 44.67 -24.16
C LEU F 152 -63.96 43.55 -24.30
N THR F 153 -63.74 42.42 -23.61
CA THR F 153 -64.65 41.26 -23.72
C THR F 153 -64.57 40.47 -22.45
N SER F 154 -64.99 41.10 -21.37
CA SER F 154 -64.74 40.54 -20.07
C SER F 154 -65.67 39.36 -19.78
N GLN F 155 -66.83 39.31 -20.43
CA GLN F 155 -67.72 38.15 -20.32
C GLN F 155 -67.11 36.84 -20.84
N ALA F 156 -65.96 36.94 -21.51
CA ALA F 156 -65.26 35.78 -22.06
C ALA F 156 -63.96 35.50 -21.30
N ASN F 157 -63.71 36.24 -20.23
CA ASN F 157 -62.55 35.96 -19.39
C ASN F 157 -62.65 34.62 -18.66
N SER F 158 -61.54 34.12 -18.14
CA SER F 158 -61.48 32.80 -17.53
C SER F 158 -60.26 32.80 -16.67
N ASN F 159 -60.33 32.07 -15.59
CA ASN F 159 -59.11 31.81 -14.85
C ASN F 159 -58.43 30.50 -15.20
N TYR F 160 -58.87 29.86 -16.27
CA TYR F 160 -58.33 28.58 -16.60
C TYR F 160 -57.73 28.53 -17.99
N ARG F 161 -58.30 27.69 -18.85
CA ARG F 161 -57.75 27.56 -20.18
C ARG F 161 -56.32 27.13 -19.99
N ILE F 162 -56.11 26.19 -19.10
CA ILE F 162 -54.85 25.47 -19.00
C ILE F 162 -54.71 24.47 -20.14
N LEU F 163 -53.71 24.68 -21.02
CA LEU F 163 -53.62 23.95 -22.30
C LEU F 163 -52.72 22.75 -22.22
N ASN F 164 -52.96 21.75 -23.06
CA ASN F 164 -52.08 20.56 -23.22
C ASN F 164 -51.77 19.67 -21.99
N ARG F 165 -52.69 19.63 -21.04
CA ARG F 165 -52.60 18.71 -19.94
C ARG F 165 -53.04 17.31 -20.34
N THR F 166 -52.35 16.74 -21.32
CA THR F 166 -52.52 15.33 -21.68
C THR F 166 -52.09 14.42 -20.52
N PRO F 167 -52.42 13.14 -20.60
CA PRO F 167 -51.98 12.31 -19.50
C PRO F 167 -50.46 12.46 -19.28
N THR F 168 -49.67 12.56 -20.36
CA THR F 168 -48.22 12.67 -20.22
C THR F 168 -47.86 13.94 -19.49
N ASN F 169 -48.63 14.98 -19.71
CA ASN F 169 -48.21 16.32 -19.36
C ASN F 169 -49.29 16.95 -18.48
N GLN F 170 -50.00 16.11 -17.75
CA GLN F 170 -51.13 16.57 -16.97
C GLN F 170 -50.78 17.62 -15.92
N THR F 171 -49.64 17.52 -15.28
CA THR F 171 -49.26 18.58 -14.38
C THR F 171 -48.59 19.76 -15.07
N GLY F 172 -48.40 19.79 -16.37
CA GLY F 172 -47.75 20.93 -16.94
C GLY F 172 -46.26 20.69 -17.02
N LYS F 173 -45.86 19.48 -16.67
CA LYS F 173 -44.48 19.06 -16.81
C LYS F 173 -44.53 17.61 -17.35
N LYS F 174 -43.70 17.23 -18.34
CA LYS F 174 -43.79 15.89 -18.90
C LYS F 174 -43.45 14.94 -17.79
N ASP F 175 -44.31 13.98 -17.57
CA ASP F 175 -44.15 13.00 -16.52
C ASP F 175 -42.92 12.10 -16.69
N PRO F 176 -42.04 12.06 -15.67
CA PRO F 176 -40.82 11.30 -15.63
C PRO F 176 -41.06 9.82 -15.68
N ARG F 177 -42.24 9.36 -15.34
CA ARG F 177 -42.47 7.97 -15.29
C ARG F 177 -42.60 7.27 -16.62
N TYR F 178 -43.02 7.95 -17.67
CA TYR F 178 -43.36 7.25 -18.90
C TYR F 178 -42.46 7.65 -20.06
N THR F 179 -41.64 6.78 -20.61
CA THR F 179 -40.63 7.29 -21.50
C THR F 179 -40.76 6.84 -22.96
N ALA F 180 -41.75 6.01 -23.29
CA ALA F 180 -41.92 5.43 -24.64
C ALA F 180 -42.32 6.46 -25.65
N ASP F 181 -42.99 7.51 -25.21
CA ASP F 181 -43.38 8.59 -26.09
C ASP F 181 -42.60 9.74 -25.58
N ARG F 182 -41.67 10.30 -26.33
CA ARG F 182 -40.76 11.29 -25.74
C ARG F 182 -41.27 12.77 -25.90
N THR F 183 -42.42 12.92 -26.56
CA THR F 183 -43.15 14.18 -26.73
C THR F 183 -44.00 14.57 -25.47
N ILE F 184 -44.79 15.65 -25.50
CA ILE F 184 -45.70 15.89 -24.35
C ILE F 184 -47.00 15.08 -24.46
N GLY F 185 -47.07 14.12 -25.38
CA GLY F 185 -48.19 13.19 -25.40
C GLY F 185 -49.51 13.69 -25.92
N GLY F 186 -49.51 14.77 -26.68
CA GLY F 186 -50.71 15.22 -27.34
C GLY F 186 -50.65 16.69 -27.53
N TYR F 187 -51.82 17.32 -27.71
CA TYR F 187 -51.97 18.75 -28.04
C TYR F 187 -53.44 19.17 -27.93
N GLU F 188 -53.66 20.42 -27.55
CA GLU F 188 -54.95 20.87 -27.14
C GLU F 188 -55.95 21.10 -28.22
N PHE F 189 -55.51 21.70 -29.33
CA PHE F 189 -56.45 22.05 -30.43
C PHE F 189 -56.57 21.03 -31.57
N LEU F 190 -57.74 20.39 -31.63
CA LEU F 190 -57.97 19.33 -32.59
C LEU F 190 -58.91 19.72 -33.73
N LEU F 191 -60.19 19.95 -33.40
CA LEU F 191 -61.17 20.45 -34.33
C LEU F 191 -62.12 21.42 -33.67
N ALA F 192 -62.71 22.30 -34.49
CA ALA F 192 -63.89 23.04 -34.10
C ALA F 192 -63.73 23.86 -32.82
N ASN F 193 -64.79 24.05 -32.03
CA ASN F 193 -64.69 24.87 -30.81
C ASN F 193 -64.16 24.03 -29.69
N ASP F 194 -63.02 24.42 -29.13
CA ASP F 194 -62.33 23.54 -28.19
C ASP F 194 -62.77 23.76 -26.79
N VAL F 195 -63.58 22.84 -26.29
CA VAL F 195 -64.06 22.94 -24.89
C VAL F 195 -62.88 23.04 -23.88
N ASP F 196 -62.95 23.96 -22.92
CA ASP F 196 -61.88 24.11 -21.94
C ASP F 196 -62.05 23.15 -20.76
N ASN F 197 -61.43 21.99 -20.83
CA ASN F 197 -61.67 20.97 -19.83
C ASN F 197 -60.82 21.14 -18.61
N SER F 198 -60.19 22.30 -18.49
CA SER F 198 -59.48 22.61 -17.26
C SER F 198 -60.34 23.53 -16.37
N ASN F 199 -61.46 23.97 -16.91
CA ASN F 199 -62.37 24.72 -16.10
C ASN F 199 -63.23 23.81 -15.19
N PRO F 200 -63.23 24.10 -13.87
CA PRO F 200 -63.85 23.21 -12.92
C PRO F 200 -65.35 23.13 -13.09
N VAL F 201 -65.93 24.14 -13.70
CA VAL F 201 -67.35 24.16 -13.95
C VAL F 201 -67.62 23.31 -15.15
N VAL F 202 -66.74 23.39 -16.14
CA VAL F 202 -66.85 22.46 -17.27
C VAL F 202 -66.67 21.01 -16.78
N GLN F 203 -65.67 20.78 -15.94
CA GLN F 203 -65.43 19.44 -15.45
C GLN F 203 -66.72 18.87 -14.91
N ALA F 204 -67.36 19.63 -14.01
CA ALA F 204 -68.61 19.20 -13.38
C ALA F 204 -69.67 18.88 -14.42
N GLU F 205 -69.72 19.68 -15.46
CA GLU F 205 -70.66 19.43 -16.50
C GLU F 205 -70.27 18.18 -17.33
N GLN F 206 -68.98 17.86 -17.52
CA GLN F 206 -68.70 16.67 -18.33
C GLN F 206 -69.15 15.46 -17.54
N LEU F 207 -69.08 15.62 -16.22
CA LEU F 207 -69.57 14.57 -15.35
C LEU F 207 -71.10 14.44 -15.43
N ASN F 208 -71.79 15.58 -15.40
CA ASN F 208 -73.22 15.55 -15.55
C ASN F 208 -73.56 14.75 -16.79
N TRP F 209 -72.88 15.09 -17.89
CA TRP F 209 -73.14 14.48 -19.17
C TRP F 209 -72.85 12.97 -19.08
N LEU F 210 -71.77 12.62 -18.40
CA LEU F 210 -71.40 11.22 -18.26
C LEU F 210 -72.50 10.49 -17.53
N HIS F 211 -72.95 11.07 -16.42
CA HIS F 211 -74.02 10.47 -15.67
C HIS F 211 -75.26 10.33 -16.56
N PHE F 212 -75.58 11.38 -17.33
CA PHE F 212 -76.75 11.39 -18.20
C PHE F 212 -76.77 10.18 -19.16
N LEU F 213 -75.67 9.99 -19.88
CA LEU F 213 -75.53 8.90 -20.87
C LEU F 213 -75.70 7.57 -20.18
N MET F 214 -75.00 7.44 -19.09
CA MET F 214 -75.06 6.24 -18.32
C MET F 214 -76.47 6.03 -17.67
N ASN F 215 -77.35 7.01 -17.80
CA ASN F 215 -78.70 6.84 -17.30
C ASN F 215 -79.70 7.24 -18.33
N PHE F 216 -79.24 7.19 -19.57
CA PHE F 216 -80.08 7.65 -20.64
C PHE F 216 -81.52 7.14 -20.51
N GLY F 217 -81.66 5.82 -20.35
CA GLY F 217 -82.97 5.15 -20.34
C GLY F 217 -83.85 5.67 -19.24
N ASN F 218 -83.27 5.77 -18.06
CA ASN F 218 -84.02 6.32 -16.94
C ASN F 218 -84.44 7.69 -17.29
N ILE F 219 -83.48 8.55 -17.59
CA ILE F 219 -83.74 9.98 -17.82
C ILE F 219 -84.67 10.26 -19.00
N TYR F 220 -84.40 9.70 -20.17
CA TYR F 220 -85.19 10.07 -21.35
C TYR F 220 -86.49 9.27 -21.51
N ALA F 221 -86.46 7.99 -21.22
CA ALA F 221 -87.57 7.13 -21.63
C ALA F 221 -88.23 6.55 -20.43
N ASN F 222 -87.57 6.70 -19.30
CA ASN F 222 -88.06 6.15 -18.05
C ASN F 222 -88.00 4.63 -18.06
N ASP F 223 -86.98 4.11 -18.71
CA ASP F 223 -86.86 2.71 -18.88
C ASP F 223 -85.45 2.29 -18.47
N PRO F 224 -85.35 1.72 -17.29
CA PRO F 224 -84.06 1.41 -16.70
C PRO F 224 -83.39 0.40 -17.57
N ASP F 225 -84.15 -0.23 -18.44
CA ASP F 225 -83.57 -1.22 -19.32
C ASP F 225 -82.87 -0.64 -20.63
N ALA F 226 -82.93 0.68 -20.79
CA ALA F 226 -82.30 1.39 -21.92
C ALA F 226 -81.10 2.26 -21.57
N ASN F 227 -80.36 1.93 -20.51
CA ASN F 227 -79.21 2.76 -20.17
C ASN F 227 -77.98 2.33 -20.94
N PHE F 228 -77.05 3.23 -21.21
CA PHE F 228 -75.79 2.80 -21.77
C PHE F 228 -75.03 2.16 -20.65
N ASP F 229 -74.22 1.15 -20.97
CA ASP F 229 -73.50 0.49 -19.93
C ASP F 229 -72.15 1.09 -19.67
N SER F 230 -71.51 1.63 -20.69
CA SER F 230 -70.14 2.03 -20.49
C SER F 230 -69.79 3.12 -21.44
N ILE F 231 -68.58 3.62 -21.38
CA ILE F 231 -68.26 4.69 -22.27
C ILE F 231 -66.97 4.47 -23.00
N ARG F 232 -66.78 5.22 -24.07
CA ARG F 232 -65.46 5.40 -24.69
C ARG F 232 -65.15 6.85 -24.50
N VAL F 233 -63.96 7.16 -24.01
CA VAL F 233 -63.49 8.52 -23.97
C VAL F 233 -62.74 8.79 -25.26
N ASP F 234 -63.32 9.73 -25.99
CA ASP F 234 -62.86 10.11 -27.30
C ASP F 234 -61.73 11.15 -27.21
N ALA F 235 -60.77 11.10 -28.13
CA ALA F 235 -59.75 12.13 -28.19
C ALA F 235 -59.00 12.42 -26.87
N VAL F 236 -58.62 11.39 -26.12
CA VAL F 236 -57.92 11.60 -24.88
C VAL F 236 -56.71 12.54 -25.00
N ASP F 237 -55.88 12.43 -26.04
CA ASP F 237 -54.65 13.20 -26.08
C ASP F 237 -54.87 14.71 -26.43
N ASN F 238 -56.13 15.12 -26.51
CA ASN F 238 -56.44 16.50 -26.88
C ASN F 238 -57.25 17.22 -25.84
N VAL F 239 -57.40 16.59 -24.68
CA VAL F 239 -58.25 17.14 -23.63
C VAL F 239 -57.50 17.10 -22.32
N ASP F 240 -57.98 17.81 -21.31
CA ASP F 240 -57.32 17.81 -20.02
C ASP F 240 -57.59 16.48 -19.24
N ALA F 241 -56.51 15.77 -18.84
CA ALA F 241 -56.60 14.40 -18.34
C ALA F 241 -57.34 14.30 -17.00
N ASP F 242 -57.65 15.41 -16.37
CA ASP F 242 -58.42 15.35 -15.16
C ASP F 242 -59.72 14.64 -15.43
N LEU F 243 -60.16 14.64 -16.68
CA LEU F 243 -61.42 13.96 -17.00
C LEU F 243 -61.29 12.46 -16.75
N LEU F 244 -60.08 11.91 -16.85
CA LEU F 244 -59.88 10.51 -16.62
C LEU F 244 -60.12 10.16 -15.17
N GLN F 245 -59.68 11.01 -14.25
CA GLN F 245 -59.99 10.80 -12.82
C GLN F 245 -61.49 10.95 -12.54
N ILE F 246 -62.08 11.97 -13.12
CA ILE F 246 -63.49 12.12 -12.99
C ILE F 246 -64.25 10.92 -13.53
N ALA F 247 -63.91 10.39 -14.70
CA ALA F 247 -64.73 9.32 -15.28
C ALA F 247 -64.50 8.05 -14.53
N GLY F 248 -63.27 7.82 -14.13
CA GLY F 248 -62.96 6.63 -13.37
C GLY F 248 -63.61 6.70 -11.99
N ASP F 249 -63.57 7.88 -11.39
CA ASP F 249 -64.16 8.08 -10.08
C ASP F 249 -65.62 7.76 -10.11
N TYR F 250 -66.26 8.11 -11.23
CA TYR F 250 -67.68 7.96 -11.30
C TYR F 250 -68.08 6.52 -11.45
N LEU F 251 -67.37 5.81 -12.33
CA LEU F 251 -67.59 4.38 -12.51
C LEU F 251 -67.42 3.63 -11.17
N LYS F 252 -66.40 4.00 -10.39
CA LYS F 252 -66.24 3.34 -9.15
C LYS F 252 -67.37 3.68 -8.20
N ALA F 253 -67.75 4.94 -8.18
CA ALA F 253 -68.67 5.38 -7.19
C ALA F 253 -70.06 4.91 -7.52
N ALA F 254 -70.42 5.00 -8.79
CA ALA F 254 -71.80 4.71 -9.16
C ALA F 254 -71.95 3.27 -9.52
N LYS F 255 -70.91 2.64 -10.02
CA LYS F 255 -71.05 1.32 -10.53
C LYS F 255 -70.25 0.27 -9.75
N GLY F 256 -69.42 0.69 -8.80
CA GLY F 256 -68.59 -0.26 -8.04
C GLY F 256 -67.61 -1.17 -8.80
N ILE F 257 -67.11 -0.71 -9.96
CA ILE F 257 -66.21 -1.50 -10.74
C ILE F 257 -65.01 -1.98 -9.94
N HIS F 258 -64.61 -1.24 -8.90
CA HIS F 258 -63.35 -1.54 -8.28
C HIS F 258 -63.48 -2.67 -7.27
N LYS F 259 -64.72 -3.05 -6.98
CA LYS F 259 -65.04 -4.09 -5.99
C LYS F 259 -64.84 -5.49 -6.47
N ASN F 260 -65.23 -5.77 -7.70
CA ASN F 260 -65.04 -7.11 -8.22
C ASN F 260 -65.18 -7.11 -9.68
N ASP F 261 -64.69 -8.17 -10.32
CA ASP F 261 -64.61 -8.18 -11.77
C ASP F 261 -65.94 -8.23 -12.48
N LYS F 262 -66.93 -8.72 -11.76
CA LYS F 262 -68.20 -8.87 -12.38
C LYS F 262 -68.84 -7.47 -12.52
N ALA F 263 -68.67 -6.62 -11.51
CA ALA F 263 -69.10 -5.25 -11.66
C ALA F 263 -68.29 -4.55 -12.75
N ALA F 264 -66.99 -4.79 -12.79
CA ALA F 264 -66.13 -4.14 -13.74
C ALA F 264 -66.43 -4.50 -15.20
N ASN F 265 -66.55 -5.78 -15.49
CA ASN F 265 -66.87 -6.19 -16.85
C ASN F 265 -68.28 -5.79 -17.32
N ASP F 266 -69.18 -5.53 -16.37
CA ASP F 266 -70.50 -5.09 -16.72
C ASP F 266 -70.48 -3.69 -17.24
N HIS F 267 -69.41 -2.95 -16.98
CA HIS F 267 -69.36 -1.57 -17.46
C HIS F 267 -68.01 -1.27 -18.08
N LEU F 268 -67.48 -2.21 -18.82
CA LEU F 268 -66.13 -2.05 -19.30
C LEU F 268 -65.94 -0.85 -20.25
N SER F 269 -65.12 0.13 -19.88
CA SER F 269 -64.96 1.36 -20.66
C SER F 269 -63.57 1.56 -21.25
N ILE F 270 -63.46 2.25 -22.38
CA ILE F 270 -62.18 2.30 -23.05
C ILE F 270 -61.72 3.73 -23.29
N LEU F 271 -60.41 3.92 -23.49
CA LEU F 271 -59.84 5.21 -23.91
C LEU F 271 -59.51 5.15 -25.36
N GLU F 272 -59.65 6.27 -26.08
CA GLU F 272 -58.90 6.44 -27.35
C GLU F 272 -57.64 7.26 -27.12
N ALA F 273 -56.61 6.62 -26.58
CA ALA F 273 -55.45 7.34 -26.18
C ALA F 273 -54.29 6.82 -27.04
N TRP F 274 -53.82 7.69 -27.94
CA TRP F 274 -52.85 7.29 -28.90
C TRP F 274 -51.44 7.25 -28.37
N SER F 275 -51.08 8.03 -27.38
CA SER F 275 -49.73 7.96 -26.89
C SER F 275 -49.33 6.64 -26.17
N TYR F 276 -48.11 6.17 -26.41
CA TYR F 276 -47.60 5.00 -25.70
C TYR F 276 -47.58 5.25 -24.22
N ASN F 277 -47.41 6.51 -23.80
CA ASN F 277 -47.45 6.82 -22.38
C ASN F 277 -48.84 6.60 -21.79
N ASP F 278 -49.88 6.69 -22.59
CA ASP F 278 -51.22 6.56 -22.03
C ASP F 278 -51.56 5.24 -21.32
N THR F 279 -51.07 4.11 -21.81
CA THR F 279 -51.39 2.83 -21.12
C THR F 279 -50.77 2.68 -19.75
N PRO F 280 -49.46 2.93 -19.65
CA PRO F 280 -48.82 2.82 -18.36
C PRO F 280 -49.43 3.78 -17.37
N TYR F 281 -49.82 4.97 -17.85
CA TYR F 281 -50.48 6.01 -17.05
C TYR F 281 -51.80 5.47 -16.46
N LEU F 282 -52.60 4.93 -17.37
CA LEU F 282 -53.90 4.40 -17.06
C LEU F 282 -53.81 3.22 -16.09
N HIS F 283 -52.80 2.38 -16.26
CA HIS F 283 -52.61 1.28 -15.39
C HIS F 283 -52.26 1.83 -14.03
N ASP F 284 -51.32 2.76 -13.92
CA ASP F 284 -50.96 3.29 -12.63
C ASP F 284 -52.14 3.97 -11.95
N ASP F 285 -53.05 4.48 -12.77
CA ASP F 285 -54.21 5.19 -12.32
C ASP F 285 -55.22 4.21 -11.73
N GLY F 286 -55.04 2.91 -11.95
CA GLY F 286 -55.91 1.92 -11.31
C GLY F 286 -56.64 0.94 -12.20
N ASP F 287 -56.38 1.03 -13.52
CA ASP F 287 -57.11 0.26 -14.51
C ASP F 287 -58.61 0.45 -14.31
N ASN F 288 -59.08 1.71 -14.28
CA ASN F 288 -60.52 1.98 -14.38
C ASN F 288 -61.06 2.05 -15.79
N MET F 289 -60.21 2.03 -16.79
CA MET F 289 -60.71 1.68 -18.10
C MET F 289 -59.53 1.13 -18.90
N ILE F 290 -59.75 0.72 -20.15
CA ILE F 290 -58.70 0.07 -20.82
C ILE F 290 -58.35 0.80 -22.10
N ASN F 291 -57.05 0.84 -22.44
CA ASN F 291 -56.58 1.48 -23.71
C ASN F 291 -56.33 0.55 -24.90
N MET F 292 -56.01 1.11 -26.03
CA MET F 292 -55.75 0.30 -27.19
C MET F 292 -54.35 -0.30 -27.04
N ASP F 293 -54.04 -1.40 -27.74
CA ASP F 293 -52.65 -1.86 -27.89
C ASP F 293 -52.12 -1.33 -29.19
N ASN F 294 -51.66 -0.11 -29.17
CA ASN F 294 -51.24 0.50 -30.42
C ASN F 294 -50.01 -0.18 -31.07
N ARG F 295 -49.05 -0.59 -30.23
CA ARG F 295 -47.94 -1.38 -30.77
C ARG F 295 -48.39 -2.58 -31.60
N LEU F 296 -49.35 -3.36 -31.06
CA LEU F 296 -49.78 -4.53 -31.80
C LEU F 296 -50.51 -4.12 -33.02
N ARG F 297 -51.36 -3.16 -32.88
CA ARG F 297 -52.00 -2.61 -34.05
C ARG F 297 -51.02 -2.25 -35.15
N LEU F 298 -49.94 -1.55 -34.80
CA LEU F 298 -48.88 -1.26 -35.76
C LEU F 298 -48.16 -2.50 -36.31
N SER F 299 -47.96 -3.53 -35.46
CA SER F 299 -47.35 -4.77 -35.87
C SER F 299 -48.23 -5.44 -36.93
N LEU F 300 -49.53 -5.41 -36.68
CA LEU F 300 -50.44 -6.01 -37.62
C LEU F 300 -50.30 -5.26 -38.95
N LEU F 301 -50.35 -3.95 -38.84
CA LEU F 301 -50.38 -3.14 -40.02
C LEU F 301 -49.14 -3.29 -40.91
N TYR F 302 -47.96 -3.34 -40.32
CA TYR F 302 -46.74 -3.47 -41.08
C TYR F 302 -46.26 -4.90 -41.44
N SER F 303 -46.67 -5.91 -40.69
CA SER F 303 -46.33 -7.28 -41.03
C SER F 303 -47.33 -7.93 -42.01
N LEU F 304 -48.56 -7.43 -41.96
CA LEU F 304 -49.63 -8.10 -42.72
C LEU F 304 -50.31 -7.24 -43.79
N ALA F 305 -50.77 -6.09 -43.38
CA ALA F 305 -51.63 -5.25 -44.20
C ALA F 305 -50.93 -4.50 -45.24
N LYS F 306 -49.73 -4.04 -44.99
CA LYS F 306 -49.04 -3.25 -46.00
C LYS F 306 -48.71 -3.93 -47.33
N PRO F 307 -48.35 -3.11 -48.31
CA PRO F 307 -47.93 -3.55 -49.62
C PRO F 307 -46.69 -4.42 -49.52
N LEU F 308 -46.61 -5.38 -50.43
CA LEU F 308 -45.68 -6.42 -50.28
C LEU F 308 -44.24 -5.90 -50.14
N ASN F 309 -43.84 -4.87 -50.87
CA ASN F 309 -42.47 -4.45 -50.73
C ASN F 309 -42.17 -3.57 -49.54
N GLN F 310 -43.24 -3.17 -48.84
CA GLN F 310 -43.16 -2.44 -47.61
C GLN F 310 -43.51 -3.27 -46.37
N ARG F 311 -43.73 -4.55 -46.52
CA ARG F 311 -44.07 -5.34 -45.39
C ARG F 311 -42.85 -5.69 -44.47
N SER F 312 -43.05 -5.69 -43.17
CA SER F 312 -41.90 -6.03 -42.34
C SER F 312 -41.87 -7.51 -42.05
N GLY F 313 -40.79 -7.98 -41.45
CA GLY F 313 -40.74 -9.38 -41.03
C GLY F 313 -41.78 -9.65 -39.97
N MET F 314 -42.04 -10.90 -39.67
CA MET F 314 -43.15 -11.18 -38.79
C MET F 314 -42.91 -11.18 -37.23
N ASN F 315 -41.66 -11.23 -36.78
CA ASN F 315 -41.42 -11.36 -35.38
C ASN F 315 -42.25 -10.39 -34.53
N PRO F 316 -42.37 -9.13 -34.99
CA PRO F 316 -43.18 -8.10 -34.28
C PRO F 316 -44.59 -8.56 -33.85
N LEU F 317 -45.26 -9.40 -34.63
CA LEU F 317 -46.53 -9.90 -34.21
C LEU F 317 -46.46 -10.64 -32.90
N ILE F 318 -45.30 -11.19 -32.54
CA ILE F 318 -45.10 -11.81 -31.24
C ILE F 318 -44.71 -10.81 -30.16
N THR F 319 -43.73 -9.96 -30.43
CA THR F 319 -43.05 -9.29 -29.34
C THR F 319 -43.39 -7.86 -29.25
N ASN F 320 -43.76 -7.21 -30.36
CA ASN F 320 -44.12 -5.82 -30.29
C ASN F 320 -45.57 -5.59 -29.94
N SER F 321 -45.85 -5.57 -28.64
CA SER F 321 -47.21 -5.42 -28.21
C SER F 321 -47.16 -5.16 -26.73
N LEU F 322 -48.29 -4.88 -26.07
CA LEU F 322 -48.21 -4.78 -24.62
C LEU F 322 -47.76 -6.09 -23.99
N VAL F 323 -48.07 -7.19 -24.67
CA VAL F 323 -47.92 -8.47 -24.07
C VAL F 323 -47.00 -9.18 -24.98
N ASN F 324 -45.91 -9.72 -24.44
CA ASN F 324 -45.09 -10.54 -25.32
C ASN F 324 -45.74 -11.94 -25.36
N ARG F 325 -46.22 -12.33 -26.54
CA ARG F 325 -46.88 -13.61 -26.69
C ARG F 325 -46.01 -14.83 -27.01
N THR F 326 -44.72 -14.84 -26.70
CA THR F 326 -43.98 -16.05 -26.96
C THR F 326 -44.62 -17.17 -26.13
N ASP F 327 -44.73 -16.89 -24.85
CA ASP F 327 -45.26 -17.81 -23.94
C ASP F 327 -46.08 -17.01 -22.95
N ASP F 328 -47.32 -16.71 -23.30
CA ASP F 328 -48.19 -16.08 -22.39
C ASP F 328 -48.96 -17.10 -21.52
N ASN F 329 -48.56 -17.25 -20.26
CA ASN F 329 -49.08 -18.27 -19.40
C ASN F 329 -49.78 -17.70 -18.21
N ALA F 330 -50.09 -16.44 -18.24
CA ALA F 330 -50.48 -15.74 -17.04
C ALA F 330 -51.94 -16.02 -16.76
N GLU F 331 -52.30 -16.21 -15.51
CA GLU F 331 -53.70 -16.25 -15.20
C GLU F 331 -54.30 -14.86 -15.37
N THR F 332 -53.55 -13.82 -15.03
CA THR F 332 -53.98 -12.44 -15.29
C THR F 332 -52.85 -11.66 -15.91
N ALA F 333 -53.07 -11.06 -17.06
CA ALA F 333 -52.02 -10.35 -17.72
C ALA F 333 -51.71 -9.04 -16.97
N ALA F 334 -50.54 -8.46 -17.21
CA ALA F 334 -50.05 -7.29 -16.44
C ALA F 334 -50.93 -6.13 -16.68
N VAL F 335 -51.43 -5.94 -17.90
CA VAL F 335 -52.19 -4.73 -18.20
C VAL F 335 -53.27 -5.09 -19.15
N PRO F 336 -54.49 -4.59 -18.94
CA PRO F 336 -55.60 -4.93 -19.81
C PRO F 336 -55.53 -4.08 -21.05
N SER F 337 -56.14 -4.46 -22.17
CA SER F 337 -56.21 -3.63 -23.36
C SER F 337 -57.21 -4.17 -24.31
N TYR F 338 -57.51 -3.38 -25.34
CA TYR F 338 -58.23 -3.92 -26.50
C TYR F 338 -57.37 -3.73 -27.75
N SER F 339 -57.64 -4.55 -28.77
CA SER F 339 -56.75 -4.61 -29.96
C SER F 339 -57.57 -4.52 -31.18
N PHE F 340 -57.05 -3.84 -32.18
CA PHE F 340 -57.78 -3.79 -33.43
C PHE F 340 -56.85 -3.53 -34.59
N ILE F 341 -57.31 -3.79 -35.80
CA ILE F 341 -56.55 -3.42 -37.01
C ILE F 341 -57.13 -2.18 -37.72
N ARG F 342 -58.43 -2.00 -37.65
CA ARG F 342 -59.02 -0.82 -38.24
C ARG F 342 -60.09 -0.30 -37.32
N ALA F 343 -60.38 0.98 -37.43
CA ALA F 343 -61.49 1.59 -36.67
C ALA F 343 -62.23 2.53 -37.60
N HIS F 344 -63.26 3.14 -37.06
CA HIS F 344 -64.06 3.97 -37.95
C HIS F 344 -63.24 5.08 -38.64
N ASP F 345 -62.30 5.68 -37.92
CA ASP F 345 -61.33 6.55 -38.57
C ASP F 345 -60.00 5.87 -38.95
N SER F 346 -59.35 5.20 -37.99
CA SER F 346 -58.05 4.62 -38.23
C SER F 346 -57.99 3.61 -39.39
N GLU F 347 -57.21 3.92 -40.41
CA GLU F 347 -56.99 3.05 -41.53
C GLU F 347 -58.25 2.88 -42.39
N VAL F 348 -59.07 3.93 -42.39
CA VAL F 348 -60.22 4.01 -43.32
C VAL F 348 -60.22 5.38 -43.97
N GLN F 349 -60.37 6.42 -43.17
CA GLN F 349 -60.42 7.73 -43.78
C GLN F 349 -59.05 8.11 -44.26
N ASP F 350 -58.02 7.56 -43.64
CA ASP F 350 -56.68 7.60 -44.20
C ASP F 350 -56.59 7.13 -45.65
N LEU F 351 -57.26 6.00 -45.90
CA LEU F 351 -57.07 5.32 -47.15
C LEU F 351 -57.82 6.17 -48.15
N ILE F 352 -58.96 6.68 -47.69
CA ILE F 352 -59.76 7.60 -48.51
C ILE F 352 -59.00 8.91 -48.87
N ARG F 353 -58.30 9.49 -47.91
CA ARG F 353 -57.49 10.66 -48.21
C ARG F 353 -56.40 10.32 -49.25
N ASP F 354 -55.65 9.24 -49.02
CA ASP F 354 -54.62 8.80 -49.96
C ASP F 354 -55.13 8.83 -51.38
N ILE F 355 -56.30 8.20 -51.56
CA ILE F 355 -56.96 8.09 -52.86
C ILE F 355 -57.36 9.45 -53.44
N ILE F 356 -57.85 10.32 -52.61
CA ILE F 356 -58.30 11.60 -53.09
C ILE F 356 -57.09 12.42 -53.52
N LYS F 357 -56.15 12.60 -52.60
CA LYS F 357 -54.86 13.22 -52.88
C LYS F 357 -54.12 12.61 -54.12
N ALA F 358 -54.09 11.27 -54.23
CA ALA F 358 -53.51 10.64 -55.40
C ALA F 358 -54.27 10.98 -56.68
N GLU F 359 -55.59 10.81 -56.69
CA GLU F 359 -56.32 10.65 -57.98
C GLU F 359 -57.44 11.64 -58.27
N ILE F 360 -57.67 12.60 -57.40
CA ILE F 360 -58.84 13.45 -57.51
C ILE F 360 -58.51 14.90 -57.16
N ASN F 361 -58.12 15.15 -55.95
CA ASN F 361 -57.66 16.47 -55.64
C ASN F 361 -56.32 16.51 -54.86
N PRO F 362 -55.21 16.80 -55.60
CA PRO F 362 -53.83 16.82 -55.11
C PRO F 362 -53.61 17.70 -53.86
N ASN F 363 -54.38 18.79 -53.78
CA ASN F 363 -54.35 19.74 -52.67
C ASN F 363 -55.31 19.49 -51.53
N VAL F 364 -55.87 18.27 -51.42
CA VAL F 364 -56.92 18.12 -50.41
C VAL F 364 -56.35 18.51 -49.04
N VAL F 365 -57.15 19.13 -48.21
CA VAL F 365 -56.63 19.50 -46.91
C VAL F 365 -57.08 18.58 -45.78
N GLY F 366 -56.16 18.07 -44.96
CA GLY F 366 -56.56 17.30 -43.77
C GLY F 366 -57.54 16.23 -44.17
N TYR F 367 -58.69 16.22 -43.53
CA TYR F 367 -59.78 15.28 -43.89
C TYR F 367 -61.05 16.06 -44.27
N SER F 368 -60.88 17.29 -44.71
CA SER F 368 -62.05 18.07 -45.12
C SER F 368 -62.39 17.81 -46.56
N PHE F 369 -62.89 16.60 -46.80
CA PHE F 369 -63.30 16.20 -48.13
C PHE F 369 -64.67 16.78 -48.43
N THR F 370 -65.05 16.92 -49.69
CA THR F 370 -66.48 17.03 -49.93
C THR F 370 -67.11 15.67 -50.12
N MET F 371 -68.43 15.66 -50.13
CA MET F 371 -69.23 14.50 -50.47
C MET F 371 -68.93 13.95 -51.86
N GLU F 372 -68.82 14.84 -52.83
CA GLU F 372 -68.42 14.43 -54.17
C GLU F 372 -67.09 13.63 -54.26
N GLU F 373 -66.10 14.17 -53.55
CA GLU F 373 -64.81 13.58 -53.55
C GLU F 373 -64.99 12.21 -52.89
N ILE F 374 -65.73 12.13 -51.81
CA ILE F 374 -65.85 10.86 -51.13
C ILE F 374 -66.43 9.78 -52.05
N LYS F 375 -67.42 10.16 -52.85
CA LYS F 375 -68.05 9.21 -53.71
C LYS F 375 -67.16 8.76 -54.83
N LYS F 376 -66.43 9.74 -55.37
CA LYS F 376 -65.44 9.51 -56.39
C LYS F 376 -64.32 8.57 -55.87
N ALA F 377 -63.92 8.72 -54.59
CA ALA F 377 -62.84 7.95 -54.00
C ALA F 377 -63.32 6.53 -53.82
N PHE F 378 -64.58 6.38 -53.43
CA PHE F 378 -65.06 5.05 -53.10
C PHE F 378 -65.15 4.18 -54.31
N GLU F 379 -65.31 4.75 -55.50
CA GLU F 379 -65.29 3.88 -56.67
C GLU F 379 -63.95 3.19 -56.78
N ILE F 380 -62.88 3.97 -56.58
CA ILE F 380 -61.49 3.46 -56.62
C ILE F 380 -61.22 2.44 -55.52
N TYR F 381 -61.62 2.82 -54.32
CA TYR F 381 -61.53 2.03 -53.12
C TYR F 381 -62.23 0.68 -53.24
N ASN F 382 -63.45 0.72 -53.71
CA ASN F 382 -64.20 -0.48 -53.79
C ASN F 382 -63.60 -1.45 -54.75
N LYS F 383 -63.00 -0.92 -55.80
CA LYS F 383 -62.40 -1.77 -56.80
C LYS F 383 -61.11 -2.40 -56.25
N ASP F 384 -60.39 -1.60 -55.49
CA ASP F 384 -59.12 -2.00 -54.90
C ASP F 384 -59.31 -3.07 -53.86
N LEU F 385 -60.38 -2.98 -53.10
CA LEU F 385 -60.69 -4.03 -52.17
C LEU F 385 -60.74 -5.37 -52.86
N LEU F 386 -61.17 -5.43 -54.10
CA LEU F 386 -61.29 -6.72 -54.76
C LEU F 386 -60.11 -7.18 -55.59
N ALA F 387 -59.07 -6.34 -55.72
CA ALA F 387 -57.89 -6.72 -56.45
C ALA F 387 -56.92 -7.63 -55.63
N THR F 388 -56.18 -8.50 -56.34
CA THR F 388 -55.04 -9.18 -55.76
C THR F 388 -53.94 -8.19 -55.43
N GLU F 389 -53.65 -7.32 -56.38
CA GLU F 389 -52.59 -6.32 -56.22
C GLU F 389 -53.27 -5.05 -55.79
N LYS F 390 -53.25 -4.75 -54.51
CA LYS F 390 -54.00 -3.63 -53.98
C LYS F 390 -53.08 -2.43 -53.91
N LYS F 391 -53.58 -1.31 -54.41
CA LYS F 391 -52.86 -0.10 -54.46
C LYS F 391 -53.12 0.76 -53.25
N TYR F 392 -54.30 0.67 -52.62
CA TYR F 392 -54.66 1.55 -51.48
C TYR F 392 -55.17 0.80 -50.22
N THR F 393 -55.74 -0.39 -50.37
CA THR F 393 -56.42 -0.95 -49.22
C THR F 393 -55.58 -2.05 -48.59
N HIS F 394 -55.95 -2.52 -47.41
CA HIS F 394 -55.15 -3.54 -46.74
C HIS F 394 -55.07 -4.89 -47.43
N TYR F 395 -53.94 -5.53 -47.21
CA TYR F 395 -53.83 -6.92 -47.45
C TYR F 395 -54.11 -7.71 -46.20
N ASN F 396 -54.43 -8.98 -46.39
CA ASN F 396 -54.39 -9.96 -45.33
C ASN F 396 -55.33 -9.72 -44.19
N THR F 397 -56.48 -9.12 -44.46
CA THR F 397 -57.45 -8.81 -43.35
C THR F 397 -57.77 -10.03 -42.52
N ALA F 398 -58.12 -11.14 -43.16
CA ALA F 398 -58.33 -12.38 -42.43
C ALA F 398 -57.07 -12.85 -41.63
N LEU F 399 -55.86 -12.53 -42.07
CA LEU F 399 -54.70 -12.89 -41.29
C LEU F 399 -54.66 -12.16 -39.93
N SER F 400 -54.89 -10.85 -40.00
CA SER F 400 -54.99 -9.99 -38.83
C SER F 400 -56.11 -10.39 -37.89
N TYR F 401 -57.27 -10.66 -38.44
CA TYR F 401 -58.35 -11.14 -37.62
C TYR F 401 -58.09 -12.49 -37.00
N ALA F 402 -57.30 -13.34 -37.68
CA ALA F 402 -56.93 -14.61 -37.13
C ALA F 402 -56.14 -14.39 -35.83
N LEU F 403 -55.27 -13.39 -35.80
CA LEU F 403 -54.45 -13.22 -34.62
C LEU F 403 -55.31 -12.49 -33.56
N LEU F 404 -56.07 -11.52 -34.00
CA LEU F 404 -56.78 -10.73 -33.04
C LEU F 404 -57.70 -11.62 -32.28
N LEU F 405 -58.36 -12.51 -33.00
CA LEU F 405 -59.38 -13.32 -32.37
C LEU F 405 -58.86 -14.61 -31.74
N THR F 406 -57.53 -14.90 -31.80
CA THR F 406 -57.04 -16.03 -31.05
C THR F 406 -56.03 -15.62 -29.98
N ASN F 407 -55.61 -14.36 -30.02
CA ASN F 407 -54.63 -13.89 -29.04
C ASN F 407 -55.12 -13.91 -27.65
N LYS F 408 -54.21 -14.14 -26.73
CA LYS F 408 -54.54 -14.11 -25.34
C LYS F 408 -54.22 -12.72 -24.80
N SER F 409 -54.85 -12.36 -23.68
CA SER F 409 -54.51 -11.12 -22.96
C SER F 409 -54.91 -9.79 -23.61
N SER F 410 -55.91 -9.78 -24.46
CA SER F 410 -56.43 -8.52 -24.97
C SER F 410 -57.88 -8.66 -25.45
N VAL F 411 -58.71 -7.63 -25.29
CA VAL F 411 -60.03 -7.77 -25.83
C VAL F 411 -59.98 -7.35 -27.32
N PRO F 412 -60.28 -8.29 -28.21
CA PRO F 412 -60.33 -7.91 -29.64
C PRO F 412 -61.49 -6.97 -29.89
N ARG F 413 -61.31 -5.98 -30.74
CA ARG F 413 -62.48 -5.21 -31.19
C ARG F 413 -62.64 -5.34 -32.65
N VAL F 414 -63.76 -5.84 -33.12
CA VAL F 414 -63.96 -6.07 -34.54
C VAL F 414 -64.54 -4.82 -35.15
N TYR F 415 -64.06 -4.44 -36.32
CA TYR F 415 -64.47 -3.20 -36.94
C TYR F 415 -65.55 -3.48 -37.95
N TYR F 416 -66.69 -2.84 -37.78
CA TYR F 416 -67.81 -3.03 -38.68
C TYR F 416 -67.48 -3.15 -40.20
N GLY F 417 -66.63 -2.25 -40.69
CA GLY F 417 -66.32 -2.08 -42.10
C GLY F 417 -65.37 -3.16 -42.53
N ASP F 418 -64.97 -4.06 -41.64
CA ASP F 418 -64.18 -5.18 -42.09
C ASP F 418 -65.13 -6.33 -42.46
N MET F 419 -66.36 -6.27 -41.96
CA MET F 419 -67.36 -7.31 -42.24
C MET F 419 -68.40 -6.87 -43.28
N PHE F 420 -68.79 -5.61 -43.25
CA PHE F 420 -69.74 -5.10 -44.25
C PHE F 420 -69.04 -3.95 -44.84
N THR F 421 -69.55 -3.46 -45.95
CA THR F 421 -68.76 -2.58 -46.79
C THR F 421 -68.80 -1.23 -46.15
N ASP F 422 -67.70 -0.48 -46.28
CA ASP F 422 -67.57 0.80 -45.55
C ASP F 422 -68.64 1.82 -45.92
N ASP F 423 -69.01 1.83 -47.18
CA ASP F 423 -70.01 2.75 -47.66
C ASP F 423 -71.27 1.94 -47.75
N GLY F 424 -72.39 2.49 -48.18
CA GLY F 424 -73.53 1.58 -48.20
C GLY F 424 -74.42 1.46 -46.97
N GLN F 425 -75.61 0.90 -47.14
CA GLN F 425 -76.60 0.85 -46.08
C GLN F 425 -76.17 -0.11 -44.99
N TYR F 426 -76.70 0.05 -43.79
CA TYR F 426 -76.14 -0.66 -42.66
C TYR F 426 -76.33 -2.14 -42.85
N MET F 427 -75.27 -2.92 -42.76
CA MET F 427 -75.42 -4.38 -42.90
C MET F 427 -76.02 -4.87 -44.23
N ALA F 428 -76.24 -3.95 -45.17
CA ALA F 428 -76.63 -4.37 -46.49
C ALA F 428 -75.62 -5.28 -47.22
N HIS F 429 -74.32 -4.99 -47.26
CA HIS F 429 -73.43 -5.85 -48.01
C HIS F 429 -72.26 -6.38 -47.23
N LYS F 430 -72.03 -7.68 -47.35
CA LYS F 430 -70.84 -8.28 -46.77
C LYS F 430 -69.55 -8.01 -47.56
N THR F 431 -68.42 -7.96 -46.86
CA THR F 431 -67.11 -7.88 -47.54
C THR F 431 -66.67 -9.27 -47.96
N ILE F 432 -65.66 -9.37 -48.80
CA ILE F 432 -65.23 -10.71 -49.12
C ILE F 432 -64.67 -11.45 -47.90
N ASN F 433 -64.38 -10.76 -46.80
CA ASN F 433 -63.85 -11.48 -45.65
C ASN F 433 -64.86 -11.76 -44.57
N TYR F 434 -66.14 -11.55 -44.87
CA TYR F 434 -67.13 -11.66 -43.85
C TYR F 434 -67.21 -13.09 -43.36
N GLU F 435 -67.19 -14.05 -44.26
CA GLU F 435 -67.23 -15.44 -43.89
C GLU F 435 -66.09 -15.80 -42.93
N ALA F 436 -64.87 -15.45 -43.37
CA ALA F 436 -63.68 -15.83 -42.63
C ALA F 436 -63.86 -15.28 -41.23
N ILE F 437 -64.29 -14.02 -41.13
CA ILE F 437 -64.37 -13.41 -39.82
C ILE F 437 -65.48 -14.07 -38.95
N GLU F 438 -66.59 -14.35 -39.59
CA GLU F 438 -67.67 -14.95 -38.84
C GLU F 438 -67.24 -16.30 -38.35
N THR F 439 -66.57 -17.04 -39.22
CA THR F 439 -66.02 -18.33 -38.82
C THR F 439 -65.14 -18.29 -37.56
N LEU F 440 -64.23 -17.33 -37.54
CA LEU F 440 -63.34 -17.12 -36.45
C LEU F 440 -64.12 -16.71 -35.21
N LEU F 441 -65.07 -15.79 -35.36
CA LEU F 441 -65.74 -15.34 -34.16
C LEU F 441 -66.52 -16.43 -33.52
N LYS F 442 -67.13 -17.32 -34.30
CA LYS F 442 -67.86 -18.46 -33.77
C LYS F 442 -66.89 -19.44 -33.17
N ALA F 443 -65.77 -19.64 -33.83
CA ALA F 443 -64.75 -20.51 -33.31
C ALA F 443 -64.18 -20.00 -32.00
N ARG F 444 -64.08 -18.69 -31.84
CA ARG F 444 -63.47 -18.20 -30.64
C ARG F 444 -64.30 -18.61 -29.44
N ILE F 445 -65.60 -18.60 -29.60
CA ILE F 445 -66.43 -18.91 -28.49
C ILE F 445 -66.20 -20.34 -28.18
N LYS F 446 -66.04 -21.14 -29.23
CA LYS F 446 -65.97 -22.59 -29.06
C LYS F 446 -64.61 -23.16 -28.61
N TYR F 447 -63.52 -22.60 -29.12
CA TYR F 447 -62.20 -23.22 -28.95
C TYR F 447 -61.10 -22.42 -28.22
N VAL F 448 -61.25 -21.10 -28.19
CA VAL F 448 -60.14 -20.23 -27.83
C VAL F 448 -60.09 -20.01 -26.32
N SER F 449 -59.15 -20.69 -25.66
CA SER F 449 -58.95 -20.53 -24.26
C SER F 449 -57.58 -21.08 -23.94
N GLY F 450 -57.09 -20.85 -22.73
CA GLY F 450 -55.83 -21.42 -22.31
C GLY F 450 -54.66 -20.46 -22.57
N GLY F 451 -53.48 -20.94 -22.26
CA GLY F 451 -52.29 -20.16 -22.49
C GLY F 451 -51.99 -20.01 -23.96
N GLN F 452 -50.98 -19.20 -24.30
CA GLN F 452 -50.67 -19.04 -25.69
C GLN F 452 -49.20 -19.14 -25.94
N ALA F 453 -48.81 -19.76 -27.05
CA ALA F 453 -47.41 -19.71 -27.43
C ALA F 453 -47.37 -19.24 -28.85
N MET F 454 -46.46 -18.32 -29.16
CA MET F 454 -46.13 -18.00 -30.56
C MET F 454 -44.68 -18.29 -30.98
N ARG F 455 -44.53 -18.84 -32.17
CA ARG F 455 -43.22 -19.18 -32.61
C ARG F 455 -43.00 -18.59 -33.96
N ASN F 456 -41.76 -18.20 -34.24
CA ASN F 456 -41.43 -17.68 -35.54
C ASN F 456 -40.39 -18.57 -36.21
N GLN F 457 -40.69 -19.19 -37.31
CA GLN F 457 -39.75 -20.16 -37.82
C GLN F 457 -39.27 -19.73 -39.20
N GLN F 458 -37.98 -19.72 -39.45
CA GLN F 458 -37.50 -19.45 -40.81
C GLN F 458 -37.64 -20.75 -41.59
N VAL F 459 -38.42 -20.75 -42.65
CA VAL F 459 -38.52 -21.92 -43.41
C VAL F 459 -38.44 -21.63 -44.84
N GLY F 460 -37.87 -22.60 -45.56
CA GLY F 460 -37.63 -22.50 -47.00
C GLY F 460 -37.01 -21.16 -47.25
N ASN F 461 -37.69 -20.35 -48.02
CA ASN F 461 -37.10 -19.07 -48.41
C ASN F 461 -37.71 -17.92 -47.64
N SER F 462 -38.47 -18.17 -46.59
CA SER F 462 -39.18 -17.06 -45.99
C SER F 462 -39.40 -17.45 -44.56
N GLU F 463 -40.50 -17.09 -43.96
CA GLU F 463 -40.63 -17.39 -42.56
C GLU F 463 -42.09 -17.52 -42.25
N ILE F 464 -42.44 -18.28 -41.20
CA ILE F 464 -43.85 -18.35 -40.80
C ILE F 464 -43.94 -17.98 -39.33
N ILE F 465 -45.18 -17.74 -38.87
CA ILE F 465 -45.42 -17.76 -37.41
C ILE F 465 -46.52 -18.74 -37.04
N THR F 466 -46.48 -19.21 -35.80
CA THR F 466 -47.54 -20.08 -35.38
C THR F 466 -48.04 -19.49 -34.09
N SER F 467 -49.33 -19.63 -33.86
CA SER F 467 -49.96 -19.20 -32.63
C SER F 467 -50.81 -20.35 -32.09
N VAL F 468 -50.72 -20.66 -30.81
CA VAL F 468 -51.43 -21.80 -30.32
C VAL F 468 -52.13 -21.32 -29.10
N ARG F 469 -53.39 -21.76 -28.92
CA ARG F 469 -54.02 -21.70 -27.60
C ARG F 469 -54.12 -23.13 -27.06
N TYR F 470 -53.70 -23.37 -25.83
CA TYR F 470 -53.64 -24.71 -25.33
C TYR F 470 -55.00 -25.31 -25.06
N GLY F 471 -56.04 -24.51 -24.85
CA GLY F 471 -57.29 -25.12 -24.47
C GLY F 471 -57.71 -24.71 -23.07
N LYS F 472 -59.00 -24.80 -22.80
CA LYS F 472 -59.47 -24.30 -21.58
C LYS F 472 -58.87 -25.02 -20.39
N GLY F 473 -58.27 -24.26 -19.49
CA GLY F 473 -57.75 -24.83 -18.28
C GLY F 473 -56.34 -25.34 -18.48
N ALA F 474 -55.63 -24.76 -19.46
CA ALA F 474 -54.27 -25.18 -19.75
C ALA F 474 -53.49 -23.92 -19.95
N LEU F 475 -52.87 -23.41 -18.90
CA LEU F 475 -52.15 -22.18 -19.07
C LEU F 475 -50.80 -22.50 -19.63
N LYS F 476 -50.25 -23.65 -19.27
CA LYS F 476 -48.92 -24.06 -19.73
C LYS F 476 -48.95 -25.19 -20.75
N ALA F 477 -47.89 -25.31 -21.53
CA ALA F 477 -47.88 -26.38 -22.50
C ALA F 477 -47.82 -27.77 -21.83
N THR F 478 -47.46 -27.81 -20.54
CA THR F 478 -47.36 -29.09 -19.88
C THR F 478 -48.65 -29.44 -19.16
N ASP F 479 -49.62 -28.53 -19.14
CA ASP F 479 -50.87 -28.80 -18.48
C ASP F 479 -51.72 -29.82 -19.17
N THR F 480 -52.24 -30.82 -18.48
CA THR F 480 -53.08 -31.79 -19.18
C THR F 480 -54.55 -31.43 -19.17
N GLY F 481 -55.01 -30.67 -18.22
CA GLY F 481 -56.36 -30.13 -18.35
C GLY F 481 -57.42 -31.16 -18.06
N ASP F 482 -58.56 -31.03 -18.72
CA ASP F 482 -59.67 -31.97 -18.54
C ASP F 482 -60.44 -32.25 -19.82
N ARG F 483 -61.59 -32.89 -19.75
CA ARG F 483 -62.27 -33.31 -21.01
C ARG F 483 -62.55 -32.14 -21.93
N ILE F 484 -62.64 -30.92 -21.39
CA ILE F 484 -62.92 -29.74 -22.21
C ILE F 484 -61.64 -29.28 -22.90
N THR F 485 -60.54 -29.29 -22.16
CA THR F 485 -59.26 -28.90 -22.70
C THR F 485 -59.05 -29.70 -23.99
N ARG F 486 -59.38 -30.96 -23.98
CA ARG F 486 -59.06 -31.82 -25.10
C ARG F 486 -59.64 -31.34 -26.43
N THR F 487 -60.87 -30.85 -26.39
CA THR F 487 -61.56 -30.48 -27.61
C THR F 487 -61.64 -28.93 -27.76
N SER F 488 -60.72 -28.23 -27.10
CA SER F 488 -60.61 -26.76 -27.24
C SER F 488 -59.19 -26.40 -27.59
N GLY F 489 -58.95 -25.11 -27.76
CA GLY F 489 -57.67 -24.62 -28.24
C GLY F 489 -57.62 -24.54 -29.75
N VAL F 490 -56.56 -23.98 -30.28
CA VAL F 490 -56.53 -23.76 -31.72
C VAL F 490 -55.10 -23.54 -32.18
N VAL F 491 -54.82 -23.72 -33.46
CA VAL F 491 -53.50 -23.29 -33.97
C VAL F 491 -53.71 -22.42 -35.18
N VAL F 492 -53.03 -21.28 -35.21
CA VAL F 492 -53.01 -20.43 -36.39
C VAL F 492 -51.64 -20.39 -37.09
N ILE F 493 -51.58 -20.67 -38.39
CA ILE F 493 -50.28 -20.59 -39.03
C ILE F 493 -50.36 -19.50 -40.06
N GLU F 494 -49.42 -18.55 -40.07
CA GLU F 494 -49.42 -17.50 -41.06
C GLU F 494 -48.06 -17.19 -41.67
N GLY F 495 -48.11 -16.84 -42.94
CA GLY F 495 -46.95 -16.32 -43.64
C GLY F 495 -47.36 -15.03 -44.34
N ASN F 496 -46.42 -14.09 -44.48
CA ASN F 496 -46.71 -12.81 -45.13
C ASN F 496 -45.97 -12.55 -46.45
N ASN F 497 -45.63 -13.58 -47.20
CA ASN F 497 -44.93 -13.41 -48.46
C ASN F 497 -45.47 -14.45 -49.44
N PRO F 498 -46.09 -13.98 -50.52
CA PRO F 498 -46.73 -14.79 -51.51
C PRO F 498 -45.76 -15.75 -52.17
N SER F 499 -44.48 -15.63 -51.94
CA SER F 499 -43.63 -16.56 -52.61
C SER F 499 -42.95 -17.57 -51.66
N LEU F 500 -43.47 -17.69 -50.44
CA LEU F 500 -43.04 -18.76 -49.58
C LEU F 500 -43.03 -20.17 -50.29
N ARG F 501 -41.91 -20.91 -50.27
CA ARG F 501 -41.93 -22.29 -50.68
C ARG F 501 -41.13 -23.14 -49.71
N LEU F 502 -41.69 -24.23 -49.18
CA LEU F 502 -40.91 -25.04 -48.27
C LEU F 502 -40.06 -26.00 -49.07
N LYS F 503 -38.83 -26.29 -48.61
CA LYS F 503 -38.16 -27.43 -49.24
C LYS F 503 -38.89 -28.78 -48.88
N ALA F 504 -38.69 -29.78 -49.70
CA ALA F 504 -39.21 -31.11 -49.34
C ALA F 504 -38.92 -31.55 -47.90
N SER F 505 -37.78 -31.16 -47.36
CA SER F 505 -37.37 -31.72 -46.14
C SER F 505 -37.79 -30.75 -45.03
N ASP F 506 -38.52 -29.69 -45.37
CA ASP F 506 -38.92 -28.75 -44.36
C ASP F 506 -40.10 -29.24 -43.55
N ARG F 507 -40.17 -28.99 -42.25
CA ARG F 507 -41.33 -29.37 -41.47
C ARG F 507 -41.62 -28.17 -40.61
N VAL F 508 -42.86 -27.96 -40.28
CA VAL F 508 -43.17 -27.03 -39.23
C VAL F 508 -43.79 -27.79 -38.05
N VAL F 509 -43.09 -27.86 -36.92
CA VAL F 509 -43.54 -28.73 -35.84
C VAL F 509 -44.20 -27.89 -34.78
N VAL F 510 -45.49 -28.01 -34.55
CA VAL F 510 -46.17 -27.09 -33.60
C VAL F 510 -46.61 -27.82 -32.35
N ASN F 511 -46.13 -27.41 -31.18
CA ASN F 511 -46.58 -28.10 -30.00
C ASN F 511 -47.98 -27.57 -29.64
N MET F 512 -48.99 -28.45 -29.56
CA MET F 512 -50.36 -28.07 -29.24
C MET F 512 -50.60 -28.03 -27.74
N GLY F 513 -49.74 -28.66 -26.94
CA GLY F 513 -49.99 -28.82 -25.54
C GLY F 513 -50.34 -30.25 -25.15
N ALA F 514 -50.04 -30.58 -23.89
CA ALA F 514 -50.07 -31.93 -23.38
C ALA F 514 -51.47 -32.53 -23.38
N ALA F 515 -52.50 -31.71 -23.54
CA ALA F 515 -53.86 -32.24 -23.61
C ALA F 515 -54.09 -32.89 -24.94
N HIS F 516 -53.18 -32.64 -25.86
CA HIS F 516 -53.43 -32.96 -27.26
C HIS F 516 -52.53 -34.00 -27.94
N LYS F 517 -52.18 -35.05 -27.21
CA LYS F 517 -51.45 -36.08 -27.83
C LYS F 517 -52.35 -36.97 -28.61
N ASN F 518 -51.86 -37.42 -29.74
CA ASN F 518 -52.54 -38.40 -30.56
C ASN F 518 -53.92 -37.95 -30.84
N GLN F 519 -54.10 -36.79 -31.41
CA GLN F 519 -55.48 -36.33 -31.53
C GLN F 519 -55.79 -35.89 -32.96
N ALA F 520 -57.03 -36.09 -33.43
CA ALA F 520 -57.38 -35.55 -34.73
C ALA F 520 -57.58 -34.05 -34.67
N TYR F 521 -57.10 -33.36 -35.69
CA TYR F 521 -57.45 -31.97 -35.93
C TYR F 521 -58.10 -31.79 -37.30
N ARG F 522 -58.91 -30.75 -37.43
CA ARG F 522 -59.50 -30.46 -38.74
C ARG F 522 -59.36 -28.99 -39.03
N PRO F 523 -59.47 -28.62 -40.30
CA PRO F 523 -59.27 -27.20 -40.62
C PRO F 523 -60.46 -26.34 -40.33
N LEU F 524 -60.13 -25.09 -39.97
CA LEU F 524 -61.09 -24.05 -39.74
C LEU F 524 -61.05 -23.15 -40.94
N LEU F 525 -59.86 -22.67 -41.32
CA LEU F 525 -59.74 -21.90 -42.56
C LEU F 525 -58.53 -22.33 -43.31
N LEU F 526 -58.66 -22.47 -44.61
CA LEU F 526 -57.51 -22.82 -45.42
C LEU F 526 -57.31 -21.84 -46.57
N THR F 527 -56.09 -21.45 -46.84
CA THR F 527 -55.98 -20.57 -47.96
C THR F 527 -56.09 -21.39 -49.23
N THR F 528 -56.81 -20.84 -50.19
CA THR F 528 -56.93 -21.47 -51.50
C THR F 528 -56.42 -20.53 -52.61
N ASP F 529 -56.34 -21.07 -53.83
CA ASP F 529 -55.86 -20.25 -54.94
C ASP F 529 -56.61 -18.96 -55.06
N ASN F 530 -57.93 -19.00 -54.85
CA ASN F 530 -58.69 -17.75 -55.03
C ASN F 530 -59.15 -17.02 -53.82
N GLY F 531 -58.92 -17.54 -52.62
CA GLY F 531 -59.42 -16.82 -51.44
C GLY F 531 -59.11 -17.66 -50.23
N ILE F 532 -60.10 -17.84 -49.37
CA ILE F 532 -59.99 -18.64 -48.15
C ILE F 532 -61.22 -19.57 -48.02
N LYS F 533 -61.05 -20.84 -47.67
CA LYS F 533 -62.19 -21.68 -47.52
C LYS F 533 -62.42 -21.90 -46.03
N ALA F 534 -63.69 -21.83 -45.60
CA ALA F 534 -64.00 -21.94 -44.19
C ALA F 534 -64.69 -23.25 -43.98
N TYR F 535 -64.47 -23.85 -42.82
CA TYR F 535 -65.14 -25.10 -42.55
C TYR F 535 -66.03 -24.97 -41.38
N HIS F 536 -67.30 -25.12 -41.65
CA HIS F 536 -68.29 -24.86 -40.63
C HIS F 536 -68.60 -26.00 -39.68
N SER F 537 -68.12 -27.21 -39.94
CA SER F 537 -68.18 -28.21 -38.88
C SER F 537 -67.09 -29.26 -39.05
N ASP F 538 -67.00 -30.26 -38.16
CA ASP F 538 -65.97 -31.32 -38.35
C ASP F 538 -66.31 -32.03 -39.63
N GLN F 539 -67.60 -32.22 -39.87
CA GLN F 539 -68.11 -32.99 -41.04
C GLN F 539 -67.69 -32.38 -42.37
N GLU F 540 -67.97 -31.09 -42.51
CA GLU F 540 -67.57 -30.35 -43.70
C GLU F 540 -66.06 -30.56 -44.02
N ALA F 541 -65.26 -30.85 -43.01
CA ALA F 541 -63.83 -30.91 -43.22
C ALA F 541 -63.34 -32.33 -43.41
N ALA F 542 -64.26 -33.27 -43.54
CA ALA F 542 -63.89 -34.69 -43.66
C ALA F 542 -62.90 -34.88 -44.85
N GLY F 543 -61.90 -35.75 -44.66
CA GLY F 543 -60.94 -35.99 -45.70
C GLY F 543 -59.82 -35.02 -45.59
N LEU F 544 -59.96 -34.01 -44.76
CA LEU F 544 -58.84 -33.13 -44.44
C LEU F 544 -58.29 -33.24 -43.03
N VAL F 545 -58.71 -34.25 -42.29
CA VAL F 545 -58.25 -34.44 -40.94
C VAL F 545 -56.75 -34.71 -40.85
N ARG F 546 -56.08 -34.20 -39.85
CA ARG F 546 -54.68 -34.57 -39.64
C ARG F 546 -54.50 -34.84 -38.15
N TYR F 547 -53.41 -35.48 -37.77
CA TYR F 547 -53.21 -35.87 -36.37
C TYR F 547 -52.00 -35.24 -35.66
N THR F 548 -52.08 -35.03 -34.36
CA THR F 548 -50.90 -34.75 -33.56
C THR F 548 -50.23 -36.07 -33.30
N ASN F 549 -48.96 -36.04 -32.98
CA ASN F 549 -48.26 -37.25 -32.63
C ASN F 549 -48.33 -37.43 -31.13
N ASP F 550 -47.40 -38.19 -30.58
CA ASP F 550 -47.67 -38.58 -29.26
C ASP F 550 -46.88 -37.74 -28.30
N ARG F 551 -46.32 -36.69 -28.87
CA ARG F 551 -45.78 -35.57 -28.13
C ARG F 551 -46.71 -34.41 -28.23
N GLY F 552 -47.87 -34.59 -28.83
CA GLY F 552 -48.80 -33.47 -28.98
C GLY F 552 -48.38 -32.43 -30.01
N GLU F 553 -47.57 -32.81 -31.02
CA GLU F 553 -47.21 -31.82 -32.05
C GLU F 553 -47.96 -32.08 -33.33
N LEU F 554 -48.49 -31.01 -33.90
CA LEU F 554 -48.95 -31.03 -35.28
C LEU F 554 -47.74 -30.73 -36.17
N ILE F 555 -47.56 -31.48 -37.24
CA ILE F 555 -46.42 -31.25 -38.12
C ILE F 555 -46.87 -30.99 -39.56
N PHE F 556 -46.50 -29.81 -40.05
CA PHE F 556 -46.86 -29.36 -41.40
C PHE F 556 -45.67 -29.30 -42.36
N THR F 557 -45.98 -29.39 -43.63
CA THR F 557 -45.06 -29.77 -44.66
C THR F 557 -45.39 -28.96 -45.88
N ALA F 558 -44.48 -28.91 -46.86
CA ALA F 558 -44.75 -28.19 -48.12
C ALA F 558 -46.10 -28.52 -48.73
N ALA F 559 -46.62 -29.70 -48.42
CA ALA F 559 -47.89 -30.05 -49.02
C ALA F 559 -49.02 -29.25 -48.38
N ASP F 560 -48.75 -28.68 -47.19
CA ASP F 560 -49.74 -27.95 -46.38
C ASP F 560 -49.56 -26.45 -46.53
N ILE F 561 -48.31 -26.02 -46.57
CA ILE F 561 -47.99 -24.58 -46.49
C ILE F 561 -47.25 -24.14 -47.72
N LYS F 562 -47.74 -23.06 -48.29
CA LYS F 562 -47.03 -22.38 -49.34
C LYS F 562 -47.67 -21.02 -49.53
N GLY F 563 -46.95 -20.13 -50.20
CA GLY F 563 -47.42 -18.77 -50.40
C GLY F 563 -48.46 -18.66 -51.50
N TYR F 564 -49.39 -17.72 -51.32
CA TYR F 564 -50.47 -17.49 -52.26
C TYR F 564 -50.57 -16.01 -52.52
N ALA F 565 -51.25 -15.63 -53.58
CA ALA F 565 -51.54 -14.21 -53.76
C ALA F 565 -52.92 -14.11 -54.36
N ASN F 566 -53.90 -13.74 -53.58
CA ASN F 566 -55.25 -13.56 -54.09
C ASN F 566 -55.84 -12.40 -53.28
N PRO F 567 -57.09 -12.03 -53.55
CA PRO F 567 -57.63 -10.82 -52.93
C PRO F 567 -57.72 -10.88 -51.40
N GLN F 568 -57.62 -12.06 -50.79
CA GLN F 568 -57.66 -12.07 -49.35
C GLN F 568 -56.32 -12.39 -48.71
N VAL F 569 -55.46 -13.08 -49.45
CA VAL F 569 -54.27 -13.50 -48.80
C VAL F 569 -53.08 -13.16 -49.65
N SER F 570 -52.01 -12.69 -49.00
CA SER F 570 -50.74 -12.41 -49.62
C SER F 570 -49.76 -13.07 -48.69
N GLY F 571 -49.62 -14.38 -48.86
CA GLY F 571 -48.81 -15.17 -47.99
C GLY F 571 -49.62 -16.38 -47.72
N TYR F 572 -49.85 -16.67 -46.47
CA TYR F 572 -50.57 -17.88 -46.20
C TYR F 572 -51.33 -17.79 -44.88
N LEU F 573 -52.52 -18.40 -44.87
CA LEU F 573 -53.27 -18.59 -43.63
C LEU F 573 -53.79 -20.03 -43.51
N GLY F 574 -53.63 -20.63 -42.32
CA GLY F 574 -54.25 -21.91 -42.02
C GLY F 574 -54.60 -21.90 -40.57
N VAL F 575 -55.76 -22.41 -40.24
CA VAL F 575 -56.16 -22.47 -38.86
C VAL F 575 -56.74 -23.85 -38.70
N TRP F 576 -56.34 -24.56 -37.63
CA TRP F 576 -56.89 -25.90 -37.31
C TRP F 576 -57.44 -25.98 -35.88
N VAL F 577 -58.50 -26.76 -35.72
CA VAL F 577 -59.05 -26.98 -34.42
C VAL F 577 -59.27 -28.44 -34.14
N PRO F 578 -59.36 -28.81 -32.85
CA PRO F 578 -59.46 -30.21 -32.58
C PRO F 578 -60.81 -30.75 -32.96
N VAL F 579 -60.85 -31.96 -33.47
CA VAL F 579 -62.11 -32.56 -33.84
C VAL F 579 -62.90 -32.92 -32.58
N GLY F 580 -64.23 -32.80 -32.64
CA GLY F 580 -65.07 -33.39 -31.60
C GLY F 580 -65.73 -32.54 -30.55
N ALA F 581 -65.57 -31.25 -30.69
CA ALA F 581 -66.22 -30.31 -29.83
C ALA F 581 -67.73 -30.46 -30.04
N ALA F 582 -68.53 -30.42 -28.95
CA ALA F 582 -70.00 -30.44 -29.04
C ALA F 582 -70.50 -29.24 -29.77
N ALA F 583 -71.72 -29.33 -30.30
CA ALA F 583 -72.18 -28.26 -31.16
C ALA F 583 -72.25 -26.94 -30.38
N ASP F 584 -72.56 -27.02 -29.12
CA ASP F 584 -72.76 -25.87 -28.30
C ASP F 584 -71.62 -25.75 -27.28
N GLN F 585 -70.41 -26.18 -27.65
CA GLN F 585 -69.28 -26.10 -26.73
C GLN F 585 -68.90 -24.67 -26.62
N ASP F 586 -68.78 -24.17 -25.41
CA ASP F 586 -68.45 -22.75 -25.23
C ASP F 586 -67.44 -22.67 -24.12
N VAL F 587 -66.24 -22.24 -24.42
CA VAL F 587 -65.20 -22.21 -23.40
C VAL F 587 -64.99 -20.86 -22.73
N ARG F 588 -65.89 -19.93 -22.97
CA ARG F 588 -65.80 -18.65 -22.28
C ARG F 588 -66.11 -18.83 -20.84
N VAL F 589 -65.82 -17.79 -20.09
CA VAL F 589 -65.91 -17.89 -18.66
C VAL F 589 -66.41 -16.59 -18.02
N ALA F 590 -67.24 -16.67 -17.03
CA ALA F 590 -67.88 -15.45 -16.53
C ALA F 590 -67.07 -14.87 -15.39
N ALA F 591 -67.10 -13.53 -15.21
CA ALA F 591 -66.31 -12.89 -14.18
C ALA F 591 -66.82 -13.20 -12.79
N SER F 592 -65.92 -13.36 -11.83
CA SER F 592 -66.32 -13.76 -10.48
C SER F 592 -66.85 -12.56 -9.65
N THR F 593 -67.65 -12.82 -8.61
CA THR F 593 -67.96 -11.71 -7.69
C THR F 593 -66.98 -11.54 -6.50
N ALA F 594 -65.89 -12.32 -6.53
CA ALA F 594 -64.88 -12.30 -5.49
C ALA F 594 -64.25 -10.92 -5.39
N PRO F 595 -64.09 -10.40 -4.18
CA PRO F 595 -63.59 -9.05 -4.02
C PRO F 595 -62.26 -8.84 -4.70
N SER F 596 -62.05 -7.70 -5.38
CA SER F 596 -60.71 -7.36 -5.94
C SER F 596 -59.73 -6.97 -4.83
N THR F 597 -58.48 -7.40 -4.90
CA THR F 597 -57.62 -7.08 -3.79
C THR F 597 -56.38 -6.39 -4.22
N ASP F 598 -56.19 -6.19 -5.52
CA ASP F 598 -54.91 -5.69 -5.93
C ASP F 598 -55.03 -4.22 -6.20
N GLY F 599 -56.19 -3.62 -6.03
CA GLY F 599 -56.24 -2.22 -6.32
C GLY F 599 -56.49 -1.81 -7.75
N LYS F 600 -56.61 -2.74 -8.67
CA LYS F 600 -57.02 -2.31 -10.00
C LYS F 600 -58.48 -2.70 -10.16
N SER F 601 -59.14 -2.09 -11.15
CA SER F 601 -60.53 -2.39 -11.43
C SER F 601 -60.64 -3.50 -12.46
N VAL F 602 -60.13 -3.26 -13.66
CA VAL F 602 -60.27 -4.24 -14.70
C VAL F 602 -59.08 -5.13 -14.65
N HIS F 603 -59.32 -6.44 -14.84
CA HIS F 603 -58.23 -7.45 -14.86
C HIS F 603 -58.22 -8.27 -16.19
N GLN F 604 -57.08 -8.31 -16.87
CA GLN F 604 -57.02 -9.11 -18.10
C GLN F 604 -56.91 -10.64 -17.89
N ASN F 605 -57.98 -11.27 -17.40
CA ASN F 605 -57.95 -12.67 -17.05
C ASN F 605 -58.81 -13.47 -18.03
N ALA F 606 -59.05 -14.75 -17.74
CA ALA F 606 -59.88 -15.52 -18.66
C ALA F 606 -61.27 -14.89 -18.89
N ALA F 607 -61.89 -14.30 -17.87
CA ALA F 607 -63.17 -13.67 -18.07
C ALA F 607 -63.07 -12.50 -19.04
N LEU F 608 -62.14 -11.57 -18.82
CA LEU F 608 -62.03 -10.44 -19.78
C LEU F 608 -61.65 -10.94 -21.16
N ASP F 609 -60.85 -12.00 -21.22
CA ASP F 609 -60.44 -12.53 -22.48
C ASP F 609 -61.66 -13.05 -23.25
N SER F 610 -62.68 -13.49 -22.50
CA SER F 610 -63.90 -14.00 -23.10
C SER F 610 -64.74 -12.95 -23.74
N ARG F 611 -64.39 -11.68 -23.61
CA ARG F 611 -65.23 -10.65 -24.20
C ARG F 611 -64.81 -10.36 -25.62
N VAL F 612 -65.69 -9.79 -26.40
CA VAL F 612 -65.37 -9.26 -27.72
C VAL F 612 -66.16 -7.94 -27.98
N MET F 613 -65.45 -6.95 -28.50
CA MET F 613 -66.03 -5.64 -28.72
C MET F 613 -66.30 -5.47 -30.17
N PHE F 614 -67.41 -4.85 -30.48
CA PHE F 614 -67.72 -4.70 -31.88
C PHE F 614 -67.93 -3.23 -32.05
N GLU F 615 -67.13 -2.63 -32.93
CA GLU F 615 -67.32 -1.24 -33.25
C GLU F 615 -68.41 -1.12 -34.35
N GLY F 616 -69.57 -0.63 -33.96
CA GLY F 616 -70.71 -0.88 -34.80
C GLY F 616 -71.06 0.12 -35.87
N PHE F 617 -70.07 0.79 -36.46
CA PHE F 617 -70.43 1.81 -37.43
C PHE F 617 -69.31 2.16 -38.32
N SER F 618 -69.62 2.83 -39.42
CA SER F 618 -68.62 3.23 -40.38
C SER F 618 -68.87 4.68 -40.62
N ASN F 619 -67.83 5.45 -40.75
CA ASN F 619 -68.07 6.86 -40.98
C ASN F 619 -68.76 7.00 -42.27
N PHE F 620 -68.52 6.05 -43.19
CA PHE F 620 -68.93 6.29 -44.57
C PHE F 620 -70.21 5.59 -44.96
N GLN F 621 -70.91 5.03 -43.98
CA GLN F 621 -72.27 4.50 -44.20
C GLN F 621 -73.15 5.43 -44.98
N ALA F 622 -73.88 4.90 -45.94
CA ALA F 622 -74.83 5.70 -46.71
C ALA F 622 -75.85 6.30 -45.71
N PHE F 623 -76.61 7.32 -46.14
CA PHE F 623 -77.67 7.86 -45.32
C PHE F 623 -78.90 7.01 -45.51
N ALA F 624 -79.68 6.81 -44.47
CA ALA F 624 -80.84 5.94 -44.63
C ALA F 624 -81.84 6.64 -45.56
N THR F 625 -82.49 5.87 -46.44
CA THR F 625 -83.46 6.44 -47.37
C THR F 625 -84.87 6.14 -46.87
N LYS F 626 -84.99 5.28 -45.87
CA LYS F 626 -86.31 5.01 -45.27
C LYS F 626 -86.05 4.40 -43.94
N LYS F 627 -87.10 4.41 -43.12
CA LYS F 627 -87.13 3.85 -41.76
C LYS F 627 -86.38 2.51 -41.52
N GLU F 628 -86.60 1.49 -42.35
CA GLU F 628 -85.99 0.17 -42.21
C GLU F 628 -84.47 0.16 -42.45
N GLU F 629 -83.95 1.26 -42.97
CA GLU F 629 -82.53 1.31 -43.24
C GLU F 629 -81.79 1.96 -42.08
N TYR F 630 -82.50 2.59 -41.16
CA TYR F 630 -81.83 3.22 -40.03
C TYR F 630 -80.91 2.24 -39.26
N THR F 631 -79.68 2.65 -38.98
CA THR F 631 -78.79 1.76 -38.22
C THR F 631 -79.45 1.21 -36.96
N ASN F 632 -80.00 2.09 -36.13
CA ASN F 632 -80.52 1.62 -34.87
C ASN F 632 -81.76 0.77 -35.05
N VAL F 633 -82.44 0.87 -36.17
CA VAL F 633 -83.50 -0.09 -36.41
C VAL F 633 -82.85 -1.41 -36.82
N VAL F 634 -81.80 -1.34 -37.60
CA VAL F 634 -81.27 -2.59 -38.10
C VAL F 634 -80.65 -3.36 -36.95
N ILE F 635 -80.02 -2.66 -36.02
CA ILE F 635 -79.29 -3.31 -34.97
C ILE F 635 -80.30 -4.12 -34.17
N ALA F 636 -81.47 -3.56 -33.96
CA ALA F 636 -82.35 -4.25 -33.07
C ALA F 636 -82.82 -5.49 -33.76
N LYS F 637 -82.97 -5.40 -35.06
CA LYS F 637 -83.44 -6.55 -35.81
C LYS F 637 -82.37 -7.64 -35.82
N ASN F 638 -81.10 -7.27 -35.82
CA ASN F 638 -80.05 -8.24 -36.07
C ASN F 638 -79.31 -8.74 -34.83
N VAL F 639 -80.00 -8.55 -33.73
CA VAL F 639 -79.38 -8.66 -32.43
C VAL F 639 -78.84 -10.11 -32.20
N ASP F 640 -79.53 -11.13 -32.75
CA ASP F 640 -79.01 -12.51 -32.69
C ASP F 640 -77.63 -12.68 -33.33
N LYS F 641 -77.40 -11.98 -34.44
CA LYS F 641 -76.12 -12.16 -35.05
C LYS F 641 -75.00 -11.81 -34.08
N PHE F 642 -75.22 -10.77 -33.32
CA PHE F 642 -74.13 -10.31 -32.51
C PHE F 642 -73.98 -11.25 -31.38
N ALA F 643 -75.07 -11.84 -30.93
CA ALA F 643 -74.92 -12.84 -29.90
C ALA F 643 -74.14 -14.04 -30.47
N GLU F 644 -74.43 -14.39 -31.70
CA GLU F 644 -73.86 -15.56 -32.27
C GLU F 644 -72.36 -15.36 -32.43
N TRP F 645 -71.96 -14.10 -32.60
CA TRP F 645 -70.56 -13.75 -32.82
C TRP F 645 -69.78 -13.63 -31.56
N GLY F 646 -70.45 -13.79 -30.43
CA GLY F 646 -69.78 -13.63 -29.16
C GLY F 646 -69.53 -12.16 -28.80
N VAL F 647 -70.24 -11.25 -29.46
CA VAL F 647 -70.07 -9.84 -29.18
C VAL F 647 -70.63 -9.56 -27.82
N THR F 648 -69.79 -9.01 -26.92
CA THR F 648 -70.23 -8.78 -25.52
C THR F 648 -70.29 -7.30 -25.24
N ASP F 649 -69.54 -6.50 -26.01
CA ASP F 649 -69.56 -5.02 -25.87
C ASP F 649 -69.79 -4.33 -27.16
N PHE F 650 -70.96 -3.75 -27.28
CA PHE F 650 -71.31 -3.17 -28.55
C PHE F 650 -70.94 -1.71 -28.51
N GLU F 651 -69.85 -1.34 -29.15
CA GLU F 651 -69.49 0.08 -29.25
C GLU F 651 -70.40 0.81 -30.29
N MET F 652 -71.32 1.66 -29.83
CA MET F 652 -72.23 2.37 -30.75
C MET F 652 -71.63 3.63 -31.22
N ALA F 653 -71.99 4.11 -32.42
CA ALA F 653 -71.49 5.41 -32.89
C ALA F 653 -71.81 6.46 -31.83
N PRO F 654 -71.15 7.62 -31.86
CA PRO F 654 -71.66 8.71 -31.03
C PRO F 654 -73.05 9.03 -31.49
N GLN F 655 -73.99 9.20 -30.56
CA GLN F 655 -75.40 9.30 -30.98
C GLN F 655 -75.98 10.70 -31.12
N TYR F 656 -75.18 11.73 -30.81
CA TYR F 656 -75.58 13.18 -30.85
C TYR F 656 -75.95 13.59 -32.27
N VAL F 657 -76.94 14.46 -32.38
CA VAL F 657 -77.42 14.92 -33.68
C VAL F 657 -76.32 15.72 -34.34
N SER F 658 -75.97 15.31 -35.55
CA SER F 658 -74.79 15.85 -36.16
C SER F 658 -74.99 17.30 -36.64
N SER F 659 -73.98 18.14 -36.56
CA SER F 659 -74.08 19.41 -37.28
C SER F 659 -73.78 19.20 -38.78
N THR F 660 -74.09 20.19 -39.63
CA THR F 660 -73.99 19.99 -41.08
C THR F 660 -73.15 21.08 -41.78
N ASP F 661 -72.21 21.67 -41.04
CA ASP F 661 -71.51 22.84 -41.54
C ASP F 661 -70.52 22.39 -42.57
N GLY F 662 -70.14 21.11 -42.54
CA GLY F 662 -69.32 20.55 -43.61
C GLY F 662 -67.90 21.03 -43.43
N SER F 663 -67.56 21.53 -42.26
CA SER F 663 -66.23 22.05 -41.98
C SER F 663 -65.20 20.94 -41.68
N PHE F 664 -65.66 19.70 -41.50
CA PHE F 664 -64.73 18.60 -41.33
C PHE F 664 -65.42 17.36 -41.74
N LEU F 665 -64.66 16.32 -42.06
CA LEU F 665 -65.27 15.04 -42.43
C LEU F 665 -66.45 14.71 -41.50
N ASP F 666 -66.24 14.79 -40.20
CA ASP F 666 -67.30 14.41 -39.29
C ASP F 666 -68.65 15.08 -39.54
N SER F 667 -68.66 16.31 -40.04
CA SER F 667 -69.96 16.92 -40.29
C SER F 667 -70.41 16.84 -41.73
N VAL F 668 -69.64 16.17 -42.58
CA VAL F 668 -70.05 15.93 -43.98
C VAL F 668 -70.74 14.57 -44.01
N ILE F 669 -70.17 13.54 -43.38
CA ILE F 669 -70.85 12.25 -43.35
C ILE F 669 -71.66 12.05 -42.04
N GLN F 670 -71.66 13.09 -41.20
CA GLN F 670 -72.55 13.17 -40.04
C GLN F 670 -72.50 11.94 -39.13
N ASN F 671 -71.28 11.58 -38.70
CA ASN F 671 -71.11 10.37 -37.95
C ASN F 671 -71.56 10.48 -36.54
N GLY F 672 -71.63 11.69 -36.02
CA GLY F 672 -71.99 11.84 -34.64
C GLY F 672 -70.91 12.53 -33.79
N TYR F 673 -69.69 12.66 -34.32
CA TYR F 673 -68.65 13.40 -33.61
C TYR F 673 -68.73 14.91 -33.73
N ALA F 674 -69.50 15.45 -34.69
CA ALA F 674 -69.56 16.88 -34.83
C ALA F 674 -70.96 17.28 -34.46
N PHE F 675 -71.15 17.99 -33.34
CA PHE F 675 -72.49 18.23 -32.79
C PHE F 675 -72.60 19.59 -32.13
N THR F 676 -73.83 20.11 -32.07
CA THR F 676 -74.05 21.40 -31.39
C THR F 676 -74.69 21.21 -30.01
N ASP F 677 -75.26 20.05 -29.76
CA ASP F 677 -76.00 19.89 -28.55
C ASP F 677 -75.67 18.54 -27.97
N ARG F 678 -75.05 18.51 -26.78
CA ARG F 678 -74.51 17.26 -26.18
C ARG F 678 -75.57 16.30 -25.70
N TYR F 679 -76.77 16.80 -25.47
CA TYR F 679 -77.86 15.95 -25.01
C TYR F 679 -78.91 15.65 -26.07
N ASP F 680 -78.72 16.14 -27.29
CA ASP F 680 -79.63 15.86 -28.39
C ASP F 680 -79.37 14.46 -29.04
N LEU F 681 -79.78 13.41 -28.33
CA LEU F 681 -79.57 12.05 -28.80
C LEU F 681 -80.69 11.62 -29.74
N GLY F 682 -80.81 12.31 -30.86
CA GLY F 682 -81.86 12.00 -31.81
C GLY F 682 -83.17 12.52 -31.29
N ILE F 683 -83.07 13.46 -30.38
CA ILE F 683 -84.28 13.98 -29.78
C ILE F 683 -84.99 15.06 -30.60
N SER F 684 -84.28 16.10 -31.01
CA SER F 684 -84.93 17.16 -31.76
C SER F 684 -85.18 16.75 -33.21
N LYS F 685 -84.43 15.77 -33.72
CA LYS F 685 -84.69 15.18 -35.03
C LYS F 685 -83.87 13.93 -35.09
N PRO F 686 -84.11 13.09 -36.09
CA PRO F 686 -83.30 11.88 -36.13
C PRO F 686 -81.80 12.16 -36.30
N ASN F 687 -80.94 11.30 -35.79
CA ASN F 687 -79.55 11.38 -36.13
C ASN F 687 -79.31 10.45 -37.33
N LYS F 688 -78.06 10.08 -37.62
CA LYS F 688 -77.82 9.38 -38.85
C LYS F 688 -78.39 8.00 -38.68
N TYR F 689 -78.50 7.62 -37.42
CA TYR F 689 -78.82 6.23 -37.05
C TYR F 689 -80.30 5.97 -36.66
N GLY F 690 -81.13 7.00 -36.74
CA GLY F 690 -82.52 6.90 -36.38
C GLY F 690 -82.95 7.90 -35.31
N THR F 691 -84.21 7.79 -34.87
CA THR F 691 -84.76 8.67 -33.84
C THR F 691 -84.38 8.20 -32.47
N ALA F 692 -84.63 9.05 -31.49
CA ALA F 692 -84.28 8.75 -30.10
C ALA F 692 -84.96 7.48 -29.67
N ASP F 693 -86.18 7.26 -30.13
CA ASP F 693 -86.83 6.00 -29.81
C ASP F 693 -86.20 4.78 -30.42
N ASP F 694 -85.76 4.93 -31.65
CA ASP F 694 -84.98 3.88 -32.29
C ASP F 694 -83.72 3.51 -31.46
N LEU F 695 -83.08 4.52 -30.88
CA LEU F 695 -81.86 4.31 -30.16
C LEU F 695 -82.23 3.54 -28.91
N VAL F 696 -83.34 3.91 -28.32
CA VAL F 696 -83.81 3.26 -27.11
C VAL F 696 -84.10 1.79 -27.35
N LYS F 697 -84.98 1.50 -28.31
CA LYS F 697 -85.22 0.13 -28.70
C LYS F 697 -83.96 -0.67 -29.07
N ALA F 698 -82.91 -0.04 -29.56
CA ALA F 698 -81.77 -0.87 -29.90
C ALA F 698 -81.02 -1.28 -28.66
N ILE F 699 -81.02 -0.39 -27.67
CA ILE F 699 -80.22 -0.64 -26.48
C ILE F 699 -80.94 -1.77 -25.76
N LYS F 700 -82.26 -1.69 -25.68
CA LYS F 700 -83.00 -2.77 -25.06
C LYS F 700 -82.85 -4.07 -25.80
N ALA F 701 -82.80 -4.00 -27.12
CA ALA F 701 -82.57 -5.17 -27.94
C ALA F 701 -81.27 -5.80 -27.54
N LEU F 702 -80.23 -4.99 -27.42
CA LEU F 702 -78.94 -5.56 -27.18
C LEU F 702 -78.92 -6.12 -25.76
N HIS F 703 -79.65 -5.46 -24.86
CA HIS F 703 -79.62 -5.91 -23.49
C HIS F 703 -80.34 -7.21 -23.42
N SER F 704 -81.27 -7.43 -24.32
CA SER F 704 -82.08 -8.63 -24.22
C SER F 704 -81.22 -9.87 -24.51
N LYS F 705 -80.07 -9.69 -25.14
CA LYS F 705 -79.12 -10.76 -25.37
C LYS F 705 -77.92 -10.64 -24.43
N GLY F 706 -78.02 -9.79 -23.40
CA GLY F 706 -76.96 -9.61 -22.46
C GLY F 706 -75.78 -8.81 -22.96
N ILE F 707 -75.89 -8.19 -24.12
CA ILE F 707 -74.78 -7.44 -24.65
C ILE F 707 -74.72 -6.03 -24.06
N LYS F 708 -73.54 -5.58 -23.67
CA LYS F 708 -73.41 -4.22 -23.15
C LYS F 708 -73.30 -3.21 -24.29
N VAL F 709 -73.77 -2.00 -24.04
CA VAL F 709 -73.80 -0.94 -25.03
C VAL F 709 -72.96 0.24 -24.54
N MET F 710 -72.13 0.77 -25.42
CA MET F 710 -71.12 1.76 -25.05
C MET F 710 -71.49 3.11 -25.63
N ALA F 711 -71.41 4.15 -24.80
CA ALA F 711 -71.69 5.51 -25.27
C ALA F 711 -70.37 6.28 -25.53
N ASP F 712 -70.29 6.94 -26.68
CA ASP F 712 -69.10 7.70 -27.00
C ASP F 712 -69.18 9.02 -26.24
N TRP F 713 -68.34 9.19 -25.23
CA TRP F 713 -68.24 10.45 -24.54
C TRP F 713 -67.19 11.29 -25.26
N VAL F 714 -67.60 12.48 -25.68
CA VAL F 714 -66.82 13.31 -26.63
C VAL F 714 -66.67 14.73 -26.05
N PRO F 715 -65.79 14.85 -25.07
CA PRO F 715 -65.60 16.12 -24.37
C PRO F 715 -64.69 17.12 -25.07
N ASP F 716 -64.07 16.78 -26.19
CA ASP F 716 -63.10 17.70 -26.69
C ASP F 716 -63.70 18.99 -27.32
N GLN F 717 -64.78 18.89 -28.10
CA GLN F 717 -65.21 20.05 -28.87
C GLN F 717 -66.67 20.10 -29.23
N MET F 718 -67.10 21.23 -29.77
CA MET F 718 -68.43 21.33 -30.37
C MET F 718 -68.43 22.17 -31.61
N TYR F 719 -69.42 21.96 -32.45
CA TYR F 719 -69.43 22.57 -33.75
C TYR F 719 -70.62 23.47 -33.83
N ALA F 720 -70.48 24.52 -34.65
CA ALA F 720 -71.62 25.22 -35.22
C ALA F 720 -72.52 25.78 -34.16
N LEU F 721 -71.96 26.48 -33.20
CA LEU F 721 -72.85 27.03 -32.21
C LEU F 721 -73.64 28.11 -32.92
N PRO F 722 -74.92 28.30 -32.52
CA PRO F 722 -75.86 29.20 -33.22
C PRO F 722 -75.60 30.70 -33.03
N GLU F 723 -75.16 31.15 -31.86
CA GLU F 723 -75.00 32.59 -31.55
C GLU F 723 -73.58 33.14 -31.51
N LYS F 724 -73.38 34.29 -32.12
CA LYS F 724 -72.05 34.88 -32.20
C LYS F 724 -71.66 35.56 -30.93
N GLU F 725 -70.37 35.61 -30.67
CA GLU F 725 -69.86 36.26 -29.50
C GLU F 725 -68.56 36.89 -29.92
N VAL F 726 -68.12 37.94 -29.24
CA VAL F 726 -66.88 38.61 -29.62
C VAL F 726 -65.83 38.26 -28.57
N VAL F 727 -64.68 37.75 -28.97
CA VAL F 727 -63.68 37.39 -28.00
C VAL F 727 -62.39 38.14 -28.28
N THR F 728 -61.42 38.07 -27.38
CA THR F 728 -60.11 38.65 -27.66
C THR F 728 -59.26 37.47 -28.07
N ALA F 729 -58.81 37.42 -29.31
CA ALA F 729 -58.23 36.19 -29.81
C ALA F 729 -56.78 36.36 -30.19
N THR F 730 -56.07 35.25 -30.27
CA THR F 730 -54.70 35.17 -30.84
C THR F 730 -54.52 33.97 -31.78
N ARG F 731 -53.92 34.17 -32.94
CA ARG F 731 -53.64 33.04 -33.81
C ARG F 731 -52.67 32.10 -33.15
N VAL F 732 -53.03 30.82 -33.10
CA VAL F 732 -52.18 29.86 -32.40
C VAL F 732 -52.07 28.57 -33.18
N ASP F 733 -51.03 27.81 -32.86
CA ASP F 733 -50.88 26.53 -33.46
C ASP F 733 -51.55 25.54 -32.52
N LYS F 734 -51.52 24.24 -32.83
CA LYS F 734 -52.39 23.39 -32.05
C LYS F 734 -51.95 23.19 -30.63
N TYR F 735 -50.81 23.76 -30.25
CA TYR F 735 -50.36 23.72 -28.86
C TYR F 735 -50.79 24.95 -28.14
N GLY F 736 -51.46 25.88 -28.85
CA GLY F 736 -51.79 27.17 -28.29
C GLY F 736 -50.61 28.12 -28.30
N THR F 737 -49.58 27.87 -29.06
CA THR F 737 -48.53 28.88 -29.18
C THR F 737 -48.79 29.89 -30.32
N PRO F 738 -48.58 31.18 -30.01
CA PRO F 738 -48.88 32.21 -30.98
C PRO F 738 -48.08 31.97 -32.23
N VAL F 739 -48.75 31.89 -33.39
CA VAL F 739 -48.11 31.86 -34.71
C VAL F 739 -47.26 33.11 -35.03
N ALA F 740 -46.05 32.87 -35.46
CA ALA F 740 -45.14 33.98 -35.71
C ALA F 740 -45.62 34.70 -36.95
N GLY F 741 -45.62 36.03 -36.87
CA GLY F 741 -46.07 36.87 -38.01
C GLY F 741 -47.58 36.81 -38.38
N SER F 742 -48.43 36.48 -37.40
CA SER F 742 -49.85 36.66 -37.59
C SER F 742 -50.18 38.06 -37.14
N GLN F 743 -51.16 38.67 -37.81
CA GLN F 743 -51.68 40.01 -37.44
C GLN F 743 -52.59 39.94 -36.21
N ILE F 744 -53.17 38.75 -35.99
CA ILE F 744 -54.19 38.54 -34.99
C ILE F 744 -53.53 38.18 -33.70
N LYS F 745 -53.19 39.19 -32.92
CA LYS F 745 -52.62 38.94 -31.62
C LYS F 745 -53.38 39.79 -30.63
N ASN F 746 -54.12 39.14 -29.74
CA ASN F 746 -54.97 39.84 -28.76
C ASN F 746 -56.01 40.75 -29.34
N THR F 747 -56.57 40.40 -30.48
CA THR F 747 -57.43 41.32 -31.16
C THR F 747 -58.86 40.76 -31.12
N LEU F 748 -59.85 41.60 -31.41
CA LEU F 748 -61.25 41.22 -31.30
C LEU F 748 -61.72 40.39 -32.48
N TYR F 749 -62.40 39.28 -32.22
CA TYR F 749 -62.77 38.37 -33.29
C TYR F 749 -64.18 37.93 -33.03
N VAL F 750 -64.97 37.75 -34.08
CA VAL F 750 -66.34 37.29 -33.89
C VAL F 750 -66.40 35.79 -34.05
N VAL F 751 -66.78 35.08 -33.03
CA VAL F 751 -66.87 33.65 -33.15
C VAL F 751 -68.33 33.23 -33.16
N ASP F 752 -68.62 32.00 -33.59
CA ASP F 752 -69.91 31.38 -33.32
C ASP F 752 -69.71 30.60 -32.06
N GLY F 753 -69.97 31.22 -30.92
CA GLY F 753 -69.53 30.64 -29.68
C GLY F 753 -70.54 30.44 -28.56
N LYS F 754 -71.83 30.58 -28.88
CA LYS F 754 -72.91 30.38 -27.91
C LYS F 754 -74.01 29.41 -28.38
N SER F 755 -74.52 28.56 -27.49
CA SER F 755 -75.66 27.69 -27.84
C SER F 755 -76.94 28.45 -27.70
N SER F 756 -78.04 27.86 -28.17
CA SER F 756 -79.33 28.57 -28.24
C SER F 756 -79.94 28.96 -26.91
N GLY F 757 -79.57 28.29 -25.83
CA GLY F 757 -80.21 28.53 -24.53
C GLY F 757 -81.56 27.85 -24.34
N LYS F 758 -82.01 27.10 -25.34
CA LYS F 758 -83.30 26.46 -25.39
C LYS F 758 -83.17 25.16 -26.15
N ASP F 759 -82.04 24.50 -25.99
CA ASP F 759 -81.87 23.16 -26.54
C ASP F 759 -81.92 22.10 -25.43
N GLN F 760 -81.41 20.92 -25.73
CA GLN F 760 -81.41 19.88 -24.74
C GLN F 760 -80.42 20.28 -23.66
N GLN F 761 -79.32 20.88 -24.08
CA GLN F 761 -78.34 21.36 -23.11
C GLN F 761 -78.99 22.21 -22.04
N ALA F 762 -79.88 23.09 -22.49
CA ALA F 762 -80.61 24.00 -21.60
C ALA F 762 -81.48 23.21 -20.64
N LYS F 763 -82.01 22.10 -21.12
CA LYS F 763 -82.84 21.30 -20.27
C LYS F 763 -82.03 20.54 -19.25
N TYR F 764 -80.98 19.82 -19.66
CA TYR F 764 -80.33 18.86 -18.78
C TYR F 764 -79.04 19.34 -18.23
N GLY F 765 -78.56 20.46 -18.75
CA GLY F 765 -77.25 20.92 -18.33
C GLY F 765 -77.22 21.11 -16.84
N GLY F 766 -76.30 20.47 -16.15
CA GLY F 766 -76.19 20.66 -14.71
C GLY F 766 -77.32 20.05 -13.88
N ALA F 767 -78.26 19.40 -14.54
CA ALA F 767 -79.42 18.89 -13.86
C ALA F 767 -79.18 17.81 -12.78
N PHE F 768 -78.11 17.05 -12.86
CA PHE F 768 -77.94 15.92 -11.95
C PHE F 768 -76.86 16.18 -10.94
N LEU F 769 -76.34 17.38 -10.97
CA LEU F 769 -75.23 17.70 -10.13
C LEU F 769 -75.58 17.59 -8.66
N GLU F 770 -76.76 18.11 -8.33
CA GLU F 770 -77.19 18.08 -6.95
C GLU F 770 -77.34 16.63 -6.47
N GLU F 771 -77.98 15.79 -7.26
CA GLU F 771 -78.13 14.42 -6.86
C GLU F 771 -76.76 13.74 -6.81
N LEU F 772 -75.85 14.08 -7.73
CA LEU F 772 -74.51 13.49 -7.64
C LEU F 772 -73.77 13.93 -6.36
N GLN F 773 -73.85 15.20 -5.99
CA GLN F 773 -73.17 15.56 -4.75
C GLN F 773 -73.72 14.79 -3.59
N ALA F 774 -75.01 14.55 -3.59
CA ALA F 774 -75.63 13.88 -2.45
C ALA F 774 -75.18 12.40 -2.38
N LYS F 775 -75.24 11.67 -3.48
CA LYS F 775 -74.89 10.26 -3.43
C LYS F 775 -73.39 10.02 -3.43
N TYR F 776 -72.62 10.84 -4.14
CA TYR F 776 -71.23 10.52 -4.28
C TYR F 776 -70.38 11.70 -4.02
N PRO F 777 -70.35 12.14 -2.77
CA PRO F 777 -69.56 13.27 -2.30
C PRO F 777 -68.04 13.11 -2.51
N GLU F 778 -67.49 11.90 -2.40
CA GLU F 778 -66.11 11.70 -2.76
C GLU F 778 -65.75 12.29 -4.15
N LEU F 779 -66.60 12.18 -5.18
CA LEU F 779 -66.23 12.78 -6.47
C LEU F 779 -65.86 14.28 -6.37
N PHE F 780 -66.58 15.01 -5.54
CA PHE F 780 -66.39 16.47 -5.49
C PHE F 780 -65.37 16.82 -4.44
N ALA F 781 -64.95 15.81 -3.68
CA ALA F 781 -63.92 15.96 -2.70
C ALA F 781 -62.55 16.08 -3.40
N ARG F 782 -62.36 15.35 -4.50
CA ARG F 782 -61.06 15.25 -5.12
C ARG F 782 -60.58 16.56 -5.73
N LYS F 783 -59.29 16.81 -5.53
CA LYS F 783 -58.65 17.96 -6.14
C LYS F 783 -57.98 17.55 -7.45
N GLN F 784 -58.51 18.02 -8.58
CA GLN F 784 -58.03 17.47 -9.81
C GLN F 784 -56.54 17.80 -10.04
N ILE F 785 -55.80 16.84 -10.60
CA ILE F 785 -54.42 17.13 -10.88
C ILE F 785 -54.10 18.45 -11.67
N SER F 786 -54.75 18.72 -12.79
CA SER F 786 -54.23 19.82 -13.59
C SER F 786 -54.50 21.15 -12.93
N THR F 787 -55.65 21.24 -12.25
CA THR F 787 -56.13 22.50 -11.64
C THR F 787 -55.77 22.64 -10.20
N GLY F 788 -55.59 21.53 -9.49
CA GLY F 788 -55.28 21.61 -8.07
C GLY F 788 -56.49 21.76 -7.15
N VAL F 789 -57.67 21.95 -7.71
CA VAL F 789 -58.89 22.18 -6.94
C VAL F 789 -59.97 21.22 -7.41
N PRO F 790 -61.13 21.21 -6.71
CA PRO F 790 -62.20 20.27 -7.00
C PRO F 790 -63.00 20.76 -8.15
N MET F 791 -63.83 19.91 -8.73
CA MET F 791 -64.78 20.37 -9.73
C MET F 791 -65.68 21.37 -9.01
N ASP F 792 -66.22 22.32 -9.78
CA ASP F 792 -67.11 23.36 -9.26
C ASP F 792 -68.52 23.19 -9.79
N PRO F 793 -69.34 22.42 -9.05
CA PRO F 793 -70.73 22.13 -9.38
C PRO F 793 -71.66 23.23 -8.95
N SER F 794 -71.09 24.31 -8.47
CA SER F 794 -71.91 25.42 -8.02
C SER F 794 -72.70 26.16 -9.13
N VAL F 795 -72.20 26.20 -10.37
CA VAL F 795 -72.97 26.80 -11.45
C VAL F 795 -73.34 25.77 -12.49
N LYS F 796 -74.51 25.89 -13.09
CA LYS F 796 -74.87 25.01 -14.20
C LYS F 796 -74.55 25.62 -15.55
N ILE F 797 -74.12 24.79 -16.49
CA ILE F 797 -74.02 25.24 -17.85
C ILE F 797 -75.32 24.95 -18.59
N LYS F 798 -76.10 26.02 -18.82
CA LYS F 798 -77.39 25.97 -19.52
C LYS F 798 -77.16 26.52 -20.93
N GLN F 799 -76.18 27.43 -21.04
CA GLN F 799 -75.77 27.95 -22.33
C GLN F 799 -74.26 27.96 -22.48
N TRP F 800 -73.75 27.28 -23.49
CA TRP F 800 -72.32 27.37 -23.80
C TRP F 800 -71.98 28.78 -24.30
N SER F 801 -70.80 29.26 -23.95
CA SER F 801 -70.44 30.64 -24.15
C SER F 801 -68.92 30.64 -24.20
N ALA F 802 -68.30 31.64 -24.80
CA ALA F 802 -66.85 31.61 -25.02
C ALA F 802 -66.02 31.39 -23.74
N LYS F 803 -66.61 31.65 -22.61
CA LYS F 803 -65.83 31.54 -21.41
C LYS F 803 -65.55 30.06 -21.01
N TYR F 804 -66.20 29.14 -21.69
CA TYR F 804 -66.09 27.75 -21.38
C TYR F 804 -65.20 27.02 -22.38
N PHE F 805 -64.64 27.77 -23.35
CA PHE F 805 -63.80 27.22 -24.39
C PHE F 805 -62.40 27.76 -24.43
N ASN F 806 -61.49 26.98 -24.98
CA ASN F 806 -60.14 27.46 -25.08
C ASN F 806 -60.01 28.39 -26.27
N GLY F 807 -60.74 28.10 -27.34
CA GLY F 807 -60.61 28.83 -28.57
C GLY F 807 -61.33 28.04 -29.64
N THR F 808 -61.06 28.37 -30.90
CA THR F 808 -61.85 27.86 -32.00
C THR F 808 -60.89 27.69 -33.15
N ASN F 809 -61.29 26.95 -34.15
CA ASN F 809 -60.56 26.95 -35.38
C ASN F 809 -60.90 28.29 -36.11
N ILE F 810 -59.96 28.76 -36.93
CA ILE F 810 -60.10 30.03 -37.63
C ILE F 810 -61.32 30.00 -38.57
N LEU F 811 -62.11 31.08 -38.68
CA LEU F 811 -63.38 31.03 -39.42
C LEU F 811 -63.34 31.83 -40.69
N GLY F 812 -62.17 32.35 -41.02
CA GLY F 812 -61.99 33.08 -42.26
C GLY F 812 -62.76 34.38 -42.22
N ARG F 813 -62.83 35.00 -41.06
CA ARG F 813 -63.59 36.21 -40.96
C ARG F 813 -62.69 37.44 -41.03
N GLY F 814 -61.41 37.25 -40.71
CA GLY F 814 -60.39 38.27 -40.95
C GLY F 814 -59.99 39.01 -39.71
N ALA F 815 -58.80 39.57 -39.70
CA ALA F 815 -58.36 40.24 -38.50
C ALA F 815 -59.10 41.55 -38.16
N GLY F 816 -59.88 42.11 -39.10
CA GLY F 816 -60.52 43.43 -38.89
C GLY F 816 -62.01 43.39 -39.05
N TYR F 817 -62.59 42.24 -38.82
CA TYR F 817 -64.01 42.06 -38.97
C TYR F 817 -64.77 42.94 -38.01
N VAL F 818 -64.25 43.05 -36.80
CA VAL F 818 -64.83 43.96 -35.80
C VAL F 818 -64.41 45.39 -36.08
N LEU F 819 -65.33 46.23 -36.51
CA LEU F 819 -64.94 47.51 -37.05
C LEU F 819 -64.29 48.44 -36.02
N LYS F 820 -63.31 49.19 -36.51
CA LYS F 820 -62.43 50.00 -35.67
C LYS F 820 -62.13 51.32 -36.36
N ASP F 821 -62.57 52.44 -35.79
CA ASP F 821 -62.27 53.76 -36.40
C ASP F 821 -60.78 53.89 -36.81
N GLN F 822 -60.51 53.97 -38.12
CA GLN F 822 -59.12 53.79 -38.67
C GLN F 822 -58.20 54.77 -37.98
N ALA F 823 -58.63 56.05 -38.03
CA ALA F 823 -57.85 57.17 -37.47
C ALA F 823 -57.44 56.94 -36.00
N THR F 824 -58.41 57.00 -35.08
CA THR F 824 -58.16 56.86 -33.65
C THR F 824 -57.75 55.42 -33.38
N ASN F 825 -57.90 54.58 -34.39
CA ASN F 825 -57.56 53.22 -34.15
C ASN F 825 -58.28 52.71 -32.89
N THR F 826 -59.60 52.81 -32.89
CA THR F 826 -60.37 52.44 -31.72
C THR F 826 -61.55 51.59 -32.12
N TYR F 827 -61.88 50.58 -31.30
CA TYR F 827 -63.09 49.83 -31.58
C TYR F 827 -64.39 50.59 -31.38
N PHE F 828 -65.26 50.60 -32.38
CA PHE F 828 -66.55 51.22 -32.18
C PHE F 828 -67.29 50.42 -31.17
N SER F 829 -68.24 51.05 -30.49
CA SER F 829 -68.97 50.41 -29.40
C SER F 829 -70.36 51.00 -29.20
N LEU F 830 -71.31 50.14 -28.83
CA LEU F 830 -72.65 50.64 -28.54
C LEU F 830 -73.10 50.40 -27.09
N VAL F 831 -72.19 50.18 -26.13
CA VAL F 831 -72.64 50.13 -24.70
C VAL F 831 -73.17 51.51 -24.30
N SER F 832 -74.37 51.59 -23.72
CA SER F 832 -75.10 52.93 -23.59
C SER F 832 -74.33 54.04 -22.86
N ASP F 833 -73.66 53.60 -21.81
CA ASP F 833 -72.87 54.38 -20.85
C ASP F 833 -71.75 55.24 -21.53
N ASN F 834 -71.17 54.67 -22.59
CA ASN F 834 -70.10 55.24 -23.38
C ASN F 834 -70.13 54.60 -24.81
N THR F 835 -70.61 55.41 -25.75
CA THR F 835 -70.84 54.99 -27.12
C THR F 835 -69.77 55.59 -28.02
N PHE F 836 -69.33 54.86 -29.03
CA PHE F 836 -68.42 55.41 -30.04
C PHE F 836 -68.77 54.83 -31.41
N LEU F 837 -69.26 55.68 -32.29
CA LEU F 837 -69.62 55.26 -33.63
C LEU F 837 -68.84 56.12 -34.60
N PRO F 838 -68.85 55.79 -35.90
CA PRO F 838 -68.28 56.63 -36.98
C PRO F 838 -69.00 57.96 -37.08
N LYS F 839 -68.23 59.03 -37.31
CA LYS F 839 -68.74 60.42 -37.30
C LYS F 839 -69.90 60.53 -38.28
N SER F 840 -69.69 59.90 -39.43
CA SER F 840 -70.56 60.02 -40.60
C SER F 840 -72.01 59.54 -40.41
N LEU F 841 -72.23 58.50 -39.60
CA LEU F 841 -73.61 58.04 -39.33
C LEU F 841 -74.31 58.76 -38.20
N VAL F 842 -73.57 59.06 -37.11
CA VAL F 842 -74.10 59.92 -36.04
C VAL F 842 -74.16 61.36 -36.53
N ASN F 843 -73.06 62.09 -36.36
CA ASN F 843 -73.04 63.52 -36.68
C ASN F 843 -72.55 63.85 -38.11
N PRO F 844 -73.49 64.26 -39.00
CA PRO F 844 -73.33 64.50 -40.45
C PRO F 844 -72.32 65.59 -40.85
N SER G 1 -21.28 53.21 95.74
CA SER G 1 -20.30 53.10 94.63
C SER G 1 -18.84 52.77 95.09
N PHE G 2 -18.25 51.80 94.39
CA PHE G 2 -17.05 51.08 94.81
C PHE G 2 -15.84 51.83 94.36
N ALA G 3 -16.02 52.64 93.31
CA ALA G 3 -14.87 53.05 92.50
C ALA G 3 -13.70 53.50 93.34
N GLN G 4 -13.99 53.91 94.58
CA GLN G 4 -12.95 54.38 95.50
C GLN G 4 -12.13 53.27 96.18
N TYR G 5 -12.70 52.09 96.43
CA TYR G 5 -11.91 51.03 97.03
C TYR G 5 -11.21 50.24 95.92
N ASN G 6 -11.80 50.23 94.73
CA ASN G 6 -11.22 49.51 93.62
C ASN G 6 -10.07 50.21 92.98
N GLN G 7 -9.93 51.50 93.19
CA GLN G 7 -8.84 52.17 92.51
C GLN G 7 -7.55 51.51 92.95
N VAL G 8 -6.56 51.70 92.13
CA VAL G 8 -5.38 50.91 92.24
C VAL G 8 -4.67 51.33 93.51
N TYR G 9 -4.00 50.39 94.17
CA TYR G 9 -3.33 50.65 95.45
C TYR G 9 -2.26 51.74 95.33
N SER G 10 -1.35 51.62 94.37
CA SER G 10 -0.29 52.60 94.10
C SER G 10 0.02 52.56 92.60
N THR G 11 0.45 53.67 92.01
CA THR G 11 0.73 53.62 90.59
C THR G 11 2.12 53.03 90.34
N ASP G 12 2.65 52.35 91.36
CA ASP G 12 3.91 51.61 91.23
C ASP G 12 3.74 50.38 90.39
N ALA G 13 4.73 50.11 89.54
CA ALA G 13 4.71 48.89 88.69
C ALA G 13 4.53 47.60 89.51
N ALA G 14 5.24 47.53 90.65
CA ALA G 14 5.18 46.38 91.53
C ALA G 14 3.71 46.03 91.86
N ASN G 15 2.80 46.86 91.39
CA ASN G 15 1.45 46.83 91.87
C ASN G 15 0.51 46.19 90.85
N PHE G 16 1.04 45.98 89.64
CA PHE G 16 0.32 45.26 88.61
C PHE G 16 1.11 44.05 88.10
N GLU G 17 0.44 43.08 87.53
CA GLU G 17 1.15 42.10 86.75
C GLU G 17 1.26 42.62 85.34
N HIS G 18 2.36 43.30 85.03
CA HIS G 18 2.52 43.88 83.70
C HIS G 18 3.44 42.99 82.91
N VAL G 19 3.59 43.27 81.63
CA VAL G 19 4.65 42.62 80.86
C VAL G 19 5.43 43.75 80.22
N ASP G 20 6.68 43.94 80.66
CA ASP G 20 7.53 44.92 80.01
C ASP G 20 6.86 46.28 80.20
N HIS G 21 6.16 46.39 81.34
CA HIS G 21 5.47 47.62 81.76
C HIS G 21 4.17 47.98 81.05
N TYR G 22 3.54 46.96 80.44
CA TYR G 22 2.29 47.15 79.74
C TYR G 22 1.31 46.27 80.47
N LEU G 23 0.02 46.57 80.33
CA LEU G 23 -1.07 45.76 80.91
C LEU G 23 -1.78 44.95 79.87
N THR G 24 -2.22 43.77 80.26
CA THR G 24 -2.85 42.92 79.28
C THR G 24 -4.18 42.48 79.84
N ALA G 25 -5.04 41.94 78.98
CA ALA G 25 -6.38 41.67 79.37
C ALA G 25 -6.37 40.70 80.52
N GLU G 26 -5.27 40.01 80.74
CA GLU G 26 -5.24 39.05 81.84
C GLU G 26 -4.45 39.47 83.09
N SER G 27 -3.94 40.70 83.08
CA SER G 27 -3.29 41.37 84.21
C SER G 27 -4.18 41.44 85.45
N TRP G 28 -3.63 41.14 86.60
CA TRP G 28 -4.29 41.41 87.84
C TRP G 28 -3.54 42.54 88.50
N TYR G 29 -4.15 43.18 89.49
CA TYR G 29 -3.53 44.34 90.12
C TYR G 29 -4.04 44.39 91.55
N ARG G 30 -3.36 45.18 92.38
CA ARG G 30 -3.71 45.32 93.77
C ARG G 30 -4.54 46.57 94.04
N PRO G 31 -5.80 46.35 94.48
CA PRO G 31 -6.75 47.41 94.80
C PRO G 31 -6.48 47.97 96.21
N LYS G 32 -6.98 49.18 96.48
CA LYS G 32 -6.77 49.75 97.80
C LYS G 32 -7.43 48.88 98.88
N TYR G 33 -8.65 48.45 98.64
CA TYR G 33 -9.39 47.66 99.63
C TYR G 33 -9.97 46.41 99.00
N ILE G 34 -10.32 45.45 99.85
CA ILE G 34 -10.98 44.27 99.36
C ILE G 34 -12.31 44.18 100.07
N LEU G 35 -13.34 43.85 99.30
CA LEU G 35 -14.67 43.64 99.82
C LEU G 35 -14.68 42.29 100.48
N LYS G 36 -14.09 42.22 101.66
CA LYS G 36 -13.77 40.95 102.31
C LYS G 36 -14.97 40.09 102.64
N ASP G 37 -15.08 38.99 101.90
CA ASP G 37 -16.19 38.08 102.06
C ASP G 37 -17.43 38.64 101.37
N GLY G 38 -17.22 39.69 100.57
CA GLY G 38 -18.31 40.45 100.00
C GLY G 38 -19.03 41.20 101.09
N LYS G 39 -18.48 41.21 102.31
CA LYS G 39 -19.05 41.94 103.45
C LYS G 39 -18.25 43.13 103.92
N THR G 40 -16.92 43.04 103.89
CA THR G 40 -16.11 44.00 104.64
C THR G 40 -14.91 44.65 103.97
N TRP G 41 -15.07 45.88 103.50
CA TRP G 41 -13.96 46.65 102.90
C TRP G 41 -12.79 46.69 103.86
N THR G 42 -11.69 46.08 103.46
CA THR G 42 -10.56 45.96 104.34
C THR G 42 -9.35 46.24 103.51
N GLN G 43 -8.35 46.89 104.13
CA GLN G 43 -7.15 47.26 103.39
C GLN G 43 -6.55 46.03 102.76
N SER G 44 -6.16 46.13 101.50
CA SER G 44 -5.56 45.02 100.78
C SER G 44 -4.17 44.84 101.31
N THR G 45 -3.73 43.58 101.41
CA THR G 45 -2.30 43.26 101.62
C THR G 45 -1.69 42.96 100.24
N GLU G 46 -0.39 42.67 100.22
CA GLU G 46 0.33 42.34 98.96
C GLU G 46 -0.22 41.16 98.23
N LYS G 47 -0.72 40.18 99.00
CA LYS G 47 -1.23 38.93 98.40
C LYS G 47 -2.64 39.08 97.83
N ASP G 48 -3.26 40.24 98.05
CA ASP G 48 -4.65 40.52 97.61
C ASP G 48 -4.86 41.02 96.14
N PHE G 49 -4.28 40.30 95.17
CA PHE G 49 -4.38 40.70 93.77
C PHE G 49 -5.75 40.31 93.20
N ARG G 50 -6.29 41.16 92.32
CA ARG G 50 -7.56 40.88 91.63
C ARG G 50 -7.47 41.25 90.15
N PRO G 51 -8.36 40.70 89.31
CA PRO G 51 -8.29 40.87 87.87
C PRO G 51 -8.45 42.31 87.51
N LEU G 52 -7.88 42.84 86.45
CA LEU G 52 -8.30 44.16 86.10
C LEU G 52 -9.73 44.14 85.68
N LEU G 53 -10.17 43.00 85.17
CA LEU G 53 -11.41 43.00 84.44
C LEU G 53 -12.58 42.88 85.38
N MET G 54 -12.27 42.72 86.65
CA MET G 54 -13.31 42.74 87.68
C MET G 54 -13.88 44.13 87.87
N THR G 55 -13.03 45.15 87.64
CA THR G 55 -13.33 46.54 87.97
C THR G 55 -13.13 47.56 86.84
N TRP G 56 -12.65 47.13 85.67
CA TRP G 56 -12.49 48.05 84.56
C TRP G 56 -12.70 47.31 83.25
N TRP G 57 -13.15 48.02 82.22
CA TRP G 57 -13.41 47.41 80.90
C TRP G 57 -13.12 48.35 79.73
N PRO G 58 -12.47 47.84 78.67
CA PRO G 58 -12.02 48.62 77.55
C PRO G 58 -13.10 49.42 76.87
N ASP G 59 -14.36 48.98 76.96
CA ASP G 59 -15.50 49.73 76.41
C ASP G 59 -16.75 49.17 77.01
N GLN G 60 -17.89 49.74 76.65
CA GLN G 60 -19.11 49.34 77.32
C GLN G 60 -19.56 47.97 76.86
N GLU G 61 -19.29 47.62 75.62
CA GLU G 61 -19.69 46.34 75.12
C GLU G 61 -19.01 45.17 75.88
N THR G 62 -17.71 45.28 76.12
CA THR G 62 -16.96 44.25 76.86
C THR G 62 -17.48 44.10 78.28
N GLN G 63 -17.80 45.22 78.93
CA GLN G 63 -18.37 45.19 80.25
C GLN G 63 -19.60 44.30 80.14
N ARG G 64 -20.38 44.47 79.10
CA ARG G 64 -21.69 43.87 79.05
C ARG G 64 -21.64 42.39 78.90
N GLN G 65 -20.64 41.93 78.17
CA GLN G 65 -20.45 40.51 78.02
C GLN G 65 -19.77 39.94 79.24
N TYR G 66 -18.85 40.70 79.83
CA TYR G 66 -18.19 40.24 81.04
C TYR G 66 -19.23 39.95 82.08
N VAL G 67 -20.21 40.84 82.20
CA VAL G 67 -21.30 40.67 83.16
C VAL G 67 -22.15 39.46 82.81
N ASN G 68 -22.64 39.39 81.57
CA ASN G 68 -23.45 38.24 81.18
C ASN G 68 -22.73 36.94 81.48
N TYR G 69 -21.45 36.92 81.14
CA TYR G 69 -20.63 35.71 81.19
C TYR G 69 -20.39 35.23 82.59
N MET G 70 -20.05 36.18 83.47
CA MET G 70 -19.82 35.89 84.85
C MET G 70 -21.12 35.57 85.54
N ASN G 71 -22.22 36.16 85.15
CA ASN G 71 -23.45 35.80 85.79
C ASN G 71 -23.70 34.32 85.56
N ALA G 72 -23.33 33.87 84.37
CA ALA G 72 -23.48 32.47 84.03
C ALA G 72 -22.61 31.62 84.98
N GLN G 73 -21.34 31.97 85.03
CA GLN G 73 -20.42 31.22 85.86
C GLN G 73 -20.90 31.16 87.29
N LEU G 74 -21.43 32.26 87.82
CA LEU G 74 -21.65 32.37 89.27
C LEU G 74 -23.10 32.13 89.65
N GLY G 75 -23.84 31.47 88.76
CA GLY G 75 -25.20 31.12 89.07
C GLY G 75 -26.15 32.29 89.25
N ILE G 76 -25.68 33.52 89.06
CA ILE G 76 -26.63 34.65 88.96
C ILE G 76 -27.43 34.58 87.64
N HIS G 77 -28.76 34.49 87.77
CA HIS G 77 -29.63 34.13 86.63
C HIS G 77 -29.87 35.21 85.59
N GLN G 78 -29.49 36.45 85.91
CA GLN G 78 -29.81 37.60 85.04
C GLN G 78 -29.02 37.68 83.72
N THR G 79 -29.60 38.39 82.74
CA THR G 79 -28.93 38.76 81.45
C THR G 79 -29.21 40.18 80.98
N TYR G 80 -28.24 40.78 80.29
CA TYR G 80 -28.44 42.10 79.77
C TYR G 80 -28.24 42.15 78.26
N ASN G 81 -29.16 42.80 77.57
CA ASN G 81 -29.01 42.97 76.13
C ASN G 81 -28.30 44.29 75.83
N THR G 82 -28.12 44.61 74.54
CA THR G 82 -27.43 45.84 74.16
C THR G 82 -28.17 47.14 74.51
N ALA G 83 -29.42 47.07 74.94
CA ALA G 83 -30.07 48.31 75.31
C ALA G 83 -29.80 48.70 76.78
N THR G 84 -29.18 47.83 77.56
CA THR G 84 -29.00 48.10 79.00
C THR G 84 -28.22 49.38 79.31
N SER G 85 -28.70 50.14 80.27
CA SER G 85 -28.07 51.40 80.60
C SER G 85 -26.74 51.07 81.21
N PRO G 86 -25.79 52.00 81.13
CA PRO G 86 -24.53 51.88 81.83
C PRO G 86 -24.68 51.63 83.33
N LEU G 87 -25.62 52.30 83.97
CA LEU G 87 -25.75 52.15 85.39
C LEU G 87 -26.09 50.73 85.72
N GLN G 88 -26.87 50.09 84.89
CA GLN G 88 -27.32 48.78 85.24
C GLN G 88 -26.20 47.82 85.17
N LEU G 89 -25.30 48.08 84.23
CA LEU G 89 -24.10 47.29 84.03
C LEU G 89 -23.15 47.51 85.16
N ASN G 90 -23.03 48.74 85.61
CA ASN G 90 -22.22 49.00 86.78
C ASN G 90 -22.67 48.25 88.02
N LEU G 91 -23.96 48.25 88.28
CA LEU G 91 -24.46 47.52 89.43
C LEU G 91 -24.26 46.02 89.29
N ALA G 92 -24.50 45.48 88.13
CA ALA G 92 -24.37 44.04 87.97
C ALA G 92 -22.97 43.60 88.23
N ALA G 93 -22.01 44.43 87.83
CA ALA G 93 -20.60 44.08 87.95
C ALA G 93 -20.28 44.03 89.42
N GLN G 94 -20.91 44.92 90.19
CA GLN G 94 -20.65 44.99 91.62
C GLN G 94 -21.31 43.83 92.33
N THR G 95 -22.53 43.51 91.96
CA THR G 95 -23.10 42.24 92.36
C THR G 95 -22.13 41.09 92.05
N ILE G 96 -21.48 41.11 90.90
CA ILE G 96 -20.51 40.08 90.54
C ILE G 96 -19.27 40.13 91.42
N GLN G 97 -18.70 41.31 91.59
CA GLN G 97 -17.55 41.43 92.44
C GLN G 97 -17.81 40.87 93.81
N THR G 98 -18.99 41.14 94.34
CA THR G 98 -19.38 40.64 95.63
C THR G 98 -19.34 39.13 95.62
N LYS G 99 -20.08 38.52 94.71
CA LYS G 99 -20.16 37.09 94.71
C LYS G 99 -18.77 36.54 94.55
N ILE G 100 -17.90 37.26 93.86
CA ILE G 100 -16.57 36.76 93.66
C ILE G 100 -15.87 36.70 95.01
N GLU G 101 -15.86 37.78 95.78
CA GLU G 101 -15.15 37.80 97.07
C GLU G 101 -15.66 36.70 97.98
N GLU G 102 -16.87 36.24 97.70
CA GLU G 102 -17.53 35.25 98.52
C GLU G 102 -17.00 33.88 98.20
N LYS G 103 -16.84 33.61 96.92
CA LYS G 103 -16.24 32.36 96.48
C LYS G 103 -14.76 32.35 96.86
N ILE G 104 -14.07 33.46 96.68
CA ILE G 104 -12.69 33.53 97.18
C ILE G 104 -12.62 33.10 98.65
N THR G 105 -13.54 33.60 99.48
CA THR G 105 -13.45 33.27 100.90
C THR G 105 -13.78 31.82 101.08
N ALA G 106 -14.89 31.39 100.50
CA ALA G 106 -15.31 29.98 100.56
C ALA G 106 -14.28 28.95 100.06
N GLU G 107 -13.63 29.17 98.92
CA GLU G 107 -12.55 28.23 98.49
C GLU G 107 -11.18 28.56 99.01
N LYS G 108 -11.04 29.69 99.70
CA LYS G 108 -9.77 30.14 100.29
C LYS G 108 -8.64 30.35 99.27
N ASN G 109 -8.98 30.41 97.97
CA ASN G 109 -7.99 30.54 96.90
C ASN G 109 -8.54 31.47 95.83
N THR G 110 -7.67 31.97 94.94
CA THR G 110 -8.13 32.76 93.81
C THR G 110 -7.91 32.02 92.46
N ASN G 111 -7.49 30.75 92.53
CA ASN G 111 -7.22 29.96 91.30
C ASN G 111 -8.39 29.81 90.38
N TRP G 112 -9.55 29.49 90.95
CA TRP G 112 -10.75 29.31 90.13
C TRP G 112 -11.11 30.56 89.30
N LEU G 113 -10.74 31.71 89.89
CA LEU G 113 -11.00 33.02 89.30
C LEU G 113 -9.98 33.23 88.18
N ARG G 114 -8.75 32.84 88.44
CA ARG G 114 -7.75 32.99 87.44
C ARG G 114 -8.21 32.30 86.14
N GLN G 115 -8.74 31.09 86.27
CA GLN G 115 -9.19 30.35 85.09
C GLN G 115 -10.47 30.93 84.42
N THR G 116 -11.41 31.42 85.23
CA THR G 116 -12.65 31.98 84.70
C THR G 116 -12.43 33.24 83.87
N ILE G 117 -11.56 34.11 84.38
CA ILE G 117 -11.23 35.32 83.71
C ILE G 117 -10.55 34.97 82.43
N SER G 118 -9.67 33.99 82.49
CA SER G 118 -8.89 33.63 81.30
C SER G 118 -9.84 33.18 80.20
N ALA G 119 -10.70 32.27 80.60
CA ALA G 119 -11.69 31.80 79.68
C ALA G 119 -12.52 32.99 79.13
N PHE G 120 -13.03 33.86 80.02
CA PHE G 120 -13.81 34.97 79.49
C PHE G 120 -13.01 35.68 78.42
N VAL G 121 -11.78 35.98 78.77
CA VAL G 121 -10.96 36.80 77.91
C VAL G 121 -10.96 36.23 76.52
N LYS G 122 -10.91 34.91 76.47
CA LYS G 122 -10.77 34.20 75.21
C LYS G 122 -12.04 34.17 74.35
N THR G 123 -13.18 34.44 74.93
CA THR G 123 -14.39 34.64 74.13
C THR G 123 -14.39 35.96 73.35
N GLN G 124 -13.47 36.86 73.62
CA GLN G 124 -13.61 38.21 73.06
C GLN G 124 -12.74 38.39 71.85
N SER G 125 -13.36 38.89 70.79
CA SER G 125 -12.67 39.09 69.51
C SER G 125 -11.24 39.61 69.57
N ALA G 126 -11.06 40.76 70.22
CA ALA G 126 -9.78 41.44 70.15
C ALA G 126 -8.73 40.74 71.02
N TRP G 127 -9.17 39.68 71.72
CA TRP G 127 -8.29 38.79 72.50
C TRP G 127 -8.39 37.33 72.00
N ASN G 128 -8.60 37.20 70.68
CA ASN G 128 -8.94 35.98 69.99
C ASN G 128 -8.15 35.81 68.72
N SER G 129 -8.11 34.58 68.20
CA SER G 129 -7.70 34.32 66.78
C SER G 129 -8.44 35.21 65.82
N ASP G 130 -9.69 35.49 66.12
CA ASP G 130 -10.50 36.24 65.21
C ASP G 130 -9.72 37.43 64.72
N SER G 131 -8.97 38.09 65.59
CA SER G 131 -8.40 39.41 65.26
C SER G 131 -7.06 39.19 64.64
N GLU G 132 -6.71 37.91 64.51
CA GLU G 132 -5.46 37.58 63.88
C GLU G 132 -5.66 37.14 62.42
N LYS G 133 -6.94 36.97 61.99
CA LYS G 133 -7.28 36.65 60.58
C LYS G 133 -7.09 37.87 59.64
N PRO G 134 -7.08 37.64 58.32
CA PRO G 134 -7.17 36.33 57.65
C PRO G 134 -5.98 35.43 57.98
N PHE G 135 -6.20 34.12 58.05
CA PHE G 135 -5.05 33.20 58.20
C PHE G 135 -4.26 33.09 56.89
N ASP G 136 -3.33 32.16 56.83
CA ASP G 136 -2.49 31.96 55.63
C ASP G 136 -1.82 30.59 55.78
N ASP G 137 -1.02 30.20 54.79
CA ASP G 137 -0.58 28.80 54.72
C ASP G 137 0.69 28.42 55.51
N HIS G 138 1.24 29.32 56.33
CA HIS G 138 2.11 28.91 57.39
C HIS G 138 1.59 27.62 58.03
N LEU G 139 2.46 26.70 58.38
CA LEU G 139 2.04 25.45 59.00
C LEU G 139 1.13 25.63 60.20
N GLN G 140 1.30 26.75 60.91
CA GLN G 140 0.49 27.10 62.08
C GLN G 140 -0.38 28.33 61.83
N LYS G 141 -0.69 28.55 60.57
CA LYS G 141 -1.77 29.45 60.21
C LYS G 141 -1.37 30.91 60.04
N GLY G 142 -0.26 31.32 60.63
CA GLY G 142 0.18 32.70 60.51
C GLY G 142 1.42 33.00 61.32
N ALA G 143 2.10 34.06 60.92
CA ALA G 143 3.25 34.48 61.67
C ALA G 143 3.07 35.93 62.03
N LEU G 144 3.83 36.34 63.02
CA LEU G 144 3.97 37.74 63.40
C LEU G 144 5.41 38.15 63.15
N LEU G 145 5.57 39.27 62.45
CA LEU G 145 6.90 39.82 62.26
C LEU G 145 7.22 41.00 63.22
N TYR G 146 8.38 40.92 63.86
CA TYR G 146 8.72 41.90 64.86
C TYR G 146 9.35 43.14 64.23
N SER G 147 8.86 44.33 64.61
CA SER G 147 9.36 45.62 64.07
C SER G 147 10.74 45.96 64.55
N ASN G 148 11.61 46.33 63.60
CA ASN G 148 13.04 46.67 63.87
C ASN G 148 13.34 47.98 64.63
N ASN G 149 12.44 48.96 64.47
CA ASN G 149 12.44 50.21 65.25
C ASN G 149 11.05 50.52 65.78
N SER G 150 10.74 50.14 67.02
CA SER G 150 9.60 50.74 67.66
C SER G 150 10.04 51.39 68.95
N LYS G 151 9.65 52.65 69.13
CA LYS G 151 9.86 53.37 70.46
C LYS G 151 9.05 52.77 71.63
N LEU G 152 7.95 52.07 71.31
CA LEU G 152 7.14 51.46 72.34
C LEU G 152 7.75 50.18 72.85
N THR G 153 8.61 49.56 72.03
CA THR G 153 9.27 48.30 72.42
C THR G 153 10.65 48.26 71.88
N SER G 154 11.51 49.15 72.38
CA SER G 154 12.85 49.31 71.83
C SER G 154 13.75 48.18 72.23
N GLN G 155 13.42 47.49 73.32
CA GLN G 155 14.22 46.35 73.77
C GLN G 155 14.15 45.18 72.79
N ALA G 156 13.22 45.22 71.84
CA ALA G 156 13.08 44.18 70.83
C ALA G 156 13.53 44.66 69.47
N ASN G 157 14.17 45.82 69.43
CA ASN G 157 14.73 46.31 68.17
C ASN G 157 15.89 45.47 67.56
N SER G 158 16.17 45.66 66.28
CA SER G 158 17.17 44.86 65.58
C SER G 158 17.52 45.73 64.40
N ASN G 159 18.75 45.61 63.93
CA ASN G 159 19.17 46.21 62.67
C ASN G 159 19.25 45.14 61.60
N TYR G 160 18.56 44.01 61.83
CA TYR G 160 18.77 42.83 61.02
C TYR G 160 17.45 42.24 60.57
N ARG G 161 17.18 41.02 60.96
CA ARG G 161 15.95 40.44 60.59
C ARG G 161 15.86 40.53 59.07
N ILE G 162 16.97 40.28 58.41
CA ILE G 162 16.96 40.11 56.97
C ILE G 162 16.33 38.78 56.65
N LEU G 163 15.21 38.82 55.93
CA LEU G 163 14.41 37.60 55.68
C LEU G 163 14.72 36.90 54.34
N ASN G 164 14.49 35.59 54.32
CA ASN G 164 14.51 34.74 53.10
C ASN G 164 15.81 34.72 52.30
N ARG G 165 16.94 34.87 53.00
CA ARG G 165 18.25 34.67 52.40
C ARG G 165 18.63 33.21 52.36
N THR G 166 17.89 32.45 51.56
CA THR G 166 18.13 31.03 51.29
C THR G 166 19.34 30.96 50.41
N PRO G 167 19.89 29.75 50.23
CA PRO G 167 21.03 29.67 49.34
C PRO G 167 20.79 30.37 48.01
N THR G 168 19.64 30.13 47.40
CA THR G 168 19.22 30.79 46.14
C THR G 168 19.14 32.32 46.25
N ASN G 169 18.64 32.82 47.37
CA ASN G 169 18.35 34.23 47.51
C ASN G 169 19.29 34.91 48.49
N GLN G 170 20.49 34.37 48.67
CA GLN G 170 21.35 34.78 49.80
C GLN G 170 21.61 36.27 49.85
N THR G 171 21.69 36.88 48.67
CA THR G 171 22.04 38.29 48.59
C THR G 171 20.82 39.14 48.60
N GLY G 172 19.66 38.54 48.78
CA GLY G 172 18.46 39.34 48.62
C GLY G 172 18.12 39.55 47.16
N LYS G 173 18.87 38.92 46.25
CA LYS G 173 18.50 38.78 44.85
C LYS G 173 18.64 37.32 44.38
N LYS G 174 17.65 36.82 43.64
CA LYS G 174 17.78 35.45 43.10
C LYS G 174 19.12 35.28 42.41
N ASP G 175 19.81 34.20 42.72
CA ASP G 175 21.14 33.97 42.17
C ASP G 175 21.05 33.58 40.69
N PRO G 176 21.83 34.25 39.83
CA PRO G 176 21.83 33.95 38.39
C PRO G 176 22.46 32.60 38.01
N ARG G 177 23.22 32.02 38.90
CA ARG G 177 23.93 30.82 38.57
C ARG G 177 23.07 29.60 38.63
N TYR G 178 21.99 29.63 39.40
CA TYR G 178 21.17 28.40 39.58
C TYR G 178 19.79 28.60 39.05
N THR G 179 19.35 27.62 38.30
CA THR G 179 18.25 27.80 37.39
C THR G 179 17.15 26.80 37.59
N ALA G 180 17.51 25.62 38.09
CA ALA G 180 16.61 24.48 38.15
C ALA G 180 15.31 24.73 38.90
N ASP G 181 15.39 25.59 39.91
CA ASP G 181 14.27 25.99 40.74
C ASP G 181 14.16 27.47 40.47
N ARG G 182 13.04 27.87 39.89
CA ARG G 182 12.88 29.23 39.51
C ARG G 182 12.26 30.14 40.59
N THR G 183 11.86 29.58 41.71
CA THR G 183 11.42 30.39 42.88
C THR G 183 12.59 31.06 43.60
N ILE G 184 12.36 31.72 44.73
CA ILE G 184 13.56 32.19 45.48
C ILE G 184 14.13 31.14 46.42
N GLY G 185 13.73 29.89 46.32
CA GLY G 185 14.44 28.87 47.03
C GLY G 185 14.12 28.64 48.48
N GLY G 186 13.05 29.22 49.00
CA GLY G 186 12.60 28.81 50.34
C GLY G 186 11.79 29.91 50.94
N TYR G 187 11.63 29.92 52.27
CA TYR G 187 10.92 31.01 52.95
C TYR G 187 11.32 31.09 54.40
N GLU G 188 11.21 32.29 54.99
CA GLU G 188 11.77 32.48 56.33
C GLU G 188 11.09 31.79 57.46
N PHE G 189 9.75 31.84 57.48
CA PHE G 189 8.95 31.37 58.59
C PHE G 189 8.40 29.97 58.45
N LEU G 190 8.85 29.04 59.28
CA LEU G 190 8.43 27.67 59.19
C LEU G 190 7.53 27.33 60.35
N LEU G 191 8.14 27.23 61.52
CA LEU G 191 7.40 26.87 62.69
C LEU G 191 7.89 27.70 63.82
N ALA G 192 6.98 27.92 64.76
CA ALA G 192 7.29 28.39 66.11
C ALA G 192 8.00 29.73 66.16
N ASN G 193 8.94 29.88 67.09
CA ASN G 193 9.70 31.11 67.26
C ASN G 193 10.88 31.11 66.30
N ASP G 194 10.74 31.88 65.22
CA ASP G 194 11.73 31.89 64.14
C ASP G 194 13.02 32.70 64.51
N VAL G 195 14.10 31.98 64.75
CA VAL G 195 15.36 32.59 65.16
C VAL G 195 15.98 33.46 64.04
N ASP G 196 16.60 34.59 64.38
CA ASP G 196 17.06 35.51 63.35
C ASP G 196 18.49 35.17 63.04
N ASN G 197 18.70 34.33 62.05
CA ASN G 197 20.04 33.96 61.75
C ASN G 197 20.68 34.92 60.78
N SER G 198 20.12 36.10 60.61
CA SER G 198 20.89 37.13 59.94
C SER G 198 21.52 38.04 60.97
N ASN G 199 21.28 37.79 62.25
CA ASN G 199 21.84 38.62 63.30
C ASN G 199 23.25 38.15 63.63
N PRO G 200 24.23 39.06 63.54
CA PRO G 200 25.58 38.54 63.63
C PRO G 200 25.90 37.96 65.01
N VAL G 201 25.13 38.38 66.03
CA VAL G 201 25.35 37.88 67.40
C VAL G 201 24.74 36.49 67.47
N VAL G 202 23.62 36.35 66.80
CA VAL G 202 22.99 35.08 66.75
C VAL G 202 23.83 34.08 65.97
N GLN G 203 24.50 34.59 64.92
CA GLN G 203 25.31 33.73 64.04
C GLN G 203 26.44 33.08 64.84
N ALA G 204 27.13 33.91 65.61
CA ALA G 204 28.21 33.48 66.49
C ALA G 204 27.68 32.47 67.47
N GLU G 205 26.49 32.75 67.99
CA GLU G 205 25.87 31.81 68.88
C GLU G 205 25.65 30.41 68.21
N GLN G 206 25.23 30.38 66.94
CA GLN G 206 24.99 29.10 66.31
C GLN G 206 26.31 28.38 66.22
N LEU G 207 27.37 29.11 65.91
CA LEU G 207 28.70 28.52 65.82
C LEU G 207 29.12 28.00 67.16
N ASN G 208 28.75 28.69 68.24
CA ASN G 208 29.05 28.22 69.58
C ASN G 208 28.36 26.88 69.79
N TRP G 209 27.08 26.86 69.45
CA TRP G 209 26.28 25.69 69.64
C TRP G 209 26.86 24.57 68.80
N LEU G 210 27.18 24.89 67.57
CA LEU G 210 27.65 23.84 66.72
C LEU G 210 28.91 23.22 67.31
N HIS G 211 29.81 24.07 67.81
CA HIS G 211 31.12 23.63 68.29
C HIS G 211 30.97 22.76 69.52
N PHE G 212 30.02 23.17 70.36
CA PHE G 212 29.63 22.39 71.50
C PHE G 212 29.23 20.97 71.07
N LEU G 213 28.34 20.85 70.10
CA LEU G 213 27.85 19.54 69.72
C LEU G 213 28.99 18.68 69.30
N MET G 214 29.83 19.23 68.45
CA MET G 214 30.97 18.53 67.93
C MET G 214 32.01 18.24 69.03
N ASN G 215 31.78 18.80 70.21
CA ASN G 215 32.74 18.62 71.28
C ASN G 215 32.01 18.18 72.53
N PHE G 216 30.87 17.53 72.32
CA PHE G 216 29.95 17.27 73.39
C PHE G 216 30.56 16.42 74.45
N GLY G 217 31.31 15.39 74.05
CA GLY G 217 32.00 14.51 74.99
C GLY G 217 32.95 15.19 75.96
N ASN G 218 33.88 15.98 75.43
CA ASN G 218 34.82 16.74 76.28
C ASN G 218 34.07 17.64 77.21
N ILE G 219 33.21 18.45 76.65
CA ILE G 219 32.52 19.47 77.41
C ILE G 219 31.59 18.91 78.43
N TYR G 220 30.90 17.83 78.13
CA TYR G 220 29.93 17.32 79.09
C TYR G 220 30.44 16.19 79.99
N ALA G 221 31.17 15.24 79.44
CA ALA G 221 31.46 14.04 80.20
C ALA G 221 32.94 13.97 80.37
N ASN G 222 33.61 14.96 79.80
CA ASN G 222 35.05 14.93 79.81
C ASN G 222 35.67 13.76 79.05
N ASP G 223 34.85 13.15 78.22
CA ASP G 223 35.23 11.98 77.47
C ASP G 223 35.35 12.42 76.03
N PRO G 224 36.58 12.43 75.51
CA PRO G 224 36.82 12.82 74.10
C PRO G 224 36.21 11.75 73.20
N ASP G 225 35.63 10.73 73.84
CA ASP G 225 35.12 9.62 73.09
C ASP G 225 33.62 9.77 72.88
N ALA G 226 33.00 10.66 73.64
CA ALA G 226 31.57 10.88 73.47
C ALA G 226 31.23 12.10 72.59
N ASN G 227 32.14 12.48 71.68
CA ASN G 227 31.95 13.63 70.79
C ASN G 227 31.23 13.33 69.45
N PHE G 228 30.33 14.22 69.03
CA PHE G 228 29.72 14.09 67.69
C PHE G 228 30.75 14.33 66.58
N ASP G 229 30.62 13.59 65.49
CA ASP G 229 31.64 13.64 64.45
C ASP G 229 31.30 14.53 63.30
N SER G 230 30.05 14.93 63.23
CA SER G 230 29.54 15.53 62.04
C SER G 230 28.14 16.05 62.30
N ILE G 231 27.63 16.84 61.37
CA ILE G 231 26.33 17.40 61.58
C ILE G 231 25.45 17.26 60.39
N ARG G 232 24.15 17.44 60.66
CA ARG G 232 23.11 17.66 59.68
C ARG G 232 22.55 19.06 59.86
N VAL G 233 22.41 19.83 58.78
CA VAL G 233 21.84 21.16 58.92
C VAL G 233 20.37 21.11 58.59
N ASP G 234 19.57 21.41 59.58
CA ASP G 234 18.15 21.24 59.49
C ASP G 234 17.50 22.50 58.96
N ALA G 235 16.50 22.31 58.08
CA ALA G 235 15.71 23.34 57.38
C ALA G 235 16.54 24.40 56.73
N VAL G 236 17.44 23.98 55.85
CA VAL G 236 18.31 24.94 55.18
C VAL G 236 17.49 26.03 54.46
N ASP G 237 16.39 25.65 53.86
CA ASP G 237 15.72 26.58 53.01
C ASP G 237 14.89 27.57 53.76
N ASN G 238 15.03 27.59 55.09
CA ASN G 238 14.19 28.44 55.90
C ASN G 238 15.04 29.30 56.79
N VAL G 239 16.34 29.28 56.58
CA VAL G 239 17.21 30.07 57.44
C VAL G 239 18.25 30.78 56.60
N ASP G 240 18.91 31.74 57.22
CA ASP G 240 19.93 32.54 56.55
C ASP G 240 21.19 31.78 56.16
N ALA G 241 21.39 31.71 54.84
CA ALA G 241 22.34 30.82 54.23
C ALA G 241 23.77 31.11 54.66
N ASP G 242 23.99 32.22 55.36
CA ASP G 242 25.32 32.52 55.90
C ASP G 242 25.76 31.39 56.80
N LEU G 243 24.82 30.88 57.56
CA LEU G 243 25.11 29.72 58.31
C LEU G 243 25.88 28.63 57.54
N LEU G 244 25.75 28.58 56.22
CA LEU G 244 26.41 27.52 55.48
C LEU G 244 27.91 27.76 55.38
N GLN G 245 28.25 29.00 55.14
CA GLN G 245 29.62 29.39 55.15
C GLN G 245 30.14 29.22 56.56
N ILE G 246 29.32 29.54 57.56
CA ILE G 246 29.81 29.47 58.95
C ILE G 246 30.16 28.03 59.33
N ALA G 247 29.25 27.13 59.05
CA ALA G 247 29.48 25.77 59.42
C ALA G 247 30.61 25.24 58.60
N GLY G 248 30.62 25.58 57.33
CA GLY G 248 31.61 25.07 56.42
C GLY G 248 33.01 25.50 56.77
N ASP G 249 33.19 26.80 57.06
CA ASP G 249 34.43 27.31 57.62
C ASP G 249 34.83 26.47 58.83
N TYR G 250 33.88 26.24 59.74
CA TYR G 250 34.20 25.62 60.98
C TYR G 250 34.81 24.27 60.76
N LEU G 251 34.11 23.45 60.00
CA LEU G 251 34.61 22.10 59.74
C LEU G 251 36.00 22.12 59.09
N LYS G 252 36.22 23.10 58.21
CA LYS G 252 37.51 23.22 57.56
C LYS G 252 38.55 23.65 58.57
N ALA G 253 38.35 24.81 59.21
CA ALA G 253 39.21 25.24 60.31
C ALA G 253 39.50 24.16 61.39
N ALA G 254 38.44 23.55 61.94
CA ALA G 254 38.55 22.68 63.13
C ALA G 254 38.90 21.25 62.80
N LYS G 255 38.49 20.76 61.63
CA LYS G 255 38.75 19.33 61.26
C LYS G 255 39.51 19.10 59.97
N GLY G 256 39.79 20.19 59.26
CA GLY G 256 40.69 20.13 58.10
C GLY G 256 40.15 19.28 56.96
N ILE G 257 38.84 19.34 56.75
CA ILE G 257 38.17 18.43 55.84
C ILE G 257 38.52 18.81 54.43
N HIS G 258 39.16 19.96 54.25
CA HIS G 258 39.50 20.40 52.90
C HIS G 258 40.89 19.85 52.52
N LYS G 259 41.59 19.27 53.49
CA LYS G 259 42.96 18.81 53.25
C LYS G 259 42.98 17.49 52.50
N ASN G 260 42.20 16.52 52.95
CA ASN G 260 42.11 15.24 52.24
C ASN G 260 40.83 14.49 52.57
N ASP G 261 40.55 13.44 51.81
CA ASP G 261 39.36 12.66 52.05
C ASP G 261 39.32 11.99 53.43
N LYS G 262 40.45 11.68 54.00
CA LYS G 262 40.47 10.97 55.25
C LYS G 262 39.77 11.79 56.35
N ALA G 263 39.99 13.10 56.31
CA ALA G 263 39.46 13.99 57.32
C ALA G 263 38.08 14.40 56.89
N ALA G 264 37.92 14.52 55.59
CA ALA G 264 36.68 14.97 55.08
C ALA G 264 35.61 13.94 55.43
N ASN G 265 35.94 12.67 55.21
CA ASN G 265 35.02 11.55 55.41
C ASN G 265 34.78 11.27 56.90
N ASP G 266 35.80 11.50 57.72
CA ASP G 266 35.61 11.35 59.16
C ASP G 266 34.61 12.32 59.81
N HIS G 267 34.09 13.27 59.06
CA HIS G 267 33.19 14.26 59.64
C HIS G 267 32.22 14.61 58.55
N LEU G 268 31.69 13.61 57.87
CA LEU G 268 30.87 13.89 56.70
C LEU G 268 29.56 14.56 57.06
N SER G 269 29.28 15.72 56.51
CA SER G 269 28.08 16.38 56.97
C SER G 269 27.02 16.58 55.92
N ILE G 270 25.74 16.66 56.32
CA ILE G 270 24.68 16.79 55.34
C ILE G 270 23.76 17.98 55.49
N LEU G 271 23.20 18.40 54.38
CA LEU G 271 22.13 19.38 54.41
C LEU G 271 20.81 18.72 54.17
N GLU G 272 19.79 19.28 54.80
CA GLU G 272 18.39 19.03 54.40
C GLU G 272 17.90 20.23 53.57
N ALA G 273 18.30 20.26 52.29
CA ALA G 273 18.07 21.42 51.42
C ALA G 273 17.24 21.01 50.21
N TRP G 274 15.98 21.39 50.24
CA TRP G 274 15.03 20.86 49.28
C TRP G 274 15.14 21.46 47.88
N SER G 275 15.58 22.69 47.76
CA SER G 275 15.63 23.29 46.42
C SER G 275 16.68 22.65 45.51
N TYR G 276 16.36 22.57 44.21
CA TYR G 276 17.28 22.02 43.24
C TYR G 276 18.51 22.91 43.16
N ASN G 277 18.35 24.19 43.44
CA ASN G 277 19.46 25.10 43.41
C ASN G 277 20.45 24.79 44.47
N ASP G 278 20.03 24.14 45.56
CA ASP G 278 20.91 23.97 46.73
C ASP G 278 22.13 23.10 46.46
N THR G 279 21.98 22.05 45.64
CA THR G 279 23.13 21.16 45.35
C THR G 279 24.28 21.89 44.63
N PRO G 280 23.96 22.53 43.51
CA PRO G 280 24.89 23.36 42.76
C PRO G 280 25.48 24.48 43.58
N TYR G 281 24.65 25.14 44.39
CA TYR G 281 25.14 26.20 45.21
C TYR G 281 26.21 25.64 46.15
N LEU G 282 25.87 24.55 46.84
CA LEU G 282 26.79 23.91 47.79
C LEU G 282 28.15 23.53 47.14
N HIS G 283 28.07 23.04 45.90
CA HIS G 283 29.25 22.62 45.17
C HIS G 283 30.19 23.78 44.90
N ASP G 284 29.67 24.84 44.30
CA ASP G 284 30.43 26.08 44.15
C ASP G 284 30.93 26.51 45.53
N ASP G 285 30.13 26.27 46.56
CA ASP G 285 30.56 26.69 47.87
C ASP G 285 31.77 25.92 48.29
N GLY G 286 32.14 24.89 47.53
CA GLY G 286 33.30 24.05 47.86
C GLY G 286 33.05 22.61 48.32
N ASP G 287 31.80 22.17 48.35
CA ASP G 287 31.44 20.82 48.81
C ASP G 287 31.88 20.53 50.21
N ASN G 288 31.49 21.39 51.15
CA ASN G 288 31.91 21.19 52.53
C ASN G 288 30.94 20.33 53.30
N MET G 289 29.74 20.23 52.74
CA MET G 289 28.84 19.18 53.14
C MET G 289 28.06 18.66 51.93
N ILE G 290 27.32 17.57 52.11
CA ILE G 290 26.63 16.98 50.96
C ILE G 290 25.13 17.09 51.11
N ASN G 291 24.46 17.45 50.02
CA ASN G 291 23.00 17.49 50.00
C ASN G 291 22.35 16.20 49.53
N MET G 292 21.03 16.16 49.61
CA MET G 292 20.29 15.04 49.12
C MET G 292 20.17 15.16 47.60
N ASP G 293 20.04 14.01 46.91
CA ASP G 293 19.60 13.99 45.54
C ASP G 293 18.08 13.87 45.53
N ASN G 294 17.44 15.04 45.57
CA ASN G 294 15.99 15.10 45.48
C ASN G 294 15.39 14.51 44.17
N ARG G 295 16.01 14.80 43.04
CA ARG G 295 15.55 14.26 41.81
C ARG G 295 15.45 12.77 41.91
N LEU G 296 16.48 12.13 42.44
CA LEU G 296 16.49 10.68 42.43
C LEU G 296 15.46 10.16 43.38
N ARG G 297 15.25 10.93 44.44
CA ARG G 297 14.27 10.59 45.43
C ARG G 297 12.89 10.55 44.82
N LEU G 298 12.59 11.56 44.03
CA LEU G 298 11.33 11.60 43.34
C LEU G 298 11.16 10.45 42.35
N SER G 299 12.23 10.12 41.65
CA SER G 299 12.21 9.07 40.67
C SER G 299 11.89 7.75 41.32
N LEU G 300 12.49 7.45 42.46
CA LEU G 300 12.16 6.20 43.14
C LEU G 300 10.69 6.24 43.52
N LEU G 301 10.32 7.34 44.17
CA LEU G 301 9.00 7.52 44.68
C LEU G 301 7.91 7.27 43.65
N TYR G 302 8.09 7.77 42.43
CA TYR G 302 7.05 7.71 41.39
C TYR G 302 7.17 6.57 40.40
N SER G 303 8.35 5.97 40.31
CA SER G 303 8.46 4.88 39.41
C SER G 303 8.17 3.63 40.18
N LEU G 304 8.43 3.65 41.49
CA LEU G 304 8.46 2.42 42.26
C LEU G 304 7.45 2.33 43.38
N ALA G 305 7.19 3.44 44.04
CA ALA G 305 6.46 3.40 45.31
C ALA G 305 5.01 3.76 45.20
N LYS G 306 4.63 4.48 44.16
CA LYS G 306 3.28 5.00 44.02
C LYS G 306 2.26 3.98 43.57
N PRO G 307 1.01 4.30 43.84
CA PRO G 307 -0.04 3.37 43.50
C PRO G 307 0.07 3.16 42.01
N LEU G 308 -0.49 2.05 41.51
CA LEU G 308 -0.14 1.57 40.16
C LEU G 308 -0.65 2.51 39.08
N ASN G 309 -1.76 3.14 39.39
CA ASN G 309 -2.41 4.00 38.46
C ASN G 309 -1.81 5.37 38.32
N GLN G 310 -0.85 5.66 39.21
CA GLN G 310 -0.09 6.90 39.20
C GLN G 310 1.41 6.77 38.99
N ARG G 311 1.85 5.52 38.80
CA ARG G 311 3.24 5.16 38.68
C ARG G 311 3.72 5.59 37.31
N SER G 312 4.98 5.97 37.19
CA SER G 312 5.49 6.46 35.92
C SER G 312 6.49 5.47 35.35
N GLY G 313 6.84 5.62 34.07
CA GLY G 313 7.79 4.69 33.39
C GLY G 313 9.11 4.63 34.15
N MET G 314 10.00 3.69 33.81
CA MET G 314 11.16 3.51 34.69
C MET G 314 12.44 4.33 34.39
N ASN G 315 12.55 4.89 33.19
CA ASN G 315 13.77 5.57 32.84
C ASN G 315 14.28 6.56 33.88
N PRO G 316 13.38 7.28 34.49
CA PRO G 316 13.73 8.22 35.53
C PRO G 316 14.75 7.69 36.53
N LEU G 317 14.63 6.40 36.87
CA LEU G 317 15.60 5.68 37.70
C LEU G 317 17.01 5.67 37.12
N ILE G 318 17.12 5.82 35.80
CA ILE G 318 18.43 6.01 35.24
C ILE G 318 18.89 7.46 35.23
N THR G 319 18.05 8.36 34.70
CA THR G 319 18.56 9.66 34.32
C THR G 319 18.08 10.84 35.10
N ASN G 320 17.01 10.72 35.91
CA ASN G 320 16.61 11.87 36.73
C ASN G 320 17.23 11.80 38.09
N SER G 321 18.43 12.35 38.21
CA SER G 321 19.21 12.19 39.40
C SER G 321 20.34 13.16 39.25
N LEU G 322 21.21 13.27 40.25
CA LEU G 322 22.38 14.14 40.09
C LEU G 322 23.36 13.47 39.17
N VAL G 323 23.31 12.15 39.18
CA VAL G 323 24.20 11.37 38.36
C VAL G 323 23.38 10.62 37.34
N ASN G 324 23.70 10.73 36.06
CA ASN G 324 23.06 9.89 35.05
C ASN G 324 23.71 8.53 35.00
N ARG G 325 23.02 7.50 35.47
CA ARG G 325 23.62 6.19 35.62
C ARG G 325 23.55 5.23 34.45
N THR G 326 23.39 5.74 33.24
CA THR G 326 23.49 4.88 32.06
C THR G 326 24.87 4.20 32.07
N ASP G 327 25.92 5.00 32.03
CA ASP G 327 27.28 4.50 32.23
C ASP G 327 28.06 5.48 33.08
N ASP G 328 28.24 5.11 34.33
CA ASP G 328 28.97 5.99 35.19
C ASP G 328 30.31 5.35 35.49
N ASN G 329 31.36 5.87 34.85
CA ASN G 329 32.64 5.20 34.93
C ASN G 329 33.69 6.05 35.55
N ALA G 330 33.27 7.05 36.31
CA ALA G 330 34.20 8.03 36.81
C ALA G 330 34.85 7.61 38.12
N GLU G 331 36.12 7.94 38.21
CA GLU G 331 36.82 7.78 39.46
C GLU G 331 36.22 8.65 40.57
N THR G 332 35.84 9.85 40.16
CA THR G 332 35.19 10.74 41.08
C THR G 332 33.97 11.36 40.42
N ALA G 333 32.80 11.21 41.05
CA ALA G 333 31.59 11.73 40.43
C ALA G 333 31.61 13.26 40.48
N ALA G 334 30.86 13.89 39.58
CA ALA G 334 30.91 15.35 39.49
C ALA G 334 30.52 16.03 40.81
N VAL G 335 29.48 15.55 41.50
CA VAL G 335 29.02 16.20 42.72
C VAL G 335 28.67 15.12 43.68
N PRO G 336 28.90 15.35 44.98
CA PRO G 336 28.55 14.37 45.99
C PRO G 336 27.10 14.54 46.55
N SER G 337 26.50 13.46 47.04
CA SER G 337 25.11 13.51 47.46
C SER G 337 24.74 12.32 48.35
N TYR G 338 23.63 12.40 49.07
CA TYR G 338 23.09 11.18 49.69
C TYR G 338 21.74 10.85 49.06
N SER G 339 21.31 9.61 49.17
CA SER G 339 20.08 9.20 48.54
C SER G 339 19.17 8.59 49.56
N PHE G 340 17.89 8.65 49.32
CA PHE G 340 16.99 8.01 50.24
C PHE G 340 15.61 8.02 49.66
N ILE G 341 14.77 7.16 50.22
CA ILE G 341 13.41 7.02 49.73
C ILE G 341 12.45 7.53 50.80
N ARG G 342 12.75 7.27 52.05
CA ARG G 342 11.94 7.80 53.12
C ARG G 342 12.77 8.36 54.24
N ALA G 343 12.20 9.33 54.92
CA ALA G 343 12.88 10.03 55.98
C ALA G 343 11.94 10.12 57.15
N HIS G 344 12.43 10.61 58.28
CA HIS G 344 11.67 10.53 59.53
C HIS G 344 10.35 11.24 59.35
N ASP G 345 10.41 12.22 58.46
CA ASP G 345 9.26 13.04 58.03
C ASP G 345 8.84 12.78 56.58
N SER G 346 9.79 12.82 55.65
CA SER G 346 9.45 12.66 54.26
C SER G 346 8.78 11.30 53.99
N GLU G 347 7.51 11.33 53.60
CA GLU G 347 6.81 10.12 53.24
C GLU G 347 6.64 9.20 54.45
N VAL G 348 6.48 9.82 55.60
CA VAL G 348 5.91 9.13 56.73
C VAL G 348 4.83 9.99 57.32
N GLN G 349 5.21 11.14 57.82
CA GLN G 349 4.20 11.92 58.43
C GLN G 349 3.17 12.39 57.42
N ASP G 350 3.61 12.73 56.20
CA ASP G 350 2.70 13.00 55.08
C ASP G 350 1.63 11.94 54.95
N LEU G 351 2.03 10.66 55.00
CA LEU G 351 1.16 9.51 54.79
C LEU G 351 0.14 9.40 55.91
N ILE G 352 0.59 9.63 57.14
CA ILE G 352 -0.37 9.69 58.25
C ILE G 352 -1.32 10.87 58.10
N ARG G 353 -0.81 12.04 57.74
CA ARG G 353 -1.71 13.12 57.47
C ARG G 353 -2.73 12.68 56.43
N ASP G 354 -2.30 11.92 55.44
CA ASP G 354 -3.20 11.45 54.41
C ASP G 354 -4.37 10.71 55.05
N ILE G 355 -4.00 9.78 55.94
CA ILE G 355 -4.97 8.90 56.60
C ILE G 355 -5.91 9.68 57.52
N ILE G 356 -5.32 10.58 58.30
CA ILE G 356 -6.13 11.34 59.20
C ILE G 356 -7.11 12.13 58.38
N LYS G 357 -6.62 13.04 57.52
CA LYS G 357 -7.52 13.80 56.65
C LYS G 357 -8.53 12.95 55.86
N ALA G 358 -8.17 11.72 55.53
CA ALA G 358 -9.07 10.90 54.72
C ALA G 358 -10.19 10.27 55.58
N GLU G 359 -9.81 9.64 56.68
CA GLU G 359 -10.74 8.81 57.44
C GLU G 359 -10.94 9.23 58.91
N ILE G 360 -10.43 10.41 59.28
CA ILE G 360 -10.54 10.87 60.67
C ILE G 360 -10.96 12.34 60.81
N ASN G 361 -10.08 13.30 60.74
CA ASN G 361 -10.60 14.66 60.81
C ASN G 361 -10.37 15.41 59.51
N PRO G 362 -11.43 15.56 58.74
CA PRO G 362 -11.34 16.21 57.44
C PRO G 362 -10.77 17.62 57.50
N ASN G 363 -10.52 18.08 58.73
CA ASN G 363 -10.08 19.45 58.95
C ASN G 363 -8.67 19.64 59.43
N VAL G 364 -8.00 18.52 59.66
CA VAL G 364 -6.69 18.63 60.25
C VAL G 364 -5.90 19.79 59.60
N VAL G 365 -5.04 20.39 60.37
CA VAL G 365 -4.25 21.50 59.82
C VAL G 365 -2.77 21.15 59.78
N GLY G 366 -2.11 21.47 58.65
CA GLY G 366 -0.66 21.18 58.53
C GLY G 366 -0.31 19.82 59.19
N TYR G 367 0.64 19.78 60.12
CA TYR G 367 0.81 18.48 60.74
C TYR G 367 0.51 18.59 62.22
N SER G 368 -0.50 19.39 62.53
CA SER G 368 -0.90 19.59 63.96
C SER G 368 -1.80 18.53 64.51
N PHE G 369 -1.45 17.26 64.30
CA PHE G 369 -2.26 16.14 64.87
C PHE G 369 -2.33 16.14 66.42
N THR G 370 -3.39 15.57 66.94
CA THR G 370 -3.41 15.23 68.34
C THR G 370 -2.93 13.78 68.51
N MET G 371 -2.47 13.41 69.69
CA MET G 371 -2.04 12.05 69.86
C MET G 371 -3.08 11.08 69.39
N GLU G 372 -4.34 11.49 69.56
CA GLU G 372 -5.48 10.60 69.38
C GLU G 372 -5.58 10.16 67.94
N GLU G 373 -5.77 11.20 67.12
CA GLU G 373 -5.65 11.11 65.70
C GLU G 373 -4.46 10.17 65.36
N ILE G 374 -3.27 10.45 65.90
CA ILE G 374 -2.11 9.57 65.61
C ILE G 374 -2.43 8.06 65.79
N LYS G 375 -2.75 7.65 67.00
CA LYS G 375 -2.96 6.23 67.22
C LYS G 375 -4.03 5.65 66.32
N LYS G 376 -5.10 6.42 66.10
CA LYS G 376 -6.20 5.93 65.29
C LYS G 376 -5.65 5.69 63.85
N ALA G 377 -4.92 6.72 63.37
CA ALA G 377 -4.26 6.66 62.08
C ALA G 377 -3.37 5.42 61.99
N PHE G 378 -2.56 5.18 63.00
CA PHE G 378 -1.66 4.03 62.90
C PHE G 378 -2.27 2.65 62.71
N GLU G 379 -3.58 2.55 62.93
CA GLU G 379 -4.21 1.25 62.85
C GLU G 379 -4.24 0.91 61.39
N ILE G 380 -4.90 1.82 60.66
CA ILE G 380 -5.15 1.76 59.22
C ILE G 380 -3.83 1.56 58.47
N TYR G 381 -2.91 2.49 58.73
CA TYR G 381 -1.55 2.52 58.17
C TYR G 381 -0.91 1.13 58.30
N ASN G 382 -1.01 0.55 59.50
CA ASN G 382 -0.40 -0.77 59.82
C ASN G 382 -1.04 -2.00 59.10
N LYS G 383 -2.37 -1.97 58.96
CA LYS G 383 -3.04 -2.90 58.06
C LYS G 383 -2.42 -2.73 56.69
N ASP G 384 -2.65 -1.53 56.14
CA ASP G 384 -2.27 -1.19 54.80
C ASP G 384 -0.87 -1.71 54.50
N LEU G 385 0.04 -1.52 55.44
CA LEU G 385 1.41 -1.98 55.21
C LEU G 385 1.44 -3.42 54.73
N LEU G 386 0.50 -4.26 55.16
CA LEU G 386 0.61 -5.70 54.90
C LEU G 386 -0.16 -6.11 53.65
N ALA G 387 -1.13 -5.26 53.31
CA ALA G 387 -1.94 -5.42 52.10
C ALA G 387 -1.06 -5.61 50.87
N THR G 388 -1.51 -6.43 49.94
CA THR G 388 -0.86 -6.39 48.66
C THR G 388 -1.27 -5.06 48.03
N GLU G 389 -2.54 -4.75 48.26
CA GLU G 389 -3.15 -3.62 47.64
C GLU G 389 -3.16 -2.48 48.59
N LYS G 390 -2.27 -1.52 48.42
CA LYS G 390 -2.05 -0.51 49.44
C LYS G 390 -2.66 0.80 49.10
N LYS G 391 -3.53 1.28 49.95
CA LYS G 391 -4.16 2.55 49.78
C LYS G 391 -3.30 3.78 50.14
N TYR G 392 -2.48 3.69 51.20
CA TYR G 392 -1.76 4.85 51.71
C TYR G 392 -0.28 4.66 51.64
N THR G 393 0.20 3.41 51.74
CA THR G 393 1.64 3.23 51.95
C THR G 393 2.48 2.89 50.70
N HIS G 394 3.80 2.95 50.82
CA HIS G 394 4.66 2.69 49.69
C HIS G 394 4.62 1.26 49.23
N TYR G 395 4.65 1.09 47.92
CA TYR G 395 4.93 -0.19 47.33
C TYR G 395 6.43 -0.37 47.13
N ASN G 396 6.87 -1.59 46.88
CA ASN G 396 8.18 -1.76 46.31
C ASN G 396 9.36 -1.21 47.08
N THR G 397 9.22 -1.09 48.38
CA THR G 397 10.36 -0.69 49.18
C THR G 397 11.62 -1.46 48.81
N ALA G 398 11.48 -2.79 48.69
CA ALA G 398 12.64 -3.62 48.44
C ALA G 398 13.30 -3.30 47.12
N LEU G 399 12.53 -2.71 46.21
CA LEU G 399 13.10 -2.39 44.92
C LEU G 399 13.88 -1.13 45.00
N SER G 400 13.37 -0.18 45.80
CA SER G 400 14.00 1.13 45.95
C SER G 400 15.31 0.97 46.71
N TYR G 401 15.27 0.14 47.74
CA TYR G 401 16.46 -0.15 48.51
C TYR G 401 17.49 -0.87 47.66
N ALA G 402 17.02 -1.77 46.83
CA ALA G 402 17.90 -2.45 45.96
C ALA G 402 18.70 -1.46 45.12
N LEU G 403 18.06 -0.40 44.60
CA LEU G 403 18.74 0.61 43.74
C LEU G 403 19.68 1.54 44.52
N LEU G 404 19.19 1.96 45.69
CA LEU G 404 19.92 2.79 46.61
C LEU G 404 21.18 2.12 47.07
N LEU G 405 21.07 0.85 47.42
CA LEU G 405 22.16 0.18 48.07
C LEU G 405 23.17 -0.28 47.05
N THR G 406 22.83 -0.20 45.75
CA THR G 406 23.73 -0.71 44.73
C THR G 406 24.23 0.32 43.77
N ASN G 407 23.62 1.49 43.80
CA ASN G 407 24.05 2.61 42.99
C ASN G 407 25.45 3.11 43.26
N LYS G 408 26.14 3.54 42.22
CA LYS G 408 27.45 4.15 42.38
C LYS G 408 27.27 5.65 42.59
N SER G 409 28.28 6.35 43.14
CA SER G 409 28.25 7.84 43.04
C SER G 409 27.29 8.59 44.00
N SER G 410 26.75 7.92 45.00
CA SER G 410 25.93 8.58 46.00
C SER G 410 26.00 7.82 47.29
N VAL G 411 25.79 8.49 48.43
CA VAL G 411 25.81 7.79 49.72
C VAL G 411 24.39 7.48 50.08
N PRO G 412 24.06 6.19 50.25
CA PRO G 412 22.67 5.78 50.47
C PRO G 412 22.28 5.98 51.94
N ARG G 413 21.12 6.57 52.22
CA ARG G 413 20.67 6.66 53.60
C ARG G 413 19.48 5.77 53.84
N VAL G 414 19.64 4.78 54.70
CA VAL G 414 18.57 3.87 55.03
C VAL G 414 17.71 4.43 56.12
N TYR G 415 16.42 4.36 55.95
CA TYR G 415 15.55 4.91 56.98
C TYR G 415 15.25 3.83 57.99
N TYR G 416 15.34 4.19 59.27
CA TYR G 416 15.11 3.25 60.32
C TYR G 416 13.75 2.59 60.17
N GLY G 417 12.75 3.42 59.85
CA GLY G 417 11.34 3.03 59.79
C GLY G 417 11.03 2.13 58.63
N ASP G 418 12.03 1.83 57.81
CA ASP G 418 11.80 0.85 56.75
C ASP G 418 12.26 -0.51 57.22
N MET G 419 13.13 -0.50 58.22
CA MET G 419 13.64 -1.74 58.78
C MET G 419 12.92 -2.13 60.04
N PHE G 420 12.22 -1.16 60.64
CA PHE G 420 11.53 -1.37 61.92
C PHE G 420 10.21 -0.65 61.94
N THR G 421 9.20 -1.22 62.63
CA THR G 421 7.92 -0.51 62.77
C THR G 421 8.17 0.97 62.90
N ASP G 422 7.35 1.79 62.25
CA ASP G 422 7.46 3.23 62.46
C ASP G 422 7.01 3.62 63.88
N ASP G 423 6.23 2.74 64.52
CA ASP G 423 5.61 3.14 65.78
C ASP G 423 5.92 2.22 66.95
N GLY G 424 6.82 1.26 66.72
CA GLY G 424 7.27 0.43 67.84
C GLY G 424 8.00 1.14 69.01
N GLN G 425 8.32 0.33 70.02
CA GLN G 425 9.38 0.63 70.96
C GLN G 425 10.66 0.45 70.16
N TYR G 426 11.75 1.10 70.56
CA TYR G 426 12.90 1.20 69.67
C TYR G 426 13.56 -0.13 69.20
N MET G 427 13.31 -0.51 67.95
CA MET G 427 13.90 -1.70 67.35
C MET G 427 13.19 -3.02 67.69
N ALA G 428 12.05 -2.93 68.36
CA ALA G 428 11.30 -4.11 68.80
C ALA G 428 10.81 -5.03 67.67
N HIS G 429 10.16 -4.43 66.66
CA HIS G 429 9.50 -5.19 65.62
C HIS G 429 10.14 -4.81 64.30
N LYS G 430 10.42 -5.84 63.48
CA LYS G 430 10.94 -5.68 62.10
C LYS G 430 9.83 -5.54 61.08
N THR G 431 10.12 -4.84 59.99
CA THR G 431 9.15 -4.74 58.91
C THR G 431 9.42 -5.89 58.01
N ILE G 432 8.40 -6.25 57.24
CA ILE G 432 8.47 -7.43 56.41
C ILE G 432 9.61 -7.30 55.44
N ASN G 433 10.14 -6.09 55.31
CA ASN G 433 11.20 -5.82 54.33
C ASN G 433 12.62 -5.91 54.90
N TYR G 434 12.64 -6.16 56.21
CA TYR G 434 13.86 -6.26 56.99
C TYR G 434 14.87 -7.23 56.40
N GLU G 435 14.46 -8.47 56.27
CA GLU G 435 15.39 -9.42 55.78
C GLU G 435 15.97 -8.94 54.45
N ALA G 436 15.12 -8.40 53.59
CA ALA G 436 15.60 -7.99 52.28
C ALA G 436 16.69 -6.95 52.43
N ILE G 437 16.34 -5.85 53.08
CA ILE G 437 17.28 -4.77 53.23
C ILE G 437 18.61 -5.21 53.85
N GLU G 438 18.51 -5.99 54.91
CA GLU G 438 19.72 -6.43 55.57
C GLU G 438 20.58 -7.22 54.59
N THR G 439 19.91 -8.01 53.76
CA THR G 439 20.66 -8.86 52.86
C THR G 439 21.45 -7.96 51.95
N LEU G 440 20.83 -6.85 51.58
CA LEU G 440 21.43 -5.92 50.63
C LEU G 440 22.58 -5.22 51.32
N LEU G 441 22.33 -4.77 52.53
CA LEU G 441 23.38 -4.08 53.26
C LEU G 441 24.63 -4.94 53.39
N LYS G 442 24.45 -6.25 53.60
CA LYS G 442 25.58 -7.14 53.80
C LYS G 442 26.31 -7.31 52.49
N ALA G 443 25.50 -7.54 51.45
CA ALA G 443 26.04 -7.81 50.14
C ALA G 443 26.75 -6.56 49.62
N ARG G 444 26.29 -5.42 50.10
CA ARG G 444 26.87 -4.17 49.66
C ARG G 444 28.34 -4.13 49.99
N ILE G 445 28.66 -4.35 51.27
CA ILE G 445 30.04 -4.52 51.74
C ILE G 445 30.80 -5.53 50.87
N LYS G 446 30.16 -6.68 50.62
CA LYS G 446 30.84 -7.79 49.97
C LYS G 446 31.00 -7.69 48.46
N TYR G 447 30.01 -7.12 47.78
CA TYR G 447 30.03 -7.16 46.33
C TYR G 447 30.11 -5.81 45.66
N VAL G 448 29.45 -4.81 46.23
CA VAL G 448 29.17 -3.63 45.42
C VAL G 448 30.41 -2.81 45.12
N SER G 449 30.94 -2.88 43.93
CA SER G 449 32.04 -1.99 43.62
C SER G 449 32.18 -1.82 42.11
N GLY G 450 33.00 -0.88 41.68
CA GLY G 450 33.28 -0.72 40.26
C GLY G 450 32.39 0.27 39.51
N GLY G 451 32.68 0.44 38.22
CA GLY G 451 31.85 1.27 37.34
C GLY G 451 30.42 0.77 37.38
N GLN G 452 29.53 1.51 36.72
CA GLN G 452 28.12 1.11 36.75
C GLN G 452 27.41 1.24 35.42
N ALA G 453 26.58 0.28 35.09
CA ALA G 453 25.75 0.47 33.89
C ALA G 453 24.29 0.12 34.12
N MET G 454 23.43 0.98 33.59
CA MET G 454 22.00 0.85 33.77
C MET G 454 21.32 0.86 32.41
N ARG G 455 20.45 -0.13 32.20
CA ARG G 455 19.78 -0.37 30.92
C ARG G 455 18.27 -0.42 31.13
N ASN G 456 17.54 0.12 30.17
CA ASN G 456 16.10 0.17 30.25
C ASN G 456 15.54 -0.53 29.04
N GLN G 457 14.92 -1.68 29.23
CA GLN G 457 14.52 -2.43 28.06
C GLN G 457 13.05 -2.78 28.04
N GLN G 458 12.45 -2.60 26.87
CA GLN G 458 11.04 -2.86 26.66
C GLN G 458 10.86 -4.30 26.31
N VAL G 459 9.95 -5.01 26.98
CA VAL G 459 9.76 -6.42 26.68
C VAL G 459 8.33 -6.75 26.87
N GLY G 460 7.87 -7.76 26.13
CA GLY G 460 6.46 -8.17 26.14
C GLY G 460 5.65 -6.91 26.34
N ASN G 461 4.61 -6.98 27.16
CA ASN G 461 3.79 -5.80 27.41
C ASN G 461 4.46 -4.67 28.19
N SER G 462 5.58 -4.91 28.87
CA SER G 462 6.09 -3.85 29.72
C SER G 462 7.54 -3.42 29.45
N GLU G 463 8.27 -3.13 30.52
CA GLU G 463 9.62 -2.69 30.36
C GLU G 463 10.30 -3.21 31.63
N ILE G 464 11.64 -3.18 31.66
CA ILE G 464 12.42 -3.42 32.87
C ILE G 464 13.65 -2.48 32.84
N ILE G 465 14.32 -2.32 33.98
CA ILE G 465 15.70 -1.81 33.94
C ILE G 465 16.65 -2.84 34.52
N THR G 466 17.93 -2.68 34.17
CA THR G 466 18.98 -3.49 34.74
C THR G 466 20.07 -2.58 35.27
N SER G 467 20.58 -2.93 36.44
CA SER G 467 21.63 -2.19 37.08
C SER G 467 22.77 -3.19 37.34
N VAL G 468 23.95 -2.90 36.83
CA VAL G 468 25.09 -3.80 37.03
C VAL G 468 26.25 -3.04 37.65
N ARG G 469 26.95 -3.65 38.61
CA ARG G 469 28.25 -3.12 39.08
C ARG G 469 29.37 -4.06 38.63
N TYR G 470 30.30 -3.51 37.87
CA TYR G 470 31.34 -4.32 37.26
C TYR G 470 32.18 -5.19 38.20
N GLY G 471 32.48 -4.68 39.41
CA GLY G 471 33.44 -5.29 40.35
C GLY G 471 34.60 -4.36 40.75
N LYS G 472 35.12 -4.52 41.97
CA LYS G 472 36.24 -3.69 42.45
C LYS G 472 37.35 -3.50 41.41
N GLY G 473 37.75 -2.25 41.20
CA GLY G 473 38.85 -1.92 40.31
C GLY G 473 38.50 -2.14 38.85
N ALA G 474 37.23 -2.18 38.52
CA ALA G 474 36.85 -2.18 37.13
C ALA G 474 35.85 -1.06 36.93
N LEU G 475 36.31 0.06 36.37
CA LEU G 475 35.49 1.24 36.17
C LEU G 475 34.64 1.12 34.90
N LYS G 476 35.25 0.50 33.88
CA LYS G 476 34.61 0.34 32.60
C LYS G 476 34.24 -1.10 32.35
N ALA G 477 33.39 -1.35 31.34
CA ALA G 477 32.97 -2.70 30.95
C ALA G 477 34.15 -3.56 30.43
N THR G 478 34.93 -2.93 29.54
CA THR G 478 36.12 -3.50 28.94
C THR G 478 37.24 -3.76 29.98
N ASP G 479 37.15 -3.11 31.15
CA ASP G 479 38.11 -3.34 32.23
C ASP G 479 38.04 -4.77 32.68
N THR G 480 39.17 -5.47 32.57
CA THR G 480 39.27 -6.81 33.08
C THR G 480 39.95 -6.72 34.45
N GLY G 481 39.36 -7.34 35.48
CA GLY G 481 39.86 -7.06 36.83
C GLY G 481 41.03 -7.90 37.29
N ASP G 482 40.71 -8.90 38.09
CA ASP G 482 41.69 -9.70 38.74
C ASP G 482 40.83 -10.55 39.66
N ARG G 483 41.47 -11.31 40.57
CA ARG G 483 40.75 -12.29 41.37
C ARG G 483 39.52 -11.72 42.07
N ILE G 484 39.75 -10.74 42.95
CA ILE G 484 38.73 -9.98 43.66
C ILE G 484 37.59 -9.40 42.78
N THR G 485 37.96 -8.73 41.67
CA THR G 485 36.99 -8.21 40.67
C THR G 485 36.05 -9.30 40.26
N ARG G 486 36.63 -10.43 39.83
CA ARG G 486 35.81 -11.53 39.37
C ARG G 486 34.69 -11.86 40.37
N THR G 487 35.09 -12.03 41.63
CA THR G 487 34.20 -12.40 42.72
C THR G 487 33.38 -11.23 43.29
N SER G 488 33.49 -10.04 42.72
CA SER G 488 32.60 -8.97 43.16
C SER G 488 31.82 -8.37 41.97
N GLY G 489 30.92 -7.43 42.26
CA GLY G 489 29.99 -6.95 41.25
C GLY G 489 28.60 -7.41 41.64
N VAL G 490 27.59 -6.88 40.96
CA VAL G 490 26.23 -7.30 41.18
C VAL G 490 25.36 -6.94 40.00
N VAL G 491 24.31 -7.72 39.82
CA VAL G 491 23.26 -7.30 38.93
C VAL G 491 21.87 -7.24 39.62
N VAL G 492 21.16 -6.16 39.35
CA VAL G 492 19.81 -6.02 39.80
C VAL G 492 18.87 -5.98 38.60
N ILE G 493 17.73 -6.66 38.71
CA ILE G 493 16.67 -6.58 37.71
C ILE G 493 15.35 -6.17 38.33
N GLU G 494 14.73 -5.13 37.77
CA GLU G 494 13.43 -4.70 38.26
C GLU G 494 12.48 -4.39 37.17
N GLY G 495 11.21 -4.48 37.55
CA GLY G 495 10.10 -4.11 36.70
C GLY G 495 9.11 -3.50 37.67
N ASN G 496 8.41 -2.47 37.23
CA ASN G 496 7.49 -1.78 38.12
C ASN G 496 6.06 -2.02 37.73
N ASN G 497 5.82 -3.10 36.99
CA ASN G 497 4.48 -3.42 36.71
C ASN G 497 4.16 -4.86 37.04
N PRO G 498 3.19 -5.05 37.92
CA PRO G 498 2.73 -6.36 38.31
C PRO G 498 2.25 -7.22 37.15
N SER G 499 1.71 -6.64 36.10
CA SER G 499 1.09 -7.49 35.10
C SER G 499 2.03 -7.67 33.91
N LEU G 500 3.28 -8.00 34.23
CA LEU G 500 4.30 -8.16 33.23
C LEU G 500 4.39 -9.63 32.64
N ARG G 501 4.39 -9.79 31.31
CA ARG G 501 4.76 -11.08 30.65
C ARG G 501 5.74 -10.83 29.51
N LEU G 502 6.84 -11.58 29.46
CA LEU G 502 7.69 -11.54 28.25
C LEU G 502 7.21 -12.57 27.21
N LYS G 503 7.37 -12.28 25.92
CA LYS G 503 7.13 -13.34 24.93
C LYS G 503 8.11 -14.46 25.18
N ALA G 504 7.74 -15.69 24.78
CA ALA G 504 8.60 -16.80 25.06
C ALA G 504 9.97 -16.49 24.43
N SER G 505 9.96 -15.57 23.46
CA SER G 505 11.17 -15.17 22.68
C SER G 505 12.10 -14.12 23.29
N ASP G 506 11.57 -13.35 24.23
CA ASP G 506 12.34 -12.28 24.85
C ASP G 506 13.57 -12.74 25.63
N ARG G 507 14.71 -12.11 25.30
CA ARG G 507 16.04 -12.29 25.91
C ARG G 507 16.42 -11.01 26.65
N VAL G 508 16.67 -11.12 27.96
CA VAL G 508 17.23 -10.01 28.72
C VAL G 508 18.70 -10.24 28.97
N VAL G 509 19.50 -9.68 28.06
CA VAL G 509 20.88 -10.03 27.87
C VAL G 509 21.69 -8.96 28.57
N VAL G 510 22.28 -9.32 29.71
CA VAL G 510 22.86 -8.33 30.61
C VAL G 510 24.36 -8.48 30.71
N ASN G 511 25.05 -7.41 30.36
CA ASN G 511 26.51 -7.45 30.23
C ASN G 511 27.19 -7.23 31.60
N MET G 512 27.86 -8.25 32.14
CA MET G 512 28.36 -8.11 33.50
C MET G 512 29.69 -7.39 33.58
N GLY G 513 30.41 -7.41 32.46
CA GLY G 513 31.74 -6.79 32.40
C GLY G 513 32.90 -7.76 32.18
N ALA G 514 33.94 -7.25 31.52
CA ALA G 514 35.08 -8.04 31.11
C ALA G 514 35.60 -9.15 32.06
N ALA G 515 35.73 -8.88 33.36
CA ALA G 515 36.28 -9.89 34.31
C ALA G 515 35.29 -10.98 34.76
N HIS G 516 34.17 -11.12 34.06
CA HIS G 516 33.12 -12.04 34.50
C HIS G 516 32.74 -13.04 33.43
N LYS G 517 33.65 -13.31 32.49
CA LYS G 517 33.39 -14.26 31.40
C LYS G 517 33.20 -15.70 31.88
N ASN G 518 32.26 -16.41 31.24
CA ASN G 518 32.02 -17.82 31.49
C ASN G 518 31.98 -18.10 32.96
N GLN G 519 31.12 -17.39 33.67
CA GLN G 519 31.15 -17.44 35.12
C GLN G 519 29.87 -17.95 35.73
N ALA G 520 29.99 -18.59 36.88
CA ALA G 520 28.81 -19.02 37.62
C ALA G 520 28.30 -17.82 38.37
N TYR G 521 26.96 -17.69 38.42
CA TYR G 521 26.26 -16.69 39.27
C TYR G 521 25.19 -17.34 40.14
N ARG G 522 24.77 -16.62 41.17
CA ARG G 522 23.83 -17.18 42.14
C ARG G 522 22.96 -16.08 42.67
N PRO G 523 21.67 -16.38 42.80
CA PRO G 523 20.67 -15.40 43.20
C PRO G 523 20.98 -14.86 44.57
N LEU G 524 20.66 -13.60 44.87
CA LEU G 524 20.72 -13.05 46.26
C LEU G 524 19.33 -12.73 46.81
N LEU G 525 18.52 -12.09 45.98
CA LEU G 525 17.10 -11.96 46.25
C LEU G 525 16.35 -12.32 44.99
N LEU G 526 15.31 -13.16 45.13
CA LEU G 526 14.31 -13.30 44.07
C LEU G 526 12.92 -13.04 44.62
N THR G 527 12.04 -12.54 43.76
CA THR G 527 10.66 -12.32 44.13
C THR G 527 9.91 -13.63 44.07
N THR G 528 8.95 -13.80 44.97
CA THR G 528 8.04 -14.93 44.91
C THR G 528 6.60 -14.44 44.99
N ASP G 529 5.66 -15.33 44.68
CA ASP G 529 4.24 -15.03 44.85
C ASP G 529 3.99 -14.38 46.22
N ASN G 530 4.73 -14.84 47.23
CA ASN G 530 4.47 -14.51 48.63
C ASN G 530 5.14 -13.23 49.17
N GLY G 531 6.32 -12.94 48.62
CA GLY G 531 7.15 -11.84 49.07
C GLY G 531 8.50 -11.94 48.36
N ILE G 532 9.56 -11.81 49.14
CA ILE G 532 10.90 -11.84 48.59
C ILE G 532 11.69 -12.90 49.29
N LYS G 533 12.37 -13.75 48.53
CA LYS G 533 13.15 -14.83 49.09
C LYS G 533 14.62 -14.46 49.17
N ALA G 534 15.19 -14.54 50.38
CA ALA G 534 16.57 -14.15 50.58
C ALA G 534 17.46 -15.36 50.54
N TYR G 535 18.62 -15.20 49.90
CA TYR G 535 19.66 -16.22 49.93
C TYR G 535 20.91 -15.76 50.69
N HIS G 536 20.91 -16.03 51.98
CA HIS G 536 21.98 -15.54 52.82
C HIS G 536 23.37 -16.13 52.51
N SER G 537 23.46 -17.17 51.67
CA SER G 537 24.78 -17.76 51.38
C SER G 537 24.84 -18.49 50.02
N ASP G 538 26.05 -18.57 49.44
CA ASP G 538 26.24 -19.30 48.20
C ASP G 538 25.64 -20.69 48.33
N GLN G 539 25.76 -21.25 49.54
CA GLN G 539 25.29 -22.62 49.82
C GLN G 539 23.82 -22.78 49.44
N GLU G 540 22.99 -21.90 50.00
CA GLU G 540 21.56 -21.93 49.72
C GLU G 540 21.27 -21.64 48.27
N ALA G 541 22.18 -20.97 47.60
CA ALA G 541 21.92 -20.64 46.20
C ALA G 541 22.20 -21.84 45.29
N ALA G 542 23.00 -22.79 45.77
CA ALA G 542 23.44 -23.93 44.95
C ALA G 542 22.38 -24.54 43.99
N GLY G 543 21.09 -24.49 44.35
CA GLY G 543 20.04 -25.11 43.53
C GLY G 543 19.76 -24.36 42.22
N LEU G 544 19.92 -23.05 42.27
CA LEU G 544 19.50 -22.16 41.19
C LEU G 544 20.70 -21.42 40.62
N VAL G 545 21.78 -22.14 40.34
CA VAL G 545 22.97 -21.52 39.76
C VAL G 545 22.68 -21.15 38.29
N ARG G 546 23.42 -20.21 37.70
CA ARG G 546 23.31 -19.96 36.26
C ARG G 546 24.60 -19.38 35.75
N TYR G 547 24.81 -19.43 34.45
CA TYR G 547 26.15 -19.13 33.95
C TYR G 547 26.27 -17.89 33.11
N THR G 548 27.48 -17.32 33.07
CA THR G 548 27.78 -16.24 32.14
C THR G 548 28.24 -16.87 30.85
N ASN G 549 28.25 -16.09 29.76
CA ASN G 549 28.61 -16.65 28.46
C ASN G 549 30.02 -16.29 28.01
N ASP G 550 30.22 -16.30 26.69
CA ASP G 550 31.54 -16.08 26.11
C ASP G 550 32.13 -14.69 26.35
N ARG G 551 31.31 -13.67 26.16
CA ARG G 551 31.72 -12.31 26.50
C ARG G 551 31.03 -11.82 27.76
N GLY G 552 31.04 -12.65 28.79
CA GLY G 552 30.60 -12.26 30.14
C GLY G 552 29.21 -11.65 30.21
N GLU G 553 28.28 -12.21 29.43
CA GLU G 553 26.86 -11.81 29.53
C GLU G 553 26.04 -12.81 30.34
N LEU G 554 25.02 -12.29 31.01
CA LEU G 554 23.99 -13.12 31.60
C LEU G 554 22.71 -13.00 30.82
N ILE G 555 21.86 -14.03 30.90
CA ILE G 555 20.70 -14.04 30.07
C ILE G 555 19.44 -14.40 30.82
N PHE G 556 18.40 -13.63 30.62
CA PHE G 556 17.11 -13.88 31.27
C PHE G 556 15.91 -13.95 30.32
N THR G 557 14.94 -14.78 30.68
CA THR G 557 13.73 -14.94 29.88
C THR G 557 12.53 -15.30 30.75
N ALA G 558 11.43 -14.57 30.55
CA ALA G 558 10.22 -14.79 31.32
C ALA G 558 10.44 -15.79 32.45
N ALA G 559 10.53 -17.06 32.10
CA ALA G 559 10.75 -18.12 33.08
C ALA G 559 11.35 -17.55 34.38
N ASP G 560 12.35 -16.70 34.22
CA ASP G 560 13.01 -16.08 35.38
C ASP G 560 12.34 -14.79 35.78
N ILE G 561 11.99 -13.98 34.78
CA ILE G 561 11.32 -12.67 35.04
C ILE G 561 9.83 -12.65 34.68
N LYS G 562 9.00 -12.18 35.59
CA LYS G 562 7.62 -11.90 35.25
C LYS G 562 7.05 -11.02 36.34
N GLY G 563 5.87 -10.46 36.13
CA GLY G 563 5.26 -9.63 37.16
C GLY G 563 4.65 -10.42 38.30
N TYR G 564 4.65 -9.81 39.49
CA TYR G 564 4.01 -10.38 40.68
C TYR G 564 3.30 -9.26 41.40
N ALA G 565 2.44 -9.61 42.35
CA ALA G 565 1.82 -8.57 43.15
C ALA G 565 1.52 -8.99 44.57
N ASN G 566 2.53 -9.04 45.43
CA ASN G 566 2.37 -9.34 46.87
C ASN G 566 2.60 -8.09 47.70
N PRO G 567 2.46 -8.23 49.02
CA PRO G 567 2.65 -7.12 49.97
C PRO G 567 3.95 -6.33 49.78
N GLN G 568 5.00 -6.97 49.27
CA GLN G 568 6.29 -6.28 49.10
C GLN G 568 6.59 -5.90 47.67
N VAL G 569 6.02 -6.58 46.69
CA VAL G 569 6.44 -6.35 45.33
C VAL G 569 5.26 -6.07 44.45
N SER G 570 5.39 -5.06 43.58
CA SER G 570 4.37 -4.70 42.57
C SER G 570 5.10 -4.57 41.25
N GLY G 571 5.49 -5.69 40.68
CA GLY G 571 6.53 -5.67 39.66
C GLY G 571 7.52 -6.80 39.89
N TYR G 572 8.79 -6.59 39.64
CA TYR G 572 9.73 -7.68 39.74
C TYR G 572 10.97 -7.21 40.41
N LEU G 573 11.51 -8.07 41.28
CA LEU G 573 12.85 -7.89 41.83
C LEU G 573 13.68 -9.15 41.75
N GLY G 574 14.94 -8.98 41.33
CA GLY G 574 15.92 -10.07 41.36
C GLY G 574 17.35 -9.57 41.43
N VAL G 575 18.15 -10.18 42.27
CA VAL G 575 19.53 -9.72 42.38
C VAL G 575 20.47 -10.91 42.31
N TRP G 576 21.45 -10.88 41.44
CA TRP G 576 22.44 -11.93 41.49
C TRP G 576 23.85 -11.49 41.84
N VAL G 577 24.62 -12.42 42.35
CA VAL G 577 26.01 -12.11 42.56
C VAL G 577 26.92 -13.27 42.09
N PRO G 578 28.21 -12.97 41.87
CA PRO G 578 29.14 -14.04 41.46
C PRO G 578 29.45 -15.00 42.63
N VAL G 579 29.43 -16.30 42.35
CA VAL G 579 29.68 -17.28 43.37
C VAL G 579 31.15 -17.27 43.81
N GLY G 580 31.40 -17.54 45.09
CA GLY G 580 32.75 -17.86 45.57
C GLY G 580 33.59 -16.78 46.26
N ALA G 581 32.95 -15.68 46.66
CA ALA G 581 33.66 -14.66 47.41
C ALA G 581 33.93 -15.29 48.74
N ALA G 582 35.11 -15.02 49.33
CA ALA G 582 35.41 -15.53 50.68
C ALA G 582 34.33 -15.10 51.67
N ALA G 583 34.20 -15.79 52.78
CA ALA G 583 33.25 -15.37 53.80
C ALA G 583 33.46 -13.87 54.17
N ASP G 584 34.73 -13.50 54.36
CA ASP G 584 35.10 -12.16 54.86
C ASP G 584 35.46 -11.15 53.77
N GLN G 585 35.14 -11.45 52.50
CA GLN G 585 35.38 -10.52 51.37
C GLN G 585 34.76 -9.13 51.61
N ASP G 586 35.58 -8.10 51.36
CA ASP G 586 35.20 -6.73 51.61
C ASP G 586 35.77 -5.80 50.53
N VAL G 587 34.90 -5.18 49.77
CA VAL G 587 35.31 -4.40 48.62
C VAL G 587 35.31 -2.87 48.84
N ARG G 588 34.96 -2.47 50.07
CA ARG G 588 34.97 -1.06 50.46
C ARG G 588 36.40 -0.57 50.48
N VAL G 589 36.60 0.74 50.37
CA VAL G 589 37.95 1.28 50.26
C VAL G 589 38.11 2.47 51.24
N ALA G 590 39.20 2.55 52.01
CA ALA G 590 39.37 3.67 52.93
C ALA G 590 39.82 4.94 52.21
N ALA G 591 39.56 6.12 52.78
CA ALA G 591 39.87 7.40 52.11
C ALA G 591 41.39 7.69 52.11
N SER G 592 41.89 8.26 51.03
CA SER G 592 43.36 8.46 50.98
C SER G 592 43.75 9.78 51.65
N THR G 593 44.94 9.81 52.24
CA THR G 593 45.46 11.04 52.81
C THR G 593 46.16 11.90 51.74
N ALA G 594 46.18 11.46 50.49
CA ALA G 594 46.60 12.33 49.40
C ALA G 594 45.91 13.69 49.52
N PRO G 595 46.70 14.76 49.40
CA PRO G 595 46.12 16.12 49.47
C PRO G 595 45.05 16.41 48.39
N SER G 596 43.96 17.05 48.77
CA SER G 596 42.92 17.48 47.83
C SER G 596 43.40 18.70 47.02
N THR G 597 43.10 18.75 45.74
CA THR G 597 43.66 19.82 44.93
C THR G 597 42.66 20.55 44.09
N ASP G 598 41.44 20.03 43.94
CA ASP G 598 40.41 20.70 43.09
C ASP G 598 39.68 21.81 43.80
N GLY G 599 40.03 22.08 45.05
CA GLY G 599 39.28 23.09 45.83
C GLY G 599 38.01 22.61 46.54
N LYS G 600 37.69 21.34 46.42
CA LYS G 600 36.51 20.81 47.03
C LYS G 600 36.90 19.95 48.19
N SER G 601 36.00 19.82 49.14
CA SER G 601 36.33 19.01 50.27
C SER G 601 35.84 17.57 50.05
N VAL G 602 34.53 17.39 50.02
CA VAL G 602 34.04 16.06 49.85
C VAL G 602 34.11 15.66 48.37
N HIS G 603 34.53 14.42 48.14
CA HIS G 603 34.74 13.88 46.79
C HIS G 603 33.94 12.59 46.59
N GLN G 604 33.06 12.55 45.57
CA GLN G 604 32.24 11.36 45.32
C GLN G 604 32.93 10.21 44.57
N ASN G 605 33.84 9.56 45.31
CA ASN G 605 34.69 8.51 44.79
C ASN G 605 34.46 7.19 45.50
N ALA G 606 35.27 6.21 45.12
CA ALA G 606 35.19 4.85 45.63
C ALA G 606 35.11 4.81 47.14
N ALA G 607 35.92 5.66 47.77
CA ALA G 607 35.96 5.76 49.21
C ALA G 607 34.62 6.33 49.77
N LEU G 608 34.15 7.45 49.23
CA LEU G 608 32.85 7.97 49.71
C LEU G 608 31.79 6.93 49.48
N ASP G 609 31.75 6.39 48.26
CA ASP G 609 30.78 5.34 47.89
C ASP G 609 30.73 4.21 48.94
N SER G 610 31.87 3.89 49.56
CA SER G 610 31.90 2.81 50.59
C SER G 610 31.08 3.11 51.86
N ARG G 611 30.50 4.29 51.94
CA ARG G 611 29.86 4.69 53.18
C ARG G 611 28.40 4.36 53.15
N VAL G 612 27.81 4.10 54.31
CA VAL G 612 26.35 3.96 54.42
C VAL G 612 25.78 4.67 55.64
N MET G 613 24.77 5.47 55.40
CA MET G 613 24.29 6.41 56.36
C MET G 613 22.98 5.81 56.82
N PHE G 614 22.63 5.99 58.10
CA PHE G 614 21.47 5.36 58.67
C PHE G 614 20.80 6.40 59.52
N GLU G 615 19.58 6.75 59.17
CA GLU G 615 18.84 7.75 59.95
C GLU G 615 18.07 7.03 61.04
N GLY G 616 18.65 7.00 62.21
CA GLY G 616 18.27 6.00 63.19
C GLY G 616 17.16 6.28 64.18
N PHE G 617 16.11 6.97 63.76
CA PHE G 617 14.96 7.09 64.66
C PHE G 617 13.71 7.18 63.83
N SER G 618 12.57 7.20 64.48
CA SER G 618 11.30 7.42 63.80
C SER G 618 10.50 8.44 64.61
N ASN G 619 9.84 9.41 63.94
CA ASN G 619 9.03 10.41 64.65
C ASN G 619 8.03 9.70 65.55
N PHE G 620 7.53 8.56 65.06
CA PHE G 620 6.40 7.91 65.69
C PHE G 620 6.73 6.74 66.60
N GLN G 621 8.00 6.63 66.99
CA GLN G 621 8.41 5.71 68.06
C GLN G 621 7.64 5.93 69.31
N ALA G 622 7.27 4.82 69.94
CA ALA G 622 6.55 4.83 71.20
C ALA G 622 7.47 5.40 72.30
N PHE G 623 6.90 6.12 73.26
CA PHE G 623 7.65 6.44 74.46
C PHE G 623 8.10 5.17 75.24
N ALA G 624 9.29 5.17 75.83
CA ALA G 624 9.83 3.98 76.50
C ALA G 624 9.05 3.65 77.81
N THR G 625 8.80 2.37 78.08
CA THR G 625 8.07 1.94 79.28
C THR G 625 9.04 1.89 80.43
N LYS G 626 10.21 1.35 80.14
CA LYS G 626 11.21 1.18 81.17
C LYS G 626 12.57 1.50 80.56
N LYS G 627 13.51 1.74 81.45
CA LYS G 627 14.83 2.16 81.05
C LYS G 627 15.47 1.37 79.88
N GLU G 628 15.37 0.04 79.89
CA GLU G 628 16.16 -0.75 78.93
C GLU G 628 15.65 -0.48 77.55
N GLU G 629 14.43 0.05 77.48
CA GLU G 629 13.78 0.37 76.21
C GLU G 629 14.23 1.68 75.55
N TYR G 630 14.89 2.54 76.31
CA TYR G 630 15.39 3.79 75.77
C TYR G 630 16.17 3.58 74.50
N THR G 631 15.85 4.36 73.48
CA THR G 631 16.60 4.27 72.22
C THR G 631 18.13 4.23 72.43
N ASN G 632 18.65 5.15 73.23
CA ASN G 632 20.07 5.31 73.32
C ASN G 632 20.73 4.10 74.01
N VAL G 633 19.94 3.45 74.86
CA VAL G 633 20.38 2.23 75.58
C VAL G 633 20.51 1.07 74.60
N VAL G 634 19.52 0.97 73.71
CA VAL G 634 19.43 -0.15 72.77
C VAL G 634 20.49 -0.01 71.66
N ILE G 635 20.76 1.22 71.26
CA ILE G 635 21.78 1.46 70.23
C ILE G 635 23.10 0.91 70.70
N ALA G 636 23.35 1.17 71.97
CA ALA G 636 24.58 0.77 72.63
C ALA G 636 24.66 -0.76 72.65
N LYS G 637 23.55 -1.37 73.01
CA LYS G 637 23.42 -2.82 72.94
C LYS G 637 23.69 -3.35 71.52
N ASN G 638 23.19 -2.62 70.52
CA ASN G 638 23.04 -3.18 69.18
C ASN G 638 24.05 -2.74 68.19
N VAL G 639 25.03 -2.04 68.72
CA VAL G 639 26.07 -1.53 67.89
C VAL G 639 26.77 -2.58 66.97
N ASP G 640 26.64 -3.89 67.25
CA ASP G 640 27.19 -4.91 66.33
C ASP G 640 26.42 -5.08 65.04
N LYS G 641 25.10 -4.86 65.11
CA LYS G 641 24.26 -4.93 63.93
C LYS G 641 24.69 -3.83 62.95
N PHE G 642 24.81 -2.61 63.47
CA PHE G 642 25.07 -1.51 62.59
C PHE G 642 26.38 -1.77 61.88
N ALA G 643 27.37 -2.23 62.64
CA ALA G 643 28.66 -2.53 62.04
C ALA G 643 28.48 -3.57 60.92
N GLU G 644 27.61 -4.54 61.19
CA GLU G 644 27.33 -5.66 60.32
C GLU G 644 26.75 -5.12 59.02
N TRP G 645 25.97 -4.04 59.11
CA TRP G 645 25.25 -3.47 57.97
C TRP G 645 26.04 -2.49 57.17
N GLY G 646 27.22 -2.15 57.66
CA GLY G 646 28.15 -1.32 56.89
C GLY G 646 27.84 0.11 57.23
N VAL G 647 27.04 0.31 58.25
CA VAL G 647 26.68 1.64 58.66
C VAL G 647 27.95 2.36 59.04
N THR G 648 28.31 3.41 58.32
CA THR G 648 29.51 4.19 58.67
C THR G 648 29.20 5.53 59.33
N ASP G 649 28.01 6.02 59.07
CA ASP G 649 27.60 7.26 59.67
C ASP G 649 26.23 7.00 60.25
N PHE G 650 26.10 7.29 61.52
CA PHE G 650 24.85 7.05 62.18
C PHE G 650 24.17 8.40 62.48
N GLU G 651 23.09 8.70 61.79
CA GLU G 651 22.43 9.98 62.05
C GLU G 651 21.48 9.82 63.20
N MET G 652 21.78 10.49 64.31
CA MET G 652 20.89 10.45 65.47
C MET G 652 19.71 11.41 65.39
N ALA G 653 18.66 11.10 66.11
CA ALA G 653 17.64 12.09 66.25
C ALA G 653 18.26 13.33 66.91
N PRO G 654 17.63 14.48 66.74
CA PRO G 654 17.97 15.63 67.51
C PRO G 654 17.79 15.33 69.01
N GLN G 655 18.84 15.56 69.81
CA GLN G 655 18.82 15.10 71.20
C GLN G 655 18.28 16.12 72.21
N TYR G 656 17.83 17.26 71.73
CA TYR G 656 17.36 18.30 72.65
C TYR G 656 16.13 17.86 73.36
N VAL G 657 16.02 18.23 74.62
CA VAL G 657 14.85 17.89 75.43
C VAL G 657 13.62 18.55 74.90
N SER G 658 12.64 17.71 74.56
CA SER G 658 11.45 18.15 73.82
C SER G 658 10.46 19.10 74.52
N SER G 659 9.95 20.10 73.82
CA SER G 659 8.89 20.89 74.44
C SER G 659 7.61 20.08 74.37
N THR G 660 6.57 20.52 75.05
CA THR G 660 5.37 19.69 75.14
C THR G 660 4.07 20.47 74.92
N ASP G 661 4.14 21.61 74.25
CA ASP G 661 2.94 22.39 74.03
C ASP G 661 2.07 21.60 73.06
N GLY G 662 2.65 20.66 72.31
CA GLY G 662 1.86 20.01 71.26
C GLY G 662 1.23 20.97 70.24
N SER G 663 1.82 22.14 70.04
CA SER G 663 1.39 23.02 68.96
C SER G 663 1.84 22.53 67.58
N PHE G 664 2.63 21.47 67.52
CA PHE G 664 3.00 20.87 66.22
C PHE G 664 3.38 19.41 66.37
N LEU G 665 3.31 18.68 65.27
CA LEU G 665 3.50 17.26 65.37
C LEU G 665 4.72 16.93 66.19
N ASP G 666 5.74 17.80 66.07
CA ASP G 666 7.04 17.57 66.66
C ASP G 666 6.94 17.56 68.19
N SER G 667 6.22 18.53 68.74
CA SER G 667 6.02 18.62 70.21
C SER G 667 5.12 17.53 70.76
N VAL G 668 4.17 17.03 69.97
CA VAL G 668 3.27 15.95 70.40
C VAL G 668 4.03 14.67 70.55
N ILE G 669 4.86 14.38 69.58
CA ILE G 669 5.47 13.09 69.45
C ILE G 669 6.83 13.18 70.16
N GLN G 670 7.21 14.42 70.44
CA GLN G 670 8.48 14.75 71.10
C GLN G 670 9.71 14.22 70.43
N ASN G 671 9.91 14.54 69.15
CA ASN G 671 11.03 13.95 68.42
C ASN G 671 12.39 14.55 68.71
N GLY G 672 12.43 15.83 69.05
CA GLY G 672 13.72 16.41 69.30
C GLY G 672 13.83 17.70 68.56
N TYR G 673 12.91 17.94 67.64
CA TYR G 673 12.90 19.20 66.89
C TYR G 673 12.19 20.41 67.52
N ALA G 674 11.36 20.18 68.52
CA ALA G 674 10.71 21.32 69.12
C ALA G 674 11.28 21.40 70.54
N PHE G 675 12.19 22.36 70.78
CA PHE G 675 12.89 22.45 72.06
C PHE G 675 12.94 23.87 72.56
N THR G 676 13.20 23.99 73.87
CA THR G 676 13.35 25.26 74.50
C THR G 676 14.78 25.51 74.86
N ASP G 677 15.56 24.47 74.94
CA ASP G 677 16.90 24.69 75.38
C ASP G 677 17.90 24.01 74.45
N ARG G 678 18.63 24.79 73.65
CA ARG G 678 19.50 24.24 72.60
C ARG G 678 20.54 23.32 73.18
N TYR G 679 20.77 23.46 74.47
CA TYR G 679 21.90 22.77 75.06
C TYR G 679 21.42 21.68 75.99
N ASP G 680 20.09 21.50 76.08
CA ASP G 680 19.52 20.48 76.95
C ASP G 680 19.50 19.07 76.34
N LEU G 681 20.65 18.45 76.24
CA LEU G 681 20.69 17.19 75.57
C LEU G 681 20.43 16.14 76.61
N GLY G 682 19.19 16.11 77.06
CA GLY G 682 18.78 15.19 78.11
C GLY G 682 19.59 15.38 79.40
N ILE G 683 19.66 16.62 79.85
CA ILE G 683 20.47 16.94 80.99
C ILE G 683 19.60 17.36 82.16
N SER G 684 18.53 18.08 81.88
CA SER G 684 17.63 18.51 82.95
C SER G 684 16.66 17.39 83.25
N LYS G 685 16.46 16.52 82.27
CA LYS G 685 15.52 15.41 82.34
C LYS G 685 15.85 14.56 81.13
N PRO G 686 15.43 13.29 81.14
CA PRO G 686 15.79 12.54 79.95
C PRO G 686 15.01 13.13 78.76
N ASN G 687 15.48 12.83 77.55
CA ASN G 687 14.80 13.20 76.31
C ASN G 687 14.17 11.90 75.85
N LYS G 688 13.45 11.91 74.76
CA LYS G 688 12.73 10.69 74.42
C LYS G 688 13.64 9.47 74.30
N TYR G 689 14.96 9.68 74.07
CA TYR G 689 15.91 8.58 73.74
C TYR G 689 16.84 8.18 74.88
N GLY G 690 16.71 8.89 75.99
CA GLY G 690 17.63 8.64 77.05
C GLY G 690 17.93 9.84 77.90
N THR G 691 18.92 9.63 78.78
CA THR G 691 19.48 10.68 79.63
C THR G 691 20.79 11.06 78.96
N ALA G 692 21.29 12.27 79.27
CA ALA G 692 22.59 12.69 78.78
C ALA G 692 23.52 11.49 78.82
N ASP G 693 23.50 10.78 79.94
CA ASP G 693 24.38 9.64 80.09
C ASP G 693 24.28 8.47 79.12
N ASP G 694 23.06 8.24 78.63
CA ASP G 694 22.75 7.17 77.67
C ASP G 694 23.29 7.57 76.29
N LEU G 695 23.06 8.86 76.01
CA LEU G 695 23.60 9.50 74.86
C LEU G 695 25.11 9.27 74.82
N VAL G 696 25.77 9.58 75.93
CA VAL G 696 27.20 9.46 75.97
C VAL G 696 27.63 8.03 75.67
N LYS G 697 26.90 7.07 76.28
CA LYS G 697 27.18 5.61 76.18
C LYS G 697 27.03 5.18 74.72
N ALA G 698 25.86 5.54 74.17
CA ALA G 698 25.57 5.30 72.77
C ALA G 698 26.67 5.87 71.84
N ILE G 699 27.01 7.17 71.98
CA ILE G 699 28.17 7.72 71.22
C ILE G 699 29.48 6.89 71.38
N LYS G 700 29.87 6.58 72.63
CA LYS G 700 31.04 5.74 72.88
C LYS G 700 30.88 4.38 72.24
N ALA G 701 29.69 3.77 72.37
CA ALA G 701 29.43 2.50 71.69
C ALA G 701 29.73 2.61 70.21
N LEU G 702 28.95 3.42 69.50
CA LEU G 702 29.13 3.58 68.06
C LEU G 702 30.61 3.77 67.65
N HIS G 703 31.35 4.50 68.49
CA HIS G 703 32.73 4.80 68.16
C HIS G 703 33.65 3.60 68.23
N SER G 704 33.48 2.77 69.26
CA SER G 704 34.26 1.54 69.35
C SER G 704 34.13 0.70 68.08
N LYS G 705 33.05 0.90 67.32
CA LYS G 705 32.83 0.18 66.07
C LYS G 705 33.34 0.94 64.88
N GLY G 706 34.15 1.96 65.17
CA GLY G 706 34.61 2.87 64.14
C GLY G 706 33.49 3.62 63.43
N ILE G 707 32.28 3.67 64.02
CA ILE G 707 31.12 4.30 63.34
C ILE G 707 31.01 5.79 63.70
N LYS G 708 30.69 6.66 62.72
CA LYS G 708 30.63 8.11 62.96
C LYS G 708 29.27 8.48 63.44
N VAL G 709 29.15 9.57 64.20
CA VAL G 709 27.86 9.92 64.78
C VAL G 709 27.56 11.40 64.55
N MET G 710 26.36 11.67 64.05
CA MET G 710 26.02 12.91 63.42
C MET G 710 25.04 13.68 64.26
N ALA G 711 25.27 14.95 64.50
CA ALA G 711 24.41 15.69 65.40
C ALA G 711 23.48 16.45 64.56
N ASP G 712 22.25 16.60 65.02
CA ASP G 712 21.27 17.30 64.21
C ASP G 712 21.29 18.80 64.54
N TRP G 713 21.88 19.63 63.70
CA TRP G 713 21.94 21.06 63.99
C TRP G 713 20.62 21.70 63.61
N VAL G 714 19.96 22.37 64.55
CA VAL G 714 18.63 22.90 64.25
C VAL G 714 18.53 24.38 64.55
N PRO G 715 19.08 25.21 63.66
CA PRO G 715 19.10 26.65 63.87
C PRO G 715 17.80 27.40 63.54
N ASP G 716 16.76 26.76 63.01
CA ASP G 716 15.64 27.56 62.54
C ASP G 716 14.69 28.22 63.55
N GLN G 717 14.26 27.46 64.54
CA GLN G 717 13.23 27.90 65.49
C GLN G 717 13.43 27.29 66.87
N MET G 718 12.61 27.79 67.79
CA MET G 718 12.56 27.33 69.20
C MET G 718 11.12 27.43 69.70
N TYR G 719 10.70 26.47 70.48
CA TYR G 719 9.32 26.49 70.89
C TYR G 719 9.17 26.93 72.35
N ALA G 720 7.95 27.38 72.72
CA ALA G 720 7.55 27.43 74.12
C ALA G 720 8.55 28.16 75.06
N LEU G 721 8.95 29.39 74.69
CA LEU G 721 9.80 30.15 75.62
C LEU G 721 9.02 30.58 76.89
N PRO G 722 9.60 30.32 78.06
CA PRO G 722 8.87 30.46 79.28
C PRO G 722 8.46 31.88 79.64
N GLU G 723 9.14 32.93 79.22
CA GLU G 723 8.84 34.27 79.74
C GLU G 723 8.20 35.22 78.73
N LYS G 724 7.10 35.84 79.08
CA LYS G 724 6.46 36.69 78.09
C LYS G 724 7.21 37.96 77.82
N GLU G 725 6.90 38.65 76.73
CA GLU G 725 7.59 39.87 76.34
C GLU G 725 6.73 40.63 75.36
N VAL G 726 6.83 41.95 75.31
CA VAL G 726 5.96 42.67 74.39
C VAL G 726 6.72 43.11 73.19
N VAL G 727 6.14 42.90 72.02
CA VAL G 727 6.82 43.23 70.78
C VAL G 727 5.89 44.08 69.97
N THR G 728 6.39 44.71 68.93
CA THR G 728 5.52 45.35 67.96
C THR G 728 5.46 44.43 66.78
N ALA G 729 4.28 43.95 66.40
CA ALA G 729 4.24 42.92 65.35
C ALA G 729 3.34 43.25 64.18
N THR G 730 3.53 42.51 63.09
CA THR G 730 2.68 42.68 61.94
C THR G 730 2.30 41.30 61.42
N ARG G 731 1.02 41.10 61.10
CA ARG G 731 0.61 39.81 60.53
C ARG G 731 1.31 39.61 59.19
N VAL G 732 2.04 38.53 59.04
CA VAL G 732 2.69 38.25 57.76
C VAL G 732 2.61 36.78 57.30
N ASP G 733 2.74 36.61 55.99
CA ASP G 733 2.90 35.28 55.45
C ASP G 733 4.33 34.74 55.66
N LYS G 734 4.59 33.51 55.26
CA LYS G 734 5.84 32.86 55.65
C LYS G 734 7.04 33.45 54.98
N TYR G 735 6.80 34.27 53.96
CA TYR G 735 7.84 35.15 53.45
C TYR G 735 8.00 36.45 54.21
N GLY G 736 7.22 36.70 55.26
CA GLY G 736 7.34 37.99 55.92
C GLY G 736 6.62 39.14 55.24
N THR G 737 5.78 38.88 54.24
CA THR G 737 4.90 39.94 53.71
C THR G 737 3.65 40.13 54.56
N PRO G 738 3.32 41.41 54.77
CA PRO G 738 2.18 41.83 55.56
C PRO G 738 0.92 41.28 54.97
N VAL G 739 0.20 40.46 55.72
CA VAL G 739 -1.07 39.88 55.27
C VAL G 739 -2.04 41.00 54.91
N ALA G 740 -2.55 40.97 53.69
CA ALA G 740 -3.57 41.94 53.30
C ALA G 740 -4.89 41.72 54.10
N GLY G 741 -5.45 42.82 54.63
CA GLY G 741 -6.77 42.80 55.35
C GLY G 741 -6.66 42.41 56.83
N SER G 742 -5.42 42.41 57.35
CA SER G 742 -5.15 41.96 58.71
C SER G 742 -5.23 43.18 59.63
N GLN G 743 -5.69 42.95 60.86
CA GLN G 743 -5.75 44.08 61.82
C GLN G 743 -4.47 44.29 62.61
N ILE G 744 -3.54 43.32 62.60
CA ILE G 744 -2.32 43.43 63.39
C ILE G 744 -1.24 43.93 62.48
N LYS G 745 -1.12 45.24 62.45
CA LYS G 745 -0.12 45.91 61.64
C LYS G 745 0.74 46.87 62.54
N ASN G 746 1.93 46.45 62.98
CA ASN G 746 2.70 47.32 63.89
C ASN G 746 2.04 47.59 65.21
N THR G 747 1.52 46.57 65.87
CA THR G 747 0.73 46.82 67.02
C THR G 747 1.27 45.91 68.11
N LEU G 748 1.16 46.33 69.36
CA LEU G 748 1.84 45.59 70.41
C LEU G 748 1.23 44.23 70.53
N TYR G 749 2.03 43.25 70.88
CA TYR G 749 1.57 41.87 70.97
C TYR G 749 2.47 41.22 72.03
N VAL G 750 1.91 40.35 72.84
CA VAL G 750 2.71 39.71 73.85
C VAL G 750 3.03 38.32 73.39
N VAL G 751 4.33 38.04 73.26
CA VAL G 751 4.76 36.73 72.78
C VAL G 751 5.40 35.92 73.90
N ASP G 752 5.45 34.59 73.77
CA ASP G 752 6.34 33.77 74.64
C ASP G 752 7.72 33.69 73.99
N GLY G 753 8.57 34.68 74.29
CA GLY G 753 9.81 34.88 73.55
C GLY G 753 11.08 35.13 74.38
N LYS G 754 11.07 34.80 75.68
CA LYS G 754 12.28 34.80 76.50
C LYS G 754 12.58 33.50 77.23
N SER G 755 13.85 33.15 77.34
CA SER G 755 14.21 31.89 77.98
C SER G 755 14.40 32.17 79.48
N SER G 756 14.55 31.12 80.28
CA SER G 756 14.64 31.28 81.72
C SER G 756 15.88 32.03 82.16
N GLY G 757 16.99 31.83 81.47
CA GLY G 757 18.25 32.38 82.03
C GLY G 757 18.83 31.56 83.16
N LYS G 758 18.12 30.56 83.65
CA LYS G 758 18.68 29.57 84.55
C LYS G 758 18.78 28.27 83.79
N ASP G 759 18.66 28.41 82.48
CA ASP G 759 18.84 27.46 81.40
C ASP G 759 20.24 26.77 81.20
N GLN G 760 20.29 25.65 80.50
CA GLN G 760 21.55 25.13 80.01
C GLN G 760 22.19 26.14 79.05
N GLN G 761 21.34 26.89 78.36
CA GLN G 761 21.80 27.93 77.43
C GLN G 761 22.46 29.03 78.24
N ALA G 762 21.98 29.25 79.46
CA ALA G 762 22.52 30.26 80.36
C ALA G 762 23.93 29.82 80.77
N LYS G 763 24.14 28.52 80.89
CA LYS G 763 25.42 28.01 81.24
C LYS G 763 26.39 27.93 80.06
N TYR G 764 25.93 27.51 78.88
CA TYR G 764 26.84 27.35 77.74
C TYR G 764 26.77 28.45 76.71
N GLY G 765 25.86 29.38 76.86
CA GLY G 765 25.62 30.25 75.76
C GLY G 765 26.86 31.05 75.57
N GLY G 766 27.41 31.02 74.36
CA GLY G 766 28.57 31.84 74.01
C GLY G 766 29.86 31.44 74.72
N ALA G 767 29.81 30.37 75.48
CA ALA G 767 30.90 29.99 76.34
C ALA G 767 32.13 29.65 75.54
N PHE G 768 32.00 29.36 74.25
CA PHE G 768 33.18 28.95 73.51
C PHE G 768 33.72 29.94 72.50
N LEU G 769 33.12 31.10 72.40
CA LEU G 769 33.60 32.10 71.48
C LEU G 769 35.07 32.55 71.70
N GLU G 770 35.48 32.65 72.95
CA GLU G 770 36.85 32.95 73.28
C GLU G 770 37.84 31.99 72.66
N GLU G 771 37.56 30.72 72.89
CA GLU G 771 38.37 29.67 72.34
C GLU G 771 38.38 29.66 70.79
N LEU G 772 37.19 29.76 70.18
CA LEU G 772 37.06 29.75 68.74
C LEU G 772 37.81 30.93 68.14
N GLN G 773 37.52 32.13 68.61
CA GLN G 773 38.18 33.30 68.03
C GLN G 773 39.68 33.11 68.16
N ALA G 774 40.11 32.58 69.29
CA ALA G 774 41.52 32.34 69.54
C ALA G 774 42.11 31.44 68.48
N LYS G 775 41.52 30.26 68.28
CA LYS G 775 42.00 29.26 67.31
C LYS G 775 41.73 29.50 65.83
N TYR G 776 40.56 30.05 65.51
CA TYR G 776 40.14 30.25 64.11
C TYR G 776 39.72 31.69 63.83
N PRO G 777 40.64 32.66 64.03
CA PRO G 777 40.21 34.04 63.82
C PRO G 777 39.58 34.19 62.44
N GLU G 778 40.09 33.48 61.45
CA GLU G 778 39.57 33.70 60.12
C GLU G 778 38.06 33.55 60.07
N LEU G 779 37.50 32.63 60.87
CA LEU G 779 36.05 32.51 60.94
C LEU G 779 35.38 33.85 61.24
N PHE G 780 35.90 34.62 62.20
CA PHE G 780 35.26 35.86 62.64
C PHE G 780 35.66 37.05 61.85
N ALA G 781 36.55 36.81 60.88
CA ALA G 781 37.02 37.83 59.96
C ALA G 781 36.18 37.86 58.69
N ARG G 782 35.61 36.73 58.30
CA ARG G 782 34.87 36.65 57.06
C ARG G 782 33.64 37.50 57.17
N LYS G 783 33.34 38.18 56.08
CA LYS G 783 32.15 38.99 56.05
C LYS G 783 31.02 38.19 55.47
N GLN G 784 29.95 38.05 56.23
CA GLN G 784 28.85 37.20 55.79
C GLN G 784 28.13 37.76 54.56
N ILE G 785 27.78 36.87 53.63
CA ILE G 785 27.18 37.32 52.40
C ILE G 785 25.87 38.07 52.62
N SER G 786 24.96 37.52 53.42
CA SER G 786 23.69 38.21 53.62
C SER G 786 23.85 39.52 54.39
N THR G 787 24.80 39.62 55.31
CA THR G 787 24.88 40.85 56.07
C THR G 787 25.99 41.75 55.62
N GLY G 788 26.93 41.18 54.90
CA GLY G 788 28.08 41.95 54.51
C GLY G 788 29.04 42.27 55.64
N VAL G 789 28.77 41.79 56.85
CA VAL G 789 29.65 42.02 58.01
C VAL G 789 29.91 40.71 58.71
N PRO G 790 30.91 40.65 59.61
CA PRO G 790 31.31 39.43 60.31
C PRO G 790 30.35 39.00 61.44
N MET G 791 30.45 37.76 61.87
CA MET G 791 29.77 37.41 63.06
C MET G 791 30.28 38.38 64.09
N ASP G 792 29.45 38.66 65.07
CA ASP G 792 29.89 39.49 66.15
C ASP G 792 29.86 38.65 67.43
N PRO G 793 31.05 38.25 67.91
CA PRO G 793 31.15 37.39 69.07
C PRO G 793 31.22 38.17 70.36
N SER G 794 31.17 39.49 70.31
CA SER G 794 31.36 40.28 71.53
C SER G 794 30.22 40.16 72.56
N VAL G 795 29.04 39.67 72.19
CA VAL G 795 28.04 39.48 73.22
C VAL G 795 27.63 38.03 73.25
N LYS G 796 27.50 37.42 74.42
CA LYS G 796 27.00 36.06 74.46
C LYS G 796 25.51 36.00 74.61
N ILE G 797 24.85 35.00 74.06
CA ILE G 797 23.43 34.89 74.34
C ILE G 797 23.21 33.95 75.51
N LYS G 798 22.91 34.53 76.67
CA LYS G 798 22.65 33.79 77.89
C LYS G 798 21.16 33.61 78.00
N GLN G 799 20.43 34.56 77.42
CA GLN G 799 19.00 34.51 77.46
C GLN G 799 18.35 35.00 76.17
N TRP G 800 17.73 34.06 75.45
CA TRP G 800 17.01 34.39 74.23
C TRP G 800 15.96 35.44 74.54
N SER G 801 15.82 36.42 73.67
CA SER G 801 14.70 37.30 73.79
C SER G 801 14.37 37.77 72.38
N ALA G 802 13.23 38.45 72.24
CA ALA G 802 12.66 38.76 70.93
C ALA G 802 13.68 39.39 70.03
N LYS G 803 14.63 40.13 70.58
CA LYS G 803 15.58 40.81 69.69
C LYS G 803 16.35 39.81 68.78
N TYR G 804 16.37 38.55 69.19
CA TYR G 804 17.11 37.59 68.42
C TYR G 804 16.16 36.78 67.53
N PHE G 805 14.90 37.15 67.50
CA PHE G 805 13.97 36.40 66.63
C PHE G 805 13.34 37.21 65.53
N ASN G 806 12.95 36.53 64.48
CA ASN G 806 12.30 37.24 63.40
C ASN G 806 10.86 37.53 63.69
N GLY G 807 10.19 36.53 64.28
CA GLY G 807 8.81 36.69 64.69
C GLY G 807 8.40 35.38 65.25
N THR G 808 7.10 35.17 65.29
CA THR G 808 6.57 33.96 65.86
C THR G 808 5.36 33.51 65.06
N ASN G 809 4.93 32.26 65.20
CA ASN G 809 3.61 31.92 64.71
C ASN G 809 2.54 32.66 65.55
N ILE G 810 1.44 33.09 64.93
CA ILE G 810 0.33 33.66 65.69
C ILE G 810 -0.04 32.79 66.91
N LEU G 811 -0.27 33.43 68.07
CA LEU G 811 -0.48 32.73 69.35
C LEU G 811 -1.92 32.70 69.80
N GLY G 812 -2.79 33.38 69.05
CA GLY G 812 -4.21 33.42 69.34
C GLY G 812 -4.52 34.30 70.54
N ARG G 813 -3.69 35.30 70.78
CA ARG G 813 -3.92 36.24 71.87
C ARG G 813 -4.71 37.45 71.43
N GLY G 814 -4.73 37.75 70.13
CA GLY G 814 -5.62 38.78 69.65
C GLY G 814 -4.96 40.11 69.37
N ALA G 815 -5.61 40.92 68.53
CA ALA G 815 -5.07 42.21 68.13
C ALA G 815 -5.05 43.32 69.21
N GLY G 816 -5.84 43.20 70.28
CA GLY G 816 -5.77 44.21 71.33
C GLY G 816 -5.49 43.69 72.73
N TYR G 817 -4.70 42.62 72.87
CA TYR G 817 -4.47 42.02 74.18
C TYR G 817 -3.75 43.03 75.08
N VAL G 818 -2.92 43.87 74.49
CA VAL G 818 -2.22 44.88 75.29
C VAL G 818 -3.09 46.10 75.45
N LEU G 819 -3.46 46.45 76.67
CA LEU G 819 -4.60 47.36 76.86
C LEU G 819 -4.39 48.83 76.55
N LYS G 820 -5.33 49.36 75.79
CA LYS G 820 -5.20 50.65 75.17
C LYS G 820 -6.20 51.56 75.87
N ASP G 821 -5.99 52.86 75.85
CA ASP G 821 -7.11 53.68 76.23
C ASP G 821 -7.82 54.02 74.93
N GLN G 822 -9.14 53.77 74.89
CA GLN G 822 -9.91 53.85 73.63
C GLN G 822 -10.09 55.31 73.20
N ALA G 823 -10.52 56.14 74.15
CA ALA G 823 -10.55 57.59 73.96
C ALA G 823 -9.25 58.12 73.24
N THR G 824 -8.10 57.87 73.82
CA THR G 824 -6.86 58.43 73.32
C THR G 824 -6.16 57.51 72.37
N ASN G 825 -6.53 56.24 72.41
CA ASN G 825 -5.76 55.25 71.67
C ASN G 825 -4.24 55.33 72.03
N THR G 826 -3.94 55.32 73.33
CA THR G 826 -2.58 55.32 73.83
C THR G 826 -2.45 54.11 74.74
N TYR G 827 -1.42 53.31 74.58
CA TYR G 827 -1.27 52.16 75.47
C TYR G 827 -1.14 52.62 76.91
N PHE G 828 -1.70 51.86 77.85
CA PHE G 828 -1.43 52.18 79.23
C PHE G 828 -0.02 51.73 79.48
N SER G 829 0.71 52.53 80.27
CA SER G 829 2.13 52.32 80.55
C SER G 829 2.40 52.38 82.04
N LEU G 830 3.21 51.45 82.54
CA LEU G 830 3.72 51.54 83.92
C LEU G 830 5.20 52.01 84.01
N VAL G 831 5.75 52.59 82.95
CA VAL G 831 7.12 53.10 83.02
C VAL G 831 7.10 54.26 84.04
N SER G 832 8.05 54.25 84.97
CA SER G 832 7.97 55.10 86.18
C SER G 832 7.97 56.60 85.91
N ASP G 833 8.85 57.04 85.00
CA ASP G 833 8.77 58.43 84.52
C ASP G 833 7.34 58.61 83.90
N ASN G 834 6.87 57.60 83.16
CA ASN G 834 5.81 57.88 82.21
C ASN G 834 4.41 57.17 82.41
N THR G 835 3.97 57.09 83.65
CA THR G 835 2.84 56.27 83.95
C THR G 835 1.56 56.84 83.32
N PHE G 836 0.86 55.98 82.58
CA PHE G 836 -0.47 56.28 82.06
C PHE G 836 -1.38 55.09 82.38
N LEU G 837 -2.41 55.31 83.19
CA LEU G 837 -3.31 54.25 83.65
C LEU G 837 -4.76 54.66 83.41
N PRO G 838 -5.70 53.69 83.47
CA PRO G 838 -7.15 53.88 83.39
C PRO G 838 -7.65 54.88 84.41
N LYS G 839 -8.15 56.00 83.89
CA LYS G 839 -8.57 57.09 84.72
C LYS G 839 -9.36 56.56 85.92
N SER G 840 -10.25 55.60 85.66
CA SER G 840 -11.17 55.16 86.72
C SER G 840 -10.45 54.47 87.87
N LEU G 841 -9.20 54.05 87.61
CA LEU G 841 -8.44 53.30 88.59
C LEU G 841 -7.46 54.14 89.42
N VAL G 842 -6.92 55.20 88.84
CA VAL G 842 -6.02 56.08 89.58
C VAL G 842 -6.78 57.29 90.09
N ASN G 843 -7.54 57.94 89.21
CA ASN G 843 -8.30 59.10 89.66
C ASN G 843 -9.88 59.00 89.58
N PRO G 844 -10.49 58.40 90.64
CA PRO G 844 -11.92 58.08 90.62
C PRO G 844 -12.77 59.13 91.39
N SER H 1 104.49 -38.14 -27.19
CA SER H 1 104.23 -36.78 -27.65
C SER H 1 104.10 -35.86 -26.46
N PHE H 2 103.66 -34.65 -26.71
CA PHE H 2 103.28 -33.78 -25.61
C PHE H 2 102.18 -34.04 -24.65
N ALA H 3 101.13 -34.68 -25.14
CA ALA H 3 99.97 -34.99 -24.35
C ALA H 3 100.17 -36.20 -23.45
N GLN H 4 101.12 -37.06 -23.79
CA GLN H 4 101.37 -38.26 -23.01
C GLN H 4 101.79 -37.93 -21.58
N TYR H 5 102.66 -36.93 -21.46
CA TYR H 5 103.16 -36.47 -20.16
C TYR H 5 102.21 -35.46 -19.48
N ASN H 6 101.16 -35.05 -20.20
CA ASN H 6 100.28 -34.02 -19.69
C ASN H 6 98.93 -34.44 -19.03
N GLN H 7 98.57 -35.70 -19.22
CA GLN H 7 97.49 -36.31 -18.46
C GLN H 7 97.78 -36.25 -16.96
N VAL H 8 96.71 -36.39 -16.19
CA VAL H 8 96.67 -36.21 -14.74
C VAL H 8 97.39 -37.34 -13.96
N TYR H 9 97.99 -37.06 -12.80
CA TYR H 9 98.77 -38.07 -12.09
C TYR H 9 97.89 -39.25 -11.72
N SER H 10 96.78 -38.95 -11.07
CA SER H 10 95.72 -39.92 -10.84
C SER H 10 94.43 -39.12 -10.66
N THR H 11 93.29 -39.70 -11.00
CA THR H 11 92.03 -38.94 -10.87
C THR H 11 91.57 -38.68 -9.43
N ASP H 12 92.47 -38.68 -8.46
CA ASP H 12 92.08 -38.38 -7.10
C ASP H 12 91.74 -36.93 -6.94
N ALA H 13 90.69 -36.65 -6.16
CA ALA H 13 90.38 -35.27 -5.80
C ALA H 13 91.66 -34.58 -5.37
N ALA H 14 92.44 -35.30 -4.57
CA ALA H 14 93.77 -34.88 -4.05
C ALA H 14 94.73 -34.30 -5.11
N ASN H 15 94.43 -34.54 -6.38
CA ASN H 15 95.41 -34.28 -7.43
C ASN H 15 95.20 -32.95 -8.15
N PHE H 16 94.06 -32.32 -7.81
CA PHE H 16 93.57 -31.04 -8.39
C PHE H 16 93.23 -30.05 -7.31
N GLU H 17 93.03 -28.79 -7.72
CA GLU H 17 92.50 -27.72 -6.83
C GLU H 17 91.07 -27.53 -7.17
N HIS H 18 90.19 -28.21 -6.47
CA HIS H 18 88.83 -28.23 -6.93
C HIS H 18 88.04 -27.40 -5.98
N VAL H 19 86.74 -27.22 -6.24
CA VAL H 19 85.84 -26.63 -5.26
C VAL H 19 84.64 -27.55 -5.22
N ASP H 20 84.25 -27.99 -4.02
CA ASP H 20 83.22 -29.02 -3.93
C ASP H 20 83.30 -30.03 -5.10
N HIS H 21 84.51 -30.33 -5.57
CA HIS H 21 84.72 -31.39 -6.56
C HIS H 21 84.45 -31.02 -8.03
N TYR H 22 84.42 -29.70 -8.29
CA TYR H 22 84.32 -29.16 -9.65
C TYR H 22 85.61 -28.48 -10.00
N LEU H 23 85.90 -28.36 -11.29
CA LEU H 23 87.07 -27.59 -11.71
C LEU H 23 86.67 -26.20 -12.17
N THR H 24 87.59 -25.25 -12.03
CA THR H 24 87.30 -23.86 -12.41
C THR H 24 88.39 -23.42 -13.33
N ALA H 25 88.14 -22.33 -14.04
CA ALA H 25 89.11 -21.80 -14.98
C ALA H 25 90.44 -21.46 -14.30
N GLU H 26 90.54 -21.65 -12.99
CA GLU H 26 91.81 -21.29 -12.34
C GLU H 26 92.43 -22.41 -11.57
N SER H 27 91.81 -23.57 -11.60
CA SER H 27 92.37 -24.76 -10.99
C SER H 27 93.72 -25.13 -11.58
N TRP H 28 94.57 -25.76 -10.76
CA TRP H 28 95.81 -26.34 -11.22
C TRP H 28 95.82 -27.79 -10.78
N TYR H 29 96.54 -28.60 -11.51
CA TYR H 29 96.53 -30.01 -11.23
C TYR H 29 97.95 -30.49 -11.33
N ARG H 30 98.18 -31.70 -10.88
CA ARG H 30 99.51 -32.31 -11.03
C ARG H 30 99.46 -33.21 -12.27
N PRO H 31 100.17 -32.83 -13.35
CA PRO H 31 100.33 -33.74 -14.49
C PRO H 31 101.19 -34.99 -14.17
N LYS H 32 101.38 -35.85 -15.16
CA LYS H 32 102.27 -36.98 -14.98
C LYS H 32 103.75 -36.55 -15.01
N TYR H 33 104.10 -35.79 -16.05
CA TYR H 33 105.44 -35.23 -16.20
C TYR H 33 105.54 -33.70 -16.07
N ILE H 34 106.68 -33.24 -15.53
CA ILE H 34 107.03 -31.82 -15.48
C ILE H 34 108.26 -31.78 -16.34
N LEU H 35 108.26 -30.93 -17.36
CA LEU H 35 109.39 -30.80 -18.26
C LEU H 35 110.39 -29.77 -17.75
N LYS H 36 111.52 -30.25 -17.23
CA LYS H 36 112.56 -29.38 -16.70
C LYS H 36 112.97 -28.33 -17.73
N ASP H 37 112.59 -27.08 -17.49
CA ASP H 37 112.92 -25.99 -18.38
C ASP H 37 112.77 -26.42 -19.84
N GLY H 38 111.54 -26.51 -20.32
CA GLY H 38 111.27 -26.91 -21.68
C GLY H 38 112.45 -27.64 -22.31
N LYS H 39 112.36 -28.97 -22.35
CA LYS H 39 113.42 -29.78 -22.93
C LYS H 39 113.23 -31.26 -22.58
N THR H 40 113.31 -31.57 -21.28
CA THR H 40 113.15 -32.94 -20.82
C THR H 40 111.91 -33.08 -19.94
N TRP H 41 111.74 -34.27 -19.38
CA TRP H 41 110.59 -34.53 -18.51
C TRP H 41 111.03 -35.14 -17.19
N THR H 42 110.13 -35.15 -16.21
CA THR H 42 110.43 -35.70 -14.88
C THR H 42 109.19 -35.93 -14.01
N GLN H 43 108.97 -37.19 -13.62
CA GLN H 43 107.90 -37.52 -12.71
C GLN H 43 107.67 -36.28 -11.86
N SER H 44 106.41 -35.93 -11.64
CA SER H 44 106.06 -34.84 -10.77
C SER H 44 106.37 -35.18 -9.31
N THR H 45 106.26 -34.18 -8.43
CA THR H 45 106.21 -34.49 -6.99
C THR H 45 104.78 -34.14 -6.52
N GLU H 46 104.56 -34.13 -5.21
CA GLU H 46 103.23 -33.81 -4.68
C GLU H 46 103.28 -32.31 -4.91
N LYS H 47 104.47 -31.85 -5.28
CA LYS H 47 104.77 -30.43 -5.33
C LYS H 47 104.46 -29.76 -6.67
N ASP H 48 105.10 -30.29 -7.74
CA ASP H 48 105.00 -29.77 -9.12
C ASP H 48 103.60 -29.47 -9.72
N PHE H 49 102.65 -28.86 -8.97
CA PHE H 49 101.34 -28.45 -9.56
C PHE H 49 101.44 -27.51 -10.78
N ARG H 50 100.52 -27.63 -11.75
CA ARG H 50 100.48 -26.68 -12.88
C ARG H 50 99.04 -26.27 -13.29
N PRO H 51 98.90 -25.21 -14.11
CA PRO H 51 97.60 -24.67 -14.53
C PRO H 51 96.87 -25.53 -15.53
N LEU H 52 95.60 -25.81 -15.29
CA LEU H 52 94.84 -26.57 -16.25
C LEU H 52 94.93 -25.96 -17.61
N LEU H 53 94.92 -24.64 -17.65
CA LEU H 53 94.91 -23.95 -18.93
C LEU H 53 96.22 -24.06 -19.70
N MET H 54 97.27 -24.56 -19.05
CA MET H 54 98.54 -24.75 -19.78
C MET H 54 98.34 -25.77 -20.92
N THR H 55 97.56 -26.82 -20.61
CA THR H 55 97.42 -28.00 -21.47
C THR H 55 95.99 -28.24 -21.99
N TRP H 56 94.96 -27.62 -21.42
CA TRP H 56 93.60 -27.84 -21.94
C TRP H 56 92.79 -26.55 -22.03
N TRP H 57 91.87 -26.48 -23.00
CA TRP H 57 91.03 -25.28 -23.24
C TRP H 57 89.56 -25.65 -23.49
N PRO H 58 88.61 -24.83 -23.01
CA PRO H 58 87.21 -25.19 -23.25
C PRO H 58 86.81 -25.16 -24.71
N ASP H 59 87.76 -24.82 -25.60
CA ASP H 59 87.45 -24.75 -27.03
C ASP H 59 88.56 -24.03 -27.74
N GLN H 60 89.09 -24.66 -28.81
CA GLN H 60 90.12 -23.96 -29.58
C GLN H 60 89.92 -22.38 -29.53
N GLU H 61 88.71 -21.89 -29.82
CA GLU H 61 88.55 -20.44 -29.69
C GLU H 61 89.39 -19.83 -28.51
N THR H 62 89.01 -20.15 -27.28
CA THR H 62 89.75 -19.68 -26.14
C THR H 62 91.24 -20.09 -26.30
N GLN H 63 91.47 -21.41 -26.51
CA GLN H 63 92.82 -21.94 -26.70
C GLN H 63 93.60 -20.98 -27.64
N ARG H 64 92.84 -20.27 -28.48
CA ARG H 64 93.49 -19.36 -29.41
C ARG H 64 94.16 -18.22 -28.66
N GLN H 65 93.30 -17.53 -27.87
CA GLN H 65 93.67 -16.34 -27.14
C GLN H 65 94.53 -16.61 -25.94
N TYR H 66 94.36 -17.75 -25.29
CA TYR H 66 95.35 -18.13 -24.31
C TYR H 66 96.72 -18.06 -25.01
N VAL H 67 96.78 -18.51 -26.26
CA VAL H 67 98.02 -18.43 -26.99
C VAL H 67 98.49 -17.00 -27.24
N ASN H 68 97.75 -16.29 -28.06
CA ASN H 68 98.14 -14.95 -28.39
C ASN H 68 98.64 -14.21 -27.17
N TYR H 69 97.82 -14.18 -26.13
CA TYR H 69 98.16 -13.41 -25.00
C TYR H 69 99.39 -13.98 -24.29
N MET H 70 99.47 -15.31 -24.15
CA MET H 70 100.67 -15.88 -23.54
C MET H 70 101.95 -15.56 -24.34
N ASN H 71 101.88 -15.58 -25.68
CA ASN H 71 102.98 -15.11 -26.55
C ASN H 71 103.71 -13.85 -26.06
N ALA H 72 102.92 -12.77 -25.88
CA ALA H 72 103.42 -11.51 -25.34
C ALA H 72 104.13 -11.70 -24.00
N GLN H 73 103.40 -12.16 -22.97
CA GLN H 73 103.97 -12.37 -21.62
C GLN H 73 105.35 -12.98 -21.69
N LEU H 74 105.52 -13.98 -22.56
CA LEU H 74 106.78 -14.66 -22.72
C LEU H 74 107.33 -14.07 -24.01
N GLY H 75 107.14 -12.72 -24.06
CA GLY H 75 107.55 -11.97 -25.23
C GLY H 75 107.72 -13.02 -26.33
N TRP H 112 104.43 -16.62 -9.99
CA TRP H 112 104.24 -15.69 -11.08
C TRP H 112 103.28 -16.19 -12.14
N LEU H 113 103.64 -17.29 -12.79
CA LEU H 113 102.61 -18.05 -13.52
C LEU H 113 101.19 -17.90 -12.95
N ARG H 114 100.95 -18.26 -11.69
CA ARG H 114 99.62 -18.11 -11.16
C ARG H 114 99.09 -16.81 -11.68
N GLN H 115 100.00 -15.85 -11.82
CA GLN H 115 99.54 -14.49 -11.96
C GLN H 115 99.06 -14.15 -13.35
N THR H 116 100.00 -14.22 -14.32
CA THR H 116 99.67 -14.08 -15.74
C THR H 116 98.49 -15.04 -16.08
N ILE H 117 98.47 -16.21 -15.44
CA ILE H 117 97.35 -17.14 -15.62
C ILE H 117 96.04 -16.46 -15.30
N SER H 118 95.92 -15.98 -14.06
CA SER H 118 94.73 -15.25 -13.62
C SER H 118 94.47 -14.04 -14.51
N ALA H 119 95.53 -13.28 -14.80
CA ALA H 119 95.33 -12.06 -15.57
C ALA H 119 94.64 -12.40 -16.86
N PHE H 120 94.92 -13.55 -17.43
CA PHE H 120 94.13 -13.87 -18.60
C PHE H 120 92.70 -14.35 -18.36
N VAL H 121 92.46 -15.27 -17.43
CA VAL H 121 91.16 -15.87 -17.38
C VAL H 121 90.24 -14.71 -17.42
N LYS H 122 90.79 -13.59 -16.96
CA LYS H 122 90.04 -12.35 -16.76
C LYS H 122 89.82 -11.55 -18.04
N THR H 123 90.30 -12.05 -19.18
CA THR H 123 89.99 -11.38 -20.45
C THR H 123 88.95 -12.12 -21.28
N GLN H 124 88.44 -13.23 -20.76
CA GLN H 124 87.43 -14.00 -21.46
C GLN H 124 86.03 -13.76 -20.93
N SER H 125 85.14 -13.54 -21.88
CA SER H 125 83.76 -13.27 -21.59
C SER H 125 83.15 -14.25 -20.65
N ALA H 126 83.33 -15.54 -20.89
CA ALA H 126 82.64 -16.51 -20.05
C ALA H 126 83.23 -16.53 -18.65
N TRP H 127 84.39 -15.92 -18.48
CA TRP H 127 85.03 -15.87 -17.18
C TRP H 127 85.10 -14.45 -16.64
N ASN H 128 84.05 -13.69 -16.96
CA ASN H 128 84.12 -12.24 -16.97
C ASN H 128 82.89 -11.63 -16.52
N SER H 129 82.95 -10.34 -16.25
CA SER H 129 81.73 -9.58 -16.00
C SER H 129 80.74 -9.63 -17.16
N ASP H 130 81.30 -9.72 -18.36
CA ASP H 130 80.48 -9.73 -19.55
C ASP H 130 79.37 -10.77 -19.46
N SER H 131 79.69 -12.00 -19.08
CA SER H 131 78.71 -13.07 -19.11
C SER H 131 77.64 -12.85 -18.06
N GLU H 132 77.83 -11.82 -17.24
CA GLU H 132 76.97 -11.67 -16.09
C GLU H 132 75.84 -10.68 -16.33
N LYS H 133 75.94 -9.97 -17.45
CA LYS H 133 74.87 -9.02 -17.84
C LYS H 133 73.60 -9.67 -18.43
N PRO H 134 72.52 -8.87 -18.55
CA PRO H 134 72.49 -7.42 -18.25
C PRO H 134 72.49 -7.20 -16.77
N PHE H 135 73.05 -6.07 -16.35
CA PHE H 135 73.01 -5.74 -14.94
C PHE H 135 71.63 -5.24 -14.64
N ASP H 136 71.41 -4.91 -13.40
CA ASP H 136 70.10 -4.53 -13.00
C ASP H 136 70.28 -3.61 -11.79
N ASP H 137 69.19 -3.19 -11.18
CA ASP H 137 69.30 -2.04 -10.32
C ASP H 137 69.67 -2.34 -8.82
N HIS H 138 70.08 -3.57 -8.55
CA HIS H 138 70.65 -3.97 -7.24
C HIS H 138 71.79 -3.00 -6.96
N LEU H 139 72.05 -2.68 -5.71
CA LEU H 139 73.11 -1.69 -5.43
C LEU H 139 74.48 -2.04 -5.99
N GLN H 140 74.77 -3.35 -6.11
CA GLN H 140 76.04 -3.86 -6.63
C GLN H 140 75.85 -4.55 -8.00
N LYS H 141 74.83 -4.10 -8.75
CA LYS H 141 74.61 -4.40 -10.16
C LYS H 141 73.90 -5.69 -10.49
N GLY H 142 73.87 -6.65 -9.56
CA GLY H 142 73.23 -7.94 -9.86
C GLY H 142 73.26 -8.90 -8.68
N ALA H 143 72.37 -9.87 -8.68
CA ALA H 143 72.41 -10.91 -7.68
C ALA H 143 72.19 -12.31 -8.31
N LEU H 144 72.49 -13.33 -7.52
CA LEU H 144 72.42 -14.70 -8.00
C LEU H 144 71.58 -15.40 -6.95
N LEU H 145 70.59 -16.14 -7.41
CA LEU H 145 69.74 -16.83 -6.47
C LEU H 145 70.12 -18.28 -6.43
N TYR H 146 70.37 -18.81 -5.25
CA TYR H 146 70.75 -20.22 -5.15
C TYR H 146 69.55 -21.17 -5.33
N SER H 147 69.70 -22.16 -6.21
CA SER H 147 68.62 -23.10 -6.52
C SER H 147 68.20 -23.99 -5.35
N ASN H 148 66.91 -24.14 -5.08
CA ASN H 148 66.53 -24.99 -3.92
C ASN H 148 66.86 -26.48 -4.04
N ASN H 149 66.95 -26.97 -5.27
CA ASN H 149 66.99 -28.39 -5.54
C ASN H 149 67.97 -28.68 -6.65
N SER H 150 69.22 -29.00 -6.35
CA SER H 150 70.10 -29.32 -7.45
C SER H 150 70.83 -30.60 -7.18
N LYS H 151 70.90 -31.51 -8.15
CA LYS H 151 71.63 -32.83 -7.92
C LYS H 151 73.12 -32.53 -7.90
N LEU H 152 73.50 -31.45 -8.60
CA LEU H 152 74.90 -31.08 -8.79
C LEU H 152 75.50 -30.48 -7.54
N THR H 153 74.69 -29.83 -6.70
CA THR H 153 75.26 -29.14 -5.54
C THR H 153 74.42 -29.36 -4.31
N SER H 154 74.06 -30.60 -4.08
CA SER H 154 73.00 -30.83 -3.14
C SER H 154 73.27 -30.29 -1.71
N GLN H 155 74.54 -30.21 -1.27
CA GLN H 155 74.88 -29.58 0.04
C GLN H 155 74.45 -28.09 0.15
N ALA H 156 74.06 -27.49 -0.97
CA ALA H 156 73.55 -26.14 -0.94
C ALA H 156 72.01 -26.12 -1.05
N ASN H 157 71.39 -27.29 -1.01
CA ASN H 157 69.94 -27.33 -1.18
C ASN H 157 69.21 -26.66 -0.02
N SER H 158 67.94 -26.32 -0.21
CA SER H 158 67.16 -25.71 0.88
C SER H 158 65.71 -25.96 0.68
N ASN H 159 64.99 -25.98 1.77
CA ASN H 159 63.57 -26.07 1.68
C ASN H 159 62.96 -24.75 1.89
N TYR H 160 63.80 -23.73 2.05
CA TYR H 160 63.27 -22.40 2.29
C TYR H 160 63.54 -21.34 1.24
N ARG H 161 64.46 -20.43 1.55
CA ARG H 161 64.76 -19.33 0.67
C ARG H 161 63.44 -18.73 0.18
N ILE H 162 62.51 -18.52 1.11
CA ILE H 162 61.27 -17.77 0.86
C ILE H 162 61.57 -16.27 0.78
N LEU H 163 61.43 -15.69 -0.41
CA LEU H 163 61.95 -14.36 -0.59
C LEU H 163 60.89 -13.28 -0.36
N ASN H 164 61.35 -12.06 -0.11
CA ASN H 164 60.50 -10.87 0.01
C ASN H 164 59.36 -10.87 1.04
N ARG H 165 59.50 -11.64 2.10
CA ARG H 165 58.51 -11.60 3.17
C ARG H 165 58.77 -10.41 4.07
N THR H 166 58.71 -9.22 3.51
CA THR H 166 58.70 -7.98 4.28
C THR H 166 57.46 -7.89 5.19
N PRO H 167 57.44 -6.94 6.13
CA PRO H 167 56.20 -6.91 6.92
C PRO H 167 54.93 -6.78 6.04
N THR H 168 54.91 -5.89 5.06
CA THR H 168 53.79 -5.76 4.16
C THR H 168 53.41 -7.09 3.50
N ASN H 169 54.44 -7.87 3.17
CA ASN H 169 54.24 -9.00 2.30
C ASN H 169 54.51 -10.33 2.99
N GLN H 170 54.28 -10.38 4.30
CA GLN H 170 54.95 -11.39 5.11
C GLN H 170 54.40 -12.79 4.87
N THR H 171 53.16 -12.89 4.41
CA THR H 171 52.57 -14.18 4.07
C THR H 171 52.74 -14.46 2.59
N GLY H 172 53.55 -13.69 1.88
CA GLY H 172 53.62 -13.81 0.42
C GLY H 172 52.43 -13.23 -0.34
N LYS H 173 51.57 -12.50 0.35
CA LYS H 173 50.47 -11.78 -0.27
C LYS H 173 50.49 -10.38 0.37
N LYS H 174 50.17 -9.32 -0.38
CA LYS H 174 50.22 -7.97 0.18
C LYS H 174 49.14 -7.86 1.27
N ASP H 175 49.53 -7.44 2.45
CA ASP H 175 48.57 -7.30 3.49
C ASP H 175 47.48 -6.23 3.23
N PRO H 176 46.22 -6.63 3.31
CA PRO H 176 45.06 -5.79 3.06
C PRO H 176 44.85 -4.83 4.15
N ARG H 177 45.54 -4.93 5.23
CA ARG H 177 45.34 -3.90 6.21
C ARG H 177 46.10 -2.60 5.97
N TYR H 178 47.23 -2.65 5.31
CA TYR H 178 48.08 -1.47 5.26
C TYR H 178 48.09 -0.93 3.89
N THR H 179 47.82 0.35 3.77
CA THR H 179 47.37 0.88 2.52
C THR H 179 48.25 1.99 1.94
N ALA H 180 49.02 2.66 2.80
CA ALA H 180 49.75 3.82 2.46
C ALA H 180 50.83 3.55 1.46
N ASP H 181 51.41 2.34 1.50
CA ASP H 181 52.45 1.99 0.59
C ASP H 181 51.85 0.93 -0.28
N ARG H 182 51.73 1.20 -1.57
CA ARG H 182 51.03 0.27 -2.43
C ARG H 182 51.93 -0.81 -3.03
N THR H 183 53.21 -0.75 -2.72
CA THR H 183 54.17 -1.77 -3.20
C THR H 183 54.25 -2.99 -2.27
N ILE H 184 55.05 -3.98 -2.58
CA ILE H 184 55.15 -5.04 -1.56
C ILE H 184 55.99 -4.65 -0.29
N GLY H 185 56.42 -3.40 -0.21
CA GLY H 185 57.08 -2.92 0.99
C GLY H 185 58.50 -3.31 1.22
N GLY H 186 59.28 -3.57 0.17
CA GLY H 186 60.68 -3.95 0.34
C GLY H 186 61.07 -4.92 -0.74
N TYR H 187 62.21 -5.57 -0.57
CA TYR H 187 62.78 -6.48 -1.55
C TYR H 187 63.98 -7.17 -0.89
N GLU H 188 64.23 -8.40 -1.37
CA GLU H 188 65.09 -9.32 -0.67
C GLU H 188 66.55 -9.04 -0.72
N PHE H 189 67.10 -8.79 -1.90
CA PHE H 189 68.55 -8.61 -2.07
C PHE H 189 69.02 -7.15 -1.96
N LEU H 190 69.75 -6.86 -0.93
CA LEU H 190 70.17 -5.52 -0.71
C LEU H 190 71.68 -5.40 -0.97
N LEU H 191 72.50 -6.13 -0.20
CA LEU H 191 73.95 -6.09 -0.34
C LEU H 191 74.53 -7.45 -0.11
N ALA H 192 75.69 -7.71 -0.69
CA ALA H 192 76.57 -8.81 -0.26
C ALA H 192 75.95 -10.20 -0.31
N ASN H 193 76.21 -11.00 0.72
CA ASN H 193 75.64 -12.35 0.82
C ASN H 193 74.31 -12.30 1.54
N ASP H 194 73.22 -12.57 0.84
CA ASP H 194 71.95 -12.38 1.47
C ASP H 194 71.57 -13.55 2.36
N VAL H 195 71.59 -13.34 3.68
CA VAL H 195 71.24 -14.40 4.64
C VAL H 195 69.77 -14.86 4.52
N ASP H 196 69.47 -16.15 4.59
CA ASP H 196 68.12 -16.62 4.35
C ASP H 196 67.35 -16.66 5.65
N ASN H 197 66.79 -15.53 6.04
CA ASN H 197 66.06 -15.49 7.31
C ASN H 197 64.70 -16.18 7.26
N SER H 198 64.39 -16.96 6.23
CA SER H 198 63.15 -17.72 6.21
C SER H 198 63.45 -19.14 6.62
N ASN H 199 64.73 -19.39 6.88
CA ASN H 199 65.17 -20.72 7.27
C ASN H 199 65.18 -20.86 8.76
N PRO H 200 64.39 -21.82 9.28
CA PRO H 200 64.12 -21.86 10.72
C PRO H 200 65.37 -22.03 11.51
N VAL H 201 66.38 -22.65 10.92
CA VAL H 201 67.64 -22.84 11.61
C VAL H 201 68.36 -21.51 11.75
N VAL H 202 68.31 -20.73 10.66
CA VAL H 202 68.86 -19.39 10.69
C VAL H 202 68.05 -18.52 11.73
N GLN H 203 66.74 -18.64 11.73
CA GLN H 203 66.00 -17.80 12.60
C GLN H 203 66.48 -18.01 14.01
N ALA H 204 66.68 -19.28 14.35
CA ALA H 204 67.08 -19.63 15.70
C ALA H 204 68.41 -19.01 15.95
N GLU H 205 69.27 -19.02 14.96
CA GLU H 205 70.61 -18.44 15.16
C GLU H 205 70.59 -16.90 15.29
N GLN H 206 69.67 -16.24 14.58
CA GLN H 206 69.50 -14.80 14.76
C GLN H 206 69.01 -14.54 16.19
N LEU H 207 68.14 -15.40 16.71
CA LEU H 207 67.79 -15.30 18.11
C LEU H 207 69.01 -15.48 19.02
N ASN H 208 69.77 -16.55 18.79
CA ASN H 208 70.98 -16.73 19.54
C ASN H 208 71.82 -15.45 19.50
N TRP H 209 72.09 -14.93 18.30
CA TRP H 209 72.90 -13.73 18.17
C TRP H 209 72.29 -12.62 19.00
N LEU H 210 70.97 -12.53 18.95
CA LEU H 210 70.28 -11.44 19.60
C LEU H 210 70.51 -11.53 21.09
N HIS H 211 70.28 -12.69 21.65
CA HIS H 211 70.58 -12.88 23.04
C HIS H 211 72.03 -12.60 23.41
N PHE H 212 72.96 -13.00 22.56
CA PHE H 212 74.36 -12.74 22.82
C PHE H 212 74.57 -11.23 22.99
N LEU H 213 74.10 -10.45 22.04
CA LEU H 213 74.26 -8.99 22.14
C LEU H 213 73.74 -8.41 23.45
N MET H 214 72.49 -8.75 23.72
CA MET H 214 71.82 -8.40 24.93
C MET H 214 72.51 -8.93 26.20
N ASN H 215 73.50 -9.82 26.06
CA ASN H 215 74.28 -10.21 27.24
C ASN H 215 75.75 -10.12 27.03
N PHE H 216 76.13 -9.28 26.08
CA PHE H 216 77.51 -9.21 25.74
C PHE H 216 78.44 -9.13 26.98
N GLY H 217 78.08 -8.31 27.94
CA GLY H 217 78.91 -8.15 29.15
C GLY H 217 79.09 -9.43 29.94
N ASN H 218 78.01 -10.18 30.12
CA ASN H 218 78.11 -11.45 30.87
C ASN H 218 78.91 -12.46 30.12
N ILE H 219 78.59 -12.60 28.83
CA ILE H 219 79.27 -13.56 27.99
C ILE H 219 80.72 -13.19 27.70
N TYR H 220 81.01 -12.00 27.17
CA TYR H 220 82.41 -11.71 26.84
C TYR H 220 83.34 -11.28 28.00
N ALA H 221 82.80 -10.57 29.00
CA ALA H 221 83.68 -9.94 29.98
C ALA H 221 83.37 -10.38 31.36
N ASN H 222 82.27 -11.10 31.49
CA ASN H 222 81.81 -11.56 32.78
C ASN H 222 81.41 -10.41 33.67
N ASP H 223 80.73 -9.46 33.08
CA ASP H 223 80.44 -8.23 33.76
C ASP H 223 79.00 -7.87 33.36
N PRO H 224 78.05 -8.11 34.28
CA PRO H 224 76.64 -7.98 34.00
C PRO H 224 76.37 -6.53 33.66
N ASP H 225 77.31 -5.66 34.00
CA ASP H 225 77.11 -4.24 33.88
C ASP H 225 77.53 -3.69 32.48
N ALA H 226 77.94 -4.59 31.59
CA ALA H 226 78.37 -4.24 30.27
C ALA H 226 77.44 -4.73 29.16
N ASN H 227 76.18 -5.06 29.46
CA ASN H 227 75.28 -5.65 28.44
C ASN H 227 74.62 -4.58 27.59
N PHE H 228 74.30 -4.87 26.34
CA PHE H 228 73.55 -3.90 25.54
C PHE H 228 72.12 -3.97 26.08
N ASP H 229 71.47 -2.82 26.14
CA ASP H 229 70.14 -2.71 26.69
C ASP H 229 69.05 -2.92 25.70
N SER H 230 69.33 -2.76 24.41
CA SER H 230 68.26 -2.72 23.40
C SER H 230 68.84 -2.88 22.02
N ILE H 231 67.99 -3.02 21.01
CA ILE H 231 68.51 -3.32 19.69
C ILE H 231 67.95 -2.42 18.61
N ARG H 232 68.67 -2.27 17.49
CA ARG H 232 68.09 -1.68 16.29
C ARG H 232 67.95 -2.76 15.25
N VAL H 233 66.80 -2.90 14.60
CA VAL H 233 66.69 -3.93 13.60
C VAL H 233 67.02 -3.25 12.31
N ASP H 234 68.19 -3.54 11.79
CA ASP H 234 68.69 -2.95 10.57
C ASP H 234 67.97 -3.58 9.34
N ALA H 235 67.61 -2.78 8.33
CA ALA H 235 67.15 -3.27 7.02
C ALA H 235 65.91 -4.15 7.09
N VAL H 236 64.96 -3.72 7.88
CA VAL H 236 63.74 -4.45 7.98
C VAL H 236 63.15 -4.77 6.60
N ASP H 237 63.09 -3.85 5.66
CA ASP H 237 62.30 -4.14 4.44
C ASP H 237 63.00 -5.12 3.50
N ASN H 238 64.09 -5.71 3.98
CA ASN H 238 64.89 -6.56 3.14
C ASN H 238 65.14 -7.90 3.72
N VAL H 239 64.43 -8.22 4.79
CA VAL H 239 64.57 -9.51 5.41
C VAL H 239 63.20 -10.04 5.72
N ASP H 240 63.12 -11.33 5.99
CA ASP H 240 61.90 -11.99 6.39
C ASP H 240 61.44 -11.43 7.75
N ALA H 241 60.22 -10.88 7.76
CA ALA H 241 59.72 -10.21 8.94
C ALA H 241 59.43 -11.12 10.15
N ASP H 242 59.45 -12.45 9.97
CA ASP H 242 59.33 -13.34 11.14
C ASP H 242 60.35 -12.94 12.17
N LEU H 243 61.53 -12.49 11.74
CA LEU H 243 62.47 -11.92 12.68
C LEU H 243 61.85 -10.91 13.67
N LEU H 244 60.78 -10.21 13.29
CA LEU H 244 60.18 -9.16 14.17
C LEU H 244 59.35 -9.77 15.27
N GLN H 245 58.68 -10.88 14.99
CA GLN H 245 58.01 -11.59 16.07
C GLN H 245 59.10 -12.17 16.95
N ILE H 246 60.14 -12.71 16.34
CA ILE H 246 61.18 -13.37 17.10
C ILE H 246 61.89 -12.47 18.11
N ALA H 247 62.22 -11.28 17.68
CA ALA H 247 62.89 -10.30 18.49
C ALA H 247 61.91 -9.71 19.50
N GLY H 248 60.70 -9.40 19.08
CA GLY H 248 59.72 -8.96 20.04
C GLY H 248 59.42 -10.03 21.07
N ASP H 249 59.37 -11.28 20.64
CA ASP H 249 59.05 -12.34 21.55
C ASP H 249 60.08 -12.42 22.63
N TYR H 250 61.30 -12.12 22.26
CA TYR H 250 62.40 -12.33 23.15
C TYR H 250 62.42 -11.19 24.16
N LEU H 251 62.20 -9.98 23.69
CA LEU H 251 62.25 -8.86 24.57
C LEU H 251 61.20 -9.03 25.66
N LYS H 252 60.02 -9.51 25.27
CA LYS H 252 58.95 -9.78 26.21
C LYS H 252 59.30 -10.88 27.16
N ALA H 253 59.74 -12.00 26.64
CA ALA H 253 60.03 -13.13 27.49
C ALA H 253 61.21 -12.83 28.38
N ALA H 254 62.31 -12.35 27.83
CA ALA H 254 63.52 -12.15 28.62
C ALA H 254 63.56 -10.84 29.41
N LYS H 255 62.97 -9.77 28.91
CA LYS H 255 63.03 -8.50 29.63
C LYS H 255 61.70 -8.01 30.20
N GLY H 256 60.62 -8.69 29.86
CA GLY H 256 59.32 -8.36 30.42
C GLY H 256 58.73 -7.06 29.89
N ILE H 257 59.10 -6.67 28.68
CA ILE H 257 58.75 -5.34 28.26
C ILE H 257 57.23 -5.12 28.16
N HIS H 258 56.47 -6.20 28.00
CA HIS H 258 55.04 -6.07 27.91
C HIS H 258 54.35 -5.83 29.24
N LYS H 259 55.08 -5.98 30.35
CA LYS H 259 54.45 -5.91 31.68
C LYS H 259 54.25 -4.52 32.23
N ASN H 260 55.18 -3.61 31.96
CA ASN H 260 54.95 -2.23 32.28
C ASN H 260 55.95 -1.31 31.60
N ASP H 261 55.77 -0.02 31.75
CA ASP H 261 56.59 0.88 31.03
C ASP H 261 58.02 1.03 31.50
N LYS H 262 58.23 0.85 32.79
CA LYS H 262 59.55 1.02 33.29
C LYS H 262 60.37 -0.12 32.64
N ALA H 263 59.75 -1.28 32.44
CA ALA H 263 60.48 -2.38 31.83
C ALA H 263 60.73 -2.09 30.35
N ALA H 264 59.66 -1.73 29.65
CA ALA H 264 59.73 -1.43 28.25
C ALA H 264 60.79 -0.34 27.98
N ASN H 265 60.77 0.72 28.79
CA ASN H 265 61.63 1.88 28.54
C ASN H 265 63.10 1.63 28.88
N ASP H 266 63.34 0.59 29.70
CA ASP H 266 64.67 0.09 29.98
C ASP H 266 65.26 -0.79 28.88
N HIS H 267 64.51 -1.07 27.83
CA HIS H 267 65.07 -1.81 26.74
C HIS H 267 64.45 -1.36 25.43
N LEU H 268 64.35 -0.04 25.23
CA LEU H 268 63.59 0.49 24.13
C LEU H 268 64.23 0.20 22.80
N SER H 269 63.63 -0.62 21.96
CA SER H 269 64.21 -0.92 20.66
C SER H 269 63.53 -0.34 19.40
N ILE H 270 64.31 -0.23 18.33
CA ILE H 270 63.82 0.47 17.15
C ILE H 270 63.99 -0.37 15.89
N LEU H 271 63.16 -0.06 14.88
CA LEU H 271 63.27 -0.65 13.56
C LEU H 271 63.87 0.42 12.65
N GLU H 272 64.62 -0.02 11.64
CA GLU H 272 64.85 0.79 10.44
C GLU H 272 63.91 0.28 9.38
N ALA H 273 62.63 0.64 9.47
CA ALA H 273 61.65 0.17 8.55
C ALA H 273 61.09 1.31 7.69
N TRP H 274 61.54 1.40 6.44
CA TRP H 274 61.20 2.51 5.59
C TRP H 274 59.78 2.58 4.98
N SER H 275 59.13 1.47 4.70
CA SER H 275 57.71 1.49 4.28
C SER H 275 56.68 2.18 5.23
N TYR H 276 55.76 2.95 4.66
CA TYR H 276 54.68 3.49 5.47
C TYR H 276 53.88 2.41 6.13
N ASN H 277 53.72 1.25 5.49
CA ASN H 277 53.07 0.13 6.11
C ASN H 277 53.71 -0.41 7.37
N ASP H 278 54.99 -0.19 7.58
CA ASP H 278 55.65 -0.86 8.66
C ASP H 278 55.20 -0.37 10.04
N THR H 279 54.89 0.90 10.17
CA THR H 279 54.48 1.37 11.50
C THR H 279 53.14 0.78 12.00
N PRO H 280 52.09 0.89 11.16
CA PRO H 280 50.81 0.29 11.49
C PRO H 280 50.98 -1.20 11.73
N TYR H 281 51.84 -1.86 10.94
CA TYR H 281 52.07 -3.25 11.12
C TYR H 281 52.62 -3.48 12.50
N LEU H 282 53.58 -2.64 12.84
CA LEU H 282 54.36 -2.81 14.04
C LEU H 282 53.41 -2.63 15.18
N HIS H 283 52.50 -1.68 15.03
CA HIS H 283 51.62 -1.34 16.11
C HIS H 283 50.66 -2.47 16.35
N ASP H 284 50.08 -3.00 15.28
CA ASP H 284 49.22 -4.16 15.41
C ASP H 284 49.95 -5.35 16.02
N ASP H 285 51.25 -5.43 15.78
CA ASP H 285 52.04 -6.49 16.33
C ASP H 285 52.16 -6.31 17.84
N GLY H 286 51.91 -5.14 18.40
CA GLY H 286 51.92 -5.04 19.85
C GLY H 286 52.85 -3.97 20.36
N ASP H 287 53.43 -3.19 19.46
CA ASP H 287 54.30 -2.10 19.88
C ASP H 287 55.45 -2.61 20.74
N ASN H 288 56.08 -3.70 20.27
CA ASN H 288 57.24 -4.23 20.95
C ASN H 288 58.52 -3.57 20.51
N MET H 289 58.48 -2.81 19.42
CA MET H 289 59.50 -1.81 19.26
C MET H 289 58.93 -0.66 18.49
N ILE H 290 59.77 0.33 18.16
CA ILE H 290 59.25 1.53 17.57
C ILE H 290 59.95 1.82 16.29
N ASN H 291 59.20 2.34 15.34
CA ASN H 291 59.71 2.72 14.04
C ASN H 291 59.89 4.25 13.87
N MET H 292 60.48 4.65 12.78
CA MET H 292 60.65 6.05 12.48
C MET H 292 59.33 6.69 12.02
N ASP H 293 59.23 7.99 12.16
CA ASP H 293 58.14 8.70 11.55
C ASP H 293 58.63 9.26 10.19
N ASN H 294 58.48 8.44 9.18
CA ASN H 294 59.04 8.81 7.92
C ASN H 294 58.40 10.04 7.31
N ARG H 295 57.08 10.16 7.50
CA ARG H 295 56.37 11.30 6.96
C ARG H 295 56.86 12.54 7.61
N LEU H 296 57.02 12.54 8.93
CA LEU H 296 57.52 13.76 9.51
C LEU H 296 58.89 14.08 8.90
N ARG H 297 59.70 13.07 8.72
CA ARG H 297 61.04 13.27 8.28
C ARG H 297 61.06 13.88 6.89
N LEU H 298 60.09 13.48 6.08
CA LEU H 298 59.97 14.06 4.77
C LEU H 298 59.43 15.49 4.80
N SER H 299 58.56 15.81 5.76
CA SER H 299 58.05 17.16 5.97
C SER H 299 59.18 18.09 6.33
N LEU H 300 60.02 17.64 7.26
CA LEU H 300 61.19 18.40 7.65
C LEU H 300 62.06 18.69 6.42
N LEU H 301 62.29 17.62 5.67
CA LEU H 301 63.17 17.67 4.57
C LEU H 301 62.68 18.62 3.55
N TYR H 302 61.39 18.60 3.24
CA TYR H 302 60.96 19.42 2.14
C TYR H 302 60.49 20.85 2.47
N SER H 303 60.17 21.09 3.73
CA SER H 303 59.68 22.38 4.15
C SER H 303 60.82 23.19 4.69
N LEU H 304 61.90 22.53 5.09
CA LEU H 304 62.97 23.17 5.79
C LEU H 304 64.36 22.99 5.15
N ALA H 305 64.68 21.79 4.68
CA ALA H 305 66.09 21.43 4.33
C ALA H 305 66.42 21.63 2.91
N LYS H 306 65.42 21.57 2.06
CA LYS H 306 65.67 21.74 0.62
C LYS H 306 66.00 23.16 0.15
N PRO H 307 66.59 23.24 -1.01
CA PRO H 307 66.84 24.51 -1.66
C PRO H 307 65.59 25.39 -1.71
N LEU H 308 65.78 26.69 -1.52
CA LEU H 308 64.70 27.66 -1.49
C LEU H 308 63.67 27.45 -2.64
N ASN H 309 64.13 27.26 -3.87
CA ASN H 309 63.16 27.11 -4.91
C ASN H 309 62.53 25.78 -5.04
N GLN H 310 62.87 24.88 -4.14
CA GLN H 310 62.28 23.59 -4.13
C GLN H 310 61.60 23.29 -2.81
N ARG H 311 61.61 24.27 -1.92
CA ARG H 311 60.97 24.14 -0.64
C ARG H 311 59.44 24.09 -0.71
N SER H 312 58.83 23.30 0.16
CA SER H 312 57.37 23.19 0.11
C SER H 312 56.76 24.11 1.17
N GLY H 313 55.45 24.30 1.13
CA GLY H 313 54.82 25.15 2.16
C GLY H 313 54.98 24.53 3.54
N MET H 314 54.71 25.27 4.62
CA MET H 314 54.98 24.78 5.97
C MET H 314 53.95 23.83 6.62
N ASN H 315 52.72 23.81 6.15
CA ASN H 315 51.72 23.05 6.85
C ASN H 315 52.14 21.62 7.18
N PRO H 316 52.77 20.94 6.22
CA PRO H 316 53.07 19.51 6.44
C PRO H 316 53.82 19.27 7.75
N LEU H 317 54.54 20.24 8.24
CA LEU H 317 55.25 20.03 9.46
C LEU H 317 54.29 19.74 10.59
N ILE H 318 53.03 20.18 10.44
CA ILE H 318 51.96 19.98 11.43
C ILE H 318 51.21 18.66 11.18
N THR H 319 50.80 18.43 9.95
CA THR H 319 49.85 17.35 9.71
C THR H 319 50.41 16.18 8.98
N ASN H 320 51.54 16.34 8.31
CA ASN H 320 52.13 15.21 7.64
C ASN H 320 53.02 14.46 8.56
N SER H 321 52.44 13.54 9.33
CA SER H 321 53.19 12.92 10.36
C SER H 321 52.39 11.81 10.95
N LEU H 322 53.02 10.96 11.73
CA LEU H 322 52.21 9.98 12.42
C LEU H 322 51.22 10.66 13.32
N VAL H 323 51.59 11.80 13.89
CA VAL H 323 50.72 12.46 14.82
C VAL H 323 50.33 13.82 14.24
N ASN H 324 49.04 14.13 14.22
CA ASN H 324 48.67 15.48 13.80
C ASN H 324 48.81 16.40 15.01
N ARG H 325 49.73 17.33 14.94
CA ARG H 325 50.05 18.14 16.09
C ARG H 325 49.35 19.50 16.19
N THR H 326 48.25 19.68 15.47
CA THR H 326 47.45 20.92 15.63
C THR H 326 47.13 21.14 17.11
N ASP H 327 46.46 20.13 17.68
CA ASP H 327 46.30 20.05 19.10
C ASP H 327 46.53 18.65 19.53
N ASP H 328 47.64 18.42 20.21
CA ASP H 328 47.99 17.11 20.66
C ASP H 328 47.92 17.12 22.16
N ASN H 329 46.85 16.50 22.68
CA ASN H 329 46.55 16.63 24.09
C ASN H 329 46.49 15.32 24.81
N ALA H 330 46.96 14.28 24.15
CA ALA H 330 46.72 12.89 24.54
C ALA H 330 47.59 12.48 25.71
N GLU H 331 47.00 11.86 26.75
CA GLU H 331 47.90 11.38 27.74
C GLU H 331 48.86 10.33 27.13
N THR H 332 48.36 9.50 26.23
CA THR H 332 49.22 8.58 25.47
C THR H 332 48.89 8.71 23.99
N ALA H 333 49.88 8.87 23.14
CA ALA H 333 49.60 9.00 21.72
C ALA H 333 49.18 7.65 21.17
N ALA H 334 48.53 7.64 20.02
CA ALA H 334 48.05 6.36 19.50
C ALA H 334 49.17 5.45 19.07
N VAL H 335 50.29 6.00 18.56
CA VAL H 335 51.39 5.15 18.15
C VAL H 335 52.72 5.77 18.54
N PRO H 336 53.67 4.96 19.00
CA PRO H 336 54.99 5.53 19.37
C PRO H 336 55.93 5.61 18.17
N SER H 337 56.99 6.41 18.22
CA SER H 337 57.89 6.47 17.09
C SER H 337 59.08 7.24 17.52
N TYR H 338 60.13 7.24 16.69
CA TYR H 338 61.24 8.18 16.82
C TYR H 338 61.25 9.04 15.54
N SER H 339 61.82 10.24 15.63
CA SER H 339 61.84 11.20 14.54
C SER H 339 63.24 11.69 14.34
N PHE H 340 63.63 11.92 13.09
CA PHE H 340 64.98 12.45 12.88
C PHE H 340 64.99 13.21 11.58
N ILE H 341 66.00 14.03 11.31
CA ILE H 341 66.15 14.63 9.99
C ILE H 341 67.34 14.03 9.16
N ARG H 342 68.40 13.60 9.82
CA ARG H 342 69.44 12.87 9.10
C ARG H 342 69.84 11.67 9.92
N ALA H 343 70.52 10.73 9.30
CA ALA H 343 71.08 9.60 10.04
C ALA H 343 72.39 9.18 9.41
N HIS H 344 73.05 8.17 9.96
CA HIS H 344 74.40 7.88 9.49
C HIS H 344 74.41 7.73 7.95
N ASP H 345 73.37 7.11 7.38
CA ASP H 345 73.28 6.98 5.93
C ASP H 345 72.30 7.98 5.30
N SER H 346 71.07 8.08 5.84
CA SER H 346 70.08 8.99 5.29
C SER H 346 70.44 10.48 5.26
N GLU H 347 70.53 11.02 4.05
CA GLU H 347 70.80 12.43 3.86
C GLU H 347 72.24 12.78 4.25
N VAL H 348 73.09 11.79 4.32
CA VAL H 348 74.51 12.10 4.37
C VAL H 348 75.23 11.46 3.17
N GLN H 349 75.15 10.14 3.12
CA GLN H 349 75.80 9.47 2.06
C GLN H 349 75.14 9.81 0.72
N ASP H 350 73.85 10.15 0.73
CA ASP H 350 73.13 10.63 -0.44
C ASP H 350 73.82 11.89 -1.04
N LEU H 351 74.18 12.80 -0.14
CA LEU H 351 74.68 14.11 -0.50
C LEU H 351 76.06 13.92 -1.10
N ILE H 352 76.78 12.96 -0.54
CA ILE H 352 78.10 12.64 -1.00
C ILE H 352 78.01 12.05 -2.39
N ARG H 353 77.17 11.04 -2.59
CA ARG H 353 76.90 10.56 -3.94
C ARG H 353 76.54 11.69 -4.91
N ASP H 354 75.66 12.63 -4.51
CA ASP H 354 75.31 13.80 -5.34
C ASP H 354 76.52 14.50 -5.82
N ILE H 355 77.38 14.79 -4.83
CA ILE H 355 78.61 15.53 -5.07
C ILE H 355 79.55 14.77 -6.01
N ILE H 356 79.61 13.48 -5.83
CA ILE H 356 80.47 12.71 -6.68
C ILE H 356 79.95 12.70 -8.11
N LYS H 357 78.66 12.43 -8.32
CA LYS H 357 78.11 12.45 -9.67
C LYS H 357 78.26 13.82 -10.30
N ALA H 358 78.25 14.88 -9.49
CA ALA H 358 78.19 16.20 -10.09
C ALA H 358 79.56 16.63 -10.55
N GLU H 359 80.54 16.42 -9.68
CA GLU H 359 81.79 17.14 -9.79
C GLU H 359 83.05 16.29 -9.75
N ILE H 360 82.87 14.99 -9.57
CA ILE H 360 84.01 14.06 -9.53
C ILE H 360 83.90 12.88 -10.50
N ASN H 361 83.00 11.95 -10.22
CA ASN H 361 82.82 10.89 -11.17
C ASN H 361 81.36 10.69 -11.63
N PRO H 362 81.05 11.17 -12.84
CA PRO H 362 79.71 11.08 -13.35
C PRO H 362 79.13 9.67 -13.52
N ASN H 363 79.96 8.64 -13.53
CA ASN H 363 79.44 7.26 -13.72
C ASN H 363 79.37 6.49 -12.41
N VAL H 364 79.62 7.18 -11.28
CA VAL H 364 79.72 6.49 -10.00
C VAL H 364 78.52 5.60 -9.82
N VAL H 365 78.73 4.40 -9.33
CA VAL H 365 77.66 3.41 -9.25
C VAL H 365 77.02 3.30 -7.86
N GLY H 366 75.71 3.52 -7.70
CA GLY H 366 75.09 3.25 -6.39
C GLY H 366 75.89 3.98 -5.33
N TYR H 367 76.35 3.30 -4.28
CA TYR H 367 77.13 4.00 -3.24
C TYR H 367 78.49 3.39 -3.12
N SER H 368 78.99 2.91 -4.22
CA SER H 368 80.26 2.21 -4.17
C SER H 368 81.33 3.19 -4.49
N PHE H 369 81.60 4.11 -3.56
CA PHE H 369 82.68 5.09 -3.74
C PHE H 369 84.00 4.49 -3.34
N THR H 370 85.04 5.04 -3.91
CA THR H 370 86.36 4.77 -3.38
C THR H 370 86.76 5.86 -2.38
N MET H 371 87.76 5.58 -1.60
CA MET H 371 88.14 6.47 -0.54
C MET H 371 88.52 7.83 -1.10
N GLU H 372 89.21 7.77 -2.24
CA GLU H 372 89.74 8.95 -2.92
C GLU H 372 88.65 9.91 -3.30
N GLU H 373 87.61 9.32 -3.87
CA GLU H 373 86.40 10.02 -4.20
C GLU H 373 85.83 10.71 -2.95
N ILE H 374 85.65 9.95 -1.89
CA ILE H 374 85.05 10.49 -0.69
C ILE H 374 85.77 11.72 -0.16
N LYS H 375 87.08 11.77 -0.36
CA LYS H 375 87.87 12.82 0.26
C LYS H 375 87.82 14.13 -0.49
N LYS H 376 87.83 13.97 -1.81
CA LYS H 376 87.58 14.99 -2.79
C LYS H 376 86.15 15.56 -2.57
N ALA H 377 85.18 14.64 -2.48
CA ALA H 377 83.80 14.99 -2.18
C ALA H 377 83.70 15.88 -0.92
N PHE H 378 84.47 15.56 0.11
CA PHE H 378 84.32 16.27 1.36
C PHE H 378 84.79 17.69 1.29
N GLU H 379 85.74 18.00 0.41
CA GLU H 379 86.20 19.37 0.38
C GLU H 379 85.02 20.22 -0.11
N ILE H 380 84.27 19.75 -1.11
CA ILE H 380 83.16 20.53 -1.69
C ILE H 380 82.04 20.60 -0.64
N TYR H 381 81.85 19.48 0.05
CA TYR H 381 80.81 19.34 1.05
C TYR H 381 81.03 20.27 2.22
N ASN H 382 82.26 20.31 2.72
CA ASN H 382 82.56 21.15 3.88
C ASN H 382 82.39 22.64 3.62
N LYS H 383 82.77 23.04 2.41
CA LYS H 383 82.58 24.40 2.02
C LYS H 383 81.09 24.71 2.00
N ASP H 384 80.35 23.79 1.39
CA ASP H 384 78.94 23.98 1.18
C ASP H 384 78.28 24.14 2.53
N LEU H 385 78.62 23.28 3.49
CA LEU H 385 78.08 23.46 4.83
C LEU H 385 78.18 24.88 5.33
N LEU H 386 79.20 25.64 4.94
CA LEU H 386 79.37 27.01 5.45
C LEU H 386 78.74 28.13 4.61
N ALA H 387 78.46 27.87 3.33
CA ALA H 387 77.88 28.86 2.42
C ALA H 387 76.46 29.25 2.86
N THR H 388 76.02 30.45 2.47
CA THR H 388 74.65 30.87 2.70
C THR H 388 73.79 30.23 1.64
N GLU H 389 74.31 30.22 0.43
CA GLU H 389 73.65 29.56 -0.68
C GLU H 389 74.14 28.12 -0.80
N LYS H 390 73.46 27.13 -0.23
CA LYS H 390 73.98 25.75 -0.29
C LYS H 390 73.56 25.02 -1.56
N LYS H 391 74.52 24.42 -2.22
CA LYS H 391 74.26 23.68 -3.41
C LYS H 391 73.93 22.23 -3.06
N TYR H 392 74.39 21.71 -1.92
CA TYR H 392 74.38 20.27 -1.72
C TYR H 392 73.92 19.88 -0.34
N THR H 393 74.05 20.74 0.63
CA THR H 393 73.78 20.35 2.02
C THR H 393 72.52 21.03 2.54
N HIS H 394 72.08 20.61 3.71
CA HIS H 394 70.81 21.07 4.22
C HIS H 394 70.79 22.51 4.67
N TYR H 395 69.63 23.15 4.43
CA TYR H 395 69.32 24.42 5.03
C TYR H 395 68.59 24.20 6.33
N ASN H 396 68.69 25.15 7.25
CA ASN H 396 67.77 25.16 8.39
C ASN H 396 67.85 23.98 9.35
N THR H 397 69.01 23.34 9.45
CA THR H 397 69.17 22.31 10.44
C THR H 397 68.67 22.71 11.82
N ALA H 398 69.07 23.87 12.33
CA ALA H 398 68.52 24.31 13.62
C ALA H 398 66.97 24.31 13.67
N LEU H 399 66.31 24.64 12.57
CA LEU H 399 64.86 24.76 12.62
C LEU H 399 64.28 23.39 12.71
N SER H 400 64.92 22.44 12.07
CA SER H 400 64.41 21.11 12.15
C SER H 400 64.62 20.62 13.56
N TYR H 401 65.76 20.93 14.13
CA TYR H 401 66.01 20.43 15.45
C TYR H 401 65.11 21.07 16.53
N ALA H 402 64.72 22.31 16.31
CA ALA H 402 63.78 22.99 17.17
C ALA H 402 62.50 22.21 17.19
N LEU H 403 62.05 21.71 16.04
CA LEU H 403 60.79 20.96 16.03
C LEU H 403 61.00 19.58 16.61
N LEU H 404 62.08 18.95 16.24
CA LEU H 404 62.26 17.60 16.71
C LEU H 404 62.40 17.55 18.20
N LEU H 405 63.03 18.57 18.75
CA LEU H 405 63.34 18.56 20.16
C LEU H 405 62.25 19.15 21.05
N THR H 406 61.17 19.65 20.46
CA THR H 406 60.03 20.18 21.26
C THR H 406 58.73 19.48 20.94
N ASN H 407 58.72 18.72 19.85
CA ASN H 407 57.52 18.03 19.42
C ASN H 407 57.07 17.09 20.50
N LYS H 408 55.76 16.99 20.68
CA LYS H 408 55.22 15.99 21.57
C LYS H 408 55.02 14.67 20.80
N SER H 409 55.02 13.53 21.51
CA SER H 409 54.60 12.25 20.94
C SER H 409 55.57 11.61 20.00
N SER H 410 56.84 11.88 20.13
CA SER H 410 57.81 11.09 19.38
C SER H 410 59.11 11.08 20.11
N VAL H 411 59.88 10.01 20.08
CA VAL H 411 61.21 10.14 20.66
C VAL H 411 62.17 10.78 19.63
N PRO H 412 62.76 11.97 19.94
CA PRO H 412 63.65 12.63 18.94
C PRO H 412 64.91 11.82 18.79
N ARG H 413 65.45 11.66 17.58
CA ARG H 413 66.81 11.09 17.50
C ARG H 413 67.84 12.04 16.99
N VAL H 414 68.86 12.34 17.75
CA VAL H 414 69.85 13.33 17.30
C VAL H 414 70.98 12.65 16.52
N TYR H 415 71.28 13.18 15.35
CA TYR H 415 72.34 12.60 14.53
C TYR H 415 73.72 13.21 14.82
N TYR H 416 74.67 12.35 15.16
CA TYR H 416 75.97 12.76 15.61
C TYR H 416 76.50 13.84 14.69
N GLY H 417 76.30 13.63 13.39
CA GLY H 417 76.97 14.44 12.38
C GLY H 417 76.35 15.80 12.22
N ASP H 418 75.27 16.09 12.96
CA ASP H 418 74.67 17.38 12.87
C ASP H 418 75.29 18.21 13.98
N MET H 419 75.96 17.52 14.88
CA MET H 419 76.59 18.19 16.02
C MET H 419 78.08 18.30 15.84
N PHE H 420 78.67 17.28 15.25
CA PHE H 420 80.11 17.25 14.94
C PHE H 420 80.26 16.99 13.46
N THR H 421 81.45 17.22 12.94
CA THR H 421 81.58 17.17 11.51
C THR H 421 81.49 15.72 11.10
N ASP H 422 80.93 15.48 9.92
CA ASP H 422 80.60 14.12 9.47
C ASP H 422 81.87 13.32 9.20
N ASP H 423 82.94 13.99 8.75
CA ASP H 423 84.28 13.42 8.55
C ASP H 423 85.15 13.86 9.70
N GLY H 424 86.39 13.41 9.75
CA GLY H 424 87.23 13.76 10.91
C GLY H 424 87.07 12.92 12.19
N GLN H 425 87.95 13.17 13.18
CA GLN H 425 88.04 12.35 14.38
C GLN H 425 86.85 12.52 15.27
N TYR H 426 86.58 11.51 16.07
CA TYR H 426 85.36 11.46 16.84
C TYR H 426 85.29 12.59 17.80
N MET H 427 84.33 13.47 17.57
CA MET H 427 84.06 14.56 18.48
C MET H 427 85.15 15.57 18.44
N ALA H 428 86.02 15.49 17.45
CA ALA H 428 87.03 16.52 17.32
C ALA H 428 86.47 17.93 17.02
N HIS H 429 85.57 18.09 16.02
CA HIS H 429 85.12 19.44 15.61
C HIS H 429 83.61 19.63 15.62
N LYS H 430 83.17 20.68 16.29
CA LYS H 430 81.74 20.99 16.35
C LYS H 430 81.28 21.58 15.03
N THR H 431 80.00 21.38 14.66
CA THR H 431 79.41 22.04 13.47
C THR H 431 78.92 23.41 13.85
N ILE H 432 78.61 24.24 12.85
CA ILE H 432 78.20 25.59 13.24
C ILE H 432 76.88 25.50 13.95
N ASN H 433 76.24 24.34 13.85
CA ASN H 433 74.96 24.20 14.51
C ASN H 433 75.00 23.57 15.89
N TYR H 434 76.19 23.14 16.30
CA TYR H 434 76.39 22.58 17.61
C TYR H 434 75.83 23.41 18.76
N GLU H 435 76.16 24.68 18.83
CA GLU H 435 75.60 25.45 19.92
C GLU H 435 74.02 25.40 20.04
N ALA H 436 73.34 25.75 18.94
CA ALA H 436 71.88 25.79 18.92
C ALA H 436 71.29 24.46 19.34
N ILE H 437 71.79 23.37 18.77
CA ILE H 437 71.32 22.05 19.15
C ILE H 437 71.57 21.79 20.67
N GLU H 438 72.77 22.13 21.17
CA GLU H 438 73.04 21.91 22.58
C GLU H 438 72.08 22.71 23.40
N THR H 439 71.89 23.94 22.98
CA THR H 439 71.00 24.80 23.73
C THR H 439 69.63 24.19 23.85
N LEU H 440 69.15 23.62 22.75
CA LEU H 440 67.84 23.03 22.70
C LEU H 440 67.78 21.77 23.54
N LEU H 441 68.85 20.96 23.53
CA LEU H 441 68.84 19.70 24.23
C LEU H 441 68.75 19.95 25.69
N LYS H 442 69.49 20.97 26.15
CA LYS H 442 69.50 21.32 27.58
C LYS H 442 68.16 21.93 27.96
N ALA H 443 67.58 22.69 27.03
CA ALA H 443 66.32 23.37 27.29
C ALA H 443 65.19 22.38 27.37
N ARG H 444 65.22 21.32 26.53
CA ARG H 444 64.23 20.24 26.52
C ARG H 444 64.08 19.66 27.91
N ILE H 445 65.18 19.23 28.51
CA ILE H 445 65.11 18.72 29.87
C ILE H 445 64.39 19.74 30.76
N LYS H 446 64.75 21.01 30.60
CA LYS H 446 64.29 22.05 31.54
C LYS H 446 62.85 22.54 31.36
N TYR H 447 62.42 22.72 30.11
CA TYR H 447 61.12 23.33 29.80
C TYR H 447 60.11 22.44 29.04
N VAL H 448 60.54 21.43 28.28
CA VAL H 448 59.60 20.78 27.28
C VAL H 448 58.67 19.71 27.87
N SER H 449 57.39 20.00 27.99
CA SER H 449 56.54 19.12 28.72
C SER H 449 55.13 19.59 28.49
N GLY H 450 54.13 18.76 28.75
CA GLY H 450 52.73 19.18 28.60
C GLY H 450 52.17 19.01 27.20
N GLY H 451 50.94 19.42 26.95
CA GLY H 451 50.37 19.25 25.62
C GLY H 451 50.97 20.16 24.57
N GLN H 452 50.67 19.90 23.29
CA GLN H 452 51.29 20.69 22.22
C GLN H 452 50.25 21.36 21.36
N ALA H 453 50.48 22.61 20.90
CA ALA H 453 49.61 23.16 19.85
C ALA H 453 50.41 23.73 18.70
N MET H 454 50.00 23.43 17.47
CA MET H 454 50.70 23.98 16.28
C MET H 454 49.78 24.76 15.39
N ARG H 455 50.21 25.97 15.03
CA ARG H 455 49.43 26.82 14.18
C ARG H 455 50.24 27.28 12.98
N ASN H 456 49.55 27.45 11.86
CA ASN H 456 50.16 27.90 10.64
C ASN H 456 49.47 29.18 10.20
N GLN H 457 50.15 30.30 10.26
CA GLN H 457 49.53 31.60 10.02
C GLN H 457 50.12 32.20 8.75
N GLN H 458 49.24 32.66 7.87
CA GLN H 458 49.73 33.40 6.72
C GLN H 458 49.94 34.85 7.12
N VAL H 459 51.14 35.34 6.97
CA VAL H 459 51.41 36.70 7.35
C VAL H 459 52.19 37.41 6.29
N GLY H 460 51.91 38.68 6.10
CA GLY H 460 52.71 39.46 5.17
C GLY H 460 52.68 38.79 3.84
N ASN H 461 53.86 38.43 3.35
CA ASN H 461 53.99 37.87 2.01
C ASN H 461 54.34 36.37 2.06
N SER H 462 54.14 35.70 3.20
CA SER H 462 54.60 34.35 3.31
C SER H 462 53.86 33.71 4.46
N GLU H 463 54.47 32.82 5.22
CA GLU H 463 53.71 32.25 6.33
C GLU H 463 54.64 31.89 7.42
N ILE H 464 54.11 31.58 8.59
CA ILE H 464 54.94 31.08 9.69
C ILE H 464 54.24 29.89 10.37
N ILE H 465 54.97 29.08 11.12
CA ILE H 465 54.31 28.17 12.03
C ILE H 465 54.73 28.44 13.49
N THR H 466 53.82 28.08 14.40
CA THR H 466 54.08 28.25 15.81
C THR H 466 53.92 26.92 16.48
N SER H 467 54.78 26.64 17.45
CA SER H 467 54.72 25.39 18.20
C SER H 467 54.81 25.68 19.70
N VAL H 468 53.82 25.23 20.43
CA VAL H 468 53.77 25.51 21.83
C VAL H 468 53.73 24.25 22.65
N ARG H 469 54.46 24.22 23.76
CA ARG H 469 54.18 23.22 24.74
C ARG H 469 53.73 23.99 25.97
N TYR H 470 52.57 23.58 26.49
CA TYR H 470 51.98 24.19 27.69
C TYR H 470 52.79 24.14 28.96
N GLY H 471 53.51 23.05 29.20
CA GLY H 471 54.29 22.89 30.42
C GLY H 471 53.82 21.72 31.25
N LYS H 472 54.69 21.26 32.12
CA LYS H 472 54.43 20.05 32.88
C LYS H 472 53.18 20.23 33.66
N GLY H 473 52.23 19.36 33.42
CA GLY H 473 51.04 19.45 34.21
C GLY H 473 49.84 19.97 33.43
N ALA H 474 50.05 20.40 32.18
CA ALA H 474 48.93 20.95 31.39
C ALA H 474 48.84 20.30 30.00
N LEU H 475 47.91 19.37 29.85
CA LEU H 475 47.78 18.70 28.59
C LEU H 475 46.98 19.62 27.72
N LYS H 476 46.16 20.45 28.35
CA LYS H 476 45.22 21.32 27.62
C LYS H 476 45.49 22.79 27.76
N ALA H 477 45.06 23.53 26.77
CA ALA H 477 45.38 24.95 26.75
C ALA H 477 44.71 25.65 27.93
N THR H 478 43.61 25.07 28.42
CA THR H 478 42.87 25.61 29.59
C THR H 478 43.35 25.14 31.01
N ASP H 479 44.20 24.12 31.05
CA ASP H 479 44.77 23.61 32.28
C ASP H 479 45.69 24.62 32.96
N THR H 480 45.43 24.99 34.20
CA THR H 480 46.37 25.89 34.84
C THR H 480 47.59 25.26 35.61
N GLY H 481 47.63 23.97 35.88
CA GLY H 481 48.85 23.39 36.49
C GLY H 481 49.37 24.05 37.79
N ASP H 482 50.68 23.97 38.02
CA ASP H 482 51.27 24.39 39.29
C ASP H 482 52.44 25.35 39.13
N ARG H 483 53.21 25.55 40.20
CA ARG H 483 54.35 26.47 40.13
C ARG H 483 55.29 25.99 39.00
N ILE H 484 55.40 24.68 38.86
CA ILE H 484 56.28 24.17 37.84
C ILE H 484 55.73 24.36 36.40
N THR H 485 54.43 24.11 36.19
CA THR H 485 53.84 24.35 34.88
C THR H 485 54.16 25.76 34.43
N ARG H 486 54.03 26.69 35.37
CA ARG H 486 54.24 28.08 35.04
C ARG H 486 55.60 28.35 34.44
N THR H 487 56.65 27.84 35.07
CA THR H 487 58.02 28.08 34.61
C THR H 487 58.46 26.98 33.62
N SER H 488 57.51 26.31 32.99
CA SER H 488 57.88 25.40 31.94
C SER H 488 57.05 25.68 30.73
N GLY H 489 57.27 24.89 29.70
CA GLY H 489 56.70 25.22 28.40
C GLY H 489 57.66 25.92 27.44
N VAL H 490 57.23 26.07 26.21
CA VAL H 490 58.10 26.68 25.28
C VAL H 490 57.27 27.05 24.07
N VAL H 491 57.73 28.06 23.34
CA VAL H 491 57.19 28.41 22.01
C VAL H 491 58.31 28.53 20.98
N VAL H 492 58.03 28.01 19.79
CA VAL H 492 59.00 27.96 18.71
C VAL H 492 58.29 28.65 17.61
N ILE H 493 58.95 29.64 17.00
CA ILE H 493 58.37 30.25 15.79
C ILE H 493 59.28 30.03 14.60
N GLU H 494 58.72 29.54 13.49
CA GLU H 494 59.49 29.31 12.25
C GLU H 494 58.86 29.77 10.92
N GLY H 495 59.72 30.16 9.98
CA GLY H 495 59.28 30.61 8.66
C GLY H 495 60.35 30.04 7.75
N ASN H 496 59.98 29.62 6.55
CA ASN H 496 60.92 28.95 5.70
C ASN H 496 61.19 29.67 4.40
N ASN H 497 61.05 31.00 4.38
CA ASN H 497 61.34 31.81 3.22
C ASN H 497 62.10 33.07 3.57
N PRO H 498 63.28 33.27 2.98
CA PRO H 498 64.14 34.32 3.43
C PRO H 498 63.54 35.67 3.20
N SER H 499 62.52 35.74 2.38
CA SER H 499 62.03 37.04 2.11
C SER H 499 60.71 37.39 2.86
N LEU H 500 60.33 36.55 3.81
CA LEU H 500 59.30 36.93 4.74
C LEU H 500 59.42 38.41 5.21
N ARG H 501 58.38 39.22 4.96
CA ARG H 501 58.20 40.54 5.59
C ARG H 501 56.78 40.65 6.20
N LEU H 502 56.66 40.99 7.49
CA LEU H 502 55.31 41.30 8.01
C LEU H 502 54.87 42.73 7.68
N LYS H 503 53.59 42.97 7.58
CA LYS H 503 53.12 44.33 7.57
C LYS H 503 53.17 44.96 8.96
N ALA H 504 53.23 46.27 9.01
CA ALA H 504 53.30 46.88 10.29
C ALA H 504 52.03 46.60 11.10
N SER H 505 50.93 46.21 10.45
CA SER H 505 49.75 45.90 11.22
C SER H 505 49.59 44.40 11.51
N ASP H 506 50.54 43.57 11.06
CA ASP H 506 50.42 42.10 11.31
C ASP H 506 50.80 41.70 12.74
N ARG H 507 50.03 40.76 13.31
CA ARG H 507 50.34 40.26 14.64
C ARG H 507 50.34 38.75 14.59
N VAL H 508 51.30 38.12 15.25
CA VAL H 508 51.17 36.70 15.47
C VAL H 508 50.88 36.56 16.96
N VAL H 509 49.64 36.16 17.26
CA VAL H 509 49.13 35.96 18.62
C VAL H 509 49.16 34.46 19.01
N VAL H 510 50.11 34.09 19.87
CA VAL H 510 50.33 32.72 20.27
C VAL H 510 49.76 32.43 21.67
N ASN H 511 48.88 31.44 21.78
CA ASN H 511 48.38 31.01 23.07
C ASN H 511 49.39 30.13 23.87
N MET H 512 49.95 30.63 24.98
CA MET H 512 50.92 29.84 25.71
C MET H 512 50.27 28.82 26.67
N GLY H 513 48.98 28.99 26.99
CA GLY H 513 48.26 28.15 27.98
C GLY H 513 47.93 28.85 29.29
N ALA H 514 46.85 28.40 29.95
CA ALA H 514 46.34 29.06 31.14
C ALA H 514 47.37 29.31 32.32
N ALA H 515 48.49 28.59 32.36
CA ALA H 515 49.48 28.78 33.42
C ALA H 515 50.32 30.03 33.19
N HIS H 516 50.11 30.67 32.05
CA HIS H 516 51.06 31.64 31.54
C HIS H 516 50.52 33.04 31.29
N LYS H 517 49.58 33.49 32.12
CA LYS H 517 49.12 34.85 31.94
C LYS H 517 50.08 35.80 32.58
N ASN H 518 50.29 36.94 31.94
CA ASN H 518 51.11 38.00 32.50
C ASN H 518 52.43 37.44 32.91
N GLN H 519 53.23 36.98 31.98
CA GLN H 519 54.46 36.33 32.39
C GLN H 519 55.66 36.82 31.59
N ALA H 520 56.81 36.91 32.24
CA ALA H 520 58.02 37.29 31.56
C ALA H 520 58.57 36.10 30.82
N TYR H 521 58.76 36.28 29.51
CA TYR H 521 59.42 35.29 28.65
C TYR H 521 60.75 35.83 28.09
N ARG H 522 61.70 34.94 27.89
CA ARG H 522 62.97 35.31 27.29
C ARG H 522 63.33 34.35 26.14
N PRO H 523 64.02 34.90 25.15
CA PRO H 523 64.56 34.19 24.03
C PRO H 523 65.54 33.10 24.49
N LEU H 524 65.38 31.93 23.88
CA LEU H 524 66.34 30.89 24.03
C LEU H 524 67.21 30.97 22.75
N LEU H 525 66.57 30.98 21.58
CA LEU H 525 67.30 31.13 20.31
C LEU H 525 66.73 32.26 19.45
N LEU H 526 67.57 33.14 18.89
CA LEU H 526 67.06 34.12 17.96
C LEU H 526 67.85 34.11 16.68
N THR H 527 67.21 34.36 15.54
CA THR H 527 67.96 34.45 14.31
C THR H 527 68.59 35.80 14.25
N THR H 528 69.82 35.82 13.74
CA THR H 528 70.58 37.05 13.56
C THR H 528 71.08 37.14 12.14
N ASP H 529 71.67 38.27 11.82
CA ASP H 529 72.01 38.52 10.46
C ASP H 529 72.97 37.45 10.08
N ASN H 530 73.80 37.04 11.03
CA ASN H 530 74.87 36.16 10.60
C ASN H 530 74.67 34.72 10.93
N GLY H 531 73.73 34.42 11.82
CA GLY H 531 73.59 33.07 12.27
C GLY H 531 72.46 33.01 13.24
N ILE H 532 72.71 32.38 14.39
CA ILE H 532 71.71 32.26 15.44
C ILE H 532 72.35 32.56 16.78
N LYS H 533 71.73 33.43 17.56
CA LYS H 533 72.22 33.69 18.90
C LYS H 533 71.59 32.69 19.90
N ALA H 534 72.43 32.13 20.78
CA ALA H 534 71.96 31.21 21.80
C ALA H 534 72.04 31.81 23.19
N TYR H 535 70.93 31.80 23.93
CA TYR H 535 70.86 32.37 25.30
C TYR H 535 70.90 31.30 26.41
N HIS H 536 71.95 31.35 27.23
CA HIS H 536 72.19 30.19 28.08
C HIS H 536 71.48 30.25 29.44
N SER H 537 70.96 31.44 29.78
CA SER H 537 70.27 31.68 31.04
C SER H 537 69.36 32.89 30.84
N ASP H 538 68.55 33.21 31.84
CA ASP H 538 67.72 34.39 31.76
C ASP H 538 68.58 35.62 31.72
N GLN H 539 69.65 35.60 32.50
CA GLN H 539 70.51 36.79 32.66
C GLN H 539 71.05 37.13 31.27
N GLU H 540 71.45 36.10 30.53
CA GLU H 540 72.18 36.34 29.31
C GLU H 540 71.25 37.07 28.31
N ALA H 541 69.95 37.01 28.59
CA ALA H 541 68.95 37.58 27.71
C ALA H 541 68.27 38.77 28.40
N ALA H 542 68.98 39.36 29.36
CA ALA H 542 68.41 40.44 30.20
C ALA H 542 67.61 41.53 29.44
N GLY H 543 68.24 42.16 28.43
CA GLY H 543 67.56 43.22 27.69
C GLY H 543 66.49 42.74 26.71
N LEU H 544 66.21 41.44 26.60
CA LEU H 544 65.30 40.99 25.56
C LEU H 544 63.97 40.45 26.05
N VAL H 545 63.67 40.60 27.34
CA VAL H 545 62.44 40.05 27.91
C VAL H 545 61.14 40.58 27.25
N ARG H 546 60.07 39.80 27.22
CA ARG H 546 58.80 40.27 26.70
C ARG H 546 57.72 39.47 27.44
N TYR H 547 56.48 39.93 27.42
CA TYR H 547 55.52 39.41 28.38
C TYR H 547 54.33 38.80 27.69
N THR H 548 53.75 37.76 28.28
CA THR H 548 52.42 37.33 27.86
C THR H 548 51.44 38.34 28.35
N ASN H 549 50.30 38.38 27.71
CA ASN H 549 49.23 39.21 28.18
C ASN H 549 48.23 38.49 29.10
N ASP H 550 47.10 39.15 29.24
CA ASP H 550 46.16 38.87 30.22
C ASP H 550 45.44 37.56 29.99
N ARG H 551 45.59 37.08 28.77
CA ARG H 551 44.99 35.81 28.33
C ARG H 551 46.09 34.83 28.02
N GLY H 552 47.31 35.14 28.45
CA GLY H 552 48.46 34.27 28.21
C GLY H 552 48.83 34.15 26.74
N GLU H 553 48.84 35.27 26.03
CA GLU H 553 49.28 35.24 24.63
C GLU H 553 50.59 35.97 24.48
N LEU H 554 51.56 35.30 23.90
CA LEU H 554 52.74 35.99 23.45
C LEU H 554 52.32 36.57 22.12
N ILE H 555 52.61 37.86 21.88
CA ILE H 555 52.26 38.42 20.58
C ILE H 555 53.50 38.98 19.98
N PHE H 556 53.71 38.60 18.71
CA PHE H 556 54.90 39.00 17.93
C PHE H 556 54.53 39.90 16.75
N THR H 557 55.52 40.64 16.28
CA THR H 557 55.34 41.74 15.33
C THR H 557 56.44 41.73 14.28
N ALA H 558 56.30 42.57 13.26
CA ALA H 558 57.42 42.78 12.33
C ALA H 558 58.74 43.08 13.02
N ALA H 559 58.73 43.80 14.15
CA ALA H 559 60.03 44.02 14.84
C ALA H 559 60.62 42.71 15.31
N ASP H 560 59.79 41.69 15.49
CA ASP H 560 60.32 40.42 15.95
C ASP H 560 60.59 39.45 14.82
N ILE H 561 59.65 39.36 13.89
CA ILE H 561 59.76 38.29 12.92
C ILE H 561 60.09 38.82 11.55
N LYS H 562 61.14 38.32 10.91
CA LYS H 562 61.39 38.67 9.53
C LYS H 562 62.29 37.60 8.92
N GLY H 563 62.30 37.47 7.60
CA GLY H 563 63.10 36.45 6.92
C GLY H 563 64.55 36.82 6.87
N TYR H 564 65.41 35.83 7.05
CA TYR H 564 66.88 36.07 7.06
C TYR H 564 67.47 35.06 6.12
N ALA H 565 68.69 35.27 5.67
CA ALA H 565 69.38 34.27 4.89
C ALA H 565 70.84 34.29 5.27
N ASN H 566 71.30 33.21 5.88
CA ASN H 566 72.69 33.06 6.31
C ASN H 566 72.99 31.58 6.40
N PRO H 567 74.22 31.20 6.72
CA PRO H 567 74.56 29.78 6.62
C PRO H 567 73.75 28.84 7.54
N GLN H 568 73.05 29.39 8.53
CA GLN H 568 72.25 28.51 9.42
C GLN H 568 70.71 28.60 9.27
N VAL H 569 70.21 29.67 8.69
CA VAL H 569 68.78 29.93 8.63
C VAL H 569 68.39 30.46 7.28
N SER H 570 67.36 29.93 6.69
CA SER H 570 66.92 30.42 5.41
C SER H 570 65.42 30.59 5.61
N GLY H 571 65.04 31.72 6.19
CA GLY H 571 63.73 31.92 6.76
C GLY H 571 63.92 32.50 8.13
N TYR H 572 63.31 31.90 9.14
CA TYR H 572 63.28 32.54 10.43
C TYR H 572 63.16 31.54 11.54
N LEU H 573 64.00 31.65 12.56
CA LEU H 573 63.82 30.86 13.79
C LEU H 573 63.80 31.71 15.05
N GLY H 574 62.81 31.50 15.93
CA GLY H 574 62.91 32.08 17.27
C GLY H 574 62.36 31.18 18.33
N VAL H 575 63.01 31.13 19.47
CA VAL H 575 62.52 30.28 20.54
C VAL H 575 62.51 31.01 21.87
N TRP H 576 61.35 31.04 22.52
CA TRP H 576 61.21 31.69 23.82
C TRP H 576 60.79 30.75 24.94
N VAL H 577 61.31 30.95 26.14
CA VAL H 577 60.91 30.16 27.30
C VAL H 577 60.52 31.09 28.43
N PRO H 578 59.75 30.59 29.39
CA PRO H 578 59.46 31.41 30.54
C PRO H 578 60.66 31.71 31.44
N VAL H 579 60.69 32.93 31.96
CA VAL H 579 61.72 33.27 32.90
C VAL H 579 61.45 32.62 34.23
N GLY H 580 62.51 32.08 34.79
CA GLY H 580 62.52 31.83 36.19
C GLY H 580 62.64 30.39 36.59
N ALA H 581 62.91 29.51 35.66
CA ALA H 581 63.06 28.12 36.01
C ALA H 581 64.32 27.96 36.84
N ALA H 582 64.26 27.18 37.92
CA ALA H 582 65.47 26.94 38.70
C ALA H 582 66.61 26.42 37.83
N ALA H 583 67.83 26.70 38.26
CA ALA H 583 69.03 26.25 37.53
C ALA H 583 69.00 24.73 37.20
N ASP H 584 68.32 23.97 38.06
CA ASP H 584 68.23 22.50 37.95
C ASP H 584 66.80 21.94 37.72
N GLN H 585 65.90 22.72 37.13
CA GLN H 585 64.56 22.24 36.93
C GLN H 585 64.62 21.18 35.85
N ASP H 586 63.81 20.16 36.04
CA ASP H 586 63.83 19.02 35.15
C ASP H 586 62.40 18.59 34.99
N VAL H 587 61.78 18.77 33.84
CA VAL H 587 60.35 18.40 33.72
C VAL H 587 60.10 16.99 33.18
N ARG H 588 61.18 16.23 33.04
CA ARG H 588 61.11 14.84 32.59
C ARG H 588 60.38 13.97 33.61
N VAL H 589 60.04 12.77 33.21
CA VAL H 589 59.24 11.94 34.06
C VAL H 589 59.67 10.52 33.84
N ALA H 590 59.76 9.77 34.93
CA ALA H 590 60.17 8.38 34.84
C ALA H 590 58.94 7.52 34.62
N ALA H 591 59.07 6.45 33.86
CA ALA H 591 57.95 5.55 33.57
C ALA H 591 57.47 4.81 34.87
N SER H 592 56.18 4.54 34.99
CA SER H 592 55.75 3.76 36.16
C SER H 592 55.77 2.24 35.96
N THR H 593 55.74 1.54 37.09
CA THR H 593 55.72 0.11 37.10
C THR H 593 54.30 -0.41 37.09
N ALA H 594 53.31 0.46 37.06
CA ALA H 594 51.91 0.01 36.98
C ALA H 594 51.76 -0.90 35.78
N PRO H 595 50.93 -1.93 35.92
CA PRO H 595 50.82 -2.95 34.89
C PRO H 595 50.20 -2.41 33.61
N SER H 596 50.81 -2.70 32.46
CA SER H 596 50.26 -2.34 31.16
C SER H 596 48.99 -3.17 30.94
N THR H 597 47.95 -2.57 30.36
CA THR H 597 46.70 -3.35 30.25
C THR H 597 46.12 -3.36 28.88
N ASP H 598 46.70 -2.60 27.95
CA ASP H 598 46.13 -2.51 26.62
C ASP H 598 46.74 -3.45 25.56
N GLY H 599 47.52 -4.45 26.00
CA GLY H 599 48.22 -5.28 25.08
C GLY H 599 49.31 -4.64 24.25
N LYS H 600 49.76 -3.43 24.53
CA LYS H 600 50.97 -2.95 23.85
C LYS H 600 52.13 -2.93 24.81
N SER H 601 53.35 -3.00 24.30
CA SER H 601 54.48 -2.83 25.21
C SER H 601 54.95 -1.38 25.37
N VAL H 602 55.33 -0.72 24.27
CA VAL H 602 55.78 0.65 24.41
C VAL H 602 54.64 1.66 24.38
N HIS H 603 54.65 2.66 25.27
CA HIS H 603 53.57 3.66 25.24
C HIS H 603 54.02 5.11 25.06
N GLN H 604 53.53 5.79 24.02
CA GLN H 604 54.07 7.14 23.79
C GLN H 604 53.44 8.14 24.71
N ASN H 605 53.84 8.08 25.97
CA ASN H 605 53.33 8.98 26.97
C ASN H 605 54.42 9.96 27.44
N ALA H 606 54.15 10.56 28.60
CA ALA H 606 55.01 11.57 29.14
C ALA H 606 56.39 10.97 29.44
N ALA H 607 56.44 9.78 30.05
CA ALA H 607 57.71 9.16 30.29
C ALA H 607 58.43 8.87 28.98
N LEU H 608 57.75 8.32 28.00
CA LEU H 608 58.44 8.02 26.75
C LEU H 608 58.97 9.31 26.10
N ASP H 609 58.16 10.37 26.11
CA ASP H 609 58.56 11.68 25.57
C ASP H 609 59.78 12.29 26.26
N SER H 610 60.05 11.84 27.49
CA SER H 610 61.18 12.28 28.26
C SER H 610 62.51 11.75 27.71
N ARG H 611 62.47 10.80 26.80
CA ARG H 611 63.66 10.20 26.30
C ARG H 611 64.22 10.91 25.10
N VAL H 612 65.53 10.88 24.94
CA VAL H 612 66.16 11.42 23.72
C VAL H 612 67.11 10.36 23.22
N MET H 613 67.13 10.20 21.90
CA MET H 613 68.00 9.23 21.32
C MET H 613 69.20 9.83 20.59
N PHE H 614 70.38 9.24 20.77
CA PHE H 614 71.56 9.76 20.13
C PHE H 614 72.10 8.71 19.15
N GLU H 615 72.12 9.01 17.86
CA GLU H 615 72.80 8.14 16.92
C GLU H 615 74.30 8.48 16.93
N GLY H 616 75.10 7.67 17.61
CA GLY H 616 76.41 8.12 18.01
C GLY H 616 77.59 7.85 17.09
N PHE H 617 77.43 8.06 15.78
CA PHE H 617 78.53 7.80 14.88
C PHE H 617 78.20 8.34 13.52
N SER H 618 79.18 8.34 12.63
CA SER H 618 79.03 8.82 11.28
C SER H 618 79.76 7.84 10.36
N ASN H 619 79.13 7.43 9.28
CA ASN H 619 79.86 6.58 8.37
C ASN H 619 81.22 7.14 8.05
N PHE H 620 81.35 8.46 8.04
CA PHE H 620 82.46 9.09 7.38
C PHE H 620 83.56 9.56 8.34
N GLN H 621 83.42 9.24 9.63
CA GLN H 621 84.53 9.53 10.59
C GLN H 621 85.89 9.10 10.09
N ALA H 622 86.91 9.83 10.50
CA ALA H 622 88.25 9.52 10.07
C ALA H 622 88.58 8.23 10.73
N PHE H 623 89.64 7.55 10.29
CA PHE H 623 90.14 6.40 11.05
C PHE H 623 91.02 6.92 12.15
N ALA H 624 90.95 6.28 13.31
CA ALA H 624 91.81 6.72 14.40
C ALA H 624 93.33 6.46 14.17
N THR H 625 94.14 7.46 14.46
CA THR H 625 95.55 7.35 14.21
C THR H 625 96.21 6.98 15.51
N LYS H 626 95.44 6.85 16.58
CA LYS H 626 96.00 6.48 17.89
C LYS H 626 94.92 6.19 18.89
N LYS H 627 95.32 5.51 19.95
CA LYS H 627 94.37 4.98 20.91
C LYS H 627 93.36 5.99 21.47
N GLU H 628 93.82 7.20 21.77
CA GLU H 628 93.00 8.21 22.42
C GLU H 628 91.95 8.73 21.47
N GLU H 629 92.12 8.44 20.18
CA GLU H 629 91.17 8.92 19.17
C GLU H 629 90.07 7.94 18.86
N TYR H 630 90.16 6.71 19.36
CA TYR H 630 89.10 5.70 19.16
C TYR H 630 87.75 6.16 19.70
N THR H 631 86.72 6.07 18.85
CA THR H 631 85.39 6.43 19.23
C THR H 631 85.03 5.95 20.63
N ASN H 632 84.97 4.64 20.80
CA ASN H 632 84.53 4.08 22.07
C ASN H 632 85.36 4.56 23.26
N VAL H 633 86.60 4.97 23.05
CA VAL H 633 87.35 5.51 24.17
C VAL H 633 86.85 6.93 24.44
N VAL H 634 86.68 7.70 23.38
CA VAL H 634 86.30 9.05 23.59
C VAL H 634 84.91 9.04 24.25
N ILE H 635 84.03 8.18 23.76
CA ILE H 635 82.67 8.13 24.28
C ILE H 635 82.70 8.07 25.80
N ALA H 636 83.44 7.11 26.33
CA ALA H 636 83.51 6.90 27.77
C ALA H 636 84.02 8.17 28.44
N LYS H 637 85.09 8.75 27.92
CA LYS H 637 85.61 10.02 28.43
C LYS H 637 84.52 11.13 28.49
N ASN H 638 83.71 11.31 27.44
CA ASN H 638 82.74 12.41 27.40
C ASN H 638 81.33 12.04 27.84
N VAL H 639 81.23 11.04 28.70
CA VAL H 639 79.90 10.50 28.99
C VAL H 639 79.05 11.57 29.70
N ASP H 640 79.69 12.48 30.43
CA ASP H 640 78.94 13.55 31.09
C ASP H 640 78.24 14.44 30.10
N LYS H 641 78.73 14.57 28.86
CA LYS H 641 78.04 15.46 27.92
C LYS H 641 76.67 14.92 27.58
N PHE H 642 76.59 13.60 27.49
CA PHE H 642 75.41 13.04 26.91
C PHE H 642 74.38 13.15 27.97
N ALA H 643 74.84 13.03 29.22
CA ALA H 643 73.93 13.09 30.35
C ALA H 643 73.39 14.49 30.37
N GLU H 644 74.26 15.46 30.16
CA GLU H 644 73.85 16.85 30.17
C GLU H 644 72.91 17.14 29.00
N TRP H 645 73.02 16.40 27.92
CA TRP H 645 72.16 16.65 26.80
C TRP H 645 70.79 15.97 26.92
N GLY H 646 70.62 15.10 27.91
CA GLY H 646 69.37 14.36 28.07
C GLY H 646 69.36 13.04 27.31
N VAL H 647 70.52 12.64 26.82
CA VAL H 647 70.58 11.40 26.08
C VAL H 647 70.26 10.20 26.97
N THR H 648 69.12 9.55 26.69
CA THR H 648 68.73 8.36 27.46
C THR H 648 68.95 7.06 26.68
N ASP H 649 69.16 7.15 25.38
CA ASP H 649 69.33 5.93 24.60
C ASP H 649 70.46 6.17 23.62
N PHE H 650 71.58 5.50 23.82
CA PHE H 650 72.71 5.79 22.98
C PHE H 650 72.86 4.75 21.94
N GLU H 651 72.43 5.07 20.73
CA GLU H 651 72.65 4.20 19.58
C GLU H 651 74.13 4.17 19.11
N MET H 652 74.78 3.03 19.31
CA MET H 652 76.18 2.85 18.98
C MET H 652 76.28 2.26 17.58
N ALA H 653 77.31 2.60 16.82
CA ALA H 653 77.47 1.96 15.52
C ALA H 653 77.39 0.41 15.68
N PRO H 654 77.15 -0.31 14.56
CA PRO H 654 77.40 -1.78 14.69
C PRO H 654 78.85 -2.07 15.12
N GLN H 655 79.06 -3.00 16.04
CA GLN H 655 80.43 -3.17 16.50
C GLN H 655 81.28 -4.21 15.75
N TYR H 656 80.68 -4.90 14.78
CA TYR H 656 81.30 -6.08 14.17
C TYR H 656 82.49 -5.58 13.41
N VAL H 657 83.51 -6.44 13.34
CA VAL H 657 84.79 -6.08 12.71
C VAL H 657 84.55 -6.04 11.24
N SER H 658 84.83 -4.89 10.64
CA SER H 658 84.49 -4.66 9.25
C SER H 658 85.34 -5.43 8.25
N SER H 659 84.74 -5.96 7.20
CA SER H 659 85.53 -6.54 6.14
C SER H 659 86.12 -5.42 5.34
N THR H 660 87.07 -5.72 4.46
CA THR H 660 87.73 -4.64 3.72
C THR H 660 87.74 -4.74 2.20
N ASP H 661 86.94 -5.66 1.63
CA ASP H 661 86.87 -5.87 0.19
C ASP H 661 86.54 -4.56 -0.51
N GLY H 662 85.99 -3.58 0.20
CA GLY H 662 85.61 -2.36 -0.47
C GLY H 662 84.45 -2.49 -1.45
N SER H 663 83.76 -3.62 -1.49
CA SER H 663 82.70 -3.77 -2.49
C SER H 663 81.46 -2.90 -2.23
N PHE H 664 81.40 -2.27 -1.05
CA PHE H 664 80.38 -1.28 -0.74
C PHE H 664 80.94 -0.18 0.13
N LEU H 665 80.23 0.93 0.16
CA LEU H 665 80.64 2.06 0.96
C LEU H 665 80.92 1.61 2.36
N ASP H 666 80.05 0.77 2.91
CA ASP H 666 80.23 0.23 4.23
C ASP H 666 81.56 -0.47 4.54
N SER H 667 82.14 -1.15 3.56
CA SER H 667 83.42 -1.78 3.82
C SER H 667 84.53 -0.91 3.36
N VAL H 668 84.22 0.21 2.74
CA VAL H 668 85.27 1.18 2.45
C VAL H 668 85.53 1.98 3.71
N ILE H 669 84.50 2.61 4.26
CA ILE H 669 84.70 3.39 5.48
C ILE H 669 84.52 2.55 6.78
N GLN H 670 84.21 1.25 6.59
CA GLN H 670 84.26 0.27 7.68
C GLN H 670 83.43 0.69 8.85
N ASN H 671 82.16 0.96 8.58
CA ASN H 671 81.31 1.51 9.61
C ASN H 671 80.90 0.41 10.55
N GLY H 672 80.86 -0.83 10.06
CA GLY H 672 80.35 -1.93 10.89
C GLY H 672 79.21 -2.74 10.31
N TYR H 673 78.59 -2.26 9.24
CA TYR H 673 77.56 -3.05 8.60
C TYR H 673 78.09 -4.10 7.67
N ALA H 674 79.38 -4.06 7.33
CA ALA H 674 79.91 -5.05 6.38
C ALA H 674 80.91 -5.88 7.14
N PHE H 675 80.56 -7.13 7.43
CA PHE H 675 81.33 -7.95 8.34
C PHE H 675 81.27 -9.41 7.99
N THR H 676 82.33 -10.09 8.39
CA THR H 676 82.48 -11.53 8.15
C THR H 676 82.11 -12.36 9.38
N ASP H 677 82.11 -11.74 10.55
CA ASP H 677 81.89 -12.51 11.76
C ASP H 677 80.86 -11.87 12.68
N ARG H 678 79.69 -12.46 12.89
CA ARG H 678 78.68 -11.74 13.71
C ARG H 678 79.05 -11.59 15.17
N TYR H 679 79.96 -12.38 15.70
CA TYR H 679 80.25 -12.25 17.08
C TYR H 679 81.61 -11.64 17.28
N ASP H 680 82.26 -11.19 16.23
CA ASP H 680 83.57 -10.61 16.44
C ASP H 680 83.42 -9.12 16.76
N LEU H 681 83.18 -8.81 18.02
CA LEU H 681 82.99 -7.42 18.38
C LEU H 681 84.27 -6.74 18.85
N GLY H 682 85.23 -6.47 17.96
CA GLY H 682 86.50 -5.90 18.41
C GLY H 682 87.29 -6.97 19.16
N ILE H 683 86.94 -8.22 18.90
CA ILE H 683 87.61 -9.30 19.56
C ILE H 683 88.85 -9.68 18.79
N SER H 684 88.71 -10.15 17.56
CA SER H 684 89.88 -10.63 16.85
C SER H 684 90.90 -9.53 16.69
N LYS H 685 90.43 -8.36 16.26
CA LYS H 685 91.28 -7.19 16.16
C LYS H 685 90.38 -6.01 16.49
N PRO H 686 90.97 -4.82 16.63
CA PRO H 686 90.12 -3.68 16.91
C PRO H 686 89.09 -3.49 15.81
N ASN H 687 87.97 -2.85 16.11
CA ASN H 687 87.07 -2.46 15.06
C ASN H 687 87.36 -1.02 14.77
N LYS H 688 86.45 -0.30 14.09
CA LYS H 688 86.72 1.11 13.79
C LYS H 688 86.72 1.97 15.03
N TYR H 689 86.02 1.51 16.05
CA TYR H 689 85.75 2.30 17.24
C TYR H 689 86.59 1.87 18.44
N GLY H 690 87.44 0.87 18.26
CA GLY H 690 88.27 0.42 19.36
C GLY H 690 88.31 -1.08 19.58
N THR H 691 88.92 -1.52 20.69
CA THR H 691 89.01 -2.96 20.99
C THR H 691 87.76 -3.40 21.70
N ALA H 692 87.59 -4.72 21.82
CA ALA H 692 86.46 -5.28 22.54
C ALA H 692 86.41 -4.64 23.94
N ASP H 693 87.56 -4.55 24.58
CA ASP H 693 87.66 -3.91 25.87
C ASP H 693 87.23 -2.48 25.90
N ASP H 694 87.54 -1.73 24.85
CA ASP H 694 87.14 -0.33 24.80
C ASP H 694 85.61 -0.25 24.76
N LEU H 695 85.03 -1.17 24.01
CA LEU H 695 83.60 -1.21 23.89
C LEU H 695 83.05 -1.46 25.27
N VAL H 696 83.56 -2.49 25.92
CA VAL H 696 83.06 -2.79 27.24
C VAL H 696 83.05 -1.54 28.17
N LYS H 697 84.22 -0.94 28.36
CA LYS H 697 84.31 0.28 29.14
C LYS H 697 83.38 1.37 28.67
N ALA H 698 83.10 1.45 27.37
CA ALA H 698 82.21 2.50 26.93
C ALA H 698 80.78 2.22 27.41
N ILE H 699 80.34 0.97 27.25
CA ILE H 699 79.01 0.57 27.72
C ILE H 699 78.94 0.88 29.21
N LYS H 700 79.94 0.45 29.98
CA LYS H 700 79.92 0.78 31.40
C LYS H 700 79.86 2.27 31.69
N ALA H 701 80.68 3.06 30.99
CA ALA H 701 80.64 4.48 31.18
C ALA H 701 79.24 4.99 31.01
N LEU H 702 78.58 4.60 29.91
CA LEU H 702 77.24 5.10 29.65
C LEU H 702 76.34 4.61 30.76
N HIS H 703 76.59 3.40 31.23
CA HIS H 703 75.72 2.81 32.22
C HIS H 703 75.85 3.62 33.50
N SER H 704 77.07 4.01 33.85
CA SER H 704 77.23 4.74 35.11
C SER H 704 76.39 6.03 35.08
N LYS H 705 75.93 6.46 33.92
CA LYS H 705 75.09 7.64 33.85
C LYS H 705 73.64 7.28 33.61
N GLY H 706 73.31 5.99 33.75
CA GLY H 706 71.98 5.49 33.47
C GLY H 706 71.55 5.63 32.03
N ILE H 707 72.47 5.75 31.10
CA ILE H 707 72.06 5.85 29.70
C ILE H 707 72.04 4.43 29.13
N LYS H 708 70.98 4.07 28.42
CA LYS H 708 70.97 2.76 27.77
C LYS H 708 71.83 2.72 26.54
N VAL H 709 72.21 1.52 26.15
CA VAL H 709 73.07 1.31 25.00
C VAL H 709 72.42 0.31 24.03
N MET H 710 72.37 0.69 22.77
CA MET H 710 71.66 -0.08 21.76
C MET H 710 72.63 -0.82 20.84
N ALA H 711 72.31 -2.08 20.56
CA ALA H 711 73.09 -2.89 19.62
C ALA H 711 72.41 -2.90 18.24
N ASP H 712 73.19 -2.71 17.20
CA ASP H 712 72.61 -2.75 15.89
C ASP H 712 72.61 -4.22 15.45
N TRP H 713 71.43 -4.80 15.34
CA TRP H 713 71.29 -6.17 14.95
C TRP H 713 71.13 -6.15 13.44
N VAL H 714 72.05 -6.78 12.73
CA VAL H 714 72.13 -6.68 11.28
C VAL H 714 71.96 -8.08 10.68
N PRO H 715 70.74 -8.58 10.55
CA PRO H 715 70.56 -9.94 10.03
C PRO H 715 70.49 -10.08 8.53
N ASP H 716 70.52 -9.01 7.78
CA ASP H 716 70.28 -9.16 6.36
C ASP H 716 71.43 -9.86 5.56
N GLN H 717 72.70 -9.59 5.91
CA GLN H 717 73.80 -9.99 5.04
C GLN H 717 75.12 -10.08 5.73
N MET H 718 76.06 -10.76 5.07
CA MET H 718 77.47 -10.78 5.46
C MET H 718 78.43 -10.73 4.24
N TYR H 719 79.62 -10.20 4.50
CA TYR H 719 80.54 -9.86 3.44
C TYR H 719 81.75 -10.72 3.55
N ALA H 720 82.41 -10.96 2.42
CA ALA H 720 83.76 -11.53 2.37
C ALA H 720 83.95 -12.84 3.12
N LEU H 721 83.04 -13.79 2.91
CA LEU H 721 83.25 -15.08 3.50
C LEU H 721 84.58 -15.65 2.98
N PRO H 722 85.35 -16.31 3.87
CA PRO H 722 86.70 -16.71 3.45
C PRO H 722 86.73 -17.98 2.59
N GLU H 723 85.71 -18.81 2.61
CA GLU H 723 85.81 -20.06 1.85
C GLU H 723 84.86 -20.15 0.67
N LYS H 724 85.33 -20.75 -0.41
CA LYS H 724 84.54 -20.90 -1.62
C LYS H 724 83.56 -22.06 -1.60
N GLU H 725 82.51 -21.96 -2.39
CA GLU H 725 81.54 -23.00 -2.47
C GLU H 725 80.98 -23.00 -3.89
N VAL H 726 80.40 -24.12 -4.34
CA VAL H 726 79.87 -24.17 -5.69
C VAL H 726 78.41 -24.33 -5.47
N VAL H 727 77.63 -23.45 -6.13
CA VAL H 727 76.17 -23.39 -6.00
C VAL H 727 75.52 -23.47 -7.40
N THR H 728 74.24 -23.79 -7.42
CA THR H 728 73.47 -23.73 -8.65
C THR H 728 72.80 -22.34 -8.63
N ALA H 729 73.17 -21.45 -9.53
CA ALA H 729 72.74 -20.08 -9.41
C ALA H 729 71.89 -19.65 -10.58
N THR H 730 71.23 -18.52 -10.39
CA THR H 730 70.38 -17.91 -11.39
C THR H 730 70.52 -16.40 -11.23
N ARG H 731 70.75 -15.68 -12.33
CA ARG H 731 70.77 -14.20 -12.28
C ARG H 731 69.40 -13.64 -12.00
N VAL H 732 69.34 -12.77 -11.01
CA VAL H 732 68.05 -12.28 -10.53
C VAL H 732 68.13 -10.80 -10.20
N ASP H 733 66.97 -10.13 -10.21
CA ASP H 733 66.94 -8.74 -9.83
C ASP H 733 66.68 -8.75 -8.37
N LYS H 734 66.45 -7.58 -7.81
CA LYS H 734 66.31 -7.38 -6.39
C LYS H 734 65.30 -8.25 -5.74
N TYR H 735 64.30 -8.63 -6.49
CA TYR H 735 63.22 -9.39 -5.95
C TYR H 735 63.44 -10.86 -6.14
N GLY H 736 64.51 -11.29 -6.80
CA GLY H 736 64.66 -12.70 -7.03
C GLY H 736 64.00 -13.12 -8.31
N THR H 737 63.51 -12.20 -9.09
CA THR H 737 63.02 -12.59 -10.41
C THR H 737 64.23 -12.76 -11.35
N PRO H 738 64.24 -13.87 -12.08
CA PRO H 738 65.30 -14.15 -13.03
C PRO H 738 65.45 -13.00 -14.00
N VAL H 739 66.67 -12.53 -14.29
CA VAL H 739 66.90 -11.47 -15.29
C VAL H 739 66.71 -11.90 -16.76
N ALA H 740 65.90 -11.12 -17.49
CA ALA H 740 65.63 -11.41 -18.90
C ALA H 740 66.95 -11.29 -19.66
N GLY H 741 67.32 -12.32 -20.43
CA GLY H 741 68.52 -12.19 -21.26
C GLY H 741 69.80 -12.73 -20.62
N SER H 742 69.83 -12.83 -19.30
CA SER H 742 71.02 -13.34 -18.64
C SER H 742 71.39 -14.74 -19.15
N GLN H 743 72.67 -15.09 -19.06
CA GLN H 743 73.09 -16.45 -19.44
C GLN H 743 73.12 -17.41 -18.22
N ILE H 744 73.11 -16.84 -17.02
CA ILE H 744 73.26 -17.64 -15.84
C ILE H 744 71.89 -18.14 -15.31
N LYS H 745 71.45 -19.29 -15.78
CA LYS H 745 70.16 -19.80 -15.38
C LYS H 745 70.34 -21.21 -14.86
N ASN H 746 70.23 -21.39 -13.54
CA ASN H 746 70.56 -22.67 -12.92
C ASN H 746 71.91 -23.17 -13.29
N THR H 747 72.92 -22.34 -13.23
CA THR H 747 74.18 -22.84 -13.67
C THR H 747 75.10 -22.88 -12.46
N LEU H 748 76.18 -23.63 -12.51
CA LEU H 748 77.02 -23.73 -11.34
C LEU H 748 77.89 -22.53 -11.33
N TYR H 749 78.15 -22.02 -10.14
CA TYR H 749 78.88 -20.78 -10.03
C TYR H 749 79.63 -20.84 -8.73
N VAL H 750 80.80 -20.22 -8.67
CA VAL H 750 81.64 -20.33 -7.51
C VAL H 750 81.57 -19.08 -6.67
N VAL H 751 80.94 -19.18 -5.51
CA VAL H 751 80.80 -18.02 -4.66
C VAL H 751 81.79 -18.10 -3.50
N ASP H 752 81.99 -17.00 -2.79
CA ASP H 752 82.64 -17.04 -1.49
C ASP H 752 81.56 -17.20 -0.44
N GLY H 753 81.24 -18.42 -0.11
CA GLY H 753 80.07 -18.67 0.65
C GLY H 753 80.18 -19.41 1.97
N LYS H 754 81.40 -19.62 2.46
CA LYS H 754 81.61 -20.27 3.76
C LYS H 754 82.53 -19.47 4.69
N SER H 755 82.16 -19.41 5.96
CA SER H 755 82.95 -18.80 7.04
C SER H 755 84.00 -19.78 7.49
N SER H 756 84.94 -19.28 8.30
CA SER H 756 86.21 -20.00 8.50
C SER H 756 86.10 -21.27 9.28
N GLY H 757 85.14 -21.35 10.20
CA GLY H 757 84.99 -22.54 11.05
C GLY H 757 85.70 -22.38 12.37
N LYS H 758 86.50 -21.33 12.51
CA LYS H 758 87.35 -21.13 13.68
C LYS H 758 87.36 -19.69 14.07
N ASP H 759 86.25 -19.02 13.80
CA ASP H 759 86.07 -17.62 14.19
C ASP H 759 85.16 -17.58 15.41
N GLN H 760 84.79 -16.39 15.86
CA GLN H 760 83.86 -16.27 16.98
C GLN H 760 82.51 -16.92 16.70
N GLN H 761 82.08 -16.96 15.45
CA GLN H 761 80.85 -17.68 15.15
C GLN H 761 80.98 -19.13 15.52
N ALA H 762 82.16 -19.69 15.30
CA ALA H 762 82.39 -21.10 15.53
C ALA H 762 82.18 -21.29 17.00
N LYS H 763 82.77 -20.40 17.77
CA LYS H 763 82.65 -20.43 19.22
C LYS H 763 81.26 -20.27 19.78
N TYR H 764 80.51 -19.23 19.40
CA TYR H 764 79.22 -18.93 20.02
C TYR H 764 78.01 -19.36 19.24
N GLY H 765 78.19 -19.77 17.99
CA GLY H 765 77.07 -20.06 17.13
C GLY H 765 76.14 -21.03 17.77
N GLY H 766 74.88 -20.65 17.91
CA GLY H 766 73.89 -21.52 18.53
C GLY H 766 74.21 -21.90 19.96
N ALA H 767 75.15 -21.22 20.60
CA ALA H 767 75.62 -21.61 21.94
C ALA H 767 74.54 -21.57 23.01
N PHE H 768 73.56 -20.67 22.90
CA PHE H 768 72.67 -20.35 24.01
C PHE H 768 71.28 -20.84 23.71
N LEU H 769 71.17 -21.57 22.61
CA LEU H 769 69.89 -22.14 22.25
C LEU H 769 69.43 -23.02 23.38
N GLU H 770 70.35 -23.79 23.96
CA GLU H 770 69.90 -24.70 24.99
C GLU H 770 69.26 -23.95 26.15
N GLU H 771 69.94 -22.92 26.59
CA GLU H 771 69.44 -22.27 27.78
C GLU H 771 68.28 -21.40 27.38
N LEU H 772 68.25 -20.92 26.14
CA LEU H 772 67.04 -20.21 25.69
C LEU H 772 65.77 -21.09 25.68
N GLN H 773 65.86 -22.39 25.34
CA GLN H 773 64.60 -23.16 25.28
C GLN H 773 64.22 -23.61 26.62
N ALA H 774 65.18 -23.60 27.55
CA ALA H 774 64.89 -24.01 28.94
C ALA H 774 64.16 -22.89 29.68
N LYS H 775 64.64 -21.67 29.51
CA LYS H 775 64.00 -20.54 30.17
C LYS H 775 62.71 -20.12 29.49
N TYR H 776 62.69 -20.09 28.16
CA TYR H 776 61.62 -19.40 27.47
C TYR H 776 61.02 -20.26 26.38
N PRO H 777 60.45 -21.39 26.79
CA PRO H 777 59.87 -22.39 25.89
C PRO H 777 58.89 -21.76 24.90
N GLU H 778 58.17 -20.73 25.31
CA GLU H 778 57.22 -20.09 24.42
C GLU H 778 57.84 -19.56 23.14
N LEU H 779 59.09 -19.03 23.14
CA LEU H 779 59.69 -18.51 21.88
C LEU H 779 59.75 -19.60 20.82
N PHE H 780 59.93 -20.84 21.26
CA PHE H 780 60.09 -21.92 20.33
C PHE H 780 58.79 -22.65 19.98
N ALA H 781 57.71 -22.25 20.65
CA ALA H 781 56.38 -22.76 20.33
C ALA H 781 55.70 -21.97 19.20
N ARG H 782 56.00 -20.69 19.02
CA ARG H 782 55.40 -19.92 17.95
C ARG H 782 55.73 -20.48 16.56
N LYS H 783 54.67 -20.54 15.75
CA LYS H 783 54.85 -20.90 14.35
C LYS H 783 54.96 -19.59 13.59
N GLN H 784 56.13 -19.39 12.99
CA GLN H 784 56.46 -18.13 12.39
C GLN H 784 55.59 -17.93 11.20
N ILE H 785 55.21 -16.66 10.94
CA ILE H 785 54.22 -16.37 9.93
C ILE H 785 54.67 -16.77 8.54
N SER H 786 55.91 -16.47 8.18
CA SER H 786 56.26 -16.78 6.80
C SER H 786 56.41 -18.26 6.59
N THR H 787 56.79 -19.03 7.60
CA THR H 787 57.14 -20.43 7.36
C THR H 787 56.08 -21.36 7.78
N GLY H 788 55.23 -20.89 8.68
CA GLY H 788 54.16 -21.73 9.23
C GLY H 788 54.66 -22.67 10.33
N VAL H 789 55.96 -22.68 10.60
CA VAL H 789 56.51 -23.64 11.55
C VAL H 789 57.46 -22.92 12.46
N PRO H 790 57.80 -23.54 13.57
CA PRO H 790 58.64 -22.95 14.60
C PRO H 790 60.12 -22.84 14.25
N MET H 791 60.84 -21.95 14.92
CA MET H 791 62.26 -21.94 14.74
C MET H 791 62.72 -23.34 15.02
N ASP H 792 63.81 -23.70 14.41
CA ASP H 792 64.39 -25.00 14.62
C ASP H 792 65.77 -24.85 15.22
N PRO H 793 65.86 -24.91 16.55
CA PRO H 793 67.12 -24.76 17.25
C PRO H 793 67.85 -26.06 17.30
N SER H 794 67.40 -27.08 16.58
CA SER H 794 68.02 -28.39 16.70
C SER H 794 69.43 -28.49 16.08
N VAL H 795 69.78 -27.63 15.12
CA VAL H 795 71.16 -27.65 14.60
C VAL H 795 71.80 -26.33 14.95
N LYS H 796 73.10 -26.28 15.07
CA LYS H 796 73.70 -25.02 15.32
C LYS H 796 74.46 -24.52 14.12
N ILE H 797 74.44 -23.21 13.90
CA ILE H 797 75.28 -22.68 12.88
C ILE H 797 76.65 -22.37 13.42
N LYS H 798 77.55 -23.33 13.25
CA LYS H 798 78.97 -23.17 13.52
C LYS H 798 79.73 -22.64 12.28
N GLN H 799 79.24 -22.97 11.09
CA GLN H 799 79.90 -22.53 9.87
C GLN H 799 78.89 -22.12 8.80
N TRP H 800 78.91 -20.85 8.46
CA TRP H 800 78.06 -20.41 7.39
C TRP H 800 78.41 -21.13 6.07
N SER H 801 77.40 -21.47 5.29
CA SER H 801 77.61 -21.96 3.93
C SER H 801 76.34 -21.67 3.09
N ALA H 802 76.46 -21.79 1.78
CA ALA H 802 75.41 -21.34 0.90
C ALA H 802 74.02 -21.86 1.28
N LYS H 803 73.88 -22.87 2.10
CA LYS H 803 72.53 -23.39 2.33
C LYS H 803 71.73 -22.53 3.29
N TYR H 804 72.39 -21.55 3.89
CA TYR H 804 71.76 -20.65 4.85
C TYR H 804 71.57 -19.31 4.23
N PHE H 805 71.80 -19.23 2.93
CA PHE H 805 71.77 -18.00 2.20
C PHE H 805 70.84 -18.02 1.00
N ASN H 806 70.27 -16.87 0.68
CA ASN H 806 69.43 -16.79 -0.44
C ASN H 806 70.26 -16.68 -1.69
N GLY H 807 71.42 -16.05 -1.54
CA GLY H 807 72.23 -15.74 -2.72
C GLY H 807 73.23 -14.67 -2.39
N THR H 808 73.77 -14.04 -3.43
CA THR H 808 74.94 -13.17 -3.30
C THR H 808 74.86 -12.14 -4.40
N ASN H 809 75.64 -11.09 -4.27
CA ASN H 809 75.75 -10.17 -5.33
C ASN H 809 76.71 -10.74 -6.33
N ILE H 810 76.58 -10.36 -7.61
CA ILE H 810 77.37 -11.02 -8.65
C ILE H 810 78.86 -10.79 -8.36
N LEU H 811 79.73 -11.71 -8.77
CA LEU H 811 81.15 -11.62 -8.39
C LEU H 811 82.11 -11.35 -9.58
N GLY H 812 81.63 -11.56 -10.81
CA GLY H 812 82.41 -11.13 -11.98
C GLY H 812 83.32 -12.26 -12.34
N ARG H 813 83.00 -13.42 -11.81
CA ARG H 813 83.75 -14.59 -12.18
C ARG H 813 83.22 -15.16 -13.48
N GLY H 814 81.92 -14.94 -13.72
CA GLY H 814 81.29 -15.27 -14.99
C GLY H 814 80.56 -16.59 -15.07
N ALA H 815 79.83 -16.75 -16.16
CA ALA H 815 78.98 -17.90 -16.37
C ALA H 815 79.74 -19.20 -16.70
N GLY H 816 80.92 -19.11 -17.31
CA GLY H 816 81.59 -20.35 -17.65
C GLY H 816 82.73 -20.77 -16.74
N TYR H 817 82.82 -20.14 -15.58
CA TYR H 817 83.98 -20.29 -14.71
C TYR H 817 84.11 -21.68 -14.12
N VAL H 818 83.00 -22.36 -13.95
CA VAL H 818 83.05 -23.77 -13.61
C VAL H 818 83.17 -24.59 -14.89
N LEU H 819 84.16 -25.47 -14.96
CA LEU H 819 84.48 -26.07 -16.25
C LEU H 819 83.55 -27.21 -16.67
N LYS H 820 83.31 -27.21 -17.97
CA LYS H 820 82.21 -27.92 -18.60
C LYS H 820 82.80 -28.61 -19.83
N ASP H 821 82.39 -29.83 -20.17
CA ASP H 821 82.89 -30.43 -21.43
C ASP H 821 81.90 -29.98 -22.50
N GLN H 822 82.35 -29.19 -23.47
CA GLN H 822 81.39 -28.56 -24.37
C GLN H 822 80.62 -29.60 -25.22
N ALA H 823 81.33 -30.58 -25.81
CA ALA H 823 80.69 -31.72 -26.50
C ALA H 823 79.40 -32.16 -25.78
N THR H 824 79.55 -33.00 -24.76
CA THR H 824 78.44 -33.52 -23.98
C THR H 824 77.72 -32.42 -23.21
N ASN H 825 78.32 -31.22 -23.22
CA ASN H 825 77.83 -30.13 -22.39
C ASN H 825 77.54 -30.60 -20.94
N THR H 826 78.58 -31.06 -20.24
CA THR H 826 78.43 -31.65 -18.92
C THR H 826 79.51 -31.09 -18.01
N TYR H 827 79.23 -30.89 -16.73
CA TYR H 827 80.30 -30.39 -15.90
C TYR H 827 81.32 -31.47 -15.56
N PHE H 828 82.58 -31.09 -15.44
CA PHE H 828 83.56 -32.06 -15.00
C PHE H 828 83.31 -32.23 -13.54
N SER H 829 83.53 -33.45 -13.07
CA SER H 829 83.28 -33.81 -11.70
C SER H 829 84.44 -34.61 -11.16
N LEU H 830 84.79 -34.41 -9.89
CA LEU H 830 85.82 -35.23 -9.20
C LEU H 830 85.31 -36.17 -8.09
N VAL H 831 84.02 -36.45 -8.01
CA VAL H 831 83.53 -37.33 -6.95
C VAL H 831 83.92 -38.78 -7.26
N SER H 832 84.46 -39.53 -6.28
CA SER H 832 85.23 -40.77 -6.60
C SER H 832 84.54 -41.90 -7.37
N ASP H 833 83.22 -42.04 -7.21
CA ASP H 833 82.49 -43.07 -7.97
C ASP H 833 81.84 -42.42 -9.23
N ASN H 834 81.72 -41.09 -9.23
CA ASN H 834 81.28 -40.38 -10.43
C ASN H 834 82.34 -39.47 -11.08
N THR H 835 83.50 -40.02 -11.45
CA THR H 835 84.58 -39.18 -11.93
C THR H 835 84.38 -38.85 -13.41
N PHE H 836 84.63 -37.59 -13.81
CA PHE H 836 84.55 -37.23 -15.22
C PHE H 836 85.43 -36.04 -15.58
N LEU H 837 86.38 -36.24 -16.49
CA LEU H 837 87.42 -35.22 -16.80
C LEU H 837 87.68 -35.02 -18.31
N PRO H 838 88.25 -33.86 -18.69
CA PRO H 838 88.75 -33.63 -20.04
C PRO H 838 89.39 -34.86 -20.65
N LYS H 839 88.86 -35.25 -21.80
CA LYS H 839 89.25 -36.44 -22.48
C LYS H 839 90.81 -36.49 -22.60
N SER H 840 91.41 -35.37 -22.98
CA SER H 840 92.87 -35.24 -23.16
C SER H 840 93.67 -35.52 -21.90
N LEU H 841 93.06 -35.24 -20.75
CA LEU H 841 93.76 -35.35 -19.46
C LEU H 841 93.87 -36.76 -18.88
N VAL H 842 92.88 -37.62 -19.16
CA VAL H 842 92.79 -38.93 -18.52
C VAL H 842 93.23 -40.02 -19.46
N ASN H 843 92.46 -40.22 -20.53
CA ASN H 843 92.98 -41.12 -21.56
C ASN H 843 93.49 -40.37 -22.78
N PRO H 844 94.83 -40.32 -22.97
CA PRO H 844 95.43 -39.67 -24.13
C PRO H 844 96.31 -40.70 -24.80
C1 GLC I . -29.05 -38.09 8.35
C2 GLC I . -28.92 -39.52 7.65
C3 GLC I . -30.22 -40.32 7.67
C4 GLC I . -30.56 -40.79 9.07
C5 GLC I . -31.03 -39.30 9.40
C6 GLC I . -31.68 -39.28 10.73
O1 GLC I . -29.73 -37.34 7.24
O2 GLC I . -28.74 -39.36 6.25
O3 GLC I . -29.93 -41.36 6.80
O4 GLC I . -31.59 -41.58 8.48
O5 GLC I . -30.00 -38.18 9.58
O6 GLC I . -31.88 -40.67 11.01
C1 GLC I . -31.29 -42.95 8.71
C2 GLC I . -31.15 -43.93 7.51
C3 GLC I . -32.37 -43.85 6.63
C4 GLC I . -33.48 -44.34 7.54
C5 GLC I . -33.56 -43.41 8.76
C6 GLC I . -34.58 -43.84 9.83
O2 GLC I . -29.93 -43.74 6.73
O3 GLC I . -32.22 -44.80 5.54
O4 GLC I . -34.75 -44.39 6.84
O5 GLC I . -32.33 -43.62 9.46
O6 GLC I . -35.74 -43.18 9.39
CA CA J . -29.54 9.82 -53.67
O1 MES K . -42.18 3.40 -52.71
C2 MES K . -43.45 4.13 -52.88
C3 MES K . -43.48 5.32 -51.91
N4 MES K . -43.44 4.66 -50.60
C5 MES K . -42.30 3.71 -50.22
C6 MES K . -42.02 2.69 -51.40
C7 MES K . -44.57 4.91 -49.66
C8 MES K . -44.01 4.26 -48.31
S MES K . -43.01 5.52 -47.50
O1S MES K . -44.49 6.27 -47.56
O2S MES K . -42.05 5.35 -48.87
O3S MES K . -42.32 4.76 -46.22
CA CA L . -13.97 18.18 32.13
O1 MES M . -7.02 10.10 42.02
C2 MES M . -6.81 10.58 43.36
C3 MES M . -6.32 12.01 43.30
N4 MES M . -5.11 11.91 42.47
C5 MES M . -5.18 11.33 41.09
C6 MES M . -5.79 9.92 41.29
C7 MES M . -3.81 12.37 43.03
C8 MES M . -2.92 12.21 41.73
S MES M . -2.25 13.68 41.00
O1S MES M . -1.11 13.65 42.06
O2S MES M . -3.67 14.24 41.44
O3S MES M . -2.08 13.04 39.56
CA CA N . 58.40 21.17 -22.81
O1 MES O . 66.20 21.37 -10.98
C2 MES O . 67.31 20.56 -10.55
C3 MES O . 66.78 19.17 -10.18
N4 MES O . 65.37 19.23 -9.62
C5 MES O . 64.45 20.44 -9.54
C6 MES O . 65.23 21.73 -9.91
C7 MES O . 64.85 17.97 -9.11
C8 MES O . 63.39 18.50 -9.19
S MES O . 62.19 17.32 -8.62
O1S MES O . 63.32 16.14 -8.52
O2S MES O . 61.35 17.47 -9.98
O3S MES O . 61.92 18.28 -7.29
CA CA P . -1.26 -33.51 10.38
O1 MES Q . -13.70 -30.52 17.11
C2 MES Q . -14.54 -31.58 17.67
C3 MES Q . -14.76 -32.69 16.66
N4 MES Q . -15.37 -32.01 15.49
C5 MES Q . -15.20 -30.58 15.06
C6 MES Q . -14.22 -29.72 16.01
C7 MES Q . -16.13 -32.82 14.56
C8 MES Q . -15.60 -32.16 13.24
S MES Q . -16.67 -32.33 11.79
O1S MES Q . -16.56 -33.91 11.98
O2S MES Q . -15.72 -31.55 10.79
O3S MES Q . -17.77 -31.53 12.62
CA CA R . -36.77 -53.12 4.26
O1 MES S . -24.76 -53.21 -3.47
C2 MES S . -23.36 -53.27 -3.09
C3 MES S . -23.09 -52.12 -2.11
N4 MES S . -23.29 -50.88 -2.87
C5 MES S . -24.33 -50.77 -3.93
C6 MES S . -25.33 -51.86 -3.53
C7 MES S . -22.38 -49.77 -2.48
C8 MES S . -23.42 -48.92 -1.65
S MES S . -24.23 -47.60 -2.54
O1S MES S . -22.96 -46.77 -2.03
O2S MES S . -25.52 -47.66 -1.61
O3S MES S . -24.17 -48.52 -3.88
CA CA T . -59.05 20.14 -26.58
O1 MES U . -45.20 23.69 -26.26
C2 MES U . -44.27 24.25 -27.21
C3 MES U . -44.30 23.42 -28.49
N4 MES U . -44.03 22.02 -28.06
C5 MES U . -44.04 21.52 -26.65
C6 MES U . -44.77 22.48 -25.63
C7 MES U . -43.75 21.01 -29.05
C8 MES U . -44.24 19.90 -28.07
S MES U . -43.72 18.21 -28.43
O1S MES U . -42.25 18.76 -28.06
O2S MES U . -44.33 18.28 -29.90
O3S MES U . -44.61 17.54 -27.25
CA CA V . 13.65 30.89 59.62
O1 MES W . 8.74 38.12 48.11
C2 MES W . 7.31 38.12 47.76
C3 MES W . 6.79 36.68 47.70
N4 MES W . 7.60 36.00 46.67
C5 MES W . 8.97 36.45 46.23
C6 MES W . 9.63 37.11 47.50
C7 MES W . 6.99 34.82 46.11
C8 MES W . 8.37 34.03 46.11
S MES W . 8.36 32.59 45.06
O1S MES W . 9.56 33.26 44.20
O2S MES W . 6.74 32.84 44.83
O3S MES W . 8.96 31.77 46.30
CA CA X . 67.62 -10.13 2.48
O1 MES Y . 57.63 -9.64 -8.12
C2 MES Y . 57.55 -8.85 -9.35
C3 MES Y . 58.21 -7.44 -9.25
N4 MES Y . 57.43 -6.77 -8.20
C5 MES Y . 56.67 -7.53 -7.17
C6 MES Y . 57.40 -8.90 -6.91
C7 MES Y . 57.43 -5.35 -8.17
C8 MES Y . 57.10 -5.27 -6.64
S MES Y . 56.75 -3.59 -6.17
O1S MES Y . 57.42 -3.08 -7.55
O2S MES Y . 57.59 -3.75 -4.83
O3S MES Y . 55.23 -4.05 -6.13
#